data_8HDW
#
_entry.id   8HDW
#
_cell.length_a   1.00
_cell.length_b   1.00
_cell.length_c   1.00
_cell.angle_alpha   90.00
_cell.angle_beta   90.00
_cell.angle_gamma   90.00
#
_symmetry.space_group_name_H-M   'P 1'
#
loop_
_entity.id
_entity.type
_entity.pdbx_description
1 polymer 'pam3 tube'
2 polymer 'Pam3 sheath protein'
#
loop_
_entity_poly.entity_id
_entity_poly.type
_entity_poly.pdbx_seq_one_letter_code
_entity_poly.pdbx_strand_id
1 'polypeptide(L)'
;MAMKAYSMLNVTATLDGRRVIGLMDGDDAITTSPGVDVGTMLVGADGSWLFSQTADKSATVVIKLKPNSPTHRQLTEKWM
AQRAGRLVGFPFDFIDSASNEGGTGAEFFIQKAPDDSKGNNAVVREWTIVTGEWTPTIPTLL
;
1,2,Y,Z,m,n,o,p,q,r,s,t,u,v,w,x,y,z
2 'polypeptide(L)'
;MAKLPYSRVTNVTLTRTDNFPTRRGFGTQLILTHTAVSGQVDATKRTKLYASLAEVEADYPANTSVYKAALSAFSQNPRP
IRLKVGYAATPTGGDDAAKKADFITSLGAILNYDQAFYQITLDAALRDQPYLDGLVEWVEAQPKIAMIDSNAAGHEDPAN
TTVIAARHKGTVERTAVFYHTDSTEYLAASMAAYMSTRVFDDANSAYTLKFKKAPGVRAIDKGSAVVTAITGFVEQTGQS
ESAGHCANTLIDIGDQEFLVEGSTLTQNVFLDEIHATDWIIARTEEEMLSLFLNNDRVPFTDQGMQQLASVPRAIMQLAA
RAGIVALDLNPLTGAYEPAYTITVPSVFDIPESQRKARIAPAIQVRFRYAGAVHYSVINYTMTF
;
M,N,O,P,Q,R,S,T,U,V,W,X
#
# COMPACT_ATOMS: atom_id res chain seq x y z
N MET A 1 -19.53 45.92 -1.24
CA MET A 1 -18.41 45.69 -0.34
C MET A 1 -18.39 44.25 0.16
N ALA A 2 -18.10 43.33 -0.76
CA ALA A 2 -18.13 41.91 -0.46
C ALA A 2 -17.10 41.56 0.60
N MET A 3 -17.47 40.66 1.50
CA MET A 3 -16.59 40.20 2.55
C MET A 3 -15.50 39.33 1.94
N LYS A 4 -14.28 39.84 1.87
CA LYS A 4 -13.20 39.07 1.30
C LYS A 4 -12.82 37.92 2.24
N ALA A 5 -12.63 36.75 1.63
CA ALA A 5 -12.05 35.63 2.35
C ALA A 5 -10.67 36.03 2.88
N TYR A 6 -10.16 35.26 3.83
CA TYR A 6 -8.88 35.63 4.42
C TYR A 6 -7.73 35.41 3.43
N SER A 7 -6.71 36.24 3.54
CA SER A 7 -5.50 36.11 2.74
C SER A 7 -4.43 36.99 3.35
N MET A 8 -3.21 36.46 3.42
CA MET A 8 -2.09 37.25 3.91
C MET A 8 -1.66 38.32 2.91
N LEU A 9 -2.14 38.27 1.68
CA LEU A 9 -1.91 39.32 0.70
C LEU A 9 -2.64 40.61 1.05
N ASN A 10 -3.61 40.56 1.95
CA ASN A 10 -4.41 41.72 2.30
C ASN A 10 -4.23 42.14 3.75
N VAL A 11 -3.25 41.60 4.45
CA VAL A 11 -2.88 42.05 5.78
C VAL A 11 -1.65 42.92 5.66
N THR A 12 -1.66 44.08 6.31
CA THR A 12 -0.54 45.02 6.28
C THR A 12 -0.10 45.34 7.70
N ALA A 13 1.20 45.28 7.93
CA ALA A 13 1.80 45.58 9.23
C ALA A 13 2.88 46.63 9.04
N THR A 14 2.85 47.66 9.88
CA THR A 14 3.75 48.80 9.76
C THR A 14 4.52 48.96 11.05
N LEU A 15 5.85 48.89 10.97
CA LEU A 15 6.70 49.00 12.14
C LEU A 15 7.60 50.20 11.96
N ASP A 16 7.36 51.24 12.76
CA ASP A 16 8.14 52.47 12.72
C ASP A 16 8.06 53.14 11.35
N GLY A 17 6.94 52.95 10.66
CA GLY A 17 6.72 53.56 9.38
C GLY A 17 6.97 52.67 8.18
N ARG A 18 7.77 51.63 8.35
CA ARG A 18 8.09 50.72 7.26
C ARG A 18 7.25 49.45 7.35
N ARG A 19 7.10 48.76 6.22
CA ARG A 19 6.34 47.52 6.17
C ARG A 19 7.16 46.36 6.74
N VAL A 20 6.43 45.33 7.20
CA VAL A 20 7.01 44.07 7.64
C VAL A 20 6.90 43.09 6.48
N ILE A 21 8.03 42.50 6.09
CA ILE A 21 8.05 41.78 4.82
C ILE A 21 8.37 40.29 4.96
N GLY A 22 9.57 39.92 5.37
CA GLY A 22 9.90 38.51 5.29
C GLY A 22 9.50 37.70 6.50
N LEU A 23 8.34 37.08 6.43
CA LEU A 23 7.74 36.37 7.55
C LEU A 23 7.94 34.86 7.38
N MET A 24 8.04 34.15 8.49
CA MET A 24 8.20 32.71 8.45
C MET A 24 6.90 32.04 8.03
N ASP A 25 6.97 30.73 7.83
CA ASP A 25 5.81 29.93 7.48
C ASP A 25 5.04 29.52 8.73
N GLY A 26 3.73 29.49 8.61
CA GLY A 26 2.87 29.02 9.69
C GLY A 26 1.65 29.89 9.86
N ASP A 27 0.73 29.42 10.70
CA ASP A 27 -0.51 30.14 10.99
C ASP A 27 -0.35 31.20 12.06
N ASP A 28 0.84 31.36 12.61
CA ASP A 28 1.10 32.30 13.70
C ASP A 28 2.37 33.05 13.36
N ALA A 29 2.26 34.09 12.53
CA ALA A 29 3.40 34.89 12.13
C ALA A 29 3.45 36.24 12.81
N ILE A 30 2.29 36.84 13.10
CA ILE A 30 2.18 38.00 13.97
C ILE A 30 1.04 37.71 14.93
N THR A 31 1.34 37.64 16.22
CA THR A 31 0.33 37.37 17.23
C THR A 31 0.44 38.39 18.35
N THR A 32 -0.68 38.98 18.74
CA THR A 32 -0.75 39.94 19.83
C THR A 32 -1.58 39.36 20.95
N SER A 33 -1.08 39.47 22.18
CA SER A 33 -1.82 38.95 23.32
C SER A 33 -1.87 39.99 24.42
N PRO A 34 -3.03 40.15 25.07
CA PRO A 34 -3.14 41.08 26.18
C PRO A 34 -2.28 40.66 27.37
N GLY A 35 -1.85 41.66 28.13
CA GLY A 35 -0.94 41.45 29.23
C GLY A 35 -1.47 40.67 30.41
N VAL A 36 -2.75 40.86 30.75
CA VAL A 36 -3.35 40.29 31.94
C VAL A 36 -4.78 39.85 31.62
N ASP A 37 -5.43 39.25 32.61
CA ASP A 37 -6.86 38.97 32.52
C ASP A 37 -7.67 40.24 32.69
N VAL A 38 -8.84 40.27 32.05
CA VAL A 38 -9.68 41.46 32.09
C VAL A 38 -10.24 41.69 33.49
N GLY A 39 -10.58 40.61 34.19
CA GLY A 39 -11.15 40.76 35.51
C GLY A 39 -11.08 39.50 36.33
N THR A 40 -11.67 39.56 37.51
CA THR A 40 -11.59 38.49 38.52
C THR A 40 -12.89 38.44 39.31
N MET A 41 -13.45 37.25 39.46
CA MET A 41 -14.63 37.04 40.28
C MET A 41 -14.22 36.55 41.67
N LEU A 42 -14.78 37.16 42.70
CA LEU A 42 -14.49 36.84 44.09
C LEU A 42 -15.77 36.40 44.78
N VAL A 43 -15.82 35.13 45.18
CA VAL A 43 -17.00 34.54 45.80
C VAL A 43 -16.70 34.26 47.26
N GLY A 44 -17.61 34.68 48.15
CA GLY A 44 -17.40 34.56 49.57
C GLY A 44 -17.94 33.27 50.15
N ALA A 45 -17.75 33.13 51.47
CA ALA A 45 -18.16 31.93 52.18
C ALA A 45 -19.67 31.77 52.25
N ASP A 46 -20.43 32.80 51.90
CA ASP A 46 -21.88 32.77 52.00
C ASP A 46 -22.58 32.61 50.66
N GLY A 47 -21.86 32.74 49.56
CA GLY A 47 -22.44 32.65 48.23
C GLY A 47 -22.53 33.96 47.49
N SER A 48 -22.31 35.09 48.15
CA SER A 48 -22.29 36.38 47.48
C SER A 48 -20.99 36.54 46.69
N TRP A 49 -20.98 37.50 45.77
CA TRP A 49 -19.88 37.61 44.82
C TRP A 49 -19.55 39.08 44.55
N LEU A 50 -18.36 39.30 44.01
CA LEU A 50 -17.92 40.63 43.62
C LEU A 50 -16.93 40.50 42.45
N PHE A 51 -17.15 41.26 41.40
CA PHE A 51 -16.27 41.31 40.24
C PHE A 51 -15.35 42.53 40.36
N SER A 52 -14.14 42.42 39.83
CA SER A 52 -13.21 43.53 39.81
C SER A 52 -12.52 43.59 38.45
N GLN A 53 -12.47 44.78 37.87
CA GLN A 53 -11.95 45.01 36.53
C GLN A 53 -10.64 45.78 36.62
N THR A 54 -9.68 45.41 35.78
CA THR A 54 -8.36 46.03 35.80
C THR A 54 -8.30 47.26 34.90
N ALA A 55 -7.36 48.13 35.20
CA ALA A 55 -7.10 49.33 34.41
C ALA A 55 -5.88 49.18 33.51
N ASP A 56 -5.29 47.99 33.45
CA ASP A 56 -4.07 47.74 32.68
C ASP A 56 -4.46 47.36 31.26
N LYS A 57 -4.08 48.20 30.29
CA LYS A 57 -4.33 47.90 28.89
C LYS A 57 -2.99 47.83 28.13
N SER A 58 -2.33 46.69 28.25
CA SER A 58 -1.01 46.49 27.65
C SER A 58 -0.98 45.16 26.92
N ALA A 59 -0.03 45.03 26.00
CA ALA A 59 0.07 43.84 25.18
C ALA A 59 1.49 43.64 24.69
N THR A 60 1.78 42.42 24.26
CA THR A 60 3.00 42.08 23.55
C THR A 60 2.62 41.57 22.17
N VAL A 61 3.52 41.69 21.21
CA VAL A 61 3.36 41.04 19.91
C VAL A 61 4.65 40.29 19.60
N VAL A 62 4.51 39.12 18.99
CA VAL A 62 5.63 38.28 18.60
C VAL A 62 5.67 38.22 17.09
N ILE A 63 6.84 38.51 16.50
CA ILE A 63 7.04 38.53 15.06
C ILE A 63 8.07 37.48 14.70
N LYS A 64 7.69 36.55 13.84
CA LYS A 64 8.58 35.49 13.39
C LYS A 64 9.04 35.79 11.97
N LEU A 65 10.35 35.82 11.77
CA LEU A 65 10.96 36.27 10.53
C LEU A 65 11.92 35.22 10.00
N LYS A 66 12.25 35.34 8.72
CA LYS A 66 13.31 34.54 8.13
C LYS A 66 14.66 35.19 8.38
N PRO A 67 15.74 34.41 8.30
CA PRO A 67 17.08 34.98 8.46
C PRO A 67 17.47 35.97 7.37
N ASN A 68 16.72 36.06 6.27
CA ASN A 68 17.00 37.03 5.20
C ASN A 68 15.80 37.95 5.01
N SER A 69 15.67 38.95 5.88
CA SER A 69 14.56 39.87 5.71
C SER A 69 14.98 41.23 6.20
N PRO A 70 14.61 42.30 5.49
CA PRO A 70 15.02 43.65 5.93
C PRO A 70 14.49 44.04 7.30
N THR A 71 13.35 43.47 7.72
CA THR A 71 12.82 43.76 9.04
C THR A 71 13.73 43.23 10.13
N HIS A 72 14.44 42.13 9.87
CA HIS A 72 15.43 41.65 10.82
C HIS A 72 16.56 42.66 11.01
N ARG A 73 17.01 43.28 9.92
CA ARG A 73 18.02 44.32 10.01
C ARG A 73 17.50 45.54 10.76
N GLN A 74 16.26 45.95 10.49
CA GLN A 74 15.69 47.09 11.18
C GLN A 74 15.58 46.83 12.69
N LEU A 75 15.14 45.63 13.06
CA LEU A 75 14.97 45.32 14.48
C LEU A 75 16.31 45.17 15.18
N THR A 76 17.33 44.65 14.48
CA THR A 76 18.64 44.56 15.12
C THR A 76 19.31 45.92 15.25
N GLU A 77 18.96 46.89 14.39
CA GLU A 77 19.45 48.24 14.63
C GLU A 77 18.73 48.89 15.81
N LYS A 78 17.43 48.66 15.92
CA LYS A 78 16.69 49.20 17.06
C LYS A 78 17.19 48.62 18.38
N TRP A 79 17.55 47.35 18.39
CA TRP A 79 18.09 46.71 19.58
C TRP A 79 19.39 47.37 20.02
N MET A 80 20.28 47.66 19.06
CA MET A 80 21.54 48.31 19.41
C MET A 80 21.34 49.75 19.86
N ALA A 81 20.37 50.45 19.27
CA ALA A 81 20.04 51.79 19.75
C ALA A 81 19.56 51.75 21.20
N GLN A 82 18.73 50.76 21.55
CA GLN A 82 18.31 50.62 22.95
C GLN A 82 19.48 50.27 23.86
N ARG A 83 20.38 49.42 23.40
CA ARG A 83 21.53 49.04 24.23
C ARG A 83 22.46 50.22 24.44
N ALA A 84 22.52 51.16 23.50
CA ALA A 84 23.36 52.33 23.69
C ALA A 84 22.83 53.25 24.78
N GLY A 85 21.52 53.29 24.94
CA GLY A 85 20.93 54.13 25.97
C GLY A 85 19.87 55.06 25.44
N ARG A 86 19.60 54.97 24.14
CA ARG A 86 18.56 55.79 23.53
C ARG A 86 17.22 55.06 23.54
N LEU A 87 16.27 55.61 24.29
CA LEU A 87 15.02 54.93 24.59
C LEU A 87 13.85 55.77 24.12
N VAL A 88 13.27 55.41 22.98
CA VAL A 88 12.10 56.11 22.42
C VAL A 88 11.07 55.06 22.00
N GLY A 89 9.97 55.54 21.41
CA GLY A 89 8.76 54.75 21.25
C GLY A 89 8.65 53.81 20.06
N PHE A 90 8.77 54.32 18.84
CA PHE A 90 8.61 53.49 17.63
C PHE A 90 7.25 52.78 17.57
N PRO A 91 6.26 53.43 16.98
CA PRO A 91 4.92 52.83 16.86
C PRO A 91 4.90 51.54 16.05
N PHE A 92 3.94 50.67 16.37
CA PHE A 92 3.65 49.49 15.58
C PHE A 92 2.14 49.42 15.32
N ASP A 93 1.76 48.95 14.14
CA ASP A 93 0.37 48.95 13.73
C ASP A 93 0.18 47.84 12.70
N PHE A 94 -0.93 47.12 12.80
CA PHE A 94 -1.30 46.18 11.74
C PHE A 94 -2.79 45.96 11.73
N ILE A 95 -3.31 45.64 10.55
CA ILE A 95 -4.75 45.59 10.32
C ILE A 95 -5.02 44.62 9.18
N ASP A 96 -6.26 44.14 9.10
CA ASP A 96 -6.73 43.31 8.00
C ASP A 96 -7.79 44.09 7.23
N SER A 97 -7.60 44.24 5.92
CA SER A 97 -8.53 45.03 5.13
C SER A 97 -9.85 44.32 4.89
N ALA A 98 -9.89 42.99 5.05
CA ALA A 98 -11.12 42.26 4.81
C ALA A 98 -12.15 42.47 5.92
N SER A 99 -11.70 42.70 7.14
CA SER A 99 -12.64 42.81 8.26
C SER A 99 -12.39 44.04 9.13
N ASN A 100 -11.30 44.78 8.91
CA ASN A 100 -10.92 45.93 9.73
C ASN A 100 -10.61 45.52 11.16
N GLU A 101 -10.04 44.33 11.33
CA GLU A 101 -9.60 43.87 12.64
C GLU A 101 -8.10 44.08 12.78
N GLY A 102 -7.68 44.53 13.95
CA GLY A 102 -6.29 44.83 14.19
C GLY A 102 -6.14 45.66 15.45
N GLY A 103 -5.13 46.52 15.44
CA GLY A 103 -4.90 47.39 16.58
C GLY A 103 -3.67 48.23 16.34
N THR A 104 -3.47 49.20 17.23
CA THR A 104 -2.35 50.12 17.10
C THR A 104 -1.73 50.35 18.47
N GLY A 105 -0.45 50.73 18.45
CA GLY A 105 0.23 51.16 19.65
C GLY A 105 1.31 52.15 19.30
N ALA A 106 1.23 53.32 19.93
CA ALA A 106 2.07 54.46 19.56
C ALA A 106 3.48 54.40 20.12
N GLU A 107 3.77 53.51 21.08
CA GLU A 107 5.10 53.41 21.68
C GLU A 107 5.38 51.97 22.07
N PHE A 108 6.26 51.31 21.32
CA PHE A 108 6.68 49.94 21.60
C PHE A 108 8.14 49.92 22.05
N PHE A 109 8.58 48.75 22.54
CA PHE A 109 9.97 48.56 22.95
C PHE A 109 10.35 47.11 22.68
N ILE A 110 11.62 46.88 22.40
CA ILE A 110 12.12 45.51 22.24
C ILE A 110 12.13 44.83 23.59
N GLN A 111 11.59 43.62 23.67
CA GLN A 111 11.58 42.86 24.91
C GLN A 111 12.41 41.60 24.86
N LYS A 112 12.36 40.82 23.79
CA LYS A 112 13.20 39.65 23.61
C LYS A 112 13.88 39.69 22.25
N ALA A 113 15.09 39.16 22.21
CA ALA A 113 15.89 39.10 20.99
C ALA A 113 16.02 37.64 20.56
N PRO A 114 16.15 37.39 19.27
CA PRO A 114 16.14 36.00 18.79
C PRO A 114 17.47 35.30 19.05
N ASP A 115 17.48 34.01 18.72
CA ASP A 115 18.66 33.17 18.78
C ASP A 115 19.20 32.96 17.37
N ASP A 116 20.51 33.11 17.20
CA ASP A 116 21.15 32.95 15.90
C ASP A 116 21.62 31.51 15.76
N SER A 117 20.81 30.69 15.11
CA SER A 117 21.14 29.29 14.84
C SER A 117 21.55 29.14 13.39
N LYS A 118 22.67 28.47 13.14
CA LYS A 118 23.11 28.28 11.76
C LYS A 118 22.66 26.95 11.18
N GLY A 119 23.18 25.84 11.70
CA GLY A 119 22.73 24.52 11.27
C GLY A 119 22.70 24.24 9.78
N ASN A 120 21.94 23.20 9.40
CA ASN A 120 21.90 22.69 8.03
C ASN A 120 20.80 23.30 7.17
N ASN A 121 19.63 23.59 7.75
CA ASN A 121 18.60 24.35 7.06
C ASN A 121 18.37 25.66 7.80
N ALA A 122 17.75 26.63 7.14
CA ALA A 122 17.49 27.92 7.77
C ALA A 122 16.28 27.84 8.70
N VAL A 123 16.30 28.64 9.76
CA VAL A 123 15.32 28.56 10.84
C VAL A 123 14.81 29.94 11.21
N VAL A 124 13.89 29.95 12.17
CA VAL A 124 13.14 31.16 12.53
C VAL A 124 14.02 32.16 13.30
N ARG A 125 13.65 33.43 13.22
CA ARG A 125 14.15 34.49 14.10
C ARG A 125 12.95 35.17 14.74
N GLU A 126 12.77 34.99 16.04
CA GLU A 126 11.59 35.50 16.74
C GLU A 126 11.91 36.72 17.58
N TRP A 127 11.22 37.81 17.31
CA TRP A 127 11.33 39.04 18.08
C TRP A 127 10.07 39.25 18.91
N THR A 128 10.21 39.95 20.02
CA THR A 128 9.09 40.28 20.91
C THR A 128 9.16 41.76 21.23
N ILE A 129 8.02 42.45 21.14
CA ILE A 129 7.94 43.86 21.47
C ILE A 129 6.77 44.06 22.42
N VAL A 130 6.84 45.11 23.23
CA VAL A 130 5.87 45.34 24.31
C VAL A 130 5.46 46.80 24.31
N THR A 131 4.19 47.06 24.62
CA THR A 131 3.67 48.40 24.79
C THR A 131 2.89 48.50 26.09
N GLY A 132 2.72 49.72 26.56
CA GLY A 132 1.92 49.98 27.74
C GLY A 132 0.49 50.35 27.43
N GLU A 133 0.20 50.60 26.16
CA GLU A 133 -1.14 50.99 25.72
C GLU A 133 -1.42 50.42 24.34
N TRP A 134 -2.38 49.51 24.28
CA TRP A 134 -2.79 48.87 23.04
C TRP A 134 -4.30 49.03 22.89
N THR A 135 -4.74 49.63 21.81
CA THR A 135 -6.17 49.80 21.58
C THR A 135 -6.58 49.00 20.36
N PRO A 136 -7.37 47.94 20.51
CA PRO A 136 -7.89 47.23 19.34
C PRO A 136 -8.84 48.08 18.54
N THR A 137 -8.84 47.86 17.23
CA THR A 137 -9.78 48.51 16.34
C THR A 137 -11.02 47.65 16.20
N ILE A 138 -12.16 48.29 16.00
CA ILE A 138 -13.43 47.56 15.92
C ILE A 138 -13.60 47.00 14.51
N PRO A 139 -13.83 45.71 14.35
CA PRO A 139 -14.10 45.18 13.01
C PRO A 139 -15.48 45.57 12.52
N THR A 140 -15.55 46.61 11.69
CA THR A 140 -16.85 47.13 11.28
C THR A 140 -17.42 46.36 10.11
N LEU A 141 -16.61 45.53 9.45
CA LEU A 141 -17.07 44.65 8.38
C LEU A 141 -17.34 43.24 8.88
N LEU A 142 -17.42 43.06 10.20
CA LEU A 142 -17.63 41.77 10.83
C LEU A 142 -16.54 40.77 10.46
N MET B 1 26.59 41.74 -6.52
CA MET B 1 26.65 41.11 -5.21
C MET B 1 25.35 40.37 -4.90
N ALA B 2 25.11 39.30 -5.64
CA ALA B 2 23.87 38.54 -5.51
C ALA B 2 23.74 37.94 -4.11
N MET B 3 22.51 37.97 -3.59
CA MET B 3 22.23 37.41 -2.28
C MET B 3 22.31 35.89 -2.37
N LYS B 4 23.36 35.31 -1.78
CA LYS B 4 23.50 33.87 -1.83
C LYS B 4 22.45 33.21 -0.93
N ALA B 5 21.84 32.16 -1.46
CA ALA B 5 21.01 31.29 -0.65
C ALA B 5 21.83 30.73 0.51
N TYR B 6 21.15 30.21 1.52
CA TYR B 6 21.86 29.73 2.69
C TYR B 6 22.62 28.44 2.36
N SER B 7 23.75 28.26 3.02
CA SER B 7 24.55 27.06 2.90
C SER B 7 25.57 27.03 4.02
N MET B 8 25.74 25.86 4.64
CA MET B 8 26.75 25.71 5.67
C MET B 8 28.17 25.71 5.10
N LEU B 9 28.32 25.61 3.79
CA LEU B 9 29.61 25.76 3.15
C LEU B 9 30.12 27.19 3.20
N ASN B 10 29.27 28.16 3.51
CA ASN B 10 29.65 29.56 3.53
C ASN B 10 29.56 30.18 4.92
N VAL B 11 29.38 29.38 5.95
CA VAL B 11 29.44 29.84 7.34
C VAL B 11 30.80 29.45 7.90
N THR B 12 31.46 30.40 8.56
CA THR B 12 32.77 30.17 9.15
C THR B 12 32.73 30.53 10.62
N ALA B 13 33.27 29.64 11.46
CA ALA B 13 33.34 29.83 12.90
C ALA B 13 34.77 29.64 13.36
N THR B 14 35.27 30.58 14.16
CA THR B 14 36.66 30.60 14.58
C THR B 14 36.71 30.58 16.11
N LEU B 15 37.36 29.56 16.66
CA LEU B 15 37.45 29.41 18.11
C LEU B 15 38.92 29.44 18.49
N ASP B 16 39.33 30.53 19.16
CA ASP B 16 40.70 30.72 19.62
C ASP B 16 41.67 30.72 18.44
N GLY B 17 41.19 31.17 17.28
CA GLY B 17 42.04 31.27 16.11
C GLY B 17 41.90 30.14 15.11
N ARG B 18 41.41 28.98 15.55
CA ARG B 18 41.25 27.84 14.67
C ARG B 18 39.80 27.69 14.25
N ARG B 19 39.59 26.99 13.13
CA ARG B 19 38.25 26.75 12.62
C ARG B 19 37.54 25.64 13.41
N VAL B 20 36.21 25.69 13.37
CA VAL B 20 35.36 24.65 13.92
C VAL B 20 34.95 23.74 12.78
N ILE B 21 35.20 22.43 12.93
CA ILE B 21 35.10 21.55 11.78
C ILE B 21 34.04 20.46 11.91
N GLY B 22 34.21 19.52 12.83
CA GLY B 22 33.30 18.38 12.80
C GLY B 22 32.02 18.58 13.58
N LEU B 23 30.97 19.00 12.91
CA LEU B 23 29.70 19.37 13.53
C LEU B 23 28.70 18.24 13.36
N MET B 24 27.79 18.11 14.31
CA MET B 24 26.74 17.10 14.22
C MET B 24 25.72 17.48 13.17
N ASP B 25 24.80 16.54 12.92
CA ASP B 25 23.71 16.77 11.98
C ASP B 25 22.55 17.49 12.66
N GLY B 26 21.90 18.37 11.91
CA GLY B 26 20.72 19.06 12.40
C GLY B 26 20.72 20.53 12.03
N ASP B 27 19.59 21.18 12.28
CA ASP B 27 19.42 22.60 11.99
C ASP B 27 19.96 23.50 13.08
N ASP B 28 20.48 22.92 14.17
CA ASP B 28 20.95 23.69 15.32
C ASP B 28 22.31 23.13 15.70
N ALA B 29 23.37 23.57 15.01
CA ALA B 29 24.71 23.11 15.30
C ALA B 29 25.55 24.13 16.03
N ILE B 30 25.34 25.42 15.76
CA ILE B 30 25.88 26.52 16.56
C ILE B 30 24.73 27.46 16.82
N THR B 31 24.37 27.64 18.09
CA THR B 31 23.29 28.55 18.45
C THR B 31 23.73 29.47 19.58
N THR B 32 23.50 30.76 19.41
CA THR B 32 23.82 31.77 20.41
C THR B 32 22.54 32.39 20.94
N SER B 33 22.44 32.49 22.26
CA SER B 33 21.25 33.09 22.85
C SER B 33 21.64 34.15 23.87
N PRO B 34 20.95 35.28 23.88
CA PRO B 34 21.22 36.31 24.89
C PRO B 34 20.89 35.84 26.29
N GLY B 35 21.64 36.40 27.24
CA GLY B 35 21.54 35.99 28.63
C GLY B 35 20.23 36.30 29.33
N VAL B 36 19.61 37.44 29.03
CA VAL B 36 18.43 37.91 29.72
C VAL B 36 17.47 38.56 28.71
N ASP B 37 16.32 39.00 29.21
CA ASP B 37 15.41 39.81 28.41
C ASP B 37 15.95 41.22 28.27
N VAL B 38 15.61 41.86 27.16
CA VAL B 38 16.10 43.21 26.88
C VAL B 38 15.49 44.21 27.85
N GLY B 39 14.23 44.04 28.20
CA GLY B 39 13.58 44.98 29.09
C GLY B 39 12.33 44.42 29.72
N THR B 40 11.65 45.29 30.47
CA THR B 40 10.50 44.91 31.28
C THR B 40 9.51 46.07 31.35
N MET B 41 8.24 45.79 31.11
CA MET B 41 7.19 46.79 31.23
C MET B 41 6.52 46.66 32.60
N LEU B 42 6.34 47.79 33.27
CA LEU B 42 5.73 47.84 34.60
C LEU B 42 4.49 48.72 34.54
N VAL B 43 3.33 48.12 34.76
CA VAL B 43 2.04 48.80 34.66
C VAL B 43 1.45 48.91 36.06
N GLY B 44 1.01 50.11 36.42
CA GLY B 44 0.51 50.37 37.76
C GLY B 44 -0.98 50.16 37.89
N ALA B 45 -1.47 50.39 39.12
CA ALA B 45 -2.88 50.18 39.43
C ALA B 45 -3.79 51.18 38.75
N ASP B 46 -3.25 52.24 38.17
CA ASP B 46 -4.03 53.30 37.55
C ASP B 46 -4.03 53.25 36.03
N GLY B 47 -3.18 52.43 35.43
CA GLY B 47 -3.06 52.34 33.98
C GLY B 47 -1.81 52.96 33.41
N SER B 48 -1.04 53.72 34.18
CA SER B 48 0.22 54.28 33.73
C SER B 48 1.28 53.18 33.68
N TRP B 49 2.37 53.45 32.97
CA TRP B 49 3.36 52.42 32.68
C TRP B 49 4.77 52.99 32.73
N LEU B 50 5.74 52.09 32.86
CA LEU B 50 7.15 52.46 32.84
C LEU B 50 7.96 51.29 32.30
N PHE B 51 8.83 51.56 31.34
CA PHE B 51 9.73 50.57 30.77
C PHE B 51 11.10 50.69 31.42
N SER B 52 11.81 49.58 31.54
CA SER B 52 13.17 49.59 32.07
C SER B 52 14.05 48.68 31.22
N GLN B 53 15.22 49.19 30.85
CA GLN B 53 16.15 48.50 29.96
C GLN B 53 17.37 48.06 30.73
N THR B 54 17.88 46.87 30.43
CA THR B 54 19.01 46.32 31.15
C THR B 54 20.33 46.73 30.49
N ALA B 55 21.39 46.69 31.29
CA ALA B 55 22.74 46.97 30.83
C ALA B 55 23.56 45.71 30.63
N ASP B 56 22.95 44.54 30.76
CA ASP B 56 23.64 43.25 30.65
C ASP B 56 23.66 42.82 29.20
N LYS B 57 24.86 42.75 28.61
CA LYS B 57 25.01 42.25 27.24
C LYS B 57 25.89 41.01 27.23
N SER B 58 25.29 39.86 27.56
CA SER B 58 26.02 38.62 27.66
C SER B 58 25.25 37.53 26.92
N ALA B 59 25.96 36.46 26.57
CA ALA B 59 25.38 35.38 25.79
C ALA B 59 26.11 34.08 26.04
N THR B 60 25.45 32.97 25.71
CA THR B 60 26.06 31.65 25.65
C THR B 60 25.95 31.15 24.22
N VAL B 61 26.86 30.25 23.84
CA VAL B 61 26.73 29.52 22.58
C VAL B 61 26.91 28.05 22.86
N VAL B 62 26.14 27.22 22.16
CA VAL B 62 26.18 25.77 22.29
C VAL B 62 26.70 25.21 20.99
N ILE B 63 27.72 24.35 21.07
CA ILE B 63 28.35 23.73 19.91
C ILE B 63 28.18 22.23 20.01
N LYS B 64 27.57 21.64 18.99
CA LYS B 64 27.35 20.20 18.94
C LYS B 64 28.33 19.57 17.96
N LEU B 65 29.09 18.60 18.43
CA LEU B 65 30.19 18.03 17.68
C LEU B 65 30.05 16.51 17.60
N LYS B 66 30.76 15.92 16.65
CA LYS B 66 30.88 14.48 16.58
C LYS B 66 31.98 13.98 17.51
N PRO B 67 31.95 12.71 17.89
CA PRO B 67 33.02 12.16 18.73
C PRO B 67 34.38 12.12 18.06
N ASN B 68 34.48 12.33 16.74
CA ASN B 68 35.76 12.37 16.05
C ASN B 68 35.93 13.74 15.37
N SER B 69 36.34 14.73 16.14
CA SER B 69 36.56 16.03 15.54
C SER B 69 37.68 16.73 16.29
N PRO B 70 38.58 17.42 15.59
CA PRO B 70 39.68 18.10 16.28
C PRO B 70 39.22 19.18 17.24
N THR B 71 38.06 19.78 17.01
CA THR B 71 37.55 20.79 17.93
C THR B 71 37.19 20.18 19.28
N HIS B 72 36.78 18.91 19.30
CA HIS B 72 36.57 18.22 20.57
C HIS B 72 37.86 18.11 21.37
N ARG B 73 38.97 17.79 20.68
CA ARG B 73 40.27 17.74 21.34
C ARG B 73 40.70 19.12 21.85
N GLN B 74 40.48 20.16 21.04
CA GLN B 74 40.84 21.51 21.47
C GLN B 74 40.04 21.93 22.70
N LEU B 75 38.75 21.64 22.71
CA LEU B 75 37.90 22.03 23.84
C LEU B 75 38.21 21.23 25.08
N THR B 76 38.56 19.94 24.93
CA THR B 76 38.92 19.17 26.11
C THR B 76 40.29 19.57 26.66
N GLU B 77 41.18 20.12 25.84
CA GLU B 77 42.41 20.69 26.39
C GLU B 77 42.13 22.01 27.12
N LYS B 78 41.25 22.83 26.57
CA LYS B 78 40.89 24.08 27.25
C LYS B 78 40.21 23.80 28.60
N TRP B 79 39.39 22.76 28.67
CA TRP B 79 38.74 22.39 29.92
C TRP B 79 39.76 22.01 30.99
N MET B 80 40.78 21.24 30.61
CA MET B 80 41.80 20.84 31.57
C MET B 80 42.66 22.03 31.98
N ALA B 81 42.93 22.95 31.07
CA ALA B 81 43.64 24.17 31.44
C ALA B 81 42.85 24.98 32.47
N GLN B 82 41.53 25.09 32.29
CA GLN B 82 40.72 25.76 33.28
C GLN B 82 40.70 25.03 34.61
N ARG B 83 40.65 23.69 34.58
CA ARG B 83 40.63 22.93 35.83
C ARG B 83 41.95 23.06 36.57
N ALA B 84 43.05 23.28 35.85
CA ALA B 84 44.34 23.46 36.52
C ALA B 84 44.39 24.76 37.30
N GLY B 85 43.71 25.79 36.81
CA GLY B 85 43.70 27.07 37.50
C GLY B 85 44.08 28.22 36.59
N ARG B 86 44.34 27.92 35.33
CA ARG B 86 44.69 28.95 34.37
C ARG B 86 43.43 29.47 33.66
N LEU B 87 43.12 30.73 33.89
CA LEU B 87 41.84 31.30 33.49
C LEU B 87 42.07 32.51 32.59
N VAL B 88 41.91 32.33 31.28
CA VAL B 88 42.06 33.38 30.29
C VAL B 88 40.87 33.34 29.33
N GLY B 89 40.91 34.21 28.33
CA GLY B 89 39.73 34.54 27.53
C GLY B 89 39.38 33.65 26.36
N PHE B 90 40.27 33.47 25.38
CA PHE B 90 39.98 32.66 24.20
C PHE B 90 38.75 33.17 23.43
N PRO B 91 38.97 34.08 22.48
CA PRO B 91 37.86 34.62 21.69
C PRO B 91 37.13 33.57 20.85
N PHE B 92 35.86 33.83 20.59
CA PHE B 92 35.05 33.05 19.65
C PHE B 92 34.34 34.00 18.71
N ASP B 93 34.20 33.58 17.46
CA ASP B 93 33.65 34.43 16.41
C ASP B 93 33.05 33.54 15.34
N PHE B 94 31.89 33.93 14.81
CA PHE B 94 31.34 33.26 13.65
C PHE B 94 30.41 34.19 12.89
N ILE B 95 30.32 33.96 11.58
CA ILE B 95 29.64 34.88 10.68
C ILE B 95 29.16 34.10 9.48
N ASP B 96 28.19 34.66 8.77
CA ASP B 96 27.69 34.11 7.51
C ASP B 96 28.03 35.10 6.39
N SER B 97 28.73 34.61 5.36
CA SER B 97 29.15 35.49 4.28
C SER B 97 28.01 35.91 3.38
N ALA B 98 26.91 35.18 3.38
CA ALA B 98 25.79 35.52 2.51
C ALA B 98 25.04 36.76 2.99
N SER B 99 25.01 37.00 4.30
CA SER B 99 24.23 38.12 4.83
C SER B 99 25.00 38.98 5.80
N ASN B 100 26.21 38.59 6.19
CA ASN B 100 27.01 39.31 7.21
C ASN B 100 26.33 39.31 8.57
N GLU B 101 25.62 38.23 8.88
CA GLU B 101 25.01 38.07 10.19
C GLU B 101 25.88 37.17 11.06
N GLY B 102 26.03 37.54 12.33
CA GLY B 102 26.88 36.81 13.25
C GLY B 102 27.16 37.65 14.47
N GLY B 103 28.34 37.45 15.04
CA GLY B 103 28.74 38.20 16.21
C GLY B 103 30.10 37.76 16.67
N THR B 104 30.65 38.51 17.62
CA THR B 104 31.97 38.23 18.13
C THR B 104 31.99 38.40 19.64
N GLY B 105 32.93 37.70 20.29
CA GLY B 105 33.18 37.89 21.69
C GLY B 105 34.64 37.61 21.99
N ALA B 106 35.28 38.59 22.61
CA ALA B 106 36.73 38.57 22.80
C ALA B 106 37.19 37.71 23.96
N GLU B 107 36.30 37.29 24.86
CA GLU B 107 36.68 36.49 26.02
C GLU B 107 35.55 35.52 26.37
N PHE B 108 35.75 34.24 26.08
CA PHE B 108 34.79 33.19 26.42
C PHE B 108 35.34 32.28 27.51
N PHE B 109 34.48 31.43 28.05
CA PHE B 109 34.88 30.46 29.06
C PHE B 109 34.03 29.21 28.89
N ILE B 110 34.59 28.05 29.24
CA ILE B 110 33.84 26.81 29.22
C ILE B 110 32.82 26.84 30.35
N GLN B 111 31.56 26.51 30.05
CA GLN B 111 30.51 26.46 31.06
C GLN B 111 29.96 25.08 31.32
N LYS B 112 29.71 24.29 30.29
CA LYS B 112 29.28 22.91 30.43
C LYS B 112 30.14 21.98 29.59
N ALA B 113 30.36 20.78 30.09
CA ALA B 113 31.14 19.77 29.42
C ALA B 113 30.22 18.63 28.99
N PRO B 114 30.56 17.94 27.90
CA PRO B 114 29.64 16.94 27.36
C PRO B 114 29.66 15.65 28.16
N ASP B 115 28.77 14.74 27.77
CA ASP B 115 28.70 13.40 28.33
C ASP B 115 29.31 12.41 27.34
N ASP B 116 30.15 11.52 27.84
CA ASP B 116 30.80 10.51 27.01
C ASP B 116 29.96 9.25 26.99
N SER B 117 29.15 9.10 25.96
CA SER B 117 28.32 7.92 25.77
C SER B 117 28.92 7.04 24.69
N LYS B 118 29.04 5.75 24.96
CA LYS B 118 29.62 4.86 23.95
C LYS B 118 28.55 4.17 23.11
N GLY B 119 27.76 3.29 23.71
CA GLY B 119 26.66 2.65 23.02
C GLY B 119 26.95 2.00 21.68
N ASN B 120 25.89 1.77 20.90
CA ASN B 120 25.96 1.03 19.65
C ASN B 120 26.20 1.90 18.41
N ASN B 121 25.62 3.10 18.36
CA ASN B 121 25.94 4.08 17.34
C ASN B 121 26.60 5.29 17.98
N ALA B 122 27.28 6.12 17.20
CA ALA B 122 27.93 7.31 17.72
C ALA B 122 26.91 8.42 17.95
N VAL B 123 27.19 9.27 18.94
CA VAL B 123 26.24 10.27 19.39
C VAL B 123 26.93 11.61 19.61
N VAL B 124 26.13 12.61 19.99
CA VAL B 124 26.57 14.00 20.05
C VAL B 124 27.51 14.24 21.22
N ARG B 125 28.36 15.26 21.08
CA ARG B 125 29.12 15.85 22.18
C ARG B 125 28.82 17.34 22.21
N GLU B 126 28.12 17.80 23.24
CA GLU B 126 27.67 19.18 23.32
C GLU B 126 28.50 19.99 24.32
N TRP B 127 29.10 21.07 23.84
CA TRP B 127 29.85 22.00 24.67
C TRP B 127 29.07 23.30 24.80
N THR B 128 29.29 24.02 25.90
CA THR B 128 28.67 25.31 26.14
C THR B 128 29.75 26.28 26.59
N ILE B 129 29.75 27.48 26.02
CA ILE B 129 30.70 28.52 26.39
C ILE B 129 29.92 29.80 26.66
N VAL B 130 30.49 30.67 27.50
CA VAL B 130 29.79 31.86 27.98
C VAL B 130 30.73 33.06 27.91
N THR B 131 30.18 34.22 27.59
CA THR B 131 30.90 35.48 27.59
C THR B 131 30.12 36.52 28.36
N GLY B 132 30.83 37.56 28.80
CA GLY B 132 30.21 38.68 29.46
C GLY B 132 29.88 39.82 28.52
N GLU B 133 30.40 39.77 27.29
CA GLU B 133 30.18 40.81 26.30
C GLU B 133 30.09 40.19 24.91
N TRP B 134 28.90 40.30 24.31
CA TRP B 134 28.65 39.79 22.98
C TRP B 134 28.06 40.91 22.14
N THR B 135 28.70 41.23 21.03
CA THR B 135 28.19 42.27 20.15
C THR B 135 27.78 41.66 18.82
N PRO B 136 26.50 41.64 18.48
CA PRO B 136 26.11 41.17 17.15
C PRO B 136 26.58 42.11 16.06
N THR B 137 26.87 41.53 14.91
CA THR B 137 27.24 42.29 13.73
C THR B 137 25.98 42.61 12.93
N ILE B 138 25.98 43.75 12.26
CA ILE B 138 24.79 44.18 11.51
C ILE B 138 24.78 43.49 10.16
N PRO B 139 23.70 42.80 9.79
CA PRO B 139 23.64 42.21 8.45
C PRO B 139 23.42 43.27 7.39
N THR B 140 24.50 43.68 6.72
CA THR B 140 24.39 44.79 5.78
C THR B 140 23.91 44.33 4.41
N LEU B 141 23.92 43.02 4.16
CA LEU B 141 23.39 42.45 2.94
C LEU B 141 21.96 41.94 3.12
N LEU B 142 21.31 42.33 4.21
CA LEU B 142 19.95 41.90 4.56
C LEU B 142 19.85 40.39 4.67
N LYS C 3 -32.70 56.68 -16.40
CA LYS C 3 -32.03 55.79 -17.35
C LYS C 3 -33.05 54.98 -18.12
N LEU C 4 -32.95 53.65 -18.01
CA LEU C 4 -33.93 52.75 -18.60
C LEU C 4 -34.21 51.65 -17.60
N PRO C 5 -35.39 51.05 -17.62
CA PRO C 5 -35.66 49.93 -16.72
C PRO C 5 -34.99 48.66 -17.18
N TYR C 6 -34.90 47.69 -16.27
CA TYR C 6 -34.43 46.37 -16.66
C TYR C 6 -35.46 45.63 -17.50
N SER C 7 -36.73 46.06 -17.47
CA SER C 7 -37.76 45.46 -18.30
C SER C 7 -37.53 45.71 -19.78
N ARG C 8 -36.48 46.45 -20.14
CA ARG C 8 -36.10 46.62 -21.53
C ARG C 8 -35.52 45.34 -22.12
N VAL C 9 -34.85 44.52 -21.32
CA VAL C 9 -34.21 43.31 -21.82
C VAL C 9 -34.74 42.04 -21.17
N THR C 10 -35.44 42.10 -20.05
CA THR C 10 -36.02 40.93 -19.42
C THR C 10 -37.43 41.26 -18.95
N ASN C 11 -38.09 40.27 -18.37
CA ASN C 11 -39.42 40.46 -17.81
C ASN C 11 -39.56 39.53 -16.62
N VAL C 12 -39.44 40.08 -15.42
CA VAL C 12 -39.55 39.32 -14.17
C VAL C 12 -40.75 39.84 -13.41
N THR C 13 -41.69 38.95 -13.10
CA THR C 13 -42.91 39.33 -12.40
C THR C 13 -43.00 38.61 -11.05
N LEU C 14 -44.12 38.81 -10.36
CA LEU C 14 -44.37 38.15 -9.08
C LEU C 14 -45.86 38.22 -8.81
N THR C 15 -46.49 37.07 -8.59
CA THR C 15 -47.89 36.99 -8.19
C THR C 15 -47.98 36.26 -6.85
N ARG C 16 -49.15 36.35 -6.22
CA ARG C 16 -49.44 35.66 -4.98
C ARG C 16 -50.48 34.58 -5.26
N THR C 17 -50.01 33.42 -5.71
CA THR C 17 -50.90 32.29 -6.01
C THR C 17 -50.13 31.00 -5.73
N ASP C 18 -50.79 29.87 -5.92
CA ASP C 18 -50.19 28.56 -5.72
C ASP C 18 -50.05 27.87 -7.07
N ASN C 19 -48.84 27.39 -7.37
CA ASN C 19 -48.57 26.69 -8.61
C ASN C 19 -47.90 25.35 -8.31
N PHE C 20 -48.43 24.30 -8.93
CA PHE C 20 -47.91 22.96 -8.80
C PHE C 20 -47.40 22.50 -10.16
N PRO C 21 -46.49 21.53 -10.19
CA PRO C 21 -46.03 20.99 -11.47
C PRO C 21 -47.15 20.33 -12.24
N THR C 22 -46.93 20.24 -13.56
CA THR C 22 -48.02 19.86 -14.47
C THR C 22 -48.33 18.36 -14.37
N ARG C 23 -47.35 17.51 -14.69
CA ARG C 23 -47.49 16.06 -14.56
C ARG C 23 -48.68 15.55 -15.40
N ARG C 24 -48.48 15.58 -16.72
CA ARG C 24 -49.45 15.02 -17.65
C ARG C 24 -49.72 13.56 -17.32
N GLY C 25 -50.92 13.10 -17.69
CA GLY C 25 -51.32 11.74 -17.38
C GLY C 25 -52.13 11.08 -18.47
N PHE C 26 -53.21 10.38 -18.11
CA PHE C 26 -53.96 9.63 -19.12
C PHE C 26 -55.17 10.40 -19.68
N GLY C 27 -56.15 10.72 -18.84
CA GLY C 27 -57.47 11.00 -19.38
C GLY C 27 -58.12 12.35 -19.16
N THR C 28 -59.40 12.45 -19.51
CA THR C 28 -60.22 13.63 -19.29
C THR C 28 -61.61 13.22 -18.82
N GLN C 29 -62.27 14.10 -18.06
CA GLN C 29 -63.63 13.86 -17.60
C GLN C 29 -64.61 14.83 -18.25
N LEU C 30 -65.90 14.51 -18.13
CA LEU C 30 -66.98 15.31 -18.70
C LEU C 30 -67.91 15.80 -17.61
N ILE C 31 -68.30 17.06 -17.70
CA ILE C 31 -69.21 17.70 -16.75
C ILE C 31 -70.45 18.14 -17.52
N LEU C 32 -71.53 17.38 -17.39
CA LEU C 32 -72.77 17.66 -18.09
C LEU C 32 -73.78 18.28 -17.15
N THR C 33 -74.40 19.38 -17.57
CA THR C 33 -75.48 20.01 -16.82
C THR C 33 -76.42 20.69 -17.81
N HIS C 34 -77.27 21.57 -17.29
CA HIS C 34 -78.24 22.26 -18.14
C HIS C 34 -77.90 23.73 -18.33
N THR C 35 -76.92 24.26 -17.61
CA THR C 35 -76.54 25.65 -17.75
C THR C 35 -75.84 25.88 -19.08
N ALA C 36 -76.11 27.04 -19.70
CA ALA C 36 -75.41 27.48 -20.90
C ALA C 36 -74.87 28.88 -20.67
N VAL C 37 -73.71 29.16 -21.27
CA VAL C 37 -73.03 30.43 -21.03
C VAL C 37 -73.19 31.42 -22.17
N SER C 38 -73.73 31.00 -23.32
CA SER C 38 -74.17 31.85 -24.43
C SER C 38 -73.02 32.48 -25.21
N GLY C 39 -71.79 32.39 -24.73
CA GLY C 39 -70.66 32.95 -25.43
C GLY C 39 -69.70 31.88 -25.92
N GLN C 40 -69.82 30.68 -25.34
CA GLN C 40 -68.91 29.59 -25.63
C GLN C 40 -69.56 28.22 -25.76
N VAL C 41 -70.86 28.09 -25.51
CA VAL C 41 -71.56 26.83 -25.72
C VAL C 41 -72.85 27.03 -26.51
N ASP C 42 -73.14 28.26 -26.94
CA ASP C 42 -74.48 28.62 -27.37
C ASP C 42 -74.75 27.96 -28.72
N ALA C 43 -75.09 26.66 -28.63
CA ALA C 43 -75.47 25.83 -29.77
C ALA C 43 -74.32 25.61 -30.75
N THR C 44 -73.21 26.30 -30.53
CA THR C 44 -72.02 26.15 -31.36
C THR C 44 -71.06 25.11 -30.84
N LYS C 45 -71.14 24.79 -29.55
CA LYS C 45 -70.23 23.86 -28.88
C LYS C 45 -71.05 23.07 -27.86
N ARG C 46 -71.52 21.89 -28.26
CA ARG C 46 -72.11 20.98 -27.28
C ARG C 46 -71.12 20.63 -26.19
N THR C 47 -69.83 20.71 -26.48
CA THR C 47 -68.77 20.63 -25.48
C THR C 47 -67.77 21.73 -25.80
N LYS C 48 -67.01 22.14 -24.80
CA LYS C 48 -65.94 23.12 -24.99
C LYS C 48 -64.78 22.75 -24.08
N LEU C 49 -63.57 22.84 -24.61
CA LEU C 49 -62.37 22.55 -23.84
C LEU C 49 -61.82 23.84 -23.23
N TYR C 50 -60.86 23.66 -22.33
CA TYR C 50 -60.23 24.77 -21.63
C TYR C 50 -58.72 24.53 -21.59
N ALA C 51 -58.06 25.26 -20.73
CA ALA C 51 -56.65 25.01 -20.41
C ALA C 51 -56.37 24.97 -18.93
N SER C 52 -57.02 25.83 -18.16
CA SER C 52 -56.77 25.96 -16.72
C SER C 52 -58.04 26.55 -16.11
N LEU C 53 -58.14 26.44 -14.78
CA LEU C 53 -59.31 26.95 -14.08
C LEU C 53 -59.31 28.48 -14.05
N ALA C 54 -58.16 29.09 -13.76
CA ALA C 54 -58.11 30.53 -13.58
C ALA C 54 -58.66 31.27 -14.79
N GLU C 55 -58.36 30.76 -15.98
CA GLU C 55 -58.85 31.40 -17.20
C GLU C 55 -60.35 31.22 -17.40
N VAL C 56 -61.08 30.71 -16.42
CA VAL C 56 -62.53 30.59 -16.56
C VAL C 56 -63.18 31.94 -16.38
N GLU C 57 -63.89 32.37 -17.40
CA GLU C 57 -64.73 33.56 -17.34
C GLU C 57 -66.14 33.29 -17.82
N ALA C 58 -66.31 32.40 -18.82
CA ALA C 58 -67.63 32.16 -19.40
C ALA C 58 -68.62 31.64 -18.36
N ASP C 59 -68.20 30.68 -17.53
CA ASP C 59 -69.04 30.21 -16.44
C ASP C 59 -68.72 30.96 -15.16
N TYR C 60 -69.77 31.49 -14.53
CA TYR C 60 -69.62 32.40 -13.41
C TYR C 60 -68.85 31.72 -12.27
N PRO C 61 -67.92 32.44 -11.61
CA PRO C 61 -67.16 31.82 -10.52
C PRO C 61 -67.99 31.55 -9.27
N ALA C 62 -69.31 31.64 -9.38
CA ALA C 62 -70.17 31.32 -8.25
C ALA C 62 -71.20 30.26 -8.57
N ASN C 63 -71.41 29.91 -9.83
CA ASN C 63 -72.45 28.96 -10.17
C ASN C 63 -72.09 27.57 -9.62
N THR C 64 -73.11 26.89 -9.09
CA THR C 64 -72.85 25.66 -8.36
C THR C 64 -72.39 24.55 -9.30
N SER C 65 -72.84 24.60 -10.56
CA SER C 65 -72.62 23.48 -11.46
C SER C 65 -71.18 23.39 -11.92
N VAL C 66 -70.72 24.38 -12.69
CA VAL C 66 -69.46 24.23 -13.40
C VAL C 66 -68.28 24.65 -12.53
N TYR C 67 -68.33 25.87 -11.98
CA TYR C 67 -67.18 26.36 -11.23
C TYR C 67 -66.95 25.57 -9.95
N LYS C 68 -68.03 25.24 -9.22
CA LYS C 68 -67.84 24.50 -7.98
C LYS C 68 -67.43 23.05 -8.21
N ALA C 69 -67.61 22.52 -9.42
CA ALA C 69 -67.14 21.19 -9.77
C ALA C 69 -65.74 21.19 -10.37
N ALA C 70 -65.44 22.15 -11.26
CA ALA C 70 -64.07 22.31 -11.72
C ALA C 70 -63.15 22.70 -10.57
N LEU C 71 -63.72 23.26 -9.51
CA LEU C 71 -62.94 23.61 -8.34
C LEU C 71 -62.32 22.38 -7.70
N SER C 72 -63.09 21.29 -7.59
CA SER C 72 -62.54 20.06 -7.02
C SER C 72 -61.92 19.18 -8.10
N ALA C 73 -62.24 19.44 -9.38
CA ALA C 73 -61.56 18.74 -10.46
C ALA C 73 -60.10 19.15 -10.56
N PHE C 74 -59.81 20.44 -10.44
CA PHE C 74 -58.46 20.95 -10.65
C PHE C 74 -57.66 21.05 -9.36
N SER C 75 -58.16 20.50 -8.26
CA SER C 75 -57.56 20.74 -6.95
C SER C 75 -56.77 19.55 -6.41
N GLN C 76 -56.11 18.77 -7.27
CA GLN C 76 -55.17 17.78 -6.79
C GLN C 76 -53.75 18.36 -6.74
N ASN C 77 -52.89 17.73 -5.95
CA ASN C 77 -51.53 18.23 -5.80
C ASN C 77 -50.77 18.28 -7.12
N PRO C 78 -50.79 17.26 -7.98
CA PRO C 78 -50.43 17.49 -9.38
C PRO C 78 -51.66 17.76 -10.22
N ARG C 79 -51.49 18.56 -11.26
CA ARG C 79 -52.83 18.88 -11.72
C ARG C 79 -53.10 18.32 -13.11
N PRO C 80 -54.33 17.91 -13.39
CA PRO C 80 -54.70 17.62 -14.78
C PRO C 80 -54.82 18.90 -15.59
N ILE C 81 -55.14 18.78 -16.87
CA ILE C 81 -55.33 19.94 -17.74
C ILE C 81 -56.59 19.74 -18.58
N ARG C 82 -57.04 20.81 -19.20
CA ARG C 82 -58.08 20.84 -20.22
C ARG C 82 -59.32 20.00 -19.83
N LEU C 83 -60.07 20.52 -18.86
CA LEU C 83 -61.38 19.98 -18.57
C LEU C 83 -62.32 20.21 -19.76
N LYS C 84 -63.23 19.27 -19.97
CA LYS C 84 -64.23 19.32 -21.03
C LYS C 84 -65.54 19.87 -20.49
N VAL C 85 -65.77 21.16 -20.74
CA VAL C 85 -66.84 21.94 -20.12
C VAL C 85 -68.15 21.62 -20.84
N GLY C 86 -69.26 22.05 -20.26
CA GLY C 86 -70.56 21.50 -20.61
C GLY C 86 -71.45 22.39 -21.45
N TYR C 87 -72.26 21.71 -22.28
CA TYR C 87 -73.46 22.26 -22.88
C TYR C 87 -74.50 21.17 -23.07
N ALA C 88 -74.23 19.94 -22.61
CA ALA C 88 -74.78 18.74 -23.23
C ALA C 88 -76.29 18.63 -23.17
N ALA C 89 -76.84 18.39 -21.98
CA ALA C 89 -78.28 18.29 -21.79
C ALA C 89 -78.85 19.62 -21.28
N THR C 90 -78.67 20.68 -22.06
CA THR C 90 -79.15 22.00 -21.64
C THR C 90 -80.65 22.01 -21.32
N PRO C 91 -81.54 21.36 -22.09
CA PRO C 91 -82.93 21.23 -21.62
C PRO C 91 -83.01 20.40 -20.34
N THR C 92 -84.01 20.70 -19.53
CA THR C 92 -84.15 20.09 -18.21
C THR C 92 -84.61 18.64 -18.27
N GLY C 93 -83.69 17.72 -18.56
CA GLY C 93 -83.97 16.31 -18.44
C GLY C 93 -84.90 15.78 -19.52
N GLY C 94 -86.02 16.46 -19.72
CA GLY C 94 -86.95 16.08 -20.76
C GLY C 94 -88.13 17.03 -20.73
N ASP C 95 -88.72 17.24 -21.91
CA ASP C 95 -89.91 18.08 -21.99
C ASP C 95 -91.02 17.50 -21.13
N ASP C 96 -91.20 16.18 -21.17
CA ASP C 96 -91.91 15.46 -20.14
C ASP C 96 -90.83 14.99 -19.18
N ALA C 97 -90.81 15.58 -17.98
CA ALA C 97 -89.69 15.35 -17.07
C ALA C 97 -89.52 13.89 -16.72
N ALA C 98 -90.60 13.18 -16.41
CA ALA C 98 -90.50 11.80 -15.96
C ALA C 98 -90.00 10.88 -17.07
N LYS C 99 -90.10 11.31 -18.33
CA LYS C 99 -89.69 10.49 -19.47
C LYS C 99 -88.19 10.61 -19.67
N LYS C 100 -87.52 9.47 -19.74
CA LYS C 100 -86.08 9.39 -19.93
C LYS C 100 -85.68 9.33 -21.40
N ALA C 101 -86.65 9.27 -22.32
CA ALA C 101 -86.31 9.21 -23.73
C ALA C 101 -85.61 10.49 -24.19
N ASP C 102 -86.08 11.65 -23.74
CA ASP C 102 -85.42 12.90 -24.10
C ASP C 102 -84.01 12.97 -23.55
N PHE C 103 -83.79 12.50 -22.33
CA PHE C 103 -82.44 12.46 -21.77
C PHE C 103 -81.54 11.49 -22.56
N ILE C 104 -82.09 10.35 -22.99
CA ILE C 104 -81.30 9.40 -23.77
C ILE C 104 -80.91 10.01 -25.12
N THR C 105 -81.85 10.71 -25.76
CA THR C 105 -81.53 11.35 -27.03
C THR C 105 -80.54 12.49 -26.85
N SER C 106 -80.66 13.22 -25.74
CA SER C 106 -79.67 14.25 -25.42
C SER C 106 -78.29 13.65 -25.26
N LEU C 107 -78.20 12.51 -24.58
CA LEU C 107 -76.92 11.81 -24.47
C LEU C 107 -76.42 11.36 -25.84
N GLY C 108 -77.32 10.90 -26.69
CA GLY C 108 -76.92 10.41 -28.00
C GLY C 108 -76.60 11.50 -28.99
N ALA C 109 -76.90 12.76 -28.66
CA ALA C 109 -76.57 13.87 -29.54
C ALA C 109 -75.39 14.70 -29.05
N ILE C 110 -74.71 14.30 -27.97
CA ILE C 110 -73.53 15.01 -27.52
C ILE C 110 -72.24 14.29 -27.92
N LEU C 111 -72.32 13.02 -28.31
CA LEU C 111 -71.16 12.36 -28.91
C LEU C 111 -70.82 12.96 -30.26
N ASN C 112 -71.85 13.39 -31.01
CA ASN C 112 -71.67 13.77 -32.40
C ASN C 112 -70.82 15.03 -32.56
N TYR C 113 -70.56 15.74 -31.47
CA TYR C 113 -69.62 16.85 -31.56
C TYR C 113 -68.22 16.43 -31.13
N ASP C 114 -68.11 15.70 -30.03
CA ASP C 114 -66.79 15.44 -29.48
C ASP C 114 -66.69 14.06 -28.83
N GLN C 115 -65.56 13.39 -29.10
CA GLN C 115 -65.19 12.13 -28.47
C GLN C 115 -63.76 12.32 -27.97
N ALA C 116 -63.63 12.97 -26.82
CA ALA C 116 -62.38 13.04 -26.10
C ALA C 116 -62.54 12.82 -24.59
N PHE C 117 -63.75 12.57 -24.11
CA PHE C 117 -63.94 12.34 -22.69
C PHE C 117 -64.09 10.85 -22.39
N TYR C 118 -63.64 10.46 -21.20
CA TYR C 118 -63.63 9.08 -20.78
C TYR C 118 -64.45 8.81 -19.52
N GLN C 119 -64.51 9.77 -18.59
CA GLN C 119 -65.24 9.64 -17.34
C GLN C 119 -66.35 10.67 -17.30
N ILE C 120 -67.58 10.22 -17.07
CA ILE C 120 -68.77 11.05 -17.18
C ILE C 120 -69.24 11.38 -15.77
N THR C 121 -69.31 12.67 -15.45
CA THR C 121 -69.71 13.15 -14.14
C THR C 121 -70.82 14.19 -14.28
N LEU C 122 -71.92 13.97 -13.59
CA LEU C 122 -72.93 15.00 -13.37
C LEU C 122 -72.71 15.59 -11.98
N ASP C 123 -72.90 16.90 -11.85
CA ASP C 123 -72.49 17.55 -10.61
C ASP C 123 -73.42 18.70 -10.30
N ALA C 124 -73.65 18.90 -8.99
CA ALA C 124 -74.34 20.03 -8.40
C ALA C 124 -75.79 20.15 -8.84
N ALA C 125 -76.24 19.29 -9.75
CA ALA C 125 -77.63 19.28 -10.21
C ALA C 125 -77.83 17.95 -10.90
N LEU C 126 -79.07 17.71 -11.32
CA LEU C 126 -79.47 16.43 -11.91
C LEU C 126 -79.36 15.29 -10.89
N ARG C 127 -79.05 15.61 -9.64
CA ARG C 127 -78.81 14.58 -8.62
C ARG C 127 -80.14 13.96 -8.23
N ASP C 128 -80.15 12.63 -8.10
CA ASP C 128 -81.31 11.87 -7.63
C ASP C 128 -82.52 12.04 -8.55
N GLN C 129 -82.29 12.23 -9.85
CA GLN C 129 -83.39 12.27 -10.80
C GLN C 129 -83.71 10.87 -11.32
N PRO C 130 -84.99 10.52 -11.44
CA PRO C 130 -85.33 9.21 -12.03
C PRO C 130 -84.90 9.06 -13.48
N TYR C 131 -84.79 10.16 -14.23
CA TYR C 131 -84.41 10.05 -15.63
C TYR C 131 -82.94 9.67 -15.81
N LEU C 132 -82.16 9.67 -14.73
CA LEU C 132 -80.75 9.36 -14.82
C LEU C 132 -80.51 7.90 -15.16
N ASP C 133 -81.55 7.07 -15.10
CA ASP C 133 -81.43 5.66 -15.47
C ASP C 133 -80.92 5.48 -16.89
N GLY C 134 -81.18 6.46 -17.77
CA GLY C 134 -80.67 6.38 -19.11
C GLY C 134 -79.15 6.34 -19.17
N LEU C 135 -78.48 7.13 -18.33
CA LEU C 135 -77.02 7.13 -18.31
C LEU C 135 -76.48 5.76 -17.91
N VAL C 136 -77.11 5.14 -16.91
CA VAL C 136 -76.66 3.83 -16.44
C VAL C 136 -76.90 2.76 -17.49
N GLU C 137 -78.04 2.81 -18.16
CA GLU C 137 -78.31 1.83 -19.22
C GLU C 137 -77.44 2.07 -20.45
N TRP C 138 -77.01 3.31 -20.66
CA TRP C 138 -76.36 3.69 -21.92
C TRP C 138 -74.85 3.57 -21.88
N VAL C 139 -74.22 3.89 -20.75
CA VAL C 139 -72.77 3.77 -20.70
C VAL C 139 -72.32 2.32 -20.76
N GLU C 140 -73.23 1.38 -20.53
CA GLU C 140 -73.00 -0.02 -20.87
C GLU C 140 -72.84 -0.15 -22.39
N ALA C 141 -71.84 -0.94 -22.79
CA ALA C 141 -71.44 -1.05 -24.19
C ALA C 141 -71.07 0.32 -24.76
N GLN C 142 -70.26 1.07 -24.01
CA GLN C 142 -69.79 2.38 -24.41
C GLN C 142 -68.47 2.62 -23.69
N PRO C 143 -67.36 2.80 -24.41
CA PRO C 143 -66.03 2.81 -23.77
C PRO C 143 -65.78 4.04 -22.90
N LYS C 144 -66.56 4.16 -21.82
CA LYS C 144 -66.44 5.26 -20.88
C LYS C 144 -66.73 4.75 -19.47
N ILE C 145 -66.64 5.65 -18.51
CA ILE C 145 -66.89 5.35 -17.10
C ILE C 145 -67.89 6.36 -16.56
N ALA C 146 -68.99 5.86 -15.99
CA ALA C 146 -70.07 6.70 -15.50
C ALA C 146 -70.05 6.75 -13.99
N MET C 147 -70.04 7.96 -13.43
CA MET C 147 -69.96 8.13 -11.99
C MET C 147 -70.95 9.19 -11.54
N ILE C 148 -71.69 8.89 -10.47
CA ILE C 148 -72.76 9.73 -9.96
C ILE C 148 -72.53 9.95 -8.47
N ASP C 149 -72.31 11.20 -8.06
CA ASP C 149 -72.14 11.52 -6.65
C ASP C 149 -73.42 12.17 -6.16
N SER C 150 -74.12 11.47 -5.26
CA SER C 150 -75.26 12.06 -4.60
C SER C 150 -74.81 13.06 -3.56
N ASN C 151 -75.70 14.01 -3.25
CA ASN C 151 -75.52 14.89 -2.12
C ASN C 151 -76.28 14.42 -0.89
N ALA C 152 -77.28 13.57 -1.07
CA ALA C 152 -78.05 12.99 0.03
C ALA C 152 -78.98 11.94 -0.53
N ALA C 153 -79.15 10.84 0.21
CA ALA C 153 -80.10 9.79 -0.14
C ALA C 153 -80.20 8.85 1.05
N GLY C 154 -80.95 7.76 0.85
CA GLY C 154 -81.17 6.75 1.88
C GLY C 154 -80.41 5.48 1.62
N HIS C 155 -79.15 5.60 1.23
CA HIS C 155 -78.31 4.41 1.05
C HIS C 155 -77.84 3.86 2.37
N GLU C 156 -78.14 4.54 3.47
CA GLU C 156 -77.68 4.10 4.78
C GLU C 156 -78.59 3.05 5.38
N ASP C 157 -79.69 2.70 4.70
CA ASP C 157 -80.50 1.57 5.11
C ASP C 157 -80.07 0.36 4.30
N PRO C 158 -79.56 -0.69 4.94
CA PRO C 158 -79.12 -1.88 4.18
C PRO C 158 -80.30 -2.71 3.65
N ALA C 159 -81.50 -2.12 3.63
CA ALA C 159 -82.68 -2.81 3.15
C ALA C 159 -83.40 -2.13 1.99
N ASN C 160 -83.35 -0.80 1.90
CA ASN C 160 -84.19 -0.10 0.93
C ASN C 160 -83.72 -0.38 -0.49
N THR C 161 -84.67 -0.27 -1.43
CA THR C 161 -84.43 -0.57 -2.83
C THR C 161 -84.76 0.56 -3.78
N THR C 162 -85.01 1.77 -3.30
CA THR C 162 -85.39 2.87 -4.17
C THR C 162 -84.21 3.73 -4.61
N VAL C 163 -83.09 3.64 -3.92
CA VAL C 163 -81.97 4.56 -4.18
C VAL C 163 -81.21 4.11 -5.43
N ILE C 164 -80.33 5.01 -5.90
CA ILE C 164 -79.54 4.75 -7.10
C ILE C 164 -78.80 3.43 -6.97
N ALA C 165 -78.02 3.27 -5.90
CA ALA C 165 -77.15 2.12 -5.76
C ALA C 165 -77.90 0.83 -5.41
N ALA C 166 -79.21 0.91 -5.15
CA ALA C 166 -80.00 -0.29 -4.91
C ALA C 166 -80.67 -0.78 -6.20
N ARG C 167 -81.38 0.11 -6.91
CA ARG C 167 -82.10 -0.30 -8.11
C ARG C 167 -81.14 -0.73 -9.21
N HIS C 168 -79.85 -0.41 -9.07
CA HIS C 168 -78.81 -0.88 -9.98
C HIS C 168 -77.62 -1.36 -9.12
N LYS C 169 -77.65 -2.64 -8.76
CA LYS C 169 -76.59 -3.21 -7.92
C LYS C 169 -76.38 -4.64 -8.37
N GLY C 170 -75.15 -4.96 -8.76
CA GLY C 170 -74.83 -6.30 -9.23
C GLY C 170 -75.14 -6.55 -10.68
N THR C 171 -75.76 -5.59 -11.37
CA THR C 171 -76.07 -5.74 -12.78
C THR C 171 -75.23 -4.85 -13.68
N VAL C 172 -74.61 -3.79 -13.15
CA VAL C 172 -73.83 -2.86 -13.94
C VAL C 172 -72.37 -2.97 -13.51
N GLU C 173 -71.47 -3.02 -14.49
CA GLU C 173 -70.05 -3.17 -14.23
C GLU C 173 -69.21 -1.99 -14.71
N ARG C 174 -69.84 -0.85 -14.98
CA ARG C 174 -69.09 0.32 -15.47
C ARG C 174 -69.58 1.61 -14.82
N THR C 175 -70.31 1.52 -13.72
CA THR C 175 -70.81 2.71 -13.04
C THR C 175 -70.53 2.59 -11.55
N ALA C 176 -70.40 3.74 -10.89
CA ALA C 176 -70.17 3.77 -9.45
C ALA C 176 -70.83 5.00 -8.87
N VAL C 177 -70.98 4.99 -7.54
CA VAL C 177 -71.70 6.04 -6.81
C VAL C 177 -70.72 6.65 -5.82
N PHE C 178 -70.65 7.98 -5.78
CA PHE C 178 -69.91 8.67 -4.71
C PHE C 178 -70.89 9.27 -3.70
N TYR C 179 -71.42 8.40 -2.84
CA TYR C 179 -72.37 8.83 -1.83
C TYR C 179 -71.69 9.68 -0.76
N HIS C 180 -72.39 10.71 -0.29
CA HIS C 180 -71.83 11.65 0.66
C HIS C 180 -72.97 12.45 1.27
N THR C 181 -72.63 13.48 2.04
CA THR C 181 -73.59 14.45 2.55
C THR C 181 -73.63 15.67 1.62
N ASP C 182 -74.32 16.72 2.06
CA ASP C 182 -74.67 17.82 1.18
C ASP C 182 -73.47 18.72 0.87
N SER C 183 -73.53 19.36 -0.30
CA SER C 183 -72.78 20.55 -0.68
C SER C 183 -71.32 20.31 -1.05
N THR C 184 -70.91 19.08 -1.38
CA THR C 184 -69.54 18.79 -1.79
C THR C 184 -69.55 18.07 -3.13
N GLU C 185 -68.81 18.60 -4.09
CA GLU C 185 -68.55 17.93 -5.35
C GLU C 185 -67.42 16.92 -5.12
N TYR C 186 -67.68 15.65 -5.42
CA TYR C 186 -66.78 14.59 -5.02
C TYR C 186 -66.16 13.81 -6.18
N LEU C 187 -66.94 13.48 -7.22
CA LEU C 187 -66.38 12.77 -8.37
C LEU C 187 -65.16 13.50 -8.90
N ALA C 188 -65.21 14.83 -8.93
CA ALA C 188 -64.10 15.61 -9.43
C ALA C 188 -62.92 15.59 -8.49
N ALA C 189 -63.15 15.26 -7.21
CA ALA C 189 -62.11 15.41 -6.20
C ALA C 189 -60.95 14.47 -6.45
N SER C 190 -61.24 13.21 -6.78
CA SER C 190 -60.23 12.19 -6.99
C SER C 190 -60.12 11.77 -8.44
N MET C 191 -61.24 11.41 -9.06
CA MET C 191 -61.23 11.07 -10.48
C MET C 191 -60.74 12.26 -11.30
N ALA C 192 -60.00 11.96 -12.35
CA ALA C 192 -59.61 12.97 -13.33
C ALA C 192 -58.69 14.01 -12.70
N ALA C 193 -58.43 13.89 -11.40
CA ALA C 193 -57.48 14.74 -10.71
C ALA C 193 -56.34 13.92 -10.11
N TYR C 194 -56.65 12.75 -9.58
CA TYR C 194 -55.65 11.73 -9.30
C TYR C 194 -55.63 10.63 -10.34
N MET C 195 -56.80 10.19 -10.80
CA MET C 195 -56.87 9.18 -11.85
C MET C 195 -56.19 9.66 -13.12
N SER C 196 -56.39 10.93 -13.48
CA SER C 196 -55.88 11.45 -14.73
C SER C 196 -54.36 11.41 -14.78
N THR C 197 -53.71 11.87 -13.72
CA THR C 197 -52.26 11.96 -13.77
C THR C 197 -51.59 10.65 -13.37
N ARG C 198 -52.07 9.54 -13.94
CA ARG C 198 -51.49 8.22 -13.75
C ARG C 198 -50.85 7.80 -15.06
N VAL C 199 -49.53 7.65 -15.04
CA VAL C 199 -48.79 7.32 -16.25
C VAL C 199 -48.39 5.86 -16.16
N PHE C 200 -48.99 5.03 -17.01
CA PHE C 200 -48.72 3.60 -17.02
C PHE C 200 -47.52 3.24 -17.89
N ASP C 201 -46.84 4.23 -18.45
CA ASP C 201 -45.68 3.96 -19.29
C ASP C 201 -44.40 3.78 -18.48
N ASP C 202 -44.48 3.89 -17.16
CA ASP C 202 -43.34 3.65 -16.29
C ASP C 202 -43.45 2.30 -15.62
N ALA C 203 -42.32 1.81 -15.13
CA ALA C 203 -42.31 0.56 -14.39
C ALA C 203 -43.05 0.71 -13.07
N ASN C 204 -43.79 -0.33 -12.69
CA ASN C 204 -44.43 -0.43 -11.38
C ASN C 204 -45.44 0.68 -11.13
N SER C 205 -46.05 1.21 -12.18
CA SER C 205 -47.06 2.26 -12.07
C SER C 205 -48.47 1.71 -12.07
N ALA C 206 -48.75 0.74 -11.22
CA ALA C 206 -50.08 0.15 -11.12
C ALA C 206 -50.66 0.55 -9.77
N TYR C 207 -51.63 1.45 -9.79
CA TYR C 207 -52.25 1.93 -8.56
C TYR C 207 -53.49 1.11 -8.24
N THR C 208 -53.31 -0.21 -8.35
CA THR C 208 -54.41 -1.16 -8.44
C THR C 208 -55.57 -0.84 -7.50
N LEU C 209 -55.30 -0.18 -6.38
CA LEU C 209 -56.32 0.06 -5.37
C LEU C 209 -57.20 1.26 -5.68
N LYS C 210 -56.61 2.45 -5.69
CA LYS C 210 -57.35 3.71 -5.54
C LYS C 210 -58.14 3.72 -4.24
N PHE C 211 -57.62 3.05 -3.21
CA PHE C 211 -58.39 2.68 -2.03
C PHE C 211 -57.99 3.46 -0.79
N LYS C 212 -56.78 3.99 -0.70
CA LYS C 212 -56.43 4.90 0.39
C LYS C 212 -55.69 6.10 -0.20
N LYS C 213 -56.45 7.08 -0.70
CA LYS C 213 -55.88 8.21 -1.40
C LYS C 213 -56.54 9.50 -0.91
N ALA C 214 -55.72 10.50 -0.61
CA ALA C 214 -56.07 11.79 -0.04
C ALA C 214 -56.31 12.82 -1.12
N PRO C 215 -57.47 13.47 -1.15
CA PRO C 215 -57.70 14.58 -2.07
C PRO C 215 -57.03 15.86 -1.54
N GLY C 216 -57.15 16.92 -2.32
CA GLY C 216 -56.53 18.17 -1.95
C GLY C 216 -57.04 18.73 -0.64
N VAL C 217 -58.29 19.17 -0.61
CA VAL C 217 -58.95 19.67 0.60
C VAL C 217 -60.39 19.19 0.56
N ARG C 218 -60.85 18.58 1.65
CA ARG C 218 -62.26 18.21 1.75
C ARG C 218 -62.57 17.83 3.19
N ALA C 219 -63.80 17.36 3.40
CA ALA C 219 -64.30 17.00 4.71
C ALA C 219 -64.82 15.57 4.71
N ILE C 220 -64.83 14.98 5.90
CA ILE C 220 -65.22 13.60 6.11
C ILE C 220 -66.71 13.52 6.40
N ASP C 221 -67.28 12.33 6.25
CA ASP C 221 -68.60 12.04 6.78
C ASP C 221 -68.43 11.47 8.19
N LYS C 222 -69.50 10.91 8.75
CA LYS C 222 -69.51 10.44 10.14
C LYS C 222 -70.11 9.04 10.24
N GLY C 223 -69.66 8.30 11.26
CA GLY C 223 -70.25 7.01 11.60
C GLY C 223 -69.32 5.82 11.50
N SER C 224 -69.77 4.69 12.04
CA SER C 224 -69.05 3.43 11.91
C SER C 224 -69.90 2.31 11.33
N ALA C 225 -71.10 2.10 11.86
CA ALA C 225 -72.03 1.11 11.31
C ALA C 225 -72.84 1.66 10.15
N VAL C 226 -72.70 2.95 9.84
CA VAL C 226 -73.31 3.54 8.67
C VAL C 226 -72.37 3.48 7.47
N VAL C 227 -71.09 3.20 7.69
CA VAL C 227 -70.09 3.14 6.63
C VAL C 227 -70.05 1.74 6.04
N THR C 228 -70.92 0.85 6.53
CA THR C 228 -71.02 -0.49 5.94
C THR C 228 -72.35 -0.70 5.24
N ALA C 229 -73.39 0.04 5.60
CA ALA C 229 -74.56 0.13 4.74
C ALA C 229 -74.18 0.76 3.41
N ILE C 230 -73.54 1.93 3.47
CA ILE C 230 -72.82 2.43 2.30
C ILE C 230 -71.52 1.65 2.16
N THR C 231 -71.03 1.55 0.94
CA THR C 231 -69.82 0.81 0.55
C THR C 231 -69.97 -0.70 0.73
N GLY C 232 -71.06 -1.18 1.31
CA GLY C 232 -71.35 -2.59 1.47
C GLY C 232 -70.18 -3.49 1.85
N PHE C 233 -69.26 -2.98 2.66
CA PHE C 233 -68.02 -3.68 2.97
C PHE C 233 -68.12 -4.33 4.34
N VAL C 234 -68.00 -5.67 4.37
CA VAL C 234 -67.92 -6.37 5.64
C VAL C 234 -66.46 -6.51 6.03
N GLU C 235 -66.23 -6.79 7.32
CA GLU C 235 -64.90 -6.59 7.91
C GLU C 235 -63.83 -7.41 7.19
N GLN C 236 -63.90 -8.72 7.31
CA GLN C 236 -62.85 -9.60 6.80
C GLN C 236 -63.33 -10.48 5.66
N THR C 237 -64.65 -10.68 5.53
CA THR C 237 -65.17 -11.49 4.44
C THR C 237 -64.88 -10.87 3.08
N GLY C 238 -65.12 -9.58 2.94
CA GLY C 238 -64.96 -8.93 1.65
C GLY C 238 -65.96 -7.83 1.43
N GLN C 239 -66.73 -7.94 0.37
CA GLN C 239 -67.80 -7.00 0.06
C GLN C 239 -69.02 -7.81 -0.39
N SER C 240 -70.14 -7.64 0.31
CA SER C 240 -71.35 -8.41 0.08
C SER C 240 -72.42 -7.53 -0.55
N GLU C 241 -73.10 -8.05 -1.57
CA GLU C 241 -74.06 -7.26 -2.31
C GLU C 241 -75.35 -7.04 -1.52
N SER C 242 -75.83 -8.07 -0.83
CA SER C 242 -77.10 -7.97 -0.11
C SER C 242 -76.99 -7.10 1.13
N ALA C 243 -75.81 -7.04 1.75
CA ALA C 243 -75.61 -6.35 3.02
C ALA C 243 -75.04 -4.96 2.85
N GLY C 244 -75.44 -4.23 1.81
CA GLY C 244 -74.98 -2.86 1.66
C GLY C 244 -75.07 -2.40 0.23
N HIS C 245 -74.77 -1.13 0.04
CA HIS C 245 -74.77 -0.51 -1.28
C HIS C 245 -73.43 0.18 -1.52
N CYS C 246 -72.80 -0.16 -2.64
CA CYS C 246 -71.42 0.26 -2.92
C CYS C 246 -71.39 1.75 -3.20
N ALA C 247 -70.44 2.45 -2.59
CA ALA C 247 -70.18 3.86 -2.86
C ALA C 247 -68.87 4.25 -2.18
N ASN C 248 -68.54 5.53 -2.22
CA ASN C 248 -67.26 6.01 -1.71
C ASN C 248 -67.51 7.24 -0.85
N THR C 249 -66.89 7.25 0.33
CA THR C 249 -67.31 8.22 1.34
C THR C 249 -66.19 9.01 2.00
N LEU C 250 -64.92 8.68 1.79
CA LEU C 250 -63.80 9.44 2.36
C LEU C 250 -63.87 9.49 3.89
N ILE C 251 -63.64 8.33 4.49
CA ILE C 251 -63.61 8.20 5.94
C ILE C 251 -62.31 8.75 6.51
N ASP C 252 -62.23 8.89 7.83
CA ASP C 252 -60.99 9.17 8.52
C ASP C 252 -60.87 8.23 9.72
N ILE C 253 -59.70 7.64 9.88
CA ILE C 253 -59.45 6.63 10.91
C ILE C 253 -58.49 7.14 11.97
N GLY C 254 -57.27 7.48 11.59
CA GLY C 254 -56.35 8.07 12.54
C GLY C 254 -56.51 9.57 12.56
N ASP C 255 -55.42 10.29 12.35
CA ASP C 255 -55.53 11.71 12.03
C ASP C 255 -55.54 11.97 10.52
N GLN C 256 -55.63 10.91 9.72
CA GLN C 256 -55.61 11.03 8.27
C GLN C 256 -57.01 10.83 7.72
N GLU C 257 -57.31 11.50 6.61
CA GLU C 257 -58.53 11.31 5.87
C GLU C 257 -58.18 10.77 4.48
N PHE C 258 -58.92 9.77 4.03
CA PHE C 258 -58.60 9.11 2.77
C PHE C 258 -59.85 8.45 2.19
N LEU C 259 -59.83 8.25 0.88
CA LEU C 259 -60.95 7.60 0.21
C LEU C 259 -61.03 6.15 0.65
N VAL C 260 -62.23 5.58 0.59
CA VAL C 260 -62.43 4.21 1.05
C VAL C 260 -63.32 3.45 0.08
N GLU C 261 -63.19 2.13 0.14
CA GLU C 261 -63.73 1.11 -0.75
C GLU C 261 -63.07 1.08 -2.12
N GLY C 262 -62.18 2.02 -2.42
CA GLY C 262 -61.47 1.98 -3.68
C GLY C 262 -62.34 2.10 -4.92
N SER C 263 -63.49 2.74 -4.80
CA SER C 263 -64.38 3.01 -5.94
C SER C 263 -64.80 1.72 -6.63
N THR C 264 -65.56 0.91 -5.90
CA THR C 264 -66.15 -0.26 -6.53
C THR C 264 -67.27 0.16 -7.48
N LEU C 265 -67.64 -0.78 -8.34
CA LEU C 265 -68.77 -0.63 -9.25
C LEU C 265 -69.87 -1.62 -8.99
N THR C 266 -69.51 -2.90 -8.82
CA THR C 266 -70.40 -3.97 -8.41
C THR C 266 -69.63 -4.71 -7.31
N GLN C 267 -70.09 -5.92 -6.98
CA GLN C 267 -69.69 -6.56 -5.73
C GLN C 267 -68.18 -6.53 -5.50
N ASN C 268 -67.40 -6.92 -6.51
CA ASN C 268 -65.95 -6.98 -6.36
C ASN C 268 -65.23 -6.51 -7.62
N VAL C 269 -65.66 -5.38 -8.17
CA VAL C 269 -65.06 -4.81 -9.36
C VAL C 269 -64.58 -3.42 -8.98
N PHE C 270 -63.31 -3.14 -9.20
CA PHE C 270 -62.71 -1.90 -8.72
C PHE C 270 -62.34 -0.98 -9.88
N LEU C 271 -62.07 0.27 -9.53
CA LEU C 271 -61.92 1.30 -10.54
C LEU C 271 -60.62 1.17 -11.32
N ASP C 272 -59.54 0.75 -10.66
CA ASP C 272 -58.26 0.67 -11.36
C ASP C 272 -58.26 -0.42 -12.42
N GLU C 273 -58.98 -1.52 -12.22
CA GLU C 273 -59.07 -2.51 -13.27
C GLU C 273 -59.61 -1.90 -14.55
N ILE C 274 -60.72 -1.16 -14.46
CA ILE C 274 -61.31 -0.53 -15.63
C ILE C 274 -60.35 0.49 -16.21
N HIS C 275 -59.76 1.34 -15.37
CA HIS C 275 -58.88 2.38 -15.86
C HIS C 275 -57.68 1.79 -16.60
N ALA C 276 -57.06 0.75 -16.04
CA ALA C 276 -55.86 0.17 -16.64
C ALA C 276 -56.18 -0.57 -17.93
N THR C 277 -57.25 -1.35 -17.95
CA THR C 277 -57.61 -2.04 -19.19
C THR C 277 -57.98 -1.05 -20.29
N ASP C 278 -58.62 0.06 -19.91
CA ASP C 278 -58.94 1.08 -20.90
C ASP C 278 -57.68 1.78 -21.40
N TRP C 279 -56.67 1.94 -20.53
CA TRP C 279 -55.38 2.41 -21.02
C TRP C 279 -54.78 1.44 -22.03
N ILE C 280 -54.92 0.14 -21.77
CA ILE C 280 -54.39 -0.85 -22.70
C ILE C 280 -55.07 -0.72 -24.06
N ILE C 281 -56.40 -0.59 -24.06
CA ILE C 281 -57.13 -0.50 -25.31
C ILE C 281 -56.76 0.78 -26.05
N ALA C 282 -56.74 1.91 -25.35
CA ALA C 282 -56.43 3.18 -25.98
C ALA C 282 -55.00 3.24 -26.49
N ARG C 283 -54.09 2.51 -25.86
CA ARG C 283 -52.71 2.45 -26.33
C ARG C 283 -52.57 1.59 -27.58
N THR C 284 -53.28 0.46 -27.62
CA THR C 284 -53.27 -0.35 -28.84
C THR C 284 -53.88 0.41 -30.01
N GLU C 285 -54.92 1.20 -29.75
CA GLU C 285 -55.47 2.04 -30.82
C GLU C 285 -54.43 3.00 -31.37
N GLU C 286 -53.69 3.67 -30.48
CA GLU C 286 -52.71 4.66 -30.91
C GLU C 286 -51.59 4.01 -31.70
N GLU C 287 -51.13 2.85 -31.25
CA GLU C 287 -50.05 2.16 -31.97
C GLU C 287 -50.53 1.64 -33.32
N MET C 288 -51.77 1.15 -33.40
CA MET C 288 -52.30 0.75 -34.70
C MET C 288 -52.36 1.92 -35.66
N LEU C 289 -52.84 3.08 -35.19
CA LEU C 289 -52.90 4.24 -36.06
C LEU C 289 -51.50 4.69 -36.48
N SER C 290 -50.56 4.66 -35.57
CA SER C 290 -49.19 5.01 -35.93
C SER C 290 -48.56 4.01 -36.88
N LEU C 291 -49.03 2.77 -36.94
CA LEU C 291 -48.60 1.82 -37.96
C LEU C 291 -49.19 2.11 -39.33
N PHE C 292 -50.42 2.60 -39.41
CA PHE C 292 -51.05 2.89 -40.69
C PHE C 292 -50.49 4.17 -41.33
N LEU C 293 -49.85 5.03 -40.56
CA LEU C 293 -49.34 6.29 -41.09
C LEU C 293 -47.88 6.18 -41.54
N ASN C 294 -47.11 5.24 -41.01
CA ASN C 294 -45.72 5.10 -41.41
C ASN C 294 -45.58 4.33 -42.72
N ASN C 295 -46.22 3.17 -42.80
CA ASN C 295 -46.07 2.31 -43.96
C ASN C 295 -46.72 2.94 -45.19
N ASP C 296 -46.19 2.59 -46.36
CA ASP C 296 -46.92 2.85 -47.59
C ASP C 296 -48.28 2.18 -47.52
N ARG C 297 -48.31 0.85 -47.47
CA ARG C 297 -49.52 0.07 -47.27
C ARG C 297 -49.27 -1.05 -46.27
N VAL C 298 -50.36 -1.69 -45.86
CA VAL C 298 -50.35 -2.96 -45.14
C VAL C 298 -51.07 -3.98 -46.03
N PRO C 299 -50.37 -4.93 -46.63
CA PRO C 299 -51.01 -5.83 -47.59
C PRO C 299 -51.94 -6.83 -46.91
N PHE C 300 -52.85 -7.37 -47.73
CA PHE C 300 -53.85 -8.33 -47.26
C PHE C 300 -53.33 -9.76 -47.47
N THR C 301 -52.23 -10.06 -46.79
CA THR C 301 -51.60 -11.37 -46.85
C THR C 301 -51.31 -11.83 -45.43
N ASP C 302 -50.59 -12.93 -45.31
CA ASP C 302 -50.16 -13.40 -43.98
C ASP C 302 -49.06 -12.52 -43.41
N GLN C 303 -48.20 -11.98 -44.26
CA GLN C 303 -47.17 -11.04 -43.81
C GLN C 303 -47.81 -9.80 -43.21
N GLY C 304 -48.88 -9.32 -43.83
CA GLY C 304 -49.63 -8.21 -43.25
C GLY C 304 -50.27 -8.54 -41.93
N MET C 305 -50.81 -9.74 -41.77
CA MET C 305 -51.39 -10.15 -40.50
C MET C 305 -50.34 -10.17 -39.39
N GLN C 306 -49.15 -10.68 -39.70
CA GLN C 306 -48.08 -10.65 -38.69
C GLN C 306 -47.62 -9.22 -38.39
N GLN C 307 -47.56 -8.37 -39.41
CA GLN C 307 -47.23 -6.97 -39.17
C GLN C 307 -48.25 -6.30 -38.26
N LEU C 308 -49.53 -6.59 -38.47
CA LEU C 308 -50.57 -6.05 -37.59
C LEU C 308 -50.45 -6.61 -36.18
N ALA C 309 -50.22 -7.92 -36.05
CA ALA C 309 -50.17 -8.56 -34.74
C ALA C 309 -48.92 -8.18 -33.96
N SER C 310 -47.93 -7.56 -34.61
CA SER C 310 -46.76 -7.10 -33.88
C SER C 310 -47.09 -6.04 -32.84
N VAL C 311 -48.25 -5.40 -32.92
CA VAL C 311 -48.61 -4.29 -32.03
C VAL C 311 -49.07 -4.80 -30.66
N PRO C 312 -50.05 -5.70 -30.56
CA PRO C 312 -50.39 -6.23 -29.24
C PRO C 312 -49.24 -6.92 -28.54
N ARG C 313 -48.29 -7.51 -29.28
CA ARG C 313 -47.14 -8.13 -28.63
C ARG C 313 -46.30 -7.12 -27.86
N ALA C 314 -46.06 -5.95 -28.42
CA ALA C 314 -45.36 -4.88 -27.71
C ALA C 314 -46.19 -4.29 -26.59
N ILE C 315 -47.50 -4.13 -26.80
CA ILE C 315 -48.33 -3.56 -25.74
C ILE C 315 -48.39 -4.47 -24.53
N MET C 316 -48.41 -5.79 -24.75
CA MET C 316 -48.47 -6.70 -23.61
C MET C 316 -47.18 -6.69 -22.81
N GLN C 317 -46.04 -6.56 -23.48
CA GLN C 317 -44.77 -6.44 -22.76
C GLN C 317 -44.71 -5.13 -21.99
N LEU C 318 -45.25 -4.06 -22.57
CA LEU C 318 -45.36 -2.79 -21.85
C LEU C 318 -46.24 -2.90 -20.62
N ALA C 319 -47.37 -3.61 -20.72
CA ALA C 319 -48.32 -3.75 -19.62
C ALA C 319 -47.82 -4.67 -18.52
N ALA C 320 -47.11 -5.74 -18.86
CA ALA C 320 -46.58 -6.63 -17.83
C ALA C 320 -45.50 -5.96 -17.01
N ARG C 321 -44.85 -4.93 -17.57
CA ARG C 321 -43.81 -4.21 -16.84
C ARG C 321 -44.42 -3.27 -15.81
N ALA C 322 -45.55 -2.63 -16.16
CA ALA C 322 -46.20 -1.71 -15.22
C ALA C 322 -46.75 -2.45 -14.01
N GLY C 323 -47.11 -3.71 -14.17
CA GLY C 323 -47.62 -4.49 -13.08
C GLY C 323 -49.08 -4.84 -13.23
N ILE C 324 -49.64 -4.63 -14.43
CA ILE C 324 -51.05 -4.87 -14.68
C ILE C 324 -51.25 -6.34 -15.03
N VAL C 325 -50.32 -6.91 -15.79
CA VAL C 325 -50.38 -8.31 -16.20
C VAL C 325 -49.56 -9.14 -15.22
N ALA C 326 -50.00 -10.37 -14.99
CA ALA C 326 -49.46 -11.20 -13.94
C ALA C 326 -48.08 -11.75 -14.30
N LEU C 327 -47.45 -12.39 -13.32
CA LEU C 327 -46.08 -12.90 -13.43
C LEU C 327 -46.04 -14.40 -13.69
N ASP C 328 -46.60 -14.82 -14.82
CA ASP C 328 -46.20 -16.07 -15.49
C ASP C 328 -46.27 -17.31 -14.59
N LEU C 329 -47.06 -17.25 -13.53
CA LEU C 329 -47.17 -18.38 -12.61
C LEU C 329 -48.63 -18.63 -12.28
N ASN C 330 -49.00 -19.88 -12.16
CA ASN C 330 -50.38 -20.26 -11.84
C ASN C 330 -50.75 -19.76 -10.45
N PRO C 331 -51.80 -18.96 -10.30
CA PRO C 331 -52.15 -18.45 -8.97
C PRO C 331 -52.63 -19.54 -8.02
N LEU C 332 -53.12 -20.66 -8.54
CA LEU C 332 -53.62 -21.73 -7.69
C LEU C 332 -52.46 -22.52 -7.07
N THR C 333 -51.56 -23.03 -7.90
CA THR C 333 -50.55 -23.96 -7.44
C THR C 333 -49.12 -23.43 -7.52
N GLY C 334 -48.90 -22.30 -8.18
CA GLY C 334 -47.55 -21.79 -8.34
C GLY C 334 -46.76 -22.43 -9.44
N ALA C 335 -47.37 -23.30 -10.23
CA ALA C 335 -46.70 -23.93 -11.37
C ALA C 335 -46.65 -22.95 -12.54
N TYR C 336 -45.80 -23.25 -13.52
CA TYR C 336 -45.62 -22.36 -14.66
C TYR C 336 -46.87 -22.32 -15.52
N GLU C 337 -47.25 -21.11 -15.92
CA GLU C 337 -48.35 -20.90 -16.85
C GLU C 337 -48.11 -19.59 -17.61
N PRO C 338 -48.29 -19.57 -18.93
CA PRO C 338 -48.09 -18.33 -19.68
C PRO C 338 -49.04 -17.23 -19.23
N ALA C 339 -48.53 -16.01 -19.13
CA ALA C 339 -49.35 -14.89 -18.69
C ALA C 339 -50.28 -14.40 -19.78
N TYR C 340 -49.80 -14.36 -21.02
CA TYR C 340 -50.59 -13.90 -22.16
C TYR C 340 -50.17 -14.63 -23.41
N THR C 341 -51.13 -14.85 -24.31
CA THR C 341 -50.87 -15.42 -25.62
C THR C 341 -51.52 -14.56 -26.69
N ILE C 342 -50.95 -14.61 -27.91
CA ILE C 342 -51.48 -13.87 -29.05
C ILE C 342 -51.57 -14.84 -30.22
N THR C 343 -52.77 -15.02 -30.75
CA THR C 343 -53.00 -15.92 -31.88
C THR C 343 -53.46 -15.12 -33.09
N VAL C 344 -52.77 -15.32 -34.22
CA VAL C 344 -52.99 -14.59 -35.45
C VAL C 344 -53.78 -15.47 -36.40
N PRO C 345 -54.85 -14.99 -37.01
CA PRO C 345 -55.64 -15.83 -37.91
C PRO C 345 -55.00 -15.94 -39.29
N SER C 346 -55.60 -16.79 -40.11
CA SER C 346 -55.15 -16.95 -41.50
C SER C 346 -56.15 -16.27 -42.43
N VAL C 347 -55.62 -15.47 -43.36
CA VAL C 347 -56.45 -14.99 -44.47
C VAL C 347 -56.65 -16.05 -45.53
N PHE C 348 -55.91 -17.16 -45.44
CA PHE C 348 -55.83 -18.12 -46.53
C PHE C 348 -57.18 -18.73 -46.86
N ASP C 349 -57.87 -19.28 -45.88
CA ASP C 349 -59.16 -19.92 -46.09
C ASP C 349 -60.34 -18.98 -45.88
N ILE C 350 -60.08 -17.73 -45.51
CA ILE C 350 -61.11 -16.70 -45.59
C ILE C 350 -61.31 -16.45 -47.08
N PRO C 351 -62.52 -16.64 -47.61
CA PRO C 351 -62.71 -16.58 -49.06
C PRO C 351 -62.38 -15.21 -49.64
N GLU C 352 -62.03 -15.22 -50.93
CA GLU C 352 -61.90 -13.99 -51.68
C GLU C 352 -63.24 -13.25 -51.73
N SER C 353 -64.34 -13.97 -51.56
CA SER C 353 -65.64 -13.32 -51.44
C SER C 353 -65.63 -12.33 -50.28
N GLN C 354 -64.92 -12.66 -49.21
CA GLN C 354 -64.78 -11.75 -48.08
C GLN C 354 -63.49 -10.93 -48.13
N ARG C 355 -62.48 -11.38 -48.87
CA ARG C 355 -61.21 -10.68 -48.95
C ARG C 355 -61.35 -9.28 -49.52
N LYS C 356 -62.25 -9.08 -50.47
CA LYS C 356 -62.42 -7.77 -51.10
C LYS C 356 -62.97 -6.73 -50.14
N ALA C 357 -63.26 -7.12 -48.89
CA ALA C 357 -63.87 -6.21 -47.94
C ALA C 357 -62.91 -5.13 -47.44
N ARG C 358 -61.60 -5.40 -47.49
CA ARG C 358 -60.58 -4.54 -46.91
C ARG C 358 -60.75 -4.41 -45.40
N ILE C 359 -61.43 -5.39 -44.80
CA ILE C 359 -61.57 -5.49 -43.36
C ILE C 359 -60.82 -6.75 -42.93
N ALA C 360 -59.77 -6.57 -42.15
CA ALA C 360 -58.94 -7.68 -41.74
C ALA C 360 -59.65 -8.59 -40.76
N PRO C 361 -59.30 -9.87 -40.72
CA PRO C 361 -59.83 -10.75 -39.68
C PRO C 361 -59.34 -10.39 -38.29
N ALA C 362 -60.01 -10.93 -37.27
CA ALA C 362 -59.78 -10.52 -35.89
C ALA C 362 -58.61 -11.27 -35.28
N ILE C 363 -57.80 -10.55 -34.50
CA ILE C 363 -56.70 -11.11 -33.73
C ILE C 363 -57.15 -11.25 -32.28
N GLN C 364 -56.86 -12.40 -31.67
CA GLN C 364 -57.30 -12.71 -30.32
C GLN C 364 -56.13 -12.73 -29.36
N VAL C 365 -56.31 -12.11 -28.19
CA VAL C 365 -55.26 -11.96 -27.19
C VAL C 365 -55.80 -12.46 -25.86
N ARG C 366 -54.90 -12.92 -24.99
CA ARG C 366 -55.24 -13.53 -23.71
C ARG C 366 -54.57 -12.78 -22.58
N PHE C 367 -55.18 -12.83 -21.41
CA PHE C 367 -54.84 -11.96 -20.29
C PHE C 367 -54.53 -12.76 -19.04
N ARG C 368 -54.14 -12.03 -17.99
CA ARG C 368 -54.28 -12.48 -16.61
C ARG C 368 -54.00 -11.25 -15.75
N TYR C 369 -54.93 -10.93 -14.86
CA TYR C 369 -54.81 -9.70 -14.08
C TYR C 369 -53.99 -9.94 -12.82
N ALA C 370 -53.26 -8.91 -12.40
CA ALA C 370 -52.53 -8.94 -11.15
C ALA C 370 -53.15 -7.92 -10.20
N GLY C 371 -53.79 -8.42 -9.14
CA GLY C 371 -54.46 -7.57 -8.19
C GLY C 371 -53.52 -7.08 -7.09
N ALA C 372 -54.13 -6.52 -6.05
CA ALA C 372 -53.38 -6.02 -4.91
C ALA C 372 -54.19 -6.26 -3.64
N VAL C 373 -53.70 -5.72 -2.52
CA VAL C 373 -54.17 -6.07 -1.19
C VAL C 373 -54.97 -4.92 -0.59
N HIS C 374 -56.12 -5.24 0.00
CA HIS C 374 -56.96 -4.26 0.68
C HIS C 374 -57.05 -4.46 2.19
N TYR C 375 -56.71 -5.63 2.70
CA TYR C 375 -57.00 -5.98 4.08
C TYR C 375 -55.95 -6.97 4.56
N SER C 376 -55.50 -6.79 5.81
CA SER C 376 -54.41 -7.57 6.36
C SER C 376 -54.84 -8.22 7.67
N VAL C 377 -54.16 -9.31 8.02
CA VAL C 377 -54.46 -10.07 9.24
C VAL C 377 -53.15 -10.45 9.92
N ILE C 378 -53.10 -10.29 11.25
CA ILE C 378 -51.96 -10.69 12.07
C ILE C 378 -52.50 -11.34 13.35
N ASN C 379 -51.86 -12.43 13.78
CA ASN C 379 -52.44 -13.28 14.82
C ASN C 379 -51.88 -13.08 16.23
N TYR C 380 -50.57 -13.04 16.43
CA TYR C 380 -49.97 -12.65 17.71
C TYR C 380 -50.38 -13.56 18.87
N THR C 381 -49.90 -14.79 18.85
CA THR C 381 -50.04 -15.69 20.01
C THR C 381 -49.01 -15.31 21.08
N MET C 382 -49.42 -15.39 22.34
CA MET C 382 -48.58 -15.02 23.47
C MET C 382 -48.41 -16.21 24.40
N THR C 383 -47.19 -16.41 24.90
CA THR C 383 -46.90 -17.62 25.67
C THR C 383 -46.37 -17.36 27.07
N PHE C 384 -45.87 -16.17 27.36
CA PHE C 384 -45.33 -15.86 28.69
C PHE C 384 -44.21 -16.81 29.08
N LYS D 3 33.77 52.28 -24.89
CA LYS D 3 33.75 50.93 -25.47
C LYS D 3 32.86 50.92 -26.71
N LEU D 4 31.84 50.07 -26.68
CA LEU D 4 30.85 50.03 -27.74
C LEU D 4 29.48 49.90 -27.10
N PRO D 5 28.42 50.37 -27.74
CA PRO D 5 27.09 50.19 -27.18
C PRO D 5 26.59 48.77 -27.38
N TYR D 6 25.55 48.42 -26.62
CA TYR D 6 24.87 47.15 -26.85
C TYR D 6 24.07 47.17 -28.15
N SER D 7 23.78 48.35 -28.69
CA SER D 7 23.08 48.44 -29.96
C SER D 7 23.92 47.93 -31.12
N ARG D 8 25.15 47.51 -30.86
CA ARG D 8 25.96 46.87 -31.89
C ARG D 8 25.46 45.48 -32.23
N VAL D 9 24.87 44.76 -31.28
CA VAL D 9 24.41 43.40 -31.52
C VAL D 9 22.90 43.22 -31.32
N THR D 10 22.21 44.15 -30.67
CA THR D 10 20.77 44.06 -30.51
C THR D 10 20.15 45.43 -30.76
N ASN D 11 18.83 45.49 -30.65
CA ASN D 11 18.12 46.76 -30.79
C ASN D 11 16.90 46.69 -29.89
N VAL D 12 16.96 47.35 -28.74
CA VAL D 12 15.86 47.37 -27.77
C VAL D 12 15.40 48.82 -27.64
N THR D 13 14.12 49.06 -27.91
CA THR D 13 13.56 50.40 -27.85
C THR D 13 12.47 50.47 -26.79
N LEU D 14 11.81 51.64 -26.70
CA LEU D 14 10.70 51.84 -25.76
C LEU D 14 9.91 53.06 -26.24
N THR D 15 8.62 52.87 -26.46
CA THR D 15 7.72 53.96 -26.79
C THR D 15 6.61 54.04 -25.74
N ARG D 16 5.87 55.15 -25.74
CA ARG D 16 4.74 55.36 -24.85
C ARG D 16 3.47 55.33 -25.70
N THR D 17 2.95 54.15 -25.98
CA THR D 17 1.73 53.99 -26.76
C THR D 17 1.00 52.76 -26.25
N ASP D 18 -0.17 52.48 -26.84
CA ASP D 18 -0.98 51.31 -26.49
C ASP D 18 -0.96 50.34 -27.66
N ASN D 19 -0.64 49.09 -27.38
CA ASN D 19 -0.60 48.05 -28.39
C ASN D 19 -1.42 46.85 -27.93
N PHE D 20 -2.30 46.39 -28.81
CA PHE D 20 -3.15 45.23 -28.56
C PHE D 20 -2.76 44.14 -29.54
N PRO D 21 -3.07 42.88 -29.22
CA PRO D 21 -2.79 41.79 -30.16
C PRO D 21 -3.61 41.93 -31.44
N THR D 22 -3.11 41.29 -32.49
CA THR D 22 -3.62 41.52 -33.83
C THR D 22 -4.99 40.87 -34.03
N ARG D 23 -5.06 39.54 -33.92
CA ARG D 23 -6.33 38.80 -34.00
C ARG D 23 -7.02 39.06 -35.34
N ARG D 24 -6.41 38.50 -36.40
CA ARG D 24 -7.02 38.54 -37.72
C ARG D 24 -8.43 37.95 -37.70
N GLY D 25 -9.25 38.40 -38.64
CA GLY D 25 -10.64 37.98 -38.67
C GLY D 25 -11.17 37.79 -40.08
N PHE D 26 -12.39 38.26 -40.35
CA PHE D 26 -13.00 38.01 -41.65
C PHE D 26 -12.80 39.15 -42.65
N GLY D 27 -13.34 40.33 -42.37
CA GLY D 27 -13.59 41.26 -43.46
C GLY D 27 -12.92 42.63 -43.45
N THR D 28 -13.37 43.50 -44.37
CA THR D 28 -12.91 44.88 -44.48
C THR D 28 -14.11 45.79 -44.78
N GLN D 29 -14.02 47.05 -44.35
CA GLN D 29 -15.05 48.03 -44.62
C GLN D 29 -14.55 49.11 -45.58
N LEU D 30 -15.49 49.89 -46.12
CA LEU D 30 -15.18 50.95 -47.07
C LEU D 30 -15.66 52.28 -46.52
N ILE D 31 -14.83 53.31 -46.68
CA ILE D 31 -15.12 54.67 -46.24
C ILE D 31 -15.13 55.57 -47.47
N LEU D 32 -16.31 55.94 -47.94
CA LEU D 32 -16.46 56.75 -49.13
C LEU D 32 -16.82 58.18 -48.74
N THR D 33 -16.10 59.14 -49.29
CA THR D 33 -16.40 60.56 -49.11
C THR D 33 -16.00 61.32 -50.37
N HIS D 34 -15.92 62.63 -50.26
CA HIS D 34 -15.56 63.47 -51.39
C HIS D 34 -14.16 64.05 -51.28
N THR D 35 -13.51 63.91 -50.12
CA THR D 35 -12.17 64.44 -49.94
C THR D 35 -11.16 63.63 -50.74
N ALA D 36 -10.17 64.31 -51.31
CA ALA D 36 -9.04 63.69 -51.99
C ALA D 36 -7.74 64.22 -51.40
N VAL D 37 -6.73 63.37 -51.34
CA VAL D 37 -5.47 63.72 -50.69
C VAL D 37 -4.36 64.05 -51.67
N SER D 38 -4.55 63.81 -52.96
CA SER D 38 -3.71 64.26 -54.07
C SER D 38 -2.36 63.56 -54.14
N GLY D 39 -1.99 62.78 -53.14
CA GLY D 39 -0.73 62.08 -53.16
C GLY D 39 -0.92 60.57 -53.21
N GLN D 40 -2.13 60.12 -52.87
CA GLN D 40 -2.43 58.70 -52.78
C GLN D 40 -3.79 58.31 -53.34
N VAL D 41 -4.63 59.24 -53.76
CA VAL D 41 -5.90 58.91 -54.38
C VAL D 41 -6.10 59.68 -55.67
N ASP D 42 -5.13 60.49 -56.08
CA ASP D 42 -5.35 61.53 -57.08
C ASP D 42 -5.55 60.88 -58.44
N ALA D 43 -6.76 60.35 -58.64
CA ALA D 43 -7.21 59.74 -59.89
C ALA D 43 -6.45 58.46 -60.20
N THR D 44 -5.43 58.13 -59.41
CA THR D 44 -4.65 56.92 -59.57
C THR D 44 -5.18 55.77 -58.75
N LYS D 45 -5.92 56.07 -57.69
CA LYS D 45 -6.45 55.08 -56.76
C LYS D 45 -7.84 55.52 -56.34
N ARG D 46 -8.88 55.01 -57.02
CA ARG D 46 -10.24 55.22 -56.52
C ARG D 46 -10.40 54.65 -55.13
N THR D 47 -9.59 53.67 -54.75
CA THR D 47 -9.48 53.21 -53.38
C THR D 47 -7.99 53.05 -53.08
N LYS D 48 -7.64 53.08 -51.80
CA LYS D 48 -6.28 52.85 -51.36
C LYS D 48 -6.31 52.09 -50.05
N LEU D 49 -5.44 51.11 -49.91
CA LEU D 49 -5.34 50.32 -48.69
C LEU D 49 -4.26 50.91 -47.78
N TYR D 50 -4.25 50.43 -46.54
CA TYR D 50 -3.31 50.88 -45.53
C TYR D 50 -2.75 49.67 -44.80
N ALA D 51 -2.16 49.92 -43.65
CA ALA D 51 -1.76 48.87 -42.74
C ALA D 51 -2.18 49.14 -41.30
N SER D 52 -2.10 50.39 -40.87
CA SER D 52 -2.39 50.77 -39.49
C SER D 52 -2.77 52.25 -39.50
N LEU D 53 -3.39 52.69 -38.41
CA LEU D 53 -3.81 54.08 -38.32
C LEU D 53 -2.63 55.03 -38.15
N ALA D 54 -1.68 54.66 -37.29
CA ALA D 54 -0.57 55.56 -36.98
C ALA D 54 0.16 56.00 -38.25
N GLU D 55 0.34 55.08 -39.19
CA GLU D 55 1.03 55.41 -40.42
C GLU D 55 0.21 56.31 -41.34
N VAL D 56 -0.91 56.86 -40.88
CA VAL D 56 -1.68 57.77 -41.71
C VAL D 56 -1.01 59.13 -41.75
N GLU D 57 -0.66 59.57 -42.95
CA GLU D 57 -0.16 60.90 -43.20
C GLU D 57 -0.91 61.60 -44.32
N ALA D 58 -1.34 60.84 -45.35
CA ALA D 58 -1.99 61.45 -46.51
C ALA D 58 -3.26 62.19 -46.13
N ASP D 59 -4.10 61.58 -45.29
CA ASP D 59 -5.28 62.26 -44.79
C ASP D 59 -4.99 62.92 -43.44
N TYR D 60 -5.32 64.21 -43.36
CA TYR D 60 -4.93 65.03 -42.22
C TYR D 60 -5.48 64.45 -40.92
N PRO D 61 -4.69 64.44 -39.84
CA PRO D 61 -5.20 63.89 -38.57
C PRO D 61 -6.25 64.74 -37.91
N ALA D 62 -6.81 65.71 -38.63
CA ALA D 62 -7.89 66.51 -38.09
C ALA D 62 -9.14 66.50 -38.96
N ASN D 63 -9.07 66.01 -40.20
CA ASN D 63 -10.22 66.06 -41.07
C ASN D 63 -11.33 65.16 -40.54
N THR D 64 -12.56 65.64 -40.63
CA THR D 64 -13.67 64.95 -39.98
C THR D 64 -13.97 63.64 -40.68
N SER D 65 -13.71 63.56 -41.98
CA SER D 65 -14.16 62.41 -42.76
C SER D 65 -13.34 61.17 -42.47
N VAL D 66 -12.06 61.19 -42.83
CA VAL D 66 -11.29 59.95 -42.86
C VAL D 66 -10.68 59.65 -41.50
N TYR D 67 -9.95 60.60 -40.94
CA TYR D 67 -9.25 60.34 -39.68
C TYR D 67 -10.22 60.13 -38.53
N LYS D 68 -11.27 60.94 -38.43
CA LYS D 68 -12.21 60.77 -37.34
C LYS D 68 -13.06 59.52 -37.46
N ALA D 69 -13.14 58.92 -38.65
CA ALA D 69 -13.83 57.66 -38.84
C ALA D 69 -12.90 56.45 -38.69
N ALA D 70 -11.68 56.52 -39.24
CA ALA D 70 -10.71 55.48 -38.97
C ALA D 70 -10.36 55.43 -37.49
N LEU D 71 -10.57 56.54 -36.79
CA LEU D 71 -10.32 56.59 -35.36
C LEU D 71 -11.22 55.61 -34.61
N SER D 72 -12.49 55.53 -34.99
CA SER D 72 -13.39 54.59 -34.33
C SER D 72 -13.39 53.24 -35.06
N ALA D 73 -12.89 53.20 -36.29
CA ALA D 73 -12.72 51.92 -36.98
C ALA D 73 -11.62 51.09 -36.32
N PHE D 74 -10.51 51.70 -35.96
CA PHE D 74 -9.35 50.98 -35.45
C PHE D 74 -9.33 50.89 -33.93
N SER D 75 -10.41 51.28 -33.25
CA SER D 75 -10.40 51.44 -31.80
C SER D 75 -11.13 50.33 -31.06
N GLN D 76 -11.11 49.10 -31.56
CA GLN D 76 -11.58 47.97 -30.77
C GLN D 76 -10.44 47.34 -30.00
N ASN D 77 -10.78 46.59 -28.95
CA ASN D 77 -9.75 45.97 -28.12
C ASN D 77 -8.87 45.01 -28.89
N PRO D 78 -9.38 44.11 -29.75
CA PRO D 78 -8.51 43.52 -30.78
C PRO D 78 -8.61 44.29 -32.08
N ARG D 79 -7.52 44.30 -32.83
CA ARG D 79 -7.78 45.31 -33.84
C ARG D 79 -7.88 44.69 -35.23
N PRO D 80 -8.71 45.24 -36.11
CA PRO D 80 -8.62 44.86 -37.53
C PRO D 80 -7.38 45.45 -38.18
N ILE D 81 -7.19 45.17 -39.46
CA ILE D 81 -6.05 45.72 -40.21
C ILE D 81 -6.55 46.22 -41.56
N ARG D 82 -5.70 47.00 -42.22
CA ARG D 82 -5.84 47.42 -43.62
C ARG D 82 -7.25 47.93 -43.94
N LEU D 83 -7.56 49.11 -43.42
CA LEU D 83 -8.76 49.82 -43.85
C LEU D 83 -8.62 50.24 -45.32
N LYS D 84 -9.75 50.24 -46.02
CA LYS D 84 -9.81 50.64 -47.42
C LYS D 84 -10.24 52.09 -47.53
N VAL D 85 -9.24 52.97 -47.74
CA VAL D 85 -9.38 54.41 -47.66
C VAL D 85 -10.03 54.92 -48.94
N GLY D 86 -10.46 56.17 -48.94
CA GLY D 86 -11.42 56.65 -49.91
C GLY D 86 -10.87 57.56 -51.01
N TYR D 87 -11.52 57.44 -52.17
CA TYR D 87 -11.47 58.43 -53.23
C TYR D 87 -12.79 58.46 -53.99
N ALA D 88 -13.77 57.67 -53.56
CA ALA D 88 -14.78 57.13 -54.47
C ALA D 88 -15.64 58.17 -55.16
N ALA D 89 -16.53 58.81 -54.41
CA ALA D 89 -17.40 59.86 -54.95
C ALA D 89 -16.82 61.24 -54.66
N THR D 90 -15.62 61.50 -55.17
CA THR D 90 -14.97 62.79 -54.92
C THR D 90 -15.83 63.98 -55.36
N PRO D 91 -16.52 63.96 -56.51
CA PRO D 91 -17.48 65.03 -56.78
C PRO D 91 -18.62 65.02 -55.78
N THR D 92 -19.18 66.20 -55.53
CA THR D 92 -20.19 66.37 -54.49
C THR D 92 -21.55 65.80 -54.90
N GLY D 93 -21.71 64.48 -54.79
CA GLY D 93 -23.02 63.87 -54.95
C GLY D 93 -23.51 63.85 -56.38
N GLY D 94 -23.46 65.00 -57.03
CA GLY D 94 -23.85 65.09 -58.42
C GLY D 94 -23.71 66.52 -58.89
N ASP D 95 -23.42 66.67 -60.18
CA ASP D 95 -23.31 68.01 -60.75
C ASP D 95 -24.63 68.76 -60.60
N ASP D 96 -25.75 68.06 -60.84
CA ASP D 96 -27.05 68.48 -60.34
C ASP D 96 -27.23 67.74 -59.02
N ALA D 97 -27.18 68.49 -57.91
CA ALA D 97 -27.12 67.85 -56.60
C ALA D 97 -28.31 66.95 -56.33
N ALA D 98 -29.52 67.41 -56.66
CA ALA D 98 -30.73 66.63 -56.34
C ALA D 98 -30.80 65.34 -57.14
N LYS D 99 -30.05 65.26 -58.25
CA LYS D 99 -30.10 64.08 -59.11
C LYS D 99 -29.17 63.01 -58.56
N LYS D 100 -29.72 61.81 -58.40
CA LYS D 100 -28.99 60.67 -57.88
C LYS D 100 -28.31 59.85 -58.97
N ALA D 101 -28.52 60.19 -60.24
CA ALA D 101 -27.89 59.45 -61.32
C ALA D 101 -26.37 59.56 -61.27
N ASP D 102 -25.85 60.76 -60.99
CA ASP D 102 -24.40 60.93 -60.89
C ASP D 102 -23.84 60.13 -59.72
N PHE D 103 -24.54 60.11 -58.58
CA PHE D 103 -24.09 59.30 -57.46
C PHE D 103 -24.13 57.81 -57.79
N ILE D 104 -25.14 57.36 -58.53
CA ILE D 104 -25.21 55.95 -58.92
C ILE D 104 -24.06 55.58 -59.85
N THR D 105 -23.75 56.46 -60.81
CA THR D 105 -22.63 56.21 -61.71
C THR D 105 -21.30 56.25 -60.96
N SER D 106 -21.18 57.14 -59.98
CA SER D 106 -19.99 57.18 -59.14
C SER D 106 -19.82 55.87 -58.39
N LEU D 107 -20.92 55.34 -57.85
CA LEU D 107 -20.88 54.04 -57.20
C LEU D 107 -20.49 52.94 -58.18
N GLY D 108 -21.01 53.02 -59.41
CA GLY D 108 -20.72 51.99 -60.39
C GLY D 108 -19.34 52.10 -61.01
N ALA D 109 -18.63 53.18 -60.76
CA ALA D 109 -17.26 53.33 -61.27
C ALA D 109 -16.19 53.15 -60.20
N ILE D 110 -16.56 52.79 -58.97
CA ILE D 110 -15.56 52.51 -57.94
C ILE D 110 -15.34 51.02 -57.73
N LEU D 111 -16.24 50.17 -58.22
CA LEU D 111 -15.97 48.73 -58.24
C LEU D 111 -14.84 48.41 -59.20
N ASN D 112 -14.76 49.15 -60.32
CA ASN D 112 -13.87 48.78 -61.41
C ASN D 112 -12.39 48.88 -61.03
N TYR D 113 -12.09 49.50 -59.88
CA TYR D 113 -10.71 49.47 -59.41
C TYR D 113 -10.49 48.36 -58.40
N ASP D 114 -11.41 48.19 -57.45
CA ASP D 114 -11.15 47.28 -56.36
C ASP D 114 -12.42 46.58 -55.87
N GLN D 115 -12.29 45.28 -55.62
CA GLN D 115 -13.32 44.46 -55.00
C GLN D 115 -12.63 43.71 -53.86
N ALA D 116 -12.47 44.40 -52.74
CA ALA D 116 -12.05 43.78 -51.49
C ALA D 116 -12.83 44.27 -50.29
N PHE D 117 -13.81 45.16 -50.47
CA PHE D 117 -14.60 45.63 -49.34
C PHE D 117 -15.94 44.92 -49.29
N TYR D 118 -16.45 44.77 -48.07
CA TYR D 118 -17.69 44.06 -47.80
C TYR D 118 -18.75 44.91 -47.14
N GLN D 119 -18.36 45.84 -46.27
CA GLN D 119 -19.28 46.71 -45.55
C GLN D 119 -19.03 48.15 -45.96
N ILE D 120 -20.09 48.83 -46.39
CA ILE D 120 -19.99 50.17 -46.98
C ILE D 120 -20.47 51.18 -45.95
N THR D 121 -19.60 52.12 -45.60
CA THR D 121 -19.89 53.14 -44.60
C THR D 121 -19.58 54.51 -45.18
N LEU D 122 -20.55 55.41 -45.12
CA LEU D 122 -20.32 56.84 -45.32
C LEU D 122 -20.24 57.50 -43.96
N ASP D 123 -19.35 58.48 -43.81
CA ASP D 123 -19.08 59.00 -42.48
C ASP D 123 -18.75 60.48 -42.56
N ALA D 124 -19.16 61.19 -41.51
CA ALA D 124 -18.83 62.59 -41.23
C ALA D 124 -19.32 63.55 -42.30
N ALA D 125 -19.89 63.05 -43.38
CA ALA D 125 -20.43 63.88 -44.45
C ALA D 125 -21.33 62.98 -45.28
N LEU D 126 -22.00 63.59 -46.27
CA LEU D 126 -23.00 62.91 -47.07
C LEU D 126 -24.20 62.47 -46.24
N ARG D 127 -24.25 62.86 -44.96
CA ARG D 127 -25.29 62.40 -44.05
C ARG D 127 -26.59 63.11 -44.41
N ASP D 128 -27.69 62.35 -44.41
CA ASP D 128 -29.03 62.88 -44.65
C ASP D 128 -29.18 63.54 -46.02
N GLN D 129 -28.45 63.06 -47.02
CA GLN D 129 -28.63 63.56 -48.36
C GLN D 129 -29.71 62.76 -49.09
N PRO D 130 -30.58 63.42 -49.86
CA PRO D 130 -31.58 62.67 -50.64
C PRO D 130 -30.96 61.79 -51.72
N TYR D 131 -29.77 62.12 -52.21
CA TYR D 131 -29.16 61.31 -53.27
C TYR D 131 -28.66 59.97 -52.75
N LEU D 132 -28.67 59.78 -51.43
CA LEU D 132 -28.15 58.53 -50.85
C LEU D 132 -29.07 57.35 -51.16
N ASP D 133 -30.27 57.61 -51.68
CA ASP D 133 -31.20 56.55 -52.07
C ASP D 133 -30.58 55.60 -53.09
N GLY D 134 -29.62 56.09 -53.88
CA GLY D 134 -28.94 55.22 -54.82
C GLY D 134 -28.20 54.08 -54.14
N LEU D 135 -27.54 54.37 -53.02
CA LEU D 135 -26.82 53.33 -52.30
C LEU D 135 -27.76 52.25 -51.80
N VAL D 136 -28.93 52.64 -51.29
CA VAL D 136 -29.91 51.69 -50.77
C VAL D 136 -30.49 50.85 -51.90
N GLU D 137 -30.78 51.48 -53.04
CA GLU D 137 -31.31 50.72 -54.17
C GLU D 137 -30.25 49.83 -54.80
N TRP D 138 -28.97 50.19 -54.68
CA TRP D 138 -27.91 49.55 -55.42
C TRP D 138 -27.26 48.40 -54.67
N VAL D 139 -27.10 48.51 -53.35
CA VAL D 139 -26.48 47.42 -52.61
C VAL D 139 -27.38 46.19 -52.59
N GLU D 140 -28.66 46.35 -52.91
CA GLU D 140 -29.52 45.23 -53.22
C GLU D 140 -29.02 44.52 -54.47
N ALA D 141 -28.98 43.19 -54.41
CA ALA D 141 -28.37 42.36 -55.44
C ALA D 141 -26.91 42.74 -55.64
N GLN D 142 -26.17 42.86 -54.53
CA GLN D 142 -24.77 43.19 -54.54
C GLN D 142 -24.17 42.62 -53.25
N PRO D 143 -23.21 41.69 -53.33
CA PRO D 143 -22.77 40.96 -52.13
C PRO D 143 -21.99 41.82 -51.14
N LYS D 144 -22.67 42.81 -50.57
CA LYS D 144 -22.08 43.71 -49.60
C LYS D 144 -23.12 44.08 -48.56
N ILE D 145 -22.71 44.90 -47.59
CA ILE D 145 -23.57 45.36 -46.51
C ILE D 145 -23.47 46.88 -46.42
N ALA D 146 -24.61 47.55 -46.51
CA ALA D 146 -24.67 49.01 -46.53
C ALA D 146 -25.16 49.54 -45.19
N MET D 147 -24.40 50.45 -44.60
CA MET D 147 -24.74 50.99 -43.28
C MET D 147 -24.57 52.50 -43.28
N ILE D 148 -25.56 53.19 -42.73
CA ILE D 148 -25.61 54.65 -42.73
C ILE D 148 -25.85 55.12 -41.31
N ASP D 149 -24.91 55.86 -40.73
CA ASP D 149 -25.06 56.41 -39.39
C ASP D 149 -25.38 57.90 -39.52
N SER D 150 -26.60 58.26 -39.13
CA SER D 150 -26.94 59.67 -39.06
C SER D 150 -26.30 60.31 -37.85
N ASN D 151 -26.10 61.63 -37.93
CA ASN D 151 -25.72 62.42 -36.77
C ASN D 151 -26.91 63.09 -36.11
N ALA D 152 -28.02 63.23 -36.83
CA ALA D 152 -29.25 63.79 -36.29
C ALA D 152 -30.35 63.64 -37.32
N ALA D 153 -31.55 63.34 -36.85
CA ALA D 153 -32.74 63.27 -37.71
C ALA D 153 -33.97 63.17 -36.80
N GLY D 154 -35.13 62.97 -37.44
CA GLY D 154 -36.39 62.87 -36.74
C GLY D 154 -36.93 61.46 -36.70
N HIS D 155 -36.06 60.49 -36.43
CA HIS D 155 -36.51 59.11 -36.30
C HIS D 155 -37.18 58.87 -34.95
N GLU D 156 -37.19 59.88 -34.08
CA GLU D 156 -37.78 59.72 -32.76
C GLU D 156 -39.28 59.94 -32.77
N ASP D 157 -39.85 60.28 -33.92
CA ASP D 157 -41.29 60.31 -34.06
C ASP D 157 -41.75 58.99 -34.65
N PRO D 158 -42.55 58.20 -33.94
CA PRO D 158 -42.99 56.92 -34.51
C PRO D 158 -44.05 57.08 -35.60
N ALA D 159 -44.18 58.28 -36.15
CA ALA D 159 -45.15 58.56 -37.20
C ALA D 159 -44.55 59.10 -38.49
N ASN D 160 -43.45 59.84 -38.42
CA ASN D 160 -42.97 60.54 -39.62
C ASN D 160 -42.45 59.56 -40.65
N THR D 161 -42.50 60.00 -41.92
CA THR D 161 -42.11 59.16 -43.05
C THR D 161 -41.05 59.78 -43.95
N THR D 162 -40.40 60.86 -43.53
CA THR D 162 -39.41 61.50 -44.38
C THR D 162 -37.98 61.03 -44.12
N VAL D 163 -37.74 60.39 -42.98
CA VAL D 163 -36.37 60.06 -42.60
C VAL D 163 -35.89 58.84 -43.36
N ILE D 164 -34.58 58.59 -43.26
CA ILE D 164 -33.95 57.46 -43.94
C ILE D 164 -34.67 56.16 -43.59
N ALA D 165 -34.78 55.87 -42.30
CA ALA D 165 -35.31 54.59 -41.87
C ALA D 165 -36.81 54.46 -42.04
N ALA D 166 -37.51 55.53 -42.42
CA ALA D 166 -38.94 55.45 -42.71
C ALA D 166 -39.20 55.21 -44.20
N ARG D 167 -38.61 56.02 -45.07
CA ARG D 167 -38.86 55.87 -46.50
C ARG D 167 -38.33 54.56 -47.04
N HIS D 168 -37.48 53.88 -46.27
CA HIS D 168 -37.00 52.54 -46.59
C HIS D 168 -37.10 51.69 -45.33
N LYS D 169 -38.24 51.04 -45.13
CA LYS D 169 -38.46 50.22 -43.94
C LYS D 169 -39.33 49.04 -44.36
N GLY D 170 -38.82 47.83 -44.14
CA GLY D 170 -39.54 46.63 -44.50
C GLY D 170 -39.38 46.21 -45.94
N THR D 171 -38.69 47.00 -46.75
CA THR D 171 -38.46 46.67 -48.15
C THR D 171 -37.01 46.31 -48.45
N VAL D 172 -36.06 46.68 -47.60
CA VAL D 172 -34.64 46.42 -47.82
C VAL D 172 -34.16 45.45 -46.76
N GLU D 173 -33.40 44.45 -47.18
CA GLU D 173 -32.91 43.42 -46.27
C GLU D 173 -31.38 43.38 -46.19
N ARG D 174 -30.69 44.43 -46.63
CA ARG D 174 -29.24 44.43 -46.58
C ARG D 174 -28.68 45.78 -46.16
N THR D 175 -29.52 46.63 -45.55
CA THR D 175 -29.07 47.94 -45.09
C THR D 175 -29.56 48.17 -43.67
N ALA D 176 -28.83 49.00 -42.94
CA ALA D 176 -29.19 49.33 -41.57
C ALA D 176 -28.77 50.76 -41.27
N VAL D 177 -29.31 51.30 -40.19
CA VAL D 177 -29.11 52.70 -39.80
C VAL D 177 -28.50 52.71 -38.40
N PHE D 178 -27.42 53.47 -38.21
CA PHE D 178 -26.89 53.73 -36.87
C PHE D 178 -27.27 55.14 -36.41
N TYR D 179 -28.53 55.28 -35.99
CA TYR D 179 -29.03 56.56 -35.53
C TYR D 179 -28.40 56.95 -34.19
N HIS D 180 -28.11 58.23 -34.05
CA HIS D 180 -27.42 58.72 -32.86
C HIS D 180 -27.59 60.24 -32.80
N THR D 181 -26.88 60.89 -31.88
CA THR D 181 -26.76 62.33 -31.82
C THR D 181 -25.50 62.79 -32.54
N ASP D 182 -25.18 64.07 -32.39
CA ASP D 182 -24.17 64.70 -33.23
C ASP D 182 -22.74 64.28 -32.84
N SER D 183 -21.85 64.32 -33.83
CA SER D 183 -20.39 64.37 -33.70
C SER D 183 -19.73 63.05 -33.34
N THR D 184 -20.38 61.91 -33.54
CA THR D 184 -19.77 60.61 -33.26
C THR D 184 -19.87 59.73 -34.49
N GLU D 185 -18.72 59.20 -34.94
CA GLU D 185 -18.68 58.17 -35.97
C GLU D 185 -18.99 56.83 -35.31
N TYR D 186 -20.01 56.14 -35.81
CA TYR D 186 -20.55 54.97 -35.12
C TYR D 186 -20.43 53.67 -35.90
N LEU D 187 -20.72 53.68 -37.20
CA LEU D 187 -20.58 52.46 -38.00
C LEU D 187 -19.21 51.84 -37.81
N ALA D 188 -18.18 52.68 -37.74
CA ALA D 188 -16.83 52.18 -37.57
C ALA D 188 -16.59 51.64 -36.18
N ALA D 189 -17.42 52.04 -35.21
CA ALA D 189 -17.13 51.72 -33.82
C ALA D 189 -17.20 50.23 -33.56
N SER D 190 -18.23 49.57 -34.10
CA SER D 190 -18.46 48.15 -33.89
C SER D 190 -18.21 47.32 -35.13
N MET D 191 -18.84 47.70 -36.25
CA MET D 191 -18.59 47.00 -37.51
C MET D 191 -17.13 47.10 -37.88
N ALA D 192 -16.61 46.04 -38.47
CA ALA D 192 -15.27 46.04 -39.04
C ALA D 192 -14.21 46.23 -37.95
N ALA D 193 -14.64 46.41 -36.71
CA ALA D 193 -13.74 46.46 -35.57
C ALA D 193 -14.02 45.36 -34.57
N TYR D 194 -15.30 45.05 -34.36
CA TYR D 194 -15.71 43.80 -33.72
C TYR D 194 -16.19 42.76 -34.72
N MET D 195 -16.95 43.19 -35.73
CA MET D 195 -17.40 42.26 -36.77
C MET D 195 -16.23 41.64 -37.50
N SER D 196 -15.21 42.45 -37.79
CA SER D 196 -14.10 41.96 -38.60
C SER D 196 -13.36 40.83 -37.91
N THR D 197 -13.04 40.99 -36.63
CA THR D 197 -12.22 39.99 -35.96
C THR D 197 -13.07 38.85 -35.41
N ARG D 198 -13.98 38.34 -36.24
CA ARG D 198 -14.79 37.18 -35.91
C ARG D 198 -14.33 36.02 -36.77
N VAL D 199 -13.80 34.98 -36.14
CA VAL D 199 -13.26 33.84 -36.86
C VAL D 199 -14.25 32.70 -36.72
N PHE D 200 -14.89 32.35 -37.83
CA PHE D 200 -15.88 31.28 -37.82
C PHE D 200 -15.26 29.90 -38.04
N ASP D 201 -13.93 29.81 -38.12
CA ASP D 201 -13.27 28.54 -38.31
C ASP D 201 -13.06 27.79 -37.00
N ASP D 202 -13.48 28.35 -35.87
CA ASP D 202 -13.40 27.68 -34.60
C ASP D 202 -14.77 27.17 -34.18
N ALA D 203 -14.77 26.22 -33.25
CA ALA D 203 -16.01 25.70 -32.71
C ALA D 203 -16.73 26.77 -31.90
N ASN D 204 -18.06 26.80 -32.02
CA ASN D 204 -18.93 27.64 -31.20
C ASN D 204 -18.65 29.12 -31.37
N SER D 205 -18.16 29.52 -32.54
CA SER D 205 -17.87 30.92 -32.82
C SER D 205 -19.01 31.62 -33.56
N ALA D 206 -20.22 31.50 -33.05
CA ALA D 206 -21.39 32.14 -33.65
C ALA D 206 -21.85 33.25 -32.72
N TYR D 207 -21.62 34.49 -33.12
CA TYR D 207 -21.98 35.63 -32.30
C TYR D 207 -23.37 36.13 -32.70
N THR D 208 -24.28 35.17 -32.82
CA THR D 208 -25.55 35.35 -33.51
C THR D 208 -26.22 36.69 -33.22
N LEU D 209 -25.95 37.28 -32.05
CA LEU D 209 -26.64 38.50 -31.65
C LEU D 209 -26.02 39.76 -32.24
N LYS D 210 -24.78 40.05 -31.87
CA LYS D 210 -24.21 41.40 -31.98
C LYS D 210 -25.07 42.41 -31.23
N PHE D 211 -25.70 41.98 -30.13
CA PHE D 211 -26.79 42.71 -29.51
C PHE D 211 -26.43 43.32 -28.17
N LYS D 212 -25.44 42.78 -27.45
CA LYS D 212 -24.92 43.46 -26.26
C LYS D 212 -23.40 43.46 -26.31
N LYS D 213 -22.84 44.42 -27.03
CA LYS D 213 -21.41 44.48 -27.27
C LYS D 213 -20.90 45.90 -27.05
N ALA D 214 -19.81 46.02 -26.31
CA ALA D 214 -19.17 47.25 -25.85
C ALA D 214 -18.08 47.69 -26.82
N PRO D 215 -18.15 48.90 -27.35
CA PRO D 215 -17.05 49.44 -28.17
C PRO D 215 -15.91 49.91 -27.27
N GLY D 216 -14.84 50.38 -27.91
CA GLY D 216 -13.68 50.82 -27.18
C GLY D 216 -13.96 51.97 -26.23
N VAL D 217 -14.25 53.15 -26.78
CA VAL D 217 -14.62 54.32 -25.99
C VAL D 217 -15.70 55.06 -26.76
N ARG D 218 -16.80 55.39 -26.09
CA ARG D 218 -17.84 56.21 -26.71
C ARG D 218 -18.81 56.67 -25.64
N ALA D 219 -19.87 57.34 -26.10
CA ALA D 219 -20.88 57.94 -25.23
C ALA D 219 -22.26 57.44 -25.60
N ILE D 220 -23.15 57.48 -24.62
CA ILE D 220 -24.51 56.99 -24.75
C ILE D 220 -25.43 58.12 -25.23
N ASP D 221 -26.59 57.75 -25.73
CA ASP D 221 -27.67 58.70 -25.92
C ASP D 221 -28.55 58.70 -24.67
N LYS D 222 -29.73 59.33 -24.75
CA LYS D 222 -30.59 59.50 -23.58
C LYS D 222 -32.03 59.12 -23.90
N GLY D 223 -32.76 58.68 -22.87
CA GLY D 223 -34.19 58.45 -22.97
C GLY D 223 -34.63 57.02 -22.71
N SER D 224 -35.94 56.83 -22.56
CA SER D 224 -36.53 55.51 -22.43
C SER D 224 -37.62 55.24 -23.45
N ALA D 225 -38.58 56.16 -23.59
CA ALA D 225 -39.63 56.03 -24.60
C ALA D 225 -39.19 56.57 -25.95
N VAL D 226 -37.99 57.15 -26.03
CA VAL D 226 -37.41 57.54 -27.31
C VAL D 226 -36.56 56.44 -27.91
N VAL D 227 -36.22 55.42 -27.12
CA VAL D 227 -35.38 54.30 -27.56
C VAL D 227 -36.26 53.22 -28.19
N THR D 228 -37.57 53.47 -28.25
CA THR D 228 -38.47 52.54 -28.93
C THR D 228 -39.05 53.12 -30.21
N ALA D 229 -39.11 54.44 -30.33
CA ALA D 229 -39.33 55.04 -31.64
C ALA D 229 -38.16 54.70 -32.56
N ILE D 230 -36.94 54.98 -32.10
CA ILE D 230 -35.77 54.38 -32.72
C ILE D 230 -35.70 52.92 -32.28
N THR D 231 -35.08 52.08 -33.12
CA THR D 231 -34.93 50.64 -32.95
C THR D 231 -36.25 49.90 -32.98
N GLY D 232 -37.38 50.59 -33.05
CA GLY D 232 -38.69 49.98 -33.18
C GLY D 232 -38.95 48.72 -32.36
N PHE D 233 -38.38 48.64 -31.17
CA PHE D 233 -38.42 47.43 -30.35
C PHE D 233 -39.48 47.57 -29.28
N VAL D 234 -40.49 46.69 -29.31
CA VAL D 234 -41.46 46.62 -28.22
C VAL D 234 -40.96 45.62 -27.18
N GLU D 235 -41.52 45.71 -25.98
CA GLU D 235 -40.91 45.08 -24.80
C GLU D 235 -40.77 43.58 -24.98
N GLN D 236 -41.88 42.85 -25.03
CA GLN D 236 -41.87 41.40 -25.05
C GLN D 236 -42.40 40.83 -26.35
N THR D 237 -43.16 41.61 -27.11
CA THR D 237 -43.68 41.12 -28.39
C THR D 237 -42.55 40.83 -29.38
N GLY D 238 -41.60 41.75 -29.51
CA GLY D 238 -40.56 41.59 -30.49
C GLY D 238 -40.11 42.91 -31.06
N GLN D 239 -40.21 43.04 -32.38
CA GLN D 239 -39.90 44.28 -33.08
C GLN D 239 -40.98 44.52 -34.13
N SER D 240 -41.66 45.65 -34.04
CA SER D 240 -42.79 45.97 -34.90
C SER D 240 -42.41 47.08 -35.88
N GLU D 241 -42.79 46.90 -37.14
CA GLU D 241 -42.38 47.83 -38.18
C GLU D 241 -43.14 49.15 -38.10
N SER D 242 -44.44 49.10 -37.82
CA SER D 242 -45.26 50.30 -37.80
C SER D 242 -44.96 51.17 -36.59
N ALA D 243 -44.54 50.57 -35.48
CA ALA D 243 -44.35 51.29 -34.22
C ALA D 243 -42.90 51.67 -33.96
N GLY D 244 -42.15 52.04 -34.99
CA GLY D 244 -40.79 52.50 -34.77
C GLY D 244 -39.98 52.36 -36.03
N HIS D 245 -38.74 52.85 -35.95
CA HIS D 245 -37.78 52.79 -37.04
C HIS D 245 -36.49 52.16 -36.54
N CYS D 246 -36.04 51.12 -37.24
CA CYS D 246 -34.92 50.30 -36.79
C CYS D 246 -33.62 51.08 -36.88
N ALA D 247 -32.82 51.03 -35.83
CA ALA D 247 -31.48 51.61 -35.81
C ALA D 247 -30.77 51.15 -34.55
N ASN D 248 -29.56 51.67 -34.33
CA ASN D 248 -28.73 51.22 -33.22
C ASN D 248 -28.19 52.42 -32.48
N THR D 249 -28.30 52.40 -31.14
CA THR D 249 -28.10 53.63 -30.38
C THR D 249 -27.15 53.52 -29.20
N LEU D 250 -26.70 52.33 -28.80
CA LEU D 250 -25.74 52.18 -27.70
C LEU D 250 -26.29 52.77 -26.39
N ILE D 251 -27.31 52.11 -25.86
CA ILE D 251 -27.92 52.49 -24.59
C ILE D 251 -27.02 52.08 -23.42
N ASP D 252 -27.36 52.56 -22.23
CA ASP D 252 -26.76 52.07 -21.00
C ASP D 252 -27.86 51.82 -19.97
N ILE D 253 -27.80 50.66 -19.32
CA ILE D 253 -28.83 50.22 -18.39
C ILE D 253 -28.34 50.20 -16.95
N GLY D 254 -27.31 49.40 -16.67
CA GLY D 254 -26.73 49.42 -15.35
C GLY D 254 -25.63 50.45 -15.28
N ASP D 255 -24.44 50.04 -14.88
CA ASP D 255 -23.26 50.87 -15.08
C ASP D 255 -22.53 50.53 -16.37
N GLN D 256 -23.13 49.68 -17.21
CA GLN D 256 -22.50 49.24 -18.46
C GLN D 256 -23.16 49.95 -19.63
N GLU D 257 -22.38 50.20 -20.68
CA GLU D 257 -22.88 50.71 -21.94
C GLU D 257 -22.64 49.67 -23.02
N PHE D 258 -23.65 49.43 -23.86
CA PHE D 258 -23.55 48.39 -24.86
C PHE D 258 -24.48 48.68 -26.02
N LEU D 259 -24.17 48.11 -27.18
CA LEU D 259 -25.00 48.29 -28.36
C LEU D 259 -26.35 47.61 -28.14
N VAL D 260 -27.37 48.11 -28.82
CA VAL D 260 -28.71 47.57 -28.63
C VAL D 260 -29.41 47.42 -29.98
N GLU D 261 -30.40 46.54 -29.98
CA GLU D 261 -31.17 46.00 -31.11
C GLU D 261 -30.37 45.06 -31.98
N GLY D 262 -29.07 44.89 -31.74
CA GLY D 262 -28.30 43.93 -32.51
C GLY D 262 -28.20 44.22 -33.98
N SER D 263 -28.32 45.48 -34.38
CA SER D 263 -28.15 45.89 -35.77
C SER D 263 -29.14 45.18 -36.70
N THR D 264 -30.41 45.47 -36.51
CA THR D 264 -31.40 44.98 -37.43
C THR D 264 -31.29 45.71 -38.77
N LEU D 265 -31.91 45.12 -39.78
CA LEU D 265 -32.02 45.72 -41.10
C LEU D 265 -33.47 45.99 -41.50
N THR D 266 -34.34 45.02 -41.28
CA THR D 266 -35.79 45.14 -41.44
C THR D 266 -36.37 44.51 -40.19
N GLN D 267 -37.68 44.21 -40.22
CA GLN D 267 -38.43 43.97 -39.00
C GLN D 267 -37.73 42.96 -38.07
N ASN D 268 -37.29 41.82 -38.60
CA ASN D 268 -36.66 40.79 -37.77
C ASN D 268 -35.48 40.14 -38.49
N VAL D 269 -34.61 40.96 -39.08
CA VAL D 269 -33.43 40.48 -39.78
C VAL D 269 -32.23 41.11 -39.09
N PHE D 270 -31.30 40.28 -38.64
CA PHE D 270 -30.19 40.77 -37.83
C PHE D 270 -28.87 40.68 -38.58
N LEU D 271 -27.87 41.35 -38.03
CA LEU D 271 -26.61 41.55 -38.75
C LEU D 271 -25.80 40.25 -38.82
N ASP D 272 -25.81 39.45 -37.76
CA ASP D 272 -24.99 38.25 -37.76
C ASP D 272 -25.46 37.22 -38.77
N GLU D 273 -26.77 37.15 -39.04
CA GLU D 273 -27.22 36.25 -40.09
C GLU D 273 -26.54 36.58 -41.41
N ILE D 274 -26.56 37.86 -41.80
CA ILE D 274 -25.94 38.26 -43.06
C ILE D 274 -24.44 38.01 -43.02
N HIS D 275 -23.79 38.39 -41.91
CA HIS D 275 -22.35 38.22 -41.82
C HIS D 275 -21.95 36.75 -41.94
N ALA D 276 -22.65 35.86 -41.24
CA ALA D 276 -22.30 34.45 -41.24
C ALA D 276 -22.58 33.78 -42.58
N THR D 277 -23.73 34.08 -43.20
CA THR D 277 -24.01 33.49 -44.50
C THR D 277 -23.02 34.01 -45.56
N ASP D 278 -22.60 35.26 -45.43
CA ASP D 278 -21.59 35.77 -46.36
C ASP D 278 -20.24 35.14 -46.13
N TRP D 279 -19.91 34.80 -44.87
CA TRP D 279 -18.72 33.99 -44.64
C TRP D 279 -18.83 32.64 -45.31
N ILE D 280 -20.02 32.03 -45.26
CA ILE D 280 -20.21 30.72 -45.91
C ILE D 280 -19.95 30.84 -47.40
N ILE D 281 -20.52 31.87 -48.03
CA ILE D 281 -20.37 32.04 -49.47
C ILE D 281 -18.91 32.30 -49.83
N ALA D 282 -18.26 33.21 -49.11
CA ALA D 282 -16.88 33.54 -49.39
C ALA D 282 -15.93 32.39 -49.14
N ARG D 283 -16.27 31.49 -48.22
CA ARG D 283 -15.46 30.31 -47.97
C ARG D 283 -15.62 29.27 -49.07
N THR D 284 -16.86 29.07 -49.55
CA THR D 284 -17.06 28.16 -50.67
C THR D 284 -16.35 28.67 -51.92
N GLU D 285 -16.33 29.99 -52.13
CA GLU D 285 -15.57 30.54 -53.24
C GLU D 285 -14.09 30.19 -53.14
N GLU D 286 -13.51 30.37 -51.95
CA GLU D 286 -12.10 30.12 -51.77
C GLU D 286 -11.75 28.65 -51.97
N GLU D 287 -12.60 27.76 -51.46
CA GLU D 287 -12.34 26.33 -51.63
C GLU D 287 -12.52 25.89 -53.08
N MET D 288 -13.49 26.47 -53.79
CA MET D 288 -13.61 26.17 -55.21
C MET D 288 -12.37 26.60 -55.97
N LEU D 289 -11.88 27.81 -55.70
CA LEU D 289 -10.67 28.26 -56.38
C LEU D 289 -9.47 27.39 -56.04
N SER D 290 -9.34 27.00 -54.79
CA SER D 290 -8.26 26.11 -54.40
C SER D 290 -8.39 24.73 -55.02
N LEU D 291 -9.58 24.29 -55.41
CA LEU D 291 -9.75 23.07 -56.17
C LEU D 291 -9.34 23.19 -57.63
N PHE D 292 -9.54 24.36 -58.24
CA PHE D 292 -9.16 24.55 -59.64
C PHE D 292 -7.65 24.72 -59.82
N LEU D 293 -6.92 25.04 -58.76
CA LEU D 293 -5.48 25.25 -58.86
C LEU D 293 -4.67 23.99 -58.56
N ASN D 294 -5.22 23.05 -57.81
CA ASN D 294 -4.49 21.82 -57.50
C ASN D 294 -4.56 20.81 -58.64
N ASN D 295 -5.76 20.54 -59.12
CA ASN D 295 -5.95 19.53 -60.15
C ASN D 295 -5.35 19.96 -61.47
N ASP D 296 -4.94 18.97 -62.27
CA ASP D 296 -4.66 19.24 -63.67
C ASP D 296 -5.89 19.84 -64.33
N ARG D 297 -6.98 19.06 -64.41
CA ARG D 297 -8.28 19.52 -64.88
C ARG D 297 -9.39 18.99 -64.00
N VAL D 298 -10.58 19.53 -64.21
CA VAL D 298 -11.83 18.99 -63.70
C VAL D 298 -12.68 18.60 -64.91
N PRO D 299 -12.87 17.31 -65.19
CA PRO D 299 -13.56 16.90 -66.41
C PRO D 299 -15.05 17.19 -66.35
N PHE D 300 -15.64 17.24 -67.54
CA PHE D 300 -17.07 17.53 -67.71
C PHE D 300 -17.87 16.22 -67.77
N THR D 301 -17.78 15.46 -66.67
CA THR D 301 -18.49 14.20 -66.54
C THR D 301 -19.20 14.19 -65.19
N ASP D 302 -19.76 13.04 -64.84
CA ASP D 302 -20.38 12.89 -63.52
C ASP D 302 -19.34 12.85 -62.41
N GLN D 303 -18.18 12.25 -62.69
CA GLN D 303 -17.09 12.24 -61.72
C GLN D 303 -16.64 13.65 -61.39
N GLY D 304 -16.57 14.52 -62.41
CA GLY D 304 -16.29 15.91 -62.18
C GLY D 304 -17.34 16.63 -61.35
N MET D 305 -18.62 16.32 -61.59
CA MET D 305 -19.68 16.94 -60.79
C MET D 305 -19.57 16.53 -59.32
N GLN D 306 -19.26 15.26 -59.06
CA GLN D 306 -19.07 14.86 -57.67
C GLN D 306 -17.82 15.49 -57.06
N GLN D 307 -16.75 15.62 -57.84
CA GLN D 307 -15.57 16.31 -57.34
C GLN D 307 -15.87 17.76 -56.98
N LEU D 308 -16.67 18.44 -57.81
CA LEU D 308 -17.09 19.80 -57.50
C LEU D 308 -17.96 19.85 -56.26
N ALA D 309 -18.92 18.94 -56.16
CA ALA D 309 -19.87 18.95 -55.04
C ALA D 309 -19.23 18.54 -53.73
N SER D 310 -18.01 18.00 -53.76
CA SER D 310 -17.33 17.69 -52.52
C SER D 310 -17.02 18.92 -51.67
N VAL D 311 -17.06 20.11 -52.25
CA VAL D 311 -16.69 21.35 -51.55
C VAL D 311 -17.80 21.82 -50.62
N PRO D 312 -19.05 22.01 -51.10
CA PRO D 312 -20.11 22.37 -50.14
C PRO D 312 -20.33 21.37 -49.05
N ARG D 313 -20.05 20.08 -49.28
CA ARG D 313 -20.19 19.09 -48.22
C ARG D 313 -19.26 19.35 -47.06
N ALA D 314 -18.01 19.72 -47.32
CA ALA D 314 -17.07 20.10 -46.27
C ALA D 314 -17.42 21.44 -45.64
N ILE D 315 -17.88 22.40 -46.44
CA ILE D 315 -18.22 23.71 -45.88
C ILE D 315 -19.41 23.60 -44.92
N MET D 316 -20.37 22.74 -45.24
CA MET D 316 -21.53 22.61 -44.36
C MET D 316 -21.16 21.96 -43.03
N GLN D 317 -20.24 20.99 -43.07
CA GLN D 317 -19.78 20.40 -41.81
C GLN D 317 -18.98 21.41 -41.00
N LEU D 318 -18.21 22.25 -41.68
CA LEU D 318 -17.52 23.34 -40.99
C LEU D 318 -18.48 24.32 -40.35
N ALA D 319 -19.57 24.68 -41.03
CA ALA D 319 -20.54 25.64 -40.55
C ALA D 319 -21.42 25.09 -39.43
N ALA D 320 -21.79 23.81 -39.48
CA ALA D 320 -22.60 23.24 -38.40
C ALA D 320 -21.81 23.14 -37.11
N ARG D 321 -20.48 23.11 -37.19
CA ARG D 321 -19.65 23.05 -35.99
C ARG D 321 -19.58 24.42 -35.31
N ALA D 322 -19.50 25.50 -36.09
CA ALA D 322 -19.44 26.83 -35.52
C ALA D 322 -20.73 27.18 -34.79
N GLY D 323 -21.85 26.62 -35.22
CA GLY D 323 -23.12 26.88 -34.58
C GLY D 323 -24.07 27.67 -35.44
N ILE D 324 -23.76 27.79 -36.73
CA ILE D 324 -24.57 28.57 -37.66
C ILE D 324 -25.70 27.71 -38.20
N VAL D 325 -25.41 26.43 -38.46
CA VAL D 325 -26.39 25.49 -38.96
C VAL D 325 -26.99 24.73 -37.79
N ALA D 326 -28.26 24.37 -37.91
CA ALA D 326 -29.02 23.82 -36.80
C ALA D 326 -28.63 22.38 -36.50
N LEU D 327 -29.18 21.87 -35.40
CA LEU D 327 -28.84 20.54 -34.88
C LEU D 327 -29.92 19.51 -35.22
N ASP D 328 -30.13 19.27 -36.50
CA ASP D 328 -30.68 18.00 -37.01
C ASP D 328 -32.01 17.60 -36.37
N LEU D 329 -32.74 18.56 -35.82
CA LEU D 329 -34.02 18.27 -35.17
C LEU D 329 -35.06 19.27 -35.61
N ASN D 330 -36.28 18.81 -35.80
CA ASN D 330 -37.37 19.69 -36.23
C ASN D 330 -37.66 20.72 -35.14
N PRO D 331 -37.61 22.01 -35.45
CA PRO D 331 -37.87 23.02 -34.40
C PRO D 331 -39.29 23.03 -33.91
N LEU D 332 -40.24 22.52 -34.70
CA LEU D 332 -41.63 22.52 -34.28
C LEU D 332 -41.90 21.42 -33.27
N THR D 333 -41.57 20.18 -33.60
CA THR D 333 -41.94 19.03 -32.78
C THR D 333 -40.79 18.31 -32.13
N GLY D 334 -39.55 18.61 -32.49
CA GLY D 334 -38.42 17.90 -31.94
C GLY D 334 -38.13 16.56 -32.57
N ALA D 335 -38.84 16.21 -33.63
CA ALA D 335 -38.60 14.97 -34.35
C ALA D 335 -37.38 15.14 -35.26
N TYR D 336 -36.84 14.01 -35.73
CA TYR D 336 -35.64 14.03 -36.55
C TYR D 336 -35.92 14.67 -37.91
N GLU D 337 -35.01 15.55 -38.33
CA GLU D 337 -35.07 16.15 -39.66
C GLU D 337 -33.67 16.52 -40.09
N PRO D 338 -33.26 16.22 -41.32
CA PRO D 338 -31.91 16.58 -41.77
C PRO D 338 -31.69 18.09 -41.74
N ALA D 339 -30.49 18.49 -41.30
CA ALA D 339 -30.18 19.91 -41.21
C ALA D 339 -29.87 20.51 -42.57
N TYR D 340 -29.15 19.76 -43.42
CA TYR D 340 -28.78 20.24 -44.74
C TYR D 340 -28.70 19.07 -45.71
N THR D 341 -29.04 19.32 -46.97
CA THR D 341 -28.89 18.34 -48.03
C THR D 341 -28.16 18.97 -49.20
N ILE D 342 -27.47 18.14 -50.00
CA ILE D 342 -26.75 18.58 -51.18
C ILE D 342 -27.13 17.66 -52.33
N THR D 343 -27.70 18.23 -53.39
CA THR D 343 -28.12 17.47 -54.56
C THR D 343 -27.29 17.87 -55.77
N VAL D 344 -26.70 16.88 -56.43
CA VAL D 344 -25.78 17.07 -57.55
C VAL D 344 -26.54 16.78 -58.84
N PRO D 345 -26.47 17.65 -59.84
CA PRO D 345 -27.22 17.39 -61.09
C PRO D 345 -26.49 16.41 -61.99
N SER D 346 -27.17 16.04 -63.07
CA SER D 346 -26.58 15.15 -64.08
C SER D 346 -26.20 15.97 -65.30
N VAL D 347 -24.98 15.77 -65.80
CA VAL D 347 -24.61 16.28 -67.12
C VAL D 347 -25.17 15.42 -68.22
N PHE D 348 -25.71 14.25 -67.90
CA PHE D 348 -26.05 13.24 -68.89
C PHE D 348 -27.09 13.73 -69.89
N ASP D 349 -28.21 14.22 -69.41
CA ASP D 349 -29.29 14.68 -70.26
C ASP D 349 -29.20 16.17 -70.57
N ILE D 350 -28.23 16.88 -70.01
CA ILE D 350 -27.90 18.21 -70.49
C ILE D 350 -27.28 18.01 -71.86
N PRO D 351 -27.84 18.59 -72.91
CA PRO D 351 -27.37 18.28 -74.28
C PRO D 351 -25.91 18.66 -74.50
N GLU D 352 -25.29 17.97 -75.46
CA GLU D 352 -23.98 18.39 -75.94
C GLU D 352 -24.05 19.78 -76.57
N SER D 353 -25.24 20.18 -77.01
CA SER D 353 -25.41 21.55 -77.48
C SER D 353 -25.05 22.54 -76.37
N GLN D 354 -25.33 22.19 -75.12
CA GLN D 354 -24.94 23.03 -73.99
C GLN D 354 -23.64 22.58 -73.34
N ARG D 355 -23.23 21.33 -73.55
CA ARG D 355 -22.00 20.82 -72.94
C ARG D 355 -20.77 21.59 -73.38
N LYS D 356 -20.71 22.03 -74.63
CA LYS D 356 -19.55 22.74 -75.14
C LYS D 356 -19.34 24.08 -74.48
N ALA D 357 -20.24 24.49 -73.57
CA ALA D 357 -20.17 25.80 -72.94
C ALA D 357 -19.02 25.92 -71.95
N ARG D 358 -18.56 24.81 -71.40
CA ARG D 358 -17.57 24.79 -70.31
C ARG D 358 -18.10 25.50 -69.07
N ILE D 359 -19.41 25.59 -68.97
CA ILE D 359 -20.09 26.11 -67.78
C ILE D 359 -20.86 24.96 -67.16
N ALA D 360 -20.47 24.58 -65.95
CA ALA D 360 -21.06 23.43 -65.30
C ALA D 360 -22.50 23.74 -64.86
N PRO D 361 -23.34 22.71 -64.77
CA PRO D 361 -24.69 22.90 -64.21
C PRO D 361 -24.65 23.24 -62.73
N ALA D 362 -25.76 23.74 -62.20
CA ALA D 362 -25.82 24.28 -60.85
C ALA D 362 -26.04 23.19 -59.82
N ILE D 363 -25.35 23.32 -58.69
CA ILE D 363 -25.52 22.44 -57.54
C ILE D 363 -26.37 23.16 -56.50
N GLN D 364 -27.34 22.46 -55.93
CA GLN D 364 -28.30 23.05 -55.00
C GLN D 364 -28.06 22.51 -53.59
N VAL D 365 -28.09 23.41 -52.61
CA VAL D 365 -27.81 23.08 -51.22
C VAL D 365 -28.94 23.61 -50.36
N ARG D 366 -29.17 22.97 -49.21
CA ARG D 366 -30.26 23.28 -48.32
C ARG D 366 -29.74 23.64 -46.93
N PHE D 367 -30.51 24.43 -46.21
CA PHE D 367 -30.05 25.10 -45.00
C PHE D 367 -30.98 24.82 -43.82
N ARG D 368 -30.58 25.32 -42.67
CA ARG D 368 -31.49 25.63 -41.57
C ARG D 368 -30.69 26.45 -40.58
N TYR D 369 -31.21 27.62 -40.21
CA TYR D 369 -30.48 28.53 -39.38
C TYR D 369 -30.70 28.24 -37.90
N ALA D 370 -29.68 28.47 -37.10
CA ALA D 370 -29.76 28.35 -35.65
C ALA D 370 -29.61 29.73 -35.04
N GLY D 371 -30.70 30.25 -34.47
CA GLY D 371 -30.71 31.57 -33.88
C GLY D 371 -30.25 31.56 -32.43
N ALA D 372 -30.50 32.69 -31.77
CA ALA D 372 -30.12 32.83 -30.37
C ALA D 372 -31.17 33.69 -29.66
N VAL D 373 -30.90 34.06 -28.42
CA VAL D 373 -31.89 34.63 -27.51
C VAL D 373 -31.59 36.09 -27.28
N HIS D 374 -32.63 36.94 -27.34
CA HIS D 374 -32.53 38.36 -27.07
C HIS D 374 -33.26 38.81 -25.82
N TYR D 375 -34.19 38.03 -25.30
CA TYR D 375 -35.12 38.49 -24.27
C TYR D 375 -35.53 37.29 -23.43
N SER D 376 -35.62 37.49 -22.12
CA SER D 376 -35.88 36.42 -21.17
C SER D 376 -37.07 36.77 -20.30
N VAL D 377 -37.73 35.74 -19.76
CA VAL D 377 -38.91 35.90 -18.91
C VAL D 377 -38.79 34.95 -17.72
N ILE D 378 -39.12 35.46 -16.53
CA ILE D 378 -39.16 34.69 -15.29
C ILE D 378 -40.39 35.10 -14.51
N ASN D 379 -41.08 34.13 -13.91
CA ASN D 379 -42.42 34.37 -13.36
C ASN D 379 -42.49 34.58 -11.85
N TYR D 380 -41.87 33.72 -11.03
CA TYR D 380 -41.72 33.96 -9.58
C TYR D 380 -43.06 34.09 -8.86
N THR D 381 -43.78 32.98 -8.75
CA THR D 381 -44.96 32.93 -7.89
C THR D 381 -44.54 32.78 -6.43
N MET D 382 -45.26 33.45 -5.53
CA MET D 382 -44.94 33.46 -4.11
C MET D 382 -46.13 32.92 -3.32
N THR D 383 -45.86 32.09 -2.32
CA THR D 383 -46.94 31.40 -1.61
C THR D 383 -46.97 31.65 -0.12
N PHE D 384 -45.88 32.11 0.49
CA PHE D 384 -45.84 32.36 1.93
C PHE D 384 -46.16 31.11 2.73
N LYS E 3 -31.32 -43.96 39.72
CA LYS E 3 -31.63 -43.75 38.32
C LYS E 3 -31.08 -44.89 37.48
N LEU E 4 -30.21 -44.56 36.53
CA LEU E 4 -29.52 -45.56 35.74
C LEU E 4 -28.07 -45.13 35.60
N PRO E 5 -27.14 -46.07 35.42
CA PRO E 5 -25.74 -45.68 35.21
C PRO E 5 -25.52 -45.16 33.81
N TYR E 6 -24.38 -44.48 33.64
CA TYR E 6 -23.98 -44.10 32.29
C TYR E 6 -23.51 -45.29 31.47
N SER E 7 -23.19 -46.41 32.12
CA SER E 7 -22.81 -47.62 31.42
C SER E 7 -23.97 -48.22 30.62
N ARG E 8 -25.15 -47.61 30.70
CA ARG E 8 -26.26 -48.02 29.86
C ARG E 8 -26.06 -47.64 28.41
N VAL E 9 -25.36 -46.54 28.13
CA VAL E 9 -25.17 -46.09 26.75
C VAL E 9 -23.71 -46.03 26.33
N THR E 10 -22.76 -46.08 27.26
CA THR E 10 -21.34 -46.08 26.91
C THR E 10 -20.62 -47.08 27.78
N ASN E 11 -19.32 -47.21 27.56
CA ASN E 11 -18.49 -48.08 28.38
C ASN E 11 -17.10 -47.46 28.47
N VAL E 12 -16.80 -46.83 29.59
CA VAL E 12 -15.50 -46.17 29.81
C VAL E 12 -14.83 -46.88 30.98
N THR E 13 -13.62 -47.40 30.74
CA THR E 13 -12.88 -48.13 31.75
C THR E 13 -11.57 -47.43 32.06
N LEU E 14 -10.75 -48.05 32.92
CA LEU E 14 -9.43 -47.52 33.27
C LEU E 14 -8.63 -48.67 33.87
N THR E 15 -7.46 -48.92 33.29
CA THR E 15 -6.51 -49.90 33.82
C THR E 15 -5.19 -49.20 34.13
N ARG E 16 -4.33 -49.88 34.87
CA ARG E 16 -2.99 -49.40 35.20
C ARG E 16 -1.98 -50.26 34.46
N THR E 17 -1.71 -49.93 33.20
CA THR E 17 -0.75 -50.67 32.40
C THR E 17 -0.10 -49.69 31.43
N ASP E 18 0.84 -50.20 30.61
CA ASP E 18 1.53 -49.40 29.61
C ASP E 18 1.10 -49.86 28.24
N ASN E 19 0.68 -48.92 27.39
CA ASN E 19 0.24 -49.21 26.04
C ASN E 19 0.99 -48.32 25.06
N PHE E 20 1.55 -48.92 24.03
CA PHE E 20 2.26 -48.21 22.96
C PHE E 20 1.50 -48.41 21.67
N PRO E 21 1.70 -47.52 20.70
CA PRO E 21 1.04 -47.70 19.40
C PRO E 21 1.54 -48.95 18.69
N THR E 22 0.72 -49.42 17.75
CA THR E 22 0.93 -50.75 17.18
C THR E 22 2.09 -50.74 16.20
N ARG E 23 2.00 -49.96 15.13
CA ARG E 23 3.09 -49.81 14.15
C ARG E 23 3.47 -51.17 13.54
N ARG E 24 2.56 -51.68 12.71
CA ARG E 24 2.83 -52.89 11.96
C ARG E 24 4.10 -52.75 11.12
N GLY E 25 4.73 -53.89 10.84
CA GLY E 25 5.99 -53.88 10.13
C GLY E 25 6.15 -55.02 9.15
N PHE E 26 7.33 -55.66 9.12
CA PHE E 26 7.55 -56.70 8.12
C PHE E 26 7.28 -58.12 8.64
N GLY E 27 8.04 -58.58 9.64
CA GLY E 27 8.15 -60.01 9.83
C GLY E 27 7.71 -60.64 11.14
N THR E 28 8.03 -61.93 11.31
CA THR E 28 7.77 -62.69 12.53
C THR E 28 8.97 -63.57 12.85
N GLN E 29 9.17 -63.86 14.14
CA GLN E 29 10.24 -64.75 14.58
C GLN E 29 9.68 -66.05 15.14
N LEU E 30 10.56 -67.04 15.29
CA LEU E 30 10.19 -68.35 15.80
C LEU E 30 10.97 -68.67 17.06
N ILE E 31 10.28 -69.23 18.06
CA ILE E 31 10.86 -69.61 19.34
C ILE E 31 10.69 -71.12 19.48
N LEU E 32 11.77 -71.86 19.28
CA LEU E 32 11.73 -73.32 19.34
C LEU E 32 12.38 -73.78 20.64
N THR E 33 11.69 -74.66 21.35
CA THR E 33 12.23 -75.29 22.56
C THR E 33 11.65 -76.69 22.68
N HIS E 34 11.79 -77.29 23.86
CA HIS E 34 11.28 -78.63 24.09
C HIS E 34 10.05 -78.66 24.98
N THR E 35 9.69 -77.53 25.58
CA THR E 35 8.52 -77.48 26.44
C THR E 35 7.24 -77.59 25.62
N ALA E 36 6.25 -78.30 26.16
CA ALA E 36 4.91 -78.38 25.58
C ALA E 36 3.89 -78.00 26.63
N VAL E 37 2.80 -77.37 26.19
CA VAL E 37 1.80 -76.85 27.12
C VAL E 37 0.54 -77.70 27.20
N SER E 38 0.39 -78.68 26.31
CA SER E 38 -0.63 -79.74 26.35
C SER E 38 -2.04 -79.25 26.06
N GLY E 39 -2.26 -77.94 25.99
CA GLY E 39 -3.59 -77.42 25.70
C GLY E 39 -3.63 -76.70 24.37
N GLN E 40 -2.45 -76.34 23.86
CA GLN E 40 -2.34 -75.56 22.64
C GLN E 40 -1.22 -75.99 21.70
N VAL E 41 -0.38 -76.94 22.08
CA VAL E 41 0.63 -77.46 21.17
C VAL E 41 0.64 -78.98 21.15
N ASP E 42 -0.28 -79.62 21.87
CA ASP E 42 -0.15 -81.04 22.21
C ASP E 42 -0.39 -81.86 20.94
N ALA E 43 0.65 -81.91 20.11
CA ALA E 43 0.69 -82.69 18.88
C ALA E 43 -0.29 -82.18 17.83
N THR E 44 -1.12 -81.22 18.20
CA THR E 44 -2.09 -80.61 17.29
C THR E 44 -1.55 -79.38 16.60
N LYS E 45 -0.53 -78.75 17.18
CA LYS E 45 0.06 -77.51 16.67
C LYS E 45 1.56 -77.58 16.92
N ARG E 46 2.32 -78.01 15.90
CA ARG E 46 3.76 -77.89 15.98
C ARG E 46 4.19 -76.44 16.15
N THR E 47 3.36 -75.50 15.70
CA THR E 47 3.51 -74.09 16.02
C THR E 47 2.14 -73.56 16.40
N LYS E 48 2.11 -72.46 17.13
CA LYS E 48 0.87 -71.79 17.49
C LYS E 48 1.11 -70.28 17.48
N LEU E 49 0.15 -69.54 16.93
CA LEU E 49 0.25 -68.09 16.90
C LEU E 49 -0.48 -67.49 18.10
N TYR E 50 -0.27 -66.19 18.29
CA TYR E 50 -0.87 -65.46 19.40
C TYR E 50 -1.39 -64.13 18.87
N ALA E 51 -1.66 -63.23 19.80
CA ALA E 51 -1.96 -61.84 19.45
C ALA E 51 -1.17 -60.84 20.28
N SER E 52 -0.97 -61.12 21.56
CA SER E 52 -0.31 -60.21 22.48
C SER E 52 0.27 -61.05 23.61
N LEU E 53 1.18 -60.45 24.37
CA LEU E 53 1.81 -61.16 25.47
C LEU E 53 0.85 -61.36 26.63
N ALA E 54 0.09 -60.32 26.99
CA ALA E 54 -0.77 -60.38 28.16
C ALA E 54 -1.71 -61.59 28.09
N GLU E 55 -2.25 -61.87 26.90
CA GLU E 55 -3.16 -62.98 26.74
C GLU E 55 -2.47 -64.34 26.86
N VAL E 56 -1.20 -64.38 27.28
CA VAL E 56 -0.53 -65.67 27.44
C VAL E 56 -0.99 -66.33 28.72
N GLU E 57 -1.55 -67.51 28.59
CA GLU E 57 -1.90 -68.36 29.72
C GLU E 57 -1.36 -69.78 29.56
N ALA E 58 -1.29 -70.29 28.33
CA ALA E 58 -0.87 -71.67 28.10
C ALA E 58 0.56 -71.91 28.60
N ASP E 59 1.47 -71.00 28.29
CA ASP E 59 2.83 -71.09 28.81
C ASP E 59 2.97 -70.27 30.10
N TYR E 60 3.49 -70.92 31.13
CA TYR E 60 3.50 -70.35 32.48
C TYR E 60 4.26 -69.03 32.49
N PRO E 61 3.76 -68.01 33.20
CA PRO E 61 4.46 -66.72 33.23
C PRO E 61 5.77 -66.75 34.00
N ALA E 62 6.26 -67.94 34.34
CA ALA E 62 7.55 -68.05 35.01
C ALA E 62 8.53 -68.93 34.26
N ASN E 63 8.09 -69.70 33.27
CA ASN E 63 9.00 -70.62 32.60
C ASN E 63 10.05 -69.85 31.83
N THR E 64 11.29 -70.34 31.90
CA THR E 64 12.41 -69.58 31.36
C THR E 64 12.35 -69.51 29.84
N SER E 65 11.77 -70.54 29.21
CA SER E 65 11.86 -70.65 27.76
C SER E 65 10.97 -69.63 27.06
N VAL E 66 9.66 -69.78 27.21
CA VAL E 66 8.73 -69.05 26.35
C VAL E 66 8.42 -67.67 26.90
N TYR E 67 7.99 -67.60 28.16
CA TYR E 67 7.59 -66.31 28.72
C TYR E 67 8.77 -65.36 28.86
N LYS E 68 9.92 -65.85 29.33
CA LYS E 68 11.06 -64.96 29.51
C LYS E 68 11.67 -64.52 28.18
N ALA E 69 11.37 -65.21 27.08
CA ALA E 69 11.80 -64.80 25.75
C ALA E 69 10.79 -63.92 25.05
N ALA E 70 9.50 -64.25 25.14
CA ALA E 70 8.48 -63.35 24.63
C ALA E 70 8.49 -62.04 25.40
N LEU E 71 9.01 -62.06 26.63
CA LEU E 71 9.12 -60.85 27.42
C LEU E 71 10.02 -59.83 26.75
N SER E 72 11.15 -60.27 26.19
CA SER E 72 12.04 -59.34 25.48
C SER E 72 11.67 -59.24 24.00
N ALA E 73 10.89 -60.19 23.49
CA ALA E 73 10.38 -60.07 22.13
C ALA E 73 9.37 -58.93 22.02
N PHE E 74 8.47 -58.81 22.99
CA PHE E 74 7.38 -57.84 22.91
C PHE E 74 7.71 -56.52 23.58
N SER E 75 8.96 -56.31 23.98
CA SER E 75 9.32 -55.17 24.81
C SER E 75 10.04 -54.05 24.07
N GLN E 76 9.73 -53.83 22.80
CA GLN E 76 10.21 -52.63 22.12
C GLN E 76 9.21 -51.49 22.25
N ASN E 77 9.69 -50.27 22.05
CA ASN E 77 8.81 -49.11 22.19
C ASN E 77 7.64 -49.13 21.22
N PRO E 78 7.79 -49.45 19.93
CA PRO E 78 6.64 -49.88 19.14
C PRO E 78 6.53 -51.39 19.13
N ARG E 79 5.31 -51.89 19.05
CA ARG E 79 5.45 -53.31 19.32
C ARG E 79 5.12 -54.15 18.12
N PRO E 80 5.79 -55.29 17.94
CA PRO E 80 5.31 -56.27 16.96
C PRO E 80 4.05 -56.96 17.44
N ILE E 81 3.51 -57.88 16.62
CA ILE E 81 2.33 -58.64 17.00
C ILE E 81 2.54 -60.10 16.64
N ARG E 82 1.68 -60.95 17.18
CA ARG E 82 1.54 -62.37 16.80
C ARG E 82 2.89 -63.09 16.73
N LEU E 83 3.48 -63.32 17.90
CA LEU E 83 4.63 -64.21 17.99
C LEU E 83 4.20 -65.64 17.66
N LYS E 84 5.12 -66.39 17.05
CA LYS E 84 4.91 -67.78 16.68
C LYS E 84 5.49 -68.70 17.74
N VAL E 85 4.60 -69.20 18.61
CA VAL E 85 4.97 -69.91 19.83
C VAL E 85 5.36 -71.33 19.47
N GLY E 86 5.95 -72.06 20.42
CA GLY E 86 6.70 -73.25 20.11
C GLY E 86 6.05 -74.57 20.48
N TYR E 87 6.37 -75.58 19.66
CA TYR E 87 6.21 -76.98 19.98
C TYR E 87 7.30 -77.81 19.31
N ALA E 88 8.23 -77.16 18.61
CA ALA E 88 8.90 -77.77 17.46
C ALA E 88 9.71 -79.01 17.80
N ALA E 89 10.83 -78.85 18.47
CA ALA E 89 11.69 -79.96 18.88
C ALA E 89 11.40 -80.38 20.32
N THR E 90 10.15 -80.77 20.59
CA THR E 90 9.78 -81.16 21.94
C THR E 90 10.67 -82.26 22.52
N PRO E 91 11.04 -83.31 21.79
CA PRO E 91 12.05 -84.24 22.31
C PRO E 91 13.39 -83.54 22.51
N THR E 92 14.16 -84.03 23.48
CA THR E 92 15.40 -83.37 23.88
C THR E 92 16.53 -83.59 22.87
N GLY E 93 16.52 -82.83 21.78
CA GLY E 93 17.64 -82.81 20.86
C GLY E 93 17.78 -84.07 20.02
N GLY E 94 17.74 -85.21 20.69
CA GLY E 94 17.79 -86.49 19.99
C GLY E 94 17.75 -87.61 21.00
N ASP E 95 17.18 -88.73 20.56
CA ASP E 95 17.14 -89.91 21.44
C ASP E 95 18.54 -90.34 21.81
N ASP E 96 19.45 -90.32 20.84
CA ASP E 96 20.89 -90.30 21.12
C ASP E 96 21.27 -88.83 21.10
N ALA E 97 21.59 -88.29 22.27
CA ALA E 97 21.76 -86.84 22.39
C ALA E 97 22.83 -86.31 21.47
N ALA E 98 23.99 -86.97 21.41
CA ALA E 98 25.11 -86.46 20.62
C ALA E 98 24.80 -86.46 19.12
N LYS E 99 23.82 -87.25 18.69
CA LYS E 99 23.48 -87.36 17.28
C LYS E 99 22.57 -86.21 16.88
N LYS E 100 22.97 -85.52 15.81
CA LYS E 100 22.23 -84.37 15.29
C LYS E 100 21.20 -84.77 14.24
N ALA E 101 21.15 -86.05 13.86
CA ALA E 101 20.17 -86.48 12.86
C ALA E 101 18.75 -86.29 13.35
N ASP E 102 18.48 -86.63 14.63
CA ASP E 102 17.14 -86.43 15.17
C ASP E 102 16.76 -84.96 15.20
N PHE E 103 17.70 -84.09 15.56
CA PHE E 103 17.43 -82.65 15.54
C PHE E 103 17.17 -82.15 14.12
N ILE E 104 17.91 -82.67 13.14
CA ILE E 104 17.69 -82.26 11.75
C ILE E 104 16.31 -82.70 11.28
N THR E 105 15.91 -83.93 11.62
CA THR E 105 14.58 -84.40 11.24
C THR E 105 13.48 -83.62 11.97
N SER E 106 13.73 -83.25 13.23
CA SER E 106 12.78 -82.41 13.95
C SER E 106 12.62 -81.07 13.27
N LEU E 107 13.73 -80.48 12.82
CA LEU E 107 13.66 -79.25 12.06
C LEU E 107 12.90 -79.44 10.75
N GLY E 108 13.10 -80.58 10.09
CA GLY E 108 12.45 -80.83 8.82
C GLY E 108 11.00 -81.22 8.94
N ALA E 109 10.52 -81.48 10.15
CA ALA E 109 9.12 -81.80 10.37
C ALA E 109 8.32 -80.67 11.00
N ILE E 110 8.91 -79.49 11.20
CA ILE E 110 8.15 -78.36 11.72
C ILE E 110 7.79 -77.36 10.62
N LEU E 111 8.42 -77.45 9.45
CA LEU E 111 7.95 -76.68 8.31
C LEU E 111 6.58 -77.17 7.84
N ASN E 112 6.35 -78.47 7.94
CA ASN E 112 5.18 -79.08 7.31
C ASN E 112 3.87 -78.62 7.95
N TYR E 113 3.93 -77.95 9.09
CA TYR E 113 2.72 -77.36 9.64
C TYR E 113 2.60 -75.89 9.25
N ASP E 114 3.68 -75.13 9.36
CA ASP E 114 3.56 -73.69 9.18
C ASP E 114 4.79 -73.08 8.53
N GLN E 115 4.55 -72.16 7.59
CA GLN E 115 5.57 -71.34 6.95
C GLN E 115 5.08 -69.91 7.05
N ALA E 116 5.28 -69.31 8.22
CA ALA E 116 5.09 -67.89 8.40
C ALA E 116 6.21 -67.22 9.20
N PHE E 117 7.23 -67.97 9.62
CA PHE E 117 8.32 -67.39 10.38
C PHE E 117 9.53 -67.16 9.48
N TYR E 118 10.28 -66.11 9.82
CA TYR E 118 11.43 -65.68 9.04
C TYR E 118 12.74 -65.70 9.83
N GLN E 119 12.70 -65.42 11.12
CA GLN E 119 13.88 -65.39 11.98
C GLN E 119 13.75 -66.45 13.05
N ILE E 120 14.76 -67.32 13.15
CA ILE E 120 14.71 -68.50 14.00
C ILE E 120 15.57 -68.24 15.23
N THR E 121 14.95 -68.33 16.41
CA THR E 121 15.61 -68.06 17.68
C THR E 121 15.37 -69.22 18.63
N LEU E 122 16.44 -69.79 19.17
CA LEU E 122 16.37 -70.68 20.32
C LEU E 122 16.72 -69.86 21.57
N ASP E 123 16.04 -70.14 22.67
CA ASP E 123 16.16 -69.27 23.82
C ASP E 123 16.04 -70.06 25.11
N ALA E 124 16.80 -69.62 26.12
CA ALA E 124 16.74 -70.06 27.50
C ALA E 124 17.09 -71.53 27.67
N ALA E 125 17.31 -72.26 26.58
CA ALA E 125 17.68 -73.66 26.62
C ALA E 125 18.23 -74.00 25.25
N LEU E 126 18.71 -75.24 25.11
CA LEU E 126 19.39 -75.69 23.90
C LEU E 126 20.67 -74.93 23.64
N ARG E 127 21.08 -74.06 24.57
CA ARG E 127 22.23 -73.19 24.38
C ARG E 127 23.50 -74.03 24.48
N ASP E 128 24.45 -73.78 23.57
CA ASP E 128 25.76 -74.43 23.58
C ASP E 128 25.66 -75.95 23.43
N GLN E 129 24.66 -76.43 22.71
CA GLN E 129 24.57 -77.87 22.43
C GLN E 129 25.33 -78.20 21.15
N PRO E 130 26.07 -79.31 21.12
CA PRO E 130 26.74 -79.69 19.86
C PRO E 130 25.77 -80.06 18.75
N TYR E 131 24.54 -80.49 19.08
CA TYR E 131 23.59 -80.87 18.03
C TYR E 131 23.06 -79.66 17.28
N LEU E 132 23.34 -78.45 17.76
CA LEU E 132 22.81 -77.25 17.12
C LEU E 132 23.45 -77.00 15.77
N ASP E 133 24.52 -77.74 15.44
CA ASP E 133 25.16 -77.61 14.13
C ASP E 133 24.18 -77.89 12.99
N GLY E 134 23.14 -78.69 13.24
CA GLY E 134 22.14 -78.93 12.22
C GLY E 134 21.43 -77.67 11.78
N LEU E 135 21.11 -76.79 12.73
CA LEU E 135 20.44 -75.54 12.39
C LEU E 135 21.32 -74.68 11.49
N VAL E 136 22.61 -74.61 11.79
CA VAL E 136 23.55 -73.81 11.01
C VAL E 136 23.71 -74.38 9.61
N GLU E 137 23.81 -75.71 9.50
CA GLU E 137 23.94 -76.33 8.19
C GLU E 137 22.64 -76.25 7.39
N TRP E 138 21.50 -76.17 8.08
CA TRP E 138 20.20 -76.31 7.43
C TRP E 138 19.60 -74.99 7.00
N VAL E 139 19.78 -73.91 7.77
CA VAL E 139 19.21 -72.65 7.37
C VAL E 139 19.90 -72.10 6.12
N GLU E 140 21.08 -72.62 5.80
CA GLU E 140 21.66 -72.40 4.49
C GLU E 140 20.78 -73.01 3.41
N ALA E 141 20.58 -72.25 2.33
CA ALA E 141 19.62 -72.61 1.28
C ALA E 141 18.22 -72.78 1.86
N GLN E 142 17.81 -71.81 2.68
CA GLN E 142 16.49 -71.80 3.30
C GLN E 142 16.15 -70.35 3.60
N PRO E 143 15.08 -69.81 3.03
CA PRO E 143 14.85 -68.34 3.09
C PRO E 143 14.44 -67.87 4.49
N LYS E 144 15.37 -68.00 5.44
CA LYS E 144 15.17 -67.58 6.81
C LYS E 144 16.48 -67.03 7.37
N ILE E 145 16.43 -66.60 8.63
CA ILE E 145 17.59 -66.05 9.33
C ILE E 145 17.72 -66.76 10.67
N ALA E 146 18.89 -67.34 10.91
CA ALA E 146 19.15 -68.14 12.11
C ALA E 146 20.02 -67.35 13.08
N MET E 147 19.56 -67.23 14.32
CA MET E 147 20.28 -66.47 15.33
C MET E 147 20.32 -67.24 16.63
N ILE E 148 21.50 -67.26 17.24
CA ILE E 148 21.75 -68.04 18.45
C ILE E 148 22.42 -67.12 19.48
N ASP E 149 21.73 -66.91 20.61
CA ASP E 149 22.29 -66.09 21.69
C ASP E 149 22.78 -67.02 22.80
N SER E 150 24.09 -67.05 23.00
CA SER E 150 24.63 -67.79 24.12
C SER E 150 24.40 -67.02 25.41
N ASN E 151 24.37 -67.75 26.52
CA ASN E 151 24.40 -67.15 27.84
C ASN E 151 25.79 -67.10 28.43
N ALA E 152 26.72 -67.92 27.93
CA ALA E 152 28.10 -67.92 28.36
C ALA E 152 28.89 -68.86 27.45
N ALA E 153 30.12 -68.47 27.14
CA ALA E 153 31.04 -69.30 26.38
C ALA E 153 32.42 -68.66 26.43
N GLY E 154 33.35 -69.24 25.68
CA GLY E 154 34.72 -68.76 25.62
C GLY E 154 35.06 -68.06 24.32
N HIS E 155 34.14 -67.20 23.86
CA HIS E 155 34.41 -66.43 22.65
C HIS E 155 35.34 -65.27 22.94
N GLU E 156 35.70 -65.06 24.21
CA GLU E 156 36.56 -63.94 24.58
C GLU E 156 38.03 -64.26 24.38
N ASP E 157 38.36 -65.49 23.97
CA ASP E 157 39.71 -65.81 23.58
C ASP E 157 39.82 -65.67 22.08
N PRO E 158 40.64 -64.77 21.55
CA PRO E 158 40.76 -64.63 20.09
C PRO E 158 41.53 -65.77 19.44
N ALA E 159 41.70 -66.88 20.15
CA ALA E 159 42.41 -68.03 19.63
C ALA E 159 41.60 -69.33 19.60
N ASN E 160 40.67 -69.52 20.52
CA ASN E 160 40.02 -70.82 20.66
C ASN E 160 39.13 -71.11 19.45
N THR E 161 38.94 -72.41 19.19
CA THR E 161 38.18 -72.87 18.03
C THR E 161 37.03 -73.80 18.37
N THR E 162 36.65 -73.94 19.64
CA THR E 162 35.60 -74.87 20.00
C THR E 162 34.23 -74.20 20.09
N VAL E 163 34.16 -72.88 20.17
CA VAL E 163 32.89 -72.20 20.42
C VAL E 163 32.08 -72.13 19.13
N ILE E 164 30.81 -71.74 19.30
CA ILE E 164 29.88 -71.64 18.17
C ILE E 164 30.48 -70.76 17.07
N ALA E 165 30.86 -69.53 17.43
CA ALA E 165 31.28 -68.56 16.45
C ALA E 165 32.67 -68.83 15.89
N ALA E 166 33.39 -69.82 16.43
CA ALA E 166 34.68 -70.21 15.87
C ALA E 166 34.55 -71.35 14.88
N ARG E 167 33.87 -72.44 15.27
CA ARG E 167 33.76 -73.61 14.39
C ARG E 167 32.93 -73.29 13.16
N HIS E 168 32.20 -72.18 13.17
CA HIS E 168 31.48 -71.67 12.00
C HIS E 168 31.75 -70.18 11.88
N LYS E 169 32.81 -69.83 11.16
CA LYS E 169 33.19 -68.42 10.99
C LYS E 169 33.76 -68.26 9.60
N GLY E 170 33.15 -67.37 8.81
CA GLY E 170 33.59 -67.14 7.46
C GLY E 170 33.02 -68.11 6.44
N THR E 171 32.27 -69.11 6.88
CA THR E 171 31.67 -70.09 5.97
C THR E 171 30.16 -69.96 5.87
N VAL E 172 29.50 -69.32 6.84
CA VAL E 172 28.06 -69.17 6.86
C VAL E 172 27.70 -67.70 6.68
N GLU E 173 26.73 -67.42 5.82
CA GLU E 173 26.33 -66.06 5.52
C GLU E 173 24.88 -65.76 5.90
N ARG E 174 24.25 -66.60 6.74
CA ARG E 174 22.87 -66.38 7.12
C ARG E 174 22.64 -66.65 8.60
N THR E 175 23.70 -66.70 9.40
CA THR E 175 23.58 -66.95 10.82
C THR E 175 24.42 -65.94 11.59
N ALA E 176 24.00 -65.67 12.83
CA ALA E 176 24.73 -64.74 13.68
C ALA E 176 24.59 -65.18 15.13
N VAL E 177 25.46 -64.64 15.98
CA VAL E 177 25.56 -65.01 17.39
C VAL E 177 25.30 -63.76 18.22
N PHE E 178 24.43 -63.86 19.22
CA PHE E 178 24.27 -62.81 20.22
C PHE E 178 24.95 -63.21 21.53
N TYR E 179 26.27 -63.10 21.54
CA TYR E 179 27.04 -63.45 22.73
C TYR E 179 26.81 -62.46 23.85
N HIS E 180 26.75 -62.96 25.07
CA HIS E 180 26.44 -62.13 26.23
C HIS E 180 26.84 -62.91 27.48
N THR E 181 26.46 -62.38 28.65
CA THR E 181 26.58 -63.07 29.92
C THR E 181 25.26 -63.75 30.26
N ASP E 182 25.16 -64.26 31.49
CA ASP E 182 24.07 -65.17 31.85
C ASP E 182 22.75 -64.43 32.05
N SER E 183 21.66 -65.16 31.82
CA SER E 183 20.30 -64.89 32.28
C SER E 183 19.56 -63.80 31.51
N THR E 184 19.97 -63.45 30.29
CA THR E 184 19.27 -62.45 29.49
C THR E 184 18.94 -63.04 28.13
N GLU E 185 17.67 -62.97 27.75
CA GLU E 185 17.23 -63.29 26.39
C GLU E 185 17.50 -62.08 25.52
N TYR E 186 18.27 -62.27 24.45
CA TYR E 186 18.77 -61.14 23.67
C TYR E 186 18.29 -61.11 22.23
N LEU E 187 18.26 -62.24 21.52
CA LEU E 187 17.76 -62.25 20.15
C LEU E 187 16.40 -61.58 20.07
N ALA E 188 15.55 -61.83 21.05
CA ALA E 188 14.21 -61.25 21.05
C ALA E 188 14.24 -59.76 21.34
N ALA E 189 15.33 -59.28 21.95
CA ALA E 189 15.35 -57.89 22.43
C ALA E 189 15.27 -56.90 21.27
N SER E 190 16.03 -57.15 20.21
CA SER E 190 16.09 -56.23 19.07
C SER E 190 15.45 -56.83 17.83
N MET E 191 15.83 -58.05 17.45
CA MET E 191 15.19 -58.70 16.31
C MET E 191 13.71 -58.87 16.57
N ALA E 192 12.92 -58.74 15.51
CA ALA E 192 11.49 -59.03 15.58
C ALA E 192 10.76 -58.09 16.52
N ALA E 193 11.51 -57.20 17.18
CA ALA E 193 10.93 -56.15 17.99
C ALA E 193 11.28 -54.77 17.48
N TYR E 194 12.51 -54.59 17.01
CA TYR E 194 12.87 -53.45 16.18
C TYR E 194 12.96 -53.81 14.71
N MET E 195 13.51 -54.98 14.37
CA MET E 195 13.56 -55.42 12.99
C MET E 195 12.17 -55.55 12.40
N SER E 196 11.23 -56.09 13.18
CA SER E 196 9.90 -56.37 12.66
C SER E 196 9.20 -55.09 12.23
N THR E 197 9.22 -54.06 13.07
CA THR E 197 8.45 -52.87 12.75
C THR E 197 9.24 -51.92 11.86
N ARG E 198 9.84 -52.46 10.80
CA ARG E 198 10.54 -51.68 9.79
C ARG E 198 9.72 -51.74 8.51
N VAL E 199 9.22 -50.59 8.08
CA VAL E 199 8.36 -50.52 6.91
C VAL E 199 9.18 -49.93 5.77
N PHE E 200 9.49 -50.76 4.77
CA PHE E 200 10.28 -50.32 3.64
C PHE E 200 9.44 -49.70 2.54
N ASP E 201 8.14 -49.55 2.76
CA ASP E 201 7.27 -48.95 1.75
C ASP E 201 7.28 -47.43 1.80
N ASP E 202 8.03 -46.83 2.72
CA ASP E 202 8.17 -45.39 2.81
C ASP E 202 9.51 -44.96 2.24
N ALA E 203 9.60 -43.67 1.90
CA ALA E 203 10.85 -43.11 1.43
C ALA E 203 11.89 -43.09 2.54
N ASN E 204 13.13 -43.37 2.18
CA ASN E 204 14.29 -43.25 3.06
C ASN E 204 14.18 -44.13 4.30
N SER E 205 13.50 -45.27 4.18
CA SER E 205 13.35 -46.20 5.29
C SER E 205 14.36 -47.34 5.23
N ALA E 206 15.64 -47.01 5.09
CA ALA E 206 16.71 -48.00 5.04
C ALA E 206 17.52 -47.86 6.32
N TYR E 207 17.38 -48.83 7.22
CA TYR E 207 18.09 -48.79 8.49
C TYR E 207 19.40 -49.57 8.37
N THR E 208 20.10 -49.27 7.28
CA THR E 208 21.19 -50.13 6.77
C THR E 208 22.08 -50.68 7.89
N LEU E 209 22.19 -49.97 9.01
CA LEU E 209 23.12 -50.36 10.06
C LEU E 209 22.56 -51.44 10.98
N LYS E 210 21.51 -51.12 11.71
CA LYS E 210 21.13 -51.85 12.93
C LYS E 210 22.27 -51.86 13.93
N PHE E 211 23.08 -50.80 13.94
CA PHE E 211 24.38 -50.80 14.59
C PHE E 211 24.44 -49.95 15.85
N LYS E 212 23.58 -48.95 16.00
CA LYS E 212 23.47 -48.22 17.26
C LYS E 212 22.00 -48.06 17.62
N LYS E 213 21.43 -49.10 18.21
CA LYS E 213 20.00 -49.15 18.50
C LYS E 213 19.77 -49.63 19.92
N ALA E 214 18.91 -48.93 20.65
CA ALA E 214 18.58 -49.12 22.05
C ALA E 214 17.36 -50.02 22.21
N PRO E 215 17.48 -51.11 22.96
CA PRO E 215 16.30 -51.93 23.28
C PRO E 215 15.49 -51.28 24.39
N GLY E 216 14.38 -51.93 24.74
CA GLY E 216 13.49 -51.39 25.74
C GLY E 216 14.15 -51.23 27.10
N VAL E 217 14.47 -52.35 27.76
CA VAL E 217 15.19 -52.36 29.03
C VAL E 217 16.14 -53.54 29.01
N ARG E 218 17.41 -53.30 29.34
CA ARG E 218 18.36 -54.39 29.47
C ARG E 218 19.62 -53.86 30.15
N ALA E 219 20.62 -54.73 30.22
CA ALA E 219 21.88 -54.44 30.89
C ALA E 219 23.05 -54.68 29.96
N ILE E 220 24.15 -54.00 30.25
CA ILE E 220 25.36 -54.03 29.45
C ILE E 220 26.27 -55.15 29.94
N ASP E 221 27.23 -55.53 29.09
CA ASP E 221 28.35 -56.33 29.53
C ASP E 221 29.50 -55.40 29.93
N LYS E 222 30.69 -55.94 30.12
CA LYS E 222 31.83 -55.18 30.62
C LYS E 222 33.08 -55.43 29.80
N GLY E 223 33.96 -54.43 29.75
CA GLY E 223 35.28 -54.58 29.15
C GLY E 223 35.57 -53.66 27.98
N SER E 224 36.83 -53.61 27.58
CA SER E 224 37.24 -52.89 26.38
C SER E 224 38.01 -53.76 25.40
N ALA E 225 39.02 -54.48 25.86
CA ALA E 225 39.77 -55.39 25.01
C ALA E 225 39.11 -56.76 24.90
N VAL E 226 38.02 -56.97 25.64
CA VAL E 226 37.21 -58.17 25.49
C VAL E 226 36.09 -57.98 24.48
N VAL E 227 35.81 -56.74 24.08
CA VAL E 227 34.75 -56.41 23.15
C VAL E 227 35.29 -56.48 21.73
N THR E 228 36.56 -56.83 21.58
CA THR E 228 37.12 -57.04 20.25
C THR E 228 37.47 -58.50 19.97
N ALA E 229 37.67 -59.30 21.01
CA ALA E 229 37.65 -60.75 20.82
C ALA E 229 36.27 -61.19 20.38
N ILE E 230 35.24 -60.79 21.13
CA ILE E 230 33.89 -60.82 20.61
C ILE E 230 33.71 -59.68 19.62
N THR E 231 32.80 -59.87 18.66
CA THR E 231 32.49 -58.94 17.58
C THR E 231 33.65 -58.75 16.61
N GLY E 232 34.82 -59.33 16.87
CA GLY E 232 35.96 -59.28 15.98
C GLY E 232 36.23 -57.97 15.27
N PHE E 233 35.95 -56.85 15.91
CA PHE E 233 36.02 -55.54 15.29
C PHE E 233 37.32 -54.84 15.67
N VAL E 234 38.14 -54.54 14.67
CA VAL E 234 39.32 -53.72 14.90
C VAL E 234 38.97 -52.25 14.69
N GLU E 235 39.80 -51.36 15.21
CA GLU E 235 39.41 -49.97 15.41
C GLU E 235 39.01 -49.31 14.10
N GLN E 236 39.97 -49.12 13.20
CA GLN E 236 39.74 -48.36 11.97
C GLN E 236 39.86 -49.22 10.72
N THR E 237 40.52 -50.38 10.82
CA THR E 237 40.64 -51.26 9.67
C THR E 237 39.28 -51.79 9.22
N GLY E 238 38.47 -52.25 10.16
CA GLY E 238 37.20 -52.86 9.80
C GLY E 238 36.82 -53.98 10.74
N GLN E 239 36.62 -55.16 10.19
CA GLN E 239 36.33 -56.37 10.96
C GLN E 239 37.16 -57.51 10.37
N SER E 240 37.98 -58.13 11.21
CA SER E 240 38.91 -59.16 10.78
C SER E 240 38.47 -60.51 11.32
N GLU E 241 38.51 -61.53 10.47
CA GLU E 241 38.00 -62.84 10.83
C GLU E 241 38.94 -63.56 11.79
N SER E 242 40.25 -63.48 11.57
CA SER E 242 41.20 -64.20 12.39
C SER E 242 41.33 -63.61 13.79
N ALA E 243 41.11 -62.30 13.92
CA ALA E 243 41.33 -61.59 15.18
C ALA E 243 40.05 -61.39 15.98
N GLY E 244 39.14 -62.35 15.98
CA GLY E 244 37.96 -62.24 16.80
C GLY E 244 36.85 -63.11 16.27
N HIS E 245 35.76 -63.13 17.02
CA HIS E 245 34.56 -63.89 16.68
C HIS E 245 33.34 -62.97 16.71
N CYS E 246 32.60 -62.95 15.61
CA CYS E 246 31.51 -61.99 15.42
C CYS E 246 30.35 -62.31 16.35
N ALA E 247 29.84 -61.29 17.01
CA ALA E 247 28.63 -61.41 17.83
C ALA E 247 28.18 -60.00 18.23
N ASN E 248 27.16 -59.93 19.08
CA ASN E 248 26.56 -58.66 19.44
C ASN E 248 26.40 -58.60 20.95
N THR E 249 26.81 -57.48 21.54
CA THR E 249 26.98 -57.46 23.00
C THR E 249 26.34 -56.29 23.72
N LEU E 250 25.83 -55.27 23.03
CA LEU E 250 25.15 -54.13 23.67
C LEU E 250 26.07 -53.42 24.67
N ILE E 251 27.08 -52.76 24.12
CA ILE E 251 28.03 -51.98 24.92
C ILE E 251 27.40 -50.66 25.36
N ASP E 252 28.06 -49.96 26.27
CA ASP E 252 27.72 -48.58 26.59
C ASP E 252 28.98 -47.74 26.62
N ILE E 253 28.92 -46.57 25.97
CA ILE E 253 30.08 -45.69 25.80
C ILE E 253 29.93 -44.41 26.61
N GLY E 254 28.91 -43.62 26.32
CA GLY E 254 28.67 -42.44 27.13
C GLY E 254 27.78 -42.78 28.31
N ASP E 255 26.67 -42.06 28.44
CA ASP E 255 25.61 -42.52 29.32
C ASP E 255 24.55 -43.32 28.59
N GLN E 256 24.80 -43.67 27.32
CA GLN E 256 23.83 -44.40 26.51
C GLN E 256 24.29 -45.85 26.37
N GLU E 257 23.32 -46.75 26.26
CA GLU E 257 23.58 -48.15 25.95
C GLU E 257 22.94 -48.47 24.60
N PHE E 258 23.67 -49.19 23.75
CA PHE E 258 23.18 -49.47 22.41
C PHE E 258 23.85 -50.72 21.87
N LEU E 259 23.19 -51.34 20.90
CA LEU E 259 23.72 -52.54 20.27
C LEU E 259 24.97 -52.18 19.48
N VAL E 260 25.87 -53.15 19.31
CA VAL E 260 27.13 -52.89 18.62
C VAL E 260 27.45 -54.03 17.67
N GLU E 261 28.28 -53.69 16.69
CA GLU E 261 28.67 -54.47 15.50
C GLU E 261 27.55 -54.60 14.49
N GLY E 262 26.34 -54.13 14.78
CA GLY E 262 25.28 -54.16 13.79
C GLY E 262 24.88 -55.54 13.33
N SER E 263 25.06 -56.56 14.16
CA SER E 263 24.63 -57.92 13.87
C SER E 263 25.25 -58.45 12.59
N THR E 264 26.57 -58.61 12.62
CA THR E 264 27.22 -59.26 11.51
C THR E 264 26.90 -60.75 11.50
N LEU E 265 27.18 -61.38 10.36
CA LEU E 265 27.05 -62.81 10.18
C LEU E 265 28.38 -63.48 9.87
N THR E 266 29.13 -62.90 8.94
CA THR E 266 30.49 -63.29 8.61
C THR E 266 31.28 -61.99 8.55
N GLN E 267 32.47 -62.03 7.96
CA GLN E 267 33.45 -60.97 8.17
C GLN E 267 32.87 -59.57 7.96
N ASN E 268 32.15 -59.36 6.85
CA ASN E 268 31.61 -58.04 6.55
C ASN E 268 30.21 -58.14 5.94
N VAL E 269 29.35 -58.95 6.55
CA VAL E 269 27.98 -59.13 6.10
C VAL E 269 27.08 -58.72 7.25
N PHE E 270 26.17 -57.79 7.01
CA PHE E 270 25.38 -57.22 8.08
C PHE E 270 23.91 -57.63 7.97
N LEU E 271 23.17 -57.39 9.04
CA LEU E 271 21.82 -57.93 9.16
C LEU E 271 20.85 -57.20 8.25
N ASP E 272 21.01 -55.89 8.09
CA ASP E 272 20.04 -55.14 7.28
C ASP E 272 20.11 -55.52 5.82
N GLU E 273 21.28 -55.88 5.30
CA GLU E 273 21.34 -56.35 3.93
C GLU E 273 20.42 -57.54 3.71
N ILE E 274 20.52 -58.54 4.60
CA ILE E 274 19.68 -59.73 4.48
C ILE E 274 18.22 -59.36 4.65
N HIS E 275 17.91 -58.55 5.67
CA HIS E 275 16.52 -58.20 5.92
C HIS E 275 15.90 -57.46 4.73
N ALA E 276 16.62 -56.51 4.15
CA ALA E 276 16.09 -55.71 3.06
C ALA E 276 15.93 -56.52 1.78
N THR E 277 16.94 -57.34 1.44
CA THR E 277 16.80 -58.18 0.25
C THR E 277 15.68 -59.19 0.41
N ASP E 278 15.48 -59.70 1.63
CA ASP E 278 14.37 -60.61 1.85
C ASP E 278 13.02 -59.91 1.76
N TRP E 279 12.97 -58.64 2.16
CA TRP E 279 11.77 -57.86 1.90
C TRP E 279 11.51 -57.72 0.40
N ILE E 280 12.58 -57.50 -0.37
CA ILE E 280 12.43 -57.39 -1.82
C ILE E 280 11.85 -58.67 -2.39
N ILE E 281 12.39 -59.81 -1.97
CA ILE E 281 11.91 -61.10 -2.50
C ILE E 281 10.46 -61.34 -2.10
N ALA E 282 10.14 -61.14 -0.83
CA ALA E 282 8.79 -61.37 -0.34
C ALA E 282 7.78 -60.42 -0.94
N ARG E 283 8.20 -59.22 -1.34
CA ARG E 283 7.31 -58.28 -2.00
C ARG E 283 7.06 -58.67 -3.46
N THR E 284 8.11 -59.13 -4.17
CA THR E 284 7.89 -59.63 -5.52
C THR E 284 6.98 -60.85 -5.53
N GLU E 285 7.11 -61.72 -4.52
CA GLU E 285 6.18 -62.84 -4.41
C GLU E 285 4.74 -62.38 -4.30
N GLU E 286 4.49 -61.40 -3.43
CA GLU E 286 3.14 -60.92 -3.20
C GLU E 286 2.57 -60.27 -4.44
N GLU E 287 3.37 -59.48 -5.15
CA GLU E 287 2.87 -58.84 -6.36
C GLU E 287 2.64 -59.86 -7.48
N MET E 288 3.48 -60.88 -7.59
CA MET E 288 3.22 -61.93 -8.56
C MET E 288 1.91 -62.64 -8.27
N LEU E 289 1.67 -62.98 -6.99
CA LEU E 289 0.41 -63.64 -6.65
C LEU E 289 -0.79 -62.73 -6.92
N SER E 290 -0.67 -61.45 -6.60
CA SER E 290 -1.74 -60.52 -6.90
C SER E 290 -1.97 -60.33 -8.40
N LEU E 291 -0.96 -60.58 -9.23
CA LEU E 291 -1.17 -60.60 -10.68
C LEU E 291 -1.89 -61.84 -11.17
N PHE E 292 -1.69 -63.00 -10.55
CA PHE E 292 -2.36 -64.21 -10.97
C PHE E 292 -3.82 -64.25 -10.56
N LEU E 293 -4.23 -63.44 -9.58
CA LEU E 293 -5.60 -63.45 -9.11
C LEU E 293 -6.48 -62.43 -9.82
N ASN E 294 -5.91 -61.37 -10.38
CA ASN E 294 -6.71 -60.36 -11.07
C ASN E 294 -7.05 -60.80 -12.50
N ASN E 295 -6.06 -61.22 -13.25
CA ASN E 295 -6.27 -61.56 -14.65
C ASN E 295 -7.10 -62.82 -14.78
N ASP E 296 -7.83 -62.92 -15.89
CA ASP E 296 -8.39 -64.21 -16.28
C ASP E 296 -7.28 -65.24 -16.40
N ARG E 297 -6.37 -65.03 -17.36
CA ARG E 297 -5.18 -65.85 -17.53
C ARG E 297 -3.97 -64.98 -17.82
N VAL E 298 -2.80 -65.60 -17.75
CA VAL E 298 -1.55 -65.04 -18.27
C VAL E 298 -1.09 -65.97 -19.40
N PRO E 299 -1.15 -65.54 -20.65
CA PRO E 299 -0.84 -66.45 -21.77
C PRO E 299 0.65 -66.75 -21.86
N PHE E 300 0.94 -67.85 -22.54
CA PHE E 300 2.31 -68.33 -22.73
C PHE E 300 2.88 -67.80 -24.05
N THR E 301 2.95 -66.47 -24.13
CA THR E 301 3.48 -65.78 -25.30
C THR E 301 4.49 -64.75 -24.83
N ASP E 302 4.95 -63.91 -25.76
CA ASP E 302 5.85 -62.82 -25.38
C ASP E 302 5.10 -61.72 -24.64
N GLN E 303 3.83 -61.48 -24.98
CA GLN E 303 3.03 -60.52 -24.26
C GLN E 303 2.87 -60.94 -22.80
N GLY E 304 2.68 -62.24 -22.55
CA GLY E 304 2.67 -62.73 -21.20
C GLY E 304 3.97 -62.56 -20.46
N MET E 305 5.10 -62.76 -21.14
CA MET E 305 6.39 -62.55 -20.50
C MET E 305 6.58 -61.10 -20.09
N GLN E 306 6.17 -60.16 -20.95
CA GLN E 306 6.26 -58.76 -20.57
C GLN E 306 5.30 -58.42 -19.43
N GLN E 307 4.10 -59.00 -19.44
CA GLN E 307 3.18 -58.79 -18.34
C GLN E 307 3.77 -59.30 -17.02
N LEU E 308 4.43 -60.45 -17.05
CA LEU E 308 5.09 -60.96 -15.85
C LEU E 308 6.25 -60.07 -15.42
N ALA E 309 7.06 -59.62 -16.38
CA ALA E 309 8.24 -58.82 -16.05
C ALA E 309 7.88 -57.42 -15.60
N SER E 310 6.63 -57.00 -15.78
CA SER E 310 6.22 -55.69 -15.27
C SER E 310 6.31 -55.59 -13.75
N VAL E 311 6.38 -56.72 -13.04
CA VAL E 311 6.37 -56.73 -11.57
C VAL E 311 7.72 -56.35 -10.98
N PRO E 312 8.83 -57.01 -11.36
CA PRO E 312 10.13 -56.55 -10.86
C PRO E 312 10.46 -55.11 -11.22
N ARG E 313 9.95 -54.60 -12.34
CA ARG E 313 10.21 -53.21 -12.69
C ARG E 313 9.62 -52.24 -11.68
N ALA E 314 8.41 -52.50 -11.20
CA ALA E 314 7.82 -51.69 -10.14
C ALA E 314 8.50 -51.91 -8.79
N ILE E 315 8.88 -53.15 -8.49
CA ILE E 315 9.52 -53.41 -7.21
C ILE E 315 10.87 -52.71 -7.12
N MET E 316 11.61 -52.65 -8.23
CA MET E 316 12.92 -52.00 -8.19
C MET E 316 12.79 -50.49 -8.01
N GLN E 317 11.77 -49.87 -8.61
CA GLN E 317 11.53 -48.45 -8.38
C GLN E 317 11.11 -48.19 -6.94
N LEU E 318 10.31 -49.11 -6.37
CA LEU E 318 9.97 -49.02 -4.95
C LEU E 318 11.20 -49.13 -4.05
N ALA E 319 12.13 -50.03 -4.36
CA ALA E 319 13.32 -50.26 -3.56
C ALA E 319 14.35 -49.15 -3.68
N ALA E 320 14.50 -48.56 -4.87
CA ALA E 320 15.46 -47.47 -5.02
C ALA E 320 15.00 -46.22 -4.27
N ARG E 321 13.70 -46.09 -4.02
CA ARG E 321 13.18 -44.95 -3.28
C ARG E 321 13.47 -45.09 -1.79
N ALA E 322 13.37 -46.30 -1.26
CA ALA E 322 13.63 -46.52 0.16
C ALA E 322 15.09 -46.25 0.49
N GLY E 323 15.99 -46.47 -0.46
CA GLY E 323 17.40 -46.24 -0.24
C GLY E 323 18.21 -47.51 -0.24
N ILE E 324 17.62 -48.61 -0.68
CA ILE E 324 18.28 -49.91 -0.68
C ILE E 324 19.11 -50.06 -1.94
N VAL E 325 18.61 -49.56 -3.06
CA VAL E 325 19.29 -49.63 -4.34
C VAL E 325 20.03 -48.31 -4.55
N ALA E 326 21.18 -48.39 -5.23
CA ALA E 326 22.11 -47.28 -5.33
C ALA E 326 21.59 -46.21 -6.30
N LEU E 327 22.31 -45.08 -6.32
CA LEU E 327 21.93 -43.91 -7.10
C LEU E 327 22.73 -43.79 -8.40
N ASP E 328 22.59 -44.78 -9.28
CA ASP E 328 22.81 -44.61 -10.72
C ASP E 328 24.18 -44.03 -11.07
N LEU E 329 25.16 -44.17 -10.18
CA LEU E 329 26.50 -43.63 -10.42
C LEU E 329 27.53 -44.68 -10.05
N ASN E 330 28.60 -44.76 -10.82
CA ASN E 330 29.67 -45.71 -10.57
C ASN E 330 30.35 -45.39 -9.25
N PRO E 331 30.42 -46.32 -8.29
CA PRO E 331 31.05 -46.01 -7.01
C PRO E 331 32.54 -45.79 -7.11
N LEU E 332 33.19 -46.31 -8.15
CA LEU E 332 34.62 -46.14 -8.30
C LEU E 332 34.97 -44.74 -8.79
N THR E 333 34.40 -44.32 -9.90
CA THR E 333 34.80 -43.09 -10.57
C THR E 333 33.74 -42.00 -10.56
N GLY E 334 32.50 -42.30 -10.18
CA GLY E 334 31.45 -41.32 -10.23
C GLY E 334 30.83 -41.10 -11.59
N ALA E 335 31.20 -41.90 -12.58
CA ALA E 335 30.63 -41.83 -13.91
C ALA E 335 29.26 -42.51 -13.92
N TYR E 336 28.48 -42.24 -14.96
CA TYR E 336 27.13 -42.79 -15.04
C TYR E 336 27.16 -44.30 -15.24
N GLU E 337 26.32 -44.99 -14.49
CA GLU E 337 26.13 -46.43 -14.65
C GLU E 337 24.73 -46.80 -14.19
N PRO E 338 24.01 -47.63 -14.94
CA PRO E 338 22.65 -48.01 -14.53
C PRO E 338 22.66 -48.75 -13.20
N ALA E 339 21.67 -48.45 -12.36
CA ALA E 339 21.60 -49.07 -11.04
C ALA E 339 21.05 -50.49 -11.13
N TYR E 340 20.06 -50.71 -11.98
CA TYR E 340 19.45 -52.03 -12.15
C TYR E 340 18.98 -52.21 -13.58
N THR E 341 19.03 -53.44 -14.07
CA THR E 341 18.49 -53.81 -15.37
C THR E 341 17.61 -55.02 -15.23
N ILE E 342 16.65 -55.16 -16.14
CA ILE E 342 15.72 -56.29 -16.18
C ILE E 342 15.68 -56.82 -17.60
N THR E 343 16.06 -58.08 -17.78
CA THR E 343 16.07 -58.72 -19.09
C THR E 343 15.03 -59.84 -19.13
N VAL E 344 14.17 -59.80 -20.14
CA VAL E 344 13.05 -60.71 -20.30
C VAL E 344 13.43 -61.74 -21.36
N PRO E 345 13.25 -63.04 -21.11
CA PRO E 345 13.62 -64.04 -22.11
C PRO E 345 12.57 -64.19 -23.20
N SER E 346 12.90 -64.99 -24.20
CA SER E 346 11.98 -65.29 -25.28
C SER E 346 11.44 -66.70 -25.10
N VAL E 347 10.11 -66.85 -25.21
CA VAL E 347 9.52 -68.18 -25.33
C VAL E 347 9.67 -68.74 -26.74
N PHE E 348 10.10 -67.91 -27.69
CA PHE E 348 10.05 -68.26 -29.11
C PHE E 348 10.86 -69.48 -29.45
N ASP E 349 12.14 -69.49 -29.06
CA ASP E 349 13.03 -70.60 -29.35
C ASP E 349 13.08 -71.63 -28.24
N ILE E 350 12.38 -71.39 -27.14
CA ILE E 350 12.14 -72.47 -26.17
C ILE E 350 11.18 -73.42 -26.85
N PRO E 351 11.55 -74.69 -27.02
CA PRO E 351 10.73 -75.61 -27.83
C PRO E 351 9.34 -75.81 -27.26
N GLU E 352 8.41 -76.16 -28.16
CA GLU E 352 7.10 -76.61 -27.72
C GLU E 352 7.20 -77.88 -26.88
N SER E 353 8.29 -78.63 -27.04
CA SER E 353 8.55 -79.75 -26.16
C SER E 353 8.60 -79.31 -24.71
N GLN E 354 9.12 -78.12 -24.46
CA GLN E 354 9.14 -77.55 -23.12
C GLN E 354 7.99 -76.59 -22.86
N ARG E 355 7.36 -76.04 -23.90
CA ARG E 355 6.25 -75.11 -23.74
C ARG E 355 5.08 -75.72 -22.99
N LYS E 356 4.79 -77.00 -23.23
CA LYS E 356 3.64 -77.64 -22.60
C LYS E 356 3.80 -77.77 -21.09
N ALA E 357 4.93 -77.34 -20.53
CA ALA E 357 5.20 -77.49 -19.11
C ALA E 357 4.35 -76.57 -18.25
N ARG E 358 3.88 -75.45 -18.79
CA ARG E 358 3.20 -74.41 -18.04
C ARG E 358 4.10 -73.81 -16.97
N ILE E 359 5.41 -73.95 -17.16
CA ILE E 359 6.41 -73.31 -16.32
C ILE E 359 7.14 -72.28 -17.16
N ALA E 360 7.00 -71.03 -16.80
CA ALA E 360 7.57 -69.94 -17.59
C ALA E 360 9.09 -69.93 -17.48
N PRO E 361 9.77 -69.43 -18.50
CA PRO E 361 11.23 -69.23 -18.39
C PRO E 361 11.59 -68.15 -17.38
N ALA E 362 12.86 -68.13 -16.98
CA ALA E 362 13.32 -67.29 -15.88
C ALA E 362 13.62 -65.88 -16.34
N ILE E 363 13.25 -64.90 -15.53
CA ILE E 363 13.56 -63.49 -15.74
C ILE E 363 14.73 -63.12 -14.83
N GLN E 364 15.70 -62.40 -15.39
CA GLN E 364 16.92 -62.04 -14.67
C GLN E 364 16.96 -60.56 -14.38
N VAL E 365 17.34 -60.22 -13.15
CA VAL E 365 17.36 -58.83 -12.68
C VAL E 365 18.74 -58.54 -12.10
N ARG E 366 19.13 -57.26 -12.12
CA ARG E 366 20.45 -56.83 -11.69
C ARG E 366 20.33 -55.78 -10.59
N PHE E 367 21.35 -55.69 -9.76
CA PHE E 367 21.30 -54.97 -8.51
C PHE E 367 22.43 -53.95 -8.40
N ARG E 368 22.40 -53.20 -7.31
CA ARG E 368 23.57 -52.55 -6.75
C ARG E 368 23.16 -52.05 -5.37
N TYR E 369 23.93 -52.44 -4.36
CA TYR E 369 23.54 -52.11 -2.99
C TYR E 369 24.07 -50.74 -2.59
N ALA E 370 23.32 -50.06 -1.75
CA ALA E 370 23.73 -48.79 -1.16
C ALA E 370 23.93 -48.98 0.34
N GLY E 371 25.19 -48.92 0.77
CA GLY E 371 25.51 -49.13 2.17
C GLY E 371 25.42 -47.84 2.98
N ALA E 372 25.97 -47.91 4.19
CA ALA E 372 25.97 -46.77 5.09
C ALA E 372 27.26 -46.77 5.89
N VAL E 373 27.36 -45.87 6.87
CA VAL E 373 28.61 -45.54 7.54
C VAL E 373 28.58 -46.08 8.97
N HIS E 374 29.69 -46.72 9.38
CA HIS E 374 29.86 -47.22 10.73
C HIS E 374 30.93 -46.51 11.54
N TYR E 375 31.84 -45.79 10.90
CA TYR E 375 33.04 -45.28 11.56
C TYR E 375 33.47 -44.00 10.87
N SER E 376 33.90 -43.02 11.67
CA SER E 376 34.22 -41.69 11.16
C SER E 376 35.63 -41.30 11.58
N VAL E 377 36.24 -40.39 10.82
CA VAL E 377 37.60 -39.93 11.07
C VAL E 377 37.64 -38.41 10.90
N ILE E 378 38.31 -37.72 11.83
CA ILE E 378 38.53 -36.27 11.76
C ILE E 378 39.97 -35.99 12.20
N ASN E 379 40.64 -35.07 11.50
CA ASN E 379 42.09 -34.92 11.65
C ASN E 379 42.54 -33.77 12.53
N TYR E 380 42.02 -32.54 12.36
CA TYR E 380 42.25 -31.44 13.31
C TYR E 380 43.73 -31.08 13.45
N THR E 381 44.29 -30.49 12.39
CA THR E 381 45.64 -29.90 12.48
C THR E 381 45.56 -28.54 13.16
N MET E 382 46.55 -28.23 13.99
CA MET E 382 46.60 -27.00 14.76
C MET E 382 47.84 -26.21 14.40
N THR E 383 47.71 -24.90 14.26
CA THR E 383 48.82 -24.09 13.77
C THR E 383 49.25 -22.97 14.70
N PHE E 384 48.40 -22.56 15.64
CA PHE E 384 48.75 -21.47 16.56
C PHE E 384 49.08 -20.19 15.82
N LYS F 3 -64.46 8.34 15.91
CA LYS F 3 -63.94 8.23 14.56
C LYS F 3 -64.26 6.86 14.00
N LEU F 4 -63.22 6.13 13.62
CA LEU F 4 -63.37 4.76 13.16
C LEU F 4 -62.25 3.94 13.77
N PRO F 5 -62.44 2.64 13.98
CA PRO F 5 -61.35 1.82 14.51
C PRO F 5 -60.32 1.51 13.43
N TYR F 6 -59.15 1.06 13.88
CA TYR F 6 -58.16 0.56 12.93
C TYR F 6 -58.56 -0.78 12.35
N SER F 7 -59.51 -1.48 12.96
CA SER F 7 -60.01 -2.73 12.43
C SER F 7 -60.78 -2.53 11.13
N ARG F 8 -60.94 -1.29 10.68
CA ARG F 8 -61.53 -1.03 9.38
C ARG F 8 -60.61 -1.42 8.23
N VAL F 9 -59.30 -1.34 8.42
CA VAL F 9 -58.35 -1.63 7.36
C VAL F 9 -57.41 -2.79 7.69
N THR F 10 -57.28 -3.19 8.95
CA THR F 10 -56.44 -4.32 9.33
C THR F 10 -57.17 -5.16 10.35
N ASN F 11 -56.53 -6.25 10.78
CA ASN F 11 -57.09 -7.10 11.81
C ASN F 11 -55.92 -7.69 12.59
N VAL F 12 -55.67 -7.15 13.79
CA VAL F 12 -54.58 -7.59 14.65
C VAL F 12 -55.21 -8.13 15.93
N THR F 13 -54.92 -9.38 16.26
CA THR F 13 -55.48 -10.03 17.43
C THR F 13 -54.36 -10.43 18.40
N LEU F 14 -54.75 -11.11 19.48
CA LEU F 14 -53.79 -11.61 20.46
C LEU F 14 -54.48 -12.70 21.28
N THR F 15 -53.88 -13.89 21.31
CA THR F 15 -54.35 -14.98 22.13
C THR F 15 -53.24 -15.40 23.10
N ARG F 16 -53.61 -16.19 24.11
CA ARG F 16 -52.66 -16.73 25.08
C ARG F 16 -52.56 -18.24 24.84
N THR F 17 -51.72 -18.64 23.90
CA THR F 17 -51.52 -20.06 23.60
C THR F 17 -50.07 -20.23 23.14
N ASP F 18 -49.70 -21.48 22.83
CA ASP F 18 -48.36 -21.81 22.36
C ASP F 18 -48.45 -22.26 20.92
N ASN F 19 -47.63 -21.65 20.06
CA ASN F 19 -47.59 -21.97 18.64
C ASN F 19 -46.16 -22.27 18.23
N PHE F 20 -45.98 -23.39 17.54
CA PHE F 20 -44.68 -23.81 17.02
C PHE F 20 -44.75 -23.81 15.50
N PRO F 21 -43.61 -23.72 14.83
CA PRO F 21 -43.61 -23.80 13.37
C PRO F 21 -44.09 -25.16 12.88
N THR F 22 -44.55 -25.17 11.63
CA THR F 22 -45.26 -26.34 11.10
C THR F 22 -44.32 -27.49 10.81
N ARG F 23 -43.37 -27.29 9.89
CA ARG F 23 -42.35 -28.30 9.59
C ARG F 23 -43.00 -29.61 9.12
N ARG F 24 -43.56 -29.55 7.91
CA ARG F 24 -44.11 -30.74 7.27
C ARG F 24 -43.05 -31.84 7.17
N GLY F 25 -43.51 -33.08 7.12
CA GLY F 25 -42.61 -34.22 7.11
C GLY F 25 -43.08 -35.35 6.23
N PHE F 26 -42.97 -36.59 6.70
CA PHE F 26 -43.32 -37.73 5.85
C PHE F 26 -44.73 -38.24 6.05
N GLY F 27 -45.07 -38.73 7.24
CA GLY F 27 -46.21 -39.64 7.33
C GLY F 27 -47.39 -39.27 8.21
N THR F 28 -48.30 -40.24 8.41
CA THR F 28 -49.46 -40.12 9.28
C THR F 28 -49.65 -41.42 10.06
N GLN F 29 -50.24 -41.31 11.25
CA GLN F 29 -50.55 -42.48 12.08
C GLN F 29 -52.06 -42.69 12.18
N LEU F 30 -52.43 -43.88 12.66
CA LEU F 30 -53.83 -44.26 12.80
C LEU F 30 -54.13 -44.58 14.25
N ILE F 31 -55.28 -44.11 14.73
CA ILE F 31 -55.75 -44.35 16.10
C ILE F 31 -57.06 -45.11 16.02
N LEU F 32 -57.02 -46.40 16.29
CA LEU F 32 -58.20 -47.24 16.20
C LEU F 32 -58.69 -47.57 17.60
N THR F 33 -59.99 -47.39 17.82
CA THR F 33 -60.64 -47.76 19.07
C THR F 33 -62.08 -48.17 18.77
N HIS F 34 -62.90 -48.24 19.82
CA HIS F 34 -64.29 -48.63 19.67
C HIS F 34 -65.26 -47.48 19.85
N THR F 35 -64.77 -46.32 20.30
CA THR F 35 -65.64 -45.16 20.49
C THR F 35 -66.08 -44.59 19.15
N ALA F 36 -67.33 -44.14 19.09
CA ALA F 36 -67.87 -43.44 17.94
C ALA F 36 -68.47 -42.12 18.39
N VAL F 37 -68.38 -41.11 17.54
CA VAL F 37 -68.80 -39.75 17.92
C VAL F 37 -70.14 -39.37 17.31
N SER F 38 -70.67 -40.14 16.37
CA SER F 38 -72.03 -40.06 15.84
C SER F 38 -72.26 -38.84 14.95
N GLY F 39 -71.33 -37.90 14.89
CA GLY F 39 -71.49 -36.73 14.04
C GLY F 39 -70.47 -36.70 12.93
N GLN F 40 -69.40 -37.48 13.08
CA GLN F 40 -68.30 -37.48 12.14
C GLN F 40 -67.73 -38.85 11.82
N VAL F 41 -68.18 -39.93 12.46
CA VAL F 41 -67.75 -41.27 12.11
C VAL F 41 -68.93 -42.22 11.96
N ASP F 42 -70.15 -41.72 12.10
CA ASP F 42 -71.32 -42.57 12.32
C ASP F 42 -71.63 -43.33 11.04
N ALA F 43 -70.84 -44.38 10.80
CA ALA F 43 -71.00 -45.30 9.68
C ALA F 43 -70.72 -44.62 8.34
N THR F 44 -70.52 -43.31 8.35
CA THR F 44 -70.21 -42.56 7.14
C THR F 44 -68.72 -42.41 6.91
N LYS F 45 -67.92 -42.55 7.96
CA LYS F 45 -66.48 -42.37 7.90
C LYS F 45 -65.84 -43.41 8.83
N ARG F 46 -65.44 -44.55 8.27
CA ARG F 46 -64.64 -45.49 9.05
C ARG F 46 -63.35 -44.85 9.52
N THR F 47 -62.87 -43.82 8.82
CA THR F 47 -61.80 -42.95 9.29
C THR F 47 -62.21 -41.52 9.00
N LYS F 48 -61.63 -40.58 9.73
CA LYS F 48 -61.87 -39.15 9.50
C LYS F 48 -60.57 -38.41 9.74
N LEU F 49 -60.28 -37.45 8.88
CA LEU F 49 -59.08 -36.63 9.02
C LEU F 49 -59.41 -35.35 9.77
N TYR F 50 -58.36 -34.63 10.15
CA TYR F 50 -58.49 -33.39 10.90
C TYR F 50 -57.53 -32.36 10.31
N ALA F 51 -57.28 -31.31 11.06
CA ALA F 51 -56.24 -30.36 10.73
C ALA F 51 -55.35 -30.03 11.92
N SER F 52 -55.92 -29.93 13.12
CA SER F 52 -55.19 -29.53 14.31
C SER F 52 -55.97 -30.08 15.50
N LEU F 53 -55.30 -30.12 16.65
CA LEU F 53 -55.93 -30.64 17.86
C LEU F 53 -57.00 -29.69 18.40
N ALA F 54 -56.70 -28.39 18.43
CA ALA F 54 -57.60 -27.43 19.03
C ALA F 54 -59.00 -27.52 18.42
N GLU F 55 -59.06 -27.70 17.10
CA GLU F 55 -60.35 -27.79 16.43
C GLU F 55 -61.10 -29.09 16.75
N VAL F 56 -60.63 -29.88 17.71
CA VAL F 56 -61.36 -31.10 18.06
C VAL F 56 -62.58 -30.75 18.90
N GLU F 57 -63.73 -31.13 18.41
CA GLU F 57 -64.99 -31.02 19.15
C GLU F 57 -65.75 -32.33 19.15
N ALA F 58 -65.69 -33.11 18.07
CA ALA F 58 -66.47 -34.34 17.95
C ALA F 58 -66.11 -35.33 19.05
N ASP F 59 -64.81 -35.53 19.30
CA ASP F 59 -64.39 -36.38 20.39
C ASP F 59 -64.13 -35.55 21.66
N TYR F 60 -64.75 -35.99 22.75
CA TYR F 60 -64.78 -35.19 23.98
C TYR F 60 -63.36 -34.92 24.46
N PRO F 61 -63.07 -33.70 24.94
CA PRO F 61 -61.71 -33.39 25.41
C PRO F 61 -61.36 -34.09 26.72
N ALA F 62 -62.16 -35.07 27.13
CA ALA F 62 -61.82 -35.83 28.33
C ALA F 62 -61.75 -37.33 28.07
N ASN F 63 -62.23 -37.82 26.93
CA ASN F 63 -62.23 -39.26 26.70
C ASN F 63 -60.81 -39.79 26.60
N THR F 64 -60.59 -40.95 27.21
CA THR F 64 -59.23 -41.45 27.34
C THR F 64 -58.67 -41.88 26.00
N SER F 65 -59.53 -42.30 25.08
CA SER F 65 -59.05 -42.92 23.84
C SER F 65 -58.47 -41.89 22.89
N VAL F 66 -59.30 -40.99 22.38
CA VAL F 66 -58.89 -40.16 21.25
C VAL F 66 -58.17 -38.91 21.71
N TYR F 67 -58.80 -38.14 22.61
CA TYR F 67 -58.20 -36.87 23.02
C TYR F 67 -56.90 -37.08 23.79
N LYS F 68 -56.86 -38.05 24.71
CA LYS F 68 -55.64 -38.26 25.48
C LYS F 68 -54.52 -38.87 24.66
N ALA F 69 -54.82 -39.43 23.50
CA ALA F 69 -53.80 -39.93 22.58
C ALA F 69 -53.37 -38.90 21.55
N ALA F 70 -54.32 -38.15 20.98
CA ALA F 70 -53.95 -37.03 20.13
C ALA F 70 -53.19 -35.98 20.92
N LEU F 71 -53.39 -35.96 22.24
CA LEU F 71 -52.67 -35.03 23.09
C LEU F 71 -51.17 -35.26 23.02
N SER F 72 -50.74 -36.53 23.04
CA SER F 72 -49.31 -36.82 22.93
C SER F 72 -48.88 -36.98 21.48
N ALA F 73 -49.85 -37.18 20.58
CA ALA F 73 -49.53 -37.19 19.15
C ALA F 73 -49.10 -35.80 18.66
N PHE F 74 -49.82 -34.77 19.09
CA PHE F 74 -49.58 -33.42 18.58
C PHE F 74 -48.62 -32.61 19.44
N SER F 75 -47.96 -33.25 20.40
CA SER F 75 -47.19 -32.52 21.41
C SER F 75 -45.69 -32.60 21.21
N GLN F 76 -45.20 -32.65 19.97
CA GLN F 76 -43.79 -32.49 19.70
C GLN F 76 -43.45 -31.03 19.44
N ASN F 77 -42.18 -30.68 19.60
CA ASN F 77 -41.76 -29.30 19.41
C ASN F 77 -42.04 -28.80 17.99
N PRO F 78 -41.73 -29.53 16.91
CA PRO F 78 -42.38 -29.23 15.64
C PRO F 78 -43.62 -30.09 15.44
N ARG F 79 -44.59 -29.55 14.74
CA ARG F 79 -45.74 -30.43 14.93
C ARG F 79 -46.14 -31.11 13.63
N PRO F 80 -46.62 -32.35 13.70
CA PRO F 80 -47.27 -32.94 12.53
C PRO F 80 -48.62 -32.31 12.28
N ILE F 81 -49.33 -32.75 11.24
CA ILE F 81 -50.67 -32.25 10.92
C ILE F 81 -51.57 -33.44 10.59
N ARG F 82 -52.87 -33.16 10.56
CA ARG F 82 -53.92 -34.06 10.06
C ARG F 82 -53.76 -35.49 10.57
N LEU F 83 -54.06 -35.66 11.86
CA LEU F 83 -54.21 -37.01 12.41
C LEU F 83 -55.42 -37.69 11.80
N LYS F 84 -55.33 -39.01 11.63
CA LYS F 84 -56.39 -39.84 11.09
C LYS F 84 -57.19 -40.47 12.21
N VAL F 85 -58.35 -39.86 12.50
CA VAL F 85 -59.16 -40.15 13.68
C VAL F 85 -59.94 -41.43 13.43
N GLY F 86 -60.55 -41.98 14.48
CA GLY F 86 -60.98 -43.36 14.47
C GLY F 86 -62.49 -43.58 14.35
N TYR F 87 -62.81 -44.70 13.70
CA TYR F 87 -64.11 -45.35 13.78
C TYR F 87 -63.97 -46.85 13.64
N ALA F 88 -62.73 -47.36 13.54
CA ALA F 88 -62.46 -48.59 12.81
C ALA F 88 -63.14 -49.83 13.38
N ALA F 89 -62.67 -50.31 14.53
CA ALA F 89 -63.25 -51.46 15.19
C ALA F 89 -64.24 -51.04 16.27
N THR F 90 -65.28 -50.30 15.88
CA THR F 90 -66.26 -49.83 16.85
C THR F 90 -66.88 -50.94 17.68
N PRO F 91 -67.25 -52.11 17.12
CA PRO F 91 -67.64 -53.23 17.99
C PRO F 91 -66.49 -53.70 18.86
N THR F 92 -66.82 -54.21 20.04
CA THR F 92 -65.82 -54.57 21.04
C THR F 92 -65.07 -55.85 20.67
N GLY F 93 -64.07 -55.73 19.78
CA GLY F 93 -63.16 -56.82 19.53
C GLY F 93 -63.78 -57.97 18.76
N GLY F 94 -64.93 -58.43 19.20
CA GLY F 94 -65.65 -59.49 18.52
C GLY F 94 -66.91 -59.81 19.28
N ASP F 95 -67.94 -60.24 18.53
CA ASP F 95 -69.18 -60.64 19.17
C ASP F 95 -68.93 -61.80 20.14
N ASP F 96 -68.11 -62.76 19.73
CA ASP F 96 -67.46 -63.68 20.65
C ASP F 96 -66.11 -63.05 20.94
N ALA F 97 -65.94 -62.56 22.17
CA ALA F 97 -64.77 -61.74 22.48
C ALA F 97 -63.47 -62.49 22.25
N ALA F 98 -63.38 -63.75 22.69
CA ALA F 98 -62.12 -64.48 22.58
C ALA F 98 -61.75 -64.77 21.13
N LYS F 99 -62.71 -64.69 20.21
CA LYS F 99 -62.46 -64.98 18.80
C LYS F 99 -61.88 -63.76 18.12
N LYS F 100 -60.76 -63.97 17.43
CA LYS F 100 -60.05 -62.91 16.73
C LYS F 100 -60.51 -62.76 15.28
N ALA F 101 -61.40 -63.64 14.81
CA ALA F 101 -61.88 -63.54 13.44
C ALA F 101 -62.64 -62.24 13.20
N ASP F 102 -63.49 -61.83 14.15
CA ASP F 102 -64.21 -60.58 14.00
C ASP F 102 -63.26 -59.39 13.98
N PHE F 103 -62.23 -59.40 14.82
CA PHE F 103 -61.24 -58.33 14.80
C PHE F 103 -60.47 -58.31 13.48
N ILE F 104 -60.15 -59.48 12.93
CA ILE F 104 -59.45 -59.53 11.65
C ILE F 104 -60.33 -58.97 10.53
N THR F 105 -61.61 -59.32 10.53
CA THR F 105 -62.52 -58.79 9.52
C THR F 105 -62.73 -57.29 9.70
N SER F 106 -62.77 -56.82 10.95
CA SER F 106 -62.85 -55.39 11.20
C SER F 106 -61.64 -54.67 10.65
N LEU F 107 -60.45 -55.26 10.84
CA LEU F 107 -59.24 -54.69 10.24
C LEU F 107 -59.32 -54.70 8.72
N GLY F 108 -59.86 -55.77 8.15
CA GLY F 108 -59.94 -55.88 6.70
C GLY F 108 -61.04 -55.04 6.07
N ALA F 109 -61.92 -54.45 6.88
CA ALA F 109 -62.96 -53.59 6.36
C ALA F 109 -62.70 -52.10 6.63
N ILE F 110 -61.55 -51.73 7.20
CA ILE F 110 -61.23 -50.33 7.39
C ILE F 110 -60.25 -49.82 6.34
N LEU F 111 -59.58 -50.71 5.61
CA LEU F 111 -58.80 -50.27 4.46
C LEU F 111 -59.71 -49.75 3.35
N ASN F 112 -60.89 -50.36 3.20
CA ASN F 112 -61.75 -50.10 2.05
C ASN F 112 -62.27 -48.67 2.02
N TYR F 113 -62.12 -47.92 3.11
CA TYR F 113 -62.47 -46.51 3.06
C TYR F 113 -61.25 -45.65 2.78
N ASP F 114 -60.14 -45.92 3.46
CA ASP F 114 -59.01 -45.01 3.38
C ASP F 114 -57.67 -45.72 3.45
N GLN F 115 -56.75 -45.30 2.59
CA GLN F 115 -55.35 -45.74 2.60
C GLN F 115 -54.51 -44.46 2.57
N ALA F 116 -54.36 -43.86 3.73
CA ALA F 116 -53.41 -42.77 3.94
C ALA F 116 -52.62 -42.90 5.23
N PHE F 117 -52.83 -43.95 6.02
CA PHE F 117 -52.08 -44.13 7.26
C PHE F 117 -50.96 -45.14 7.08
N TYR F 118 -49.89 -44.92 7.82
CA TYR F 118 -48.68 -45.74 7.73
C TYR F 118 -48.32 -46.42 9.04
N GLN F 119 -48.57 -45.79 10.18
CA GLN F 119 -48.26 -46.33 11.50
C GLN F 119 -49.55 -46.54 12.28
N ILE F 120 -49.74 -47.76 12.77
CA ILE F 120 -51.00 -48.18 13.39
C ILE F 120 -50.80 -48.22 14.89
N THR F 121 -51.61 -47.43 15.61
CA THR F 121 -51.51 -47.33 17.07
C THR F 121 -52.89 -47.56 17.68
N LEU F 122 -52.97 -48.49 18.62
CA LEU F 122 -54.12 -48.61 19.51
C LEU F 122 -53.76 -47.95 20.83
N ASP F 123 -54.71 -47.27 21.45
CA ASP F 123 -54.37 -46.44 22.59
C ASP F 123 -55.52 -46.41 23.59
N ALA F 124 -55.15 -46.35 24.86
CA ALA F 124 -56.02 -46.12 26.01
C ALA F 124 -57.06 -47.22 26.20
N ALA F 125 -57.12 -48.18 25.29
CA ALA F 125 -58.04 -49.30 25.38
C ALA F 125 -57.54 -50.36 24.41
N LEU F 126 -58.21 -51.51 24.42
CA LEU F 126 -57.79 -52.67 23.64
C LEU F 126 -56.43 -53.21 24.10
N ARG F 127 -55.89 -52.66 25.19
CA ARG F 127 -54.56 -53.01 25.65
C ARG F 127 -54.60 -54.40 26.27
N ASP F 128 -53.61 -55.22 25.96
CA ASP F 128 -53.44 -56.56 26.53
C ASP F 128 -54.63 -57.48 26.22
N GLN F 129 -55.27 -57.30 25.07
CA GLN F 129 -56.32 -58.21 24.66
C GLN F 129 -55.74 -59.38 23.86
N PRO F 130 -56.21 -60.60 24.11
CA PRO F 130 -55.73 -61.73 23.29
C PRO F 130 -56.12 -61.62 21.81
N TYR F 131 -57.20 -60.91 21.49
CA TYR F 131 -57.59 -60.82 20.09
C TYR F 131 -56.66 -59.93 19.27
N LEU F 132 -55.74 -59.23 19.93
CA LEU F 132 -54.83 -58.33 19.23
C LEU F 132 -53.83 -59.08 18.37
N ASP F 133 -53.75 -60.41 18.53
CA ASP F 133 -52.86 -61.22 17.71
C ASP F 133 -53.16 -61.06 16.22
N GLY F 134 -54.41 -60.73 15.88
CA GLY F 134 -54.74 -60.50 14.49
C GLY F 134 -53.95 -59.37 13.87
N LEU F 135 -53.77 -58.27 14.62
CA LEU F 135 -53.01 -57.14 14.11
C LEU F 135 -51.56 -57.54 13.82
N VAL F 136 -50.96 -58.33 14.71
CA VAL F 136 -49.58 -58.75 14.54
C VAL F 136 -49.44 -59.69 13.35
N GLU F 137 -50.40 -60.60 13.19
CA GLU F 137 -50.34 -61.52 12.05
C GLU F 137 -50.66 -60.80 10.74
N TRP F 138 -51.41 -59.72 10.79
CA TRP F 138 -51.95 -59.09 9.60
C TRP F 138 -51.07 -57.98 9.05
N VAL F 139 -50.43 -57.19 9.91
CA VAL F 139 -49.58 -56.14 9.39
C VAL F 139 -48.35 -56.70 8.68
N GLU F 140 -48.04 -57.98 8.92
CA GLU F 140 -47.10 -58.69 8.08
C GLU F 140 -47.65 -58.80 6.65
N ALA F 141 -46.76 -58.54 5.68
CA ALA F 141 -47.15 -58.42 4.27
C ALA F 141 -48.22 -57.33 4.09
N GLN F 142 -47.96 -56.17 4.69
CA GLN F 142 -48.84 -55.02 4.61
C GLN F 142 -47.99 -53.79 4.83
N PRO F 143 -47.90 -52.88 3.86
CA PRO F 143 -46.91 -51.78 3.95
C PRO F 143 -47.23 -50.74 5.02
N LYS F 144 -47.20 -51.17 6.27
CA LYS F 144 -47.46 -50.31 7.42
C LYS F 144 -46.57 -50.73 8.57
N ILE F 145 -46.71 -50.01 9.68
CA ILE F 145 -45.95 -50.27 10.90
C ILE F 145 -46.92 -50.36 12.07
N ALA F 146 -46.86 -51.47 12.80
CA ALA F 146 -47.78 -51.75 13.89
C ALA F 146 -47.07 -51.57 15.23
N MET F 147 -47.65 -50.76 16.11
CA MET F 147 -47.04 -50.46 17.39
C MET F 147 -48.10 -50.54 18.49
N ILE F 148 -47.74 -51.20 19.59
CA ILE F 148 -48.65 -51.46 20.69
C ILE F 148 -47.97 -51.02 21.98
N ASP F 149 -48.55 -50.03 22.67
CA ASP F 149 -48.01 -49.56 23.95
C ASP F 149 -48.89 -50.13 25.06
N SER F 150 -48.31 -51.00 25.86
CA SER F 150 -49.01 -51.48 27.04
C SER F 150 -48.99 -50.40 28.13
N ASN F 151 -49.98 -50.48 29.01
CA ASN F 151 -49.97 -49.68 30.23
C ASN F 151 -49.43 -50.46 31.43
N ALA F 152 -49.42 -51.79 31.35
CA ALA F 152 -48.88 -52.64 32.40
C ALA F 152 -48.88 -54.08 31.91
N ALA F 153 -47.83 -54.82 32.25
CA ALA F 153 -47.75 -56.25 31.96
C ALA F 153 -46.55 -56.82 32.72
N GLY F 154 -46.26 -58.09 32.46
CA GLY F 154 -45.17 -58.80 33.10
C GLY F 154 -44.00 -59.03 32.19
N HIS F 155 -43.62 -58.00 31.42
CA HIS F 155 -42.44 -58.11 30.57
C HIS F 155 -41.16 -57.97 31.37
N GLU F 156 -41.27 -57.68 32.67
CA GLU F 156 -40.10 -57.48 33.50
C GLU F 156 -39.53 -58.79 34.00
N ASP F 157 -40.17 -59.91 33.69
CA ASP F 157 -39.59 -61.22 33.98
C ASP F 157 -38.89 -61.71 32.72
N PRO F 158 -37.58 -61.91 32.75
CA PRO F 158 -36.89 -62.39 31.54
C PRO F 158 -37.15 -63.86 31.24
N ALA F 159 -38.19 -64.43 31.84
CA ALA F 159 -38.54 -65.83 31.63
C ALA F 159 -39.95 -66.05 31.09
N ASN F 160 -40.91 -65.19 31.44
CA ASN F 160 -42.30 -65.49 31.13
C ASN F 160 -42.56 -65.43 29.62
N THR F 161 -43.57 -66.18 29.19
CA THR F 161 -43.90 -66.30 27.78
C THR F 161 -45.35 -65.94 27.44
N THR F 162 -46.09 -65.34 28.36
CA THR F 162 -47.49 -65.04 28.08
C THR F 162 -47.70 -63.62 27.56
N VAL F 163 -46.73 -62.73 27.72
CA VAL F 163 -46.93 -61.33 27.38
C VAL F 163 -46.83 -61.12 25.88
N ILE F 164 -47.24 -59.93 25.44
CA ILE F 164 -47.22 -59.58 24.02
C ILE F 164 -45.84 -59.82 23.43
N ALA F 165 -44.82 -59.21 24.03
CA ALA F 165 -43.48 -59.24 23.47
C ALA F 165 -42.79 -60.59 23.61
N ALA F 166 -43.39 -61.53 24.34
CA ALA F 166 -42.83 -62.88 24.44
C ALA F 166 -43.44 -63.82 23.42
N ARG F 167 -44.78 -63.88 23.34
CA ARG F 167 -45.43 -64.81 22.42
C ARG F 167 -45.16 -64.42 20.96
N HIS F 168 -44.68 -63.21 20.73
CA HIS F 168 -44.22 -62.77 19.41
C HIS F 168 -42.87 -62.08 19.57
N LYS F 169 -41.80 -62.86 19.47
CA LYS F 169 -40.46 -62.32 19.63
C LYS F 169 -39.53 -63.09 18.70
N GLY F 170 -38.86 -62.37 17.80
CA GLY F 170 -37.98 -62.99 16.84
C GLY F 170 -38.65 -63.53 15.60
N THR F 171 -39.98 -63.47 15.54
CA THR F 171 -40.72 -63.93 14.37
C THR F 171 -41.35 -62.80 13.57
N VAL F 172 -41.53 -61.62 14.15
CA VAL F 172 -42.17 -60.49 13.50
C VAL F 172 -41.14 -59.39 13.30
N GLU F 173 -41.11 -58.81 12.10
CA GLU F 173 -40.13 -57.78 11.77
C GLU F 173 -40.78 -56.44 11.43
N ARG F 174 -42.04 -56.23 11.79
CA ARG F 174 -42.72 -54.97 11.48
C ARG F 174 -43.58 -54.48 12.63
N THR F 175 -43.36 -55.01 13.83
CA THR F 175 -44.14 -54.60 15.00
C THR F 175 -43.19 -54.33 16.17
N ALA F 176 -43.62 -53.45 17.07
CA ALA F 176 -42.85 -53.12 18.25
C ALA F 176 -43.77 -52.81 19.40
N VAL F 177 -43.22 -52.82 20.61
CA VAL F 177 -43.96 -52.65 21.85
C VAL F 177 -43.41 -51.42 22.56
N PHE F 178 -44.30 -50.53 23.01
CA PHE F 178 -43.90 -49.43 23.90
C PHE F 178 -44.34 -49.73 25.34
N TYR F 179 -43.59 -50.61 25.98
CA TYR F 179 -43.89 -50.99 27.36
C TYR F 179 -43.63 -49.84 28.33
N HIS F 180 -44.50 -49.70 29.32
CA HIS F 180 -44.42 -48.59 30.25
C HIS F 180 -45.28 -48.93 31.47
N THR F 181 -45.47 -47.96 32.35
CA THR F 181 -46.40 -48.04 33.46
C THR F 181 -47.75 -47.40 33.06
N ASP F 182 -48.63 -47.25 34.04
CA ASP F 182 -50.02 -46.91 33.76
C ASP F 182 -50.18 -45.44 33.35
N SER F 183 -51.23 -45.20 32.57
CA SER F 183 -51.88 -43.90 32.34
C SER F 183 -51.12 -42.95 31.41
N THR F 184 -50.21 -43.44 30.58
CA THR F 184 -49.50 -42.58 29.63
C THR F 184 -49.64 -43.16 28.23
N GLU F 185 -50.10 -42.34 27.29
CA GLU F 185 -50.08 -42.67 25.87
C GLU F 185 -48.68 -42.40 25.33
N TYR F 186 -48.05 -43.42 24.75
CA TYR F 186 -46.64 -43.35 24.42
C TYR F 186 -46.34 -43.45 22.94
N LEU F 187 -47.00 -44.36 22.21
CA LEU F 187 -46.76 -44.47 20.77
C LEU F 187 -46.90 -43.11 20.10
N ALA F 188 -47.89 -42.33 20.53
CA ALA F 188 -48.11 -41.02 19.93
C ALA F 188 -47.03 -40.03 20.34
N ALA F 189 -46.31 -40.30 21.43
CA ALA F 189 -45.39 -39.30 21.98
C ALA F 189 -44.24 -39.01 21.02
N SER F 190 -43.66 -40.06 20.43
CA SER F 190 -42.52 -39.93 19.54
C SER F 190 -42.86 -40.24 18.11
N MET F 191 -43.49 -41.39 17.85
CA MET F 191 -43.91 -41.72 16.49
C MET F 191 -44.90 -40.67 16.00
N ALA F 192 -44.82 -40.38 14.70
CA ALA F 192 -45.79 -39.52 14.04
C ALA F 192 -45.77 -38.11 14.61
N ALA F 193 -44.93 -37.87 15.61
CA ALA F 193 -44.70 -36.53 16.13
C ALA F 193 -43.25 -36.10 15.98
N TYR F 194 -42.32 -37.03 16.17
CA TYR F 194 -40.94 -36.86 15.73
C TYR F 194 -40.64 -37.63 14.45
N MET F 195 -41.17 -38.86 14.32
CA MET F 195 -40.99 -39.62 13.10
C MET F 195 -41.60 -38.91 11.91
N SER F 196 -42.77 -38.31 12.09
CA SER F 196 -43.47 -37.70 10.97
C SER F 196 -42.68 -36.55 10.37
N THR F 197 -42.16 -35.66 11.20
CA THR F 197 -41.51 -34.48 10.66
C THR F 197 -40.04 -34.76 10.34
N ARG F 198 -39.78 -35.87 9.66
CA ARG F 198 -38.46 -36.21 9.17
C ARG F 198 -38.46 -36.09 7.67
N VAL F 199 -37.66 -35.16 7.15
CA VAL F 199 -37.62 -34.90 5.72
C VAL F 199 -36.33 -35.50 5.17
N PHE F 200 -36.47 -36.56 4.38
CA PHE F 200 -35.32 -37.23 3.80
C PHE F 200 -34.86 -36.61 2.50
N ASP F 201 -35.48 -35.52 2.08
CA ASP F 201 -35.10 -34.85 0.84
C ASP F 201 -33.92 -33.91 1.02
N ASP F 202 -33.41 -33.78 2.23
CA ASP F 202 -32.24 -32.96 2.50
C ASP F 202 -31.01 -33.83 2.68
N ALA F 203 -29.84 -33.21 2.54
CA ALA F 203 -28.59 -33.92 2.78
C ALA F 203 -28.45 -34.28 4.26
N ASN F 204 -27.91 -35.46 4.51
CA ASN F 204 -27.54 -35.92 5.85
C ASN F 204 -28.72 -35.98 6.80
N SER F 205 -29.92 -36.22 6.27
CA SER F 205 -31.13 -36.33 7.08
C SER F 205 -31.47 -37.78 7.41
N ALA F 206 -30.52 -38.53 7.93
CA ALA F 206 -30.74 -39.92 8.32
C ALA F 206 -30.66 -40.00 9.83
N TYR F 207 -31.81 -40.19 10.46
CA TYR F 207 -31.88 -40.26 11.93
C TYR F 207 -31.78 -41.71 12.38
N THR F 208 -30.80 -42.41 11.79
CA THR F 208 -30.74 -43.87 11.80
C THR F 208 -31.11 -44.47 13.15
N LEU F 209 -30.90 -43.75 14.25
CA LEU F 209 -31.12 -44.31 15.57
C LEU F 209 -32.57 -44.28 16.01
N LYS F 210 -33.12 -43.07 16.17
CA LYS F 210 -34.32 -42.85 16.98
C LYS F 210 -34.11 -43.34 18.41
N PHE F 211 -32.87 -43.26 18.91
CA PHE F 211 -32.44 -43.98 20.09
C PHE F 211 -32.19 -43.08 21.29
N LYS F 212 -31.89 -41.79 21.09
CA LYS F 212 -31.84 -40.85 22.21
C LYS F 212 -32.59 -39.59 21.83
N LYS F 213 -33.91 -39.62 21.98
CA LYS F 213 -34.77 -38.53 21.54
C LYS F 213 -35.78 -38.20 22.63
N ALA F 214 -35.93 -36.91 22.92
CA ALA F 214 -36.75 -36.33 23.97
C ALA F 214 -38.13 -35.97 23.45
N PRO F 215 -39.19 -36.47 24.06
CA PRO F 215 -40.55 -36.03 23.71
C PRO F 215 -40.85 -34.68 24.34
N GLY F 216 -42.05 -34.17 24.05
CA GLY F 216 -42.44 -32.87 24.56
C GLY F 216 -42.46 -32.80 26.06
N VAL F 217 -43.41 -33.50 26.69
CA VAL F 217 -43.51 -33.59 28.15
C VAL F 217 -43.95 -35.01 28.48
N ARG F 218 -43.23 -35.66 29.40
CA ARG F 218 -43.63 -36.97 29.88
C ARG F 218 -42.82 -37.33 31.12
N ALA F 219 -43.02 -38.55 31.59
CA ALA F 219 -42.40 -39.05 32.80
C ALA F 219 -41.65 -40.34 32.53
N ILE F 220 -40.67 -40.61 33.38
CA ILE F 220 -39.79 -41.75 33.25
C ILE F 220 -40.37 -42.94 34.01
N ASP F 221 -39.88 -44.14 33.70
CA ASP F 221 -40.10 -45.29 34.56
C ASP F 221 -38.93 -45.39 35.53
N LYS F 222 -38.81 -46.53 36.22
CA LYS F 222 -37.81 -46.70 37.28
C LYS F 222 -37.08 -48.02 37.14
N GLY F 223 -35.83 -48.05 37.61
CA GLY F 223 -35.06 -49.28 37.71
C GLY F 223 -33.77 -49.31 36.89
N SER F 224 -32.95 -50.31 37.16
CA SER F 224 -31.75 -50.55 36.37
C SER F 224 -31.67 -51.97 35.81
N ALA F 225 -31.88 -52.98 36.63
CA ALA F 225 -31.92 -54.36 36.16
C ALA F 225 -33.28 -54.76 35.63
N VAL F 226 -34.27 -53.87 35.74
CA VAL F 226 -35.57 -54.08 35.11
C VAL F 226 -35.64 -53.50 33.71
N VAL F 227 -34.66 -52.67 33.34
CA VAL F 227 -34.61 -52.02 32.04
C VAL F 227 -33.88 -52.91 31.06
N THR F 228 -33.46 -54.09 31.50
CA THR F 228 -32.86 -55.06 30.60
C THR F 228 -33.72 -56.29 30.39
N ALA F 229 -34.61 -56.60 31.32
CA ALA F 229 -35.69 -57.53 31.02
C ALA F 229 -36.58 -56.96 29.93
N ILE F 230 -37.05 -55.73 30.13
CA ILE F 230 -37.60 -54.96 29.03
C ILE F 230 -36.44 -54.46 28.17
N THR F 231 -36.71 -54.24 26.90
CA THR F 231 -35.75 -53.81 25.87
C THR F 231 -34.66 -54.84 25.60
N GLY F 232 -34.61 -55.94 26.34
CA GLY F 232 -33.68 -57.02 26.11
C GLY F 232 -32.26 -56.65 25.73
N PHE F 233 -31.75 -55.54 26.26
CA PHE F 233 -30.47 -54.98 25.86
C PHE F 233 -29.40 -55.36 26.88
N VAL F 234 -28.38 -56.09 26.43
CA VAL F 234 -27.23 -56.35 27.27
C VAL F 234 -26.18 -55.26 27.04
N GLU F 235 -25.25 -55.14 27.99
CA GLU F 235 -24.42 -53.94 28.09
C GLU F 235 -23.64 -53.68 26.80
N GLN F 236 -22.68 -54.54 26.49
CA GLN F 236 -21.76 -54.32 25.38
C GLN F 236 -21.93 -55.34 24.27
N THR F 237 -22.54 -56.50 24.58
CA THR F 237 -22.75 -57.51 23.55
C THR F 237 -23.69 -57.02 22.46
N GLY F 238 -24.81 -56.41 22.85
CA GLY F 238 -25.79 -56.00 21.88
C GLY F 238 -27.19 -56.10 22.42
N GLN F 239 -28.04 -56.87 21.73
CA GLN F 239 -29.40 -57.15 22.16
C GLN F 239 -29.67 -58.63 21.95
N SER F 240 -30.03 -59.34 23.03
CA SER F 240 -30.21 -60.78 23.00
C SER F 240 -31.69 -61.11 23.14
N GLU F 241 -32.16 -62.06 22.32
CA GLU F 241 -33.58 -62.38 22.29
C GLU F 241 -34.01 -63.17 23.50
N SER F 242 -33.19 -64.13 23.94
CA SER F 242 -33.57 -64.98 25.06
C SER F 242 -33.54 -64.24 26.39
N ALA F 243 -32.67 -63.24 26.53
CA ALA F 243 -32.46 -62.54 27.79
C ALA F 243 -33.23 -61.24 27.90
N GLY F 244 -34.45 -61.18 27.37
CA GLY F 244 -35.26 -60.00 27.52
C GLY F 244 -36.32 -59.91 26.45
N HIS F 245 -37.17 -58.89 26.59
CA HIS F 245 -38.24 -58.63 25.64
C HIS F 245 -38.15 -57.19 25.18
N CYS F 246 -38.12 -57.00 23.86
CA CYS F 246 -37.85 -55.70 23.25
C CYS F 246 -39.03 -54.76 23.48
N ALA F 247 -38.74 -53.53 23.90
CA ALA F 247 -39.74 -52.48 24.03
C ALA F 247 -39.01 -51.16 24.29
N ASN F 248 -39.77 -50.11 24.53
CA ASN F 248 -39.21 -48.78 24.68
C ASN F 248 -39.79 -48.12 25.92
N THR F 249 -38.92 -47.53 26.74
CA THR F 249 -39.34 -47.16 28.09
C THR F 249 -39.01 -45.74 28.52
N LEU F 250 -38.22 -44.98 27.76
CA LEU F 250 -37.91 -43.58 28.09
C LEU F 250 -37.25 -43.47 29.47
N ILE F 251 -36.01 -43.96 29.53
CA ILE F 251 -35.20 -43.89 30.75
C ILE F 251 -34.64 -42.48 30.94
N ASP F 252 -34.08 -42.23 32.12
CA ASP F 252 -33.30 -41.02 32.37
C ASP F 252 -32.00 -41.40 33.07
N ILE F 253 -30.89 -40.84 32.57
CA ILE F 253 -29.56 -41.19 33.06
C ILE F 253 -28.92 -40.03 33.81
N GLY F 254 -28.72 -38.91 33.14
CA GLY F 254 -28.20 -37.74 33.82
C GLY F 254 -29.34 -36.93 34.40
N ASP F 255 -29.39 -35.65 34.05
CA ASP F 255 -30.61 -34.87 34.27
C ASP F 255 -31.52 -34.87 33.05
N GLN F 256 -31.20 -35.67 32.03
CA GLN F 256 -31.97 -35.70 30.79
C GLN F 256 -32.82 -36.97 30.76
N GLU F 257 -33.99 -36.87 30.12
CA GLU F 257 -34.84 -38.01 29.85
C GLU F 257 -34.94 -38.20 28.34
N PHE F 258 -34.82 -39.44 27.89
CA PHE F 258 -34.81 -39.71 26.46
C PHE F 258 -35.25 -41.14 26.20
N LEU F 259 -35.73 -41.37 24.98
CA LEU F 259 -36.17 -42.70 24.58
C LEU F 259 -34.96 -43.64 24.52
N VAL F 260 -35.21 -44.94 24.72
CA VAL F 260 -34.12 -45.89 24.74
C VAL F 260 -34.51 -47.14 23.97
N GLU F 261 -33.47 -47.86 23.53
CA GLU F 261 -33.45 -48.99 22.62
C GLU F 261 -33.75 -48.62 21.18
N GLY F 262 -34.11 -47.37 20.90
CA GLY F 262 -34.32 -46.96 19.53
C GLY F 262 -35.45 -47.67 18.81
N SER F 263 -36.44 -48.16 19.54
CA SER F 263 -37.63 -48.78 18.96
C SER F 263 -37.26 -49.98 18.09
N THR F 264 -36.72 -51.00 18.74
CA THR F 264 -36.51 -52.25 18.02
C THR F 264 -37.84 -52.94 17.72
N LEU F 265 -37.78 -53.90 16.81
CA LEU F 265 -38.90 -54.75 16.47
C LEU F 265 -38.62 -56.22 16.78
N THR F 266 -37.46 -56.71 16.37
CA THR F 266 -36.96 -58.03 16.71
C THR F 266 -35.51 -57.80 17.15
N GLN F 267 -34.72 -58.88 17.20
CA GLN F 267 -33.46 -58.85 17.94
C GLN F 267 -32.60 -57.65 17.60
N ASN F 268 -32.41 -57.36 16.31
CA ASN F 268 -31.54 -56.26 15.90
C ASN F 268 -32.11 -55.53 14.69
N VAL F 269 -33.40 -55.21 14.74
CA VAL F 269 -34.07 -54.50 13.66
C VAL F 269 -34.64 -53.22 14.28
N PHE F 270 -34.28 -52.07 13.71
CA PHE F 270 -34.62 -50.80 14.33
C PHE F 270 -35.64 -50.04 13.48
N LEU F 271 -36.22 -49.01 14.10
CA LEU F 271 -37.37 -48.34 13.50
C LEU F 271 -36.97 -47.50 12.29
N ASP F 272 -35.80 -46.85 12.34
CA ASP F 272 -35.43 -45.97 11.25
C ASP F 272 -35.17 -46.74 9.96
N GLU F 273 -34.66 -47.97 10.05
CA GLU F 273 -34.50 -48.75 8.83
C GLU F 273 -35.84 -48.90 8.11
N ILE F 274 -36.88 -49.30 8.83
CA ILE F 274 -38.19 -49.46 8.23
C ILE F 274 -38.71 -48.14 7.71
N HIS F 275 -38.60 -47.08 8.51
CA HIS F 275 -39.12 -45.78 8.11
C HIS F 275 -38.44 -45.29 6.83
N ALA F 276 -37.11 -45.40 6.76
CA ALA F 276 -36.37 -44.89 5.61
C ALA F 276 -36.63 -45.71 4.35
N THR F 277 -36.64 -47.05 4.47
CA THR F 277 -36.93 -47.85 3.28
C THR F 277 -38.36 -47.62 2.80
N ASP F 278 -39.29 -47.38 3.72
CA ASP F 278 -40.66 -47.09 3.30
C ASP F 278 -40.75 -45.72 2.64
N TRP F 279 -39.93 -44.76 3.08
CA TRP F 279 -39.83 -43.50 2.34
C TRP F 279 -39.32 -43.74 0.93
N ILE F 280 -38.34 -44.63 0.78
CA ILE F 280 -37.81 -44.93 -0.55
C ILE F 280 -38.90 -45.49 -1.45
N ILE F 281 -39.68 -46.44 -0.92
CA ILE F 281 -40.73 -47.06 -1.72
C ILE F 281 -41.80 -46.05 -2.08
N ALA F 282 -42.25 -45.27 -1.11
CA ALA F 282 -43.30 -44.29 -1.35
C ALA F 282 -42.85 -43.18 -2.28
N ARG F 283 -41.55 -42.87 -2.32
CA ARG F 283 -41.04 -41.87 -3.25
C ARG F 283 -40.95 -42.42 -4.67
N THR F 284 -40.53 -43.69 -4.82
CA THR F 284 -40.54 -44.29 -6.15
C THR F 284 -41.95 -44.39 -6.70
N GLU F 285 -42.93 -44.68 -5.84
CA GLU F 285 -44.32 -44.68 -6.29
C GLU F 285 -44.73 -43.32 -6.83
N GLU F 286 -44.40 -42.26 -6.11
CA GLU F 286 -44.81 -40.92 -6.52
C GLU F 286 -44.14 -40.52 -7.82
N GLU F 287 -42.86 -40.84 -7.99
CA GLU F 287 -42.18 -40.50 -9.22
C GLU F 287 -42.70 -41.32 -10.40
N MET F 288 -43.03 -42.59 -10.18
CA MET F 288 -43.63 -43.37 -11.25
C MET F 288 -44.96 -42.77 -11.68
N LEU F 289 -45.80 -42.38 -10.72
CA LEU F 289 -47.08 -41.78 -11.08
C LEU F 289 -46.88 -40.46 -11.81
N SER F 290 -45.94 -39.66 -11.36
CA SER F 290 -45.65 -38.41 -12.05
C SER F 290 -45.07 -38.62 -13.45
N LEU F 291 -44.47 -39.77 -13.72
CA LEU F 291 -44.07 -40.12 -15.08
C LEU F 291 -45.22 -40.53 -15.97
N PHE F 292 -46.25 -41.18 -15.43
CA PHE F 292 -47.39 -41.59 -16.23
C PHE F 292 -48.32 -40.43 -16.57
N LEU F 293 -48.23 -39.32 -15.84
CA LEU F 293 -49.11 -38.19 -16.09
C LEU F 293 -48.52 -37.16 -17.04
N ASN F 294 -47.19 -37.10 -17.17
CA ASN F 294 -46.56 -36.14 -18.06
C ASN F 294 -46.57 -36.63 -19.51
N ASN F 295 -46.12 -37.86 -19.73
CA ASN F 295 -46.00 -38.38 -21.08
C ASN F 295 -47.36 -38.61 -21.71
N ASP F 296 -47.40 -38.52 -23.03
CA ASP F 296 -48.55 -39.03 -23.76
C ASP F 296 -48.76 -40.50 -23.42
N ARG F 297 -47.79 -41.34 -23.80
CA ARG F 297 -47.76 -42.76 -23.44
C ARG F 297 -46.36 -43.17 -23.04
N VAL F 298 -46.27 -44.38 -22.48
CA VAL F 298 -45.02 -45.10 -22.28
C VAL F 298 -45.10 -46.37 -23.13
N PRO F 299 -44.35 -46.48 -24.23
CA PRO F 299 -44.50 -47.63 -25.12
C PRO F 299 -43.95 -48.91 -24.51
N PHE F 300 -44.42 -50.03 -25.07
CA PHE F 300 -44.03 -51.36 -24.62
C PHE F 300 -42.85 -51.87 -25.45
N THR F 301 -41.75 -51.13 -25.37
CA THR F 301 -40.51 -51.47 -26.08
C THR F 301 -39.36 -51.40 -25.09
N ASP F 302 -38.14 -51.52 -25.61
CA ASP F 302 -36.96 -51.36 -24.75
C ASP F 302 -36.75 -49.90 -24.37
N GLN F 303 -37.08 -48.97 -25.25
CA GLN F 303 -37.00 -47.55 -24.93
C GLN F 303 -37.93 -47.22 -23.76
N GLY F 304 -39.13 -47.81 -23.75
CA GLY F 304 -40.01 -47.65 -22.62
C GLY F 304 -39.48 -48.23 -21.34
N MET F 305 -38.82 -49.39 -21.40
CA MET F 305 -38.22 -49.97 -20.21
C MET F 305 -37.13 -49.07 -19.64
N GLN F 306 -36.30 -48.49 -20.50
CA GLN F 306 -35.29 -47.57 -20.00
C GLN F 306 -35.93 -46.29 -19.44
N GLN F 307 -36.99 -45.79 -20.07
CA GLN F 307 -37.69 -44.64 -19.52
C GLN F 307 -38.25 -44.94 -18.14
N LEU F 308 -38.81 -46.14 -17.95
CA LEU F 308 -39.30 -46.53 -16.63
C LEU F 308 -38.17 -46.65 -15.63
N ALA F 309 -37.06 -47.28 -16.03
CA ALA F 309 -35.95 -47.52 -15.11
C ALA F 309 -35.20 -46.25 -14.76
N SER F 310 -35.45 -45.16 -15.48
CA SER F 310 -34.82 -43.89 -15.12
C SER F 310 -35.24 -43.39 -13.74
N VAL F 311 -36.34 -43.90 -13.19
CA VAL F 311 -36.88 -43.40 -11.91
C VAL F 311 -36.10 -43.95 -10.71
N PRO F 312 -35.91 -45.27 -10.57
CA PRO F 312 -35.07 -45.75 -9.47
C PRO F 312 -33.65 -45.22 -9.50
N ARG F 313 -33.10 -44.92 -10.68
CA ARG F 313 -31.76 -44.35 -10.75
C ARG F 313 -31.67 -43.01 -10.05
N ALA F 314 -32.66 -42.14 -10.23
CA ALA F 314 -32.71 -40.88 -9.52
C ALA F 314 -33.02 -41.05 -8.04
N ILE F 315 -33.90 -41.98 -7.70
CA ILE F 315 -34.24 -42.18 -6.29
C ILE F 315 -33.03 -42.68 -5.51
N MET F 316 -32.21 -43.54 -6.13
CA MET F 316 -31.04 -44.05 -5.40
C MET F 316 -30.00 -42.97 -5.17
N GLN F 317 -29.83 -42.07 -6.14
CA GLN F 317 -28.91 -40.95 -5.93
C GLN F 317 -29.45 -40.01 -4.85
N LEU F 318 -30.77 -39.81 -4.81
CA LEU F 318 -31.38 -39.05 -3.73
C LEU F 318 -31.15 -39.69 -2.37
N ALA F 319 -31.29 -41.01 -2.27
CA ALA F 319 -31.15 -41.74 -1.02
C ALA F 319 -29.71 -41.83 -0.53
N ALA F 320 -28.74 -41.98 -1.44
CA ALA F 320 -27.35 -42.03 -1.03
C ALA F 320 -26.87 -40.69 -0.48
N ARG F 321 -27.53 -39.60 -0.88
CA ARG F 321 -27.16 -38.29 -0.38
C ARG F 321 -27.66 -38.08 1.05
N ALA F 322 -28.85 -38.57 1.37
CA ALA F 322 -29.40 -38.43 2.72
C ALA F 322 -28.56 -39.20 3.74
N GLY F 323 -27.94 -40.28 3.30
CA GLY F 323 -27.12 -41.08 4.20
C GLY F 323 -27.68 -42.44 4.48
N ILE F 324 -28.69 -42.85 3.71
CA ILE F 324 -29.37 -44.12 3.91
C ILE F 324 -28.61 -45.23 3.20
N VAL F 325 -28.09 -44.92 2.02
CA VAL F 325 -27.32 -45.88 1.22
C VAL F 325 -25.84 -45.66 1.51
N ALA F 326 -25.08 -46.76 1.46
CA ALA F 326 -23.70 -46.76 1.91
C ALA F 326 -22.78 -46.06 0.91
N LEU F 327 -21.53 -45.89 1.33
CA LEU F 327 -20.52 -45.14 0.57
C LEU F 327 -19.56 -46.09 -0.16
N ASP F 328 -20.09 -46.87 -1.09
CA ASP F 328 -19.32 -47.41 -2.22
C ASP F 328 -18.04 -48.15 -1.82
N LEU F 329 -17.98 -48.64 -0.58
CA LEU F 329 -16.79 -49.34 -0.11
C LEU F 329 -17.22 -50.61 0.62
N ASN F 330 -16.45 -51.67 0.45
CA ASN F 330 -16.75 -52.94 1.10
C ASN F 330 -16.62 -52.79 2.62
N PRO F 331 -17.66 -53.10 3.39
CA PRO F 331 -17.56 -52.93 4.85
C PRO F 331 -16.59 -53.90 5.49
N LEU F 332 -16.28 -55.02 4.85
CA LEU F 332 -15.37 -56.00 5.42
C LEU F 332 -13.93 -55.54 5.29
N THR F 333 -13.49 -55.24 4.07
CA THR F 333 -12.09 -54.98 3.79
C THR F 333 -11.77 -53.55 3.38
N GLY F 334 -12.78 -52.73 3.09
CA GLY F 334 -12.52 -51.38 2.64
C GLY F 334 -12.19 -51.26 1.18
N ALA F 335 -12.27 -52.35 0.42
CA ALA F 335 -12.02 -52.33 -1.01
C ALA F 335 -13.25 -51.78 -1.73
N TYR F 336 -13.07 -51.40 -3.00
CA TYR F 336 -14.15 -50.80 -3.77
C TYR F 336 -15.25 -51.82 -4.06
N GLU F 337 -16.49 -51.39 -3.86
CA GLU F 337 -17.65 -52.20 -4.21
C GLU F 337 -18.83 -51.28 -4.53
N PRO F 338 -19.56 -51.52 -5.61
CA PRO F 338 -20.70 -50.66 -5.93
C PRO F 338 -21.75 -50.67 -4.82
N ALA F 339 -22.31 -49.50 -4.53
CA ALA F 339 -23.31 -49.40 -3.47
C ALA F 339 -24.67 -49.92 -3.94
N TYR F 340 -25.05 -49.62 -5.18
CA TYR F 340 -26.32 -50.06 -5.72
C TYR F 340 -26.20 -50.30 -7.21
N THR F 341 -26.96 -51.27 -7.73
CA THR F 341 -27.05 -51.54 -9.15
C THR F 341 -28.51 -51.59 -9.57
N ILE F 342 -28.78 -51.29 -10.84
CA ILE F 342 -30.12 -51.34 -11.41
C ILE F 342 -30.04 -52.12 -12.72
N THR F 343 -30.78 -53.22 -12.81
CA THR F 343 -30.80 -54.05 -14.01
C THR F 343 -32.19 -54.02 -14.63
N VAL F 344 -32.23 -53.71 -15.92
CA VAL F 344 -33.46 -53.53 -16.68
C VAL F 344 -33.69 -54.78 -17.51
N PRO F 345 -34.90 -55.37 -17.50
CA PRO F 345 -35.13 -56.59 -18.27
C PRO F 345 -35.39 -56.29 -19.74
N SER F 346 -35.49 -57.35 -20.53
CA SER F 346 -35.81 -57.24 -21.94
C SER F 346 -37.25 -57.66 -22.17
N VAL F 347 -38.00 -56.85 -22.92
CA VAL F 347 -39.30 -57.27 -23.43
C VAL F 347 -39.16 -58.19 -24.63
N PHE F 348 -37.95 -58.30 -25.18
CA PHE F 348 -37.75 -58.94 -26.47
C PHE F 348 -38.17 -60.40 -26.48
N ASP F 349 -37.66 -61.18 -25.53
CA ASP F 349 -37.97 -62.60 -25.47
C ASP F 349 -39.15 -62.91 -24.55
N ILE F 350 -39.72 -61.90 -23.90
CA ILE F 350 -41.02 -62.07 -23.27
C ILE F 350 -42.02 -62.20 -24.41
N PRO F 351 -42.75 -63.30 -24.49
CA PRO F 351 -43.60 -63.54 -25.67
C PRO F 351 -44.67 -62.48 -25.85
N GLU F 352 -45.09 -62.34 -27.11
CA GLU F 352 -46.28 -61.53 -27.40
C GLU F 352 -47.51 -62.11 -26.73
N SER F 353 -47.49 -63.41 -26.42
CA SER F 353 -48.56 -63.99 -25.63
C SER F 353 -48.70 -63.27 -24.30
N GLN F 354 -47.59 -62.83 -23.72
CA GLN F 354 -47.62 -62.06 -22.49
C GLN F 354 -47.55 -60.55 -22.72
N ARG F 355 -47.07 -60.11 -23.89
CA ARG F 355 -46.96 -58.68 -24.20
C ARG F 355 -48.30 -57.98 -24.17
N LYS F 356 -49.36 -58.64 -24.62
CA LYS F 356 -50.67 -58.00 -24.67
C LYS F 356 -51.24 -57.70 -23.29
N ALA F 357 -50.52 -58.06 -22.23
CA ALA F 357 -51.02 -57.88 -20.87
C ALA F 357 -51.04 -56.42 -20.44
N ARG F 358 -50.20 -55.58 -21.05
CA ARG F 358 -50.01 -54.19 -20.63
C ARG F 358 -49.46 -54.10 -19.20
N ILE F 359 -48.84 -55.19 -18.76
CA ILE F 359 -48.14 -55.23 -17.49
C ILE F 359 -46.66 -55.40 -17.79
N ALA F 360 -45.87 -54.41 -17.43
CA ALA F 360 -44.46 -54.41 -17.74
C ALA F 360 -43.70 -55.45 -16.92
N PRO F 361 -42.59 -55.96 -17.44
CA PRO F 361 -41.74 -56.84 -16.63
C PRO F 361 -41.08 -56.10 -15.47
N ALA F 362 -40.55 -56.86 -14.51
CA ALA F 362 -40.06 -56.31 -13.27
C ALA F 362 -38.62 -55.81 -13.40
N ILE F 363 -38.35 -54.67 -12.77
CA ILE F 363 -37.02 -54.10 -12.69
C ILE F 363 -36.45 -54.40 -11.31
N GLN F 364 -35.19 -54.83 -11.26
CA GLN F 364 -34.56 -55.26 -10.03
C GLN F 364 -33.47 -54.27 -9.62
N VAL F 365 -33.45 -53.92 -8.33
CA VAL F 365 -32.52 -52.93 -7.80
C VAL F 365 -31.81 -53.54 -6.60
N ARG F 366 -30.60 -53.04 -6.32
CA ARG F 366 -29.74 -53.57 -5.27
C ARG F 366 -29.37 -52.48 -4.28
N PHE F 367 -29.08 -52.89 -3.06
CA PHE F 367 -28.99 -51.98 -1.92
C PHE F 367 -27.66 -52.14 -1.20
N ARG F 368 -27.47 -51.28 -0.20
CA ARG F 368 -26.57 -51.55 0.91
C ARG F 368 -26.89 -50.49 1.96
N TYR F 369 -27.16 -50.92 3.19
CA TYR F 369 -27.59 -50.00 4.22
C TYR F 369 -26.40 -49.41 4.95
N ALA F 370 -26.55 -48.16 5.38
CA ALA F 370 -25.55 -47.48 6.20
C ALA F 370 -26.14 -47.25 7.58
N GLY F 371 -25.61 -47.96 8.58
CA GLY F 371 -26.10 -47.86 9.93
C GLY F 371 -25.44 -46.73 10.71
N ALA F 372 -25.63 -46.78 12.02
CA ALA F 372 -25.06 -45.77 12.90
C ALA F 372 -24.69 -46.43 14.23
N VAL F 373 -24.29 -45.62 15.21
CA VAL F 373 -23.64 -46.09 16.43
C VAL F 373 -24.58 -45.94 17.61
N HIS F 374 -24.67 -46.98 18.44
CA HIS F 374 -25.46 -46.96 19.66
C HIS F 374 -24.65 -47.02 20.95
N TYR F 375 -23.39 -47.44 20.88
CA TYR F 375 -22.63 -47.77 22.08
C TYR F 375 -21.16 -47.51 21.79
N SER F 376 -20.45 -46.95 22.77
CA SER F 376 -19.07 -46.54 22.60
C SER F 376 -18.20 -47.16 23.68
N VAL F 377 -16.90 -47.28 23.39
CA VAL F 377 -15.93 -47.88 24.30
C VAL F 377 -14.67 -47.03 24.31
N ILE F 378 -14.11 -46.78 25.50
CA ILE F 378 -12.85 -46.08 25.68
C ILE F 378 -12.06 -46.78 26.77
N ASN F 379 -10.74 -46.92 26.57
CA ASN F 379 -9.94 -47.81 27.40
C ASN F 379 -9.11 -47.13 28.49
N TYR F 380 -8.37 -46.06 28.20
CA TYR F 380 -7.72 -45.24 29.23
C TYR F 380 -6.73 -46.03 30.10
N THR F 381 -5.61 -46.42 29.50
CA THR F 381 -4.50 -46.98 30.25
C THR F 381 -3.72 -45.85 30.94
N MET F 382 -3.27 -46.10 32.17
CA MET F 382 -2.57 -45.12 32.97
C MET F 382 -1.18 -45.65 33.33
N THR F 383 -0.17 -44.78 33.26
CA THR F 383 1.21 -45.24 33.43
C THR F 383 1.97 -44.56 34.54
N PHE F 384 1.53 -43.39 35.01
CA PHE F 384 2.22 -42.66 36.07
C PHE F 384 3.65 -42.34 35.69
N LYS G 3 67.19 -0.05 -0.97
CA LYS G 3 66.34 -1.06 -1.60
C LYS G 3 66.32 -0.84 -3.11
N LEU G 4 65.13 -0.63 -3.65
CA LEU G 4 64.96 -0.30 -5.06
C LEU G 4 63.93 0.80 -5.16
N PRO G 5 63.99 1.63 -6.20
CA PRO G 5 62.96 2.67 -6.37
C PRO G 5 61.67 2.08 -6.89
N TYR G 6 60.59 2.85 -6.77
CA TYR G 6 59.34 2.47 -7.40
C TYR G 6 59.40 2.63 -8.91
N SER G 7 60.36 3.39 -9.43
CA SER G 7 60.54 3.52 -10.85
C SER G 7 60.98 2.23 -11.52
N ARG G 8 61.20 1.17 -10.74
CA ARG G 8 61.48 -0.14 -11.29
C ARG G 8 60.26 -0.76 -11.96
N VAL G 9 59.06 -0.46 -11.47
CA VAL G 9 57.84 -1.05 -12.01
C VAL G 9 56.86 -0.04 -12.58
N THR G 10 57.00 1.25 -12.27
CA THR G 10 56.13 2.28 -12.82
C THR G 10 56.97 3.48 -13.21
N ASN G 11 56.31 4.50 -13.75
CA ASN G 11 56.98 5.75 -14.10
C ASN G 11 55.98 6.87 -13.91
N VAL G 12 56.11 7.61 -12.82
CA VAL G 12 55.22 8.73 -12.50
C VAL G 12 56.06 9.99 -12.48
N THR G 13 55.69 10.97 -13.30
CA THR G 13 56.42 12.22 -13.41
C THR G 13 55.54 13.39 -12.99
N LEU G 14 56.09 14.61 -13.13
CA LEU G 14 55.34 15.84 -12.83
C LEU G 14 56.06 16.99 -13.51
N THR G 15 55.34 17.73 -14.34
CA THR G 15 55.83 18.94 -14.97
C THR G 15 54.95 20.12 -14.57
N ARG G 16 55.44 21.32 -14.84
CA ARG G 16 54.70 22.56 -14.59
C ARG G 16 54.34 23.17 -15.93
N THR G 17 53.24 22.72 -16.52
CA THR G 17 52.78 23.24 -17.81
C THR G 17 51.26 23.16 -17.83
N ASP G 18 50.65 23.61 -18.92
CA ASP G 18 49.21 23.59 -19.10
C ASP G 18 48.88 22.60 -20.20
N ASN G 19 47.96 21.67 -19.91
CA ASN G 19 47.53 20.67 -20.86
C ASN G 19 46.01 20.66 -20.97
N PHE G 20 45.51 20.72 -22.19
CA PHE G 20 44.09 20.69 -22.48
C PHE G 20 43.78 19.41 -23.24
N PRO G 21 42.53 18.96 -23.22
CA PRO G 21 42.16 17.78 -24.00
C PRO G 21 42.30 18.02 -25.49
N THR G 22 42.43 16.92 -26.23
CA THR G 22 42.84 16.99 -27.63
C THR G 22 41.70 17.49 -28.52
N ARG G 23 40.58 16.76 -28.56
CA ARG G 23 39.39 17.17 -29.30
C ARG G 23 39.71 17.38 -30.79
N ARG G 24 39.96 16.26 -31.47
CA ARG G 24 40.17 16.28 -32.91
C ARG G 24 38.98 16.93 -33.61
N GLY G 25 39.23 17.48 -34.79
CA GLY G 25 38.22 18.20 -35.52
C GLY G 25 38.29 18.00 -37.02
N PHE G 26 38.13 19.07 -37.81
CA PHE G 26 38.09 18.92 -39.25
C PHE G 26 39.44 19.16 -39.94
N GLY G 27 39.98 20.36 -39.84
CA GLY G 27 40.98 20.76 -40.83
C GLY G 27 42.38 21.14 -40.39
N THR G 28 43.16 21.68 -41.33
CA THR G 28 44.51 22.19 -41.09
C THR G 28 44.72 23.50 -41.84
N GLN G 29 45.59 24.36 -41.31
CA GLN G 29 45.93 25.62 -41.97
C GLN G 29 47.37 25.60 -42.46
N LEU G 30 47.69 26.58 -43.32
CA LEU G 30 49.01 26.71 -43.92
C LEU G 30 49.61 28.06 -43.55
N ILE G 31 50.90 28.05 -43.19
CA ILE G 31 51.66 29.25 -42.83
C ILE G 31 52.78 29.39 -43.84
N LEU G 32 52.63 30.32 -44.77
CA LEU G 32 53.62 30.53 -45.82
C LEU G 32 54.41 31.80 -45.53
N THR G 33 55.74 31.70 -45.59
CA THR G 33 56.61 32.86 -45.45
C THR G 33 57.86 32.61 -46.29
N HIS G 34 58.89 33.42 -46.04
CA HIS G 34 60.14 33.30 -46.78
C HIS G 34 61.27 32.71 -45.96
N THR G 35 61.07 32.54 -44.66
CA THR G 35 62.12 31.97 -43.81
C THR G 35 62.28 30.49 -44.09
N ALA G 36 63.54 30.01 -44.06
CA ALA G 36 63.86 28.60 -44.17
C ALA G 36 64.74 28.20 -42.99
N VAL G 37 64.57 26.96 -42.52
CA VAL G 37 65.26 26.51 -41.32
C VAL G 37 66.43 25.60 -41.62
N SER G 38 66.61 25.16 -42.86
CA SER G 38 67.79 24.47 -43.38
C SER G 38 67.95 23.05 -42.86
N GLY G 39 67.18 22.64 -41.87
CA GLY G 39 67.29 21.29 -41.34
C GLY G 39 66.04 20.48 -41.61
N GLN G 40 64.94 21.17 -41.94
CA GLN G 40 63.65 20.54 -42.12
C GLN G 40 62.84 21.08 -43.29
N VAL G 41 63.28 22.12 -43.97
CA VAL G 41 62.59 22.61 -45.16
C VAL G 41 63.56 22.81 -46.32
N ASP G 42 64.83 22.49 -46.15
CA ASP G 42 65.90 22.96 -47.03
C ASP G 42 65.77 22.24 -48.37
N ALA G 43 64.81 22.71 -49.17
CA ALA G 43 64.55 22.24 -50.52
C ALA G 43 64.05 20.80 -50.55
N THR G 44 64.04 20.15 -49.40
CA THR G 44 63.56 18.78 -49.28
C THR G 44 62.08 18.72 -48.91
N LYS G 45 61.56 19.79 -48.31
CA LYS G 45 60.18 19.84 -47.84
C LYS G 45 59.66 21.26 -48.10
N ARG G 46 58.98 21.45 -49.23
CA ARG G 46 58.27 22.71 -49.44
C ARG G 46 57.23 22.95 -48.35
N THR G 47 56.75 21.88 -47.70
CA THR G 47 55.95 21.96 -46.50
C THR G 47 56.49 20.90 -45.54
N LYS G 48 56.23 21.10 -44.25
CA LYS G 48 56.60 20.12 -43.23
C LYS G 48 55.52 20.11 -42.16
N LEU G 49 55.15 18.92 -41.71
CA LEU G 49 54.15 18.77 -40.67
C LEU G 49 54.84 18.66 -39.31
N TYR G 50 54.02 18.76 -38.25
CA TYR G 50 54.49 18.71 -36.89
C TYR G 50 53.57 17.81 -36.08
N ALA G 51 53.66 17.91 -34.78
CA ALA G 51 52.71 17.27 -33.87
C ALA G 51 52.20 18.22 -32.80
N SER G 52 53.05 19.08 -32.28
CA SER G 52 52.71 19.98 -31.17
C SER G 52 53.67 21.15 -31.25
N LEU G 53 53.31 22.24 -30.55
CA LEU G 53 54.14 23.43 -30.55
C LEU G 53 55.43 23.23 -29.76
N ALA G 54 55.33 22.61 -28.58
CA ALA G 54 56.49 22.48 -27.70
C ALA G 54 57.65 21.81 -28.42
N GLU G 55 57.37 20.80 -29.23
CA GLU G 55 58.42 20.10 -29.96
C GLU G 55 59.03 20.95 -31.07
N VAL G 56 58.72 22.24 -31.15
CA VAL G 56 59.34 23.08 -32.17
C VAL G 56 60.76 23.43 -31.77
N GLU G 57 61.70 23.06 -32.61
CA GLU G 57 63.10 23.44 -32.47
C GLU G 57 63.65 24.04 -33.75
N ALA G 58 63.20 23.54 -34.92
CA ALA G 58 63.77 23.99 -36.19
C ALA G 58 63.55 25.48 -36.40
N ASP G 59 62.35 25.98 -36.13
CA ASP G 59 62.09 27.41 -36.20
C ASP G 59 62.27 28.06 -34.82
N TYR G 60 63.08 29.11 -34.80
CA TYR G 60 63.52 29.72 -33.55
C TYR G 60 62.32 30.19 -32.73
N PRO G 61 62.33 29.97 -31.41
CA PRO G 61 61.19 30.40 -30.59
C PRO G 61 61.06 31.91 -30.44
N ALA G 62 61.80 32.66 -31.25
CA ALA G 62 61.67 34.11 -31.23
C ALA G 62 61.34 34.70 -32.59
N ASN G 63 61.44 33.94 -33.67
CA ASN G 63 61.20 34.50 -34.99
C ASN G 63 59.73 34.91 -35.14
N THR G 64 59.52 36.06 -35.75
CA THR G 64 58.17 36.63 -35.78
C THR G 64 57.24 35.81 -36.65
N SER G 65 57.79 35.14 -37.67
CA SER G 65 56.94 34.50 -38.67
C SER G 65 56.29 33.24 -38.13
N VAL G 66 57.08 32.22 -37.83
CA VAL G 66 56.52 30.89 -37.60
C VAL G 66 56.12 30.72 -36.14
N TYR G 67 57.03 30.98 -35.21
CA TYR G 67 56.74 30.73 -33.80
C TYR G 67 55.65 31.67 -33.28
N LYS G 68 55.72 32.95 -33.63
CA LYS G 68 54.71 33.88 -33.13
C LYS G 68 53.35 33.67 -33.76
N ALA G 69 53.27 32.96 -34.88
CA ALA G 69 52.00 32.60 -35.50
C ALA G 69 51.47 31.26 -35.03
N ALA G 70 52.35 30.24 -34.92
CA ALA G 70 51.93 28.99 -34.30
C ALA G 70 51.54 29.20 -32.85
N LEU G 71 52.06 30.28 -32.24
CA LEU G 71 51.71 30.59 -30.86
C LEU G 71 50.21 30.86 -30.73
N SER G 72 49.64 31.61 -31.68
CA SER G 72 48.21 31.87 -31.62
C SER G 72 47.41 30.81 -32.36
N ALA G 73 48.08 30.02 -33.21
CA ALA G 73 47.41 28.88 -33.82
C ALA G 73 47.09 27.80 -32.81
N PHE G 74 48.02 27.50 -31.90
CA PHE G 74 47.86 26.41 -30.97
C PHE G 74 47.26 26.82 -29.63
N SER G 75 46.77 28.07 -29.53
CA SER G 75 46.38 28.63 -28.24
C SER G 75 44.87 28.71 -28.04
N GLN G 76 44.11 27.76 -28.58
CA GLN G 76 42.70 27.66 -28.21
C GLN G 76 42.51 26.71 -27.04
N ASN G 77 41.38 26.84 -26.35
CA ASN G 77 41.11 26.00 -25.19
C ASN G 77 41.11 24.51 -25.53
N PRO G 78 40.45 24.05 -26.59
CA PRO G 78 40.79 22.72 -27.13
C PRO G 78 41.81 22.84 -28.25
N ARG G 79 42.65 21.82 -28.38
CA ARG G 79 43.67 22.30 -29.30
C ARG G 79 43.64 21.52 -30.61
N PRO G 80 43.95 22.16 -31.72
CA PRO G 80 44.20 21.40 -32.96
C PRO G 80 45.53 20.67 -32.88
N ILE G 81 45.88 19.93 -33.94
CA ILE G 81 47.15 19.23 -33.99
C ILE G 81 47.78 19.43 -35.37
N ARG G 82 49.06 19.09 -35.47
CA ARG G 82 49.81 19.00 -36.73
C ARG G 82 49.60 20.21 -37.64
N LEU G 83 50.17 21.34 -37.23
CA LEU G 83 50.27 22.48 -38.12
C LEU G 83 51.19 22.16 -39.30
N LYS G 84 50.87 22.74 -40.45
CA LYS G 84 51.65 22.57 -41.67
C LYS G 84 52.61 23.74 -41.85
N VAL G 85 53.87 23.50 -41.48
CA VAL G 85 54.90 24.53 -41.35
C VAL G 85 55.41 24.88 -42.74
N GLY G 86 56.18 25.97 -42.83
CA GLY G 86 56.40 26.62 -44.10
C GLY G 86 57.79 26.43 -44.72
N TYR G 87 57.78 26.44 -46.05
CA TYR G 87 58.96 26.68 -46.87
C TYR G 87 58.58 27.37 -48.17
N ALA G 88 57.30 27.73 -48.33
CA ALA G 88 56.69 27.80 -49.65
C ALA G 88 57.31 28.84 -50.58
N ALA G 89 57.09 30.12 -50.30
CA ALA G 89 57.65 31.21 -51.08
C ALA G 89 58.92 31.75 -50.45
N THR G 90 59.93 30.89 -50.28
CA THR G 90 61.17 31.30 -49.65
C THR G 90 61.81 32.51 -50.34
N PRO G 91 61.87 32.61 -51.67
CA PRO G 91 62.31 33.87 -52.28
C PRO G 91 61.35 35.00 -51.95
N THR G 92 61.90 36.22 -51.90
CA THR G 92 61.14 37.38 -51.46
C THR G 92 60.14 37.86 -52.52
N GLY G 93 58.99 37.20 -52.61
CA GLY G 93 57.90 37.69 -53.43
C GLY G 93 58.14 37.56 -54.92
N GLY G 94 59.30 38.02 -55.36
CA GLY G 94 59.67 37.91 -56.76
C GLY G 94 61.03 38.53 -56.97
N ASP G 95 61.75 38.00 -57.95
CA ASP G 95 63.06 38.56 -58.28
C ASP G 95 62.90 40.01 -58.71
N ASP G 96 61.89 40.30 -59.51
CA ASP G 96 61.36 41.66 -59.67
C ASP G 96 60.22 41.75 -58.67
N ALA G 97 60.43 42.55 -57.62
CA ALA G 97 59.50 42.54 -56.50
C ALA G 97 58.09 42.92 -56.91
N ALA G 98 57.94 43.96 -57.74
CA ALA G 98 56.61 44.44 -58.09
C ALA G 98 55.85 43.43 -58.95
N LYS G 99 56.56 42.49 -59.57
CA LYS G 99 55.93 41.51 -60.44
C LYS G 99 55.37 40.36 -59.61
N LYS G 100 54.10 40.07 -59.83
CA LYS G 100 53.39 39.01 -59.13
C LYS G 100 53.49 37.65 -59.83
N ALA G 101 54.11 37.60 -61.01
CA ALA G 101 54.24 36.33 -61.71
C ALA G 101 55.09 35.34 -60.93
N ASP G 102 56.19 35.79 -60.34
CA ASP G 102 57.02 34.91 -59.54
C ASP G 102 56.27 34.40 -58.31
N PHE G 103 55.49 35.25 -57.67
CA PHE G 103 54.68 34.80 -56.53
C PHE G 103 53.62 33.79 -56.97
N ILE G 104 53.01 34.00 -58.14
CA ILE G 104 52.02 33.05 -58.64
C ILE G 104 52.65 31.70 -58.93
N THR G 105 53.84 31.70 -59.54
CA THR G 105 54.53 30.45 -59.81
C THR G 105 54.99 29.78 -58.52
N SER G 106 55.40 30.56 -57.52
CA SER G 106 55.74 30.00 -56.22
C SER G 106 54.52 29.33 -55.59
N LEU G 107 53.35 29.96 -55.70
CA LEU G 107 52.13 29.34 -55.23
C LEU G 107 51.82 28.06 -55.99
N GLY G 108 52.06 28.07 -57.30
CA GLY G 108 51.76 26.91 -58.11
C GLY G 108 52.77 25.78 -57.99
N ALA G 109 53.89 26.02 -57.33
CA ALA G 109 54.89 24.99 -57.10
C ALA G 109 54.92 24.46 -55.68
N ILE G 110 54.00 24.90 -54.80
CA ILE G 110 53.93 24.36 -53.46
C ILE G 110 52.80 23.35 -53.30
N LEU G 111 51.85 23.30 -54.24
CA LEU G 111 50.88 22.22 -54.25
C LEU G 111 51.55 20.89 -54.57
N ASN G 112 52.57 20.93 -55.44
CA ASN G 112 53.14 19.71 -55.99
C ASN G 112 53.83 18.84 -54.95
N TYR G 113 54.05 19.38 -53.75
CA TYR G 113 54.58 18.54 -52.68
C TYR G 113 53.46 18.02 -51.79
N ASP G 114 52.52 18.89 -51.42
CA ASP G 114 51.53 18.50 -50.41
C ASP G 114 50.17 19.13 -50.66
N GLN G 115 49.14 18.32 -50.49
CA GLN G 115 47.74 18.74 -50.51
C GLN G 115 47.10 18.17 -49.25
N ALA G 116 47.32 18.85 -48.14
CA ALA G 116 46.61 18.58 -46.89
C ALA G 116 46.15 19.83 -46.18
N PHE G 117 46.41 21.02 -46.73
CA PHE G 117 45.98 22.24 -46.08
C PHE G 117 44.72 22.80 -46.74
N TYR G 118 43.90 23.45 -45.93
CA TYR G 118 42.61 23.97 -46.35
C TYR G 118 42.49 25.49 -46.20
N GLN G 119 43.11 26.08 -45.18
CA GLN G 119 43.06 27.50 -44.91
C GLN G 119 44.46 28.09 -45.02
N ILE G 120 44.60 29.11 -45.85
CA ILE G 120 45.90 29.67 -46.21
C ILE G 120 46.08 30.98 -45.45
N THR G 121 47.14 31.07 -44.64
CA THR G 121 47.42 32.23 -43.81
C THR G 121 48.86 32.67 -44.05
N LEU G 122 49.05 33.94 -44.39
CA LEU G 122 50.35 34.60 -44.34
C LEU G 122 50.41 35.40 -43.05
N ASP G 123 51.59 35.42 -42.42
CA ASP G 123 51.65 35.97 -41.08
C ASP G 123 53.00 36.64 -40.85
N ALA G 124 52.98 37.73 -40.08
CA ALA G 124 54.13 38.45 -39.55
C ALA G 124 55.01 39.03 -40.63
N ALA G 125 54.71 38.77 -41.90
CA ALA G 125 55.47 39.32 -43.01
C ALA G 125 54.61 39.13 -44.25
N LEU G 126 55.09 39.65 -45.37
CA LEU G 126 54.33 39.68 -46.62
C LEU G 126 53.08 40.54 -46.51
N ARG G 127 52.90 41.23 -45.38
CA ARG G 127 51.69 42.00 -45.13
C ARG G 127 51.70 43.24 -46.00
N ASP G 128 50.54 43.55 -46.59
CA ASP G 128 50.35 44.77 -47.39
C ASP G 128 51.29 44.83 -48.60
N GLN G 129 51.64 43.68 -49.17
CA GLN G 129 52.43 43.67 -50.40
C GLN G 129 51.51 43.70 -51.62
N PRO G 130 51.84 44.49 -52.65
CA PRO G 130 51.03 44.47 -53.87
C PRO G 130 51.05 43.14 -54.60
N TYR G 131 52.10 42.33 -54.43
CA TYR G 131 52.15 41.05 -55.13
C TYR G 131 51.17 40.03 -54.55
N LEU G 132 50.55 40.34 -53.42
CA LEU G 132 49.63 39.40 -52.78
C LEU G 132 48.35 39.22 -53.58
N ASP G 133 48.13 40.07 -54.60
CA ASP G 133 46.96 39.94 -55.46
C ASP G 133 46.91 38.57 -56.13
N GLY G 134 48.06 37.93 -56.33
CA GLY G 134 48.06 36.60 -56.90
C GLY G 134 47.32 35.59 -56.05
N LEU G 135 47.47 35.67 -54.73
CA LEU G 135 46.77 34.75 -53.85
C LEU G 135 45.27 34.91 -53.96
N VAL G 136 44.80 36.16 -54.04
CA VAL G 136 43.37 36.44 -54.13
C VAL G 136 42.82 35.97 -55.47
N GLU G 137 43.57 36.17 -56.56
CA GLU G 137 43.11 35.72 -57.86
C GLU G 137 43.19 34.20 -57.98
N TRP G 138 44.07 33.57 -57.24
CA TRP G 138 44.38 32.15 -57.43
C TRP G 138 43.56 31.22 -56.56
N VAL G 139 43.25 31.62 -55.31
CA VAL G 139 42.45 30.74 -54.47
C VAL G 139 41.03 30.63 -54.99
N GLU G 140 40.61 31.54 -55.87
CA GLU G 140 39.40 31.35 -56.64
C GLU G 140 39.56 30.15 -57.56
N ALA G 141 38.51 29.32 -57.60
CA ALA G 141 38.56 28.03 -58.29
C ALA G 141 39.67 27.14 -57.73
N GLN G 142 39.73 27.07 -56.39
CA GLN G 142 40.72 26.27 -55.70
C GLN G 142 40.13 25.92 -54.34
N PRO G 143 39.93 24.63 -54.02
CA PRO G 143 39.13 24.26 -52.83
C PRO G 143 39.86 24.56 -51.53
N LYS G 144 40.09 25.85 -51.26
CA LYS G 144 40.74 26.31 -50.05
C LYS G 144 40.12 27.62 -49.60
N ILE G 145 40.62 28.16 -48.49
CA ILE G 145 40.15 29.41 -47.93
C ILE G 145 41.36 30.31 -47.67
N ALA G 146 41.33 31.51 -48.23
CA ALA G 146 42.45 32.44 -48.15
C ALA G 146 42.12 33.56 -47.17
N MET G 147 43.01 33.78 -46.21
CA MET G 147 42.79 34.79 -45.18
C MET G 147 44.06 35.60 -44.96
N ILE G 148 43.89 36.92 -44.90
CA ILE G 148 45.01 37.86 -44.80
C ILE G 148 44.73 38.80 -43.63
N ASP G 149 45.60 38.76 -42.61
CA ASP G 149 45.45 39.66 -41.46
C ASP G 149 46.50 40.76 -41.60
N SER G 150 46.03 41.98 -41.81
CA SER G 150 46.92 43.12 -41.80
C SER G 150 47.32 43.46 -40.37
N ASN G 151 48.47 44.11 -40.23
CA ASN G 151 48.87 44.71 -38.98
C ASN G 151 48.55 46.19 -38.91
N ALA G 152 48.34 46.84 -40.05
CA ALA G 152 47.96 48.24 -40.13
C ALA G 152 47.64 48.58 -41.56
N ALA G 153 46.62 49.42 -41.76
CA ALA G 153 46.27 49.93 -43.08
C ALA G 153 45.24 51.05 -42.89
N GLY G 154 44.72 51.54 -44.01
CA GLY G 154 43.75 52.60 -44.02
C GLY G 154 42.35 52.14 -44.36
N HIS G 155 41.93 51.00 -43.79
CA HIS G 155 40.58 50.51 -44.01
C HIS G 155 39.57 51.29 -43.19
N GLU G 156 40.05 52.20 -42.33
CA GLU G 156 39.15 52.95 -41.47
C GLU G 156 38.55 54.15 -42.19
N ASP G 157 38.94 54.40 -43.43
CA ASP G 157 38.27 55.40 -44.25
C ASP G 157 37.22 54.72 -45.09
N PRO G 158 35.94 55.02 -44.93
CA PRO G 158 34.91 54.36 -45.75
C PRO G 158 34.88 54.85 -47.19
N ALA G 159 35.97 55.51 -47.63
CA ALA G 159 36.05 56.03 -48.98
C ALA G 159 37.25 55.51 -49.78
N ASN G 160 38.36 55.20 -49.14
CA ASN G 160 39.58 54.91 -49.88
C ASN G 160 39.46 53.58 -50.63
N THR G 161 40.22 53.48 -51.72
CA THR G 161 40.18 52.31 -52.60
C THR G 161 41.52 51.64 -52.81
N THR G 162 42.55 51.98 -52.05
CA THR G 162 43.87 51.39 -52.27
C THR G 162 44.13 50.18 -51.39
N VAL G 163 43.36 49.98 -50.32
CA VAL G 163 43.66 48.92 -49.36
C VAL G 163 43.22 47.57 -49.91
N ILE G 164 43.67 46.51 -49.22
CA ILE G 164 43.35 45.14 -49.61
C ILE G 164 41.85 44.96 -49.77
N ALA G 165 41.10 45.29 -48.71
CA ALA G 165 39.67 45.02 -48.69
C ALA G 165 38.86 45.96 -49.57
N ALA G 166 39.48 46.98 -50.15
CA ALA G 166 38.79 47.86 -51.09
C ALA G 166 38.99 47.41 -52.54
N ARG G 167 40.25 47.20 -52.95
CA ARG G 167 40.52 46.82 -54.33
C ARG G 167 39.96 45.44 -54.66
N HIS G 168 39.59 44.67 -53.64
CA HIS G 168 38.89 43.39 -53.81
C HIS G 168 37.73 43.35 -52.82
N LYS G 169 36.57 43.83 -53.25
CA LYS G 169 35.39 43.87 -52.39
C LYS G 169 34.17 43.63 -53.28
N GLY G 170 33.41 42.59 -52.94
CA GLY G 170 32.23 42.24 -53.71
C GLY G 170 32.50 41.39 -54.92
N THR G 171 33.78 41.12 -55.24
CA THR G 171 34.13 40.28 -56.37
C THR G 171 34.69 38.93 -55.98
N VAL G 172 35.17 38.77 -54.74
CA VAL G 172 35.77 37.52 -54.28
C VAL G 172 34.88 36.93 -53.21
N GLU G 173 34.64 35.62 -53.30
CA GLU G 173 33.76 34.93 -52.36
C GLU G 173 34.48 33.85 -51.56
N ARG G 174 35.81 33.87 -51.52
CA ARG G 174 36.55 32.84 -50.78
C ARG G 174 37.73 33.43 -50.02
N THR G 175 37.75 34.75 -49.82
CA THR G 175 38.83 35.39 -49.10
C THR G 175 38.25 36.35 -48.07
N ALA G 176 39.01 36.58 -47.01
CA ALA G 176 38.60 37.50 -45.96
C ALA G 176 39.82 38.18 -45.36
N VAL G 177 39.58 39.27 -44.64
CA VAL G 177 40.63 40.11 -44.07
C VAL G 177 40.44 40.14 -42.56
N PHE G 178 41.53 39.91 -41.81
CA PHE G 178 41.52 40.13 -40.37
C PHE G 178 42.27 41.43 -40.03
N TYR G 179 41.58 42.54 -40.25
CA TYR G 179 42.17 43.85 -39.98
C TYR G 179 42.31 44.08 -38.48
N HIS G 180 43.40 44.72 -38.09
CA HIS G 180 43.71 44.92 -36.69
C HIS G 180 44.79 45.99 -36.59
N THR G 181 45.33 46.19 -35.38
CA THR G 181 46.49 47.03 -35.15
C THR G 181 47.75 46.18 -35.13
N ASP G 182 48.87 46.79 -34.74
CA ASP G 182 50.18 46.18 -34.94
C ASP G 182 50.43 45.04 -33.95
N SER G 183 51.28 44.10 -34.40
CA SER G 183 52.02 43.14 -33.57
C SER G 183 51.21 41.97 -33.05
N THR G 184 50.05 41.65 -33.63
CA THR G 184 49.24 40.51 -33.20
C THR G 184 48.95 39.62 -34.41
N GLU G 185 49.28 38.33 -34.29
CA GLU G 185 48.87 37.32 -35.27
C GLU G 185 47.43 36.94 -34.96
N TYR G 186 46.54 37.07 -35.94
CA TYR G 186 45.12 36.96 -35.69
C TYR G 186 44.44 35.82 -36.44
N LEU G 187 44.77 35.59 -37.71
CA LEU G 187 44.17 34.48 -38.44
C LEU G 187 44.33 33.18 -37.67
N ALA G 188 45.48 32.98 -37.05
CA ALA G 188 45.73 31.76 -36.30
C ALA G 188 44.93 31.73 -35.01
N ALA G 189 44.47 32.89 -34.53
CA ALA G 189 43.86 32.94 -33.20
C ALA G 189 42.57 32.15 -33.14
N SER G 190 41.72 32.29 -34.16
CA SER G 190 40.42 31.65 -34.20
C SER G 190 40.35 30.55 -35.26
N MET G 191 40.73 30.86 -36.49
CA MET G 191 40.76 29.84 -37.53
C MET G 191 41.72 28.74 -37.15
N ALA G 192 41.37 27.50 -37.51
CA ALA G 192 42.26 26.37 -37.36
C ALA G 192 42.56 26.09 -35.89
N ALA G 193 42.03 26.92 -35.00
CA ALA G 193 42.13 26.69 -33.56
C ALA G 193 40.77 26.53 -32.93
N TYR G 194 39.79 27.32 -33.38
CA TYR G 194 38.39 27.04 -33.12
C TYR G 194 37.68 26.42 -34.31
N MET G 195 37.98 26.89 -35.52
CA MET G 195 37.40 26.31 -36.72
C MET G 195 37.78 24.84 -36.85
N SER G 196 39.04 24.51 -36.56
CA SER G 196 39.52 23.15 -36.77
C SER G 196 38.78 22.16 -35.91
N THR G 197 38.61 22.46 -34.62
CA THR G 197 38.00 21.47 -33.74
C THR G 197 36.48 21.56 -33.77
N ARG G 198 35.90 21.61 -34.96
CA ARG G 198 34.46 21.58 -35.17
C ARG G 198 34.11 20.25 -35.80
N VAL G 199 33.34 19.43 -35.09
CA VAL G 199 33.00 18.10 -35.56
C VAL G 199 31.54 18.14 -36.00
N PHE G 200 31.33 18.03 -37.32
CA PHE G 200 29.98 18.06 -37.87
C PHE G 200 29.32 16.70 -37.87
N ASP G 201 29.96 15.69 -37.32
CA ASP G 201 29.37 14.35 -37.27
C ASP G 201 28.42 14.16 -36.11
N ASP G 202 28.24 15.19 -35.28
CA ASP G 202 27.30 15.14 -34.17
C ASP G 202 26.05 15.92 -34.51
N ALA G 203 24.97 15.64 -33.78
CA ALA G 203 23.74 16.39 -33.95
C ALA G 203 23.92 17.83 -33.50
N ASN G 204 23.29 18.75 -34.22
CA ASN G 204 23.22 20.16 -33.87
C ASN G 204 24.57 20.83 -33.74
N SER G 205 25.56 20.35 -34.50
CA SER G 205 26.90 20.92 -34.49
C SER G 205 27.12 21.91 -35.62
N ALA G 206 26.23 22.87 -35.75
CA ALA G 206 26.34 23.90 -36.79
C ALA G 206 26.64 25.22 -36.09
N TYR G 207 27.87 25.68 -36.23
CA TYR G 207 28.29 26.93 -35.59
C TYR G 207 28.10 28.11 -36.56
N THR G 208 26.92 28.11 -37.18
CA THR G 208 26.66 28.90 -38.39
C THR G 208 27.28 30.30 -38.33
N LEU G 209 27.44 30.87 -37.14
CA LEU G 209 27.90 32.24 -37.00
C LEU G 209 29.41 32.38 -37.12
N LYS G 210 30.14 31.80 -36.17
CA LYS G 210 31.52 32.19 -35.88
C LYS G 210 31.60 33.68 -35.55
N PHE G 211 30.55 34.23 -34.93
CA PHE G 211 30.33 35.66 -34.85
C PHE G 211 30.52 36.22 -33.45
N LYS G 212 30.36 35.41 -32.39
CA LYS G 212 30.72 35.87 -31.05
C LYS G 212 31.51 34.77 -30.37
N LYS G 213 32.81 34.73 -30.64
CA LYS G 213 33.68 33.66 -30.15
C LYS G 213 34.96 34.25 -29.59
N ALA G 214 35.35 33.79 -28.41
CA ALA G 214 36.48 34.24 -27.62
C ALA G 214 37.73 33.43 -27.89
N PRO G 215 38.83 34.05 -28.28
CA PRO G 215 40.10 33.33 -28.42
C PRO G 215 40.74 33.10 -27.06
N GLY G 216 41.87 32.42 -27.07
CA GLY G 216 42.56 32.11 -25.83
C GLY G 216 42.97 33.33 -25.03
N VAL G 217 43.93 34.09 -25.55
CA VAL G 217 44.37 35.34 -24.93
C VAL G 217 44.68 36.31 -26.07
N ARG G 218 44.13 37.53 -25.99
CA ARG G 218 44.46 38.56 -26.95
C ARG G 218 43.95 39.90 -26.44
N ALA G 219 44.09 40.92 -27.29
CA ALA G 219 43.72 42.29 -26.95
C ALA G 219 42.75 42.85 -27.99
N ILE G 220 41.98 43.83 -27.56
CA ILE G 220 40.95 44.46 -28.36
C ILE G 220 41.53 45.64 -29.12
N ASP G 221 40.82 46.08 -30.15
CA ASP G 221 41.08 47.38 -30.76
C ASP G 221 40.19 48.42 -30.07
N LYS G 222 40.09 49.61 -30.66
CA LYS G 222 39.38 50.72 -30.04
C LYS G 222 38.45 51.41 -31.04
N GLY G 223 37.37 51.99 -30.52
CA GLY G 223 36.49 52.83 -31.31
C GLY G 223 35.05 52.34 -31.42
N SER G 224 34.18 53.22 -31.93
CA SER G 224 32.80 52.85 -32.23
C SER G 224 32.39 53.14 -33.65
N ALA G 225 32.66 54.34 -34.16
CA ALA G 225 32.40 54.68 -35.55
C ALA G 225 33.52 54.26 -36.48
N VAL G 226 34.61 53.73 -35.92
CA VAL G 226 35.67 53.14 -36.73
C VAL G 226 35.47 51.65 -36.94
N VAL G 227 34.56 51.03 -36.18
CA VAL G 227 34.28 49.60 -36.26
C VAL G 227 33.21 49.36 -37.32
N THR G 228 32.76 50.42 -37.98
CA THR G 228 31.82 50.26 -39.09
C THR G 228 32.42 50.62 -40.43
N ALA G 229 33.47 51.44 -40.45
CA ALA G 229 34.30 51.53 -41.65
C ALA G 229 34.96 50.19 -41.92
N ILE G 230 35.64 49.64 -40.91
CA ILE G 230 35.99 48.24 -40.94
C ILE G 230 34.74 47.42 -40.65
N THR G 231 34.71 46.19 -41.16
CA THR G 231 33.59 45.24 -41.06
C THR G 231 32.34 45.71 -41.79
N GLY G 232 32.33 46.93 -42.33
CA GLY G 232 31.22 47.44 -43.12
C GLY G 232 29.82 47.12 -42.64
N PHE G 233 29.62 47.05 -41.33
CA PHE G 233 28.37 46.59 -40.74
C PHE G 233 27.54 47.79 -40.30
N VAL G 234 26.35 47.95 -40.89
CA VAL G 234 25.42 48.96 -40.41
C VAL G 234 24.51 48.33 -39.35
N GLU G 235 23.86 49.19 -38.56
CA GLU G 235 23.27 48.75 -37.30
C GLU G 235 22.23 47.65 -37.52
N GLN G 236 21.11 47.99 -38.15
CA GLN G 236 19.99 47.07 -38.29
C GLN G 236 19.74 46.65 -39.73
N THR G 237 20.23 47.44 -40.69
CA THR G 237 20.05 47.08 -42.09
C THR G 237 20.75 45.77 -42.45
N GLY G 238 22.00 45.62 -42.02
CA GLY G 238 22.76 44.45 -42.39
C GLY G 238 24.23 44.77 -42.56
N GLN G 239 24.75 44.48 -43.75
CA GLN G 239 26.13 44.80 -44.11
C GLN G 239 26.13 45.37 -45.52
N SER G 240 26.64 46.59 -45.67
CA SER G 240 26.62 47.30 -46.94
C SER G 240 28.02 47.40 -47.51
N GLU G 241 28.14 47.14 -48.81
CA GLU G 241 29.45 47.09 -49.46
C GLU G 241 30.06 48.47 -49.64
N SER G 242 29.25 49.45 -50.01
CA SER G 242 29.77 50.79 -50.28
C SER G 242 30.16 51.52 -49.00
N ALA G 243 29.51 51.22 -47.87
CA ALA G 243 29.71 51.94 -46.63
C ALA G 243 30.67 51.22 -45.67
N GLY G 244 31.71 50.58 -46.18
CA GLY G 244 32.69 49.97 -45.32
C GLY G 244 33.44 48.88 -46.03
N HIS G 245 34.43 48.34 -45.32
CA HIS G 245 35.27 47.25 -45.82
C HIS G 245 35.26 46.11 -44.82
N CYS G 246 34.93 44.92 -45.30
CA CYS G 246 34.70 43.75 -44.44
C CYS G 246 36.02 43.29 -43.83
N ALA G 247 36.00 43.03 -42.52
CA ALA G 247 37.14 42.44 -41.83
C ALA G 247 36.69 42.05 -40.42
N ASN G 248 37.63 41.60 -39.60
CA ASN G 248 37.31 41.09 -38.28
C ASN G 248 38.26 41.69 -37.27
N THR G 249 37.71 42.20 -36.16
CA THR G 249 38.49 43.07 -35.29
C THR G 249 38.48 42.71 -33.81
N LEU G 250 37.64 41.80 -33.35
CA LEU G 250 37.61 41.38 -31.95
C LEU G 250 37.34 42.56 -31.01
N ILE G 251 36.11 43.05 -31.10
CA ILE G 251 35.63 44.14 -30.24
C ILE G 251 35.35 43.63 -28.83
N ASP G 252 35.13 44.56 -27.91
CA ASP G 252 34.61 44.24 -26.58
C ASP G 252 33.48 45.20 -26.24
N ILE G 253 32.37 44.66 -25.74
CA ILE G 253 31.17 45.43 -25.47
C ILE G 253 30.90 45.53 -23.97
N GLY G 254 30.70 44.40 -23.31
CA GLY G 254 30.54 44.43 -21.87
C GLY G 254 31.88 44.32 -21.19
N ASP G 255 32.02 43.35 -20.30
CA ASP G 255 33.35 42.96 -19.84
C ASP G 255 33.92 41.80 -20.65
N GLN G 256 33.25 41.42 -21.75
CA GLN G 256 33.68 40.29 -22.57
C GLN G 256 34.31 40.81 -23.85
N GLU G 257 35.28 40.06 -24.37
CA GLU G 257 35.87 40.33 -25.67
C GLU G 257 35.57 39.14 -26.59
N PHE G 258 35.18 39.44 -27.83
CA PHE G 258 34.77 38.39 -28.75
C PHE G 258 34.92 38.87 -30.18
N LEU G 259 35.06 37.90 -31.08
CA LEU G 259 35.20 38.22 -32.50
C LEU G 259 33.90 38.84 -33.02
N VAL G 260 34.01 39.65 -34.06
CA VAL G 260 32.84 40.33 -34.58
C VAL G 260 32.84 40.29 -36.11
N GLU G 261 31.64 40.46 -36.66
CA GLU G 261 31.24 40.29 -38.06
C GLU G 261 31.23 38.85 -38.52
N GLY G 262 31.67 37.90 -37.70
CA GLY G 262 31.59 36.51 -38.08
C GLY G 262 32.39 36.13 -39.30
N SER G 263 33.47 36.85 -39.59
CA SER G 263 34.37 36.54 -40.70
C SER G 263 33.64 36.49 -42.04
N THR G 264 33.15 37.65 -42.44
CA THR G 264 32.58 37.73 -43.78
C THR G 264 33.70 37.68 -44.83
N LEU G 265 33.28 37.42 -46.06
CA LEU G 265 34.16 37.43 -47.22
C LEU G 265 33.77 38.50 -48.23
N THR G 266 32.49 38.59 -48.55
CA THR G 266 31.90 39.65 -49.37
C THR G 266 30.66 40.09 -48.61
N GLN G 267 29.77 40.81 -49.29
CA GLN G 267 28.75 41.61 -48.59
C GLN G 267 28.00 40.80 -47.54
N ASN G 268 27.53 39.60 -47.89
CA ASN G 268 26.74 38.78 -46.96
C ASN G 268 27.10 37.30 -47.07
N VAL G 269 28.39 37.00 -47.09
CA VAL G 269 28.88 35.63 -47.19
C VAL G 269 29.74 35.39 -45.96
N PHE G 270 29.41 34.36 -45.19
CA PHE G 270 30.06 34.14 -43.91
C PHE G 270 30.94 32.90 -43.95
N LEU G 271 31.79 32.79 -42.92
CA LEU G 271 32.83 31.77 -42.94
C LEU G 271 32.27 30.37 -42.72
N ASP G 272 31.25 30.23 -41.86
CA ASP G 272 30.74 28.90 -41.57
C ASP G 272 30.06 28.27 -42.78
N GLU G 273 29.43 29.07 -43.64
CA GLU G 273 28.87 28.48 -44.86
C GLU G 273 29.95 27.77 -45.66
N ILE G 274 31.07 28.44 -45.90
CA ILE G 274 32.16 27.84 -46.66
C ILE G 274 32.71 26.63 -45.93
N HIS G 275 32.95 26.75 -44.62
CA HIS G 275 33.53 25.66 -43.86
C HIS G 275 32.62 24.42 -43.90
N ALA G 276 31.32 24.61 -43.71
CA ALA G 276 30.39 23.47 -43.66
C ALA G 276 30.22 22.83 -45.02
N THR G 277 30.08 23.63 -46.08
CA THR G 277 29.95 23.03 -47.41
C THR G 277 31.23 22.30 -47.81
N ASP G 278 32.38 22.81 -47.38
CA ASP G 278 33.63 22.11 -47.68
C ASP G 278 33.75 20.82 -46.88
N TRP G 279 33.20 20.79 -45.66
CA TRP G 279 33.09 19.52 -44.94
C TRP G 279 32.22 18.54 -45.71
N ILE G 280 31.12 19.03 -46.28
CA ILE G 280 30.24 18.14 -47.05
C ILE G 280 30.99 17.55 -48.23
N ILE G 281 31.73 18.38 -48.95
CA ILE G 281 32.46 17.90 -50.14
C ILE G 281 33.54 16.90 -49.73
N ALA G 282 34.32 17.24 -48.70
CA ALA G 282 35.40 16.37 -48.26
C ALA G 282 34.89 15.07 -47.68
N ARG G 283 33.69 15.05 -47.13
CA ARG G 283 33.09 13.82 -46.62
C ARG G 283 32.58 12.94 -47.74
N THR G 284 31.96 13.54 -48.78
CA THR G 284 31.56 12.74 -49.93
C THR G 284 32.77 12.14 -50.64
N GLU G 285 33.88 12.87 -50.70
CA GLU G 285 35.09 12.30 -51.26
C GLU G 285 35.55 11.07 -50.49
N GLU G 286 35.55 11.16 -49.16
CA GLU G 286 36.02 10.05 -48.34
C GLU G 286 35.13 8.83 -48.48
N GLU G 287 33.81 9.06 -48.51
CA GLU G 287 32.89 7.93 -48.66
C GLU G 287 32.98 7.31 -50.05
N MET G 288 33.18 8.12 -51.09
CA MET G 288 33.39 7.55 -52.42
C MET G 288 34.64 6.69 -52.45
N LEU G 289 35.73 7.17 -51.87
CA LEU G 289 36.96 6.38 -51.85
C LEU G 289 36.78 5.09 -51.05
N SER G 290 36.09 5.17 -49.93
CA SER G 290 35.81 3.97 -49.15
C SER G 290 34.89 2.99 -49.88
N LEU G 291 34.07 3.46 -50.82
CA LEU G 291 33.30 2.57 -51.68
C LEU G 291 34.14 1.87 -52.74
N PHE G 292 35.16 2.54 -53.27
CA PHE G 292 36.00 1.92 -54.29
C PHE G 292 36.97 0.89 -53.72
N LEU G 293 37.22 0.92 -52.41
CA LEU G 293 38.16 -0.01 -51.79
C LEU G 293 37.49 -1.27 -51.25
N ASN G 294 36.19 -1.22 -50.94
CA ASN G 294 35.50 -2.39 -50.42
C ASN G 294 35.08 -3.33 -51.54
N ASN G 295 34.43 -2.80 -52.56
CA ASN G 295 33.90 -3.64 -53.63
C ASN G 295 35.03 -4.24 -54.46
N ASP G 296 34.76 -5.41 -55.05
CA ASP G 296 35.61 -5.90 -56.11
C ASP G 296 35.68 -4.87 -57.22
N ARG G 297 34.55 -4.60 -57.88
CA ARG G 297 34.42 -3.55 -58.88
C ARG G 297 33.12 -2.80 -58.69
N VAL G 298 33.00 -1.67 -59.40
CA VAL G 298 31.75 -0.96 -59.60
C VAL G 298 31.44 -1.00 -61.09
N PRO G 299 30.44 -1.75 -61.54
CA PRO G 299 30.21 -1.91 -62.97
C PRO G 299 29.64 -0.65 -63.61
N PHE G 300 29.81 -0.59 -64.93
CA PHE G 300 29.36 0.55 -65.73
C PHE G 300 27.95 0.29 -66.27
N THR G 301 27.02 0.11 -65.35
CA THR G 301 25.62 -0.12 -65.68
C THR G 301 24.76 0.84 -64.86
N ASP G 302 23.44 0.63 -64.91
CA ASP G 302 22.55 1.43 -64.06
C ASP G 302 22.64 1.01 -62.60
N GLN G 303 22.87 -0.27 -62.34
CA GLN G 303 23.07 -0.74 -60.97
C GLN G 303 24.29 -0.07 -60.35
N GLY G 304 25.36 0.08 -61.13
CA GLY G 304 26.51 0.82 -60.66
C GLY G 304 26.24 2.28 -60.39
N MET G 305 25.44 2.93 -61.23
CA MET G 305 25.07 4.32 -60.99
C MET G 305 24.30 4.48 -59.69
N GLN G 306 23.37 3.56 -59.42
CA GLN G 306 22.65 3.63 -58.14
C GLN G 306 23.57 3.33 -56.97
N GLN G 307 24.50 2.40 -57.12
CA GLN G 307 25.47 2.14 -56.06
C GLN G 307 26.32 3.38 -55.77
N LEU G 308 26.74 4.09 -56.82
CA LEU G 308 27.48 5.34 -56.63
C LEU G 308 26.61 6.40 -55.97
N ALA G 309 25.37 6.56 -56.41
CA ALA G 309 24.50 7.61 -55.89
C ALA G 309 24.04 7.33 -54.47
N SER G 310 24.24 6.11 -53.97
CA SER G 310 23.91 5.83 -52.57
C SER G 310 24.72 6.66 -51.59
N VAL G 311 25.84 7.24 -52.00
CA VAL G 311 26.75 7.97 -51.11
C VAL G 311 26.22 9.36 -50.79
N PRO G 312 25.89 10.21 -51.78
CA PRO G 312 25.29 11.51 -51.43
C PRO G 312 24.00 11.40 -50.66
N ARG G 313 23.23 10.33 -50.85
CA ARG G 313 22.00 10.16 -50.08
C ARG G 313 22.27 10.05 -48.58
N ALA G 314 23.28 9.29 -48.19
CA ALA G 314 23.69 9.21 -46.79
C ALA G 314 24.33 10.49 -46.29
N ILE G 315 25.12 11.15 -47.12
CA ILE G 315 25.77 12.39 -46.68
C ILE G 315 24.73 13.48 -46.43
N MET G 316 23.68 13.54 -47.24
CA MET G 316 22.67 14.57 -47.03
C MET G 316 21.88 14.33 -45.76
N GLN G 317 21.60 13.08 -45.43
CA GLN G 317 20.93 12.79 -44.16
C GLN G 317 21.84 13.11 -42.98
N LEU G 318 23.14 12.86 -43.12
CA LEU G 318 24.09 13.28 -42.11
C LEU G 318 24.13 14.79 -41.92
N ALA G 319 24.10 15.55 -43.02
CA ALA G 319 24.18 17.00 -42.97
C ALA G 319 22.90 17.66 -42.46
N ALA G 320 21.72 17.11 -42.80
CA ALA G 320 20.48 17.68 -42.29
C ALA G 320 20.35 17.50 -40.79
N ARG G 321 21.03 16.49 -40.23
CA ARG G 321 20.99 16.26 -38.79
C ARG G 321 21.85 17.28 -38.04
N ALA G 322 23.00 17.64 -38.60
CA ALA G 322 23.87 18.61 -37.95
C ALA G 322 23.22 19.99 -37.89
N GLY G 323 22.36 20.30 -38.87
CA GLY G 323 21.69 21.58 -38.88
C GLY G 323 22.13 22.45 -40.03
N ILE G 324 22.84 21.88 -40.99
CA ILE G 324 23.37 22.63 -42.13
C ILE G 324 22.31 22.73 -43.21
N VAL G 325 21.55 21.65 -43.41
CA VAL G 325 20.49 21.60 -44.40
C VAL G 325 19.18 21.94 -43.73
N ALA G 326 18.29 22.58 -44.48
CA ALA G 326 17.07 23.15 -43.92
C ALA G 326 16.03 22.08 -43.60
N LEU G 327 14.96 22.52 -42.94
CA LEU G 327 13.91 21.63 -42.44
C LEU G 327 12.67 21.64 -43.34
N ASP G 328 12.85 21.22 -44.59
CA ASP G 328 11.76 20.66 -45.40
C ASP G 328 10.53 21.56 -45.51
N LEU G 329 10.70 22.86 -45.30
CA LEU G 329 9.58 23.80 -45.36
C LEU G 329 10.01 25.02 -46.16
N ASN G 330 9.08 25.55 -46.96
CA ASN G 330 9.35 26.72 -47.77
C ASN G 330 9.63 27.93 -46.88
N PRO G 331 10.77 28.60 -47.01
CA PRO G 331 11.06 29.74 -46.12
C PRO G 331 10.16 30.94 -46.38
N LEU G 332 9.56 31.02 -47.57
CA LEU G 332 8.68 32.16 -47.88
C LEU G 332 7.33 32.01 -47.20
N THR G 333 6.65 30.89 -47.44
CA THR G 333 5.26 30.71 -47.02
C THR G 333 5.06 29.66 -45.95
N GLY G 334 6.06 28.84 -45.65
CA GLY G 334 5.90 27.78 -44.68
C GLY G 334 5.23 26.53 -45.21
N ALA G 335 4.96 26.48 -46.52
CA ALA G 335 4.38 25.30 -47.13
C ALA G 335 5.45 24.23 -47.33
N TYR G 336 5.02 23.00 -47.58
CA TYR G 336 5.95 21.89 -47.73
C TYR G 336 6.79 22.03 -48.99
N GLU G 337 8.09 21.79 -48.85
CA GLU G 337 9.00 21.76 -49.97
C GLU G 337 10.18 20.85 -49.64
N PRO G 338 10.59 19.96 -50.56
CA PRO G 338 11.72 19.08 -50.27
C PRO G 338 13.00 19.87 -50.00
N ALA G 339 13.77 19.41 -49.02
CA ALA G 339 15.00 20.10 -48.67
C ALA G 339 16.12 19.80 -49.66
N TYR G 340 16.21 18.55 -50.11
CA TYR G 340 17.24 18.15 -51.05
C TYR G 340 16.71 17.05 -51.96
N THR G 341 17.19 17.02 -53.20
CA THR G 341 16.89 15.96 -54.14
C THR G 341 18.17 15.44 -54.76
N ILE G 342 18.16 14.18 -55.19
CA ILE G 342 19.29 13.54 -55.85
C ILE G 342 18.79 12.86 -57.11
N THR G 343 19.33 13.27 -58.25
CA THR G 343 18.94 12.72 -59.55
C THR G 343 20.12 11.98 -60.17
N VAL G 344 19.89 10.73 -60.55
CA VAL G 344 20.90 9.83 -61.07
C VAL G 344 20.75 9.76 -62.59
N PRO G 345 21.81 9.92 -63.37
CA PRO G 345 21.68 9.88 -64.82
C PRO G 345 21.61 8.46 -65.35
N SER G 346 21.36 8.35 -66.65
CA SER G 346 21.34 7.06 -67.33
C SER G 346 22.60 6.88 -68.14
N VAL G 347 23.25 5.72 -68.01
CA VAL G 347 24.31 5.35 -68.94
C VAL G 347 23.75 4.85 -70.26
N PHE G 348 22.44 4.62 -70.32
CA PHE G 348 21.84 3.90 -71.44
C PHE G 348 22.04 4.62 -72.76
N ASP G 349 21.69 5.89 -72.84
CA ASP G 349 21.80 6.65 -74.06
C ASP G 349 23.11 7.41 -74.16
N ILE G 350 23.96 7.34 -73.15
CA ILE G 350 25.35 7.78 -73.30
C ILE G 350 26.00 6.75 -74.21
N PRO G 351 26.54 7.16 -75.35
CA PRO G 351 27.02 6.20 -76.34
C PRO G 351 28.15 5.32 -75.80
N GLU G 352 28.27 4.13 -76.40
CA GLU G 352 29.43 3.30 -76.16
C GLU G 352 30.71 4.00 -76.62
N SER G 353 30.59 4.94 -77.55
CA SER G 353 31.73 5.77 -77.91
C SER G 353 32.30 6.48 -76.69
N GLN G 354 31.43 6.88 -75.76
CA GLN G 354 31.87 7.50 -74.53
C GLN G 354 31.95 6.51 -73.36
N ARG G 355 31.26 5.37 -73.45
CA ARG G 355 31.27 4.38 -72.39
C ARG G 355 32.66 3.83 -72.11
N LYS G 356 33.49 3.66 -73.14
CA LYS G 356 34.81 3.09 -72.96
C LYS G 356 35.73 4.01 -72.17
N ALA G 357 35.26 5.18 -71.78
CA ALA G 357 36.10 6.16 -71.08
C ALA G 357 36.43 5.74 -69.65
N ARG G 358 35.60 4.90 -69.03
CA ARG G 358 35.70 4.55 -67.62
C ARG G 358 35.54 5.77 -66.73
N ILE G 359 34.90 6.81 -67.27
CA ILE G 359 34.54 8.00 -66.51
C ILE G 359 33.02 8.04 -66.42
N ALA G 360 32.48 7.92 -65.23
CA ALA G 360 31.06 7.85 -65.04
C ALA G 360 30.40 9.20 -65.31
N PRO G 361 29.13 9.19 -65.73
CA PRO G 361 28.39 10.46 -65.86
C PRO G 361 28.14 11.13 -64.52
N ALA G 362 27.78 12.41 -64.54
CA ALA G 362 27.69 13.23 -63.35
C ALA G 362 26.35 13.05 -62.65
N ILE G 363 26.40 13.01 -61.32
CA ILE G 363 25.22 12.96 -60.48
C ILE G 363 24.98 14.36 -59.91
N GLN G 364 23.72 14.80 -59.94
CA GLN G 364 23.35 16.16 -59.53
C GLN G 364 22.55 16.12 -58.25
N VAL G 365 22.89 17.02 -57.31
CA VAL G 365 22.28 17.06 -56.00
C VAL G 365 21.80 18.49 -55.74
N ARG G 366 20.79 18.63 -54.90
CA ARG G 366 20.14 19.91 -54.62
C ARG G 366 20.20 20.21 -53.13
N PHE G 367 20.16 21.50 -52.79
CA PHE G 367 20.47 21.97 -51.46
C PHE G 367 19.36 22.84 -50.90
N ARG G 368 19.54 23.25 -49.66
CA ARG G 368 18.92 24.45 -49.10
C ARG G 368 19.63 24.73 -47.79
N TYR G 369 20.13 25.94 -47.62
CA TYR G 369 20.93 26.25 -46.46
C TYR G 369 20.04 26.72 -45.30
N ALA G 370 20.47 26.39 -44.09
CA ALA G 370 19.81 26.86 -42.88
C ALA G 370 20.75 27.82 -42.15
N GLY G 371 20.38 29.10 -42.13
CA GLY G 371 21.21 30.12 -41.50
C GLY G 371 20.92 30.26 -40.02
N ALA G 372 21.43 31.35 -39.46
CA ALA G 372 21.24 31.63 -38.05
C ALA G 372 21.12 33.14 -37.86
N VAL G 373 21.09 33.58 -36.61
CA VAL G 373 20.70 34.94 -36.24
C VAL G 373 21.92 35.73 -35.77
N HIS G 374 22.06 36.96 -36.25
CA HIS G 374 23.14 37.86 -35.83
C HIS G 374 22.66 39.07 -35.06
N TYR G 375 21.38 39.42 -35.13
CA TYR G 375 20.90 40.70 -34.63
C TYR G 375 19.45 40.54 -34.20
N SER G 376 19.10 41.16 -33.08
CA SER G 376 17.79 40.98 -32.46
C SER G 376 17.13 42.34 -32.24
N VAL G 377 15.80 42.34 -32.17
CA VAL G 377 15.01 43.57 -31.99
C VAL G 377 13.91 43.30 -30.96
N ILE G 378 13.72 44.23 -30.03
CA ILE G 378 12.65 44.18 -29.04
C ILE G 378 12.06 45.58 -28.91
N ASN G 379 10.73 45.67 -28.80
CA ASN G 379 10.04 46.95 -28.94
C ASN G 379 9.62 47.63 -27.64
N TYR G 380 8.98 46.93 -26.71
CA TYR G 380 8.73 47.44 -25.35
C TYR G 380 7.87 48.72 -25.34
N THR G 381 6.60 48.58 -25.69
CA THR G 381 5.65 49.67 -25.51
C THR G 381 5.22 49.76 -24.05
N MET G 382 5.06 50.98 -23.55
CA MET G 382 4.72 51.24 -22.15
C MET G 382 3.40 52.00 -22.08
N THR G 383 2.53 51.63 -21.15
CA THR G 383 1.20 52.20 -21.10
C THR G 383 0.84 52.88 -19.79
N PHE G 384 1.54 52.58 -18.70
CA PHE G 384 1.24 53.18 -17.41
C PHE G 384 -0.18 52.90 -16.97
N LYS H 3 34.79 -48.28 31.41
CA LYS H 3 33.80 -48.51 30.37
C LYS H 3 34.50 -48.86 29.06
N LEU H 4 34.25 -48.06 28.03
CA LEU H 4 34.93 -48.20 26.75
C LEU H 4 35.29 -46.82 26.26
N PRO H 5 36.35 -46.68 25.45
CA PRO H 5 36.68 -45.37 24.90
C PRO H 5 35.74 -44.99 23.77
N TYR H 6 35.76 -43.70 23.43
CA TYR H 6 35.03 -43.26 22.24
C TYR H 6 35.73 -43.70 20.97
N SER H 7 37.00 -44.08 21.05
CA SER H 7 37.72 -44.60 19.89
C SER H 7 37.17 -45.94 19.42
N ARG H 8 36.17 -46.49 20.11
CA ARG H 8 35.50 -47.69 19.64
C ARG H 8 34.63 -47.41 18.43
N VAL H 9 34.06 -46.22 18.30
CA VAL H 9 33.18 -45.91 17.19
C VAL H 9 33.67 -44.76 16.32
N THR H 10 34.63 -43.96 16.77
CA THR H 10 35.18 -42.89 15.96
C THR H 10 36.70 -42.87 16.12
N ASN H 11 37.34 -41.94 15.42
CA ASN H 11 38.79 -41.76 15.55
C ASN H 11 39.07 -40.28 15.32
N VAL H 12 39.33 -39.56 16.40
CA VAL H 12 39.62 -38.13 16.35
C VAL H 12 41.04 -37.93 16.88
N THR H 13 41.89 -37.33 16.07
CA THR H 13 43.29 -37.12 16.43
C THR H 13 43.60 -35.62 16.48
N LEU H 14 44.88 -35.30 16.72
CA LEU H 14 45.34 -33.91 16.73
C LEU H 14 46.86 -33.92 16.59
N THR H 15 47.35 -33.23 15.57
CA THR H 15 48.78 -33.04 15.37
C THR H 15 49.10 -31.54 15.39
N ARG H 16 50.39 -31.22 15.50
CA ARG H 16 50.88 -29.85 15.47
C ARG H 16 51.66 -29.66 14.18
N THR H 17 50.95 -29.36 13.10
CA THR H 17 51.58 -29.12 11.80
C THR H 17 50.74 -28.10 11.05
N ASP H 18 51.18 -27.74 9.84
CA ASP H 18 50.49 -26.80 8.98
C ASP H 18 49.93 -27.54 7.77
N ASN H 19 48.64 -27.37 7.52
CA ASN H 19 47.98 -28.00 6.38
C ASN H 19 47.24 -26.95 5.57
N PHE H 20 47.46 -26.98 4.26
CA PHE H 20 46.80 -26.08 3.32
C PHE H 20 45.93 -26.90 2.39
N PRO H 21 44.93 -26.29 1.78
CA PRO H 21 44.10 -27.02 0.81
C PRO H 21 44.90 -27.46 -0.39
N THR H 22 44.37 -28.49 -1.07
CA THR H 22 45.13 -29.18 -2.09
C THR H 22 45.26 -28.35 -3.37
N ARG H 23 44.13 -28.03 -4.01
CA ARG H 23 44.11 -27.18 -5.19
C ARG H 23 44.98 -27.76 -6.32
N ARG H 24 44.48 -28.86 -6.88
CA ARG H 24 45.12 -29.47 -8.05
C ARG H 24 45.26 -28.45 -9.18
N GLY H 25 46.25 -28.68 -10.04
CA GLY H 25 46.54 -27.76 -11.10
C GLY H 25 46.97 -28.42 -12.39
N PHE H 26 48.00 -27.91 -13.05
CA PHE H 26 48.39 -28.46 -14.36
C PHE H 26 49.51 -29.50 -14.27
N GLY H 27 50.70 -29.09 -13.84
CA GLY H 27 51.87 -29.88 -14.19
C GLY H 27 52.73 -30.50 -13.09
N THR H 28 53.89 -31.02 -13.49
CA THR H 28 54.89 -31.59 -12.59
C THR H 28 56.28 -31.17 -13.04
N GLN H 29 57.22 -31.08 -12.08
CA GLN H 29 58.60 -30.75 -12.38
C GLN H 29 59.51 -31.94 -12.12
N LEU H 30 60.74 -31.85 -12.63
CA LEU H 30 61.74 -32.91 -12.50
C LEU H 30 62.97 -32.37 -11.77
N ILE H 31 63.50 -33.18 -10.85
CA ILE H 31 64.69 -32.85 -10.07
C ILE H 31 65.75 -33.90 -10.38
N LEU H 32 66.73 -33.53 -11.20
CA LEU H 32 67.78 -34.44 -11.61
C LEU H 32 69.06 -34.11 -10.87
N THR H 33 69.69 -35.13 -10.30
CA THR H 33 70.99 -35.00 -9.66
C THR H 33 71.74 -36.31 -9.81
N HIS H 34 72.81 -36.46 -9.03
CA HIS H 34 73.63 -37.67 -9.09
C HIS H 34 73.45 -38.57 -7.88
N THR H 35 72.75 -38.10 -6.85
CA THR H 35 72.54 -38.92 -5.66
C THR H 35 71.56 -40.05 -5.95
N ALA H 36 71.83 -41.22 -5.37
CA ALA H 36 70.93 -42.37 -5.42
C ALA H 36 70.66 -42.84 -4.01
N VAL H 37 69.44 -43.34 -3.79
CA VAL H 37 69.00 -43.72 -2.45
C VAL H 37 69.01 -45.23 -2.22
N SER H 38 69.20 -46.03 -3.26
CA SER H 38 69.45 -47.47 -3.21
C SER H 38 68.25 -48.29 -2.79
N GLY H 39 67.17 -47.68 -2.34
CA GLY H 39 65.99 -48.41 -1.94
C GLY H 39 64.81 -48.12 -2.84
N GLN H 40 64.90 -47.01 -3.59
CA GLN H 40 63.81 -46.55 -4.44
C GLN H 40 64.23 -46.02 -5.80
N VAL H 41 65.53 -45.92 -6.09
CA VAL H 41 65.98 -45.52 -7.42
C VAL H 41 67.05 -46.47 -7.95
N ASP H 42 67.39 -47.51 -7.20
CA ASP H 42 68.62 -48.26 -7.42
C ASP H 42 68.48 -49.06 -8.72
N ALA H 43 68.64 -48.35 -9.83
CA ALA H 43 68.63 -48.91 -11.19
C ALA H 43 67.27 -49.45 -11.57
N THR H 44 66.33 -49.48 -10.63
CA THR H 44 64.97 -49.94 -10.88
C THR H 44 64.03 -48.82 -11.26
N LYS H 45 64.38 -47.58 -10.90
CA LYS H 45 63.54 -46.41 -11.14
C LYS H 45 64.48 -45.25 -11.50
N ARG H 46 64.68 -45.01 -12.80
CA ARG H 46 65.37 -43.79 -13.21
C ARG H 46 64.63 -42.55 -12.73
N THR H 47 63.32 -42.66 -12.50
CA THR H 47 62.55 -41.65 -11.81
C THR H 47 61.64 -42.36 -10.82
N LYS H 48 61.20 -41.64 -9.80
CA LYS H 48 60.27 -42.17 -8.82
C LYS H 48 59.31 -41.05 -8.41
N LEU H 49 58.04 -41.39 -8.30
CA LEU H 49 57.03 -40.42 -7.88
C LEU H 49 56.81 -40.53 -6.37
N TYR H 50 56.09 -39.55 -5.85
CA TYR H 50 55.80 -39.46 -4.42
C TYR H 50 54.33 -39.10 -4.25
N ALA H 51 53.99 -38.66 -3.05
CA ALA H 51 52.68 -38.09 -2.77
C ALA H 51 52.78 -36.78 -2.01
N SER H 52 53.70 -36.68 -1.05
CA SER H 52 53.82 -35.52 -0.19
C SER H 52 55.25 -35.48 0.31
N LEU H 53 55.66 -34.33 0.85
CA LEU H 53 57.02 -34.18 1.35
C LEU H 53 57.24 -34.96 2.64
N ALA H 54 56.28 -34.90 3.56
CA ALA H 54 56.45 -35.50 4.88
C ALA H 54 56.80 -36.98 4.75
N GLU H 55 56.15 -37.67 3.82
CA GLU H 55 56.41 -39.09 3.64
C GLU H 55 57.79 -39.37 3.03
N VAL H 56 58.66 -38.37 2.92
CA VAL H 56 59.99 -38.62 2.39
C VAL H 56 60.85 -39.28 3.46
N GLU H 57 61.35 -40.46 3.16
CA GLU H 57 62.32 -41.17 3.98
C GLU H 57 63.53 -41.62 3.18
N ALA H 58 63.33 -42.00 1.90
CA ALA H 58 64.42 -42.53 1.10
C ALA H 58 65.56 -41.53 0.94
N ASP H 59 65.23 -40.27 0.65
CA ASP H 59 66.23 -39.23 0.58
C ASP H 59 66.34 -38.50 1.92
N TYR H 60 67.56 -38.40 2.42
CA TYR H 60 67.81 -37.92 3.78
C TYR H 60 67.25 -36.51 3.96
N PRO H 61 66.63 -36.21 5.09
CA PRO H 61 66.07 -34.86 5.29
C PRO H 61 67.14 -33.80 5.49
N ALA H 62 68.39 -34.11 5.21
CA ALA H 62 69.45 -33.12 5.29
C ALA H 62 70.22 -32.96 4.00
N ASN H 63 70.07 -33.86 3.04
CA ASN H 63 70.87 -33.78 1.82
C ASN H 63 70.47 -32.54 1.02
N THR H 64 71.49 -31.87 0.47
CA THR H 64 71.25 -30.56 -0.14
C THR H 64 70.44 -30.71 -1.43
N SER H 65 70.57 -31.84 -2.11
CA SER H 65 70.00 -31.97 -3.44
C SER H 65 68.48 -32.11 -3.39
N VAL H 66 67.99 -33.21 -2.84
CA VAL H 66 66.58 -33.55 -3.02
C VAL H 66 65.72 -32.89 -1.96
N TYR H 67 66.06 -33.08 -0.68
CA TYR H 67 65.20 -32.56 0.38
C TYR H 67 65.19 -31.04 0.40
N LYS H 68 66.35 -30.40 0.24
CA LYS H 68 66.38 -28.94 0.26
C LYS H 68 65.74 -28.31 -0.96
N ALA H 69 65.55 -29.07 -2.03
CA ALA H 69 64.83 -28.59 -3.22
C ALA H 69 63.35 -28.90 -3.17
N ALA H 70 62.97 -30.11 -2.75
CA ALA H 70 61.56 -30.39 -2.51
C ALA H 70 61.01 -29.51 -1.40
N LEU H 71 61.88 -29.01 -0.54
CA LEU H 71 61.46 -28.10 0.52
C LEU H 71 60.85 -26.82 -0.05
N SER H 72 61.48 -26.27 -1.09
CA SER H 72 60.92 -25.06 -1.71
C SER H 72 59.95 -25.41 -2.83
N ALA H 73 59.99 -26.66 -3.31
CA ALA H 73 58.99 -27.10 -4.27
C ALA H 73 57.60 -27.20 -3.64
N PHE H 74 57.53 -27.75 -2.43
CA PHE H 74 56.25 -28.00 -1.79
C PHE H 74 55.80 -26.87 -0.88
N SER H 75 56.47 -25.73 -0.91
CA SER H 75 56.24 -24.68 0.07
C SER H 75 55.45 -23.49 -0.47
N GLN H 76 54.53 -23.71 -1.38
CA GLN H 76 53.59 -22.65 -1.76
C GLN H 76 52.32 -22.72 -0.89
N ASN H 77 51.60 -21.61 -0.83
CA ASN H 77 50.39 -21.56 -0.01
C ASN H 77 49.35 -22.58 -0.44
N PRO H 78 49.03 -22.76 -1.73
CA PRO H 78 48.37 -24.00 -2.15
C PRO H 78 49.40 -25.02 -2.62
N ARG H 79 49.08 -26.30 -2.42
CA ARG H 79 50.30 -27.04 -2.69
C ARG H 79 50.16 -27.92 -3.92
N PRO H 80 51.21 -28.11 -4.69
CA PRO H 80 51.20 -29.17 -5.71
C PRO H 80 51.28 -30.55 -5.06
N ILE H 81 51.27 -31.60 -5.88
CA ILE H 81 51.40 -32.97 -5.38
C ILE H 81 52.37 -33.73 -6.27
N ARG H 82 52.80 -34.89 -5.77
CA ARG H 82 53.56 -35.89 -6.51
C ARG H 82 54.73 -35.29 -7.30
N LEU H 83 55.75 -34.87 -6.57
CA LEU H 83 57.02 -34.51 -7.20
C LEU H 83 57.67 -35.75 -7.82
N LYS H 84 58.36 -35.55 -8.92
CA LYS H 84 59.08 -36.61 -9.64
C LYS H 84 60.54 -36.63 -9.23
N VAL H 85 60.87 -37.55 -8.32
CA VAL H 85 62.14 -37.60 -7.62
C VAL H 85 63.19 -38.21 -8.56
N GLY H 86 64.46 -38.10 -8.17
CA GLY H 86 65.55 -38.27 -9.11
C GLY H 86 66.33 -39.57 -9.01
N TYR H 87 66.80 -40.01 -10.17
CA TYR H 87 67.89 -40.98 -10.29
C TYR H 87 68.70 -40.70 -11.55
N ALA H 88 68.38 -39.63 -12.28
CA ALA H 88 68.60 -39.57 -13.72
C ALA H 88 70.07 -39.68 -14.14
N ALA H 89 70.85 -38.64 -13.90
CA ALA H 89 72.27 -38.62 -14.22
C ALA H 89 73.11 -38.98 -13.00
N THR H 90 72.89 -40.17 -12.45
CA THR H 90 73.63 -40.58 -11.27
C THR H 90 75.15 -40.52 -11.45
N PRO H 91 75.74 -40.93 -12.58
CA PRO H 91 77.16 -40.67 -12.79
C PRO H 91 77.43 -39.18 -12.87
N THR H 92 78.64 -38.79 -12.46
CA THR H 92 79.01 -37.38 -12.34
C THR H 92 79.24 -36.73 -13.70
N GLY H 93 78.17 -36.35 -14.39
CA GLY H 93 78.29 -35.54 -15.59
C GLY H 93 78.85 -36.28 -16.78
N GLY H 94 79.96 -36.97 -16.57
CA GLY H 94 80.56 -37.76 -17.63
C GLY H 94 81.82 -38.41 -17.10
N ASP H 95 82.13 -39.58 -17.65
CA ASP H 95 83.37 -40.26 -17.27
C ASP H 95 84.57 -39.40 -17.59
N ASP H 96 84.55 -38.76 -18.75
CA ASP H 96 85.39 -37.60 -19.03
C ASP H 96 84.53 -36.40 -18.69
N ALA H 97 84.87 -35.70 -17.60
CA ALA H 97 83.99 -34.68 -17.08
C ALA H 97 83.72 -33.57 -18.08
N ALA H 98 84.74 -33.09 -18.78
CA ALA H 98 84.56 -31.97 -19.69
C ALA H 98 83.69 -32.34 -20.89
N LYS H 99 83.55 -33.63 -21.17
CA LYS H 99 82.77 -34.09 -22.32
C LYS H 99 81.29 -34.12 -21.96
N LYS H 100 80.48 -33.48 -22.80
CA LYS H 100 79.04 -33.40 -22.61
C LYS H 100 78.30 -34.54 -23.29
N ALA H 101 78.99 -35.40 -24.03
CA ALA H 101 78.33 -36.52 -24.69
C ALA H 101 77.71 -37.48 -23.68
N ASP H 102 78.42 -37.77 -22.60
CA ASP H 102 77.87 -38.66 -21.57
C ASP H 102 76.64 -38.04 -20.92
N PHE H 103 76.67 -36.74 -20.65
CA PHE H 103 75.50 -36.07 -20.09
C PHE H 103 74.32 -36.09 -21.07
N ILE H 104 74.60 -35.91 -22.36
CA ILE H 104 73.52 -35.96 -23.35
C ILE H 104 72.90 -37.36 -23.42
N THR H 105 73.74 -38.40 -23.39
CA THR H 105 73.21 -39.76 -23.39
C THR H 105 72.46 -40.07 -22.11
N SER H 106 72.93 -39.55 -20.97
CA SER H 106 72.20 -39.70 -19.73
C SER H 106 70.83 -39.06 -19.82
N LEU H 107 70.75 -37.86 -20.42
CA LEU H 107 69.47 -37.22 -20.64
C LEU H 107 68.58 -38.05 -21.57
N GLY H 108 69.19 -38.64 -22.60
CA GLY H 108 68.42 -39.43 -23.55
C GLY H 108 68.02 -40.80 -23.05
N ALA H 109 68.55 -41.22 -21.92
CA ALA H 109 68.17 -42.50 -21.33
C ALA H 109 67.26 -42.38 -20.12
N ILE H 110 66.82 -41.18 -19.76
CA ILE H 110 65.87 -41.02 -18.66
C ILE H 110 64.45 -40.78 -19.16
N LEU H 111 64.27 -40.45 -20.43
CA LEU H 111 62.92 -40.44 -21.00
C LEU H 111 62.36 -41.84 -21.08
N ASN H 112 63.22 -42.83 -21.35
CA ASN H 112 62.76 -44.17 -21.66
C ASN H 112 62.07 -44.86 -20.49
N TYR H 113 62.16 -44.30 -19.29
CA TYR H 113 61.39 -44.83 -18.18
C TYR H 113 60.09 -44.06 -17.98
N ASP H 114 60.16 -42.74 -18.04
CA ASP H 114 58.99 -41.95 -17.66
C ASP H 114 58.86 -40.67 -18.48
N GLN H 115 57.63 -40.38 -18.90
CA GLN H 115 57.26 -39.13 -19.55
C GLN H 115 56.02 -38.62 -18.81
N ALA H 116 56.27 -37.99 -17.67
CA ALA H 116 55.24 -37.24 -16.95
C ALA H 116 55.73 -35.90 -16.44
N PHE H 117 56.98 -35.52 -16.70
CA PHE H 117 57.48 -34.24 -16.23
C PHE H 117 57.49 -33.23 -17.37
N TYR H 118 57.30 -31.97 -17.00
CA TYR H 118 57.20 -30.86 -17.93
C TYR H 118 58.26 -29.79 -17.74
N GLN H 119 58.67 -29.53 -16.50
CA GLN H 119 59.66 -28.52 -16.16
C GLN H 119 60.87 -29.19 -15.54
N ILE H 120 62.05 -28.92 -16.10
CA ILE H 120 63.28 -29.61 -15.74
C ILE H 120 64.12 -28.67 -14.88
N THR H 121 64.43 -29.11 -13.66
CA THR H 121 65.19 -28.31 -12.70
C THR H 121 66.35 -29.14 -12.18
N LEU H 122 67.57 -28.60 -12.28
CA LEU H 122 68.71 -29.10 -11.55
C LEU H 122 68.92 -28.22 -10.32
N ASP H 123 69.30 -28.83 -9.21
CA ASP H 123 69.29 -28.09 -7.96
C ASP H 123 70.43 -28.57 -7.05
N ALA H 124 70.98 -27.61 -6.30
CA ALA H 124 71.94 -27.81 -5.22
C ALA H 124 73.24 -28.44 -5.69
N ALA H 125 73.34 -28.80 -6.97
CA ALA H 125 74.55 -29.37 -7.53
C ALA H 125 74.41 -29.27 -9.03
N LEU H 126 75.47 -29.67 -9.75
CA LEU H 126 75.55 -29.52 -11.20
C LEU H 126 75.53 -28.06 -11.62
N ARG H 127 75.58 -27.14 -10.66
CA ARG H 127 75.46 -25.71 -10.96
C ARG H 127 76.74 -25.23 -11.61
N ASP H 128 76.62 -24.42 -12.65
CA ASP H 128 77.74 -23.79 -13.34
C ASP H 128 78.71 -24.81 -13.94
N GLN H 129 78.21 -25.96 -14.37
CA GLN H 129 79.03 -26.94 -15.06
C GLN H 129 79.03 -26.66 -16.56
N PRO H 130 80.18 -26.76 -17.22
CA PRO H 130 80.20 -26.59 -18.68
C PRO H 130 79.43 -27.67 -19.43
N TYR H 131 79.28 -28.87 -18.84
CA TYR H 131 78.56 -29.93 -19.54
C TYR H 131 77.05 -29.68 -19.59
N LEU H 132 76.57 -28.66 -18.88
CA LEU H 132 75.13 -28.39 -18.84
C LEU H 132 74.63 -27.86 -20.18
N ASP H 133 75.55 -27.51 -21.10
CA ASP H 133 75.16 -27.05 -22.43
C ASP H 133 74.29 -28.08 -23.15
N GLY H 134 74.46 -29.36 -22.82
CA GLY H 134 73.64 -30.38 -23.44
C GLY H 134 72.16 -30.20 -23.14
N LEU H 135 71.83 -29.82 -21.90
CA LEU H 135 70.43 -29.60 -21.55
C LEU H 135 69.82 -28.46 -22.36
N VAL H 136 70.59 -27.38 -22.55
CA VAL H 136 70.10 -26.23 -23.29
C VAL H 136 69.93 -26.57 -24.77
N GLU H 137 70.87 -27.33 -25.33
CA GLU H 137 70.74 -27.71 -26.73
C GLU H 137 69.65 -28.76 -26.94
N TRP H 138 69.34 -29.54 -25.90
CA TRP H 138 68.47 -30.69 -26.05
C TRP H 138 67.01 -30.39 -25.76
N VAL H 139 66.71 -29.52 -24.79
CA VAL H 139 65.32 -29.22 -24.52
C VAL H 139 64.68 -28.45 -25.66
N GLU H 140 65.49 -27.88 -26.55
CA GLU H 140 65.00 -27.40 -27.82
C GLU H 140 64.47 -28.57 -28.66
N ALA H 141 63.30 -28.35 -29.27
CA ALA H 141 62.56 -29.40 -29.96
C ALA H 141 62.25 -30.56 -29.00
N GLN H 142 61.75 -30.21 -27.82
CA GLN H 142 61.37 -31.18 -26.80
C GLN H 142 60.31 -30.53 -25.94
N PRO H 143 59.10 -31.08 -25.87
CA PRO H 143 57.97 -30.35 -25.24
C PRO H 143 58.10 -30.26 -23.72
N LYS H 144 59.12 -29.52 -23.28
CA LYS H 144 59.38 -29.31 -21.86
C LYS H 144 59.93 -27.90 -21.66
N ILE H 145 60.20 -27.56 -20.41
CA ILE H 145 60.73 -26.26 -20.03
C ILE H 145 61.96 -26.48 -19.15
N ALA H 146 63.08 -25.89 -19.54
CA ALA H 146 64.36 -26.08 -18.85
C ALA H 146 64.71 -24.83 -18.07
N MET H 147 65.00 -25.00 -16.79
CA MET H 147 65.29 -23.88 -15.91
C MET H 147 66.50 -24.21 -15.03
N ILE H 148 67.41 -23.25 -14.93
CA ILE H 148 68.68 -23.43 -14.24
C ILE H 148 68.85 -22.26 -13.26
N ASP H 149 68.90 -22.56 -11.97
CA ASP H 149 69.12 -21.53 -10.95
C ASP H 149 70.56 -21.63 -10.48
N SER H 150 71.35 -20.60 -10.79
CA SER H 150 72.69 -20.52 -10.25
C SER H 150 72.64 -20.13 -8.78
N ASN H 151 73.69 -20.50 -8.05
CA ASN H 151 73.91 -19.99 -6.70
C ASN H 151 74.87 -18.83 -6.68
N ALA H 152 75.68 -18.65 -7.72
CA ALA H 152 76.60 -17.53 -7.84
C ALA H 152 77.23 -17.56 -9.23
N ALA H 153 77.42 -16.39 -9.82
CA ALA H 153 78.11 -16.25 -11.09
C ALA H 153 78.38 -14.77 -11.32
N GLY H 154 78.91 -14.46 -12.51
CA GLY H 154 79.24 -13.10 -12.89
C GLY H 154 78.28 -12.52 -13.91
N HIS H 155 76.97 -12.75 -13.70
CA HIS H 155 75.98 -12.16 -14.59
C HIS H 155 75.76 -10.69 -14.29
N GLU H 156 76.42 -10.17 -13.24
CA GLU H 156 76.23 -8.79 -12.85
C GLU H 156 77.11 -7.84 -13.66
N ASP H 157 77.95 -8.38 -14.54
CA ASP H 157 78.68 -7.56 -15.48
C ASP H 157 77.91 -7.52 -16.79
N PRO H 158 77.44 -6.36 -17.24
CA PRO H 158 76.69 -6.30 -18.50
C PRO H 158 77.59 -6.46 -19.72
N ALA H 159 78.80 -6.95 -19.53
CA ALA H 159 79.73 -7.15 -20.63
C ALA H 159 80.23 -8.58 -20.80
N ASN H 160 80.34 -9.36 -19.72
CA ASN H 160 81.00 -10.65 -19.81
C ASN H 160 80.18 -11.63 -20.64
N THR H 161 80.87 -12.61 -21.23
CA THR H 161 80.27 -13.58 -22.12
C THR H 161 80.51 -15.03 -21.72
N THR H 162 81.03 -15.30 -20.52
CA THR H 162 81.32 -16.67 -20.13
C THR H 162 80.20 -17.33 -19.35
N VAL H 163 79.26 -16.55 -18.81
CA VAL H 163 78.25 -17.11 -17.91
C VAL H 163 77.16 -17.81 -18.72
N ILE H 164 76.33 -18.55 -17.99
CA ILE H 164 75.24 -19.31 -18.61
C ILE H 164 74.39 -18.41 -19.48
N ALA H 165 73.88 -17.32 -18.90
CA ALA H 165 72.92 -16.47 -19.58
C ALA H 165 73.55 -15.60 -20.66
N ALA H 166 74.87 -15.60 -20.78
CA ALA H 166 75.54 -14.87 -21.85
C ALA H 166 75.81 -15.77 -23.06
N ARG H 167 76.44 -16.93 -22.84
CA ARG H 167 76.79 -17.82 -23.95
C ARG H 167 75.54 -18.39 -24.62
N HIS H 168 74.38 -18.26 -23.98
CA HIS H 168 73.10 -18.62 -24.56
C HIS H 168 72.11 -17.49 -24.27
N LYS H 169 72.04 -16.51 -25.16
CA LYS H 169 71.16 -15.36 -24.97
C LYS H 169 70.65 -14.94 -26.35
N GLY H 170 69.34 -14.93 -26.51
CA GLY H 170 68.74 -14.57 -27.77
C GLY H 170 68.65 -15.69 -28.78
N THR H 171 69.21 -16.86 -28.47
CA THR H 171 69.15 -18.00 -29.36
C THR H 171 68.24 -19.13 -28.86
N VAL H 172 67.92 -19.15 -27.56
CA VAL H 172 67.09 -20.20 -26.98
C VAL H 172 65.78 -19.58 -26.53
N GLU H 173 64.68 -20.25 -26.83
CA GLU H 173 63.34 -19.75 -26.49
C GLU H 173 62.59 -20.68 -25.54
N ARG H 174 63.27 -21.60 -24.87
CA ARG H 174 62.59 -22.51 -23.96
C ARG H 174 63.38 -22.73 -22.67
N THR H 175 64.34 -21.86 -22.38
CA THR H 175 65.14 -21.99 -21.18
C THR H 175 65.21 -20.65 -20.47
N ALA H 176 65.41 -20.69 -19.16
CA ALA H 176 65.53 -19.48 -18.36
C ALA H 176 66.47 -19.73 -17.19
N VAL H 177 66.94 -18.64 -16.59
CA VAL H 177 67.93 -18.68 -15.52
C VAL H 177 67.31 -18.04 -14.28
N PHE H 178 67.42 -18.70 -13.13
CA PHE H 178 67.07 -18.08 -11.85
C PHE H 178 68.34 -17.69 -11.09
N TYR H 179 68.94 -16.58 -11.52
CA TYR H 179 70.16 -16.09 -10.89
C TYR H 179 69.87 -15.55 -9.48
N HIS H 180 70.78 -15.81 -8.56
CA HIS H 180 70.60 -15.43 -7.17
C HIS H 180 71.96 -15.50 -6.48
N THR H 181 71.95 -15.37 -5.15
CA THR H 181 73.12 -15.60 -4.31
C THR H 181 73.09 -17.02 -3.76
N ASP H 182 74.00 -17.31 -2.83
CA ASP H 182 74.27 -18.67 -2.44
C ASP H 182 73.17 -19.25 -1.54
N SER H 183 73.02 -20.57 -1.60
CA SER H 183 72.36 -21.43 -0.61
C SER H 183 70.84 -21.40 -0.65
N THR H 184 70.21 -20.96 -1.74
CA THR H 184 68.76 -20.97 -1.86
C THR H 184 68.35 -21.71 -3.12
N GLU H 185 67.47 -22.70 -2.97
CA GLU H 185 66.83 -23.35 -4.11
C GLU H 185 65.67 -22.47 -4.57
N TYR H 186 65.68 -22.09 -5.84
CA TYR H 186 64.76 -21.05 -6.31
C TYR H 186 63.79 -21.53 -7.39
N LEU H 187 64.25 -22.33 -8.37
CA LEU H 187 63.34 -22.84 -9.39
C LEU H 187 62.13 -23.50 -8.75
N ALA H 188 62.35 -24.24 -7.67
CA ALA H 188 61.25 -24.93 -7.00
C ALA H 188 60.34 -23.95 -6.26
N ALA H 189 60.84 -22.74 -5.95
CA ALA H 189 60.10 -21.84 -5.09
C ALA H 189 58.79 -21.39 -5.73
N SER H 190 58.84 -21.04 -7.01
CA SER H 190 57.68 -20.53 -7.73
C SER H 190 57.17 -21.51 -8.77
N MET H 191 58.04 -21.99 -9.65
CA MET H 191 57.64 -22.99 -10.62
C MET H 191 57.14 -24.24 -9.92
N ALA H 192 56.13 -24.86 -10.52
CA ALA H 192 55.65 -26.16 -10.06
C ALA H 192 55.06 -26.06 -8.65
N ALA H 193 55.12 -24.88 -8.05
CA ALA H 193 54.47 -24.62 -6.78
C ALA H 193 53.41 -23.53 -6.89
N TYR H 194 53.68 -22.50 -7.69
CA TYR H 194 52.66 -21.59 -8.15
C TYR H 194 52.25 -21.87 -9.58
N MET H 195 53.20 -22.18 -10.47
CA MET H 195 52.87 -22.54 -11.84
C MET H 195 51.97 -23.76 -11.90
N SER H 196 52.25 -24.76 -11.07
CA SER H 196 51.53 -26.02 -11.13
C SER H 196 50.05 -25.82 -10.83
N THR H 197 49.73 -25.10 -9.76
CA THR H 197 48.34 -24.99 -9.36
C THR H 197 47.64 -23.86 -10.11
N ARG H 198 47.81 -23.82 -11.43
CA ARG H 198 47.12 -22.88 -12.29
C ARG H 198 46.13 -23.66 -13.14
N VAL H 199 44.85 -23.39 -12.95
CA VAL H 199 43.80 -24.11 -13.64
C VAL H 199 43.24 -23.21 -14.73
N PHE H 200 43.51 -23.56 -15.99
CA PHE H 200 43.06 -22.77 -17.11
C PHE H 200 41.66 -23.15 -17.56
N ASP H 201 40.99 -24.05 -16.86
CA ASP H 201 39.64 -24.44 -17.22
C ASP H 201 38.58 -23.50 -16.67
N ASP H 202 38.99 -22.47 -15.93
CA ASP H 202 38.06 -21.46 -15.44
C ASP H 202 38.16 -20.19 -16.26
N ALA H 203 37.13 -19.36 -16.16
CA ALA H 203 37.14 -18.08 -16.84
C ALA H 203 38.18 -17.16 -16.23
N ASN H 204 38.85 -16.39 -17.09
CA ASN H 204 39.77 -15.33 -16.69
C ASN H 204 40.94 -15.85 -15.87
N SER H 205 41.34 -17.09 -16.10
CA SER H 205 42.48 -17.69 -15.40
C SER H 205 43.77 -17.60 -16.20
N ALA H 206 44.11 -16.41 -16.66
CA ALA H 206 45.34 -16.20 -17.42
C ALA H 206 46.26 -15.36 -16.56
N TYR H 207 47.33 -15.99 -16.04
CA TYR H 207 48.28 -15.29 -15.18
C TYR H 207 49.43 -14.76 -16.01
N THR H 208 49.06 -14.12 -17.12
CA THR H 208 49.98 -13.85 -18.23
C THR H 208 51.36 -13.39 -17.77
N LEU H 209 51.45 -12.77 -16.59
CA LEU H 209 52.72 -12.19 -16.14
C LEU H 209 53.63 -13.21 -15.50
N LYS H 210 53.22 -13.78 -14.38
CA LYS H 210 54.14 -14.42 -13.43
C LYS H 210 55.22 -13.44 -12.97
N PHE H 211 54.87 -12.16 -12.89
CA PHE H 211 55.85 -11.09 -12.80
C PHE H 211 55.88 -10.40 -11.44
N LYS H 212 54.79 -10.44 -10.66
CA LYS H 212 54.83 -9.97 -9.28
C LYS H 212 54.15 -10.99 -8.39
N LYS H 213 54.88 -12.04 -8.00
CA LYS H 213 54.31 -13.15 -7.26
C LYS H 213 55.24 -13.52 -6.11
N ALA H 214 54.66 -13.69 -4.93
CA ALA H 214 55.30 -13.94 -3.65
C ALA H 214 55.40 -15.43 -3.37
N PRO H 215 56.61 -15.95 -3.12
CA PRO H 215 56.74 -17.35 -2.70
C PRO H 215 56.40 -17.49 -1.22
N GLY H 216 56.46 -18.72 -0.73
CA GLY H 216 56.12 -19.00 0.65
C GLY H 216 56.99 -18.27 1.64
N VAL H 217 58.27 -18.65 1.72
CA VAL H 217 59.25 -17.99 2.57
C VAL H 217 60.58 -17.97 1.82
N ARG H 218 61.20 -16.80 1.73
CA ARG H 218 62.53 -16.71 1.13
C ARG H 218 63.12 -15.34 1.45
N ALA H 219 64.29 -15.09 0.86
CA ALA H 219 65.05 -13.86 1.09
C ALA H 219 65.36 -13.17 -0.22
N ILE H 220 65.58 -11.88 -0.13
CA ILE H 220 65.82 -11.02 -1.28
C ILE H 220 67.32 -10.95 -1.55
N ASP H 221 67.66 -10.51 -2.76
CA ASP H 221 69.02 -10.09 -3.05
C ASP H 221 69.13 -8.58 -2.79
N LYS H 222 70.22 -7.97 -3.25
CA LYS H 222 70.50 -6.56 -2.96
C LYS H 222 70.91 -5.81 -4.21
N GLY H 223 70.63 -4.50 -4.23
CA GLY H 223 71.11 -3.62 -5.28
C GLY H 223 70.04 -2.94 -6.10
N SER H 224 70.45 -1.94 -6.89
CA SER H 224 69.56 -1.29 -7.84
C SER H 224 70.09 -1.29 -9.27
N ALA H 225 71.35 -0.91 -9.47
CA ALA H 225 71.97 -0.96 -10.78
C ALA H 225 72.56 -2.33 -11.09
N VAL H 226 72.51 -3.26 -10.12
CA VAL H 226 72.89 -4.64 -10.37
C VAL H 226 71.69 -5.49 -10.77
N VAL H 227 70.48 -4.97 -10.60
CA VAL H 227 69.25 -5.69 -10.93
C VAL H 227 68.89 -5.43 -12.39
N THR H 228 69.72 -4.66 -13.09
CA THR H 228 69.51 -4.46 -14.53
C THR H 228 70.58 -5.12 -15.38
N ALA H 229 71.76 -5.36 -14.82
CA ALA H 229 72.69 -6.28 -15.45
C ALA H 229 72.09 -7.68 -15.48
N ILE H 230 71.64 -8.16 -14.33
CA ILE H 230 70.74 -9.29 -14.31
C ILE H 230 69.36 -8.81 -14.73
N THR H 231 68.56 -9.73 -15.30
CA THR H 231 67.22 -9.50 -15.82
C THR H 231 67.21 -8.55 -17.02
N GLY H 232 68.34 -7.96 -17.40
CA GLY H 232 68.46 -7.13 -18.57
C GLY H 232 67.32 -6.17 -18.86
N PHE H 233 66.68 -5.64 -17.82
CA PHE H 233 65.48 -4.83 -17.95
C PHE H 233 65.83 -3.36 -17.85
N VAL H 234 65.54 -2.61 -18.92
CA VAL H 234 65.68 -1.16 -18.87
C VAL H 234 64.34 -0.55 -18.44
N GLU H 235 64.39 0.69 -17.98
CA GLU H 235 63.29 1.26 -17.20
C GLU H 235 61.98 1.24 -17.99
N GLN H 236 61.89 2.04 -19.05
CA GLN H 236 60.65 2.21 -19.79
C GLN H 236 60.72 1.67 -21.20
N THR H 237 61.93 1.48 -21.73
CA THR H 237 62.07 0.93 -23.08
C THR H 237 61.54 -0.49 -23.16
N GLY H 238 61.91 -1.33 -22.20
CA GLY H 238 61.52 -2.73 -22.27
C GLY H 238 62.57 -3.63 -21.68
N GLN H 239 63.06 -4.57 -22.49
CA GLN H 239 64.14 -5.47 -22.12
C GLN H 239 65.09 -5.59 -23.30
N SER H 240 66.36 -5.24 -23.07
CA SER H 240 67.36 -5.19 -24.13
C SER H 240 68.35 -6.33 -23.95
N GLU H 241 68.69 -7.00 -25.05
CA GLU H 241 69.54 -8.17 -24.98
C GLU H 241 71.00 -7.80 -24.72
N SER H 242 71.49 -6.74 -25.36
CA SER H 242 72.89 -6.37 -25.23
C SER H 242 73.21 -5.79 -23.86
N ALA H 243 72.23 -5.13 -23.23
CA ALA H 243 72.44 -4.42 -21.97
C ALA H 243 72.04 -5.23 -20.74
N GLY H 244 72.26 -6.53 -20.74
CA GLY H 244 71.97 -7.32 -19.56
C GLY H 244 71.77 -8.77 -19.92
N HIS H 245 71.59 -9.57 -18.87
CA HIS H 245 71.36 -11.00 -19.00
C HIS H 245 70.10 -11.38 -18.23
N CYS H 246 69.18 -12.05 -18.91
CA CYS H 246 67.85 -12.32 -18.37
C CYS H 246 67.94 -13.35 -17.25
N ALA H 247 67.27 -13.07 -16.14
CA ALA H 247 67.14 -14.01 -15.03
C ALA H 247 66.10 -13.46 -14.05
N ASN H 248 65.94 -14.15 -12.93
CA ASN H 248 64.90 -13.80 -11.97
C ASN H 248 65.50 -13.76 -10.58
N THR H 249 65.20 -12.70 -9.84
CA THR H 249 65.97 -12.43 -8.62
C THR H 249 65.16 -12.15 -7.37
N LEU H 250 63.84 -11.97 -7.45
CA LEU H 250 63.00 -11.75 -6.27
C LEU H 250 63.44 -10.50 -5.49
N ILE H 251 63.22 -9.35 -6.11
CA ILE H 251 63.52 -8.06 -5.49
C ILE H 251 62.47 -7.70 -4.45
N ASP H 252 62.75 -6.66 -3.66
CA ASP H 252 61.76 -6.06 -2.79
C ASP H 252 61.80 -4.55 -2.95
N ILE H 253 60.63 -3.93 -3.09
CA ILE H 253 60.51 -2.50 -3.36
C ILE H 253 59.91 -1.75 -2.18
N GLY H 254 58.69 -2.10 -1.80
CA GLY H 254 58.11 -1.49 -0.62
C GLY H 254 58.48 -2.29 0.61
N ASP H 255 57.47 -2.70 1.37
CA ASP H 255 57.67 -3.74 2.37
C ASP H 255 57.36 -5.13 1.84
N GLN H 256 57.12 -5.25 0.53
CA GLN H 256 56.76 -6.53 -0.07
C GLN H 256 57.95 -7.07 -0.84
N GLU H 257 58.05 -8.41 -0.90
CA GLU H 257 59.02 -9.10 -1.72
C GLU H 257 58.28 -9.91 -2.77
N PHE H 258 58.76 -9.85 -4.01
CA PHE H 258 58.06 -10.53 -5.10
C PHE H 258 59.03 -10.81 -6.23
N LEU H 259 58.68 -11.81 -7.04
CA LEU H 259 59.49 -12.18 -8.19
C LEU H 259 59.50 -11.05 -9.21
N VAL H 260 60.56 -10.96 -10.00
CA VAL H 260 60.67 -9.87 -10.96
C VAL H 260 61.19 -10.41 -12.29
N GLU H 261 60.91 -9.63 -13.34
CA GLU H 261 61.08 -9.91 -14.76
C GLU H 261 60.11 -10.95 -15.30
N GLY H 262 59.31 -11.58 -14.45
CA GLY H 262 58.32 -12.52 -14.93
C GLY H 262 58.87 -13.73 -15.65
N SER H 263 60.10 -14.13 -15.33
CA SER H 263 60.72 -15.34 -15.88
C SER H 263 60.78 -15.29 -17.40
N THR H 264 61.58 -14.36 -17.91
CA THR H 264 61.84 -14.34 -19.33
C THR H 264 62.74 -15.51 -19.72
N LEU H 265 62.77 -15.78 -21.01
CA LEU H 265 63.65 -16.77 -21.60
C LEU H 265 64.64 -16.18 -22.57
N THR H 266 64.17 -15.32 -23.47
CA THR H 266 64.98 -14.51 -24.38
C THR H 266 64.42 -13.10 -24.26
N GLN H 267 64.77 -12.24 -25.22
CA GLN H 267 64.61 -10.80 -25.05
C GLN H 267 63.22 -10.42 -24.55
N ASN H 268 62.17 -10.95 -25.19
CA ASN H 268 60.80 -10.59 -24.82
C ASN H 268 59.87 -11.80 -24.87
N VAL H 269 60.30 -12.91 -24.30
CA VAL H 269 59.51 -14.14 -24.27
C VAL H 269 59.33 -14.49 -22.80
N PHE H 270 58.08 -14.64 -22.38
CA PHE H 270 57.79 -14.82 -20.97
C PHE H 270 57.28 -16.23 -20.68
N LEU H 271 57.26 -16.57 -19.39
CA LEU H 271 57.01 -17.95 -18.99
C LEU H 271 55.56 -18.34 -19.19
N ASP H 272 54.62 -17.42 -18.94
CA ASP H 272 53.21 -17.79 -19.05
C ASP H 272 52.81 -18.10 -20.48
N GLU H 273 53.42 -17.44 -21.47
CA GLU H 273 53.11 -17.80 -22.85
C GLU H 273 53.40 -19.29 -23.10
N ILE H 274 54.59 -19.74 -22.70
CA ILE H 274 54.95 -21.14 -22.89
C ILE H 274 54.02 -22.04 -22.09
N HIS H 275 53.78 -21.70 -20.83
CA HIS H 275 52.94 -22.54 -19.99
C HIS H 275 51.54 -22.69 -20.56
N ALA H 276 50.94 -21.58 -21.00
CA ALA H 276 49.56 -21.61 -21.50
C ALA H 276 49.46 -22.33 -22.84
N THR H 277 50.38 -22.09 -23.77
CA THR H 277 50.34 -22.81 -25.03
C THR H 277 50.57 -24.29 -24.83
N ASP H 278 51.41 -24.67 -23.85
CA ASP H 278 51.61 -26.07 -23.58
C ASP H 278 50.38 -26.70 -22.93
N TRP H 279 49.64 -25.93 -22.14
CA TRP H 279 48.34 -26.41 -21.67
C TRP H 279 47.40 -26.65 -22.84
N ILE H 280 47.42 -25.75 -23.83
CA ILE H 280 46.55 -25.93 -25.00
C ILE H 280 46.90 -27.22 -25.72
N ILE H 281 48.19 -27.47 -25.92
CA ILE H 281 48.61 -28.67 -26.64
C ILE H 281 48.24 -29.92 -25.86
N ALA H 282 48.54 -29.94 -24.56
CA ALA H 282 48.26 -31.09 -23.73
C ALA H 282 46.77 -31.35 -23.58
N ARG H 283 45.94 -30.32 -23.68
CA ARG H 283 44.50 -30.49 -23.62
C ARG H 283 43.95 -31.06 -24.93
N THR H 284 44.47 -30.59 -26.07
CA THR H 284 44.06 -31.17 -27.34
C THR H 284 44.47 -32.64 -27.43
N GLU H 285 45.63 -32.99 -26.89
CA GLU H 285 46.02 -34.40 -26.83
C GLU H 285 45.01 -35.23 -26.05
N GLU H 286 44.60 -34.74 -24.88
CA GLU H 286 43.69 -35.49 -24.03
C GLU H 286 42.33 -35.65 -24.69
N GLU H 287 41.83 -34.60 -25.34
CA GLU H 287 40.54 -34.69 -26.01
C GLU H 287 40.61 -35.60 -27.23
N MET H 288 41.72 -35.58 -27.97
CA MET H 288 41.87 -36.52 -29.08
C MET H 288 41.84 -37.95 -28.58
N LEU H 289 42.57 -38.25 -27.50
CA LEU H 289 42.57 -39.61 -26.97
C LEU H 289 41.19 -40.00 -26.48
N SER H 290 40.49 -39.09 -25.82
CA SER H 290 39.14 -39.39 -25.38
C SER H 290 38.16 -39.57 -26.54
N LEU H 291 38.45 -39.02 -27.71
CA LEU H 291 37.66 -39.32 -28.90
C LEU H 291 37.94 -40.69 -29.49
N PHE H 292 39.17 -41.18 -29.40
CA PHE H 292 39.49 -42.50 -29.94
C PHE H 292 38.98 -43.63 -29.06
N LEU H 293 38.66 -43.36 -27.79
CA LEU H 293 38.19 -44.40 -26.89
C LEU H 293 36.68 -44.53 -26.85
N ASN H 294 35.94 -43.48 -27.19
CA ASN H 294 34.48 -43.54 -27.17
C ASN H 294 33.93 -44.20 -28.44
N ASN H 295 34.38 -43.75 -29.60
CA ASN H 295 33.85 -44.25 -30.86
C ASN H 295 34.25 -45.69 -31.09
N ASP H 296 33.41 -46.41 -31.83
CA ASP H 296 33.85 -47.67 -32.39
C ASP H 296 35.09 -47.45 -33.24
N ARG H 297 34.96 -46.70 -34.34
CA ARG H 297 36.06 -46.28 -35.18
C ARG H 297 35.92 -44.83 -35.58
N VAL H 298 36.99 -44.28 -36.15
CA VAL H 298 36.97 -43.02 -36.87
C VAL H 298 37.32 -43.31 -38.33
N PRO H 299 36.38 -43.21 -39.25
CA PRO H 299 36.65 -43.63 -40.64
C PRO H 299 37.58 -42.65 -41.36
N PHE H 300 38.18 -43.16 -42.42
CA PHE H 300 39.12 -42.40 -43.23
C PHE H 300 38.39 -41.75 -44.41
N THR H 301 37.44 -40.88 -44.07
CA THR H 301 36.66 -40.15 -45.05
C THR H 301 36.66 -38.67 -44.66
N ASP H 302 35.85 -37.87 -45.35
CA ASP H 302 35.71 -36.47 -44.98
C ASP H 302 34.90 -36.31 -43.70
N GLN H 303 33.93 -37.18 -43.46
CA GLN H 303 33.17 -37.17 -42.21
C GLN H 303 34.10 -37.42 -41.03
N GLY H 304 35.04 -38.34 -41.18
CA GLY H 304 36.05 -38.55 -40.16
C GLY H 304 36.95 -37.35 -39.92
N MET H 305 37.35 -36.65 -40.99
CA MET H 305 38.16 -35.46 -40.84
C MET H 305 37.41 -34.37 -40.06
N GLN H 306 36.12 -34.19 -40.35
CA GLN H 306 35.34 -33.22 -39.58
C GLN H 306 35.17 -33.67 -38.13
N GLN H 307 34.97 -34.96 -37.90
CA GLN H 307 34.88 -35.46 -36.53
C GLN H 307 36.18 -35.20 -35.77
N LEU H 308 37.33 -35.39 -36.42
CA LEU H 308 38.61 -35.08 -35.78
C LEU H 308 38.76 -33.59 -35.53
N ALA H 309 38.39 -32.76 -36.50
CA ALA H 309 38.58 -31.32 -36.38
C ALA H 309 37.61 -30.69 -35.38
N SER H 310 36.59 -31.43 -34.95
CA SER H 310 35.70 -30.91 -33.92
C SER H 310 36.41 -30.64 -32.60
N VAL H 311 37.59 -31.22 -32.37
CA VAL H 311 38.29 -31.11 -31.10
C VAL H 311 39.00 -29.77 -30.95
N PRO H 312 39.84 -29.33 -31.90
CA PRO H 312 40.42 -27.98 -31.77
C PRO H 312 39.39 -26.88 -31.72
N ARG H 313 38.23 -27.06 -32.35
CA ARG H 313 37.19 -26.03 -32.28
C ARG H 313 36.69 -25.80 -30.87
N ALA H 314 36.50 -26.86 -30.09
CA ALA H 314 36.14 -26.73 -28.69
C ALA H 314 37.28 -26.23 -27.84
N ILE H 315 38.52 -26.66 -28.12
CA ILE H 315 39.64 -26.21 -27.32
C ILE H 315 39.87 -24.71 -27.50
N MET H 316 39.66 -24.20 -28.71
CA MET H 316 39.88 -22.77 -28.93
C MET H 316 38.82 -21.93 -28.21
N GLN H 317 37.58 -22.40 -28.17
CA GLN H 317 36.57 -21.69 -27.41
C GLN H 317 36.85 -21.74 -25.92
N LEU H 318 37.38 -22.87 -25.44
CA LEU H 318 37.82 -22.96 -24.05
C LEU H 318 38.96 -21.98 -23.74
N ALA H 319 39.92 -21.84 -24.65
CA ALA H 319 41.09 -20.98 -24.45
C ALA H 319 40.76 -19.50 -24.56
N ALA H 320 39.84 -19.12 -25.46
CA ALA H 320 39.46 -17.72 -25.57
C ALA H 320 38.71 -17.24 -24.34
N ARG H 321 38.08 -18.16 -23.61
CA ARG H 321 37.36 -17.79 -22.40
C ARG H 321 38.32 -17.52 -21.24
N ALA H 322 39.40 -18.31 -21.14
CA ALA H 322 40.37 -18.11 -20.08
C ALA H 322 41.09 -16.77 -20.22
N GLY H 323 41.23 -16.29 -21.45
CA GLY H 323 41.88 -15.03 -21.69
C GLY H 323 43.21 -15.17 -22.40
N ILE H 324 43.49 -16.35 -22.94
CA ILE H 324 44.74 -16.64 -23.61
C ILE H 324 44.66 -16.17 -25.06
N VAL H 325 43.51 -16.38 -25.69
CA VAL H 325 43.29 -15.98 -27.08
C VAL H 325 42.63 -14.61 -27.09
N ALA H 326 42.94 -13.82 -28.12
CA ALA H 326 42.56 -12.42 -28.16
C ALA H 326 41.08 -12.25 -28.47
N LEU H 327 40.62 -11.00 -28.37
CA LEU H 327 39.22 -10.64 -28.52
C LEU H 327 38.92 -10.05 -29.90
N ASP H 328 39.12 -10.85 -30.95
CA ASP H 328 38.42 -10.69 -32.23
C ASP H 328 38.54 -9.29 -32.84
N LEU H 329 39.56 -8.54 -32.45
CA LEU H 329 39.74 -7.18 -32.97
C LEU H 329 41.19 -6.98 -33.36
N ASN H 330 41.41 -6.26 -34.44
CA ASN H 330 42.76 -5.99 -34.93
C ASN H 330 43.52 -5.14 -33.91
N PRO H 331 44.68 -5.59 -33.42
CA PRO H 331 45.39 -4.79 -32.42
C PRO H 331 45.96 -3.49 -32.96
N LEU H 332 46.14 -3.39 -34.29
CA LEU H 332 46.69 -2.18 -34.87
C LEU H 332 45.63 -1.08 -34.96
N THR H 333 44.49 -1.38 -35.58
CA THR H 333 43.50 -0.37 -35.89
C THR H 333 42.18 -0.52 -35.15
N GLY H 334 41.96 -1.64 -34.47
CA GLY H 334 40.69 -1.86 -33.80
C GLY H 334 39.58 -2.33 -34.69
N ALA H 335 39.85 -2.62 -35.96
CA ALA H 335 38.87 -3.14 -36.88
C ALA H 335 38.65 -4.62 -36.62
N TYR H 336 37.56 -5.17 -37.16
CA TYR H 336 37.23 -6.57 -36.94
C TYR H 336 38.23 -7.49 -37.62
N GLU H 337 38.66 -8.52 -36.90
CA GLU H 337 39.51 -9.56 -37.44
C GLU H 337 39.29 -10.85 -36.67
N PRO H 338 39.14 -11.98 -37.34
CA PRO H 338 38.93 -13.26 -36.63
C PRO H 338 40.10 -13.58 -35.71
N ALA H 339 39.79 -14.09 -34.52
CA ALA H 339 40.83 -14.42 -33.56
C ALA H 339 41.52 -15.73 -33.92
N TYR H 340 40.76 -16.72 -34.37
CA TYR H 340 41.32 -18.01 -34.73
C TYR H 340 40.52 -18.62 -35.87
N THR H 341 41.19 -19.39 -36.73
CA THR H 341 40.54 -20.14 -37.80
C THR H 341 41.03 -21.59 -37.75
N ILE H 342 40.18 -22.49 -38.25
CA ILE H 342 40.51 -23.92 -38.33
C ILE H 342 40.18 -24.40 -39.73
N THR H 343 41.19 -24.90 -40.44
CA THR H 343 41.02 -25.40 -41.80
C THR H 343 41.28 -26.90 -41.84
N VAL H 344 40.31 -27.64 -42.39
CA VAL H 344 40.32 -29.10 -42.44
C VAL H 344 40.73 -29.52 -43.84
N PRO H 345 41.69 -30.44 -43.99
CA PRO H 345 42.11 -30.85 -45.33
C PRO H 345 41.16 -31.86 -45.94
N SER H 346 41.42 -32.18 -47.20
CA SER H 346 40.64 -33.18 -47.92
C SER H 346 41.46 -34.46 -48.04
N VAL H 347 40.83 -35.60 -47.71
CA VAL H 347 41.43 -36.90 -48.04
C VAL H 347 41.22 -37.24 -49.51
N PHE H 348 40.38 -36.48 -50.22
CA PHE H 348 39.92 -36.86 -51.55
C PHE H 348 41.06 -37.00 -52.54
N ASP H 349 41.89 -35.98 -52.67
CA ASP H 349 42.99 -35.99 -53.63
C ASP H 349 44.29 -36.48 -53.01
N ILE H 350 44.31 -36.80 -51.72
CA ILE H 350 45.41 -37.56 -51.15
C ILE H 350 45.28 -38.96 -51.72
N PRO H 351 46.29 -39.47 -52.42
CA PRO H 351 46.14 -40.74 -53.13
C PRO H 351 45.85 -41.91 -52.20
N GLU H 352 45.20 -42.92 -52.77
CA GLU H 352 45.06 -44.20 -52.07
C GLU H 352 46.42 -44.82 -51.79
N SER H 353 47.43 -44.44 -52.58
CA SER H 353 48.79 -44.86 -52.28
C SER H 353 49.19 -44.41 -50.88
N GLN H 354 48.72 -43.24 -50.46
CA GLN H 354 48.99 -42.77 -49.11
C GLN H 354 47.85 -43.06 -48.15
N ARG H 355 46.64 -43.31 -48.64
CA ARG H 355 45.49 -43.58 -47.79
C ARG H 355 45.68 -44.82 -46.93
N LYS H 356 46.33 -45.85 -47.45
CA LYS H 356 46.51 -47.09 -46.70
C LYS H 356 47.40 -46.92 -45.49
N ALA H 357 47.94 -45.71 -45.27
CA ALA H 357 48.88 -45.47 -44.18
C ALA H 357 48.21 -45.49 -42.81
N ARG H 358 46.91 -45.21 -42.75
CA ARG H 358 46.17 -45.05 -41.50
C ARG H 358 46.73 -43.88 -40.69
N ILE H 359 47.40 -42.96 -41.37
CA ILE H 359 47.86 -41.71 -40.78
C ILE H 359 47.09 -40.59 -41.44
N ALA H 360 46.29 -39.88 -40.66
CA ALA H 360 45.43 -38.84 -41.18
C ALA H 360 46.24 -37.63 -41.63
N PRO H 361 45.74 -36.87 -42.60
CA PRO H 361 46.39 -35.60 -42.96
C PRO H 361 46.30 -34.56 -41.84
N ALA H 362 47.12 -33.52 -41.94
CA ALA H 362 47.28 -32.55 -40.87
C ALA H 362 46.20 -31.48 -40.92
N ILE H 363 45.72 -31.10 -39.74
CA ILE H 363 44.78 -30.01 -39.58
C ILE H 363 45.53 -28.78 -39.08
N GLN H 364 45.24 -27.63 -39.67
CA GLN H 364 45.96 -26.40 -39.38
C GLN H 364 45.06 -25.42 -38.63
N VAL H 365 45.59 -24.80 -37.58
CA VAL H 365 44.84 -23.90 -36.72
C VAL H 365 45.62 -22.59 -36.61
N ARG H 366 44.90 -21.49 -36.35
CA ARG H 366 45.46 -20.15 -36.30
C ARG H 366 45.18 -19.51 -34.95
N PHE H 367 46.05 -18.59 -34.57
CA PHE H 367 46.11 -18.07 -33.21
C PHE H 367 46.01 -16.55 -33.18
N ARG H 368 45.98 -16.02 -31.97
CA ARG H 368 46.39 -14.64 -31.69
C ARG H 368 46.49 -14.54 -30.18
N TYR H 369 47.64 -14.09 -29.69
CA TYR H 369 47.87 -14.07 -28.26
C TYR H 369 47.37 -12.78 -27.64
N ALA H 370 46.89 -12.88 -26.39
CA ALA H 370 46.48 -11.72 -25.62
C ALA H 370 47.44 -11.55 -24.45
N GLY H 371 48.25 -10.50 -24.49
CA GLY H 371 49.24 -10.24 -23.47
C GLY H 371 48.66 -9.45 -22.29
N ALA H 372 49.57 -8.96 -21.47
CA ALA H 372 49.19 -8.18 -20.30
C ALA H 372 50.24 -7.09 -20.08
N VAL H 373 50.12 -6.38 -18.95
CA VAL H 373 50.85 -5.14 -18.70
C VAL H 373 51.90 -5.37 -17.63
N HIS H 374 53.12 -4.86 -17.88
CA HIS H 374 54.22 -4.93 -16.93
C HIS H 374 54.65 -3.58 -16.38
N TYR H 375 54.27 -2.48 -17.01
CA TYR H 375 54.85 -1.18 -16.70
C TYR H 375 53.82 -0.10 -17.03
N SER H 376 53.72 0.90 -16.17
CA SER H 376 52.69 1.93 -16.29
C SER H 376 53.34 3.31 -16.29
N VAL H 377 52.63 4.28 -16.87
CA VAL H 377 53.11 5.66 -16.98
C VAL H 377 51.96 6.61 -16.64
N ILE H 378 52.25 7.65 -15.85
CA ILE H 378 51.31 8.70 -15.51
C ILE H 378 52.05 10.04 -15.55
N ASN H 379 51.40 11.07 -16.09
CA ASN H 379 52.09 12.31 -16.42
C ASN H 379 51.93 13.45 -15.43
N TYR H 380 50.72 13.78 -14.98
CA TYR H 380 50.51 14.73 -13.88
C TYR H 380 51.06 16.13 -14.17
N THR H 381 50.42 16.84 -15.10
CA THR H 381 50.71 18.25 -15.31
C THR H 381 50.04 19.08 -14.23
N MET H 382 50.72 20.12 -13.76
CA MET H 382 50.24 20.99 -12.69
C MET H 382 50.14 22.43 -13.19
N THR H 383 49.06 23.12 -12.82
CA THR H 383 48.82 24.44 -13.38
C THR H 383 48.68 25.55 -12.35
N PHE H 384 48.42 25.22 -11.10
CA PHE H 384 48.26 26.23 -10.05
C PHE H 384 47.16 27.22 -10.38
N LYS I 3 -48.81 57.94 28.73
CA LYS I 3 -48.09 57.40 27.59
C LYS I 3 -48.88 56.27 26.96
N LEU I 4 -48.28 55.09 26.90
CA LEU I 4 -48.96 53.90 26.43
C LEU I 4 -48.58 52.75 27.35
N PRO I 5 -49.43 51.74 27.49
CA PRO I 5 -49.06 50.58 28.32
C PRO I 5 -48.08 49.68 27.59
N TYR I 6 -47.43 48.80 28.36
CA TYR I 6 -46.61 47.77 27.74
C TYR I 6 -47.45 46.71 27.06
N SER I 7 -48.75 46.63 27.39
CA SER I 7 -49.65 45.69 26.72
C SER I 7 -49.86 46.04 25.26
N ARG I 8 -49.28 47.13 24.78
CA ARG I 8 -49.31 47.45 23.36
C ARG I 8 -48.45 46.51 22.54
N VAL I 9 -47.36 46.00 23.09
CA VAL I 9 -46.45 45.13 22.36
C VAL I 9 -46.31 43.74 22.95
N THR I 10 -46.72 43.52 24.20
CA THR I 10 -46.66 42.19 24.81
C THR I 10 -47.95 41.94 25.57
N ASN I 11 -48.04 40.76 26.17
CA ASN I 11 -49.19 40.42 27.00
C ASN I 11 -48.69 39.48 28.10
N VAL I 12 -48.52 40.01 29.30
CA VAL I 12 -48.05 39.25 30.45
C VAL I 12 -49.15 39.24 31.50
N THR I 13 -49.61 38.06 31.89
CA THR I 13 -50.69 37.92 32.86
C THR I 13 -50.19 37.20 34.11
N LEU I 14 -51.12 36.94 35.04
CA LEU I 14 -50.80 36.20 36.26
C LEU I 14 -52.12 35.69 36.84
N THR I 15 -52.22 34.39 37.04
CA THR I 15 -53.35 33.76 37.72
C THR I 15 -52.86 33.03 38.95
N ARG I 16 -53.81 32.65 39.81
CA ARG I 16 -53.53 31.88 41.02
C ARG I 16 -54.12 30.49 40.83
N THR I 17 -53.38 29.60 40.18
CA THR I 17 -53.83 28.23 39.94
C THR I 17 -52.60 27.33 39.93
N ASP I 18 -52.82 26.03 39.75
CA ASP I 18 -51.75 25.04 39.69
C ASP I 18 -51.67 24.49 38.27
N ASN I 19 -50.48 24.51 37.69
CA ASN I 19 -50.25 24.01 36.35
C ASN I 19 -49.09 23.02 36.36
N PHE I 20 -49.32 21.86 35.77
CA PHE I 20 -48.32 20.82 35.64
C PHE I 20 -47.99 20.62 34.17
N PRO I 21 -46.83 20.07 33.85
CA PRO I 21 -46.51 19.78 32.45
C PRO I 21 -47.44 18.75 31.85
N THR I 22 -47.53 18.77 30.52
CA THR I 22 -48.56 18.03 29.82
C THR I 22 -48.26 16.53 29.81
N ARG I 23 -47.14 16.12 29.21
CA ARG I 23 -46.70 14.72 29.21
C ARG I 23 -47.78 13.81 28.58
N ARG I 24 -47.90 13.95 27.26
CA ARG I 24 -48.79 13.08 26.49
C ARG I 24 -48.42 11.62 26.71
N GLY I 25 -49.40 10.75 26.54
CA GLY I 25 -49.20 9.33 26.79
C GLY I 25 -49.93 8.44 25.82
N PHE I 26 -50.57 7.36 26.31
CA PHE I 26 -51.20 6.41 25.40
C PHE I 26 -52.69 6.67 25.19
N GLY I 27 -53.50 6.56 26.23
CA GLY I 27 -54.92 6.32 26.00
C GLY I 27 -55.95 7.32 26.48
N THR I 28 -57.22 6.93 26.41
CA THR I 28 -58.36 7.71 26.92
C THR I 28 -59.34 6.78 27.61
N GLN I 29 -60.08 7.32 28.58
CA GLN I 29 -61.12 6.57 29.28
C GLN I 29 -62.51 7.10 28.94
N LEU I 30 -63.53 6.31 29.30
CA LEU I 30 -64.93 6.65 29.03
C LEU I 30 -65.69 6.72 30.34
N ILE I 31 -66.54 7.74 30.47
CA ILE I 31 -67.39 7.96 31.64
C ILE I 31 -68.83 7.89 31.18
N LEU I 32 -69.50 6.78 31.46
CA LEU I 32 -70.88 6.58 31.04
C LEU I 32 -71.80 6.73 32.24
N THR I 33 -72.86 7.53 32.07
CA THR I 33 -73.89 7.70 33.08
C THR I 33 -75.21 7.96 32.38
N HIS I 34 -76.19 8.44 33.14
CA HIS I 34 -77.51 8.72 32.60
C HIS I 34 -77.80 10.21 32.49
N THR I 35 -76.94 11.06 33.06
CA THR I 35 -77.15 12.50 32.99
C THR I 35 -76.90 13.01 31.57
N ALA I 36 -77.71 13.98 31.15
CA ALA I 36 -77.52 14.68 29.88
C ALA I 36 -77.50 16.18 30.15
N VAL I 37 -76.70 16.89 29.36
CA VAL I 37 -76.49 18.32 29.59
C VAL I 37 -77.26 19.21 28.62
N SER I 38 -77.86 18.64 27.56
CA SER I 38 -78.82 19.27 26.66
C SER I 38 -78.19 20.31 25.74
N GLY I 39 -76.93 20.69 25.95
CA GLY I 39 -76.29 21.66 25.09
C GLY I 39 -75.14 21.05 24.32
N GLN I 40 -74.67 19.88 24.78
CA GLN I 40 -73.51 19.23 24.19
C GLN I 40 -73.63 17.72 24.05
N VAL I 41 -74.70 17.09 24.54
CA VAL I 41 -74.90 15.67 24.34
C VAL I 41 -76.32 15.37 23.85
N ASP I 42 -77.13 16.40 23.64
CA ASP I 42 -78.58 16.24 23.51
C ASP I 42 -78.88 15.54 22.20
N ALA I 43 -78.68 14.22 22.20
CA ALA I 43 -78.98 13.33 21.09
C ALA I 43 -78.09 13.59 19.88
N THR I 44 -77.28 14.65 19.94
CA THR I 44 -76.35 14.98 18.87
C THR I 44 -74.98 14.38 19.08
N LYS I 45 -74.64 14.04 20.32
CA LYS I 45 -73.33 13.50 20.68
C LYS I 45 -73.54 12.43 21.76
N ARG I 46 -73.63 11.17 21.33
CA ARG I 46 -73.60 10.09 22.32
C ARG I 46 -72.32 10.11 23.15
N THR I 47 -71.25 10.69 22.61
CA THR I 47 -70.05 11.01 23.37
C THR I 47 -69.63 12.41 22.96
N LYS I 48 -68.86 13.07 23.82
CA LYS I 48 -68.30 14.38 23.53
C LYS I 48 -66.91 14.46 24.14
N LEU I 49 -65.98 15.03 23.39
CA LEU I 49 -64.62 15.21 23.87
C LEU I 49 -64.45 16.60 24.48
N TYR I 50 -63.33 16.78 25.16
CA TYR I 50 -63.00 18.03 25.83
C TYR I 50 -61.56 18.38 25.53
N ALA I 51 -61.03 19.30 26.32
CA ALA I 51 -59.60 19.60 26.30
C ALA I 51 -59.00 19.64 27.70
N SER I 52 -59.72 20.16 28.67
CA SER I 52 -59.22 20.35 30.02
C SER I 52 -60.43 20.40 30.94
N LEU I 53 -60.18 20.23 32.24
CA LEU I 53 -61.27 20.25 33.22
C LEU I 53 -61.83 21.65 33.42
N ALA I 54 -60.94 22.64 33.52
CA ALA I 54 -61.39 24.00 33.84
C ALA I 54 -62.44 24.47 32.86
N GLU I 55 -62.26 24.16 31.58
CA GLU I 55 -63.21 24.59 30.55
C GLU I 55 -64.53 23.85 30.65
N VAL I 56 -64.78 23.08 31.70
CA VAL I 56 -66.07 22.41 31.84
C VAL I 56 -67.13 23.41 32.30
N GLU I 57 -68.16 23.55 31.49
CA GLU I 57 -69.34 24.33 31.84
C GLU I 57 -70.62 23.55 31.62
N ALA I 58 -70.67 22.68 30.61
CA ALA I 58 -71.89 21.96 30.27
C ALA I 58 -72.36 21.08 31.43
N ASP I 59 -71.44 20.35 32.04
CA ASP I 59 -71.78 19.56 33.22
C ASP I 59 -71.48 20.34 34.50
N TYR I 60 -72.48 20.41 35.37
CA TYR I 60 -72.42 21.29 36.54
C TYR I 60 -71.22 20.94 37.42
N PRO I 61 -70.50 21.94 37.94
CA PRO I 61 -69.33 21.64 38.79
C PRO I 61 -69.70 21.05 40.14
N ALA I 62 -70.96 20.64 40.32
CA ALA I 62 -71.35 19.98 41.56
C ALA I 62 -71.95 18.60 41.34
N ASN I 63 -72.30 18.24 40.11
CA ASN I 63 -72.96 16.96 39.89
C ASN I 63 -72.01 15.81 40.21
N THR I 64 -72.55 14.79 40.86
CA THR I 64 -71.70 13.73 41.38
C THR I 64 -71.09 12.90 40.25
N SER I 65 -71.79 12.80 39.13
CA SER I 65 -71.39 11.87 38.09
C SER I 65 -70.15 12.35 37.34
N VAL I 66 -70.29 13.45 36.61
CA VAL I 66 -69.26 13.82 35.64
C VAL I 66 -68.15 14.64 36.29
N TYR I 67 -68.52 15.73 36.97
CA TYR I 67 -67.49 16.62 37.52
C TYR I 67 -66.72 15.94 38.64
N LYS I 68 -67.39 15.22 39.53
CA LYS I 68 -66.67 14.57 40.62
C LYS I 68 -65.81 13.40 40.17
N ALA I 69 -66.05 12.86 38.97
CA ALA I 69 -65.22 11.83 38.38
C ALA I 69 -64.10 12.38 37.52
N ALA I 70 -64.38 13.39 36.70
CA ALA I 70 -63.31 14.07 35.99
C ALA I 70 -62.36 14.75 36.96
N LEU I 71 -62.85 15.05 38.17
CA LEU I 71 -62.00 15.65 39.19
C LEU I 71 -60.84 14.72 39.55
N SER I 72 -61.11 13.43 39.70
CA SER I 72 -60.03 12.49 40.01
C SER I 72 -59.39 11.94 38.75
N ALA I 73 -60.06 12.08 37.60
CA ALA I 73 -59.44 11.72 36.33
C ALA I 73 -58.30 12.66 35.98
N PHE I 74 -58.49 13.96 36.18
CA PHE I 74 -57.51 14.95 35.75
C PHE I 74 -56.53 15.32 36.86
N SER I 75 -56.52 14.61 37.98
CA SER I 75 -55.78 15.02 39.15
C SER I 75 -54.50 14.22 39.39
N GLN I 76 -53.82 13.77 38.34
CA GLN I 76 -52.49 13.21 38.51
C GLN I 76 -51.43 14.29 38.34
N ASN I 77 -50.23 14.02 38.87
CA ASN I 77 -49.16 15.00 38.79
C ASN I 77 -48.79 15.37 37.35
N PRO I 78 -48.63 14.43 36.42
CA PRO I 78 -48.70 14.80 35.00
C PRO I 78 -50.11 14.61 34.46
N ARG I 79 -50.48 15.44 33.50
CA ARG I 79 -51.92 15.23 33.36
C ARG I 79 -52.26 14.63 32.01
N PRO I 80 -53.28 13.79 31.93
CA PRO I 80 -53.83 13.41 30.62
C PRO I 80 -54.59 14.56 29.99
N ILE I 81 -55.14 14.35 28.80
CA ILE I 81 -55.93 15.37 28.11
C ILE I 81 -57.17 14.71 27.53
N ARG I 82 -58.12 15.56 27.13
CA ARG I 82 -59.30 15.18 26.35
C ARG I 82 -60.01 13.94 26.89
N LEU I 83 -60.66 14.11 28.04
CA LEU I 83 -61.59 13.10 28.53
C LEU I 83 -62.78 12.97 27.59
N LYS I 84 -63.30 11.76 27.46
CA LYS I 84 -64.46 11.45 26.63
C LYS I 84 -65.72 11.45 27.49
N VAL I 85 -66.46 12.55 27.43
CA VAL I 85 -67.58 12.85 28.32
C VAL I 85 -68.79 12.07 27.86
N GLY I 86 -69.83 12.02 28.69
CA GLY I 86 -70.86 11.03 28.56
C GLY I 86 -72.20 11.51 28.01
N TYR I 87 -72.86 10.59 27.30
CA TYR I 87 -74.29 10.66 27.01
C TYR I 87 -74.86 9.25 26.92
N ALA I 88 -74.05 8.22 27.18
CA ALA I 88 -74.24 6.92 26.57
C ALA I 88 -75.56 6.24 26.91
N ALA I 89 -75.69 5.77 28.15
CA ALA I 89 -76.92 5.12 28.63
C ALA I 89 -77.80 6.11 29.37
N THR I 90 -78.21 7.18 28.70
CA THR I 90 -79.04 8.20 29.34
C THR I 90 -80.31 7.63 29.96
N PRO I 91 -81.05 6.71 29.32
CA PRO I 91 -82.14 6.04 30.04
C PRO I 91 -81.62 5.22 31.21
N THR I 92 -82.46 5.10 32.24
CA THR I 92 -82.05 4.46 33.49
C THR I 92 -81.94 2.95 33.36
N GLY I 93 -80.84 2.45 32.80
CA GLY I 93 -80.55 1.03 32.82
C GLY I 93 -81.43 0.22 31.91
N GLY I 94 -82.74 0.41 32.01
CA GLY I 94 -83.68 -0.26 31.15
C GLY I 94 -85.09 0.15 31.52
N ASP I 95 -85.95 0.15 30.50
CA ASP I 95 -87.36 0.47 30.75
C ASP I 95 -87.95 -0.50 31.75
N ASP I 96 -87.63 -1.79 31.60
CA ASP I 96 -87.78 -2.77 32.68
C ASP I 96 -86.41 -2.80 33.35
N ALA I 97 -86.34 -2.28 34.57
CA ALA I 97 -85.04 -2.07 35.20
C ALA I 97 -84.26 -3.36 35.36
N ALA I 98 -84.92 -4.44 35.81
CA ALA I 98 -84.20 -5.68 36.07
C ALA I 98 -83.66 -6.31 34.80
N LYS I 99 -84.20 -5.93 33.64
CA LYS I 99 -83.78 -6.51 32.37
C LYS I 99 -82.52 -5.81 31.88
N LYS I 100 -81.51 -6.61 31.55
CA LYS I 100 -80.23 -6.12 31.07
C LYS I 100 -80.18 -6.00 29.55
N ALA I 101 -81.24 -6.41 28.84
CA ALA I 101 -81.24 -6.30 27.39
C ALA I 101 -81.18 -4.85 26.94
N ASP I 102 -81.93 -3.96 27.60
CA ASP I 102 -81.88 -2.55 27.24
C ASP I 102 -80.51 -1.95 27.50
N PHE I 103 -79.86 -2.33 28.60
CA PHE I 103 -78.50 -1.86 28.86
C PHE I 103 -77.51 -2.39 27.82
N ILE I 104 -77.68 -3.65 27.39
CA ILE I 104 -76.80 -4.20 26.37
C ILE I 104 -76.98 -3.47 25.04
N THR I 105 -78.23 -3.18 24.67
CA THR I 105 -78.48 -2.43 23.43
C THR I 105 -77.96 -0.99 23.54
N SER I 106 -78.07 -0.38 24.72
CA SER I 106 -77.50 0.94 24.94
C SER I 106 -76.00 0.91 24.76
N LEU I 107 -75.33 -0.13 25.28
CA LEU I 107 -73.91 -0.29 25.06
C LEU I 107 -73.59 -0.47 23.58
N GLY I 108 -74.43 -1.23 22.88
CA GLY I 108 -74.18 -1.50 21.47
C GLY I 108 -74.52 -0.35 20.56
N ALA I 109 -75.18 0.69 21.07
CA ALA I 109 -75.49 1.86 20.27
C ALA I 109 -74.63 3.07 20.59
N ILE I 110 -73.63 2.93 21.46
CA ILE I 110 -72.71 4.04 21.73
C ILE I 110 -71.38 3.87 21.02
N LEU I 111 -71.07 2.68 20.52
CA LEU I 111 -69.92 2.53 19.63
C LEU I 111 -70.15 3.25 18.31
N ASN I 112 -71.39 3.25 17.83
CA ASN I 112 -71.69 3.71 16.47
C ASN I 112 -71.43 5.20 16.29
N TYR I 113 -71.20 5.93 17.37
CA TYR I 113 -70.79 7.33 17.21
C TYR I 113 -69.28 7.46 17.31
N ASP I 114 -68.65 6.80 18.27
CA ASP I 114 -67.24 7.06 18.52
C ASP I 114 -66.50 5.82 18.97
N GLN I 115 -65.30 5.63 18.42
CA GLN I 115 -64.36 4.60 18.83
C GLN I 115 -63.03 5.32 19.05
N ALA I 116 -62.89 5.94 20.20
CA ALA I 116 -61.61 6.47 20.67
C ALA I 116 -61.34 6.17 22.14
N PHE I 117 -62.23 5.47 22.83
CA PHE I 117 -62.00 5.14 24.23
C PHE I 117 -61.52 3.71 24.38
N TYR I 118 -60.69 3.50 25.41
CA TYR I 118 -60.07 2.22 25.68
C TYR I 118 -60.43 1.64 27.03
N GLN I 119 -60.62 2.47 28.06
CA GLN I 119 -60.95 2.05 29.40
C GLN I 119 -62.33 2.58 29.78
N ILE I 120 -63.21 1.68 30.20
CA ILE I 120 -64.62 2.00 30.42
C ILE I 120 -64.85 2.08 31.93
N THR I 121 -65.31 3.25 32.38
CA THR I 121 -65.55 3.50 33.81
C THR I 121 -66.97 4.04 33.99
N LEU I 122 -67.73 3.41 34.87
CA LEU I 122 -68.97 3.97 35.39
C LEU I 122 -68.67 4.56 36.76
N ASP I 123 -69.30 5.69 37.07
CA ASP I 123 -68.89 6.42 38.25
C ASP I 123 -70.07 7.13 38.88
N ALA I 124 -70.06 7.19 40.21
CA ALA I 124 -70.97 7.96 41.06
C ALA I 124 -72.42 7.52 40.93
N ALA I 125 -72.71 6.58 40.05
CA ALA I 125 -74.05 6.05 39.88
C ALA I 125 -73.91 4.75 39.10
N LEU I 126 -75.04 4.07 38.91
CA LEU I 126 -75.06 2.74 38.29
C LEU I 126 -74.30 1.71 39.14
N ARG I 127 -73.86 2.09 40.32
CA ARG I 127 -73.03 1.22 41.16
C ARG I 127 -73.90 0.12 41.74
N ASP I 128 -73.39 -1.10 41.74
CA ASP I 128 -74.06 -2.26 42.34
C ASP I 128 -75.41 -2.56 41.70
N GLN I 129 -75.57 -2.27 40.41
CA GLN I 129 -76.81 -2.62 39.72
C GLN I 129 -76.69 -4.03 39.14
N PRO I 130 -77.74 -4.84 39.23
CA PRO I 130 -77.69 -6.17 38.59
C PRO I 130 -77.59 -6.11 37.07
N TYR I 131 -78.06 -5.04 36.44
CA TYR I 131 -77.99 -4.96 34.98
C TYR I 131 -76.57 -4.76 34.47
N LEU I 132 -75.63 -4.48 35.37
CA LEU I 132 -74.25 -4.21 34.96
C LEU I 132 -73.57 -5.46 34.43
N ASP I 133 -74.19 -6.63 34.61
CA ASP I 133 -73.64 -7.88 34.08
C ASP I 133 -73.44 -7.82 32.57
N GLY I 134 -74.24 -7.00 31.88
CA GLY I 134 -74.05 -6.84 30.45
C GLY I 134 -72.69 -6.30 30.09
N LEU I 135 -72.19 -5.33 30.85
CA LEU I 135 -70.87 -4.77 30.58
C LEU I 135 -69.78 -5.83 30.72
N VAL I 136 -69.89 -6.68 31.75
CA VAL I 136 -68.90 -7.71 31.99
C VAL I 136 -68.95 -8.77 30.89
N GLU I 137 -70.15 -9.15 30.46
CA GLU I 137 -70.26 -10.13 29.39
C GLU I 137 -69.86 -9.55 28.04
N TRP I 138 -69.97 -8.25 27.87
CA TRP I 138 -69.81 -7.62 26.57
C TRP I 138 -68.40 -7.15 26.29
N VAL I 139 -67.69 -6.64 27.29
CA VAL I 139 -66.33 -6.19 27.04
C VAL I 139 -65.41 -7.37 26.73
N GLU I 140 -65.83 -8.58 27.04
CA GLU I 140 -65.18 -9.77 26.51
C GLU I 140 -65.33 -9.81 25.00
N ALA I 141 -64.23 -10.14 24.32
CA ALA I 141 -64.15 -10.05 22.85
C ALA I 141 -64.45 -8.64 22.38
N GLN I 142 -63.82 -7.66 23.02
CA GLN I 142 -63.98 -6.26 22.68
C GLN I 142 -62.72 -5.54 23.14
N PRO I 143 -61.94 -4.93 22.23
CA PRO I 143 -60.60 -4.44 22.59
C PRO I 143 -60.63 -3.21 23.51
N LYS I 144 -61.13 -3.43 24.73
CA LYS I 144 -61.22 -2.38 25.74
C LYS I 144 -60.97 -3.00 27.11
N ILE I 145 -61.01 -2.15 28.13
CA ILE I 145 -60.80 -2.55 29.52
C ILE I 145 -61.94 -2.01 30.36
N ALA I 146 -62.62 -2.91 31.08
CA ALA I 146 -63.81 -2.55 31.86
C ALA I 146 -63.45 -2.53 33.34
N MET I 147 -63.77 -1.43 34.02
CA MET I 147 -63.44 -1.27 35.41
C MET I 147 -64.62 -0.68 36.17
N ILE I 148 -64.92 -1.27 37.32
CA ILE I 148 -66.09 -0.91 38.12
C ILE I 148 -65.63 -0.66 39.55
N ASP I 149 -65.80 0.58 40.03
CA ASP I 149 -65.45 0.92 41.40
C ASP I 149 -66.73 1.01 42.22
N SER I 150 -66.88 0.07 43.16
CA SER I 150 -67.99 0.16 44.08
C SER I 150 -67.72 1.25 45.12
N ASN I 151 -68.79 1.78 45.70
CA ASN I 151 -68.71 2.64 46.87
C ASN I 151 -68.93 1.89 48.16
N ALA I 152 -69.56 0.71 48.10
CA ALA I 152 -69.79 -0.13 49.26
C ALA I 152 -70.37 -1.46 48.79
N ALA I 153 -69.94 -2.54 49.43
CA ALA I 153 -70.49 -3.87 49.17
C ALA I 153 -69.97 -4.82 50.25
N GLY I 154 -70.29 -6.10 50.10
CA GLY I 154 -69.89 -7.13 51.03
C GLY I 154 -68.79 -8.01 50.50
N HIS I 155 -67.78 -7.41 49.87
CA HIS I 155 -66.64 -8.18 49.39
C HIS I 155 -65.69 -8.54 50.53
N GLU I 156 -65.97 -8.05 51.74
CA GLU I 156 -65.10 -8.30 52.87
C GLU I 156 -65.40 -9.64 53.52
N ASP I 157 -66.40 -10.36 53.05
CA ASP I 157 -66.63 -11.73 53.48
C ASP I 157 -65.97 -12.66 52.50
N PRO I 158 -64.98 -13.45 52.89
CA PRO I 158 -64.34 -14.37 51.95
C PRO I 158 -65.20 -15.57 51.58
N ALA I 159 -66.50 -15.49 51.87
CA ALA I 159 -67.42 -16.58 51.56
C ALA I 159 -68.58 -16.18 50.65
N ASN I 160 -69.05 -14.94 50.69
CA ASN I 160 -70.27 -14.60 50.00
C ASN I 160 -70.09 -14.65 48.48
N THR I 161 -71.19 -14.88 47.77
CA THR I 161 -71.18 -15.05 46.33
C THR I 161 -72.12 -14.11 45.59
N THR I 162 -72.68 -13.10 46.25
CA THR I 162 -73.62 -12.21 45.58
C THR I 162 -72.98 -10.95 45.01
N VAL I 163 -71.77 -10.61 45.45
CA VAL I 163 -71.16 -9.35 45.05
C VAL I 163 -70.61 -9.43 43.64
N ILE I 164 -70.25 -8.26 43.10
CA ILE I 164 -69.71 -8.17 41.76
C ILE I 164 -68.53 -9.11 41.58
N ALA I 165 -67.52 -8.98 42.45
CA ALA I 165 -66.28 -9.71 42.29
C ALA I 165 -66.40 -11.18 42.64
N ALA I 166 -67.55 -11.62 43.17
CA ALA I 166 -67.77 -13.04 43.43
C ALA I 166 -68.48 -13.73 42.27
N ARG I 167 -69.61 -13.16 41.82
CA ARG I 167 -70.37 -13.79 40.75
C ARG I 167 -69.60 -13.80 39.43
N HIS I 168 -68.53 -13.01 39.35
CA HIS I 168 -67.62 -13.02 38.21
C HIS I 168 -66.19 -13.03 38.75
N LYS I 169 -65.65 -14.24 38.98
CA LYS I 169 -64.30 -14.36 39.51
C LYS I 169 -63.68 -15.61 38.88
N GLY I 170 -62.54 -15.42 38.22
CA GLY I 170 -61.86 -16.51 37.56
C GLY I 170 -62.38 -16.84 36.18
N THR I 171 -63.45 -16.17 35.73
CA THR I 171 -64.00 -16.39 34.41
C THR I 171 -63.77 -15.24 33.45
N VAL I 172 -63.50 -14.04 33.95
CA VAL I 172 -63.30 -12.85 33.14
C VAL I 172 -61.84 -12.41 33.24
N GLU I 173 -61.24 -12.08 32.10
CA GLU I 173 -59.83 -11.69 32.06
C GLU I 173 -59.64 -10.27 31.55
N ARG I 174 -60.69 -9.44 31.53
CA ARG I 174 -60.56 -8.08 31.03
C ARG I 174 -61.33 -7.08 31.88
N THR I 175 -61.70 -7.48 33.10
CA THR I 175 -62.43 -6.59 33.98
C THR I 175 -61.80 -6.62 35.37
N ALA I 176 -61.97 -5.52 36.10
CA ALA I 176 -61.44 -5.43 37.46
C ALA I 176 -62.36 -4.55 38.30
N VAL I 177 -62.19 -4.65 39.61
CA VAL I 177 -63.05 -3.98 40.59
C VAL I 177 -62.17 -3.06 41.42
N PHE I 178 -62.58 -1.80 41.60
CA PHE I 178 -61.94 -0.90 42.55
C PHE I 178 -62.81 -0.74 43.80
N TYR I 179 -62.77 -1.77 44.64
CA TYR I 179 -63.56 -1.76 45.88
C TYR I 179 -63.02 -0.74 46.86
N HIS I 180 -63.93 -0.07 47.56
CA HIS I 180 -63.55 0.99 48.48
C HIS I 180 -64.73 1.28 49.39
N THR I 181 -64.64 2.35 50.18
CA THR I 181 -65.75 2.87 50.97
C THR I 181 -66.44 4.00 50.20
N ASP I 182 -67.35 4.69 50.88
CA ASP I 182 -68.27 5.60 50.21
C ASP I 182 -67.59 6.89 49.77
N SER I 183 -68.15 7.48 48.70
CA SER I 183 -68.00 8.88 48.31
C SER I 183 -66.68 9.23 47.63
N THR I 184 -65.94 8.25 47.10
CA THR I 184 -64.68 8.52 46.40
C THR I 184 -64.73 7.88 45.01
N GLU I 185 -64.48 8.68 43.98
CA GLU I 185 -64.28 8.18 42.62
C GLU I 185 -62.84 7.67 42.52
N TYR I 186 -62.68 6.41 42.14
CA TYR I 186 -61.37 5.77 42.23
C TYR I 186 -60.80 5.32 40.90
N LEU I 187 -61.61 4.73 40.02
CA LEU I 187 -61.10 4.32 38.71
C LEU I 187 -60.39 5.46 38.02
N ALA I 188 -60.94 6.67 38.14
CA ALA I 188 -60.33 7.83 37.50
C ALA I 188 -59.05 8.25 38.20
N ALA I 189 -58.85 7.84 39.46
CA ALA I 189 -57.74 8.35 40.24
C ALA I 189 -56.40 7.93 39.65
N SER I 190 -56.28 6.67 39.27
CA SER I 190 -55.04 6.11 38.75
C SER I 190 -55.11 5.79 37.26
N MET I 191 -56.13 5.04 36.85
CA MET I 191 -56.31 4.76 35.43
C MET I 191 -56.50 6.06 34.66
N ALA I 192 -55.97 6.10 33.45
CA ALA I 192 -56.19 7.21 32.53
C ALA I 192 -55.62 8.50 33.07
N ALA I 193 -55.05 8.46 34.27
CA ALA I 193 -54.33 9.59 34.84
C ALA I 193 -52.87 9.27 35.11
N TYR I 194 -52.60 8.05 35.56
CA TYR I 194 -51.26 7.49 35.53
C TYR I 194 -51.07 6.51 34.39
N MET I 195 -52.07 5.66 34.13
CA MET I 195 -52.00 4.72 33.02
C MET I 195 -51.85 5.46 31.69
N SER I 196 -52.59 6.55 31.53
CA SER I 196 -52.60 7.26 30.25
C SER I 196 -51.23 7.80 29.90
N THR I 197 -50.56 8.46 30.84
CA THR I 197 -49.30 9.10 30.52
C THR I 197 -48.13 8.13 30.63
N ARG I 198 -48.29 6.94 30.06
CA ARG I 198 -47.23 5.94 29.98
C ARG I 198 -46.79 5.83 28.54
N VAL I 199 -45.55 6.19 28.26
CA VAL I 199 -45.03 6.20 26.91
C VAL I 199 -44.10 5.00 26.76
N PHE I 200 -44.54 4.02 25.97
CA PHE I 200 -43.76 2.81 25.75
C PHE I 200 -42.76 2.95 24.63
N ASP I 201 -42.63 4.14 24.04
CA ASP I 201 -41.67 4.35 22.96
C ASP I 201 -40.27 4.66 23.48
N ASP I 202 -40.08 4.70 24.79
CA ASP I 202 -38.77 4.92 25.38
C ASP I 202 -38.22 3.60 25.91
N ALA I 203 -36.91 3.56 26.11
CA ALA I 203 -36.27 2.40 26.70
C ALA I 203 -36.69 2.24 28.15
N ASN I 204 -36.88 0.98 28.56
CA ASN I 204 -37.13 0.61 29.95
C ASN I 204 -38.39 1.24 30.52
N SER I 205 -39.38 1.52 29.67
CA SER I 205 -40.64 2.11 30.10
C SER I 205 -41.72 1.06 30.32
N ALA I 206 -41.42 0.03 31.09
CA ALA I 206 -42.38 -1.02 31.40
C ALA I 206 -42.75 -0.90 32.87
N TYR I 207 -43.95 -0.45 33.15
CA TYR I 207 -44.41 -0.26 34.52
C TYR I 207 -45.14 -1.51 35.00
N THR I 208 -44.52 -2.66 34.72
CA THR I 208 -45.19 -3.96 34.75
C THR I 208 -46.13 -4.12 35.94
N LEU I 209 -45.88 -3.42 37.05
CA LEU I 209 -46.66 -3.61 38.26
C LEU I 209 -47.97 -2.85 38.26
N LYS I 210 -47.88 -1.51 38.25
CA LYS I 210 -48.98 -0.64 38.67
C LYS I 210 -49.40 -0.97 40.10
N PHE I 211 -48.45 -1.40 40.93
CA PHE I 211 -48.74 -2.06 42.20
C PHE I 211 -48.39 -1.22 43.42
N LYS I 212 -47.46 -0.27 43.31
CA LYS I 212 -47.24 0.69 44.39
C LYS I 212 -47.15 2.09 43.80
N LYS I 213 -48.31 2.70 43.56
CA LYS I 213 -48.38 4.00 42.89
C LYS I 213 -49.34 4.91 43.64
N ALA I 214 -48.90 6.15 43.87
CA ALA I 214 -49.56 7.19 44.63
C ALA I 214 -50.41 8.08 43.73
N PRO I 215 -51.70 8.23 44.01
CA PRO I 215 -52.53 9.19 43.28
C PRO I 215 -52.27 10.60 43.80
N GLY I 216 -52.95 11.56 43.17
CA GLY I 216 -52.77 12.96 43.54
C GLY I 216 -53.14 13.24 44.98
N VAL I 217 -54.43 13.17 45.30
CA VAL I 217 -54.91 13.34 46.67
C VAL I 217 -56.05 12.36 46.87
N ARG I 218 -56.00 11.59 47.96
CA ARG I 218 -57.11 10.71 48.31
C ARG I 218 -56.92 10.20 49.72
N ALA I 219 -57.80 9.29 50.12
CA ALA I 219 -57.82 8.74 51.47
C ALA I 219 -57.76 7.22 51.43
N ILE I 220 -57.29 6.66 52.52
CA ILE I 220 -57.08 5.23 52.66
C ILE I 220 -58.33 4.57 53.23
N ASP I 221 -58.44 3.27 53.07
CA ASP I 221 -59.39 2.48 53.84
C ASP I 221 -58.71 1.98 55.11
N LYS I 222 -59.35 1.03 55.81
CA LYS I 222 -58.86 0.58 57.11
C LYS I 222 -58.85 -0.94 57.19
N GLY I 223 -57.95 -1.48 58.00
CA GLY I 223 -57.93 -2.90 58.32
C GLY I 223 -56.67 -3.64 57.92
N SER I 224 -56.54 -4.87 58.41
CA SER I 224 -55.45 -5.76 58.00
C SER I 224 -55.95 -7.10 57.49
N ALA I 225 -56.83 -7.77 58.22
CA ALA I 225 -57.42 -9.02 57.77
C ALA I 225 -58.62 -8.81 56.88
N VAL I 226 -59.04 -7.55 56.69
CA VAL I 226 -60.07 -7.23 55.71
C VAL I 226 -59.48 -6.89 54.35
N VAL I 227 -58.17 -6.67 54.28
CA VAL I 227 -57.48 -6.31 53.04
C VAL I 227 -57.06 -7.59 52.31
N THR I 228 -57.40 -8.74 52.87
CA THR I 228 -57.14 -10.00 52.18
C THR I 228 -58.42 -10.70 51.73
N ALA I 229 -59.55 -10.42 52.38
CA ALA I 229 -60.83 -10.77 51.78
C ALA I 229 -61.02 -10.00 50.48
N ILE I 230 -60.86 -8.69 50.52
CA ILE I 230 -60.66 -7.93 49.31
C ILE I 230 -59.23 -8.15 48.82
N THR I 231 -59.03 -8.02 47.52
CA THR I 231 -57.77 -8.23 46.82
C THR I 231 -57.30 -9.69 46.88
N GLY I 232 -57.98 -10.56 47.60
CA GLY I 232 -57.67 -11.98 47.65
C GLY I 232 -56.21 -12.37 47.71
N PHE I 233 -55.37 -11.57 48.36
CA PHE I 233 -53.93 -11.74 48.33
C PHE I 233 -53.47 -12.41 49.62
N VAL I 234 -52.87 -13.60 49.48
CA VAL I 234 -52.24 -14.25 50.63
C VAL I 234 -50.78 -13.82 50.70
N GLU I 235 -50.17 -14.01 51.88
CA GLU I 235 -48.93 -13.33 52.20
C GLU I 235 -47.82 -13.66 51.21
N GLN I 236 -47.37 -14.90 51.20
CA GLN I 236 -46.22 -15.29 50.39
C GLN I 236 -46.58 -16.28 49.29
N THR I 237 -47.72 -16.95 49.40
CA THR I 237 -48.14 -17.89 48.37
C THR I 237 -48.42 -17.17 47.05
N GLY I 238 -49.15 -16.06 47.10
CA GLY I 238 -49.52 -15.38 45.87
C GLY I 238 -50.88 -14.74 45.98
N GLN I 239 -51.78 -15.13 45.09
CA GLN I 239 -53.17 -14.66 45.11
C GLN I 239 -54.07 -15.86 44.83
N SER I 240 -54.98 -16.15 45.76
CA SER I 240 -55.84 -17.33 45.69
C SER I 240 -57.27 -16.91 45.40
N GLU I 241 -57.92 -17.63 44.49
CA GLU I 241 -59.25 -17.24 44.04
C GLU I 241 -60.31 -17.57 45.09
N SER I 242 -60.20 -18.72 45.75
CA SER I 242 -61.22 -19.13 46.71
C SER I 242 -61.17 -18.30 47.99
N ALA I 243 -59.98 -17.81 48.37
CA ALA I 243 -59.78 -17.12 49.64
C ALA I 243 -59.81 -15.61 49.51
N GLY I 244 -60.67 -15.07 48.65
CA GLY I 244 -60.81 -13.63 48.56
C GLY I 244 -61.38 -13.21 47.23
N HIS I 245 -61.62 -11.91 47.11
CA HIS I 245 -62.15 -11.32 45.89
C HIS I 245 -61.25 -10.16 45.46
N CYS I 246 -60.81 -10.21 44.21
CA CYS I 246 -59.79 -9.29 43.70
C CYS I 246 -60.38 -7.89 43.59
N ALA I 247 -59.63 -6.89 44.06
CA ALA I 247 -59.98 -5.48 43.90
C ALA I 247 -58.79 -4.64 44.34
N ASN I 248 -58.98 -3.33 44.35
CA ASN I 248 -57.90 -2.40 44.65
C ASN I 248 -58.37 -1.38 45.68
N THR I 249 -57.55 -1.16 46.70
CA THR I 249 -58.07 -0.44 47.87
C THR I 249 -57.19 0.70 48.37
N LEU I 250 -55.97 0.89 47.88
CA LEU I 250 -55.12 2.01 48.27
C LEU I 250 -54.85 1.99 49.79
N ILE I 251 -54.08 1.00 50.21
CA ILE I 251 -53.67 0.86 51.60
C ILE I 251 -52.57 1.85 51.94
N ASP I 252 -52.26 1.97 53.23
CA ASP I 252 -51.09 2.70 53.69
C ASP I 252 -50.36 1.86 54.73
N ILE I 253 -49.04 1.76 54.59
CA ILE I 253 -48.22 0.90 55.43
C ILE I 253 -47.30 1.72 56.33
N GLY I 254 -46.41 2.52 55.74
CA GLY I 254 -45.59 3.39 56.54
C GLY I 254 -46.28 4.71 56.76
N ASP I 255 -45.61 5.80 56.41
CA ASP I 255 -46.30 7.08 56.26
C ASP I 255 -46.75 7.33 54.83
N GLN I 256 -46.62 6.34 53.95
CA GLN I 256 -46.98 6.50 52.54
C GLN I 256 -48.30 5.79 52.28
N GLU I 257 -49.06 6.32 51.33
CA GLU I 257 -50.27 5.68 50.83
C GLU I 257 -50.06 5.35 49.35
N PHE I 258 -50.45 4.14 48.96
CA PHE I 258 -50.22 3.69 47.59
C PHE I 258 -51.22 2.62 47.22
N LEU I 259 -51.44 2.47 45.92
CA LEU I 259 -52.35 1.45 45.41
C LEU I 259 -51.79 0.06 45.72
N VAL I 260 -52.68 -0.92 45.83
CA VAL I 260 -52.24 -2.26 46.18
C VAL I 260 -52.98 -3.28 45.32
N GLU I 261 -52.36 -4.46 45.21
CA GLU I 261 -52.67 -5.59 44.36
C GLU I 261 -52.38 -5.33 42.89
N GLY I 262 -51.99 -4.12 42.50
CA GLY I 262 -51.63 -3.86 41.13
C GLY I 262 -52.73 -4.06 40.12
N SER I 263 -53.99 -3.91 40.53
CA SER I 263 -55.14 -3.98 39.64
C SER I 263 -55.20 -5.33 38.91
N THR I 264 -55.43 -6.38 39.68
CA THR I 264 -55.67 -7.66 39.08
C THR I 264 -57.04 -7.69 38.41
N LEU I 265 -57.23 -8.68 37.55
CA LEU I 265 -58.50 -8.96 36.91
C LEU I 265 -59.07 -10.31 37.29
N THR I 266 -58.24 -11.34 37.24
CA THR I 266 -58.55 -12.68 37.71
C THR I 266 -57.34 -13.09 38.54
N GLN I 267 -57.22 -14.39 38.84
CA GLN I 267 -56.35 -14.85 39.90
C GLN I 267 -54.95 -14.26 39.81
N ASN I 268 -54.32 -14.29 38.64
CA ASN I 268 -52.96 -13.80 38.49
C ASN I 268 -52.77 -13.06 37.17
N VAL I 269 -53.70 -12.17 36.84
CA VAL I 269 -53.65 -11.39 35.62
C VAL I 269 -53.65 -9.93 36.04
N PHE I 270 -52.64 -9.18 35.60
CA PHE I 270 -52.45 -7.82 36.07
C PHE I 270 -52.73 -6.81 34.97
N LEU I 271 -52.86 -5.55 35.38
CA LEU I 271 -53.34 -4.51 34.48
C LEU I 271 -52.30 -4.13 33.44
N ASP I 272 -51.02 -4.11 33.82
CA ASP I 272 -50.00 -3.67 32.88
C ASP I 272 -49.82 -4.66 31.72
N GLU I 273 -50.03 -5.95 31.96
CA GLU I 273 -49.99 -6.89 30.84
C GLU I 273 -50.99 -6.50 29.76
N ILE I 274 -52.23 -6.25 30.16
CA ILE I 274 -53.26 -5.87 29.20
C ILE I 274 -52.92 -4.54 28.55
N HIS I 275 -52.51 -3.56 29.34
CA HIS I 275 -52.20 -2.24 28.80
C HIS I 275 -51.08 -2.31 27.77
N ALA I 276 -50.00 -3.05 28.09
CA ALA I 276 -48.84 -3.11 27.20
C ALA I 276 -49.15 -3.89 25.92
N THR I 277 -49.83 -5.03 26.04
CA THR I 277 -50.18 -5.77 24.83
C THR I 277 -51.14 -4.97 23.95
N ASP I 278 -52.03 -4.19 24.56
CA ASP I 278 -52.92 -3.36 23.77
C ASP I 278 -52.16 -2.22 23.10
N TRP I 279 -51.12 -1.70 23.76
CA TRP I 279 -50.23 -0.76 23.07
C TRP I 279 -49.57 -1.41 21.87
N ILE I 280 -49.14 -2.66 22.01
CA ILE I 280 -48.52 -3.36 20.89
C ILE I 280 -49.48 -3.48 19.72
N ILE I 281 -50.73 -3.86 20.00
CA ILE I 281 -51.71 -4.03 18.94
C ILE I 281 -52.01 -2.70 18.27
N ALA I 282 -52.26 -1.66 19.08
CA ALA I 282 -52.59 -0.35 18.53
C ALA I 282 -51.44 0.27 17.76
N ARG I 283 -50.21 -0.07 18.10
CA ARG I 283 -49.06 0.41 17.37
C ARG I 283 -48.89 -0.31 16.03
N THR I 284 -49.11 -1.63 16.01
CA THR I 284 -49.08 -2.34 14.74
C THR I 284 -50.18 -1.85 13.80
N GLU I 285 -51.35 -1.52 14.34
CA GLU I 285 -52.41 -0.93 13.51
C GLU I 285 -51.94 0.37 12.87
N GLU I 286 -51.33 1.25 13.65
CA GLU I 286 -50.91 2.54 13.14
C GLU I 286 -49.83 2.39 12.08
N GLU I 287 -48.88 1.49 12.29
CA GLU I 287 -47.83 1.29 11.31
C GLU I 287 -48.37 0.65 10.03
N MET I 288 -49.32 -0.28 10.15
CA MET I 288 -49.94 -0.83 8.97
C MET I 288 -50.65 0.25 8.16
N LEU I 289 -51.41 1.12 8.84
CA LEU I 289 -52.10 2.19 8.12
C LEU I 289 -51.09 3.15 7.47
N SER I 290 -50.02 3.47 8.17
CA SER I 290 -49.00 4.32 7.59
C SER I 290 -48.28 3.66 6.41
N LEU I 291 -48.25 2.33 6.33
CA LEU I 291 -47.75 1.65 5.15
C LEU I 291 -48.70 1.71 3.96
N PHE I 292 -50.01 1.69 4.20
CA PHE I 292 -50.97 1.76 3.09
C PHE I 292 -51.09 3.15 2.50
N LEU I 293 -50.64 4.19 3.21
CA LEU I 293 -50.76 5.55 2.72
C LEU I 293 -49.52 6.03 1.97
N ASN I 294 -48.36 5.43 2.24
CA ASN I 294 -47.14 5.85 1.56
C ASN I 294 -47.03 5.21 0.17
N ASN I 295 -47.20 3.91 0.10
CA ASN I 295 -47.01 3.20 -1.15
C ASN I 295 -48.11 3.55 -2.14
N ASP I 296 -47.77 3.46 -3.43
CA ASP I 296 -48.80 3.45 -4.45
C ASP I 296 -49.77 2.30 -4.19
N ARG I 297 -49.28 1.06 -4.28
CA ARG I 297 -50.04 -0.13 -3.91
C ARG I 297 -49.18 -1.09 -3.12
N VAL I 298 -49.83 -2.10 -2.56
CA VAL I 298 -49.18 -3.29 -2.00
C VAL I 298 -49.67 -4.48 -2.83
N PRO I 299 -48.82 -5.09 -3.66
CA PRO I 299 -49.29 -6.14 -4.55
C PRO I 299 -49.60 -7.43 -3.81
N PHE I 300 -50.39 -8.27 -4.47
CA PHE I 300 -50.83 -9.55 -3.92
C PHE I 300 -49.89 -10.66 -4.38
N THR I 301 -48.63 -10.52 -3.98
CA THR I 301 -47.60 -11.50 -4.31
C THR I 301 -46.85 -11.84 -3.02
N ASP I 302 -45.75 -12.59 -3.17
CA ASP I 302 -44.90 -12.88 -2.01
C ASP I 302 -44.10 -11.65 -1.58
N GLN I 303 -43.71 -10.80 -2.53
CA GLN I 303 -43.04 -9.57 -2.20
C GLN I 303 -43.93 -8.66 -1.36
N GLY I 304 -45.22 -8.62 -1.69
CA GLY I 304 -46.18 -7.90 -0.86
C GLY I 304 -46.34 -8.48 0.53
N MET I 305 -46.34 -9.80 0.66
CA MET I 305 -46.42 -10.41 1.98
C MET I 305 -45.21 -10.06 2.83
N GLN I 306 -44.01 -10.06 2.25
CA GLN I 306 -42.84 -9.65 3.02
C GLN I 306 -42.89 -8.17 3.36
N GLN I 307 -43.37 -7.33 2.45
CA GLN I 307 -43.53 -5.92 2.76
C GLN I 307 -44.49 -5.71 3.92
N LEU I 308 -45.60 -6.47 3.95
CA LEU I 308 -46.53 -6.39 5.08
C LEU I 308 -45.89 -6.89 6.36
N ALA I 309 -45.18 -8.02 6.30
CA ALA I 309 -44.60 -8.61 7.50
C ALA I 309 -43.43 -7.80 8.05
N SER I 310 -42.93 -6.84 7.29
CA SER I 310 -41.87 -5.97 7.81
C SER I 310 -42.33 -5.14 9.00
N VAL I 311 -43.62 -4.98 9.22
CA VAL I 311 -44.16 -4.12 10.28
C VAL I 311 -44.07 -4.80 11.65
N PRO I 312 -44.60 -6.00 11.84
CA PRO I 312 -44.41 -6.66 13.15
C PRO I 312 -42.95 -6.86 13.53
N ARG I 313 -42.05 -7.02 12.55
CA ARG I 313 -40.64 -7.17 12.88
C ARG I 313 -40.08 -5.95 13.56
N ALA I 314 -40.43 -4.75 13.10
CA ALA I 314 -40.03 -3.52 13.77
C ALA I 314 -40.75 -3.31 15.09
N ILE I 315 -42.02 -3.66 15.17
CA ILE I 315 -42.75 -3.46 16.42
C ILE I 315 -42.19 -4.36 17.51
N MET I 316 -41.77 -5.58 17.17
CA MET I 316 -41.23 -6.47 18.19
C MET I 316 -39.89 -5.98 18.72
N GLN I 317 -39.05 -5.41 17.83
CA GLN I 317 -37.80 -4.83 18.30
C GLN I 317 -38.05 -3.61 19.17
N LEU I 318 -39.07 -2.82 18.84
CA LEU I 318 -39.48 -1.71 19.68
C LEU I 318 -39.95 -2.17 21.06
N ALA I 319 -40.73 -3.25 21.11
CA ALA I 319 -41.28 -3.77 22.36
C ALA I 319 -40.24 -4.46 23.24
N ALA I 320 -39.28 -5.17 22.65
CA ALA I 320 -38.24 -5.81 23.45
C ALA I 320 -37.33 -4.78 24.10
N ARG I 321 -37.24 -3.58 23.53
CA ARG I 321 -36.42 -2.53 24.11
C ARG I 321 -37.09 -1.91 25.33
N ALA I 322 -38.41 -1.74 25.29
CA ALA I 322 -39.12 -1.16 26.43
C ALA I 322 -39.07 -2.08 27.64
N GLY I 323 -38.97 -3.38 27.42
CA GLY I 323 -38.89 -4.32 28.51
C GLY I 323 -40.11 -5.20 28.62
N ILE I 324 -40.96 -5.20 27.59
CA ILE I 324 -42.20 -5.96 27.60
C ILE I 324 -41.92 -7.38 27.14
N VAL I 325 -41.04 -7.54 26.15
CA VAL I 325 -40.67 -8.84 25.62
C VAL I 325 -39.41 -9.32 26.33
N ALA I 326 -39.30 -10.63 26.50
CA ALA I 326 -38.26 -11.21 27.33
C ALA I 326 -36.89 -11.18 26.65
N LEU I 327 -35.87 -11.54 27.41
CA LEU I 327 -34.48 -11.48 26.96
C LEU I 327 -33.94 -12.85 26.55
N ASP I 328 -34.54 -13.42 25.51
CA ASP I 328 -33.87 -14.42 24.65
C ASP I 328 -33.28 -15.61 25.41
N LEU I 329 -33.77 -15.88 26.60
CA LEU I 329 -33.24 -16.99 27.40
C LEU I 329 -34.40 -17.77 27.99
N ASN I 330 -34.24 -19.09 28.05
CA ASN I 330 -35.27 -19.97 28.60
C ASN I 330 -35.47 -19.67 30.08
N PRO I 331 -36.68 -19.34 30.53
CA PRO I 331 -36.88 -19.03 31.95
C PRO I 331 -36.70 -20.24 32.85
N LEU I 332 -36.84 -21.45 32.32
CA LEU I 332 -36.70 -22.65 33.14
C LEU I 332 -35.24 -22.95 33.43
N THR I 333 -34.42 -23.06 32.39
CA THR I 333 -33.05 -23.54 32.52
C THR I 333 -31.98 -22.50 32.22
N GLY I 334 -32.35 -21.35 31.65
CA GLY I 334 -31.37 -20.37 31.28
C GLY I 334 -30.66 -20.63 29.98
N ALA I 335 -31.07 -21.65 29.24
CA ALA I 335 -30.50 -21.95 27.94
C ALA I 335 -31.07 -21.00 26.88
N TYR I 336 -30.42 -20.94 25.73
CA TYR I 336 -30.84 -20.02 24.67
C TYR I 336 -32.18 -20.44 24.09
N GLU I 337 -33.05 -19.46 23.91
CA GLU I 337 -34.33 -19.67 23.24
C GLU I 337 -34.78 -18.37 22.60
N PRO I 338 -35.25 -18.38 21.36
CA PRO I 338 -35.70 -17.14 20.71
C PRO I 338 -36.86 -16.50 21.47
N ALA I 339 -36.83 -15.18 21.57
CA ALA I 339 -37.88 -14.47 22.30
C ALA I 339 -39.15 -14.35 21.47
N TYR I 340 -39.01 -14.09 20.16
CA TYR I 340 -40.15 -13.96 19.28
C TYR I 340 -39.79 -14.45 17.89
N THR I 341 -40.77 -15.01 17.19
CA THR I 341 -40.62 -15.41 15.79
C THR I 341 -41.76 -14.84 14.97
N ILE I 342 -41.52 -14.63 13.68
CA ILE I 342 -42.52 -14.13 12.74
C ILE I 342 -42.51 -15.02 11.52
N THR I 343 -43.65 -15.66 11.23
CA THR I 343 -43.77 -16.55 10.08
C THR I 343 -44.76 -15.96 9.07
N VAL I 344 -44.33 -15.86 7.82
CA VAL I 344 -45.07 -15.23 6.74
C VAL I 344 -45.67 -16.34 5.88
N PRO I 345 -46.97 -16.29 5.55
CA PRO I 345 -47.56 -17.36 4.75
C PRO I 345 -47.26 -17.18 3.26
N SER I 346 -47.67 -18.18 2.49
CA SER I 346 -47.52 -18.13 1.05
C SER I 346 -48.88 -17.86 0.41
N VAL I 347 -48.92 -16.90 -0.53
CA VAL I 347 -50.09 -16.75 -1.38
C VAL I 347 -50.12 -17.78 -2.49
N PHE I 348 -49.02 -18.52 -2.67
CA PHE I 348 -48.84 -19.37 -3.85
C PHE I 348 -49.91 -20.44 -3.96
N ASP I 349 -50.10 -21.22 -2.91
CA ASP I 349 -51.08 -22.31 -2.93
C ASP I 349 -52.43 -21.89 -2.40
N ILE I 350 -52.58 -20.65 -1.95
CA ILE I 350 -53.91 -20.10 -1.72
C ILE I 350 -54.53 -19.91 -3.10
N PRO I 351 -55.66 -20.54 -3.39
CA PRO I 351 -56.19 -20.53 -4.75
C PRO I 351 -56.52 -19.12 -5.25
N GLU I 352 -56.50 -18.98 -6.57
CA GLU I 352 -57.01 -17.76 -7.19
C GLU I 352 -58.49 -17.59 -6.91
N SER I 353 -59.18 -18.69 -6.60
CA SER I 353 -60.56 -18.59 -6.14
C SER I 353 -60.65 -17.70 -4.92
N GLN I 354 -59.65 -17.75 -4.05
CA GLN I 354 -59.61 -16.88 -2.87
C GLN I 354 -58.76 -15.63 -3.09
N ARG I 355 -57.85 -15.65 -4.07
CA ARG I 355 -56.99 -14.50 -4.34
C ARG I 355 -57.76 -13.26 -4.70
N LYS I 356 -58.86 -13.39 -5.44
CA LYS I 356 -59.63 -12.24 -5.87
C LYS I 356 -60.29 -11.51 -4.71
N ALA I 357 -60.14 -12.01 -3.49
CA ALA I 357 -60.81 -11.42 -2.34
C ALA I 357 -60.22 -10.07 -1.93
N ARG I 358 -58.96 -9.81 -2.28
CA ARG I 358 -58.22 -8.63 -1.82
C ARG I 358 -58.08 -8.62 -0.30
N ILE I 359 -58.21 -9.79 0.31
CA ILE I 359 -57.95 -9.97 1.73
C ILE I 359 -56.73 -10.85 1.87
N ALA I 360 -55.67 -10.30 2.44
CA ALA I 360 -54.41 -11.02 2.54
C ALA I 360 -54.50 -12.15 3.55
N PRO I 361 -53.69 -13.19 3.38
CA PRO I 361 -53.62 -14.24 4.41
C PRO I 361 -52.99 -13.75 5.70
N ALA I 362 -53.16 -14.51 6.78
CA ALA I 362 -52.79 -14.08 8.12
C ALA I 362 -51.32 -14.33 8.39
N ILE I 363 -50.70 -13.38 9.07
CA ILE I 363 -49.31 -13.50 9.53
C ILE I 363 -49.33 -13.82 11.02
N GLN I 364 -48.50 -14.78 11.43
CA GLN I 364 -48.50 -15.27 12.80
C GLN I 364 -47.21 -14.85 13.50
N VAL I 365 -47.33 -14.38 14.73
CA VAL I 365 -46.22 -13.86 15.51
C VAL I 365 -46.21 -14.56 16.87
N ARG I 366 -45.04 -14.65 17.49
CA ARG I 366 -44.83 -15.37 18.74
C ARG I 366 -44.24 -14.43 19.78
N PHE I 367 -44.50 -14.75 21.05
CA PHE I 367 -44.27 -13.84 22.15
C PHE I 367 -43.42 -14.48 23.23
N ARG I 368 -43.09 -13.69 24.24
CA ARG I 368 -42.74 -14.18 25.57
C ARG I 368 -42.76 -12.96 26.48
N TYR I 369 -43.50 -13.03 27.56
CA TYR I 369 -43.66 -11.87 28.43
C TYR I 369 -42.56 -11.81 29.47
N ALA I 370 -42.19 -10.59 29.84
CA ALA I 370 -41.23 -10.35 30.91
C ALA I 370 -41.95 -9.67 32.06
N GLY I 371 -42.10 -10.39 33.17
CA GLY I 371 -42.81 -9.88 34.32
C GLY I 371 -41.89 -9.10 35.26
N ALA I 372 -42.41 -8.84 36.46
CA ALA I 372 -41.66 -8.11 37.46
C ALA I 372 -42.01 -8.68 38.83
N VAL I 373 -41.52 -8.01 39.89
CA VAL I 373 -41.50 -8.55 41.24
C VAL I 373 -42.52 -7.80 42.10
N HIS I 374 -43.31 -8.55 42.88
CA HIS I 374 -44.27 -7.98 43.82
C HIS I 374 -43.94 -8.22 45.28
N TYR I 375 -43.07 -9.18 45.59
CA TYR I 375 -42.90 -9.66 46.96
C TYR I 375 -41.47 -10.17 47.10
N SER I 376 -40.86 -9.87 48.25
CA SER I 376 -39.45 -10.18 48.48
C SER I 376 -39.30 -10.97 49.77
N VAL I 377 -38.21 -11.73 49.87
CA VAL I 377 -37.92 -12.57 51.02
C VAL I 377 -36.45 -12.43 51.39
N ILE I 378 -36.16 -12.29 52.69
CA ILE I 378 -34.80 -12.24 53.22
C ILE I 378 -34.76 -13.08 54.50
N ASN I 379 -33.68 -13.83 54.69
CA ASN I 379 -33.65 -14.87 55.72
C ASN I 379 -32.91 -14.50 57.00
N TYR I 380 -31.69 -13.97 56.93
CA TYR I 380 -31.01 -13.40 58.11
C TYR I 380 -30.78 -14.42 59.22
N THR I 381 -29.89 -15.38 58.97
CA THR I 381 -29.42 -16.28 60.02
C THR I 381 -28.40 -15.56 60.90
N MET I 382 -28.44 -15.82 62.20
CA MET I 382 -27.58 -15.17 63.18
C MET I 382 -26.77 -16.22 63.92
N THR I 383 -25.48 -15.96 64.14
CA THR I 383 -24.60 -16.97 64.70
C THR I 383 -23.91 -16.57 65.99
N PHE I 384 -23.82 -15.27 66.29
CA PHE I 384 -23.15 -14.81 67.51
C PHE I 384 -21.70 -15.26 67.56
N LYS J 3 10.12 79.95 6.31
CA LYS J 3 10.47 78.72 5.61
C LYS J 3 9.41 78.39 4.58
N LEU J 4 8.80 77.20 4.72
CA LEU J 4 7.69 76.80 3.89
C LEU J 4 6.66 76.12 4.77
N PRO J 5 5.39 76.15 4.42
CA PRO J 5 4.38 75.46 5.21
C PRO J 5 4.42 73.96 4.98
N TYR J 6 3.79 73.21 5.88
CA TYR J 6 3.62 71.79 5.65
C TYR J 6 2.60 71.51 4.56
N SER J 7 1.76 72.48 4.22
CA SER J 7 0.81 72.33 3.14
C SER J 7 1.49 72.21 1.79
N ARG J 8 2.82 72.30 1.74
CA ARG J 8 3.55 72.06 0.51
C ARG J 8 3.54 70.59 0.12
N VAL J 9 3.50 69.67 1.09
CA VAL J 9 3.55 68.25 0.81
C VAL J 9 2.32 67.49 1.28
N THR J 10 1.49 68.06 2.15
CA THR J 10 0.27 67.40 2.60
C THR J 10 -0.86 68.43 2.64
N ASN J 11 -2.04 67.96 3.01
CA ASN J 11 -3.18 68.85 3.16
C ASN J 11 -4.05 68.28 4.27
N VAL J 12 -3.99 68.89 5.46
CA VAL J 12 -4.75 68.46 6.62
C VAL J 12 -5.68 69.60 7.01
N THR J 13 -6.98 69.33 7.04
CA THR J 13 -7.98 70.34 7.35
C THR J 13 -8.74 69.95 8.62
N LEU J 14 -9.75 70.76 8.96
CA LEU J 14 -10.59 70.50 10.12
C LEU J 14 -11.88 71.32 9.95
N THR J 15 -13.02 70.64 9.98
CA THR J 15 -14.32 71.30 9.97
C THR J 15 -15.09 70.91 11.23
N ARG J 16 -16.18 71.64 11.49
CA ARG J 16 -17.07 71.37 12.61
C ARG J 16 -18.39 70.87 12.05
N THR J 17 -18.47 69.58 11.76
CA THR J 17 -19.69 68.97 11.23
C THR J 17 -19.76 67.54 11.74
N ASP J 18 -20.84 66.84 11.37
CA ASP J 18 -21.04 65.44 11.74
C ASP J 18 -20.93 64.58 10.50
N ASN J 19 -20.10 63.54 10.56
CA ASN J 19 -19.90 62.62 9.46
C ASN J 19 -20.09 61.18 9.94
N PHE J 20 -20.91 60.44 9.21
CA PHE J 20 -21.17 59.04 9.50
C PHE J 20 -20.63 58.20 8.35
N PRO J 21 -20.35 56.92 8.59
CA PRO J 21 -19.91 56.04 7.50
C PRO J 21 -21.00 55.88 6.44
N THR J 22 -20.54 55.50 5.24
CA THR J 22 -21.41 55.55 4.07
C THR J 22 -22.43 54.41 4.08
N ARG J 23 -21.96 53.17 4.06
CA ARG J 23 -22.83 51.99 4.15
C ARG J 23 -23.87 51.98 3.01
N ARG J 24 -23.36 51.73 1.81
CA ARG J 24 -24.21 51.56 0.64
C ARG J 24 -25.25 50.46 0.89
N GLY J 25 -26.39 50.57 0.20
CA GLY J 25 -27.47 49.64 0.40
C GLY J 25 -28.20 49.28 -0.88
N PHE J 26 -29.54 49.25 -0.84
CA PHE J 26 -30.28 48.80 -2.02
C PHE J 26 -30.77 49.95 -2.90
N GLY J 27 -31.64 50.82 -2.39
CA GLY J 27 -32.46 51.60 -3.30
C GLY J 27 -32.38 53.12 -3.27
N THR J 28 -33.32 53.77 -3.98
CA THR J 28 -33.47 55.22 -4.03
C THR J 28 -34.94 55.58 -3.97
N GLN J 29 -35.24 56.77 -3.43
CA GLN J 29 -36.61 57.28 -3.37
C GLN J 29 -36.77 58.48 -4.30
N LEU J 30 -38.04 58.84 -4.54
CA LEU J 30 -38.40 59.96 -5.41
C LEU J 30 -39.19 60.98 -4.64
N ILE J 31 -38.87 62.26 -4.84
CA ILE J 31 -39.55 63.39 -4.20
C ILE J 31 -40.18 64.23 -5.31
N LEU J 32 -41.49 64.12 -5.48
CA LEU J 32 -42.20 64.84 -6.52
C LEU J 32 -42.97 65.99 -5.91
N THR J 33 -42.82 67.18 -6.49
CA THR J 33 -43.59 68.35 -6.09
C THR J 33 -43.80 69.23 -7.32
N HIS J 34 -44.21 70.47 -7.08
CA HIS J 34 -44.45 71.41 -8.16
C HIS J 34 -43.40 72.50 -8.27
N THR J 35 -42.50 72.60 -7.29
CA THR J 35 -41.45 73.60 -7.34
C THR J 35 -40.42 73.28 -8.41
N ALA J 36 -39.92 74.30 -9.09
CA ALA J 36 -38.84 74.18 -10.04
C ALA J 36 -37.74 75.18 -9.68
N VAL J 37 -36.49 74.78 -9.93
CA VAL J 37 -35.35 75.59 -9.52
C VAL J 37 -34.70 76.37 -10.66
N SER J 38 -35.08 76.08 -11.91
CA SER J 38 -34.75 76.86 -13.11
C SER J 38 -33.29 76.74 -13.53
N GLY J 39 -32.43 76.15 -12.70
CA GLY J 39 -31.04 76.00 -13.07
C GLY J 39 -30.65 74.55 -13.24
N GLN J 40 -31.49 73.64 -12.71
CA GLN J 40 -31.20 72.22 -12.73
C GLN J 40 -32.40 71.33 -13.03
N VAL J 41 -33.60 71.87 -13.15
CA VAL J 41 -34.77 71.07 -13.55
C VAL J 41 -35.54 71.74 -14.68
N ASP J 42 -35.07 72.87 -15.18
CA ASP J 42 -35.89 73.76 -15.99
C ASP J 42 -36.12 73.11 -17.35
N ALA J 43 -37.06 72.16 -17.35
CA ALA J 43 -37.52 71.44 -18.54
C ALA J 43 -36.43 70.57 -19.15
N THR J 44 -35.21 70.67 -18.62
CA THR J 44 -34.09 69.86 -19.07
C THR J 44 -33.94 68.58 -18.29
N LYS J 45 -34.48 68.53 -17.07
CA LYS J 45 -34.35 67.38 -16.17
C LYS J 45 -35.67 67.25 -15.42
N ARG J 46 -36.56 66.38 -15.93
CA ARG J 46 -37.74 66.03 -15.15
C ARG J 46 -37.37 65.41 -13.82
N THR J 47 -36.17 64.82 -13.73
CA THR J 47 -35.58 64.41 -12.47
C THR J 47 -34.13 64.84 -12.49
N LYS J 48 -33.52 64.98 -11.32
CA LYS J 48 -32.11 65.30 -11.19
C LYS J 48 -31.55 64.56 -10.00
N LEU J 49 -30.36 64.00 -10.16
CA LEU J 49 -29.70 63.29 -9.07
C LEU J 49 -28.75 64.23 -8.34
N TYR J 50 -28.26 63.76 -7.19
CA TYR J 50 -27.36 64.52 -6.35
C TYR J 50 -26.24 63.62 -5.88
N ALA J 51 -25.53 64.06 -4.87
CA ALA J 51 -24.56 63.23 -4.16
C ALA J 51 -24.72 63.28 -2.66
N SER J 52 -25.02 64.45 -2.11
CA SER J 52 -25.10 64.66 -0.67
C SER J 52 -26.01 65.86 -0.45
N LEU J 53 -26.48 66.01 0.80
CA LEU J 53 -27.37 67.12 1.12
C LEU J 53 -26.63 68.44 1.15
N ALA J 54 -25.43 68.47 1.75
CA ALA J 54 -24.70 69.73 1.92
C ALA J 54 -24.52 70.44 0.60
N GLU J 55 -24.21 69.69 -0.47
CA GLU J 55 -24.01 70.29 -1.78
C GLU J 55 -25.30 70.82 -2.39
N VAL J 56 -26.40 70.87 -1.64
CA VAL J 56 -27.63 71.42 -2.20
C VAL J 56 -27.54 72.94 -2.24
N GLU J 57 -27.67 73.50 -3.42
CA GLU J 57 -27.79 74.93 -3.62
C GLU J 57 -28.98 75.30 -4.48
N ALA J 58 -29.33 74.45 -5.47
CA ALA J 58 -30.40 74.78 -6.41
C ALA J 58 -31.73 74.95 -5.69
N ASP J 59 -32.06 74.05 -4.78
CA ASP J 59 -33.26 74.20 -3.98
C ASP J 59 -32.95 74.89 -2.65
N TYR J 60 -33.71 75.95 -2.36
CA TYR J 60 -33.41 76.83 -1.24
C TYR J 60 -33.38 76.05 0.07
N PRO J 61 -32.42 76.33 0.96
CA PRO J 61 -32.36 75.59 2.23
C PRO J 61 -33.49 75.95 3.20
N ALA J 62 -34.51 76.64 2.71
CA ALA J 62 -35.66 76.93 3.54
C ALA J 62 -36.98 76.45 2.95
N ASN J 63 -37.01 76.06 1.68
CA ASN J 63 -38.27 75.66 1.07
C ASN J 63 -38.80 74.39 1.71
N THR J 64 -40.11 74.36 1.92
CA THR J 64 -40.68 73.27 2.71
C THR J 64 -40.62 71.95 1.95
N SER J 65 -40.66 72.02 0.62
CA SER J 65 -40.82 70.80 -0.17
C SER J 65 -39.55 69.98 -0.19
N VAL J 66 -38.48 70.50 -0.81
CA VAL J 66 -37.34 69.66 -1.13
C VAL J 66 -36.35 69.60 0.04
N TYR J 67 -35.93 70.77 0.55
CA TYR J 67 -34.92 70.77 1.59
C TYR J 67 -35.43 70.16 2.89
N LYS J 68 -36.67 70.49 3.28
CA LYS J 68 -37.19 69.95 4.53
C LYS J 68 -37.52 68.46 4.44
N ALA J 69 -37.62 67.91 3.24
CA ALA J 69 -37.80 66.47 3.05
C ALA J 69 -36.49 65.73 2.88
N ALA J 70 -35.55 66.28 2.10
CA ALA J 70 -34.22 65.70 2.05
C ALA J 70 -33.55 65.76 3.42
N LEU J 71 -34.00 66.69 4.26
CA LEU J 71 -33.46 66.80 5.61
C LEU J 71 -33.71 65.53 6.41
N SER J 72 -34.93 64.97 6.29
CA SER J 72 -35.22 63.73 7.00
C SER J 72 -34.87 62.50 6.16
N ALA J 73 -34.70 62.70 4.85
CA ALA J 73 -34.21 61.60 4.01
C ALA J 73 -32.77 61.25 4.33
N PHE J 74 -31.92 62.25 4.52
CA PHE J 74 -30.49 62.02 4.70
C PHE J 74 -30.09 61.92 6.17
N SER J 75 -31.05 61.85 7.08
CA SER J 75 -30.76 61.96 8.51
C SER J 75 -30.83 60.64 9.26
N GLN J 76 -30.45 59.53 8.63
CA GLN J 76 -30.28 58.29 9.37
C GLN J 76 -28.83 58.14 9.83
N ASN J 77 -28.61 57.30 10.83
CA ASN J 77 -27.27 57.11 11.37
C ASN J 77 -26.28 56.59 10.32
N PRO J 78 -26.60 55.59 9.50
CA PRO J 78 -25.84 55.39 8.25
C PRO J 78 -26.53 56.10 7.10
N ARG J 79 -25.72 56.55 6.15
CA ARG J 79 -26.56 57.40 5.32
C ARG J 79 -26.73 56.83 3.92
N PRO J 80 -27.89 57.02 3.30
CA PRO J 80 -28.00 56.74 1.86
C PRO J 80 -27.26 57.78 1.04
N ILE J 81 -27.28 57.63 -0.29
CA ILE J 81 -26.65 58.59 -1.17
C ILE J 81 -27.58 58.89 -2.33
N ARG J 82 -27.27 59.95 -3.07
CA ARG J 82 -27.88 60.30 -4.35
C ARG J 82 -29.41 60.23 -4.33
N LEU J 83 -30.02 61.18 -3.62
CA LEU J 83 -31.45 61.37 -3.72
C LEU J 83 -31.83 61.85 -5.12
N LYS J 84 -33.01 61.42 -5.58
CA LYS J 84 -33.54 61.78 -6.89
C LYS J 84 -34.49 62.96 -6.75
N VAL J 85 -33.98 64.16 -7.06
CA VAL J 85 -34.64 65.43 -6.79
C VAL J 85 -35.70 65.66 -7.85
N GLY J 86 -36.57 66.66 -7.62
CA GLY J 86 -37.83 66.74 -8.31
C GLY J 86 -37.94 67.81 -9.40
N TYR J 87 -38.74 67.47 -10.41
CA TYR J 87 -39.31 68.43 -11.34
C TYR J 87 -40.68 67.95 -11.80
N ALA J 88 -41.16 66.82 -11.28
CA ALA J 88 -42.06 65.95 -12.02
C ALA J 88 -43.40 66.59 -12.41
N ALA J 89 -44.27 66.80 -11.42
CA ALA J 89 -45.57 67.44 -11.65
C ALA J 89 -45.50 68.93 -11.34
N THR J 90 -44.64 69.66 -12.04
CA THR J 90 -44.48 71.09 -11.79
C THR J 90 -45.80 71.85 -11.91
N PRO J 91 -46.68 71.60 -12.89
CA PRO J 91 -48.01 72.21 -12.85
C PRO J 91 -48.81 71.73 -11.64
N THR J 92 -49.70 72.59 -11.15
CA THR J 92 -50.42 72.32 -9.92
C THR J 92 -51.51 71.27 -10.10
N GLY J 93 -51.14 70.00 -10.10
CA GLY J 93 -52.11 68.91 -10.06
C GLY J 93 -52.88 68.73 -11.35
N GLY J 94 -53.42 69.82 -11.87
CA GLY J 94 -54.13 69.79 -13.14
C GLY J 94 -54.65 71.17 -13.45
N ASP J 95 -54.74 71.45 -14.76
CA ASP J 95 -55.29 72.74 -15.18
C ASP J 95 -56.72 72.90 -14.68
N ASP J 96 -57.51 71.83 -14.76
CA ASP J 96 -58.73 71.69 -13.97
C ASP J 96 -58.30 70.91 -12.74
N ALA J 97 -58.28 71.59 -11.58
CA ALA J 97 -57.68 71.00 -10.40
C ALA J 97 -58.35 69.70 -9.99
N ALA J 98 -59.68 69.65 -10.01
CA ALA J 98 -60.39 68.47 -9.53
C ALA J 98 -60.16 67.27 -10.45
N LYS J 99 -59.72 67.50 -11.68
CA LYS J 99 -59.51 66.43 -12.64
C LYS J 99 -58.15 65.79 -12.41
N LYS J 100 -58.14 64.47 -12.28
CA LYS J 100 -56.94 63.69 -12.04
C LYS J 100 -56.27 63.23 -13.33
N ALA J 101 -56.88 63.48 -14.49
CA ALA J 101 -56.28 63.07 -15.74
C ALA J 101 -54.95 63.78 -16.00
N ASP J 102 -54.87 65.08 -15.70
CA ASP J 102 -53.62 65.80 -15.88
C ASP J 102 -52.54 65.26 -14.94
N PHE J 103 -52.90 64.94 -13.69
CA PHE J 103 -51.93 64.34 -12.78
C PHE J 103 -51.47 62.97 -13.26
N ILE J 104 -52.39 62.17 -13.82
CA ILE J 104 -52.01 60.85 -14.34
C ILE J 104 -51.05 61.00 -15.52
N THR J 105 -51.33 61.95 -16.42
CA THR J 105 -50.43 62.17 -17.56
C THR J 105 -49.09 62.72 -17.09
N SER J 106 -49.09 63.58 -16.06
CA SER J 106 -47.84 64.06 -15.49
C SER J 106 -47.02 62.90 -14.93
N LEU J 107 -47.69 61.96 -14.24
CA LEU J 107 -47.00 60.77 -13.76
C LEU J 107 -46.47 59.94 -14.93
N GLY J 108 -47.24 59.83 -16.00
CA GLY J 108 -46.82 59.02 -17.13
C GLY J 108 -45.78 59.67 -18.00
N ALA J 109 -45.48 60.94 -17.78
CA ALA J 109 -44.44 61.63 -18.53
C ALA J 109 -43.16 61.86 -17.74
N ILE J 110 -43.06 61.35 -16.50
CA ILE J 110 -41.82 61.47 -15.74
C ILE J 110 -41.02 60.19 -15.74
N LEU J 111 -41.62 59.05 -16.13
CA LEU J 111 -40.85 57.84 -16.37
C LEU J 111 -39.92 58.02 -17.57
N ASN J 112 -40.39 58.75 -18.58
CA ASN J 112 -39.70 58.78 -19.87
C ASN J 112 -38.34 59.45 -19.79
N TYR J 113 -38.02 60.11 -18.67
CA TYR J 113 -36.67 60.62 -18.49
C TYR J 113 -35.81 59.66 -17.69
N ASP J 114 -36.36 59.12 -16.59
CA ASP J 114 -35.53 58.36 -15.67
C ASP J 114 -36.28 57.21 -15.02
N GLN J 115 -35.62 56.06 -14.95
CA GLN J 115 -36.09 54.88 -14.22
C GLN J 115 -34.93 54.45 -13.34
N ALA J 116 -34.78 55.12 -12.20
CA ALA J 116 -33.89 54.69 -11.14
C ALA J 116 -34.50 54.80 -9.76
N PHE J 117 -35.74 55.24 -9.63
CA PHE J 117 -36.38 55.34 -8.33
C PHE J 117 -37.31 54.17 -8.08
N TYR J 118 -37.41 53.80 -6.81
CA TYR J 118 -38.20 52.64 -6.38
C TYR J 118 -39.32 53.01 -5.41
N GLN J 119 -39.12 53.99 -4.55
CA GLN J 119 -40.10 54.42 -3.56
C GLN J 119 -40.52 55.85 -3.85
N ILE J 120 -41.83 56.06 -3.98
CA ILE J 120 -42.39 57.34 -4.43
C ILE J 120 -42.96 58.06 -3.23
N THR J 121 -42.45 59.26 -2.96
CA THR J 121 -42.87 60.06 -1.81
C THR J 121 -43.24 61.46 -2.28
N LEU J 122 -44.44 61.91 -1.93
CA LEU J 122 -44.82 63.31 -2.02
C LEU J 122 -44.68 63.92 -0.63
N ASP J 123 -44.23 65.17 -0.57
CA ASP J 123 -43.87 65.72 0.73
C ASP J 123 -44.14 67.22 0.75
N ALA J 124 -44.55 67.69 1.93
CA ALA J 124 -44.72 69.10 2.30
C ALA J 124 -45.76 69.81 1.46
N ALA J 125 -46.33 69.15 0.47
CA ALA J 125 -47.37 69.72 -0.37
C ALA J 125 -48.03 68.56 -1.09
N LEU J 126 -49.09 68.88 -1.85
CA LEU J 126 -49.92 67.87 -2.50
C LEU J 126 -50.63 66.98 -1.50
N ARG J 127 -50.53 67.29 -0.21
CA ARG J 127 -51.08 66.45 0.84
C ARG J 127 -52.60 66.59 0.84
N ASP J 128 -53.30 65.46 0.97
CA ASP J 128 -54.76 65.42 1.08
C ASP J 128 -55.45 66.00 -0.14
N GLN J 129 -54.85 65.86 -1.33
CA GLN J 129 -55.51 66.29 -2.55
C GLN J 129 -56.35 65.14 -3.12
N PRO J 130 -57.55 65.43 -3.61
CA PRO J 130 -58.34 64.36 -4.25
C PRO J 130 -57.71 63.82 -5.53
N TYR J 131 -56.87 64.60 -6.21
CA TYR J 131 -56.28 64.12 -7.45
C TYR J 131 -55.20 63.07 -7.19
N LEU J 132 -54.82 62.86 -5.93
CA LEU J 132 -53.76 61.90 -5.61
C LEU J 132 -54.21 60.47 -5.85
N ASP J 133 -55.51 60.25 -6.09
CA ASP J 133 -56.02 58.92 -6.39
C ASP J 133 -55.33 58.31 -7.60
N GLY J 134 -54.85 59.15 -8.53
CA GLY J 134 -54.12 58.64 -9.68
C GLY J 134 -52.87 57.87 -9.29
N LEU J 135 -52.14 58.37 -8.30
CA LEU J 135 -50.92 57.68 -7.87
C LEU J 135 -51.25 56.30 -7.30
N VAL J 136 -52.32 56.20 -6.53
CA VAL J 136 -52.73 54.93 -5.92
C VAL J 136 -53.19 53.95 -7.00
N GLU J 137 -53.95 54.43 -7.98
CA GLU J 137 -54.40 53.56 -9.05
C GLU J 137 -53.26 53.17 -9.99
N TRP J 138 -52.22 54.00 -10.08
CA TRP J 138 -51.21 53.83 -11.10
C TRP J 138 -50.00 53.03 -10.62
N VAL J 139 -49.60 53.17 -9.35
CA VAL J 139 -48.46 52.39 -8.89
C VAL J 139 -48.80 50.90 -8.82
N GLU J 140 -50.08 50.56 -8.85
CA GLU J 140 -50.49 49.18 -9.10
C GLU J 140 -50.06 48.76 -10.49
N ALA J 141 -49.52 47.55 -10.59
CA ALA J 141 -48.90 47.06 -11.81
C ALA J 141 -47.77 47.98 -12.26
N GLN J 142 -46.91 48.35 -11.31
CA GLN J 142 -45.77 49.21 -11.58
C GLN J 142 -44.72 48.90 -10.51
N PRO J 143 -43.53 48.43 -10.88
CA PRO J 143 -42.59 47.89 -9.88
C PRO J 143 -41.98 48.98 -8.99
N LYS J 144 -42.83 49.60 -8.19
CA LYS J 144 -42.41 50.65 -7.26
C LYS J 144 -43.25 50.55 -5.99
N ILE J 145 -42.97 51.44 -5.05
CA ILE J 145 -43.67 51.51 -3.77
C ILE J 145 -44.13 52.94 -3.53
N ALA J 146 -45.43 53.12 -3.31
CA ALA J 146 -46.04 54.44 -3.16
C ALA J 146 -46.37 54.69 -1.71
N MET J 147 -45.90 55.82 -1.18
CA MET J 147 -46.10 56.15 0.22
C MET J 147 -46.51 57.62 0.36
N ILE J 148 -47.53 57.84 1.17
CA ILE J 148 -48.13 59.17 1.34
C ILE J 148 -48.21 59.47 2.84
N ASP J 149 -47.49 60.51 3.27
CA ASP J 149 -47.53 60.93 4.67
C ASP J 149 -48.41 62.17 4.77
N SER J 150 -49.56 62.02 5.44
CA SER J 150 -50.38 63.18 5.73
C SER J 150 -49.76 64.00 6.85
N ASN J 151 -50.10 65.28 6.88
CA ASN J 151 -49.80 66.14 8.01
C ASN J 151 -50.96 66.27 8.97
N ALA J 152 -52.18 65.97 8.52
CA ALA J 152 -53.37 66.00 9.36
C ALA J 152 -54.54 65.44 8.57
N ALA J 153 -55.40 64.69 9.23
CA ALA J 153 -56.63 64.17 8.63
C ALA J 153 -57.48 63.58 9.75
N GLY J 154 -58.59 62.96 9.35
CA GLY J 154 -59.53 62.36 10.28
C GLY J 154 -59.47 60.84 10.26
N HIS J 155 -58.25 60.29 10.26
CA HIS J 155 -58.10 58.84 10.32
C HIS J 155 -58.31 58.32 11.73
N GLU J 156 -58.49 59.23 12.70
CA GLU J 156 -58.65 58.83 14.08
C GLU J 156 -60.08 58.43 14.40
N ASP J 157 -61.00 58.55 13.44
CA ASP J 157 -62.34 58.02 13.60
C ASP J 157 -62.38 56.64 12.98
N PRO J 158 -62.64 55.58 13.73
CA PRO J 158 -62.68 54.24 13.14
C PRO J 158 -63.94 53.99 12.31
N ALA J 159 -64.64 55.07 11.94
CA ALA J 159 -65.86 54.96 11.14
C ALA J 159 -65.82 55.71 9.82
N ASN J 160 -65.09 56.83 9.74
CA ASN J 160 -65.20 57.69 8.57
C ASN J 160 -64.61 57.01 7.33
N THR J 161 -65.11 57.41 6.17
CA THR J 161 -64.72 56.83 4.89
C THR J 161 -64.20 57.83 3.87
N THR J 162 -63.92 59.08 4.26
CA THR J 162 -63.48 60.07 3.30
C THR J 162 -61.96 60.20 3.22
N VAL J 163 -61.23 59.69 4.20
CA VAL J 163 -59.79 59.91 4.26
C VAL J 163 -59.07 58.98 3.29
N ILE J 164 -57.78 59.27 3.08
CA ILE J 164 -56.95 58.49 2.17
C ILE J 164 -57.03 57.01 2.52
N ALA J 165 -56.72 56.67 3.76
CA ALA J 165 -56.61 55.28 4.16
C ALA J 165 -57.94 54.57 4.29
N ALA J 166 -59.06 55.29 4.16
CA ALA J 166 -60.37 54.67 4.17
C ALA J 166 -60.87 54.36 2.75
N ARG J 167 -60.85 55.37 1.87
CA ARG J 167 -61.35 55.17 0.51
C ARG J 167 -60.49 54.18 -0.26
N HIS J 168 -59.29 53.87 0.24
CA HIS J 168 -58.43 52.82 -0.33
C HIS J 168 -57.91 51.97 0.83
N LYS J 169 -58.65 50.93 1.19
CA LYS J 169 -58.26 50.07 2.29
C LYS J 169 -58.69 48.65 1.94
N GLY J 170 -57.73 47.72 1.92
CA GLY J 170 -58.00 46.35 1.58
C GLY J 170 -58.03 46.07 0.10
N THR J 171 -57.90 47.08 -0.74
CA THR J 171 -57.89 46.89 -2.18
C THR J 171 -56.52 47.13 -2.81
N VAL J 172 -55.63 47.83 -2.14
CA VAL J 172 -54.30 48.16 -2.67
C VAL J 172 -53.25 47.43 -1.84
N GLU J 173 -52.28 46.82 -2.52
CA GLU J 173 -51.24 46.04 -1.85
C GLU J 173 -49.85 46.61 -2.08
N ARG J 174 -49.72 47.86 -2.54
CA ARG J 174 -48.42 48.43 -2.79
C ARG J 174 -48.33 49.88 -2.34
N THR J 175 -49.26 50.32 -1.48
CA THR J 175 -49.25 51.68 -0.98
C THR J 175 -49.44 51.67 0.52
N ALA J 176 -48.93 52.71 1.17
CA ALA J 176 -49.07 52.85 2.62
C ALA J 176 -49.15 54.32 2.98
N VAL J 177 -49.61 54.58 4.20
CA VAL J 177 -49.86 55.93 4.70
C VAL J 177 -48.98 56.15 5.93
N PHE J 178 -48.27 57.27 5.98
CA PHE J 178 -47.58 57.69 7.20
C PHE J 178 -48.34 58.82 7.88
N TYR J 179 -49.43 58.45 8.55
CA TYR J 179 -50.26 59.43 9.25
C TYR J 179 -49.53 60.00 10.46
N HIS J 180 -49.71 61.29 10.69
CA HIS J 180 -49.02 61.98 11.76
C HIS J 180 -49.73 63.31 12.01
N THR J 181 -49.12 64.17 12.83
CA THR J 181 -49.55 65.54 13.04
C THR J 181 -48.75 66.47 12.13
N ASP J 182 -48.91 67.77 12.34
CA ASP J 182 -48.44 68.76 11.39
C ASP J 182 -46.92 68.93 11.43
N SER J 183 -46.36 69.34 10.29
CA SER J 183 -45.05 69.96 10.13
C SER J 183 -43.86 69.00 10.20
N THR J 184 -44.07 67.70 10.02
CA THR J 184 -42.96 66.74 10.02
C THR J 184 -43.00 65.91 8.74
N GLU J 185 -41.88 65.88 8.03
CA GLU J 185 -41.68 64.98 6.89
C GLU J 185 -41.31 63.61 7.45
N TYR J 186 -42.09 62.58 7.10
CA TYR J 186 -41.96 61.29 7.75
C TYR J 186 -41.54 60.15 6.82
N LEU J 187 -42.11 60.07 5.61
CA LEU J 187 -41.71 59.02 4.68
C LEU J 187 -40.19 58.99 4.52
N ALA J 188 -39.58 60.17 4.45
CA ALA J 188 -38.13 60.24 4.28
C ALA J 188 -37.39 59.81 5.55
N ALA J 189 -38.07 59.83 6.70
CA ALA J 189 -37.36 59.62 7.97
C ALA J 189 -36.81 58.20 8.06
N SER J 190 -37.60 57.21 7.67
CA SER J 190 -37.22 55.81 7.78
C SER J 190 -36.98 55.17 6.42
N MET J 191 -37.93 55.30 5.50
CA MET J 191 -37.75 54.79 4.15
C MET J 191 -36.56 55.46 3.50
N ALA J 192 -35.82 54.69 2.70
CA ALA J 192 -34.75 55.23 1.87
C ALA J 192 -33.62 55.80 2.73
N ALA J 193 -33.79 55.78 4.05
CA ALA J 193 -32.74 56.15 4.98
C ALA J 193 -32.35 55.00 5.89
N TYR J 194 -33.33 54.21 6.32
CA TYR J 194 -33.07 52.90 6.89
C TYR J 194 -33.34 51.77 5.91
N MET J 195 -34.42 51.88 5.13
CA MET J 195 -34.72 50.87 4.11
C MET J 195 -33.60 50.78 3.09
N SER J 196 -33.06 51.93 2.68
CA SER J 196 -32.06 51.95 1.61
C SER J 196 -30.81 51.18 2.01
N THR J 197 -30.29 51.43 3.21
CA THR J 197 -29.02 50.81 3.58
C THR J 197 -29.23 49.42 4.17
N ARG J 198 -30.04 48.61 3.49
CA ARG J 198 -30.26 47.21 3.85
C ARG J 198 -29.61 46.35 2.79
N VAL J 199 -28.59 45.59 3.18
CA VAL J 199 -27.84 44.77 2.24
C VAL J 199 -28.25 43.32 2.45
N PHE J 200 -28.97 42.77 1.48
CA PHE J 200 -29.44 41.40 1.56
C PHE J 200 -28.41 40.39 1.08
N ASP J 201 -27.21 40.83 0.72
CA ASP J 201 -26.18 39.93 0.25
C ASP J 201 -25.41 39.29 1.40
N ASP J 202 -25.73 39.61 2.64
CA ASP J 202 -25.11 39.01 3.80
C ASP J 202 -26.05 37.98 4.43
N ALA J 203 -25.47 37.09 5.23
CA ALA J 203 -26.27 36.11 5.94
C ALA J 203 -27.13 36.79 7.00
N ASN J 204 -28.35 36.30 7.16
CA ASN J 204 -29.27 36.72 8.22
C ASN J 204 -29.61 38.19 8.17
N SER J 205 -29.61 38.78 6.98
CA SER J 205 -29.94 40.19 6.79
C SER J 205 -31.39 40.38 6.38
N ALA J 206 -32.33 39.80 7.12
CA ALA J 206 -33.74 39.93 6.84
C ALA J 206 -34.35 40.75 7.96
N TYR J 207 -34.71 41.99 7.67
CA TYR J 207 -35.29 42.89 8.66
C TYR J 207 -36.81 42.80 8.61
N THR J 208 -37.29 41.56 8.57
CA THR J 208 -38.65 41.25 8.17
C THR J 208 -39.69 42.22 8.74
N LEU J 209 -39.41 42.84 9.89
CA LEU J 209 -40.39 43.68 10.55
C LEU J 209 -40.44 45.09 9.99
N LYS J 210 -39.35 45.84 10.13
CA LYS J 210 -39.39 47.30 10.06
C LYS J 210 -40.36 47.88 11.07
N PHE J 211 -40.52 47.21 12.22
CA PHE J 211 -41.63 47.44 13.13
C PHE J 211 -41.22 48.12 14.43
N LYS J 212 -39.97 48.01 14.85
CA LYS J 212 -39.49 48.79 15.99
C LYS J 212 -38.13 49.40 15.64
N LYS J 213 -38.16 50.52 14.92
CA LYS J 213 -36.94 51.14 14.41
C LYS J 213 -36.98 52.63 14.68
N ALA J 214 -35.87 53.16 15.18
CA ALA J 214 -35.66 54.53 15.63
C ALA J 214 -35.08 55.39 14.51
N PRO J 215 -35.72 56.49 14.15
CA PRO J 215 -35.13 57.43 13.19
C PRO J 215 -34.08 58.29 13.88
N GLY J 216 -33.45 59.15 13.09
CA GLY J 216 -32.40 60.00 13.61
C GLY J 216 -32.86 60.92 14.71
N VAL J 217 -33.69 61.91 14.38
CA VAL J 217 -34.30 62.83 15.35
C VAL J 217 -35.72 63.10 14.90
N ARG J 218 -36.68 62.95 15.81
CA ARG J 218 -38.06 63.31 15.51
C ARG J 218 -38.86 63.34 16.79
N ALA J 219 -40.17 63.54 16.65
CA ALA J 219 -41.09 63.67 17.77
C ALA J 219 -42.24 62.67 17.62
N ILE J 220 -42.83 62.35 18.77
CA ILE J 220 -43.88 61.36 18.87
C ILE J 220 -45.23 62.05 18.70
N ASP J 221 -46.27 61.27 18.42
CA ASP J 221 -47.64 61.72 18.55
C ASP J 221 -48.13 61.35 19.95
N LYS J 222 -49.44 61.46 20.19
CA LYS J 222 -50.01 61.26 21.52
C LYS J 222 -51.23 60.35 21.46
N GLY J 223 -51.48 59.64 22.56
CA GLY J 223 -52.70 58.86 22.74
C GLY J 223 -52.50 57.37 22.92
N SER J 224 -53.56 56.69 23.32
CA SER J 224 -53.56 55.23 23.41
C SER J 224 -54.68 54.58 22.61
N ALA J 225 -55.92 55.04 22.77
CA ALA J 225 -57.03 54.53 21.99
C ALA J 225 -57.17 55.23 20.65
N VAL J 226 -56.32 56.23 20.39
CA VAL J 226 -56.25 56.85 19.07
C VAL J 226 -55.20 56.19 18.19
N VAL J 227 -54.33 55.35 18.77
CA VAL J 227 -53.26 54.68 18.05
C VAL J 227 -53.79 53.35 17.51
N THR J 228 -55.06 53.06 17.73
CA THR J 228 -55.68 51.87 17.16
C THR J 228 -56.72 52.20 16.10
N ALA J 229 -57.30 53.40 16.14
CA ALA J 229 -58.01 53.90 14.98
C ALA J 229 -57.06 54.06 13.80
N ILE J 230 -55.97 54.79 14.04
CA ILE J 230 -54.83 54.70 13.14
C ILE J 230 -54.11 53.39 13.37
N THR J 231 -53.44 52.89 12.34
CA THR J 231 -52.71 51.61 12.33
C THR J 231 -53.63 50.40 12.48
N GLY J 232 -54.92 50.59 12.72
CA GLY J 232 -55.90 49.52 12.79
C GLY J 232 -55.46 48.25 13.50
N PHE J 233 -54.64 48.37 14.54
CA PHE J 233 -54.03 47.22 15.20
C PHE J 233 -54.79 46.91 16.49
N VAL J 234 -55.36 45.71 16.56
CA VAL J 234 -55.95 45.25 17.81
C VAL J 234 -54.90 44.49 18.61
N GLU J 235 -55.16 44.33 19.91
CA GLU J 235 -54.10 43.96 20.85
C GLU J 235 -53.44 42.65 20.48
N GLN J 236 -54.18 41.55 20.58
CA GLN J 236 -53.62 40.22 20.40
C GLN J 236 -54.18 39.51 19.19
N THR J 237 -55.33 39.94 18.68
CA THR J 237 -55.91 39.32 17.49
C THR J 237 -55.02 39.52 16.27
N GLY J 238 -54.54 40.73 16.06
CA GLY J 238 -53.77 41.02 14.87
C GLY J 238 -54.00 42.42 14.36
N GLN J 239 -54.44 42.54 13.12
CA GLN J 239 -54.80 43.81 12.51
C GLN J 239 -56.10 43.62 11.73
N SER J 240 -57.12 44.40 12.09
CA SER J 240 -58.44 44.26 11.51
C SER J 240 -58.75 45.45 10.61
N GLU J 241 -59.31 45.16 9.44
CA GLU J 241 -59.54 46.20 8.44
C GLU J 241 -60.70 47.11 8.81
N SER J 242 -61.79 46.55 9.35
CA SER J 242 -62.96 47.34 9.67
C SER J 242 -62.75 48.23 10.88
N ALA J 243 -61.90 47.82 11.82
CA ALA J 243 -61.70 48.52 13.08
C ALA J 243 -60.49 49.44 13.08
N GLY J 244 -60.19 50.09 11.97
CA GLY J 244 -59.10 51.05 11.94
C GLY J 244 -58.60 51.27 10.54
N HIS J 245 -57.66 52.21 10.42
CA HIS J 245 -57.03 52.54 9.16
C HIS J 245 -55.52 52.46 9.31
N CYS J 246 -54.88 51.71 8.42
CA CYS J 246 -53.46 51.37 8.54
C CYS J 246 -52.63 52.61 8.28
N ALA J 247 -51.63 52.86 9.14
CA ALA J 247 -50.65 53.91 8.94
C ALA J 247 -49.54 53.74 9.97
N ASN J 248 -48.61 54.69 10.00
CA ASN J 248 -47.44 54.58 10.86
C ASN J 248 -47.24 55.89 11.60
N THR J 249 -47.03 55.79 12.91
CA THR J 249 -47.13 56.98 13.74
C THR J 249 -45.97 57.24 14.69
N LEU J 250 -45.02 56.32 14.86
CA LEU J 250 -43.85 56.51 15.72
C LEU J 250 -44.26 56.82 17.16
N ILE J 251 -44.80 55.80 17.81
CA ILE J 251 -45.20 55.89 19.21
C ILE J 251 -43.98 55.83 20.13
N ASP J 252 -44.17 56.12 21.41
CA ASP J 252 -43.17 55.87 22.44
C ASP J 252 -43.82 55.19 23.62
N ILE J 253 -43.18 54.14 24.12
CA ILE J 253 -43.73 53.30 25.19
C ILE J 253 -42.94 53.45 26.48
N GLY J 254 -41.66 53.11 26.45
CA GLY J 254 -40.83 53.33 27.62
C GLY J 254 -40.23 54.72 27.59
N ASP J 255 -38.91 54.79 27.69
CA ASP J 255 -38.21 56.02 27.34
C ASP J 255 -37.74 56.02 25.90
N GLN J 256 -38.14 55.02 25.11
CA GLN J 256 -37.70 54.90 23.73
C GLN J 256 -38.82 55.31 22.80
N GLU J 257 -38.46 55.87 21.65
CA GLU J 257 -39.40 56.16 20.57
C GLU J 257 -39.04 55.33 19.36
N PHE J 258 -40.05 54.74 18.72
CA PHE J 258 -39.79 53.84 17.61
C PHE J 258 -41.01 53.76 16.72
N LEU J 259 -40.78 53.39 15.46
CA LEU J 259 -41.86 53.24 14.49
C LEU J 259 -42.77 52.10 14.92
N VAL J 260 -44.03 52.16 14.51
CA VAL J 260 -44.98 51.14 14.91
C VAL J 260 -45.87 50.75 13.72
N GLU J 261 -46.42 49.55 13.83
CA GLU J 261 -47.17 48.78 12.84
C GLU J 261 -46.29 48.25 11.71
N GLY J 262 -45.01 48.60 11.66
CA GLY J 262 -44.13 48.04 10.66
C GLY J 262 -44.49 48.37 9.23
N SER J 263 -45.17 49.48 9.00
CA SER J 263 -45.49 49.96 7.66
C SER J 263 -46.32 48.94 6.89
N THR J 264 -47.53 48.71 7.38
CA THR J 264 -48.45 47.89 6.61
C THR J 264 -48.93 48.64 5.38
N LEU J 265 -49.50 47.87 4.45
CA LEU J 265 -50.13 48.39 3.25
C LEU J 265 -51.61 48.09 3.20
N THR J 266 -51.99 46.85 3.47
CA THR J 266 -53.36 46.40 3.63
C THR J 266 -53.37 45.56 4.90
N GLN J 267 -54.42 44.77 5.10
CA GLN J 267 -54.73 44.22 6.42
C GLN J 267 -53.50 43.55 7.06
N ASN J 268 -52.80 42.70 6.33
CA ASN J 268 -51.66 41.98 6.90
C ASN J 268 -50.52 41.86 5.90
N VAL J 269 -50.18 42.96 5.24
CA VAL J 269 -49.11 43.00 4.25
C VAL J 269 -48.11 44.03 4.74
N PHE J 270 -46.85 43.64 4.90
CA PHE J 270 -45.87 44.49 5.52
C PHE J 270 -44.81 44.95 4.52
N LEU J 271 -44.04 45.96 4.91
CA LEU J 271 -43.16 46.64 3.98
C LEU J 271 -41.96 45.78 3.60
N ASP J 272 -41.42 45.01 4.55
CA ASP J 272 -40.23 44.23 4.25
C ASP J 272 -40.50 43.12 3.25
N GLU J 273 -41.70 42.55 3.25
CA GLU J 273 -42.02 41.56 2.22
C GLU J 273 -41.84 42.16 0.82
N ILE J 274 -42.42 43.34 0.59
CA ILE J 274 -42.31 43.98 -0.71
C ILE J 274 -40.86 44.33 -1.00
N HIS J 275 -40.17 44.92 -0.02
CA HIS J 275 -38.79 45.32 -0.24
C HIS J 275 -37.90 44.13 -0.60
N ALA J 276 -38.04 43.02 0.12
CA ALA J 276 -37.18 41.86 -0.10
C ALA J 276 -37.50 41.17 -1.43
N THR J 277 -38.78 41.00 -1.76
CA THR J 277 -39.10 40.38 -3.04
C THR J 277 -38.66 41.26 -4.19
N ASP J 278 -38.72 42.58 -4.02
CA ASP J 278 -38.24 43.46 -5.08
C ASP J 278 -36.73 43.41 -5.21
N TRP J 279 -36.02 43.20 -4.09
CA TRP J 279 -34.59 42.92 -4.19
C TRP J 279 -34.33 41.65 -4.98
N ILE J 280 -35.15 40.62 -4.74
CA ILE J 280 -34.98 39.37 -5.48
C ILE J 280 -35.15 39.60 -6.97
N ILE J 281 -36.18 40.34 -7.35
CA ILE J 281 -36.44 40.58 -8.77
C ILE J 281 -35.32 41.40 -9.39
N ALA J 282 -34.91 42.48 -8.72
CA ALA J 282 -33.87 43.34 -9.25
C ALA J 282 -32.52 42.65 -9.31
N ARG J 283 -32.27 41.67 -8.45
CA ARG J 283 -31.04 40.90 -8.50
C ARG J 283 -31.05 39.89 -9.65
N THR J 284 -32.19 39.23 -9.89
CA THR J 284 -32.28 38.34 -11.04
C THR J 284 -32.12 39.12 -12.35
N GLU J 285 -32.66 40.33 -12.40
CA GLU J 285 -32.45 41.17 -13.59
C GLU J 285 -30.96 41.42 -13.82
N GLU J 286 -30.24 41.79 -12.77
CA GLU J 286 -28.82 42.12 -12.91
C GLU J 286 -28.02 40.91 -13.33
N GLU J 287 -28.32 39.74 -12.75
CA GLU J 287 -27.59 38.54 -13.14
C GLU J 287 -27.91 38.10 -14.55
N MET J 288 -29.17 38.25 -14.99
CA MET J 288 -29.49 37.97 -16.37
C MET J 288 -28.72 38.87 -17.33
N LEU J 289 -28.67 40.17 -17.02
CA LEU J 289 -27.92 41.08 -17.89
C LEU J 289 -26.44 40.74 -17.89
N SER J 290 -25.88 40.40 -16.74
CA SER J 290 -24.48 40.00 -16.70
C SER J 290 -24.22 38.69 -17.42
N LEU J 291 -25.22 37.83 -17.60
CA LEU J 291 -25.08 36.66 -18.44
C LEU J 291 -25.09 36.97 -19.93
N PHE J 292 -25.85 37.97 -20.37
CA PHE J 292 -25.91 38.33 -21.77
C PHE J 292 -24.67 39.07 -22.24
N LEU J 293 -23.88 39.64 -21.32
CA LEU J 293 -22.70 40.40 -21.70
C LEU J 293 -21.43 39.57 -21.70
N ASN J 294 -21.39 38.45 -20.97
CA ASN J 294 -20.19 37.61 -20.95
C ASN J 294 -20.14 36.68 -22.15
N ASN J 295 -21.23 35.97 -22.40
CA ASN J 295 -21.25 34.98 -23.47
C ASN J 295 -21.18 35.64 -24.83
N ASP J 296 -20.62 34.91 -25.80
CA ASP J 296 -20.80 35.30 -27.20
C ASP J 296 -22.28 35.38 -27.52
N ARG J 297 -22.98 34.24 -27.46
CA ARG J 297 -24.42 34.17 -27.61
C ARG J 297 -25.02 33.22 -26.58
N VAL J 298 -26.35 33.26 -26.49
CA VAL J 298 -27.14 32.25 -25.79
C VAL J 298 -28.03 31.58 -26.83
N PRO J 299 -27.77 30.33 -27.21
CA PRO J 299 -28.53 29.71 -28.30
C PRO J 299 -29.96 29.38 -27.92
N PHE J 300 -30.79 29.22 -28.94
CA PHE J 300 -32.21 28.93 -28.78
C PHE J 300 -32.44 27.42 -28.82
N THR J 301 -31.82 26.74 -27.85
CA THR J 301 -31.94 25.29 -27.72
C THR J 301 -32.28 24.98 -26.27
N ASP J 302 -32.26 23.68 -25.92
CA ASP J 302 -32.46 23.29 -24.53
C ASP J 302 -31.26 23.61 -23.68
N GLN J 303 -30.05 23.53 -24.25
CA GLN J 303 -28.84 23.93 -23.53
C GLN J 303 -28.90 25.40 -23.15
N GLY J 304 -29.40 26.24 -24.05
CA GLY J 304 -29.62 27.64 -23.73
C GLY J 304 -30.64 27.86 -22.64
N MET J 305 -31.73 27.09 -22.64
CA MET J 305 -32.73 27.22 -21.58
C MET J 305 -32.13 26.85 -20.22
N GLN J 306 -31.32 25.80 -20.16
CA GLN J 306 -30.67 25.47 -18.90
C GLN J 306 -29.65 26.54 -18.49
N GLN J 307 -28.92 27.10 -19.45
CA GLN J 307 -28.01 28.19 -19.13
C GLN J 307 -28.76 29.39 -18.57
N LEU J 308 -29.92 29.72 -19.13
CA LEU J 308 -30.72 30.81 -18.59
C LEU J 308 -31.25 30.47 -17.21
N ALA J 309 -31.74 29.25 -17.01
CA ALA J 309 -32.33 28.88 -15.73
C ALA J 309 -31.30 28.72 -14.63
N SER J 310 -30.01 28.69 -14.97
CA SER J 310 -28.99 28.65 -13.94
C SER J 310 -28.99 29.89 -13.04
N VAL J 311 -29.61 30.98 -13.46
CA VAL J 311 -29.58 32.25 -12.72
C VAL J 311 -30.55 32.24 -11.54
N PRO J 312 -31.84 31.92 -11.72
CA PRO J 312 -32.72 31.82 -10.54
C PRO J 312 -32.27 30.78 -9.54
N ARG J 313 -31.59 29.72 -9.96
CA ARG J 313 -31.10 28.73 -9.01
C ARG J 313 -30.09 29.30 -8.04
N ALA J 314 -29.17 30.15 -8.51
CA ALA J 314 -28.24 30.84 -7.64
C ALA J 314 -28.90 31.91 -6.82
N ILE J 315 -29.87 32.64 -7.39
CA ILE J 315 -30.53 33.69 -6.64
C ILE J 315 -31.33 33.10 -5.48
N MET J 316 -31.95 31.95 -5.68
CA MET J 316 -32.74 31.34 -4.60
C MET J 316 -31.85 30.86 -3.45
N GLN J 317 -30.67 30.33 -3.78
CA GLN J 317 -29.74 29.95 -2.72
C GLN J 317 -29.22 31.17 -1.98
N LEU J 318 -29.00 32.27 -2.70
CA LEU J 318 -28.64 33.54 -2.06
C LEU J 318 -29.74 34.04 -1.12
N ALA J 319 -30.99 33.95 -1.54
CA ALA J 319 -32.12 34.44 -0.76
C ALA J 319 -32.44 33.57 0.45
N ALA J 320 -32.30 32.25 0.34
CA ALA J 320 -32.55 31.39 1.48
C ALA J 320 -31.52 31.58 2.58
N ARG J 321 -30.33 32.07 2.22
CA ARG J 321 -29.29 32.32 3.21
C ARG J 321 -29.58 33.59 4.01
N ALA J 322 -30.10 34.63 3.35
CA ALA J 322 -30.43 35.87 4.04
C ALA J 322 -31.54 35.67 5.06
N GLY J 323 -32.44 34.72 4.80
CA GLY J 323 -33.52 34.45 5.71
C GLY J 323 -34.88 34.81 5.16
N ILE J 324 -34.94 35.08 3.85
CA ILE J 324 -36.17 35.49 3.19
C ILE J 324 -36.98 34.26 2.81
N VAL J 325 -36.30 33.21 2.36
CA VAL J 325 -36.94 31.97 1.96
C VAL J 325 -36.91 31.02 3.15
N ALA J 326 -37.95 30.18 3.24
CA ALA J 326 -38.17 29.36 4.42
C ALA J 326 -37.21 28.18 4.48
N LEU J 327 -37.25 27.48 5.60
CA LEU J 327 -36.32 26.37 5.89
C LEU J 327 -36.98 25.01 5.67
N ASP J 328 -37.37 24.74 4.42
CA ASP J 328 -37.50 23.37 3.91
C ASP J 328 -38.39 22.45 4.76
N LEU J 329 -39.29 23.04 5.55
CA LEU J 329 -40.17 22.25 6.41
C LEU J 329 -41.58 22.78 6.30
N ASN J 330 -42.55 21.88 6.32
CA ASN J 330 -43.95 22.26 6.23
C ASN J 330 -44.36 23.08 7.45
N PRO J 331 -44.87 24.29 7.29
CA PRO J 331 -45.24 25.10 8.47
C PRO J 331 -46.41 24.54 9.24
N LEU J 332 -47.24 23.71 8.61
CA LEU J 332 -48.40 23.14 9.30
C LEU J 332 -47.99 22.01 10.22
N THR J 333 -47.30 21.01 9.70
CA THR J 333 -47.01 19.78 10.43
C THR J 333 -45.54 19.56 10.76
N GLY J 334 -44.64 20.34 10.19
CA GLY J 334 -43.23 20.12 10.41
C GLY J 334 -42.61 19.02 9.60
N ALA J 335 -43.36 18.43 8.67
CA ALA J 335 -42.84 17.41 7.78
C ALA J 335 -42.02 18.05 6.67
N TYR J 336 -41.23 17.24 5.98
CA TYR J 336 -40.35 17.75 4.93
C TYR J 336 -41.15 18.26 3.74
N GLU J 337 -40.77 19.43 3.24
CA GLU J 337 -41.35 19.99 2.03
C GLU J 337 -40.32 20.89 1.36
N PRO J 338 -40.14 20.80 0.04
CA PRO J 338 -39.16 21.67 -0.62
C PRO J 338 -39.53 23.14 -0.47
N ALA J 339 -38.51 23.97 -0.25
CA ALA J 339 -38.75 25.40 -0.06
C ALA J 339 -39.01 26.10 -1.39
N TYR J 340 -38.28 25.72 -2.44
CA TYR J 340 -38.43 26.33 -3.75
C TYR J 340 -38.14 25.31 -4.83
N THR J 341 -38.83 25.43 -5.97
CA THR J 341 -38.57 24.61 -7.14
C THR J 341 -38.42 25.50 -8.36
N ILE J 342 -37.68 25.03 -9.36
CA ILE J 342 -37.46 25.74 -10.62
C ILE J 342 -37.73 24.77 -11.76
N THR J 343 -38.69 25.09 -12.60
CA THR J 343 -39.05 24.25 -13.74
C THR J 343 -38.74 24.98 -15.04
N VAL J 344 -37.99 24.31 -15.92
CA VAL J 344 -37.50 24.87 -17.16
C VAL J 344 -38.37 24.33 -18.30
N PRO J 345 -38.87 25.18 -19.20
CA PRO J 345 -39.73 24.68 -20.28
C PRO J 345 -38.91 24.08 -21.41
N SER J 346 -39.63 23.49 -22.37
CA SER J 346 -39.00 22.93 -23.56
C SER J 346 -39.25 23.86 -24.75
N VAL J 347 -38.19 24.16 -25.51
CA VAL J 347 -38.37 24.81 -26.80
C VAL J 347 -38.80 23.82 -27.86
N PHE J 348 -38.76 22.53 -27.55
CA PHE J 348 -38.91 21.49 -28.57
C PHE J 348 -40.25 21.55 -29.27
N ASP J 349 -41.34 21.55 -28.52
CA ASP J 349 -42.67 21.57 -29.09
C ASP J 349 -43.23 22.97 -29.24
N ILE J 350 -42.49 24.00 -28.81
CA ILE J 350 -42.82 25.37 -29.20
C ILE J 350 -42.50 25.45 -30.68
N PRO J 351 -43.46 25.78 -31.53
CA PRO J 351 -43.24 25.71 -32.98
C PRO J 351 -42.13 26.65 -33.45
N GLU J 352 -41.54 26.27 -34.59
CA GLU J 352 -40.63 27.18 -35.28
C GLU J 352 -41.36 28.44 -35.73
N SER J 353 -42.68 28.37 -35.88
CA SER J 353 -43.47 29.56 -36.13
C SER J 353 -43.26 30.59 -35.03
N GLN J 354 -43.09 30.13 -33.79
CA GLN J 354 -42.79 31.02 -32.69
C GLN J 354 -41.31 31.12 -32.35
N ARG J 355 -40.51 30.13 -32.79
CA ARG J 355 -39.08 30.13 -32.50
C ARG J 355 -38.37 31.33 -33.09
N LYS J 356 -38.78 31.78 -34.28
CA LYS J 356 -38.11 32.91 -34.93
C LYS J 356 -38.28 34.21 -34.18
N ALA J 357 -39.03 34.20 -33.07
CA ALA J 357 -39.32 35.43 -32.33
C ALA J 357 -38.11 35.97 -31.58
N ARG J 358 -37.15 35.11 -31.26
CA ARG J 358 -36.00 35.46 -30.41
C ARG J 358 -36.46 35.89 -29.01
N ILE J 359 -37.66 35.45 -28.64
CA ILE J 359 -38.17 35.64 -27.29
C ILE J 359 -38.29 34.27 -26.66
N ALA J 360 -37.52 34.04 -25.60
CA ALA J 360 -37.47 32.74 -24.97
C ALA J 360 -38.77 32.44 -24.22
N PRO J 361 -39.11 31.16 -24.07
CA PRO J 361 -40.26 30.81 -23.22
C PRO J 361 -40.01 31.09 -21.76
N ALA J 362 -41.07 31.10 -20.96
CA ALA J 362 -41.03 31.56 -19.58
C ALA J 362 -40.57 30.44 -18.65
N ILE J 363 -39.74 30.81 -17.68
CA ILE J 363 -39.29 29.90 -16.62
C ILE J 363 -40.09 30.22 -15.36
N GLN J 364 -40.56 29.18 -14.68
CA GLN J 364 -41.43 29.32 -13.52
C GLN J 364 -40.69 28.88 -12.26
N VAL J 365 -40.82 29.69 -11.20
CA VAL J 365 -40.12 29.46 -9.95
C VAL J 365 -41.14 29.48 -8.81
N ARG J 366 -40.83 28.79 -7.72
CA ARG J 366 -41.73 28.62 -6.58
C ARG J 366 -41.08 29.12 -5.31
N PHE J 367 -41.91 29.54 -4.36
CA PHE J 367 -41.46 30.31 -3.21
C PHE J 367 -41.92 29.66 -1.91
N ARG J 368 -41.49 30.25 -0.81
CA ARG J 368 -42.16 30.15 0.49
C ARG J 368 -41.53 31.21 1.37
N TYR J 369 -42.37 32.06 1.96
CA TYR J 369 -41.84 33.18 2.73
C TYR J 369 -41.60 32.78 4.18
N ALA J 370 -40.58 33.38 4.77
CA ALA J 370 -40.28 33.20 6.19
C ALA J 370 -40.53 34.52 6.91
N GLY J 371 -41.57 34.56 7.73
CA GLY J 371 -41.94 35.75 8.46
C GLY J 371 -41.19 35.90 9.77
N ALA J 372 -41.67 36.82 10.59
CA ALA J 372 -41.07 37.07 11.89
C ALA J 372 -42.18 37.43 12.88
N VAL J 373 -41.79 37.85 14.08
CA VAL J 373 -42.68 37.96 15.23
C VAL J 373 -42.91 39.43 15.55
N HIS J 374 -44.18 39.79 15.80
CA HIS J 374 -44.56 41.13 16.20
C HIS J 374 -45.10 41.24 17.61
N TYR J 375 -45.53 40.14 18.22
CA TYR J 375 -46.29 40.18 19.46
C TYR J 375 -46.01 38.89 20.23
N SER J 376 -45.86 39.02 21.55
CA SER J 376 -45.48 37.91 22.41
C SER J 376 -46.48 37.74 23.54
N VAL J 377 -46.54 36.53 24.08
CA VAL J 377 -47.47 36.19 25.16
C VAL J 377 -46.74 35.35 26.20
N ILE J 378 -46.94 35.65 27.48
CA ILE J 378 -46.40 34.90 28.60
C ILE J 378 -47.48 34.78 29.67
N ASN J 379 -47.59 33.61 30.29
CA ASN J 379 -48.76 33.29 31.12
C ASN J 379 -48.55 33.42 32.62
N TYR J 380 -47.47 32.85 33.19
CA TYR J 380 -47.10 33.11 34.60
C TYR J 380 -48.19 32.68 35.59
N THR J 381 -48.39 31.38 35.72
CA THR J 381 -49.23 30.85 36.79
C THR J 381 -48.46 30.84 38.11
N MET J 382 -49.14 31.16 39.20
CA MET J 382 -48.54 31.26 40.53
C MET J 382 -49.21 30.28 41.48
N THR J 383 -48.42 29.60 42.31
CA THR J 383 -48.97 28.53 43.14
C THR J 383 -48.76 28.72 44.63
N PHE J 384 -47.81 29.55 45.04
CA PHE J 384 -47.54 29.77 46.46
C PHE J 384 -47.17 28.47 47.17
N LYS K 3 2.63 -35.29 72.69
CA LYS K 3 1.95 -35.19 71.41
C LYS K 3 2.69 -36.03 70.37
N LEU K 4 3.13 -35.37 69.30
CA LEU K 4 3.93 -36.00 68.27
C LEU K 4 5.05 -35.05 67.89
N PRO K 5 6.19 -35.55 67.43
CA PRO K 5 7.26 -34.66 66.99
C PRO K 5 6.95 -34.07 65.63
N TYR K 6 7.68 -33.01 65.30
CA TYR K 6 7.59 -32.47 63.94
C TYR K 6 8.28 -33.38 62.93
N SER K 7 9.12 -34.29 63.38
CA SER K 7 9.75 -35.26 62.49
C SER K 7 8.75 -36.23 61.90
N ARG K 8 7.48 -36.13 62.28
CA ARG K 8 6.43 -36.92 61.64
C ARG K 8 6.14 -36.48 60.22
N VAL K 9 6.30 -35.19 59.92
CA VAL K 9 5.99 -34.66 58.60
C VAL K 9 7.20 -34.04 57.90
N THR K 10 8.27 -33.73 58.60
CA THR K 10 9.47 -33.18 57.97
C THR K 10 10.69 -33.85 58.57
N ASN K 11 11.86 -33.47 58.07
CA ASN K 11 13.13 -33.96 58.61
C ASN K 11 14.16 -32.86 58.47
N VAL K 12 14.45 -32.18 59.57
CA VAL K 12 15.42 -31.08 59.58
C VAL K 12 16.56 -31.50 60.51
N THR K 13 17.78 -31.52 59.97
CA THR K 13 18.96 -31.92 60.73
C THR K 13 19.94 -30.76 60.84
N LEU K 14 21.11 -31.05 61.44
CA LEU K 14 22.17 -30.06 61.58
C LEU K 14 23.48 -30.81 61.87
N THR K 15 24.49 -30.60 61.04
CA THR K 15 25.82 -31.13 61.26
C THR K 15 26.82 -29.99 61.36
N ARG K 16 28.02 -30.31 61.84
CA ARG K 16 29.11 -29.35 61.94
C ARG K 16 30.18 -29.74 60.93
N THR K 17 30.01 -29.32 59.68
CA THR K 17 30.97 -29.62 58.62
C THR K 17 30.97 -28.45 57.64
N ASP K 18 31.81 -28.54 56.62
CA ASP K 18 31.91 -27.52 55.58
C ASP K 18 31.39 -28.08 54.28
N ASN K 19 30.46 -27.38 53.65
CA ASN K 19 29.88 -27.78 52.38
C ASN K 19 29.98 -26.64 51.37
N PHE K 20 30.49 -26.97 50.18
CA PHE K 20 30.61 -26.03 49.09
C PHE K 20 29.70 -26.47 47.96
N PRO K 21 29.33 -25.56 47.07
CA PRO K 21 28.52 -25.95 45.91
C PRO K 21 29.26 -26.91 44.98
N THR K 22 28.49 -27.64 44.20
CA THR K 22 29.03 -28.78 43.45
C THR K 22 29.86 -28.32 42.26
N ARG K 23 29.23 -27.60 41.32
CA ARG K 23 29.94 -27.03 40.17
C ARG K 23 30.65 -28.12 39.36
N ARG K 24 29.83 -28.92 38.68
CA ARG K 24 30.34 -29.93 37.76
C ARG K 24 31.24 -29.30 36.71
N GLY K 25 32.17 -30.09 36.19
CA GLY K 25 33.14 -29.59 35.24
C GLY K 25 33.48 -30.58 34.14
N PHE K 26 34.77 -30.71 33.80
CA PHE K 26 35.13 -31.57 32.67
C PHE K 26 35.53 -32.99 33.08
N GLY K 27 36.61 -33.14 33.85
CA GLY K 27 37.29 -34.42 33.87
C GLY K 27 37.41 -35.19 35.16
N THR K 28 38.22 -36.26 35.14
CA THR K 28 38.55 -37.09 36.29
C THR K 28 40.03 -37.44 36.27
N GLN K 29 40.61 -37.66 37.45
CA GLN K 29 42.00 -38.08 37.57
C GLN K 29 42.10 -39.51 38.09
N LEU K 30 43.30 -40.08 37.96
CA LEU K 30 43.57 -41.45 38.40
C LEU K 30 44.68 -41.45 39.43
N ILE K 31 44.49 -42.26 40.48
CA ILE K 31 45.45 -42.42 41.58
C ILE K 31 45.89 -43.88 41.60
N LEU K 32 47.09 -44.14 41.10
CA LEU K 32 47.60 -45.49 41.02
C LEU K 32 48.65 -45.70 42.10
N THR K 33 48.53 -46.80 42.84
CA THR K 33 49.53 -47.19 43.84
C THR K 33 49.54 -48.71 43.92
N HIS K 34 50.15 -49.22 44.98
CA HIS K 34 50.25 -50.66 45.18
C HIS K 34 49.36 -51.17 46.30
N THR K 35 48.75 -50.29 47.07
CA THR K 35 47.87 -50.69 48.16
C THR K 35 46.57 -51.28 47.61
N ALA K 36 46.07 -52.32 48.25
CA ALA K 36 44.77 -52.91 47.96
C ALA K 36 43.95 -52.97 49.23
N VAL K 37 42.63 -52.79 49.09
CA VAL K 37 41.74 -52.71 50.25
C VAL K 37 40.95 -53.99 50.50
N SER K 38 40.97 -54.93 49.55
CA SER K 38 40.46 -56.29 49.70
C SER K 38 38.94 -56.38 49.76
N GLY K 39 38.23 -55.26 49.87
CA GLY K 39 36.78 -55.28 49.91
C GLY K 39 36.18 -54.61 48.69
N GLN K 40 36.99 -53.82 48.00
CA GLN K 40 36.52 -53.02 46.87
C GLN K 40 37.47 -52.98 45.68
N VAL K 41 38.67 -53.54 45.77
CA VAL K 41 39.58 -53.62 44.63
C VAL K 41 40.12 -55.02 44.45
N ASP K 42 39.71 -55.97 45.28
CA ASP K 42 40.41 -57.24 45.43
C ASP K 42 40.22 -58.06 44.16
N ALA K 43 40.98 -57.70 43.14
CA ALA K 43 41.04 -58.39 41.85
C ALA K 43 39.72 -58.28 41.08
N THR K 44 38.70 -57.71 41.72
CA THR K 44 37.41 -57.51 41.09
C THR K 44 37.27 -56.15 40.43
N LYS K 45 38.08 -55.19 40.85
CA LYS K 45 38.03 -53.80 40.36
C LYS K 45 39.47 -53.30 40.29
N ARG K 46 40.09 -53.39 39.10
CA ARG K 46 41.36 -52.72 38.90
C ARG K 46 41.24 -51.22 39.12
N THR K 47 40.05 -50.66 38.96
CA THR K 47 39.73 -49.31 39.38
C THR K 47 38.38 -49.35 40.08
N LYS K 48 38.11 -48.36 40.92
CA LYS K 48 36.84 -48.22 41.58
C LYS K 48 36.49 -46.75 41.68
N LEU K 49 35.24 -46.41 41.42
CA LEU K 49 34.77 -45.04 41.52
C LEU K 49 34.17 -44.79 42.91
N TYR K 50 33.92 -43.52 43.18
CA TYR K 50 33.37 -43.08 44.45
C TYR K 50 32.29 -42.04 44.20
N ALA K 51 31.92 -41.33 45.24
CA ALA K 51 31.05 -40.17 45.12
C ALA K 51 31.59 -38.96 45.86
N SER K 52 32.16 -39.15 47.03
CA SER K 52 32.63 -38.07 47.89
C SER K 52 33.72 -38.64 48.79
N LEU K 53 34.50 -37.76 49.40
CA LEU K 53 35.57 -38.20 50.27
C LEU K 53 35.05 -38.77 51.58
N ALA K 54 34.05 -38.11 52.18
CA ALA K 54 33.58 -38.52 53.50
C ALA K 54 33.16 -39.99 53.50
N GLU K 55 32.51 -40.43 52.42
CA GLU K 55 32.07 -41.81 52.34
C GLU K 55 33.22 -42.80 52.17
N VAL K 56 34.47 -42.35 52.30
CA VAL K 56 35.59 -43.29 52.19
C VAL K 56 35.71 -44.10 53.47
N GLU K 57 35.62 -45.40 53.33
CA GLU K 57 35.87 -46.35 54.41
C GLU K 57 36.84 -47.44 54.00
N ALA K 58 36.81 -47.86 52.74
CA ALA K 58 37.65 -48.98 52.29
C ALA K 58 39.13 -48.66 52.46
N ASP K 59 39.55 -47.46 52.06
CA ASP K 59 40.93 -47.04 52.29
C ASP K 59 41.05 -46.24 53.59
N TYR K 60 42.00 -46.66 54.43
CA TYR K 60 42.09 -46.16 55.79
C TYR K 60 42.29 -44.64 55.78
N PRO K 61 41.63 -43.91 56.68
CA PRO K 61 41.79 -42.44 56.70
C PRO K 61 43.15 -41.99 57.19
N ALA K 62 44.12 -42.90 57.29
CA ALA K 62 45.46 -42.52 57.67
C ALA K 62 46.51 -42.95 56.65
N ASN K 63 46.17 -43.81 55.69
CA ASN K 63 47.18 -44.29 54.76
C ASN K 63 47.67 -43.16 53.86
N THR K 64 48.98 -43.14 53.63
CA THR K 64 49.58 -42.00 52.96
C THR K 64 49.15 -41.94 51.50
N SER K 65 48.87 -43.09 50.90
CA SER K 65 48.66 -43.13 49.46
C SER K 65 47.32 -42.53 49.06
N VAL K 66 46.22 -43.17 49.46
CA VAL K 66 44.92 -42.84 48.88
C VAL K 66 44.27 -41.68 49.64
N TYR K 67 44.14 -41.81 50.96
CA TYR K 67 43.43 -40.79 51.72
C TYR K 67 44.17 -39.46 51.72
N LYS K 68 45.49 -39.49 51.89
CA LYS K 68 46.23 -38.23 51.91
C LYS K 68 46.32 -37.56 50.55
N ALA K 69 46.04 -38.29 49.46
CA ALA K 69 45.98 -37.73 48.12
C ALA K 69 44.58 -37.30 47.74
N ALA K 70 43.56 -38.09 48.05
CA ALA K 70 42.20 -37.64 47.87
C ALA K 70 41.90 -36.43 48.75
N LEU K 71 42.66 -36.29 49.83
CA LEU K 71 42.49 -35.14 50.70
C LEU K 71 42.76 -33.83 49.97
N SER K 72 43.82 -33.81 49.15
CA SER K 72 44.12 -32.59 48.38
C SER K 72 43.41 -32.60 47.03
N ALA K 73 42.94 -33.78 46.60
CA ALA K 73 42.12 -33.84 45.39
C ALA K 73 40.76 -33.18 45.60
N PHE K 74 40.13 -33.42 46.74
CA PHE K 74 38.78 -32.95 46.99
C PHE K 74 38.73 -31.61 47.71
N SER K 75 39.87 -30.94 47.86
CA SER K 75 39.97 -29.77 48.73
C SER K 75 40.03 -28.45 47.96
N GLN K 76 39.38 -28.34 46.81
CA GLN K 76 39.22 -27.04 46.18
C GLN K 76 37.92 -26.38 46.62
N ASN K 77 37.86 -25.05 46.47
CA ASN K 77 36.67 -24.32 46.89
C ASN K 77 35.40 -24.78 46.19
N PRO K 78 35.36 -24.98 44.87
CA PRO K 78 34.30 -25.81 44.29
C PRO K 78 34.76 -27.25 44.14
N ARG K 79 33.82 -28.17 44.26
CA ARG K 79 34.54 -29.43 44.36
C ARG K 79 34.27 -30.33 43.16
N PRO K 80 35.25 -31.11 42.73
CA PRO K 80 34.97 -32.18 41.77
C PRO K 80 34.21 -33.31 42.42
N ILE K 81 33.87 -34.35 41.66
CA ILE K 81 33.17 -35.51 42.18
C ILE K 81 33.82 -36.78 41.63
N ARG K 82 33.48 -37.91 42.24
CA ARG K 82 33.80 -39.26 41.77
C ARG K 82 35.26 -39.41 41.34
N LEU K 83 36.14 -39.41 42.33
CA LEU K 83 37.53 -39.80 42.09
C LEU K 83 37.60 -41.28 41.72
N LYS K 84 38.56 -41.60 40.85
CA LYS K 84 38.80 -42.96 40.39
C LYS K 84 39.91 -43.60 41.21
N VAL K 85 39.50 -44.42 42.19
CA VAL K 85 40.37 -44.96 43.23
C VAL K 85 41.16 -46.12 42.65
N GLY K 86 42.18 -46.58 43.38
CA GLY K 86 43.23 -47.38 42.80
C GLY K 86 43.21 -48.86 43.15
N TYR K 87 43.68 -49.65 42.18
CA TYR K 87 44.14 -51.02 42.39
C TYR K 87 45.27 -51.35 41.42
N ALA K 88 45.70 -50.38 40.62
CA ALA K 88 46.28 -50.67 39.31
C ALA K 88 47.54 -51.51 39.33
N ALA K 89 48.65 -50.93 39.78
CA ALA K 89 49.92 -51.64 39.89
C ALA K 89 50.14 -52.16 41.30
N THR K 90 49.23 -53.01 41.78
CA THR K 90 49.34 -53.53 43.14
C THR K 90 50.68 -54.22 43.40
N PRO K 91 51.24 -55.04 42.49
CA PRO K 91 52.62 -55.51 42.71
C PRO K 91 53.60 -54.36 42.69
N THR K 92 54.70 -54.53 43.44
CA THR K 92 55.67 -53.46 43.63
C THR K 92 56.53 -53.21 42.40
N GLY K 93 56.00 -52.49 41.42
CA GLY K 93 56.79 -52.02 40.30
C GLY K 93 57.18 -53.11 39.33
N GLY K 94 57.72 -54.20 39.85
CA GLY K 94 58.09 -55.34 39.04
C GLY K 94 58.69 -56.41 39.92
N ASP K 95 58.49 -57.67 39.50
CA ASP K 95 59.09 -58.78 40.23
C ASP K 95 60.61 -58.64 40.27
N ASP K 96 61.20 -58.26 39.13
CA ASP K 96 62.54 -57.70 39.11
C ASP K 96 62.33 -56.19 39.16
N ALA K 97 62.69 -55.58 40.29
CA ALA K 97 62.34 -54.19 40.53
C ALA K 97 62.90 -53.25 39.48
N ALA K 98 64.17 -53.44 39.10
CA ALA K 98 64.81 -52.51 38.16
C ALA K 98 64.19 -52.61 36.77
N LYS K 99 63.50 -53.71 36.47
CA LYS K 99 62.91 -53.91 35.15
C LYS K 99 61.58 -53.19 35.07
N LYS K 100 61.44 -52.38 34.02
CA LYS K 100 60.23 -51.60 33.77
C LYS K 100 59.21 -52.34 32.93
N ALA K 101 59.54 -53.54 32.43
CA ALA K 101 58.60 -54.29 31.62
C ALA K 101 57.35 -54.68 32.41
N ASP K 102 57.53 -55.11 33.67
CA ASP K 102 56.37 -55.45 34.49
C ASP K 102 55.50 -54.24 34.75
N PHE K 103 56.10 -53.08 35.00
CA PHE K 103 55.33 -51.86 35.19
C PHE K 103 54.59 -51.47 33.91
N ILE K 104 55.21 -51.65 32.75
CA ILE K 104 54.54 -51.33 31.49
C ILE K 104 53.36 -52.27 31.25
N THR K 105 53.53 -53.56 31.55
CA THR K 105 52.42 -54.50 31.40
C THR K 105 51.31 -54.21 32.42
N SER K 106 51.69 -53.79 33.63
CA SER K 106 50.69 -53.40 34.62
C SER K 106 49.89 -52.20 34.11
N LEU K 107 50.57 -51.23 33.51
CA LEU K 107 49.87 -50.10 32.91
C LEU K 107 48.96 -50.55 31.78
N GLY K 108 49.42 -51.51 30.98
CA GLY K 108 48.64 -51.97 29.84
C GLY K 108 47.49 -52.89 30.22
N ALA K 109 47.44 -53.34 31.47
CA ALA K 109 46.35 -54.18 31.93
C ALA K 109 45.35 -53.45 32.82
N ILE K 110 45.50 -52.14 33.02
CA ILE K 110 44.51 -51.39 33.80
C ILE K 110 43.56 -50.59 32.91
N LEU K 111 43.89 -50.41 31.63
CA LEU K 111 42.92 -49.86 30.69
C LEU K 111 41.76 -50.82 30.47
N ASN K 112 42.06 -52.13 30.47
CA ASN K 112 41.09 -53.12 30.05
C ASN K 112 39.89 -53.22 30.99
N TYR K 113 39.96 -52.58 32.15
CA TYR K 113 38.77 -52.51 32.99
C TYR K 113 38.02 -51.20 32.79
N ASP K 114 38.75 -50.08 32.75
CA ASP K 114 38.07 -48.80 32.75
C ASP K 114 38.80 -47.75 31.93
N GLN K 115 38.03 -46.98 31.16
CA GLN K 115 38.50 -45.82 30.41
C GLN K 115 37.54 -44.69 30.76
N ALA K 116 37.78 -44.07 31.91
CA ALA K 116 37.12 -42.83 32.28
C ALA K 116 38.07 -41.82 32.90
N PHE K 117 39.35 -42.12 33.02
CA PHE K 117 40.29 -41.18 33.60
C PHE K 117 41.09 -40.48 32.50
N TYR K 118 41.46 -39.23 32.78
CA TYR K 118 42.15 -38.38 31.84
C TYR K 118 43.52 -37.91 32.34
N GLN K 119 43.69 -37.69 33.64
CA GLN K 119 44.92 -37.21 34.23
C GLN K 119 45.45 -38.28 35.19
N ILE K 120 46.70 -38.68 34.99
CA ILE K 120 47.28 -39.82 35.71
C ILE K 120 48.24 -39.26 36.76
N THR K 121 47.98 -39.60 38.02
CA THR K 121 48.78 -39.12 39.15
C THR K 121 49.20 -40.31 40.00
N LEU K 122 50.50 -40.42 40.26
CA LEU K 122 51.03 -41.29 41.30
C LEU K 122 51.33 -40.44 42.52
N ASP K 123 51.07 -40.97 43.71
CA ASP K 123 51.12 -40.13 44.88
C ASP K 123 51.60 -40.93 46.09
N ALA K 124 52.34 -40.25 46.95
CA ALA K 124 52.78 -40.71 48.28
C ALA K 124 53.67 -41.94 48.20
N ALA K 125 53.89 -42.51 47.03
CA ALA K 125 54.76 -43.66 46.85
C ALA K 125 55.06 -43.75 45.37
N LEU K 126 55.92 -44.70 45.01
CA LEU K 126 56.42 -44.84 43.64
C LEU K 126 57.23 -43.62 43.20
N ARG K 127 57.49 -42.69 44.12
CA ARG K 127 58.17 -41.45 43.79
C ARG K 127 59.64 -41.73 43.54
N ASP K 128 60.20 -41.12 42.49
CA ASP K 128 61.62 -41.22 42.16
C ASP K 128 62.06 -42.66 41.87
N GLN K 129 61.17 -43.48 41.33
CA GLN K 129 61.56 -44.82 40.93
C GLN K 129 62.07 -44.82 39.48
N PRO K 130 63.14 -45.55 39.19
CA PRO K 130 63.60 -45.64 37.79
C PRO K 130 62.60 -46.33 36.87
N TYR K 131 61.74 -47.20 37.40
CA TYR K 131 60.79 -47.89 36.53
C TYR K 131 59.68 -46.96 36.04
N LEU K 132 59.59 -45.75 36.58
CA LEU K 132 58.54 -44.82 36.18
C LEU K 132 58.71 -44.33 34.76
N ASP K 133 59.87 -44.60 34.14
CA ASP K 133 60.10 -44.22 32.75
C ASP K 133 59.05 -44.82 31.81
N GLY K 134 58.48 -45.97 32.19
CA GLY K 134 57.43 -46.56 31.37
C GLY K 134 56.22 -45.65 31.22
N LEU K 135 55.83 -44.98 32.31
CA LEU K 135 54.68 -44.08 32.24
C LEU K 135 54.94 -42.93 31.27
N VAL K 136 56.17 -42.38 31.30
CA VAL K 136 56.52 -41.26 30.44
C VAL K 136 56.56 -41.71 28.98
N GLU K 137 57.12 -42.90 28.72
CA GLU K 137 57.16 -43.40 27.35
C GLU K 137 55.79 -43.81 26.85
N TRP K 138 54.89 -44.18 27.75
CA TRP K 138 53.63 -44.80 27.38
C TRP K 138 52.50 -43.80 27.21
N VAL K 139 52.43 -42.76 28.05
CA VAL K 139 51.35 -41.79 27.89
C VAL K 139 51.49 -41.00 26.60
N GLU K 140 52.66 -41.02 25.99
CA GLU K 140 52.82 -40.56 24.62
C GLU K 140 52.00 -41.46 23.68
N ALA K 141 51.29 -40.81 22.75
CA ALA K 141 50.32 -41.50 21.89
C ALA K 141 49.26 -42.20 22.73
N GLN K 142 48.72 -41.48 23.71
CA GLN K 142 47.67 -41.99 24.58
C GLN K 142 46.90 -40.79 25.10
N PRO K 143 45.60 -40.67 24.81
CA PRO K 143 44.86 -39.42 25.08
C PRO K 143 44.65 -39.16 26.57
N LYS K 144 45.75 -38.94 27.29
CA LYS K 144 45.71 -38.65 28.72
C LYS K 144 46.82 -37.66 29.04
N ILE K 145 46.90 -37.30 30.32
CA ILE K 145 47.90 -36.36 30.83
C ILE K 145 48.60 -37.00 32.03
N ALA K 146 49.92 -37.08 31.97
CA ALA K 146 50.71 -37.74 33.00
C ALA K 146 51.44 -36.70 33.85
N MET K 147 51.26 -36.78 35.16
CA MET K 147 51.84 -35.82 36.08
C MET K 147 52.47 -36.53 37.26
N ILE K 148 53.69 -36.12 37.61
CA ILE K 148 54.48 -36.76 38.65
C ILE K 148 54.96 -35.68 39.61
N ASP K 149 54.53 -35.76 40.88
CA ASP K 149 54.97 -34.82 41.90
C ASP K 149 56.01 -35.51 42.77
N SER K 150 57.24 -35.03 42.69
CA SER K 150 58.27 -35.52 43.61
C SER K 150 58.06 -34.93 44.99
N ASN K 151 58.57 -35.63 45.99
CA ASN K 151 58.67 -35.08 47.34
C ASN K 151 60.04 -34.52 47.63
N ALA K 152 61.06 -34.92 46.87
CA ALA K 152 62.41 -34.40 47.01
C ALA K 152 63.26 -34.93 45.87
N ALA K 153 64.15 -34.09 45.36
CA ALA K 153 65.12 -34.51 44.33
C ALA K 153 66.12 -33.38 44.17
N GLY K 154 67.01 -33.54 43.19
CA GLY K 154 68.06 -32.58 42.90
C GLY K 154 67.80 -31.78 41.64
N HIS K 155 66.56 -31.33 41.47
CA HIS K 155 66.24 -30.49 40.32
C HIS K 155 66.71 -29.06 40.53
N GLU K 156 67.24 -28.76 41.72
CA GLU K 156 67.69 -27.41 42.01
C GLU K 156 69.09 -27.13 41.49
N ASP K 157 69.73 -28.13 40.90
CA ASP K 157 70.99 -27.91 40.20
C ASP K 157 70.69 -27.71 38.72
N PRO K 158 70.98 -26.54 38.15
CA PRO K 158 70.71 -26.35 36.72
C PRO K 158 71.67 -27.09 35.81
N ALA K 159 72.39 -28.07 36.35
CA ALA K 159 73.34 -28.85 35.57
C ALA K 159 73.09 -30.35 35.57
N ASN K 160 72.53 -30.90 36.65
CA ASN K 160 72.45 -32.35 36.77
C ASN K 160 71.48 -32.94 35.75
N THR K 161 71.73 -34.21 35.40
CA THR K 161 70.95 -34.90 34.38
C THR K 161 70.34 -36.22 34.85
N THR K 162 70.35 -36.50 36.15
CA THR K 162 69.82 -37.78 36.62
C THR K 162 68.36 -37.70 37.05
N VAL K 163 67.84 -36.50 37.29
CA VAL K 163 66.50 -36.36 37.86
C VAL K 163 65.44 -36.58 36.78
N ILE K 164 64.20 -36.72 37.23
CA ILE K 164 63.06 -36.96 36.34
C ILE K 164 63.02 -35.90 35.24
N ALA K 165 62.98 -34.63 35.64
CA ALA K 165 62.79 -33.55 34.70
C ALA K 165 64.01 -33.26 33.84
N ALA K 166 65.15 -33.90 34.12
CA ALA K 166 66.33 -33.75 33.27
C ALA K 166 66.41 -34.85 32.21
N ARG K 167 66.30 -36.11 32.62
CA ARG K 167 66.42 -37.22 31.67
C ARG K 167 65.27 -37.22 30.67
N HIS K 168 64.20 -36.47 30.94
CA HIS K 168 63.11 -36.27 30.01
C HIS K 168 62.77 -34.78 29.99
N LYS K 169 63.43 -34.04 29.11
CA LYS K 169 63.20 -32.59 29.02
C LYS K 169 63.35 -32.20 27.55
N GLY K 170 62.29 -31.59 27.01
CA GLY K 170 62.28 -31.20 25.62
C GLY K 170 61.90 -32.28 24.64
N THR K 171 61.71 -33.51 25.12
CA THR K 171 61.32 -34.62 24.27
C THR K 171 59.88 -35.08 24.48
N VAL K 172 59.28 -34.76 25.63
CA VAL K 172 57.92 -35.18 25.96
C VAL K 172 57.02 -33.96 26.01
N GLU K 173 55.84 -34.06 25.40
CA GLU K 173 54.91 -32.95 25.33
C GLU K 173 53.58 -33.24 26.03
N ARG K 174 53.52 -34.26 26.89
CA ARG K 174 52.28 -34.60 27.57
C ARG K 174 52.51 -34.96 29.02
N THR K 175 53.67 -34.61 29.58
CA THR K 175 53.96 -34.92 30.96
C THR K 175 54.52 -33.68 31.65
N ALA K 176 54.33 -33.61 32.96
CA ALA K 176 54.85 -32.49 33.74
C ALA K 176 55.21 -32.97 35.13
N VAL K 177 55.99 -32.15 35.84
CA VAL K 177 56.53 -32.49 37.15
C VAL K 177 56.03 -31.45 38.14
N PHE K 178 55.51 -31.90 39.29
CA PHE K 178 55.21 -31.00 40.40
C PHE K 178 56.27 -31.13 41.49
N TYR K 179 57.42 -30.52 41.25
CA TYR K 179 58.52 -30.58 42.20
C TYR K 179 58.20 -29.76 43.45
N HIS K 180 58.61 -30.27 44.60
CA HIS K 180 58.29 -29.65 45.88
C HIS K 180 59.22 -30.23 46.94
N THR K 181 58.95 -29.92 48.20
CA THR K 181 59.60 -30.53 49.34
C THR K 181 58.74 -31.67 49.88
N ASP K 182 59.12 -32.20 51.03
CA ASP K 182 58.56 -33.46 51.52
C ASP K 182 57.14 -33.29 52.06
N SER K 183 56.38 -34.38 51.97
CA SER K 183 55.16 -34.66 52.74
C SER K 183 53.92 -33.92 52.26
N THR K 184 53.88 -33.42 51.02
CA THR K 184 52.69 -32.76 50.48
C THR K 184 52.30 -33.39 49.15
N GLU K 185 51.04 -33.83 49.06
CA GLU K 185 50.46 -34.26 47.80
C GLU K 185 50.05 -33.02 47.01
N TYR K 186 50.57 -32.88 45.79
CA TYR K 186 50.43 -31.64 45.06
C TYR K 186 49.65 -31.75 43.75
N LEU K 187 49.88 -32.81 42.96
CA LEU K 187 49.13 -32.98 41.73
C LEU K 187 47.64 -32.88 41.98
N ALA K 188 47.18 -33.47 43.09
CA ALA K 188 45.76 -33.43 43.42
C ALA K 188 45.31 -32.05 43.85
N ALA K 189 46.24 -31.20 44.28
CA ALA K 189 45.85 -29.92 44.88
C ALA K 189 45.16 -29.01 43.88
N SER K 190 45.69 -28.93 42.65
CA SER K 190 45.15 -28.05 41.62
C SER K 190 44.50 -28.82 40.49
N MET K 191 45.20 -29.79 39.92
CA MET K 191 44.63 -30.62 38.88
C MET K 191 43.40 -31.35 39.42
N ALA K 192 42.40 -31.52 38.56
CA ALA K 192 41.24 -32.33 38.87
C ALA K 192 40.45 -31.76 40.04
N ALA K 193 40.94 -30.67 40.62
CA ALA K 193 40.22 -29.94 41.65
C ALA K 193 39.91 -28.51 41.22
N TYR K 194 40.84 -27.88 40.52
CA TYR K 194 40.56 -26.67 39.76
C TYR K 194 40.43 -26.93 38.28
N MET K 195 41.29 -27.80 37.72
CA MET K 195 41.18 -28.16 36.32
C MET K 195 39.84 -28.81 36.01
N SER K 196 39.38 -29.68 36.91
CA SER K 196 38.16 -30.44 36.64
C SER K 196 36.96 -29.52 36.50
N THR K 197 36.78 -28.58 37.42
CA THR K 197 35.57 -27.76 37.39
C THR K 197 35.74 -26.57 36.45
N ARG K 198 36.24 -26.82 35.25
CA ARG K 198 36.34 -25.81 34.20
C ARG K 198 35.34 -26.16 33.12
N VAL K 199 34.36 -25.28 32.92
CA VAL K 199 33.29 -25.53 31.96
C VAL K 199 33.55 -24.64 30.75
N PHE K 200 33.91 -25.27 29.63
CA PHE K 200 34.21 -24.54 28.41
C PHE K 200 32.96 -24.27 27.58
N ASP K 201 31.79 -24.64 28.07
CA ASP K 201 30.55 -24.40 27.33
C ASP K 201 30.01 -22.99 27.54
N ASP K 202 30.68 -22.17 28.35
CA ASP K 202 30.28 -20.79 28.55
C ASP K 202 31.20 -19.86 27.76
N ALA K 203 30.73 -18.64 27.55
CA ALA K 203 31.54 -17.63 26.90
C ALA K 203 32.72 -17.24 27.77
N ASN K 204 33.87 -17.02 27.13
CA ASN K 204 35.06 -16.47 27.78
C ASN K 204 35.58 -17.34 28.90
N SER K 205 35.35 -18.65 28.81
CA SER K 205 35.83 -19.59 29.82
C SER K 205 37.14 -20.25 29.43
N ALA K 206 38.13 -19.45 29.08
CA ALA K 206 39.44 -19.96 28.71
C ALA K 206 40.42 -19.54 29.79
N TYR K 207 40.85 -20.50 30.60
CA TYR K 207 41.78 -20.22 31.69
C TYR K 207 43.22 -20.43 31.23
N THR K 208 43.50 -19.87 30.05
CA THR K 208 44.67 -20.23 29.26
C THR K 208 45.93 -20.42 30.10
N LEU K 209 46.03 -19.74 31.24
CA LEU K 209 47.25 -19.77 32.04
C LEU K 209 47.35 -20.99 32.93
N LYS K 210 46.44 -21.12 33.90
CA LYS K 210 46.65 -21.96 35.07
C LYS K 210 47.92 -21.55 35.82
N PHE K 211 48.25 -20.26 35.78
CA PHE K 211 49.58 -19.77 36.14
C PHE K 211 49.60 -18.99 37.44
N LYS K 212 48.49 -18.39 37.87
CA LYS K 212 48.41 -17.79 39.20
C LYS K 212 47.11 -18.21 39.86
N LYS K 213 47.12 -19.41 40.44
CA LYS K 213 45.90 -19.99 41.01
C LYS K 213 46.21 -20.56 42.39
N ALA K 214 45.35 -20.25 43.35
CA ALA K 214 45.44 -20.58 44.76
C ALA K 214 44.71 -21.88 45.07
N PRO K 215 45.39 -22.86 45.67
CA PRO K 215 44.71 -24.07 46.13
C PRO K 215 43.99 -23.80 47.45
N GLY K 216 43.30 -24.83 47.95
CA GLY K 216 42.54 -24.69 49.16
C GLY K 216 43.39 -24.32 50.37
N VAL K 217 44.23 -25.24 50.82
CA VAL K 217 45.17 -25.00 51.92
C VAL K 217 46.47 -25.72 51.58
N ARG K 218 47.59 -25.02 51.66
CA ARG K 218 48.89 -25.65 51.48
C ARG K 218 49.98 -24.70 51.94
N ALA K 219 51.22 -25.12 51.72
CA ALA K 219 52.40 -24.39 52.14
C ALA K 219 53.33 -24.14 50.96
N ILE K 220 54.14 -23.10 51.10
CA ILE K 220 55.05 -22.64 50.07
C ILE K 220 56.40 -23.33 50.24
N ASP K 221 57.20 -23.30 49.19
CA ASP K 221 58.62 -23.62 49.30
C ASP K 221 59.39 -22.32 49.55
N LYS K 222 60.72 -22.37 49.44
CA LYS K 222 61.57 -21.24 49.77
C LYS K 222 62.60 -20.97 48.69
N GLY K 223 63.01 -19.72 48.57
CA GLY K 223 64.12 -19.33 47.70
C GLY K 223 63.77 -18.36 46.59
N SER K 224 64.80 -17.82 45.95
CA SER K 224 64.63 -16.97 44.77
C SER K 224 65.41 -17.45 43.57
N ALA K 225 66.70 -17.74 43.74
CA ALA K 225 67.52 -18.28 42.66
C ALA K 225 67.40 -19.80 42.56
N VAL K 226 66.66 -20.42 43.47
CA VAL K 226 66.35 -21.85 43.37
C VAL K 226 65.04 -22.08 42.64
N VAL K 227 64.23 -21.04 42.44
CA VAL K 227 62.94 -21.13 41.77
C VAL K 227 63.13 -20.96 40.27
N THR K 228 64.37 -20.79 39.83
CA THR K 228 64.66 -20.73 38.40
C THR K 228 65.43 -21.94 37.91
N ALA K 229 66.17 -22.63 38.79
CA ALA K 229 66.63 -23.96 38.46
C ALA K 229 65.45 -24.90 38.27
N ILE K 230 64.55 -24.93 39.25
CA ILE K 230 63.23 -25.48 39.02
C ILE K 230 62.42 -24.47 38.21
N THR K 231 61.45 -24.98 37.45
CA THR K 231 60.58 -24.22 36.55
C THR K 231 61.33 -23.59 35.39
N GLY K 232 62.66 -23.68 35.35
CA GLY K 232 63.46 -23.19 34.25
C GLY K 232 63.06 -21.85 33.63
N PHE K 233 62.54 -20.94 34.44
CA PHE K 233 61.96 -19.69 33.95
C PHE K 233 62.96 -18.55 34.14
N VAL K 234 63.37 -17.94 33.02
CA VAL K 234 64.19 -16.73 33.09
C VAL K 234 63.27 -15.52 33.11
N GLU K 235 63.82 -14.38 33.54
CA GLU K 235 62.99 -13.25 33.96
C GLU K 235 62.09 -12.77 32.83
N GLN K 236 62.67 -12.20 31.78
CA GLN K 236 61.91 -11.57 30.71
C GLN K 236 62.05 -12.30 29.39
N THR K 237 63.09 -13.11 29.22
CA THR K 237 63.27 -13.87 27.98
C THR K 237 62.13 -14.87 27.77
N GLY K 238 61.79 -15.62 28.80
CA GLY K 238 60.80 -16.66 28.64
C GLY K 238 61.08 -17.85 29.52
N GLN K 239 61.21 -19.01 28.89
CA GLN K 239 61.57 -20.25 29.58
C GLN K 239 62.60 -20.98 28.74
N SER K 240 63.77 -21.25 29.31
CA SER K 240 64.89 -21.84 28.59
C SER K 240 65.11 -23.27 29.08
N GLU K 241 65.32 -24.18 28.12
CA GLU K 241 65.44 -25.59 28.45
C GLU K 241 66.77 -25.92 29.12
N SER K 242 67.87 -25.33 28.64
CA SER K 242 69.18 -25.64 29.17
C SER K 242 69.39 -25.08 30.57
N ALA K 243 68.75 -23.95 30.88
CA ALA K 243 68.97 -23.24 32.14
C ALA K 243 67.93 -23.55 33.20
N GLY K 244 67.46 -24.79 33.28
CA GLY K 244 66.54 -25.16 34.33
C GLY K 244 65.74 -26.38 33.95
N HIS K 245 64.93 -26.83 34.92
CA HIS K 245 64.06 -27.99 34.74
C HIS K 245 62.64 -27.60 35.11
N CYS K 246 61.71 -27.85 34.20
CA CYS K 246 60.33 -27.37 34.33
C CYS K 246 59.62 -28.13 35.44
N ALA K 247 58.92 -27.40 36.30
CA ALA K 247 58.07 -27.98 37.34
C ALA K 247 57.23 -26.88 37.96
N ASN K 248 56.48 -27.22 38.99
CA ASN K 248 55.55 -26.28 39.60
C ASN K 248 55.73 -26.31 41.11
N THR K 249 55.83 -25.12 41.72
CA THR K 249 56.30 -25.08 43.10
C THR K 249 55.45 -24.25 44.06
N LEU K 250 54.46 -23.49 43.60
CA LEU K 250 53.58 -22.72 44.48
C LEU K 250 54.37 -21.73 45.34
N ILE K 251 54.91 -20.71 44.67
CA ILE K 251 55.65 -19.65 45.33
C ILE K 251 54.70 -18.68 46.02
N ASP K 252 55.25 -17.78 46.84
CA ASP K 252 54.50 -16.66 47.38
C ASP K 252 55.33 -15.39 47.23
N ILE K 253 54.69 -14.32 46.73
CA ILE K 253 55.37 -13.07 46.43
C ILE K 253 54.95 -11.95 47.37
N GLY K 254 53.67 -11.62 47.39
CA GLY K 254 53.20 -10.63 48.34
C GLY K 254 52.80 -11.30 49.63
N ASP K 255 51.57 -11.08 50.07
CA ASP K 255 50.98 -11.92 51.10
C ASP K 255 50.17 -13.05 50.51
N GLN K 256 50.22 -13.25 49.19
CA GLN K 256 49.44 -14.28 48.52
C GLN K 256 50.34 -15.44 48.14
N GLU K 257 49.79 -16.65 48.13
CA GLU K 257 50.47 -17.84 47.64
C GLU K 257 49.71 -18.35 46.43
N PHE K 258 50.43 -18.72 45.37
CA PHE K 258 49.79 -19.14 44.14
C PHE K 258 50.73 -20.03 43.34
N LEU K 259 50.15 -20.84 42.47
CA LEU K 259 50.93 -21.73 41.62
C LEU K 259 51.74 -20.91 40.64
N VAL K 260 52.87 -21.46 40.19
CA VAL K 260 53.74 -20.71 39.29
C VAL K 260 54.23 -21.62 38.18
N GLU K 261 54.64 -20.99 37.08
CA GLU K 261 55.01 -21.52 35.78
C GLU K 261 53.81 -22.05 35.00
N GLY K 262 52.63 -22.09 35.58
CA GLY K 262 51.46 -22.51 34.83
C GLY K 262 51.49 -23.94 34.32
N SER K 263 52.23 -24.81 34.99
CA SER K 263 52.28 -26.24 34.66
C SER K 263 52.74 -26.46 33.21
N THR K 264 53.98 -26.10 32.97
CA THR K 264 54.57 -26.43 31.68
C THR K 264 54.83 -27.94 31.58
N LEU K 265 55.04 -28.39 30.36
CA LEU K 265 55.43 -29.76 30.06
C LEU K 265 56.79 -29.85 29.42
N THR K 266 57.05 -29.02 28.41
CA THR K 266 58.35 -28.85 27.78
C THR K 266 58.55 -27.34 27.70
N GLN K 267 59.50 -26.90 26.87
CA GLN K 267 60.05 -25.56 26.98
C GLN K 267 58.95 -24.49 27.04
N ASN K 268 57.98 -24.55 26.13
CA ASN K 268 56.92 -23.54 26.08
C ASN K 268 55.56 -24.16 25.77
N VAL K 269 55.22 -25.24 26.46
CA VAL K 269 53.96 -25.93 26.28
C VAL K 269 53.27 -25.92 27.62
N PHE K 270 52.04 -25.40 27.67
CA PHE K 270 51.36 -25.19 28.94
C PHE K 270 50.17 -26.13 29.08
N LEU K 271 49.67 -26.22 30.31
CA LEU K 271 48.67 -27.24 30.64
C LEU K 271 47.31 -26.92 30.03
N ASP K 272 46.93 -25.64 29.97
CA ASP K 272 45.61 -25.31 29.47
C ASP K 272 45.47 -25.61 27.98
N GLU K 273 46.55 -25.48 27.21
CA GLU K 273 46.46 -25.87 25.80
C GLU K 273 46.02 -27.32 25.67
N ILE K 274 46.69 -28.22 26.40
CA ILE K 274 46.34 -29.63 26.34
C ILE K 274 44.93 -29.86 26.84
N HIS K 275 44.58 -29.25 27.97
CA HIS K 275 43.25 -29.46 28.54
C HIS K 275 42.15 -29.01 27.59
N ALA K 276 42.32 -27.83 26.97
CA ALA K 276 41.29 -27.28 26.10
C ALA K 276 41.17 -28.07 24.80
N THR K 277 42.29 -28.43 24.19
CA THR K 277 42.21 -29.23 22.97
C THR K 277 41.61 -30.61 23.25
N ASP K 278 41.89 -31.17 24.42
CA ASP K 278 41.28 -32.45 24.77
C ASP K 278 39.79 -32.30 25.03
N TRP K 279 39.37 -31.16 25.57
CA TRP K 279 37.93 -30.90 25.63
C TRP K 279 37.32 -30.84 24.24
N ILE K 280 38.02 -30.22 23.29
CA ILE K 280 37.50 -30.15 21.92
C ILE K 280 37.32 -31.55 21.35
N ILE K 281 38.32 -32.41 21.54
CA ILE K 281 38.26 -33.76 20.99
C ILE K 281 37.13 -34.55 21.65
N ALA K 282 37.07 -34.50 22.98
CA ALA K 282 36.04 -35.25 23.69
C ALA K 282 34.64 -34.75 23.41
N ARG K 283 34.49 -33.47 23.06
CA ARG K 283 33.18 -32.93 22.69
C ARG K 283 32.77 -33.37 21.29
N THR K 284 33.72 -33.38 20.35
CA THR K 284 33.40 -33.89 19.02
C THR K 284 33.03 -35.37 19.07
N GLU K 285 33.70 -36.14 19.93
CA GLU K 285 33.31 -37.54 20.11
C GLU K 285 31.86 -37.66 20.57
N GLU K 286 31.48 -36.87 21.57
CA GLU K 286 30.13 -36.96 22.12
C GLU K 286 29.09 -36.56 21.09
N GLU K 287 29.36 -35.50 20.32
CA GLU K 287 28.40 -35.08 19.30
C GLU K 287 28.30 -36.08 18.17
N MET K 288 29.42 -36.71 17.78
CA MET K 288 29.36 -37.76 16.78
C MET K 288 28.49 -38.92 17.27
N LEU K 289 28.70 -39.35 18.51
CA LEU K 289 27.89 -40.45 19.03
C LEU K 289 26.42 -40.07 19.11
N SER K 290 26.12 -38.85 19.52
CA SER K 290 24.74 -38.39 19.55
C SER K 290 24.12 -38.27 18.16
N LEU K 291 24.93 -38.11 17.11
CA LEU K 291 24.43 -38.18 15.75
C LEU K 291 24.11 -39.59 15.29
N PHE K 292 24.88 -40.59 15.73
CA PHE K 292 24.62 -41.96 15.33
C PHE K 292 23.42 -42.57 16.03
N LEU K 293 22.97 -41.99 17.15
CA LEU K 293 21.84 -42.54 17.89
C LEU K 293 20.51 -41.92 17.49
N ASN K 294 20.50 -40.71 16.92
CA ASN K 294 19.25 -40.08 16.52
C ASN K 294 18.77 -40.59 15.17
N ASN K 295 19.67 -40.58 14.18
CA ASN K 295 19.29 -40.96 12.82
C ASN K 295 18.97 -42.44 12.74
N ASP K 296 18.10 -42.78 11.79
CA ASP K 296 17.97 -44.18 11.39
C ASP K 296 19.33 -44.70 10.94
N ARG K 297 19.85 -44.15 9.84
CA ARG K 297 21.20 -44.44 9.36
C ARG K 297 21.90 -43.17 8.92
N VAL K 298 23.19 -43.29 8.68
CA VAL K 298 24.00 -42.30 7.98
C VAL K 298 24.50 -42.94 6.68
N PRO K 299 23.99 -42.56 5.52
CA PRO K 299 24.36 -43.25 4.28
C PRO K 299 25.79 -42.96 3.85
N PHE K 300 26.30 -43.85 3.01
CA PHE K 300 27.67 -43.77 2.50
C PHE K 300 27.67 -43.03 1.16
N THR K 301 27.23 -41.78 1.20
CA THR K 301 27.19 -40.92 0.03
C THR K 301 27.83 -39.59 0.38
N ASP K 302 27.71 -38.62 -0.52
CA ASP K 302 28.20 -37.27 -0.23
C ASP K 302 27.29 -36.55 0.76
N GLN K 303 25.99 -36.82 0.71
CA GLN K 303 25.07 -36.25 1.68
C GLN K 303 25.41 -36.72 3.08
N GLY K 304 25.78 -38.00 3.23
CA GLY K 304 26.27 -38.49 4.50
C GLY K 304 27.55 -37.84 4.98
N MET K 305 28.49 -37.58 4.06
CA MET K 305 29.71 -36.90 4.44
C MET K 305 29.44 -35.49 4.95
N GLN K 306 28.53 -34.77 4.30
CA GLN K 306 28.17 -33.44 4.79
C GLN K 306 27.45 -33.52 6.13
N GLN K 307 26.58 -34.52 6.30
CA GLN K 307 25.93 -34.70 7.60
C GLN K 307 26.94 -34.96 8.71
N LEU K 308 27.96 -35.78 8.42
CA LEU K 308 29.02 -36.01 9.40
C LEU K 308 29.82 -34.75 9.67
N ALA K 309 30.17 -34.01 8.62
CA ALA K 309 31.01 -32.82 8.78
C ALA K 309 30.27 -31.68 9.43
N SER K 310 28.96 -31.76 9.56
CA SER K 310 28.21 -30.73 10.28
C SER K 310 28.60 -30.63 11.75
N VAL K 311 29.24 -31.65 12.31
CA VAL K 311 29.57 -31.70 13.74
C VAL K 311 30.78 -30.84 14.07
N PRO K 312 31.94 -31.01 13.41
CA PRO K 312 33.05 -30.09 13.69
C PRO K 312 32.74 -28.63 13.42
N ARG K 313 31.84 -28.34 12.48
CA ARG K 313 31.48 -26.95 12.23
C ARG K 313 30.82 -26.30 13.44
N ALA K 314 29.94 -27.01 14.13
CA ALA K 314 29.35 -26.51 15.36
C ALA K 314 30.34 -26.47 16.51
N ILE K 315 31.22 -27.48 16.59
CA ILE K 315 32.19 -27.49 17.69
C ILE K 315 33.17 -26.33 17.57
N MET K 316 33.55 -25.98 16.34
CA MET K 316 34.50 -24.87 16.18
C MET K 316 33.85 -23.53 16.55
N GLN K 317 32.58 -23.35 16.23
CA GLN K 317 31.90 -22.13 16.66
C GLN K 317 31.74 -22.09 18.16
N LEU K 318 31.49 -23.24 18.79
CA LEU K 318 31.48 -23.31 20.25
C LEU K 318 32.83 -22.96 20.86
N ALA K 319 33.93 -23.43 20.28
CA ALA K 319 35.27 -23.20 20.79
C ALA K 319 35.75 -21.77 20.57
N ALA K 320 35.42 -21.15 19.45
CA ALA K 320 35.82 -19.77 19.22
C ALA K 320 35.13 -18.81 20.17
N ARG K 321 33.97 -19.20 20.69
CA ARG K 321 33.25 -18.36 21.64
C ARG K 321 33.89 -18.40 23.02
N ALA K 322 34.37 -19.57 23.43
CA ALA K 322 35.02 -19.69 24.74
C ALA K 322 36.31 -18.88 24.79
N GLY K 323 36.98 -18.73 23.66
CA GLY K 323 38.22 -17.97 23.61
C GLY K 323 39.42 -18.84 23.32
N ILE K 324 39.19 -20.07 22.88
CA ILE K 324 40.27 -21.02 22.61
C ILE K 324 40.79 -20.81 21.21
N VAL K 325 39.89 -20.54 20.27
CA VAL K 325 40.24 -20.30 18.88
C VAL K 325 40.37 -18.80 18.65
N ALA K 326 41.28 -18.43 17.76
CA ALA K 326 41.67 -17.03 17.59
C ALA K 326 40.60 -16.23 16.86
N LEU K 327 40.82 -14.92 16.80
CA LEU K 327 39.87 -13.97 16.24
C LEU K 327 40.25 -13.53 14.83
N ASP K 328 40.28 -14.48 13.90
CA ASP K 328 40.09 -14.20 12.47
C ASP K 328 41.04 -13.14 11.90
N LEU K 329 42.16 -12.91 12.56
CA LEU K 329 43.12 -11.90 12.10
C LEU K 329 44.52 -12.47 12.15
N ASN K 330 45.33 -12.12 11.17
CA ASN K 330 46.71 -12.59 11.10
C ASN K 330 47.51 -12.06 12.28
N PRO K 331 48.13 -12.91 13.09
CA PRO K 331 48.87 -12.41 14.25
C PRO K 331 50.12 -11.63 13.88
N LEU K 332 50.65 -11.83 12.67
CA LEU K 332 51.86 -11.13 12.25
C LEU K 332 51.53 -9.69 11.85
N THR K 333 50.60 -9.50 10.93
CA THR K 333 50.35 -8.21 10.32
C THR K 333 49.00 -7.61 10.66
N GLY K 334 48.08 -8.36 11.24
CA GLY K 334 46.76 -7.86 11.52
C GLY K 334 45.81 -7.87 10.34
N ALA K 335 46.23 -8.45 9.22
CA ALA K 335 45.37 -8.58 8.05
C ALA K 335 44.39 -9.73 8.26
N TYR K 336 43.35 -9.77 7.43
CA TYR K 336 42.32 -10.79 7.56
C TYR K 336 42.86 -12.17 7.21
N GLU K 337 42.53 -13.15 8.04
CA GLU K 337 42.86 -14.54 7.78
C GLU K 337 41.83 -15.43 8.47
N PRO K 338 41.32 -16.46 7.79
CA PRO K 338 40.33 -17.35 8.44
C PRO K 338 40.92 -18.05 9.65
N ALA K 339 40.11 -18.15 10.71
CA ALA K 339 40.57 -18.79 11.94
C ALA K 339 40.60 -20.30 11.81
N TYR K 340 39.58 -20.87 11.16
CA TYR K 340 39.48 -22.32 10.99
C TYR K 340 38.80 -22.64 9.68
N THR K 341 39.20 -23.76 9.07
CA THR K 341 38.55 -24.27 7.86
C THR K 341 38.22 -25.74 8.06
N ILE K 342 37.20 -26.22 7.36
CA ILE K 342 36.78 -27.61 7.39
C ILE K 342 36.62 -28.09 5.96
N THR K 343 37.38 -29.12 5.58
CA THR K 343 37.33 -29.67 4.24
C THR K 343 36.80 -31.10 4.28
N VAL K 344 35.78 -31.38 3.49
CA VAL K 344 35.07 -32.65 3.46
C VAL K 344 35.56 -33.43 2.25
N PRO K 345 35.93 -34.70 2.39
CA PRO K 345 36.40 -35.47 1.24
C PRO K 345 35.27 -35.99 0.38
N SER K 346 35.63 -36.58 -0.75
CA SER K 346 34.67 -37.20 -1.64
C SER K 346 34.74 -38.71 -1.50
N VAL K 347 33.58 -39.36 -1.35
CA VAL K 347 33.51 -40.81 -1.49
C VAL K 347 33.53 -41.24 -2.94
N PHE K 348 33.39 -40.29 -3.87
CA PHE K 348 33.14 -40.61 -5.27
C PHE K 348 34.26 -41.42 -5.89
N ASP K 349 35.50 -40.95 -5.79
CA ASP K 349 36.64 -41.63 -6.37
C ASP K 349 37.33 -42.57 -5.41
N ILE K 350 36.87 -42.65 -4.16
CA ILE K 350 37.26 -43.75 -3.28
C ILE K 350 36.60 -44.99 -3.85
N PRO K 351 37.37 -46.01 -4.23
CA PRO K 351 36.78 -47.15 -4.94
C PRO K 351 35.73 -47.88 -4.11
N GLU K 352 34.83 -48.55 -4.83
CA GLU K 352 33.90 -49.48 -4.19
C GLU K 352 34.66 -50.62 -3.52
N SER K 353 35.88 -50.89 -3.99
CA SER K 353 36.73 -51.85 -3.30
C SER K 353 36.94 -51.45 -1.85
N GLN K 354 37.02 -50.14 -1.60
CA GLN K 354 37.14 -49.64 -0.23
C GLN K 354 35.81 -49.21 0.37
N ARG K 355 34.80 -48.93 -0.47
CA ARG K 355 33.50 -48.49 0.01
C ARG K 355 32.83 -49.52 0.91
N LYS K 356 32.99 -50.80 0.62
CA LYS K 356 32.34 -51.84 1.40
C LYS K 356 32.88 -51.93 2.82
N ALA K 357 33.87 -51.10 3.17
CA ALA K 357 34.49 -51.18 4.49
C ALA K 357 33.58 -50.67 5.60
N ARG K 358 32.63 -49.81 5.27
CA ARG K 358 31.78 -49.11 6.26
C ARG K 358 32.63 -48.23 7.18
N ILE K 359 33.80 -47.86 6.71
CA ILE K 359 34.66 -46.90 7.40
C ILE K 359 34.74 -45.67 6.53
N ALA K 360 34.24 -44.55 7.04
CA ALA K 360 34.17 -43.33 6.27
C ALA K 360 35.56 -42.73 6.07
N PRO K 361 35.75 -41.98 4.98
CA PRO K 361 37.02 -41.24 4.81
C PRO K 361 37.18 -40.13 5.84
N ALA K 362 38.41 -39.63 5.98
CA ALA K 362 38.75 -38.70 7.03
C ALA K 362 38.41 -37.26 6.67
N ILE K 363 37.90 -36.52 7.64
CA ILE K 363 37.61 -35.10 7.51
C ILE K 363 38.73 -34.32 8.20
N GLN K 364 39.21 -33.28 7.53
CA GLN K 364 40.34 -32.50 8.01
C GLN K 364 39.89 -31.12 8.44
N VAL K 365 40.39 -30.67 9.61
CA VAL K 365 40.00 -29.39 10.19
C VAL K 365 41.27 -28.60 10.51
N ARG K 366 41.14 -27.28 10.54
CA ARG K 366 42.27 -26.37 10.73
C ARG K 366 42.02 -25.48 11.94
N PHE K 367 43.10 -25.02 12.54
CA PHE K 367 43.07 -24.38 13.85
C PHE K 367 43.73 -23.02 13.84
N ARG K 368 43.67 -22.35 14.98
CA ARG K 368 44.63 -21.31 15.35
C ARG K 368 44.39 -21.04 16.82
N TYR K 369 45.44 -21.12 17.62
CA TYR K 369 45.29 -20.99 19.07
C TYR K 369 45.35 -19.53 19.49
N ALA K 370 44.61 -19.20 20.54
CA ALA K 370 44.65 -17.89 21.15
C ALA K 370 45.25 -18.01 22.55
N GLY K 371 46.45 -17.48 22.72
CA GLY K 371 47.14 -17.57 23.99
C GLY K 371 46.77 -16.44 24.93
N ALA K 372 47.57 -16.31 25.99
CA ALA K 372 47.35 -15.27 26.99
C ALA K 372 48.70 -14.78 27.50
N VAL K 373 48.67 -13.94 28.53
CA VAL K 373 49.83 -13.16 28.96
C VAL K 373 50.34 -13.70 30.30
N HIS K 374 51.65 -13.87 30.41
CA HIS K 374 52.30 -14.30 31.65
C HIS K 374 53.19 -13.24 32.29
N TYR K 375 53.59 -12.21 31.55
CA TYR K 375 54.64 -11.30 31.99
C TYR K 375 54.40 -9.94 31.37
N SER K 376 54.60 -8.88 32.15
CA SER K 376 54.28 -7.52 31.73
C SER K 376 55.50 -6.63 31.89
N VAL K 377 55.54 -5.54 31.12
CA VAL K 377 56.65 -4.59 31.15
C VAL K 377 56.09 -3.17 31.13
N ILE K 378 56.65 -2.29 31.96
CA ILE K 378 56.30 -0.88 32.01
C ILE K 378 57.58 -0.07 32.16
N ASN K 379 57.69 1.04 31.44
CA ASN K 379 58.97 1.74 31.31
C ASN K 379 59.15 2.97 32.20
N TYR K 380 58.19 3.89 32.26
CA TYR K 380 58.22 4.99 33.26
C TYR K 380 59.45 5.88 33.12
N THR K 381 59.49 6.66 32.04
CA THR K 381 60.49 7.72 31.91
C THR K 381 60.07 8.94 32.74
N MET K 382 61.06 9.59 33.36
CA MET K 382 60.81 10.73 34.24
C MET K 382 61.56 11.94 33.72
N THR K 383 60.92 13.11 33.74
CA THR K 383 61.51 14.29 33.12
C THR K 383 61.70 15.47 34.05
N PHE K 384 61.00 15.51 35.19
CA PHE K 384 61.12 16.62 36.13
C PHE K 384 60.76 17.95 35.48
N LYS L 3 -52.27 0.31 61.77
CA LYS L 3 -52.08 0.44 60.33
C LYS L 3 -51.98 -0.93 59.70
N LEU L 4 -50.86 -1.20 59.04
CA LEU L 4 -50.58 -2.52 58.47
C LEU L 4 -49.13 -2.84 58.75
N PRO L 5 -48.78 -4.11 58.85
CA PRO L 5 -47.37 -4.47 59.05
C PRO L 5 -46.57 -4.33 57.77
N TYR L 6 -45.25 -4.31 57.91
CA TYR L 6 -44.39 -4.36 56.73
C TYR L 6 -44.39 -5.73 56.10
N SER L 7 -44.84 -6.76 56.82
CA SER L 7 -44.95 -8.10 56.26
C SER L 7 -46.01 -8.18 55.17
N ARG L 8 -46.72 -7.09 54.90
CA ARG L 8 -47.65 -7.05 53.79
C ARG L 8 -46.94 -7.02 52.45
N VAL L 9 -45.74 -6.44 52.37
CA VAL L 9 -45.02 -6.33 51.11
C VAL L 9 -43.68 -7.03 51.12
N THR L 10 -43.12 -7.39 52.28
CA THR L 10 -41.85 -8.10 52.35
C THR L 10 -41.97 -9.19 53.40
N ASN L 11 -40.89 -9.95 53.57
CA ASN L 11 -40.83 -10.99 54.59
C ASN L 11 -39.38 -11.08 55.06
N VAL L 12 -39.09 -10.51 56.22
CA VAL L 12 -37.76 -10.53 56.80
C VAL L 12 -37.83 -11.30 58.11
N THR L 13 -37.01 -12.35 58.23
CA THR L 13 -37.01 -13.19 59.41
C THR L 13 -35.64 -13.15 60.09
N LEU L 14 -35.48 -13.96 61.14
CA LEU L 14 -34.21 -14.06 61.85
C LEU L 14 -34.24 -15.35 62.66
N THR L 15 -33.26 -16.22 62.44
CA THR L 15 -33.07 -17.43 63.23
C THR L 15 -31.70 -17.40 63.89
N ARG L 16 -31.50 -18.30 64.85
CA ARG L 16 -30.23 -18.45 65.56
C ARG L 16 -29.63 -19.79 65.14
N THR L 17 -28.94 -19.82 64.01
CA THR L 17 -28.31 -21.04 63.52
C THR L 17 -27.04 -20.63 62.76
N ASP L 18 -26.32 -21.62 62.25
CA ASP L 18 -25.10 -21.41 61.49
C ASP L 18 -25.35 -21.82 60.05
N ASN L 19 -25.03 -20.92 59.12
CA ASN L 19 -25.19 -21.17 57.70
C ASN L 19 -23.89 -20.88 56.97
N PHE L 20 -23.47 -21.83 56.14
CA PHE L 20 -22.28 -21.71 55.33
C PHE L 20 -22.68 -21.70 53.87
N PRO L 21 -21.85 -21.16 52.99
CA PRO L 21 -22.15 -21.21 51.55
C PRO L 21 -22.18 -22.63 51.02
N THR L 22 -22.88 -22.79 49.90
CA THR L 22 -23.21 -24.13 49.41
C THR L 22 -22.00 -24.82 48.80
N ARG L 23 -21.43 -24.25 47.74
CA ARG L 23 -20.21 -24.78 47.12
C ARG L 23 -20.41 -26.23 46.66
N ARG L 24 -21.21 -26.35 45.60
CA ARG L 24 -21.41 -27.65 44.95
C ARG L 24 -20.08 -28.25 44.53
N GLY L 25 -20.04 -29.57 44.44
CA GLY L 25 -18.81 -30.26 44.12
C GLY L 25 -19.01 -31.47 43.24
N PHE L 26 -18.34 -32.59 43.55
CA PHE L 26 -18.42 -33.75 42.66
C PHE L 26 -19.47 -34.77 43.09
N GLY L 27 -19.31 -35.38 44.26
CA GLY L 27 -19.97 -36.66 44.49
C GLY L 27 -20.98 -36.80 45.62
N THR L 28 -21.39 -38.05 45.88
CA THR L 28 -22.28 -38.41 46.98
C THR L 28 -21.79 -39.70 47.64
N GLN L 29 -22.08 -39.85 48.93
CA GLN L 29 -21.74 -41.07 49.66
C GLN L 29 -22.99 -41.85 50.05
N LEU L 30 -22.79 -43.10 50.45
CA LEU L 30 -23.87 -44.00 50.84
C LEU L 30 -23.68 -44.45 52.28
N ILE L 31 -24.78 -44.47 53.04
CA ILE L 31 -24.80 -44.89 54.43
C ILE L 31 -25.72 -46.10 54.53
N LEU L 32 -25.14 -47.29 54.64
CA LEU L 32 -25.90 -48.52 54.71
C LEU L 32 -25.91 -49.04 56.13
N THR L 33 -27.10 -49.38 56.64
CA THR L 33 -27.26 -50.00 57.94
C THR L 33 -28.46 -50.93 57.89
N HIS L 34 -28.93 -51.34 59.07
CA HIS L 34 -30.07 -52.24 59.16
C HIS L 34 -31.33 -51.55 59.67
N THR L 35 -31.22 -50.31 60.13
CA THR L 35 -32.39 -49.58 60.62
C THR L 35 -33.31 -49.19 59.47
N ALA L 36 -34.61 -49.27 59.71
CA ALA L 36 -35.62 -48.79 58.77
C ALA L 36 -36.55 -47.81 59.49
N VAL L 37 -37.04 -46.82 58.74
CA VAL L 37 -37.84 -45.75 59.35
C VAL L 37 -39.32 -45.90 59.07
N SER L 38 -39.73 -46.80 58.18
CA SER L 38 -41.11 -47.23 57.93
C SER L 38 -41.97 -46.18 57.25
N GLY L 39 -41.49 -44.95 57.11
CA GLY L 39 -42.26 -43.92 56.45
C GLY L 39 -41.62 -43.47 55.16
N GLN L 40 -40.33 -43.78 55.01
CA GLN L 40 -39.55 -43.34 53.87
C GLN L 40 -38.60 -44.37 53.29
N VAL L 41 -38.46 -45.55 53.89
CA VAL L 41 -37.65 -46.61 53.33
C VAL L 41 -38.40 -47.94 53.31
N ASP L 42 -39.65 -47.95 53.74
CA ASP L 42 -40.34 -49.19 54.10
C ASP L 42 -40.63 -49.98 52.83
N ALA L 43 -39.59 -50.64 52.33
CA ALA L 43 -39.64 -51.53 51.16
C ALA L 43 -39.95 -50.77 49.89
N THR L 44 -40.25 -49.48 50.00
CA THR L 44 -40.53 -48.64 48.84
C THR L 44 -39.30 -47.92 48.33
N LYS L 45 -38.29 -47.77 49.17
CA LYS L 45 -37.07 -47.04 48.84
C LYS L 45 -35.90 -47.78 49.50
N ARG L 46 -35.24 -48.66 48.76
CA ARG L 46 -33.99 -49.22 49.24
C ARG L 46 -32.96 -48.14 49.50
N THR L 47 -33.07 -47.00 48.85
CA THR L 47 -32.32 -45.79 49.17
C THR L 47 -33.30 -44.63 49.14
N LYS L 48 -32.96 -43.55 49.83
CA LYS L 48 -33.74 -42.34 49.82
C LYS L 48 -32.80 -41.14 49.87
N LEU L 49 -33.09 -40.12 49.07
CA LEU L 49 -32.29 -38.91 49.06
C LEU L 49 -32.89 -37.87 49.99
N TYR L 50 -32.13 -36.82 50.23
CA TYR L 50 -32.53 -35.73 51.12
C TYR L 50 -32.18 -34.41 50.46
N ALA L 51 -32.18 -33.36 51.25
CA ALA L 51 -31.68 -32.07 50.84
C ALA L 51 -30.73 -31.45 51.84
N SER L 52 -31.00 -31.60 53.13
CA SER L 52 -30.22 -30.98 54.19
C SER L 52 -30.44 -31.82 55.45
N LEU L 53 -29.56 -31.61 56.43
CA LEU L 53 -29.66 -32.37 57.67
C LEU L 53 -30.85 -31.92 58.52
N ALA L 54 -31.06 -30.61 58.63
CA ALA L 54 -32.09 -30.09 59.51
C ALA L 54 -33.45 -30.69 59.18
N GLU L 55 -33.74 -30.86 57.90
CA GLU L 55 -35.02 -31.42 57.49
C GLU L 55 -35.14 -32.91 57.80
N VAL L 56 -34.21 -33.49 58.56
CA VAL L 56 -34.32 -34.90 58.92
C VAL L 56 -35.36 -35.07 60.02
N GLU L 57 -36.37 -35.84 59.75
CA GLU L 57 -37.36 -36.26 60.72
C GLU L 57 -37.57 -37.76 60.74
N ALA L 58 -37.46 -38.42 59.58
CA ALA L 58 -37.75 -39.86 59.50
C ALA L 58 -36.80 -40.66 60.38
N ASP L 59 -35.50 -40.34 60.35
CA ASP L 59 -34.55 -41.00 61.23
C ASP L 59 -34.35 -40.16 62.49
N TYR L 60 -34.49 -40.81 63.64
CA TYR L 60 -34.52 -40.13 64.92
C TYR L 60 -33.24 -39.34 65.15
N PRO L 61 -33.33 -38.12 65.68
CA PRO L 61 -32.11 -37.32 65.90
C PRO L 61 -31.22 -37.85 67.02
N ALA L 62 -31.49 -39.07 67.48
CA ALA L 62 -30.63 -39.68 68.49
C ALA L 62 -30.06 -41.02 68.06
N ASN L 63 -30.57 -41.63 66.99
CA ASN L 63 -30.11 -42.95 66.62
C ASN L 63 -28.65 -42.89 66.17
N THR L 64 -27.88 -43.90 66.60
CA THR L 64 -26.43 -43.84 66.39
C THR L 64 -26.08 -43.97 64.93
N SER L 65 -26.91 -44.68 64.16
CA SER L 65 -26.53 -45.04 62.79
C SER L 65 -26.61 -43.84 61.86
N VAL L 66 -27.81 -43.32 61.63
CA VAL L 66 -28.02 -42.38 60.53
C VAL L 66 -27.72 -40.95 60.98
N TYR L 67 -28.36 -40.50 62.06
CA TYR L 67 -28.20 -39.11 62.47
C TYR L 67 -26.77 -38.82 62.94
N LYS L 68 -26.17 -39.72 63.72
CA LYS L 68 -24.82 -39.46 64.20
C LYS L 68 -23.78 -39.56 63.10
N ALA L 69 -24.10 -40.17 61.97
CA ALA L 69 -23.21 -40.22 60.82
C ALA L 69 -23.44 -39.08 59.85
N ALA L 70 -24.71 -38.74 59.56
CA ALA L 70 -24.98 -37.55 58.79
C ALA L 70 -24.51 -36.30 59.52
N LEU L 71 -24.39 -36.39 60.84
CA LEU L 71 -23.90 -35.27 61.63
C LEU L 71 -22.47 -34.91 61.23
N SER L 72 -21.62 -35.91 61.02
CA SER L 72 -20.25 -35.62 60.59
C SER L 72 -20.13 -35.58 59.08
N ALA L 73 -21.13 -36.11 58.37
CA ALA L 73 -21.16 -35.96 56.92
C ALA L 73 -21.42 -34.51 56.51
N PHE L 74 -22.34 -33.84 57.19
CA PHE L 74 -22.75 -32.50 56.80
C PHE L 74 -21.99 -31.40 57.53
N SER L 75 -20.94 -31.75 58.26
CA SER L 75 -20.28 -30.81 59.15
C SER L 75 -18.95 -30.29 58.64
N GLN L 76 -18.78 -30.13 57.33
CA GLN L 76 -17.62 -29.42 56.81
C GLN L 76 -17.92 -27.94 56.64
N ASN L 77 -16.87 -27.13 56.58
CA ASN L 77 -17.06 -25.69 56.46
C ASN L 77 -17.81 -25.30 55.19
N PRO L 78 -17.52 -25.83 54.00
CA PRO L 78 -18.50 -25.77 52.92
C PRO L 78 -19.34 -27.04 52.89
N ARG L 79 -20.58 -26.90 52.45
CA ARG L 79 -21.24 -28.17 52.78
C ARG L 79 -21.64 -28.93 51.53
N PRO L 80 -21.59 -30.25 51.55
CA PRO L 80 -22.24 -31.02 50.48
C PRO L 80 -23.74 -30.96 50.58
N ILE L 81 -24.45 -31.62 49.66
CA ILE L 81 -25.91 -31.66 49.69
C ILE L 81 -26.36 -33.09 49.41
N ARG L 82 -27.64 -33.34 49.68
CA ARG L 82 -28.36 -34.57 49.30
C ARG L 82 -27.58 -35.83 49.62
N LEU L 83 -27.48 -36.14 50.91
CA LEU L 83 -26.99 -37.45 51.33
C LEU L 83 -27.97 -38.54 50.90
N LYS L 84 -27.42 -39.71 50.58
CA LYS L 84 -28.21 -40.87 50.18
C LYS L 84 -28.43 -41.79 51.36
N VAL L 85 -29.63 -41.69 51.94
CA VAL L 85 -29.98 -42.29 53.23
C VAL L 85 -30.27 -43.77 53.00
N GLY L 86 -30.37 -44.53 54.09
CA GLY L 86 -30.26 -45.97 54.01
C GLY L 86 -31.55 -46.76 54.18
N TYR L 87 -31.58 -47.90 53.49
CA TYR L 87 -32.49 -49.00 53.77
C TYR L 87 -31.82 -50.33 53.43
N ALA L 88 -30.55 -50.32 53.02
CA ALA L 88 -30.01 -51.33 52.12
C ALA L 88 -30.03 -52.74 52.68
N ALA L 89 -29.17 -53.03 53.65
CA ALA L 89 -29.12 -54.34 54.29
C ALA L 89 -29.92 -54.36 55.59
N THR L 90 -31.22 -54.07 55.49
CA THR L 90 -32.05 -54.03 56.69
C THR L 90 -32.00 -55.33 57.50
N PRO L 91 -32.02 -56.52 56.91
CA PRO L 91 -31.77 -57.73 57.71
C PRO L 91 -30.35 -57.73 58.28
N THR L 92 -30.19 -58.37 59.43
CA THR L 92 -28.93 -58.34 60.16
C THR L 92 -27.86 -59.20 59.52
N GLY L 93 -27.22 -58.70 58.47
CA GLY L 93 -26.04 -59.35 57.91
C GLY L 93 -26.34 -60.63 57.15
N GLY L 94 -27.11 -61.51 57.78
CA GLY L 94 -27.53 -62.73 57.14
C GLY L 94 -28.37 -63.55 58.10
N ASP L 95 -29.30 -64.32 57.53
CA ASP L 95 -30.13 -65.19 58.36
C ASP L 95 -29.25 -66.18 59.12
N ASP L 96 -28.25 -66.73 58.46
CA ASP L 96 -27.11 -67.36 59.12
C ASP L 96 -26.06 -66.26 59.20
N ALA L 97 -25.81 -65.76 60.42
CA ALA L 97 -24.98 -64.57 60.57
C ALA L 97 -23.59 -64.75 60.00
N ALA L 98 -22.95 -65.89 60.27
CA ALA L 98 -21.57 -66.07 59.82
C ALA L 98 -21.46 -66.16 58.31
N LYS L 99 -22.56 -66.44 57.62
CA LYS L 99 -22.55 -66.58 56.18
C LYS L 99 -22.64 -65.21 55.52
N LYS L 100 -21.71 -64.95 54.60
CA LYS L 100 -21.63 -63.70 53.89
C LYS L 100 -22.43 -63.69 52.59
N ALA L 101 -23.01 -64.84 52.22
CA ALA L 101 -23.79 -64.90 50.99
C ALA L 101 -25.01 -64.00 51.05
N ASP L 102 -25.71 -63.97 52.19
CA ASP L 102 -26.86 -63.09 52.33
C ASP L 102 -26.45 -61.63 52.25
N PHE L 103 -25.32 -61.26 52.86
CA PHE L 103 -24.84 -59.89 52.75
C PHE L 103 -24.46 -59.54 51.31
N ILE L 104 -23.86 -60.48 50.58
CA ILE L 104 -23.51 -60.22 49.19
C ILE L 104 -24.76 -60.02 48.34
N THR L 105 -25.79 -60.84 48.57
CA THR L 105 -27.04 -60.68 47.82
C THR L 105 -27.74 -59.38 48.20
N SER L 106 -27.66 -59.00 49.48
CA SER L 106 -28.20 -57.71 49.90
C SER L 106 -27.50 -56.57 49.19
N LEU L 107 -26.18 -56.65 49.07
CA LEU L 107 -25.44 -55.65 48.30
C LEU L 107 -25.85 -55.66 46.84
N GLY L 108 -26.08 -56.84 46.28
CA GLY L 108 -26.44 -56.93 44.87
C GLY L 108 -27.88 -56.57 44.58
N ALA L 109 -28.70 -56.39 45.60
CA ALA L 109 -30.08 -55.98 45.41
C ALA L 109 -30.35 -54.52 45.78
N ILE L 110 -29.31 -53.75 46.14
CA ILE L 110 -29.51 -52.33 46.41
C ILE L 110 -29.05 -51.46 45.25
N LEU L 111 -28.28 -52.00 44.31
CA LEU L 111 -28.02 -51.28 43.07
C LEU L 111 -29.28 -51.12 42.24
N ASN L 112 -30.15 -52.13 42.27
CA ASN L 112 -31.28 -52.19 41.35
C ASN L 112 -32.29 -51.09 41.58
N TYR L 113 -32.18 -50.36 42.69
CA TYR L 113 -33.03 -49.18 42.86
C TYR L 113 -32.32 -47.92 42.44
N ASP L 114 -31.07 -47.76 42.84
CA ASP L 114 -30.40 -46.48 42.64
C ASP L 114 -28.91 -46.62 42.35
N GLN L 115 -28.44 -45.85 41.38
CA GLN L 115 -27.03 -45.72 41.06
C GLN L 115 -26.75 -44.21 41.01
N ALA L 116 -26.56 -43.62 42.17
CA ALA L 116 -26.06 -42.27 42.29
C ALA L 116 -25.01 -42.11 43.37
N PHE L 117 -24.63 -43.18 44.07
CA PHE L 117 -23.62 -43.08 45.10
C PHE L 117 -22.27 -43.57 44.60
N TYR L 118 -21.21 -42.97 45.13
CA TYR L 118 -19.85 -43.25 44.70
C TYR L 118 -18.97 -43.78 45.83
N GLN L 119 -19.17 -43.32 47.06
CA GLN L 119 -18.38 -43.72 48.21
C GLN L 119 -19.28 -44.44 49.21
N ILE L 120 -18.89 -45.65 49.60
CA ILE L 120 -19.73 -46.53 50.41
C ILE L 120 -19.19 -46.53 51.83
N THR L 121 -20.04 -46.13 52.78
CA THR L 121 -19.66 -46.03 54.19
C THR L 121 -20.67 -46.79 55.04
N LEU L 122 -20.18 -47.70 55.87
CA LEU L 122 -20.97 -48.27 56.96
C LEU L 122 -20.58 -47.55 58.24
N ASP L 123 -21.56 -47.31 59.10
CA ASP L 123 -21.30 -46.44 60.24
C ASP L 123 -22.11 -46.88 61.44
N ALA L 124 -21.51 -46.71 62.62
CA ALA L 124 -22.11 -46.87 63.95
C ALA L 124 -22.60 -48.28 64.20
N ALA L 125 -22.51 -49.18 63.22
CA ALA L 125 -22.90 -50.57 63.38
C ALA L 125 -22.28 -51.32 62.22
N LEU L 126 -22.46 -52.64 62.24
CA LEU L 126 -21.81 -53.54 61.27
C LEU L 126 -20.29 -53.51 61.39
N ARG L 127 -19.76 -52.82 62.40
CA ARG L 127 -18.32 -52.65 62.54
C ARG L 127 -17.71 -53.96 63.00
N ASP L 128 -16.57 -54.32 62.39
CA ASP L 128 -15.80 -55.50 62.78
C ASP L 128 -16.59 -56.80 62.62
N GLN L 129 -17.50 -56.86 61.65
CA GLN L 129 -18.21 -58.09 61.36
C GLN L 129 -17.43 -58.92 60.35
N PRO L 130 -17.35 -60.24 60.54
CA PRO L 130 -16.68 -61.08 59.52
C PRO L 130 -17.40 -61.10 58.19
N TYR L 131 -18.71 -60.85 58.15
CA TYR L 131 -19.43 -60.88 56.88
C TYR L 131 -19.10 -59.68 56.01
N LEU L 132 -18.38 -58.70 56.54
CA LEU L 132 -18.06 -57.50 55.77
C LEU L 132 -17.07 -57.79 54.65
N ASP L 133 -16.48 -58.98 54.64
CA ASP L 133 -15.56 -59.37 53.58
C ASP L 133 -16.23 -59.31 52.20
N GLY L 134 -17.55 -59.48 52.15
CA GLY L 134 -18.26 -59.37 50.89
C GLY L 134 -18.12 -58.00 50.27
N LEU L 135 -18.18 -56.94 51.08
CA LEU L 135 -18.03 -55.59 50.55
C LEU L 135 -16.66 -55.38 49.93
N VAL L 136 -15.62 -55.90 50.58
CA VAL L 136 -14.25 -55.75 50.09
C VAL L 136 -14.06 -56.54 48.81
N GLU L 137 -14.61 -57.75 48.73
CA GLU L 137 -14.48 -58.54 47.52
C GLU L 137 -15.33 -57.98 46.38
N TRP L 138 -16.41 -57.27 46.72
CA TRP L 138 -17.40 -56.87 45.73
C TRP L 138 -17.14 -55.50 45.13
N VAL L 139 -16.66 -54.54 45.92
CA VAL L 139 -16.40 -53.22 45.36
C VAL L 139 -15.26 -53.26 44.37
N GLU L 140 -14.45 -54.31 44.39
CA GLU L 140 -13.52 -54.59 43.30
C GLU L 140 -14.30 -54.87 42.01
N ALA L 141 -13.83 -54.27 40.92
CA ALA L 141 -14.55 -54.28 39.65
C ALA L 141 -15.94 -53.68 39.80
N GLN L 142 -16.00 -52.52 40.47
CA GLN L 142 -17.26 -51.81 40.69
C GLN L 142 -16.89 -50.34 40.87
N PRO L 143 -17.37 -49.44 40.00
CA PRO L 143 -16.87 -48.05 40.00
C PRO L 143 -17.30 -47.25 41.21
N LYS L 144 -16.83 -47.66 42.39
CA LYS L 144 -17.12 -46.99 43.65
C LYS L 144 -15.90 -47.06 44.55
N ILE L 145 -16.04 -46.48 45.74
CA ILE L 145 -14.97 -46.44 46.74
C ILE L 145 -15.54 -46.94 48.06
N ALA L 146 -14.91 -47.94 48.64
CA ALA L 146 -15.38 -48.58 49.86
C ALA L 146 -14.51 -48.18 51.03
N MET L 147 -15.13 -47.68 52.10
CA MET L 147 -14.41 -47.20 53.26
C MET L 147 -15.07 -47.70 54.53
N ILE L 148 -14.25 -48.19 55.46
CA ILE L 148 -14.72 -48.81 56.69
C ILE L 148 -13.97 -48.17 57.85
N ASP L 149 -14.70 -47.50 58.75
CA ASP L 149 -14.11 -46.89 59.93
C ASP L 149 -14.44 -47.77 61.13
N SER L 150 -13.40 -48.38 61.69
CA SER L 150 -13.59 -49.11 62.93
C SER L 150 -13.72 -48.15 64.11
N ASN L 151 -14.37 -48.61 65.16
CA ASN L 151 -14.37 -47.90 66.43
C ASN L 151 -13.33 -48.43 67.39
N ALA L 152 -12.85 -49.66 67.18
CA ALA L 152 -11.80 -50.25 67.99
C ALA L 152 -11.38 -51.56 67.36
N ALA L 153 -10.09 -51.85 67.40
CA ALA L 153 -9.54 -53.13 66.94
C ALA L 153 -8.09 -53.22 67.38
N GLY L 154 -7.41 -54.27 66.93
CA GLY L 154 -6.02 -54.52 67.26
C GLY L 154 -5.08 -54.26 66.10
N HIS L 155 -5.30 -53.14 65.40
CA HIS L 155 -4.40 -52.77 64.31
C HIS L 155 -3.12 -52.16 64.85
N GLU L 156 -3.03 -51.96 66.16
CA GLU L 156 -1.85 -51.35 66.76
C GLU L 156 -0.74 -52.35 66.99
N ASP L 157 -0.96 -53.62 66.70
CA ASP L 157 0.10 -54.61 66.71
C ASP L 157 0.62 -54.76 65.29
N PRO L 158 1.89 -54.43 65.03
CA PRO L 158 2.41 -54.59 63.67
C PRO L 158 2.66 -56.03 63.27
N ALA L 159 2.06 -56.98 64.00
CA ALA L 159 2.22 -58.39 63.71
C ALA L 159 0.91 -59.14 63.45
N ASN L 160 -0.19 -58.73 64.08
CA ASN L 160 -1.40 -59.53 64.03
C ASN L 160 -2.00 -59.55 62.62
N THR L 161 -2.73 -60.61 62.31
CA THR L 161 -3.31 -60.82 61.00
C THR L 161 -4.82 -61.04 61.00
N THR L 162 -5.51 -60.80 62.11
CA THR L 162 -6.94 -61.05 62.16
C THR L 162 -7.78 -59.81 61.86
N VAL L 163 -7.19 -58.62 61.90
CA VAL L 163 -7.97 -57.40 61.77
C VAL L 163 -8.30 -57.14 60.31
N ILE L 164 -9.21 -56.18 60.10
CA ILE L 164 -9.66 -55.82 58.75
C ILE L 164 -8.46 -55.49 57.87
N ALA L 165 -7.63 -54.55 58.31
CA ALA L 165 -6.54 -54.05 57.48
C ALA L 165 -5.38 -55.03 57.34
N ALA L 166 -5.40 -56.15 58.07
CA ALA L 166 -4.38 -57.17 57.91
C ALA L 166 -4.82 -58.26 56.93
N ARG L 167 -6.01 -58.83 57.12
CA ARG L 167 -6.47 -59.92 56.26
C ARG L 167 -6.70 -59.42 54.83
N HIS L 168 -6.76 -58.11 54.63
CA HIS L 168 -6.83 -57.51 53.30
C HIS L 168 -5.83 -56.35 53.26
N LYS L 169 -4.59 -56.65 52.86
CA LYS L 169 -3.55 -55.63 52.81
C LYS L 169 -2.65 -55.96 51.62
N GLY L 170 -2.51 -55.02 50.70
CA GLY L 170 -1.71 -55.22 49.51
C GLY L 170 -2.41 -55.95 48.38
N THR L 171 -3.64 -56.41 48.60
CA THR L 171 -4.40 -57.09 47.57
C THR L 171 -5.57 -56.28 47.04
N VAL L 172 -6.04 -55.28 47.78
CA VAL L 172 -7.19 -54.46 47.38
C VAL L 172 -6.70 -53.05 47.10
N GLU L 173 -7.17 -52.48 46.00
CA GLU L 173 -6.76 -51.14 45.58
C GLU L 173 -7.91 -50.15 45.54
N ARG L 174 -9.05 -50.46 46.17
CA ARG L 174 -10.19 -49.55 46.13
C ARG L 174 -10.88 -49.46 47.49
N THR L 175 -10.20 -49.88 48.55
CA THR L 175 -10.79 -49.83 49.88
C THR L 175 -9.77 -49.24 50.86
N ALA L 176 -10.30 -48.63 51.92
CA ALA L 176 -9.44 -48.04 52.95
C ALA L 176 -10.12 -48.14 54.30
N VAL L 177 -9.34 -47.96 55.35
CA VAL L 177 -9.79 -48.12 56.73
C VAL L 177 -9.59 -46.80 57.45
N PHE L 178 -10.62 -46.33 58.17
CA PHE L 178 -10.46 -45.19 59.06
C PHE L 178 -10.43 -45.67 60.52
N TYR L 179 -9.27 -46.20 60.91
CA TYR L 179 -9.09 -46.70 62.26
C TYR L 179 -9.06 -45.56 63.27
N HIS L 180 -9.66 -45.79 64.43
CA HIS L 180 -9.78 -44.75 65.45
C HIS L 180 -10.16 -45.43 66.76
N THR L 181 -10.50 -44.62 67.76
CA THR L 181 -11.05 -45.09 69.03
C THR L 181 -12.58 -45.00 68.98
N ASP L 182 -13.21 -45.22 70.13
CA ASP L 182 -14.65 -45.44 70.18
C ASP L 182 -15.44 -44.15 69.97
N SER L 183 -16.65 -44.31 69.45
CA SER L 183 -17.76 -43.36 69.50
C SER L 183 -17.65 -42.17 68.55
N THR L 184 -16.84 -42.25 67.50
CA THR L 184 -16.74 -41.16 66.53
C THR L 184 -16.97 -41.71 65.12
N GLU L 185 -17.90 -41.11 64.39
CA GLU L 185 -18.10 -41.38 62.98
C GLU L 185 -17.05 -40.59 62.20
N TYR L 186 -16.25 -41.27 61.40
CA TYR L 186 -15.07 -40.64 60.79
C TYR L 186 -15.09 -40.59 59.28
N LEU L 187 -15.52 -41.67 58.59
CA LEU L 187 -15.60 -41.63 57.14
C LEU L 187 -16.39 -40.43 56.66
N ALA L 188 -17.46 -40.09 57.37
CA ALA L 188 -18.28 -38.97 56.97
C ALA L 188 -17.59 -37.63 57.26
N ALA L 189 -16.60 -37.64 58.14
CA ALA L 189 -16.01 -36.38 58.60
C ALA L 189 -15.30 -35.65 57.47
N SER L 190 -14.54 -36.37 56.67
CA SER L 190 -13.75 -35.79 55.58
C SER L 190 -14.28 -36.17 54.22
N MET L 191 -14.47 -37.47 53.97
CA MET L 191 -15.04 -37.90 52.71
C MET L 191 -16.43 -37.31 52.53
N ALA L 192 -16.76 -36.97 51.30
CA ALA L 192 -18.11 -36.55 50.94
C ALA L 192 -18.49 -35.25 51.63
N ALA L 193 -17.59 -34.73 52.47
CA ALA L 193 -17.76 -33.42 53.08
C ALA L 193 -16.65 -32.46 52.68
N TYR L 194 -15.42 -32.96 52.58
CA TYR L 194 -14.35 -32.26 51.88
C TYR L 194 -14.10 -32.83 50.49
N MET L 195 -14.13 -34.15 50.35
CA MET L 195 -13.97 -34.76 49.03
C MET L 195 -15.05 -34.31 48.07
N SER L 196 -16.29 -34.22 48.55
CA SER L 196 -17.41 -33.91 47.68
C SER L 196 -17.26 -32.53 47.05
N THR L 197 -16.93 -31.52 47.86
CA THR L 197 -16.91 -30.17 47.33
C THR L 197 -15.56 -29.85 46.69
N ARG L 198 -15.07 -30.76 45.85
CA ARG L 198 -13.85 -30.56 45.08
C ARG L 198 -14.25 -30.41 43.62
N VAL L 199 -13.99 -29.24 43.05
CA VAL L 199 -14.38 -28.94 41.68
C VAL L 199 -13.13 -28.98 40.82
N PHE L 200 -13.03 -29.99 39.97
CA PHE L 200 -11.88 -30.16 39.10
C PHE L 200 -12.00 -29.38 37.80
N ASP L 201 -13.07 -28.59 37.64
CA ASP L 201 -13.25 -27.81 36.43
C ASP L 201 -12.50 -26.48 36.48
N ASP L 202 -11.81 -26.19 37.57
CA ASP L 202 -11.01 -24.99 37.68
C ASP L 202 -9.53 -25.33 37.51
N ALA L 203 -8.74 -24.31 37.20
CA ALA L 203 -7.30 -24.48 37.10
C ALA L 203 -6.70 -24.78 38.47
N ASN L 204 -5.72 -25.68 38.47
CA ASN L 204 -4.91 -25.98 39.66
C ASN L 204 -5.73 -26.52 40.81
N SER L 205 -6.83 -27.20 40.52
CA SER L 205 -7.69 -27.78 41.54
C SER L 205 -7.39 -29.25 41.78
N ALA L 206 -6.14 -29.59 42.00
CA ALA L 206 -5.73 -30.96 42.27
C ALA L 206 -5.30 -31.04 43.72
N TYR L 207 -6.11 -31.68 44.55
CA TYR L 207 -5.80 -31.80 45.97
C TYR L 207 -5.07 -33.11 46.24
N THR L 208 -4.07 -33.36 45.39
CA THR L 208 -3.46 -34.68 45.22
C THR L 208 -3.27 -35.42 46.54
N LEU L 209 -3.10 -34.70 47.65
CA LEU L 209 -2.78 -35.31 48.93
C LEU L 209 -4.00 -35.86 49.66
N LYS L 210 -4.90 -34.97 50.06
CA LYS L 210 -5.87 -35.25 51.11
C LYS L 210 -5.17 -35.66 52.40
N PHE L 211 -3.98 -35.11 52.64
CA PHE L 211 -3.05 -35.63 53.63
C PHE L 211 -2.89 -34.73 54.84
N LYS L 212 -3.15 -33.43 54.73
CA LYS L 212 -3.19 -32.57 55.91
C LYS L 212 -4.43 -31.69 55.83
N LYS L 213 -5.57 -32.23 56.25
CA LYS L 213 -6.84 -31.55 56.11
C LYS L 213 -7.63 -31.66 57.41
N ALA L 214 -8.18 -30.54 57.86
CA ALA L 214 -8.89 -30.34 59.11
C ALA L 214 -10.39 -30.52 58.92
N PRO L 215 -11.02 -31.41 59.68
CA PRO L 215 -12.48 -31.53 59.66
C PRO L 215 -13.11 -30.41 60.49
N GLY L 216 -14.43 -30.40 60.50
CA GLY L 216 -15.16 -29.36 61.21
C GLY L 216 -14.86 -29.34 62.70
N VAL L 217 -15.31 -30.37 63.42
CA VAL L 217 -15.03 -30.52 64.85
C VAL L 217 -14.81 -32.00 65.10
N ARG L 218 -13.72 -32.34 65.79
CA ARG L 218 -13.49 -33.73 66.19
C ARG L 218 -12.35 -33.77 67.20
N ALA L 219 -11.96 -34.98 67.56
CA ALA L 219 -10.93 -35.23 68.56
C ALA L 219 -9.84 -36.14 68.00
N ILE L 220 -8.67 -36.02 68.60
CA ILE L 220 -7.48 -36.73 68.17
C ILE L 220 -7.38 -38.05 68.90
N ASP L 221 -6.57 -38.96 68.37
CA ASP L 221 -6.14 -40.13 69.11
C ASP L 221 -4.82 -39.80 69.82
N LYS L 222 -4.14 -40.82 70.35
CA LYS L 222 -2.95 -40.61 71.15
C LYS L 222 -1.82 -41.55 70.71
N GLY L 223 -0.58 -41.10 70.92
CA GLY L 223 0.59 -41.93 70.72
C GLY L 223 1.57 -41.46 69.67
N SER L 224 2.75 -42.06 69.66
CA SER L 224 3.74 -41.81 68.61
C SER L 224 4.21 -43.06 67.89
N ALA L 225 4.58 -44.10 68.62
CA ALA L 225 4.95 -45.37 68.03
C ALA L 225 3.75 -46.25 67.76
N VAL L 226 2.55 -45.81 68.15
CA VAL L 226 1.33 -46.50 67.78
C VAL L 226 0.73 -45.96 66.50
N VAL L 227 1.21 -44.80 66.03
CA VAL L 227 0.71 -44.15 64.82
C VAL L 227 1.48 -44.68 63.62
N THR L 228 2.40 -45.61 63.84
CA THR L 228 3.10 -46.25 62.73
C THR L 228 2.73 -47.71 62.57
N ALA L 229 2.25 -48.37 63.63
CA ALA L 229 1.57 -49.64 63.44
C ALA L 229 0.30 -49.42 62.63
N ILE L 230 -0.54 -48.49 63.06
CA ILE L 230 -1.56 -47.96 62.18
C ILE L 230 -0.90 -47.03 61.17
N THR L 231 -1.52 -46.89 60.00
CA THR L 231 -1.05 -46.10 58.85
C THR L 231 0.24 -46.63 58.25
N GLY L 232 0.86 -47.64 58.85
CA GLY L 232 2.07 -48.27 58.32
C GLY L 232 3.11 -47.37 57.70
N PHE L 233 3.27 -46.16 58.24
CA PHE L 233 4.13 -45.15 57.65
C PHE L 233 5.47 -45.09 58.38
N VAL L 234 6.56 -45.37 57.65
CA VAL L 234 7.88 -45.18 58.21
C VAL L 234 8.36 -43.77 57.90
N GLU L 235 9.38 -43.32 58.64
CA GLU L 235 9.69 -41.89 58.70
C GLU L 235 10.01 -41.32 57.32
N GLN L 236 11.12 -41.74 56.74
CA GLN L 236 11.60 -41.15 55.49
C GLN L 236 11.58 -42.14 54.34
N THR L 237 11.53 -43.44 54.62
CA THR L 237 11.49 -44.43 53.55
C THR L 237 10.20 -44.32 52.75
N GLY L 238 9.06 -44.20 53.41
CA GLY L 238 7.80 -44.17 52.71
C GLY L 238 6.70 -44.84 53.51
N GLN L 239 6.08 -45.85 52.93
CA GLN L 239 5.05 -46.65 53.59
C GLN L 239 5.31 -48.11 53.28
N SER L 240 5.50 -48.92 54.32
CA SER L 240 5.86 -50.32 54.18
C SER L 240 4.68 -51.21 54.58
N GLU L 241 4.43 -52.24 53.77
CA GLU L 241 3.27 -53.08 53.99
C GLU L 241 3.44 -54.02 55.17
N SER L 242 4.64 -54.59 55.33
CA SER L 242 4.88 -55.55 56.40
C SER L 242 4.94 -54.89 57.77
N ALA L 243 5.37 -53.63 57.84
CA ALA L 243 5.59 -52.93 59.10
C ALA L 243 4.44 -52.04 59.51
N GLY L 244 3.20 -52.44 59.24
CA GLY L 244 2.06 -51.66 59.69
C GLY L 244 0.84 -51.97 58.87
N HIS L 245 -0.28 -51.36 59.28
CA HIS L 245 -1.55 -51.51 58.61
C HIS L 245 -2.12 -50.13 58.29
N CYS L 246 -2.47 -49.92 57.02
CA CYS L 246 -2.85 -48.60 56.52
C CYS L 246 -4.19 -48.20 57.09
N ALA L 247 -4.29 -46.96 57.57
CA ALA L 247 -5.55 -46.38 58.02
C ALA L 247 -5.33 -44.90 58.26
N ASN L 248 -6.35 -44.22 58.78
CA ASN L 248 -6.32 -42.78 58.95
C ASN L 248 -6.79 -42.42 60.34
N THR L 249 -6.04 -41.57 61.02
CA THR L 249 -6.25 -41.42 62.47
C THR L 249 -6.38 -39.99 62.96
N LEU L 250 -6.13 -38.96 62.16
CA LEU L 250 -6.30 -37.56 62.57
C LEU L 250 -5.42 -37.23 63.78
N ILE L 251 -4.11 -37.21 63.55
CA ILE L 251 -3.13 -36.86 64.57
C ILE L 251 -3.11 -35.36 64.80
N ASP L 252 -2.43 -34.93 65.86
CA ASP L 252 -2.12 -33.52 66.07
C ASP L 252 -0.66 -33.38 66.45
N ILE L 253 0.03 -32.43 65.81
CA ILE L 253 1.47 -32.24 65.96
C ILE L 253 1.79 -30.94 66.69
N GLY L 254 1.40 -29.81 66.13
CA GLY L 254 1.58 -28.56 66.82
C GLY L 254 0.38 -28.26 67.69
N ASP L 255 -0.22 -27.09 67.50
CA ASP L 255 -1.54 -26.86 68.05
C ASP L 255 -2.65 -27.17 67.05
N GLN L 256 -2.30 -27.77 65.91
CA GLN L 256 -3.27 -28.06 64.85
C GLN L 256 -3.57 -29.56 64.86
N GLU L 257 -4.79 -29.91 64.48
CA GLU L 257 -5.20 -31.28 64.26
C GLU L 257 -5.56 -31.46 62.80
N PHE L 258 -5.10 -32.55 62.19
CA PHE L 258 -5.32 -32.76 60.77
C PHE L 258 -5.24 -34.24 60.45
N LEU L 259 -5.87 -34.61 59.34
CA LEU L 259 -5.85 -35.99 58.90
C LEU L 259 -4.44 -36.40 58.50
N VAL L 260 -4.14 -37.69 58.59
CA VAL L 260 -2.79 -38.15 58.28
C VAL L 260 -2.85 -39.44 57.48
N GLU L 261 -1.75 -39.68 56.76
CA GLU L 261 -1.51 -40.71 55.75
C GLU L 261 -2.26 -40.45 54.45
N GLY L 262 -3.10 -39.43 54.39
CA GLY L 262 -3.77 -39.10 53.14
C GLY L 262 -4.67 -40.17 52.59
N SER L 263 -5.22 -41.02 53.45
CA SER L 263 -6.19 -42.04 53.06
C SER L 263 -5.62 -42.99 52.00
N THR L 264 -4.61 -43.74 52.42
CA THR L 264 -4.12 -44.78 51.54
C THR L 264 -5.12 -45.93 51.45
N LEU L 265 -4.92 -46.76 50.44
CA LEU L 265 -5.70 -47.98 50.24
C LEU L 265 -4.83 -49.23 50.32
N THR L 266 -3.70 -49.22 49.65
CA THR L 266 -2.67 -50.25 49.73
C THR L 266 -1.36 -49.50 49.88
N GLN L 267 -0.23 -50.18 49.66
CA GLN L 267 1.06 -49.69 50.13
C GLN L 267 1.31 -48.23 49.75
N ASN L 268 1.09 -47.88 48.48
CA ASN L 268 1.36 -46.52 48.02
C ASN L 268 0.30 -46.03 47.04
N VAL L 269 -0.97 -46.24 47.39
CA VAL L 269 -2.09 -45.81 46.56
C VAL L 269 -2.92 -44.86 47.41
N PHE L 270 -3.16 -43.66 46.91
CA PHE L 270 -3.80 -42.63 47.71
C PHE L 270 -5.19 -42.32 47.19
N LEU L 271 -5.96 -41.60 48.01
CA LEU L 271 -7.38 -41.41 47.74
C LEU L 271 -7.61 -40.45 46.58
N ASP L 272 -6.78 -39.40 46.46
CA ASP L 272 -7.03 -38.41 45.41
C ASP L 272 -6.79 -38.99 44.03
N GLU L 273 -5.86 -39.94 43.88
CA GLU L 273 -5.72 -40.58 42.57
C GLU L 273 -7.02 -41.21 42.12
N ILE L 274 -7.65 -42.00 43.00
CA ILE L 274 -8.91 -42.64 42.66
C ILE L 274 -9.99 -41.61 42.40
N HIS L 275 -10.09 -40.61 43.28
CA HIS L 275 -11.14 -39.60 43.12
C HIS L 275 -11.01 -38.85 41.80
N ALA L 276 -9.78 -38.45 41.44
CA ALA L 276 -9.57 -37.66 40.23
C ALA L 276 -9.78 -38.49 38.98
N THR L 277 -9.27 -39.73 38.94
CA THR L 277 -9.50 -40.56 37.76
C THR L 277 -10.98 -40.89 37.61
N ASP L 278 -11.70 -41.05 38.72
CA ASP L 278 -13.14 -41.30 38.62
C ASP L 278 -13.88 -40.05 38.15
N TRP L 279 -13.40 -38.86 38.51
CA TRP L 279 -13.95 -37.65 37.91
C TRP L 279 -13.72 -37.64 36.41
N ILE L 280 -12.54 -38.06 35.96
CA ILE L 280 -12.26 -38.10 34.53
C ILE L 280 -13.24 -39.03 33.82
N ILE L 281 -13.45 -40.22 34.38
CA ILE L 281 -14.36 -41.19 33.75
C ILE L 281 -15.78 -40.66 33.72
N ALA L 282 -16.25 -40.14 34.85
CA ALA L 282 -17.62 -39.63 34.93
C ALA L 282 -17.84 -38.42 34.05
N ARG L 283 -16.80 -37.63 33.79
CA ARG L 283 -16.91 -36.49 32.90
C ARG L 283 -16.96 -36.93 31.44
N THR L 284 -16.15 -37.92 31.05
CA THR L 284 -16.23 -38.46 29.70
C THR L 284 -17.60 -39.08 29.44
N GLU L 285 -18.18 -39.75 30.44
CA GLU L 285 -19.52 -40.28 30.29
C GLU L 285 -20.53 -39.17 29.99
N GLU L 286 -20.46 -38.07 30.75
CA GLU L 286 -21.41 -36.99 30.58
C GLU L 286 -21.27 -36.33 29.21
N GLU L 287 -20.02 -36.13 28.77
CA GLU L 287 -19.82 -35.52 27.45
C GLU L 287 -20.25 -36.45 26.33
N MET L 288 -20.02 -37.75 26.47
CA MET L 288 -20.53 -38.69 25.47
C MET L 288 -22.04 -38.64 25.38
N LEU L 289 -22.72 -38.64 26.53
CA LEU L 289 -24.18 -38.56 26.50
C LEU L 289 -24.66 -37.25 25.90
N SER L 290 -24.00 -36.15 26.23
CA SER L 290 -24.37 -34.87 25.63
C SER L 290 -24.09 -34.82 24.13
N LEU L 291 -23.18 -35.63 23.62
CA LEU L 291 -23.00 -35.76 22.18
C LEU L 291 -24.10 -36.57 21.50
N PHE L 292 -24.65 -37.59 22.17
CA PHE L 292 -25.71 -38.39 21.58
C PHE L 292 -27.06 -37.67 21.56
N LEU L 293 -27.23 -36.62 22.37
CA LEU L 293 -28.50 -35.91 22.43
C LEU L 293 -28.55 -34.71 21.50
N ASN L 294 -27.41 -34.15 21.11
CA ASN L 294 -27.42 -33.00 20.21
C ASN L 294 -27.56 -33.42 18.76
N ASN L 295 -26.75 -34.37 18.31
CA ASN L 295 -26.76 -34.78 16.92
C ASN L 295 -28.05 -35.50 16.56
N ASP L 296 -28.43 -35.40 15.29
CA ASP L 296 -29.44 -36.31 14.77
C ASP L 296 -29.00 -37.74 14.97
N ARG L 297 -27.91 -38.14 14.32
CA ARG L 297 -27.26 -39.44 14.50
C ARG L 297 -25.76 -39.29 14.57
N VAL L 298 -25.11 -40.38 14.96
CA VAL L 298 -23.66 -40.57 14.81
C VAL L 298 -23.45 -41.76 13.88
N PRO L 299 -22.99 -41.53 12.65
CA PRO L 299 -22.91 -42.62 11.69
C PRO L 299 -21.79 -43.61 12.01
N PHE L 300 -21.92 -44.80 11.45
CA PHE L 300 -20.98 -45.90 11.67
C PHE L 300 -19.92 -45.89 10.56
N THR L 301 -19.18 -44.78 10.49
CA THR L 301 -18.12 -44.61 9.52
C THR L 301 -16.87 -44.12 10.25
N ASP L 302 -15.84 -43.74 9.49
CA ASP L 302 -14.65 -43.16 10.10
C ASP L 302 -14.91 -41.74 10.59
N GLN L 303 -15.76 -40.99 9.89
CA GLN L 303 -16.15 -39.67 10.36
C GLN L 303 -16.83 -39.74 11.72
N GLY L 304 -17.69 -40.74 11.90
CA GLY L 304 -18.28 -40.97 13.20
C GLY L 304 -17.30 -41.33 14.28
N MET L 305 -16.28 -42.14 13.96
CA MET L 305 -15.26 -42.47 14.93
C MET L 305 -14.48 -41.24 15.37
N GLN L 306 -14.15 -40.36 14.42
CA GLN L 306 -13.47 -39.12 14.81
C GLN L 306 -14.38 -38.21 15.63
N GLN L 307 -15.67 -38.15 15.28
CA GLN L 307 -16.61 -37.37 16.07
C GLN L 307 -16.69 -37.90 17.51
N LEU L 308 -16.70 -39.23 17.67
CA LEU L 308 -16.69 -39.80 19.01
C LEU L 308 -15.39 -39.50 19.74
N ALA L 309 -14.26 -39.64 19.06
CA ALA L 309 -12.96 -39.46 19.70
C ALA L 309 -12.67 -38.00 20.02
N SER L 310 -13.47 -37.07 19.49
CA SER L 310 -13.29 -35.67 19.86
C SER L 310 -13.54 -35.40 21.33
N VAL L 311 -14.21 -36.31 22.05
CA VAL L 311 -14.60 -36.09 23.45
C VAL L 311 -13.41 -36.32 24.39
N PRO L 312 -12.72 -37.48 24.35
CA PRO L 312 -11.53 -37.61 25.20
C PRO L 312 -10.46 -36.57 24.94
N ARG L 313 -10.36 -36.05 23.72
CA ARG L 313 -9.37 -35.01 23.45
C ARG L 313 -9.62 -33.76 24.24
N ALA L 314 -10.87 -33.33 24.37
CA ALA L 314 -11.23 -32.20 25.21
C ALA L 314 -11.11 -32.50 26.69
N ILE L 315 -11.47 -33.72 27.10
CA ILE L 315 -11.38 -34.06 28.51
C ILE L 315 -9.93 -34.08 28.97
N MET L 316 -9.01 -34.54 28.13
CA MET L 316 -7.61 -34.58 28.53
C MET L 316 -7.02 -33.19 28.65
N GLN L 317 -7.42 -32.26 27.79
CA GLN L 317 -6.97 -30.88 27.93
C GLN L 317 -7.55 -30.25 29.19
N LEU L 318 -8.80 -30.58 29.52
CA LEU L 318 -9.39 -30.13 30.78
C LEU L 318 -8.64 -30.67 31.99
N ALA L 319 -8.24 -31.93 31.96
CA ALA L 319 -7.56 -32.58 33.07
C ALA L 319 -6.12 -32.13 33.24
N ALA L 320 -5.40 -31.86 32.14
CA ALA L 320 -4.04 -31.38 32.26
C ALA L 320 -3.98 -29.98 32.85
N ARG L 321 -5.06 -29.21 32.71
CA ARG L 321 -5.11 -27.88 33.27
C ARG L 321 -5.31 -27.90 34.78
N ALA L 322 -6.13 -28.83 35.27
CA ALA L 322 -6.36 -28.94 36.71
C ALA L 322 -5.09 -29.35 37.45
N GLY L 323 -4.23 -30.11 36.79
CA GLY L 323 -2.98 -30.54 37.40
C GLY L 323 -2.93 -32.03 37.65
N ILE L 324 -3.87 -32.77 37.04
CA ILE L 324 -3.95 -34.21 37.25
C ILE L 324 -3.01 -34.91 36.28
N VAL L 325 -2.93 -34.41 35.06
CA VAL L 325 -2.08 -34.97 34.03
C VAL L 325 -0.76 -34.21 34.03
N ALA L 326 0.33 -34.92 33.70
CA ALA L 326 1.68 -34.40 33.86
C ALA L 326 2.02 -33.38 32.78
N LEU L 327 3.17 -32.75 32.95
CA LEU L 327 3.63 -31.65 32.09
C LEU L 327 4.68 -32.13 31.09
N ASP L 328 4.28 -33.04 30.20
CA ASP L 328 4.91 -33.21 28.89
C ASP L 328 6.43 -33.41 28.94
N LEU L 329 6.95 -33.87 30.07
CA LEU L 329 8.39 -34.06 30.21
C LEU L 329 8.64 -35.40 30.88
N ASN L 330 9.69 -36.08 30.44
CA ASN L 330 10.04 -37.39 31.00
C ASN L 330 10.45 -37.23 32.46
N PRO L 331 9.80 -37.94 33.39
CA PRO L 331 10.17 -37.78 34.80
C PRO L 331 11.56 -38.31 35.14
N LEU L 332 12.09 -39.21 34.32
CA LEU L 332 13.42 -39.77 34.59
C LEU L 332 14.52 -38.79 34.22
N THR L 333 14.51 -38.32 32.97
CA THR L 333 15.61 -37.53 32.44
C THR L 333 15.27 -36.08 32.13
N GLY L 334 14.00 -35.71 32.15
CA GLY L 334 13.62 -34.36 31.80
C GLY L 334 13.54 -34.09 30.32
N ALA L 335 13.71 -35.09 29.48
CA ALA L 335 13.58 -34.95 28.05
C ALA L 335 12.11 -34.90 27.66
N TYR L 336 11.84 -34.45 26.43
CA TYR L 336 10.47 -34.31 25.97
C TYR L 336 9.80 -35.66 25.79
N GLU L 337 8.56 -35.76 26.28
CA GLU L 337 7.74 -36.94 26.08
C GLU L 337 6.27 -36.54 26.12
N PRO L 338 5.45 -37.02 25.20
CA PRO L 338 4.02 -36.65 25.21
C PRO L 338 3.34 -37.10 26.49
N ALA L 339 2.46 -36.24 27.01
CA ALA L 339 1.77 -36.57 28.26
C ALA L 339 0.64 -37.55 28.03
N TYR L 340 -0.10 -37.40 26.92
CA TYR L 340 -1.20 -38.28 26.61
C TYR L 340 -1.35 -38.42 25.10
N THR L 341 -1.79 -39.60 24.66
CA THR L 341 -2.10 -39.84 23.25
C THR L 341 -3.49 -40.46 23.14
N ILE L 342 -4.12 -40.26 21.99
CA ILE L 342 -5.45 -40.80 21.69
C ILE L 342 -5.39 -41.46 20.33
N THR L 343 -5.66 -42.76 20.28
CA THR L 343 -5.65 -43.50 19.03
C THR L 343 -7.04 -44.01 18.69
N VAL L 344 -7.50 -43.70 17.48
CA VAL L 344 -8.85 -44.00 17.01
C VAL L 344 -8.78 -45.22 16.11
N PRO L 345 -9.63 -46.23 16.30
CA PRO L 345 -9.57 -47.42 15.47
C PRO L 345 -10.25 -47.21 14.13
N SER L 346 -10.13 -48.21 13.26
CA SER L 346 -10.78 -48.19 11.97
C SER L 346 -11.98 -49.14 11.99
N VAL L 347 -13.13 -48.66 11.50
CA VAL L 347 -14.25 -49.55 11.22
C VAL L 347 -14.05 -50.30 9.93
N PHE L 348 -13.05 -49.93 9.13
CA PHE L 348 -12.92 -50.41 7.76
C PHE L 348 -12.77 -51.92 7.69
N ASP L 349 -11.80 -52.48 8.42
CA ASP L 349 -11.54 -53.90 8.39
C ASP L 349 -12.27 -54.66 9.48
N ILE L 350 -13.02 -53.97 10.34
CA ILE L 350 -13.97 -54.64 11.20
C ILE L 350 -15.09 -55.12 10.28
N PRO L 351 -15.36 -56.42 10.23
CA PRO L 351 -16.30 -56.94 9.23
C PRO L 351 -17.71 -56.37 9.38
N GLU L 352 -18.43 -56.38 8.26
CA GLU L 352 -19.85 -56.08 8.31
C GLU L 352 -20.60 -57.11 9.14
N SER L 353 -20.02 -58.30 9.30
CA SER L 353 -20.58 -59.28 10.23
C SER L 353 -20.68 -58.69 11.63
N GLN L 354 -19.71 -57.86 12.01
CA GLN L 354 -19.74 -57.19 13.30
C GLN L 354 -20.30 -55.77 13.22
N ARG L 355 -20.29 -55.16 12.03
CA ARG L 355 -20.79 -53.80 11.87
C ARG L 355 -22.27 -53.66 12.24
N LYS L 356 -23.07 -54.67 11.95
CA LYS L 356 -24.50 -54.60 12.24
C LYS L 356 -24.81 -54.56 13.71
N ALA L 357 -23.79 -54.64 14.57
CA ALA L 357 -23.98 -54.70 16.01
C ALA L 357 -24.45 -53.37 16.60
N ARG L 358 -24.15 -52.25 15.93
CA ARG L 358 -24.39 -50.90 16.45
C ARG L 358 -23.61 -50.66 17.74
N ILE L 359 -22.54 -51.43 17.92
CA ILE L 359 -21.60 -51.23 19.01
C ILE L 359 -20.28 -50.80 18.40
N ALA L 360 -19.85 -49.59 18.70
CA ALA L 360 -18.65 -49.03 18.11
C ALA L 360 -17.40 -49.72 18.64
N PRO L 361 -16.33 -49.75 17.85
CA PRO L 361 -15.05 -50.25 18.38
C PRO L 361 -14.46 -49.35 19.44
N ALA L 362 -13.49 -49.86 20.19
CA ALA L 362 -12.96 -49.19 21.37
C ALA L 362 -11.89 -48.17 21.00
N ILE L 363 -11.92 -47.03 21.68
CA ILE L 363 -10.92 -45.99 21.55
C ILE L 363 -9.98 -46.08 22.75
N GLN L 364 -8.68 -45.99 22.49
CA GLN L 364 -7.66 -46.17 23.52
C GLN L 364 -6.96 -44.84 23.80
N VAL L 365 -6.77 -44.54 25.09
CA VAL L 365 -6.19 -43.29 25.54
C VAL L 365 -5.04 -43.59 26.48
N ARG L 366 -4.08 -42.68 26.57
CA ARG L 366 -2.86 -42.86 27.35
C ARG L 366 -2.72 -41.73 28.36
N PHE L 367 -2.03 -42.02 29.45
CA PHE L 367 -2.02 -41.18 30.63
C PHE L 367 -0.60 -40.82 31.06
N ARG L 368 -0.53 -39.98 32.08
CA ARG L 368 0.65 -39.90 32.96
C ARG L 368 0.21 -39.07 34.15
N TYR L 369 0.40 -39.61 35.35
CA TYR L 369 -0.09 -38.94 36.55
C TYR L 369 0.93 -37.96 37.08
N ALA L 370 0.43 -36.87 37.66
CA ALA L 370 1.26 -35.88 38.33
C ALA L 370 0.97 -35.92 39.82
N GLY L 371 1.93 -36.40 40.60
CA GLY L 371 1.76 -36.53 42.04
C GLY L 371 2.13 -35.25 42.78
N ALA L 372 2.25 -35.39 44.10
CA ALA L 372 2.60 -34.27 44.95
C ALA L 372 3.48 -34.76 46.08
N VAL L 373 3.77 -33.89 47.05
CA VAL L 373 4.81 -34.09 48.05
C VAL L 373 4.17 -34.35 49.41
N HIS L 374 4.68 -35.36 50.13
CA HIS L 374 4.23 -35.67 51.47
C HIS L 374 5.27 -35.44 52.55
N TYR L 375 6.55 -35.34 52.20
CA TYR L 375 7.64 -35.38 53.16
C TYR L 375 8.80 -34.56 52.62
N SER L 376 9.45 -33.80 53.49
CA SER L 376 10.50 -32.87 53.08
C SER L 376 11.76 -33.13 53.90
N VAL L 377 12.90 -32.74 53.34
CA VAL L 377 14.21 -32.94 53.97
C VAL L 377 15.03 -31.67 53.80
N ILE L 378 15.71 -31.25 54.87
CA ILE L 378 16.63 -30.11 54.87
C ILE L 378 17.85 -30.48 55.70
N ASN L 379 19.04 -30.10 55.22
CA ASN L 379 20.29 -30.63 55.77
C ASN L 379 21.02 -29.70 56.74
N TYR L 380 21.23 -28.43 56.42
CA TYR L 380 21.74 -27.44 57.39
C TYR L 380 23.13 -27.80 57.93
N THR L 381 24.14 -27.73 57.08
CA THR L 381 25.53 -27.83 57.53
C THR L 381 25.97 -26.50 58.16
N MET L 382 26.75 -26.59 59.24
CA MET L 382 27.20 -25.43 59.99
C MET L 382 28.72 -25.38 60.00
N THR L 383 29.30 -24.19 59.82
CA THR L 383 30.74 -24.09 59.66
C THR L 383 31.42 -23.19 60.66
N PHE L 384 30.70 -22.29 61.33
CA PHE L 384 31.29 -21.38 62.30
C PHE L 384 32.38 -20.52 61.67
N LYS M 3 65.15 44.14 17.87
CA LYS M 3 64.62 42.90 17.32
C LYS M 3 64.19 43.12 15.87
N LEU M 4 62.91 42.87 15.60
CA LEU M 4 62.33 43.13 14.30
C LEU M 4 60.97 43.76 14.52
N PRO M 5 60.48 44.57 13.58
CA PRO M 5 59.13 45.12 13.73
C PRO M 5 58.07 44.08 13.40
N TYR M 6 56.84 44.38 13.82
CA TYR M 6 55.72 43.55 13.40
C TYR M 6 55.38 43.75 11.93
N SER M 7 55.85 44.83 11.33
CA SER M 7 55.64 45.05 9.91
C SER M 7 56.38 44.04 9.04
N ARG M 8 57.13 43.14 9.66
CA ARG M 8 57.76 42.05 8.92
C ARG M 8 56.74 41.02 8.45
N VAL M 9 55.65 40.82 9.19
CA VAL M 9 54.67 39.82 8.84
C VAL M 9 53.28 40.38 8.58
N THR M 10 52.99 41.62 8.99
CA THR M 10 51.70 42.24 8.73
C THR M 10 51.92 43.68 8.31
N ASN M 11 50.82 44.37 8.02
CA ASN M 11 50.89 45.79 7.68
C ASN M 11 49.60 46.44 8.17
N VAL M 12 49.68 47.15 9.29
CA VAL M 12 48.54 47.82 9.88
C VAL M 12 48.83 49.32 9.88
N THR M 13 47.94 50.09 9.25
CA THR M 13 48.11 51.53 9.12
C THR M 13 46.97 52.26 9.83
N LEU M 14 46.98 53.59 9.71
CA LEU M 14 45.91 54.41 10.28
C LEU M 14 45.98 55.78 9.59
N THR M 15 44.86 56.19 9.00
CA THR M 15 44.72 57.52 8.42
C THR M 15 43.57 58.26 9.10
N ARG M 16 43.50 59.56 8.87
CA ARG M 16 42.43 60.41 9.40
C ARG M 16 41.58 60.86 8.21
N THR M 17 40.63 60.03 7.81
CA THR M 17 39.74 60.35 6.69
C THR M 17 38.39 59.69 6.97
N ASP M 18 37.44 59.90 6.07
CA ASP M 18 36.10 59.31 6.17
C ASP M 18 35.93 58.30 5.06
N ASN M 19 35.52 57.09 5.42
CA ASN M 19 35.29 56.01 4.48
C ASN M 19 33.90 55.42 4.68
N PHE M 20 33.17 55.30 3.58
CA PHE M 20 31.83 54.73 3.57
C PHE M 20 31.86 53.44 2.76
N PRO M 21 30.91 52.54 2.99
CA PRO M 21 30.85 51.32 2.17
C PRO M 21 30.56 51.63 0.71
N THR M 22 30.93 50.69 -0.15
CA THR M 22 30.94 50.93 -1.59
C THR M 22 29.54 50.97 -2.17
N ARG M 23 28.81 49.86 -2.07
CA ARG M 23 27.41 49.80 -2.53
C ARG M 23 27.30 50.15 -4.01
N ARG M 24 27.78 49.22 -4.84
CA ARG M 24 27.64 49.34 -6.28
C ARG M 24 26.18 49.50 -6.67
N GLY M 25 25.94 50.13 -7.82
CA GLY M 25 24.59 50.42 -8.25
C GLY M 25 24.40 50.29 -9.75
N PHE M 26 23.69 51.23 -10.37
CA PHE M 26 23.39 51.10 -11.79
C PHE M 26 24.37 51.85 -12.70
N GLY M 27 24.43 53.19 -12.59
CA GLY M 27 24.96 53.96 -13.71
C GLY M 27 26.17 54.83 -13.51
N THR M 28 26.46 55.66 -14.53
CA THR M 28 27.54 56.65 -14.50
C THR M 28 27.06 57.95 -15.13
N GLN M 29 27.65 59.07 -14.71
CA GLN M 29 27.34 60.37 -15.27
C GLN M 29 28.53 60.93 -16.05
N LEU M 30 28.27 61.96 -16.84
CA LEU M 30 29.28 62.61 -17.66
C LEU M 30 29.40 64.08 -17.29
N ILE M 31 30.64 64.57 -17.20
CA ILE M 31 30.94 65.95 -16.87
C ILE M 31 31.69 66.55 -18.05
N LEU M 32 31.00 67.36 -18.84
CA LEU M 32 31.59 67.96 -20.03
C LEU M 32 31.88 69.43 -19.77
N THR M 33 33.09 69.85 -20.10
CA THR M 33 33.48 71.26 -20.02
C THR M 33 34.51 71.54 -21.11
N HIS M 34 35.20 72.67 -20.98
CA HIS M 34 36.19 73.07 -21.96
C HIS M 34 37.62 72.94 -21.45
N THR M 35 37.80 72.68 -20.15
CA THR M 35 39.14 72.54 -19.58
C THR M 35 39.78 71.24 -20.05
N ALA M 36 41.08 71.29 -20.31
CA ALA M 36 41.89 70.12 -20.62
C ALA M 36 43.09 70.07 -19.69
N VAL M 37 43.50 68.86 -19.33
CA VAL M 37 44.55 68.67 -18.34
C VAL M 37 45.90 68.30 -18.96
N SER M 38 45.94 67.99 -20.25
CA SER M 38 47.15 67.82 -21.06
C SER M 38 47.94 66.57 -20.73
N GLY M 39 47.62 65.86 -19.65
CA GLY M 39 48.34 64.65 -19.30
C GLY M 39 47.45 63.43 -19.40
N GLN M 40 46.14 63.65 -19.43
CA GLN M 40 45.17 62.56 -19.42
C GLN M 40 43.98 62.77 -20.34
N VAL M 41 43.84 63.92 -21.00
CA VAL M 41 42.77 64.13 -21.97
C VAL M 41 43.31 64.71 -23.27
N ASP M 42 44.63 64.91 -23.38
CA ASP M 42 45.20 65.77 -24.39
C ASP M 42 45.06 65.08 -25.76
N ALA M 43 43.85 65.16 -26.30
CA ALA M 43 43.49 64.66 -27.62
C ALA M 43 43.56 63.14 -27.70
N THR M 44 44.06 62.50 -26.64
CA THR M 44 44.16 61.06 -26.57
C THR M 44 42.95 60.42 -25.92
N LYS M 45 42.21 61.18 -25.13
CA LYS M 45 41.04 60.69 -24.39
C LYS M 45 39.99 61.80 -24.40
N ARG M 46 39.05 61.74 -25.34
CA ARG M 46 37.89 62.63 -25.27
C ARG M 46 37.12 62.42 -23.99
N THR M 47 37.22 61.24 -23.38
CA THR M 47 36.74 60.99 -22.03
C THR M 47 37.83 60.20 -21.31
N LYS M 48 37.82 60.25 -19.99
CA LYS M 48 38.73 59.47 -19.16
C LYS M 48 37.99 59.02 -17.92
N LEU M 49 38.21 57.77 -17.53
CA LEU M 49 37.60 57.23 -16.33
C LEU M 49 38.55 57.37 -15.15
N TYR M 50 38.01 57.12 -13.96
CA TYR M 50 38.77 57.22 -12.72
C TYR M 50 38.44 56.01 -11.85
N ALA M 51 38.78 56.12 -10.58
CA ALA M 51 38.36 55.15 -9.58
C ALA M 51 37.78 55.81 -8.34
N SER M 52 38.34 56.91 -7.90
CA SER M 52 37.94 57.58 -6.67
C SER M 52 38.35 59.05 -6.80
N LEU M 53 37.78 59.89 -5.94
CA LEU M 53 38.08 61.32 -5.98
C LEU M 53 39.49 61.62 -5.48
N ALA M 54 39.89 60.97 -4.38
CA ALA M 54 41.18 61.29 -3.76
C ALA M 54 42.31 61.14 -4.76
N GLU M 55 42.26 60.12 -5.60
CA GLU M 55 43.31 59.90 -6.59
C GLU M 55 43.30 60.93 -7.70
N VAL M 56 42.51 62.01 -7.58
CA VAL M 56 42.53 63.04 -8.62
C VAL M 56 43.77 63.89 -8.47
N GLU M 57 44.57 63.94 -9.50
CA GLU M 57 45.71 64.84 -9.60
C GLU M 57 45.71 65.61 -10.91
N ALA M 58 45.24 65.02 -12.00
CA ALA M 58 45.29 65.67 -13.30
C ALA M 58 44.49 66.98 -13.32
N ASP M 59 43.29 66.96 -12.76
CA ASP M 59 42.50 68.18 -12.63
C ASP M 59 42.72 68.82 -11.27
N TYR M 60 43.06 70.11 -11.28
CA TYR M 60 43.51 70.81 -10.09
C TYR M 60 42.44 70.75 -9.00
N PRO M 61 42.81 70.54 -7.74
CA PRO M 61 41.80 70.46 -6.68
C PRO M 61 41.17 71.81 -6.35
N ALA M 62 41.37 72.80 -7.21
CA ALA M 62 40.71 74.09 -7.01
C ALA M 62 39.88 74.53 -8.21
N ASN M 63 40.02 73.88 -9.36
CA ASN M 63 39.31 74.34 -10.55
C ASN M 63 37.80 74.15 -10.36
N THR M 64 37.04 75.14 -10.80
CA THR M 64 35.62 75.15 -10.50
C THR M 64 34.89 74.04 -11.26
N SER M 65 35.40 73.66 -12.42
CA SER M 65 34.65 72.76 -13.30
C SER M 65 34.66 71.34 -12.77
N VAL M 66 35.83 70.70 -12.74
CA VAL M 66 35.87 69.26 -12.54
C VAL M 66 35.89 68.91 -11.06
N TYR M 67 36.83 69.48 -10.31
CA TYR M 67 36.96 69.11 -8.90
C TYR M 67 35.75 69.54 -8.08
N LYS M 68 35.26 70.76 -8.31
CA LYS M 68 34.10 71.22 -7.52
C LYS M 68 32.81 70.50 -7.90
N ALA M 69 32.76 69.84 -9.05
CA ALA M 69 31.62 69.03 -9.43
C ALA M 69 31.76 67.58 -9.01
N ALA M 70 32.94 66.99 -9.18
CA ALA M 70 33.18 65.65 -8.63
C ALA M 70 33.07 65.67 -7.11
N LEU M 71 33.27 66.84 -6.50
CA LEU M 71 33.14 66.97 -5.07
C LEU M 71 31.72 66.64 -4.61
N SER M 72 30.71 67.13 -5.35
CA SER M 72 29.33 66.82 -4.98
C SER M 72 28.85 65.54 -5.66
N ALA M 73 29.56 65.08 -6.70
CA ALA M 73 29.26 63.80 -7.29
C ALA M 73 29.60 62.64 -6.34
N PHE M 74 30.74 62.72 -5.68
CA PHE M 74 31.21 61.62 -4.85
C PHE M 74 30.81 61.75 -3.39
N SER M 75 29.93 62.70 -3.06
CA SER M 75 29.66 63.04 -1.67
C SER M 75 28.31 62.53 -1.17
N GLN M 76 27.85 61.37 -1.64
CA GLN M 76 26.70 60.73 -1.02
C GLN M 76 27.15 59.75 0.06
N ASN M 77 26.22 59.42 0.96
CA ASN M 77 26.56 58.52 2.06
C ASN M 77 27.04 57.15 1.58
N PRO M 78 26.39 56.49 0.63
CA PRO M 78 27.07 55.41 -0.11
C PRO M 78 27.70 55.94 -1.38
N ARG M 79 28.81 55.33 -1.77
CA ARG M 79 29.35 56.18 -2.83
C ARG M 79 29.32 55.48 -4.17
N PRO M 80 29.11 56.21 -5.26
CA PRO M 80 29.35 55.64 -6.59
C PRO M 80 30.84 55.48 -6.86
N ILE M 81 31.20 54.96 -8.03
CA ILE M 81 32.60 54.80 -8.40
C ILE M 81 32.77 55.26 -9.85
N ARG M 82 34.04 55.44 -10.23
CA ARG M 82 34.47 55.67 -11.62
C ARG M 82 33.63 56.73 -12.34
N LEU M 83 33.81 57.98 -11.93
CA LEU M 83 33.27 59.10 -12.70
C LEU M 83 33.97 59.18 -14.06
N LYS M 84 33.21 59.61 -15.06
CA LYS M 84 33.69 59.78 -16.43
C LYS M 84 34.09 61.23 -16.66
N VAL M 85 35.39 61.50 -16.58
CA VAL M 85 35.96 62.83 -16.55
C VAL M 85 35.99 63.39 -17.96
N GLY M 86 36.25 64.69 -18.09
CA GLY M 86 35.93 65.41 -19.31
C GLY M 86 37.11 65.78 -20.19
N TYR M 87 36.81 65.81 -21.49
CA TYR M 87 37.61 66.50 -22.50
C TYR M 87 36.71 67.02 -23.62
N ALA M 88 35.39 66.85 -23.50
CA ALA M 88 34.52 66.72 -24.65
C ALA M 88 34.49 67.93 -25.57
N ALA M 89 33.87 69.01 -25.12
CA ALA M 89 33.80 70.26 -25.89
C ALA M 89 34.88 71.23 -25.45
N THR M 90 36.14 70.82 -25.58
CA THR M 90 37.24 71.68 -25.16
C THR M 90 37.22 73.05 -25.84
N PRO M 91 36.94 73.19 -27.13
CA PRO M 91 36.73 74.53 -27.69
C PRO M 91 35.51 75.21 -27.07
N THR M 92 35.57 76.54 -26.99
CA THR M 92 34.54 77.30 -26.30
C THR M 92 33.23 77.38 -27.08
N GLY M 93 32.42 76.33 -27.02
CA GLY M 93 31.07 76.37 -27.55
C GLY M 93 31.00 76.38 -29.06
N GLY M 94 31.78 77.26 -29.68
CA GLY M 94 31.86 77.32 -31.12
C GLY M 94 32.79 78.44 -31.53
N ASP M 95 33.44 78.24 -32.68
CA ASP M 95 34.32 79.28 -33.20
C ASP M 95 33.55 80.57 -33.44
N ASP M 96 32.34 80.45 -33.99
CA ASP M 96 31.33 81.49 -33.91
C ASP M 96 30.49 81.13 -32.69
N ALA M 97 30.61 81.92 -31.62
CA ALA M 97 30.02 81.52 -30.35
C ALA M 97 28.52 81.33 -30.44
N ALA M 98 27.81 82.25 -31.10
CA ALA M 98 26.36 82.19 -31.14
C ALA M 98 25.86 80.98 -31.93
N LYS M 99 26.72 80.40 -32.78
CA LYS M 99 26.33 79.26 -33.60
C LYS M 99 26.43 77.98 -32.80
N LYS M 100 25.35 77.20 -32.80
CA LYS M 100 25.26 75.95 -32.09
C LYS M 100 25.70 74.76 -32.92
N ALA M 101 26.02 74.97 -34.20
CA ALA M 101 26.46 73.87 -35.05
C ALA M 101 27.77 73.26 -34.56
N ASP M 102 28.72 74.10 -34.15
CA ASP M 102 29.98 73.59 -33.62
C ASP M 102 29.76 72.80 -32.33
N PHE M 103 28.88 73.27 -31.45
CA PHE M 103 28.57 72.52 -30.24
C PHE M 103 27.90 71.18 -30.56
N ILE M 104 27.01 71.16 -31.57
CA ILE M 104 26.36 69.92 -31.95
C ILE M 104 27.38 68.93 -32.50
N THR M 105 28.31 69.41 -33.34
CA THR M 105 29.35 68.52 -33.86
C THR M 105 30.29 68.05 -32.76
N SER M 106 30.58 68.91 -31.79
CA SER M 106 31.39 68.50 -30.64
C SER M 106 30.68 67.40 -29.87
N LEU M 107 29.38 67.53 -29.67
CA LEU M 107 28.61 66.47 -29.03
C LEU M 107 28.64 65.19 -29.86
N GLY M 108 28.56 65.32 -31.18
CA GLY M 108 28.55 64.15 -32.04
C GLY M 108 29.90 63.50 -32.22
N ALA M 109 30.97 64.15 -31.77
CA ALA M 109 32.31 63.57 -31.86
C ALA M 109 32.84 63.07 -30.52
N ILE M 110 32.05 63.10 -29.45
CA ILE M 110 32.49 62.54 -28.18
C ILE M 110 31.88 61.18 -27.90
N LEU M 111 30.84 60.79 -28.63
CA LEU M 111 30.37 59.41 -28.57
C LEU M 111 31.39 58.45 -29.16
N ASN M 112 32.10 58.89 -30.20
CA ASN M 112 32.95 58.00 -30.98
C ASN M 112 34.13 57.46 -30.19
N TYR M 113 34.40 58.01 -29.00
CA TYR M 113 35.41 57.42 -28.15
C TYR M 113 34.79 56.49 -27.11
N ASP M 114 33.71 56.92 -26.48
CA ASP M 114 33.20 56.16 -25.35
C ASP M 114 31.68 56.21 -25.25
N GLN M 115 31.08 55.05 -24.97
CA GLN M 115 29.66 54.91 -24.67
C GLN M 115 29.59 54.10 -23.38
N ALA M 116 29.77 54.79 -22.26
CA ALA M 116 29.50 54.24 -20.94
C ALA M 116 28.78 55.20 -20.02
N PHE M 117 28.45 56.41 -20.48
CA PHE M 117 27.74 57.37 -19.64
C PHE M 117 26.26 57.39 -19.99
N TYR M 118 25.45 57.66 -18.97
CA TYR M 118 24.01 57.66 -19.07
C TYR M 118 23.37 59.00 -18.74
N GLN M 119 23.92 59.76 -17.81
CA GLN M 119 23.41 61.05 -17.39
C GLN M 119 24.42 62.13 -17.71
N ILE M 120 23.98 63.16 -18.44
CA ILE M 120 24.87 64.18 -18.98
C ILE M 120 24.70 65.44 -18.15
N THR M 121 25.80 65.91 -17.55
CA THR M 121 25.80 67.08 -16.68
C THR M 121 26.87 68.05 -17.16
N LEU M 122 26.50 69.30 -17.39
CA LEU M 122 27.44 70.41 -17.52
C LEU M 122 27.48 71.15 -16.19
N ASP M 123 28.67 71.61 -15.81
CA ASP M 123 28.81 72.12 -14.46
C ASP M 123 29.84 73.25 -14.43
N ALA M 124 29.57 74.22 -13.56
CA ALA M 124 30.46 75.32 -13.19
C ALA M 124 30.79 76.23 -14.36
N ALA M 125 30.35 75.90 -15.56
CA ALA M 125 30.58 76.72 -16.75
C ALA M 125 29.60 76.24 -17.80
N LEU M 126 29.59 76.93 -18.94
CA LEU M 126 28.62 76.68 -20.01
C LEU M 126 27.19 76.99 -19.57
N ARG M 127 27.03 77.53 -18.36
CA ARG M 127 25.71 77.76 -17.80
C ARG M 127 25.05 78.93 -18.51
N ASP M 128 23.77 78.79 -18.83
CA ASP M 128 22.96 79.83 -19.45
C ASP M 128 23.51 80.28 -20.80
N GLN M 129 24.13 79.37 -21.55
CA GLN M 129 24.57 79.70 -22.91
C GLN M 129 23.46 79.40 -23.90
N PRO M 130 23.25 80.27 -24.89
CA PRO M 130 22.26 79.96 -25.93
C PRO M 130 22.61 78.76 -26.77
N TYR M 131 23.89 78.41 -26.90
CA TYR M 131 24.27 77.27 -27.73
C TYR M 131 23.90 75.95 -27.08
N LEU M 132 23.46 75.96 -25.82
CA LEU M 132 23.13 74.73 -25.11
C LEU M 132 21.87 74.08 -25.67
N ASP M 133 21.14 74.80 -26.52
CA ASP M 133 19.93 74.24 -27.16
C ASP M 133 20.24 72.97 -27.95
N GLY M 134 21.48 72.83 -28.43
CA GLY M 134 21.86 71.62 -29.12
C GLY M 134 21.75 70.38 -28.25
N LEU M 135 22.16 70.50 -26.99
CA LEU M 135 22.06 69.35 -26.08
C LEU M 135 20.62 68.92 -25.88
N VAL M 136 19.72 69.90 -25.74
CA VAL M 136 18.30 69.59 -25.52
C VAL M 136 17.69 68.97 -26.76
N GLU M 137 18.04 69.48 -27.94
CA GLU M 137 17.51 68.90 -29.18
C GLU M 137 18.12 67.53 -29.47
N TRP M 138 19.33 67.28 -28.98
CA TRP M 138 20.09 66.11 -29.37
C TRP M 138 19.89 64.92 -28.45
N VAL M 139 19.73 65.13 -27.14
CA VAL M 139 19.53 63.99 -26.26
C VAL M 139 18.18 63.35 -26.49
N GLU M 140 17.27 64.04 -27.17
CA GLU M 140 16.08 63.42 -27.72
C GLU M 140 16.47 62.38 -28.76
N ALA M 141 15.82 61.21 -28.68
CA ALA M 141 16.20 60.05 -29.50
C ALA M 141 17.66 59.67 -29.26
N GLN M 142 18.04 59.59 -27.98
CA GLN M 142 19.38 59.22 -27.58
C GLN M 142 19.28 58.64 -26.17
N PRO M 143 19.64 57.38 -25.96
CA PRO M 143 19.33 56.70 -24.69
C PRO M 143 20.17 57.23 -23.52
N LYS M 144 19.94 58.50 -23.17
CA LYS M 144 20.63 59.15 -22.07
C LYS M 144 19.67 60.11 -21.37
N ILE M 145 20.18 60.78 -20.33
CA ILE M 145 19.41 61.75 -19.56
C ILE M 145 20.21 63.03 -19.46
N ALA M 146 19.61 64.14 -19.87
CA ALA M 146 20.29 65.43 -19.92
C ALA M 146 19.79 66.32 -18.79
N MET M 147 20.72 66.85 -17.99
CA MET M 147 20.37 67.67 -16.84
C MET M 147 21.26 68.90 -16.80
N ILE M 148 20.63 70.05 -16.56
CA ILE M 148 21.30 71.35 -16.58
C ILE M 148 20.96 72.09 -15.30
N ASP M 149 21.98 72.37 -14.47
CA ASP M 149 21.77 73.11 -13.24
C ASP M 149 22.27 74.54 -13.46
N SER M 150 21.34 75.48 -13.45
CA SER M 150 21.72 76.89 -13.49
C SER M 150 22.27 77.32 -12.14
N ASN M 151 23.09 78.36 -12.17
CA ASN M 151 23.51 79.04 -10.95
C ASN M 151 22.67 80.28 -10.67
N ALA M 152 21.99 80.82 -11.68
CA ALA M 152 21.11 81.96 -11.53
C ALA M 152 20.37 82.20 -12.84
N ALA M 153 19.11 82.57 -12.75
CA ALA M 153 18.30 82.93 -13.91
C ALA M 153 17.00 83.55 -13.41
N GLY M 154 16.10 83.83 -14.34
CA GLY M 154 14.82 84.43 -14.05
C GLY M 154 13.66 83.46 -14.17
N HIS M 155 13.84 82.25 -13.63
CA HIS M 155 12.76 81.28 -13.64
C HIS M 155 11.74 81.58 -12.56
N GLU M 156 12.01 82.59 -11.73
CA GLU M 156 11.12 82.92 -10.63
C GLU M 156 9.96 83.81 -11.08
N ASP M 157 9.95 84.21 -12.35
CA ASP M 157 8.79 84.90 -12.91
C ASP M 157 7.92 83.87 -13.60
N PRO M 158 6.68 83.65 -13.16
CA PRO M 158 5.82 82.66 -13.83
C PRO M 158 5.30 83.13 -15.18
N ALA M 159 5.93 84.17 -15.75
CA ALA M 159 5.51 84.70 -17.03
C ALA M 159 6.60 84.69 -18.10
N ASN M 160 7.87 84.84 -17.72
CA ASN M 160 8.91 85.06 -18.71
C ASN M 160 9.14 83.81 -19.56
N THR M 161 9.63 84.02 -20.78
CA THR M 161 9.82 82.95 -21.74
C THR M 161 11.24 82.85 -22.29
N THR M 162 12.20 83.55 -21.71
CA THR M 162 13.57 83.53 -22.24
C THR M 162 14.46 82.50 -21.56
N VAL M 163 14.07 81.98 -20.40
CA VAL M 163 14.95 81.11 -19.63
C VAL M 163 14.94 79.71 -20.21
N ILE M 164 15.88 78.89 -19.74
CA ILE M 164 16.02 77.51 -20.20
C ILE M 164 14.70 76.77 -20.08
N ALA M 165 14.14 76.77 -18.87
CA ALA M 165 12.96 75.95 -18.60
C ALA M 165 11.69 76.52 -19.20
N ALA M 166 11.73 77.72 -19.78
CA ALA M 166 10.57 78.27 -20.47
C ALA M 166 10.60 77.97 -21.96
N ARG M 167 11.72 78.27 -22.64
CA ARG M 167 11.81 78.05 -24.08
C ARG M 167 11.74 76.58 -24.44
N HIS M 168 11.92 75.70 -23.44
CA HIS M 168 11.74 74.25 -23.61
C HIS M 168 10.92 73.75 -22.42
N LYS M 169 9.61 73.76 -22.56
CA LYS M 169 8.71 73.31 -21.48
C LYS M 169 7.52 72.63 -22.13
N GLY M 170 7.29 71.37 -21.77
CA GLY M 170 6.20 70.61 -22.32
C GLY M 170 6.49 69.96 -23.65
N THR M 171 7.66 70.20 -24.23
CA THR M 171 8.05 69.59 -25.50
C THR M 171 9.15 68.56 -25.36
N VAL M 172 9.91 68.57 -24.28
CA VAL M 172 11.02 67.64 -24.06
C VAL M 172 10.68 66.73 -22.90
N GLU M 173 10.93 65.44 -23.08
CA GLU M 173 10.60 64.44 -22.06
C GLU M 173 11.83 63.71 -21.53
N ARG M 174 13.04 64.24 -21.76
CA ARG M 174 14.25 63.57 -21.29
C ARG M 174 15.26 64.55 -20.73
N THR M 175 14.82 65.76 -20.38
CA THR M 175 15.72 66.77 -19.83
C THR M 175 15.06 67.40 -18.61
N ALA M 176 15.90 67.89 -17.70
CA ALA M 176 15.41 68.55 -16.50
C ALA M 176 16.39 69.65 -16.09
N VAL M 177 15.93 70.54 -15.23
CA VAL M 177 16.68 71.72 -14.80
C VAL M 177 16.83 71.63 -13.28
N PHE M 178 18.06 71.84 -12.80
CA PHE M 178 18.30 72.00 -11.35
C PHE M 178 18.55 73.48 -11.03
N TYR M 179 17.47 74.25 -11.01
CA TYR M 179 17.55 75.67 -10.71
C TYR M 179 17.94 75.90 -9.26
N HIS M 180 18.78 76.91 -9.02
CA HIS M 180 19.28 77.19 -7.68
C HIS M 180 19.87 78.60 -7.70
N THR M 181 20.55 78.97 -6.61
CA THR M 181 21.33 80.18 -6.51
C THR M 181 22.80 79.88 -6.84
N ASP M 182 23.67 80.87 -6.61
CA ASP M 182 25.03 80.83 -7.13
C ASP M 182 25.90 79.86 -6.34
N SER M 183 26.92 79.32 -7.02
CA SER M 183 28.12 78.71 -6.47
C SER M 183 27.95 77.30 -5.92
N THR M 184 26.89 76.58 -6.30
CA THR M 184 26.69 75.20 -5.84
C THR M 184 26.49 74.29 -7.05
N GLU M 185 27.29 73.24 -7.13
CA GLU M 185 27.09 72.17 -8.11
C GLU M 185 26.00 71.24 -7.56
N TYR M 186 24.94 71.05 -8.33
CA TYR M 186 23.75 70.38 -7.82
C TYR M 186 23.40 69.08 -8.53
N LEU M 187 23.50 69.03 -9.87
CA LEU M 187 23.22 67.78 -10.58
C LEU M 187 24.02 66.63 -9.99
N ALA M 188 25.27 66.89 -9.63
CA ALA M 188 26.11 65.85 -9.08
C ALA M 188 25.69 65.47 -7.66
N ALA M 189 24.95 66.35 -6.98
CA ALA M 189 24.68 66.14 -5.56
C ALA M 189 23.82 64.91 -5.33
N SER M 190 22.77 64.73 -6.15
CA SER M 190 21.84 63.63 -6.00
C SER M 190 21.95 62.62 -7.12
N MET M 191 21.91 63.07 -8.38
CA MET M 191 22.08 62.17 -9.51
C MET M 191 23.45 61.52 -9.43
N ALA M 192 23.51 60.26 -9.84
CA ALA M 192 24.77 59.54 -9.99
C ALA M 192 25.48 59.37 -8.64
N ALA M 193 24.88 59.92 -7.58
CA ALA M 193 25.37 59.71 -6.23
C ALA M 193 24.34 59.02 -5.35
N TYR M 194 23.07 59.38 -5.52
CA TYR M 194 21.96 58.58 -5.02
C TYR M 194 21.30 57.76 -6.12
N MET M 195 21.12 58.34 -7.30
CA MET M 195 20.56 57.59 -8.43
C MET M 195 21.42 56.40 -8.78
N SER M 196 22.75 56.57 -8.77
CA SER M 196 23.64 55.51 -9.21
C SER M 196 23.53 54.28 -8.33
N THR M 197 23.55 54.46 -7.01
CA THR M 197 23.57 53.30 -6.13
C THR M 197 22.16 52.79 -5.85
N ARG M 198 21.36 52.64 -6.90
CA ARG M 198 20.03 52.07 -6.82
C ARG M 198 20.07 50.71 -7.51
N VAL M 199 19.84 49.65 -6.75
CA VAL M 199 19.92 48.29 -7.27
C VAL M 199 18.49 47.78 -7.42
N PHE M 200 18.06 47.62 -8.66
CA PHE M 200 16.72 47.14 -8.94
C PHE M 200 16.62 45.63 -8.97
N ASP M 201 17.70 44.92 -8.64
CA ASP M 201 17.69 43.47 -8.63
C ASP M 201 17.16 42.91 -7.32
N ASP M 202 16.80 43.75 -6.37
CA ASP M 202 16.21 43.33 -5.12
C ASP M 202 14.71 43.58 -5.12
N ALA M 203 14.02 42.89 -4.23
CA ALA M 203 12.58 43.09 -4.07
C ALA M 203 12.31 44.49 -3.51
N ASN M 204 11.24 45.11 -4.01
CA ASN M 204 10.72 46.37 -3.49
C ASN M 204 11.72 47.51 -3.57
N SER M 205 12.62 47.46 -4.55
CA SER M 205 13.62 48.50 -4.74
C SER M 205 13.19 49.53 -5.79
N ALA M 206 11.99 50.08 -5.65
CA ALA M 206 11.49 51.08 -6.57
C ALA M 206 11.42 52.40 -5.82
N TYR M 207 12.32 53.32 -6.14
CA TYR M 207 12.36 54.61 -5.46
C TYR M 207 11.55 55.63 -6.26
N THR M 208 10.34 55.20 -6.63
CA THR M 208 9.55 55.84 -7.68
C THR M 208 9.59 57.37 -7.59
N LEU M 209 9.80 57.94 -6.40
CA LEU M 209 9.72 59.38 -6.23
C LEU M 209 11.00 60.10 -6.62
N LYS M 210 12.08 59.83 -5.89
CA LYS M 210 13.24 60.72 -5.84
C LYS M 210 12.84 62.12 -5.38
N PHE M 211 11.82 62.20 -4.51
CA PHE M 211 11.11 63.43 -4.24
C PHE M 211 11.37 63.99 -2.85
N LYS M 212 11.77 63.17 -1.88
CA LYS M 212 12.21 63.70 -0.59
C LYS M 212 13.49 62.98 -0.19
N LYS M 213 14.62 63.45 -0.72
CA LYS M 213 15.90 62.79 -0.52
C LYS M 213 16.97 63.82 -0.17
N ALA M 214 17.75 63.53 0.86
CA ALA M 214 18.76 64.36 1.47
C ALA M 214 20.14 64.10 0.86
N PRO M 215 20.81 65.12 0.33
CA PRO M 215 22.20 64.95 -0.13
C PRO M 215 23.15 64.95 1.06
N GLY M 216 24.43 64.77 0.75
CA GLY M 216 25.43 64.72 1.79
C GLY M 216 25.53 65.99 2.61
N VAL M 217 25.99 67.07 2.00
CA VAL M 217 26.06 68.38 2.64
C VAL M 217 25.72 69.42 1.58
N ARG M 218 24.79 70.32 1.90
CA ARG M 218 24.49 71.44 1.00
C ARG M 218 23.63 72.45 1.74
N ALA M 219 23.19 73.46 0.99
CA ALA M 219 22.43 74.57 1.52
C ALA M 219 21.11 74.73 0.76
N ILE M 220 20.15 75.34 1.44
CA ILE M 220 18.81 75.52 0.92
C ILE M 220 18.72 76.86 0.18
N ASP M 221 17.69 77.01 -0.64
CA ASP M 221 17.31 78.32 -1.14
C ASP M 221 16.26 78.91 -0.19
N LYS M 222 15.60 79.99 -0.62
CA LYS M 222 14.67 80.72 0.24
C LYS M 222 13.36 81.02 -0.48
N GLY M 223 12.29 81.12 0.30
CA GLY M 223 11.00 81.57 -0.22
C GLY M 223 9.87 80.57 -0.09
N SER M 224 8.65 81.04 -0.33
CA SER M 224 7.47 80.18 -0.38
C SER M 224 6.69 80.31 -1.67
N ALA M 225 6.37 81.54 -2.09
CA ALA M 225 5.69 81.76 -3.36
C ALA M 225 6.66 81.84 -4.53
N VAL M 226 7.97 81.76 -4.26
CA VAL M 226 8.97 81.65 -5.31
C VAL M 226 9.29 80.20 -5.62
N VAL M 227 8.87 79.27 -4.78
CA VAL M 227 9.13 77.84 -4.94
C VAL M 227 8.02 77.22 -5.80
N THR M 228 7.07 78.03 -6.23
CA THR M 228 6.05 77.54 -7.15
C THR M 228 6.16 78.14 -8.54
N ALA M 229 6.79 79.30 -8.68
CA ALA M 229 7.24 79.73 -10.00
C ALA M 229 8.28 78.76 -10.54
N ILE M 230 9.31 78.50 -9.73
CA ILE M 230 10.15 77.33 -9.98
C ILE M 230 9.39 76.09 -9.54
N THR M 231 9.71 74.95 -10.15
CA THR M 231 9.09 73.65 -9.94
C THR M 231 7.63 73.61 -10.35
N GLY M 232 7.03 74.73 -10.76
CA GLY M 232 5.67 74.79 -11.26
C GLY M 232 4.63 73.94 -10.55
N PHE M 233 4.77 73.78 -9.24
CA PHE M 233 3.94 72.86 -8.47
C PHE M 233 2.85 73.64 -7.75
N VAL M 234 1.59 73.33 -8.08
CA VAL M 234 0.47 73.88 -7.32
C VAL M 234 0.13 72.94 -6.18
N GLU M 235 -0.60 73.46 -5.19
CA GLU M 235 -0.69 72.79 -3.89
C GLU M 235 -1.27 71.38 -4.00
N GLN M 236 -2.54 71.28 -4.38
CA GLN M 236 -3.24 70.00 -4.39
C GLN M 236 -3.63 69.55 -5.78
N THR M 237 -3.68 70.48 -6.74
CA THR M 237 -4.03 70.11 -8.11
C THR M 237 -2.99 69.19 -8.72
N GLY M 238 -1.71 69.53 -8.57
CA GLY M 238 -0.68 68.74 -9.21
C GLY M 238 0.49 69.61 -9.63
N GLN M 239 0.81 69.57 -10.91
CA GLN M 239 1.85 70.40 -11.50
C GLN M 239 1.33 70.96 -12.82
N SER M 240 1.30 72.29 -12.93
CA SER M 240 0.73 72.96 -14.09
C SER M 240 1.84 73.60 -14.92
N GLU M 241 1.75 73.44 -16.24
CA GLU M 241 2.81 73.91 -17.12
C GLU M 241 2.80 75.42 -17.28
N SER M 242 1.62 76.02 -17.39
CA SER M 242 1.54 77.46 -17.60
C SER M 242 1.90 78.26 -16.36
N ALA M 243 1.67 77.71 -15.17
CA ALA M 243 1.86 78.43 -13.91
C ALA M 243 3.19 78.12 -13.25
N GLY M 244 4.26 77.94 -14.02
CA GLY M 244 5.56 77.74 -13.42
C GLY M 244 6.50 77.05 -14.38
N HIS M 245 7.74 76.91 -13.94
CA HIS M 245 8.79 76.25 -14.70
C HIS M 245 9.44 75.17 -13.84
N CYS M 246 9.48 73.95 -14.37
CA CYS M 246 9.90 72.78 -13.62
C CYS M 246 11.38 72.84 -13.33
N ALA M 247 11.77 72.58 -12.08
CA ALA M 247 13.16 72.46 -11.67
C ALA M 247 13.21 71.91 -10.26
N ASN M 248 14.41 71.84 -9.70
CA ASN M 248 14.61 71.21 -8.40
C ASN M 248 15.46 72.12 -7.53
N THR M 249 15.01 72.34 -6.29
CA THR M 249 15.59 73.43 -5.51
C THR M 249 16.03 73.07 -4.10
N LEU M 250 15.73 71.89 -3.57
CA LEU M 250 16.17 71.46 -2.25
C LEU M 250 15.67 72.43 -1.16
N ILE M 251 14.37 72.41 -0.94
CA ILE M 251 13.72 73.21 0.09
C ILE M 251 13.97 72.61 1.47
N ASP M 252 13.62 73.35 2.52
CA ASP M 252 13.57 72.83 3.87
C ASP M 252 12.27 73.28 4.53
N ILE M 253 11.59 72.33 5.17
CA ILE M 253 10.27 72.57 5.76
C ILE M 253 10.31 72.53 7.28
N GLY M 254 10.71 71.40 7.84
CA GLY M 254 10.86 71.34 9.29
C GLY M 254 12.27 71.74 9.68
N ASP M 255 12.95 70.87 10.41
CA ASP M 255 14.40 71.02 10.55
C ASP M 255 15.16 70.19 9.53
N GLN M 256 14.47 69.60 8.56
CA GLN M 256 15.09 68.75 7.56
C GLN M 256 15.19 69.50 6.23
N GLU M 257 16.23 69.20 5.47
CA GLU M 257 16.38 69.70 4.11
C GLU M 257 16.34 68.51 3.15
N PHE M 258 15.60 68.65 2.06
CA PHE M 258 15.43 67.54 1.13
C PHE M 258 15.07 68.08 -0.25
N LEU M 259 15.35 67.26 -1.26
CA LEU M 259 15.05 67.62 -2.64
C LEU M 259 13.55 67.70 -2.82
N VAL M 260 13.10 68.52 -3.78
CA VAL M 260 11.67 68.69 -3.99
C VAL M 260 11.36 68.69 -5.48
N GLU M 261 10.09 68.39 -5.77
CA GLU M 261 9.48 68.12 -7.07
C GLU M 261 9.91 66.80 -7.67
N GLY M 262 10.84 66.07 -7.05
CA GLY M 262 11.21 64.77 -7.55
C GLY M 262 11.80 64.74 -8.94
N SER M 263 12.43 65.84 -9.36
CA SER M 263 13.13 65.92 -10.64
C SER M 263 12.19 65.62 -11.81
N THR M 264 11.22 66.51 -11.99
CA THR M 264 10.39 66.41 -13.18
C THR M 264 11.18 66.79 -14.42
N LEU M 265 10.63 66.43 -15.57
CA LEU M 265 11.15 66.81 -16.87
C LEU M 265 10.19 67.65 -17.67
N THR M 266 8.93 67.25 -17.72
CA THR M 266 7.82 68.00 -18.30
C THR M 266 6.70 67.91 -17.26
N GLN M 267 5.48 68.25 -17.67
CA GLN M 267 4.43 68.57 -16.72
C GLN M 267 4.29 67.51 -15.63
N ASN M 268 4.23 66.23 -16.00
CA ASN M 268 4.04 65.16 -15.02
C ASN M 268 4.89 63.94 -15.35
N VAL M 269 6.16 64.15 -15.67
CA VAL M 269 7.09 63.08 -15.99
C VAL M 269 8.21 63.17 -14.99
N PHE M 270 8.48 62.08 -14.28
CA PHE M 270 9.43 62.11 -13.18
C PHE M 270 10.68 61.30 -13.51
N LEU M 271 11.71 61.51 -12.70
CA LEU M 271 13.03 60.98 -13.01
C LEU M 271 13.10 59.46 -12.85
N ASP M 272 12.42 58.93 -11.82
CA ASP M 272 12.52 57.49 -11.58
C ASP M 272 11.88 56.67 -12.68
N GLU M 273 10.82 57.17 -13.32
CA GLU M 273 10.27 56.45 -14.46
C GLU M 273 11.33 56.23 -15.53
N ILE M 274 12.04 57.29 -15.90
CA ILE M 274 13.08 57.17 -16.92
C ILE M 274 14.19 56.25 -16.45
N HIS M 275 14.64 56.44 -15.20
CA HIS M 275 15.74 55.63 -14.70
C HIS M 275 15.39 54.15 -14.68
N ALA M 276 14.18 53.81 -14.22
CA ALA M 276 13.78 52.41 -14.11
C ALA M 276 13.56 51.76 -15.47
N THR M 277 12.90 52.47 -16.39
CA THR M 277 12.72 51.89 -17.72
C THR M 277 14.06 51.73 -18.44
N ASP M 278 15.00 52.64 -18.20
CA ASP M 278 16.32 52.49 -18.80
C ASP M 278 17.08 51.33 -18.18
N TRP M 279 16.87 51.06 -16.89
CA TRP M 279 17.41 49.83 -16.30
C TRP M 279 16.82 48.61 -16.98
N ILE M 280 15.52 48.63 -17.26
CA ILE M 280 14.89 47.50 -17.93
C ILE M 280 15.53 47.26 -19.30
N ILE M 281 15.73 48.34 -20.06
CA ILE M 281 16.30 48.19 -21.39
C ILE M 281 17.73 47.68 -21.32
N ALA M 282 18.54 48.28 -20.44
CA ALA M 282 19.93 47.89 -20.31
C ALA M 282 20.09 46.48 -19.79
N ARG M 283 19.12 45.99 -19.01
CA ARG M 283 19.17 44.62 -18.52
C ARG M 283 18.79 43.62 -19.60
N THR M 284 17.79 43.96 -20.43
CA THR M 284 17.46 43.09 -21.57
C THR M 284 18.62 43.01 -22.55
N GLU M 285 19.33 44.12 -22.76
CA GLU M 285 20.52 44.09 -23.60
C GLU M 285 21.56 43.10 -23.06
N GLU M 286 21.83 43.17 -21.76
CA GLU M 286 22.84 42.32 -21.17
C GLU M 286 22.45 40.85 -21.25
N GLU M 287 21.18 40.53 -21.00
CA GLU M 287 20.74 39.15 -21.08
C GLU M 287 20.75 38.64 -22.52
N MET M 288 20.40 39.49 -23.49
CA MET M 288 20.50 39.08 -24.88
C MET M 288 21.95 38.76 -25.26
N LEU M 289 22.89 39.62 -24.85
CA LEU M 289 24.29 39.36 -25.15
C LEU M 289 24.77 38.09 -24.47
N SER M 290 24.38 37.87 -23.23
CA SER M 290 24.74 36.64 -22.55
C SER M 290 24.11 35.40 -23.17
N LEU M 291 23.01 35.53 -23.88
CA LEU M 291 22.46 34.42 -24.66
C LEU M 291 23.24 34.13 -25.94
N PHE M 292 23.80 35.15 -26.59
CA PHE M 292 24.56 34.94 -27.81
C PHE M 292 25.94 34.35 -27.54
N LEU M 293 26.44 34.45 -26.31
CA LEU M 293 27.77 33.94 -25.99
C LEU M 293 27.76 32.51 -25.47
N ASN M 294 26.64 32.05 -24.91
CA ASN M 294 26.57 30.69 -24.39
C ASN M 294 26.30 29.68 -25.49
N ASN M 295 25.29 29.93 -26.30
CA ASN M 295 24.90 28.98 -27.33
C ASN M 295 25.95 28.88 -28.42
N ASP M 296 26.00 27.71 -29.06
CA ASP M 296 26.73 27.61 -30.32
C ASP M 296 26.16 28.62 -31.31
N ARG M 297 24.90 28.43 -31.71
CA ARG M 297 24.17 29.37 -32.54
C ARG M 297 22.75 29.56 -32.03
N VAL M 298 22.08 30.56 -32.58
CA VAL M 298 20.63 30.73 -32.45
C VAL M 298 20.04 30.61 -33.85
N PRO M 299 19.33 29.54 -34.16
CA PRO M 299 18.85 29.33 -35.53
C PRO M 299 17.73 30.29 -35.92
N PHE M 300 17.56 30.42 -37.23
CA PHE M 300 16.56 31.32 -37.81
C PHE M 300 15.28 30.54 -38.09
N THR M 301 14.70 30.01 -37.02
CA THR M 301 13.46 29.25 -37.09
C THR M 301 12.51 29.78 -36.02
N ASP M 302 11.39 29.08 -35.83
CA ASP M 302 10.46 29.45 -34.76
C ASP M 302 11.03 29.08 -33.39
N GLN M 303 11.77 27.97 -33.31
CA GLN M 303 12.43 27.60 -32.07
C GLN M 303 13.42 28.67 -31.63
N GLY M 304 14.15 29.24 -32.59
CA GLY M 304 15.02 30.37 -32.28
C GLY M 304 14.29 31.59 -31.81
N MET M 305 13.13 31.90 -32.41
CA MET M 305 12.34 33.04 -31.95
C MET M 305 11.86 32.85 -30.52
N GLN M 306 11.43 31.64 -30.17
CA GLN M 306 11.04 31.40 -28.78
C GLN M 306 12.24 31.46 -27.84
N GLN M 307 13.40 30.97 -28.27
CA GLN M 307 14.60 31.09 -27.45
C GLN M 307 14.96 32.54 -27.21
N LEU M 308 14.84 33.39 -28.24
CA LEU M 308 15.08 34.82 -28.06
C LEU M 308 14.05 35.45 -27.14
N ALA M 309 12.78 35.12 -27.31
CA ALA M 309 11.72 35.74 -26.52
C ALA M 309 11.72 35.27 -25.08
N SER M 310 12.46 34.23 -24.75
CA SER M 310 12.58 33.81 -23.36
C SER M 310 13.22 34.87 -22.47
N VAL M 311 13.91 35.85 -23.04
CA VAL M 311 14.66 36.84 -22.27
C VAL M 311 13.73 37.93 -21.71
N PRO M 312 12.90 38.60 -22.52
CA PRO M 312 11.95 39.56 -21.93
C PRO M 312 11.00 38.93 -20.93
N ARG M 313 10.66 37.64 -21.07
CA ARG M 313 9.79 37.01 -20.10
C ARG M 313 10.40 36.98 -18.71
N ALA M 314 11.68 36.67 -18.60
CA ALA M 314 12.39 36.72 -17.33
C ALA M 314 12.60 38.14 -16.83
N ILE M 315 12.88 39.08 -17.73
CA ILE M 315 13.10 40.45 -17.30
C ILE M 315 11.82 41.05 -16.73
N MET M 316 10.67 40.71 -17.32
CA MET M 316 9.42 41.27 -16.81
C MET M 316 9.06 40.72 -15.44
N GLN M 317 9.36 39.45 -15.19
CA GLN M 317 9.14 38.90 -13.85
C GLN M 317 10.09 39.52 -12.85
N LEU M 318 11.33 39.79 -13.26
CA LEU M 318 12.27 40.53 -12.42
C LEU M 318 11.78 41.93 -12.09
N ALA M 319 11.22 42.64 -13.07
CA ALA M 319 10.75 44.02 -12.90
C ALA M 319 9.47 44.11 -12.08
N ALA M 320 8.55 43.16 -12.23
CA ALA M 320 7.33 43.19 -11.43
C ALA M 320 7.61 42.93 -9.96
N ARG M 321 8.72 42.27 -9.65
CA ARG M 321 9.07 42.01 -8.27
C ARG M 321 9.63 43.27 -7.59
N ALA M 322 10.43 44.06 -8.33
CA ALA M 322 10.99 45.28 -7.77
C ALA M 322 9.90 46.29 -7.44
N GLY M 323 8.80 46.26 -8.19
CA GLY M 323 7.70 47.18 -7.94
C GLY M 323 7.52 48.18 -9.06
N ILE M 324 8.17 47.95 -10.19
CA ILE M 324 8.11 48.87 -11.32
C ILE M 324 6.88 48.56 -12.17
N VAL M 325 6.56 47.29 -12.31
CA VAL M 325 5.41 46.85 -13.09
C VAL M 325 4.24 46.64 -12.14
N ALA M 326 3.03 46.90 -12.62
CA ALA M 326 1.85 46.95 -11.78
C ALA M 326 1.38 45.55 -11.37
N LEU M 327 0.40 45.52 -10.48
CA LEU M 327 -0.10 44.28 -9.88
C LEU M 327 -1.42 43.84 -10.52
N ASP M 328 -1.38 43.53 -11.81
CA ASP M 328 -2.33 42.61 -12.44
C ASP M 328 -3.80 42.97 -12.22
N LEU M 329 -4.08 44.24 -11.91
CA LEU M 329 -5.46 44.67 -11.66
C LEU M 329 -5.72 45.97 -12.39
N ASN M 330 -6.91 46.11 -12.93
CA ASN M 330 -7.30 47.32 -13.66
C ASN M 330 -7.30 48.51 -12.72
N PRO M 331 -6.54 49.58 -13.00
CA PRO M 331 -6.53 50.73 -12.07
C PRO M 331 -7.85 51.48 -12.03
N LEU M 332 -8.68 51.35 -13.05
CA LEU M 332 -9.95 52.07 -13.07
C LEU M 332 -10.97 51.39 -12.16
N THR M 333 -11.21 50.09 -12.38
CA THR M 333 -12.30 49.39 -11.71
C THR M 333 -11.86 48.31 -10.74
N GLY M 334 -10.58 47.95 -10.72
CA GLY M 334 -10.12 46.88 -9.86
C GLY M 334 -10.38 45.49 -10.37
N ALA M 335 -10.88 45.36 -11.59
CA ALA M 335 -11.10 44.07 -12.21
C ALA M 335 -9.77 43.50 -12.72
N TYR M 336 -9.76 42.20 -13.02
CA TYR M 336 -8.53 41.53 -13.45
C TYR M 336 -8.11 42.02 -14.83
N GLU M 337 -6.82 42.30 -14.98
CA GLU M 337 -6.23 42.65 -16.25
C GLU M 337 -4.76 42.26 -16.26
N PRO M 338 -4.26 41.63 -17.32
CA PRO M 338 -2.85 41.25 -17.36
C PRO M 338 -1.93 42.46 -17.26
N ALA M 339 -0.86 42.31 -16.50
CA ALA M 339 0.08 43.42 -16.32
C ALA M 339 0.98 43.60 -17.54
N TYR M 340 1.44 42.49 -18.13
CA TYR M 340 2.30 42.54 -19.30
C TYR M 340 2.04 41.34 -20.19
N THR M 341 2.20 41.53 -21.49
CA THR M 341 2.12 40.44 -22.47
C THR M 341 3.33 40.48 -23.37
N ILE M 342 3.69 39.32 -23.92
CA ILE M 342 4.81 39.19 -24.85
C ILE M 342 4.34 38.40 -26.05
N THR M 343 4.41 39.00 -27.23
CA THR M 343 3.99 38.36 -28.48
C THR M 343 5.19 38.15 -29.39
N VAL M 344 5.36 36.92 -29.84
CA VAL M 344 6.49 36.49 -30.65
C VAL M 344 6.05 36.40 -32.10
N PRO M 345 6.78 36.97 -33.05
CA PRO M 345 6.35 36.93 -34.45
C PRO M 345 6.71 35.59 -35.09
N SER M 346 6.24 35.42 -36.33
CA SER M 346 6.55 34.23 -37.11
C SER M 346 7.57 34.59 -38.18
N VAL M 347 8.62 33.76 -38.29
CA VAL M 347 9.51 33.85 -39.44
C VAL M 347 8.90 33.20 -40.67
N PHE M 348 7.79 32.48 -40.50
CA PHE M 348 7.27 31.60 -41.55
C PHE M 348 6.90 32.37 -42.81
N ASP M 349 6.08 33.41 -42.68
CA ASP M 349 5.63 34.17 -43.82
C ASP M 349 6.49 35.39 -44.09
N ILE M 350 7.52 35.63 -43.28
CA ILE M 350 8.57 36.57 -43.65
C ILE M 350 9.35 35.90 -44.77
N PRO M 351 9.41 36.51 -45.95
CA PRO M 351 10.01 35.82 -47.11
C PRO M 351 11.46 35.45 -46.89
N GLU M 352 11.88 34.41 -47.63
CA GLU M 352 13.30 34.10 -47.71
C GLU M 352 14.08 35.23 -48.33
N SER M 353 13.41 36.09 -49.11
CA SER M 353 14.05 37.29 -49.60
C SER M 353 14.56 38.14 -48.46
N GLN M 354 13.83 38.16 -47.34
CA GLN M 354 14.28 38.88 -46.15
C GLN M 354 14.98 37.96 -45.14
N ARG M 355 14.77 36.65 -45.21
CA ARG M 355 15.38 35.73 -44.27
C ARG M 355 16.90 35.75 -44.33
N LYS M 356 17.48 35.94 -45.52
CA LYS M 356 18.93 35.92 -45.65
C LYS M 356 19.59 37.10 -44.97
N ALA M 357 18.81 38.00 -44.37
CA ALA M 357 19.35 39.21 -43.76
C ALA M 357 20.12 38.93 -42.47
N ARG M 358 19.82 37.82 -41.80
CA ARG M 358 20.36 37.50 -40.47
C ARG M 358 19.95 38.55 -39.44
N ILE M 359 18.87 39.27 -39.74
CA ILE M 359 18.27 40.20 -38.80
C ILE M 359 16.90 39.66 -38.42
N ALA M 360 16.74 39.31 -37.16
CA ALA M 360 15.51 38.69 -36.70
C ALA M 360 14.35 39.69 -36.70
N PRO M 361 13.12 39.20 -36.86
CA PRO M 361 11.96 40.08 -36.71
C PRO M 361 11.78 40.57 -35.28
N ALA M 362 10.96 41.61 -35.11
CA ALA M 362 10.83 42.31 -33.84
C ALA M 362 9.86 41.61 -32.91
N ILE M 363 10.20 41.56 -31.63
CA ILE M 363 9.34 41.05 -30.58
C ILE M 363 8.72 42.22 -29.84
N GLN M 364 7.43 42.15 -29.58
CA GLN M 364 6.67 43.25 -28.97
C GLN M 364 6.26 42.88 -27.56
N VAL M 365 6.44 43.82 -26.63
CA VAL M 365 6.15 43.60 -25.21
C VAL M 365 5.25 44.72 -24.72
N ARG M 366 4.45 44.44 -23.69
CA ARG M 366 3.46 45.36 -23.15
C ARG M 366 3.73 45.63 -21.68
N PHE M 367 3.29 46.78 -21.21
CA PHE M 367 3.69 47.32 -19.93
C PHE M 367 2.49 47.69 -19.08
N ARG M 368 2.77 48.12 -17.86
CA ARG M 368 1.87 48.96 -17.07
C ARG M 368 2.71 49.46 -15.91
N TYR M 369 2.74 50.77 -15.71
CA TYR M 369 3.60 51.35 -14.69
C TYR M 369 2.89 51.41 -13.35
N ALA M 370 3.66 51.25 -12.28
CA ALA M 370 3.15 51.40 -10.92
C ALA M 370 3.80 52.63 -10.30
N GLY M 371 3.00 53.67 -10.07
CA GLY M 371 3.50 54.91 -9.51
C GLY M 371 3.51 54.91 -8.00
N ALA M 372 3.69 56.10 -7.44
CA ALA M 372 3.71 56.25 -5.99
C ALA M 372 3.08 57.60 -5.64
N VAL M 373 3.17 57.98 -4.36
CA VAL M 373 2.39 59.07 -3.79
C VAL M 373 3.30 60.24 -3.49
N HIS M 374 2.87 61.45 -3.86
CA HIS M 374 3.58 62.68 -3.57
C HIS M 374 2.87 63.60 -2.59
N TYR M 375 1.58 63.43 -2.37
CA TYR M 375 0.77 64.42 -1.66
C TYR M 375 -0.37 63.69 -0.97
N SER M 376 -0.67 64.10 0.27
CA SER M 376 -1.66 63.43 1.09
C SER M 376 -2.70 64.42 1.58
N VAL M 377 -3.90 63.91 1.91
CA VAL M 377 -5.02 64.71 2.37
C VAL M 377 -5.68 64.02 3.55
N ILE M 378 -6.01 64.79 4.59
CA ILE M 378 -6.74 64.31 5.76
C ILE M 378 -7.76 65.37 6.15
N ASN M 379 -8.97 64.94 6.54
CA ASN M 379 -10.10 65.85 6.66
C ASN M 379 -10.44 66.28 8.08
N TYR M 380 -10.55 65.36 9.05
CA TYR M 380 -10.67 65.72 10.47
C TYR M 380 -11.91 66.56 10.77
N THR M 381 -13.08 65.95 10.67
CA THR M 381 -14.31 66.58 11.15
C THR M 381 -14.40 66.46 12.67
N MET M 382 -14.90 67.52 13.32
CA MET M 382 -15.00 67.59 14.76
C MET M 382 -16.44 67.79 15.18
N THR M 383 -16.88 67.09 16.22
CA THR M 383 -18.30 67.09 16.59
C THR M 383 -18.58 67.56 18.00
N PHE M 384 -17.60 67.53 18.90
CA PHE M 384 -17.81 67.94 20.28
C PHE M 384 -18.89 67.11 20.96
N LYS N 3 61.21 -13.39 50.85
CA LYS N 3 60.16 -13.95 50.01
C LYS N 3 60.64 -13.99 48.57
N LEU N 4 59.88 -13.34 47.69
CA LEU N 4 60.27 -13.20 46.29
C LEU N 4 59.98 -11.76 45.87
N PRO N 5 60.70 -11.23 44.90
CA PRO N 5 60.40 -9.87 44.43
C PRO N 5 59.17 -9.86 43.53
N TYR N 6 58.63 -8.67 43.33
CA TYR N 6 57.56 -8.52 42.36
C TYR N 6 58.06 -8.64 40.93
N SER N 7 59.37 -8.50 40.72
CA SER N 7 59.95 -8.69 39.40
C SER N 7 59.85 -10.13 38.93
N ARG N 8 59.31 -11.02 39.74
CA ARG N 8 59.03 -12.39 39.31
C ARG N 8 57.88 -12.46 38.31
N VAL N 9 56.91 -11.56 38.42
CA VAL N 9 55.75 -11.59 37.54
C VAL N 9 55.57 -10.33 36.70
N THR N 10 56.24 -9.23 37.03
CA THR N 10 56.17 -8.01 36.23
C THR N 10 57.57 -7.42 36.10
N ASN N 11 57.65 -6.31 35.37
CA ASN N 11 58.92 -5.60 35.23
C ASN N 11 58.59 -4.12 35.10
N VAL N 12 58.78 -3.36 36.17
CA VAL N 12 58.51 -1.93 36.20
C VAL N 12 59.83 -1.21 36.46
N THR N 13 60.21 -0.32 35.56
CA THR N 13 61.47 0.40 35.66
C THR N 13 61.21 1.90 35.79
N LEU N 14 62.30 2.68 35.81
CA LEU N 14 62.20 4.14 35.86
C LEU N 14 63.55 4.71 35.41
N THR N 15 63.51 5.56 34.40
CA THR N 15 64.69 6.29 33.94
C THR N 15 64.43 7.79 34.04
N ARG N 16 65.51 8.57 33.92
CA ARG N 16 65.44 10.02 33.93
C ARG N 16 65.78 10.52 32.53
N THR N 17 64.80 10.54 31.65
CA THR N 17 65.00 11.01 30.28
C THR N 17 63.69 11.66 29.81
N ASP N 18 63.70 12.17 28.58
CA ASP N 18 62.52 12.79 27.97
C ASP N 18 62.04 11.92 26.84
N ASN N 19 60.75 11.59 26.85
CA ASN N 19 60.14 10.76 25.82
C ASN N 19 58.90 11.47 25.27
N PHE N 20 58.83 11.56 23.95
CA PHE N 20 57.70 12.15 23.25
C PHE N 20 57.00 11.07 22.44
N PRO N 21 55.74 11.26 22.10
CA PRO N 21 55.04 10.29 21.25
C PRO N 21 55.66 10.20 19.87
N THR N 22 55.42 9.06 19.21
CA THR N 22 56.14 8.72 17.99
C THR N 22 55.67 9.56 16.81
N ARG N 23 54.39 9.43 16.44
CA ARG N 23 53.80 10.23 15.37
C ARG N 23 54.55 10.04 14.04
N ARG N 24 54.37 8.85 13.48
CA ARG N 24 54.92 8.54 12.16
C ARG N 24 54.43 9.55 11.13
N GLY N 25 55.22 9.73 10.08
CA GLY N 25 54.90 10.72 9.07
C GLY N 25 55.26 10.28 7.66
N PHE N 26 55.86 11.16 6.87
CA PHE N 26 56.11 10.82 5.47
C PHE N 26 57.52 10.29 5.22
N GLY N 27 58.55 11.10 5.45
CA GLY N 27 59.83 10.83 4.81
C GLY N 27 61.06 10.57 5.64
N THR N 28 62.22 10.53 4.98
CA THR N 28 63.53 10.38 5.60
C THR N 28 64.54 11.31 4.93
N GLN N 29 65.56 11.72 5.69
CA GLN N 29 66.62 12.57 5.16
C GLN N 29 67.95 11.79 5.11
N LEU N 30 68.91 12.36 4.38
CA LEU N 30 70.22 11.76 4.20
C LEU N 30 71.30 12.71 4.72
N ILE N 31 72.27 12.15 5.44
CA ILE N 31 73.40 12.90 6.00
C ILE N 31 74.67 12.35 5.38
N LEU N 32 75.23 13.07 4.42
CA LEU N 32 76.44 12.62 3.72
C LEU N 32 77.63 13.41 4.22
N THR N 33 78.71 12.69 4.56
CA THR N 33 79.97 13.31 4.95
C THR N 33 81.10 12.39 4.52
N HIS N 34 82.29 12.64 5.05
CA HIS N 34 83.46 11.84 4.72
C HIS N 34 83.91 10.92 5.85
N THR N 35 83.33 11.07 7.03
CA THR N 35 83.69 10.21 8.16
C THR N 35 83.17 8.80 7.95
N ALA N 36 83.97 7.81 8.36
CA ALA N 36 83.57 6.42 8.37
C ALA N 36 83.80 5.84 9.76
N VAL N 37 82.94 4.91 10.16
CA VAL N 37 82.97 4.38 11.52
C VAL N 37 83.59 2.99 11.60
N SER N 38 83.83 2.33 10.46
CA SER N 38 84.59 1.10 10.32
C SER N 38 83.91 -0.13 10.89
N GLY N 39 82.80 0.02 11.61
CA GLY N 39 82.10 -1.12 12.15
C GLY N 39 80.72 -1.27 11.53
N GLN N 40 80.24 -0.21 10.89
CA GLN N 40 78.90 -0.18 10.33
C GLN N 40 78.79 0.49 8.97
N VAL N 41 79.85 1.07 8.44
CA VAL N 41 79.82 1.64 7.09
C VAL N 41 81.01 1.18 6.27
N ASP N 42 81.87 0.33 6.83
CA ASP N 42 83.21 0.11 6.29
C ASP N 42 83.10 -0.66 4.98
N ALA N 43 82.74 0.08 3.93
CA ALA N 43 82.63 -0.42 2.56
C ALA N 43 81.51 -1.44 2.40
N THR N 44 80.88 -1.83 3.50
CA THR N 44 79.77 -2.77 3.49
C THR N 44 78.43 -2.09 3.41
N LYS N 45 78.37 -0.82 3.81
CA LYS N 45 77.13 -0.05 3.85
C LYS N 45 77.46 1.38 3.44
N ARG N 46 77.27 1.69 2.15
CA ARG N 46 77.35 3.09 1.73
C ARG N 46 76.33 3.95 2.46
N THR N 47 75.24 3.34 2.93
CA THR N 47 74.31 3.98 3.86
C THR N 47 73.99 2.96 4.94
N LYS N 48 73.55 3.45 6.09
CA LYS N 48 73.11 2.58 7.18
C LYS N 48 71.94 3.24 7.87
N LEU N 49 70.92 2.45 8.20
CA LEU N 49 69.76 2.95 8.91
C LEU N 49 69.92 2.74 10.41
N TYR N 50 69.03 3.38 11.16
CA TYR N 50 69.05 3.32 12.62
C TYR N 50 67.62 3.10 13.11
N ALA N 51 67.42 3.34 14.39
CA ALA N 51 66.09 3.38 14.98
C ALA N 51 65.86 4.60 15.83
N SER N 52 66.86 5.04 16.58
CA SER N 52 66.74 6.14 17.52
C SER N 52 68.14 6.72 17.73
N LEU N 53 68.19 7.92 18.28
CA LEU N 53 69.48 8.57 18.52
C LEU N 53 70.23 7.91 19.66
N ALA N 54 69.55 7.60 20.75
CA ALA N 54 70.22 7.08 21.94
C ALA N 54 71.05 5.85 21.61
N GLU N 55 70.52 4.98 20.76
CA GLU N 55 71.24 3.77 20.38
C GLU N 55 72.44 4.04 19.50
N VAL N 56 72.85 5.30 19.32
CA VAL N 56 74.03 5.59 18.51
C VAL N 56 75.28 5.29 19.32
N GLU N 57 76.10 4.39 18.81
CA GLU N 57 77.41 4.10 19.35
C GLU N 57 78.49 4.14 18.28
N ALA N 58 78.17 3.75 17.05
CA ALA N 58 79.19 3.68 16.00
C ALA N 58 79.80 5.05 15.72
N ASP N 59 78.97 6.08 15.62
CA ASP N 59 79.49 7.44 15.46
C ASP N 59 79.60 8.13 16.81
N TYR N 60 80.79 8.68 17.07
CA TYR N 60 81.13 9.19 18.39
C TYR N 60 80.16 10.29 18.81
N PRO N 61 79.73 10.30 20.08
CA PRO N 61 78.77 11.33 20.51
C PRO N 61 79.38 12.72 20.61
N ALA N 62 80.57 12.91 20.04
CA ALA N 62 81.17 14.23 20.01
C ALA N 62 81.53 14.69 18.61
N ASN N 63 81.51 13.81 17.61
CA ASN N 63 81.93 14.22 16.28
C ASN N 63 80.95 15.22 15.69
N THR N 64 81.50 16.24 15.03
CA THR N 64 80.67 17.36 14.61
C THR N 64 79.71 16.95 13.50
N SER N 65 80.10 15.96 12.70
CA SER N 65 79.32 15.64 11.49
C SER N 65 78.02 14.93 11.83
N VAL N 66 78.11 13.72 12.35
CA VAL N 66 76.92 12.86 12.43
C VAL N 66 76.13 13.13 13.70
N TYR N 67 76.79 13.06 14.86
CA TYR N 67 76.05 13.20 16.12
C TYR N 67 75.49 14.61 16.29
N LYS N 68 76.26 15.64 15.96
CA LYS N 68 75.76 17.00 16.12
C LYS N 68 74.68 17.36 15.12
N ALA N 69 74.55 16.60 14.03
CA ALA N 69 73.46 16.79 13.07
C ALA N 69 72.24 15.94 13.37
N ALA N 70 72.45 14.68 13.75
CA ALA N 70 71.33 13.86 14.22
C ALA N 70 70.74 14.45 15.50
N LEU N 71 71.54 15.24 16.22
CA LEU N 71 71.06 15.90 17.43
C LEU N 71 69.92 16.85 17.11
N SER N 72 70.04 17.63 16.03
CA SER N 72 68.97 18.54 15.65
C SER N 72 67.98 17.87 14.71
N ALA N 73 68.36 16.73 14.12
CA ALA N 73 67.40 15.96 13.33
C ALA N 73 66.34 15.32 14.22
N PHE N 74 66.73 14.78 15.37
CA PHE N 74 65.81 14.04 16.22
C PHE N 74 65.18 14.90 17.31
N SER N 75 65.36 16.21 17.25
CA SER N 75 64.99 17.08 18.36
C SER N 75 63.73 17.89 18.11
N GLN N 76 62.75 17.35 17.37
CA GLN N 76 61.45 17.98 17.30
C GLN N 76 60.52 17.42 18.37
N ASN N 77 59.46 18.17 18.69
CA ASN N 77 58.54 17.74 19.73
C ASN N 77 57.88 16.41 19.42
N PRO N 78 57.38 16.13 18.20
CA PRO N 78 57.14 14.74 17.81
C PRO N 78 58.34 14.20 17.05
N ARG N 79 58.56 12.90 17.18
CA ARG N 79 59.89 12.69 16.60
C ARG N 79 59.81 11.83 15.35
N PRO N 80 60.66 12.07 14.37
CA PRO N 80 60.82 11.09 13.28
C PRO N 80 61.54 9.85 13.74
N ILE N 81 61.74 8.88 12.85
CA ILE N 81 62.46 7.66 13.18
C ILE N 81 63.43 7.34 12.05
N ARG N 82 64.35 6.42 12.35
CA ARG N 82 65.25 5.79 11.36
C ARG N 82 65.91 6.81 10.42
N LEU N 83 66.84 7.58 10.98
CA LEU N 83 67.71 8.40 10.15
C LEU N 83 68.62 7.51 9.30
N LYS N 84 68.93 7.98 8.10
CA LYS N 84 69.81 7.27 7.16
C LYS N 84 71.23 7.81 7.27
N VAL N 85 72.06 7.07 7.99
CA VAL N 85 73.39 7.50 8.42
C VAL N 85 74.35 7.36 7.25
N GLY N 86 75.54 7.93 7.37
CA GLY N 86 76.38 8.20 6.23
C GLY N 86 77.59 7.29 6.05
N TYR N 87 77.93 7.08 4.78
CA TYR N 87 79.24 6.61 4.35
C TYR N 87 79.59 7.20 2.99
N ALA N 88 78.74 8.08 2.44
CA ALA N 88 78.61 8.23 1.00
C ALA N 88 79.88 8.70 0.29
N ALA N 89 80.25 9.96 0.48
CA ALA N 89 81.46 10.52 -0.11
C ALA N 89 82.62 10.49 0.88
N THR N 90 82.98 9.30 1.34
CA THR N 90 84.07 9.18 2.31
C THR N 90 85.37 9.81 1.84
N PRO N 91 85.80 9.67 0.57
CA PRO N 91 86.95 10.47 0.11
C PRO N 91 86.63 11.95 0.13
N THR N 92 87.68 12.76 0.33
CA THR N 92 87.50 14.20 0.51
C THR N 92 87.18 14.92 -0.80
N GLY N 93 85.92 14.87 -1.23
CA GLY N 93 85.46 15.68 -2.34
C GLY N 93 85.98 15.22 -3.68
N GLY N 94 87.29 15.02 -3.77
CA GLY N 94 87.89 14.52 -4.99
C GLY N 94 89.39 14.41 -4.79
N ASP N 95 89.97 13.44 -5.50
CA ASP N 95 91.42 13.27 -5.44
C ASP N 95 92.12 14.54 -5.91
N ASP N 96 91.61 15.15 -6.98
CA ASP N 96 91.89 16.54 -7.30
C ASP N 96 90.73 17.31 -6.68
N ALA N 97 91.03 18.07 -5.62
CA ALA N 97 89.97 18.68 -4.83
C ALA N 97 89.09 19.60 -5.65
N ALA N 98 89.68 20.45 -6.49
CA ALA N 98 88.91 21.43 -7.23
C ALA N 98 88.00 20.78 -8.26
N LYS N 99 88.28 19.53 -8.63
CA LYS N 99 87.49 18.84 -9.64
C LYS N 99 86.25 18.24 -9.01
N LYS N 100 85.10 18.53 -9.60
CA LYS N 100 83.82 18.06 -9.13
C LYS N 100 83.40 16.73 -9.75
N ALA N 101 84.19 16.21 -10.70
CA ALA N 101 83.85 14.93 -11.32
C ALA N 101 83.87 13.79 -10.31
N ASP N 102 84.86 13.77 -9.42
CA ASP N 102 84.92 12.72 -8.40
C ASP N 102 83.72 12.81 -7.45
N PHE N 103 83.32 14.03 -7.07
CA PHE N 103 82.15 14.20 -6.23
C PHE N 103 80.88 13.75 -6.95
N ILE N 104 80.77 14.03 -8.25
CA ILE N 104 79.60 13.60 -9.02
C ILE N 104 79.54 12.07 -9.09
N THR N 105 80.70 11.43 -9.32
CA THR N 105 80.72 9.96 -9.36
C THR N 105 80.43 9.37 -7.98
N SER N 106 80.91 10.02 -6.92
CA SER N 106 80.58 9.59 -5.57
C SER N 106 79.09 9.65 -5.33
N LEU N 107 78.45 10.73 -5.78
CA LEU N 107 77.00 10.84 -5.69
C LEU N 107 76.31 9.75 -6.50
N GLY N 108 76.85 9.44 -7.68
CA GLY N 108 76.23 8.45 -8.53
C GLY N 108 76.48 7.02 -8.11
N ALA N 109 77.37 6.81 -7.14
CA ALA N 109 77.63 5.47 -6.63
C ALA N 109 77.02 5.23 -5.24
N ILE N 110 76.26 6.17 -4.70
CA ILE N 110 75.59 5.94 -3.41
C ILE N 110 74.12 5.61 -3.60
N LEU N 111 73.54 5.87 -4.77
CA LEU N 111 72.20 5.38 -5.06
C LEU N 111 72.18 3.86 -5.16
N ASN N 112 73.27 3.29 -5.68
CA ASN N 112 73.27 1.87 -6.04
C ASN N 112 73.16 0.96 -4.82
N TYR N 113 73.31 1.50 -3.61
CA TYR N 113 73.05 0.70 -2.43
C TYR N 113 71.64 0.91 -1.91
N ASP N 114 71.19 2.17 -1.84
CA ASP N 114 69.93 2.43 -1.17
C ASP N 114 69.17 3.58 -1.82
N GLN N 115 67.86 3.39 -1.96
CA GLN N 115 66.91 4.41 -2.39
C GLN N 115 65.78 4.40 -1.38
N ALA N 116 66.02 5.06 -0.25
CA ALA N 116 64.97 5.35 0.72
C ALA N 116 65.03 6.77 1.26
N PHE N 117 65.97 7.60 0.80
CA PHE N 117 66.05 8.96 1.27
C PHE N 117 65.44 9.93 0.26
N TYR N 118 64.87 11.01 0.79
CA TYR N 118 64.18 12.01 0.00
C TYR N 118 64.78 13.40 0.09
N GLN N 119 65.32 13.77 1.24
CA GLN N 119 65.92 15.09 1.47
C GLN N 119 67.40 14.92 1.77
N ILE N 120 68.24 15.63 1.02
CA ILE N 120 69.69 15.44 1.06
C ILE N 120 70.29 16.61 1.82
N THR N 121 71.00 16.32 2.90
CA THR N 121 71.60 17.33 3.77
C THR N 121 73.08 16.99 3.97
N LEU N 122 73.94 17.97 3.69
CA LEU N 122 75.34 17.93 4.12
C LEU N 122 75.46 18.79 5.36
N ASP N 123 76.27 18.36 6.32
CA ASP N 123 76.27 19.03 7.61
C ASP N 123 77.66 19.00 8.22
N ALA N 124 77.98 20.09 8.94
CA ALA N 124 79.15 20.25 9.79
C ALA N 124 80.46 20.18 9.01
N ALA N 125 80.41 19.90 7.71
CA ALA N 125 81.59 19.84 6.87
C ALA N 125 81.09 19.90 5.43
N LEU N 126 82.04 19.94 4.50
CA LEU N 126 81.74 20.13 3.08
C LEU N 126 81.09 21.48 2.81
N ARG N 127 81.00 22.34 3.82
CA ARG N 127 80.30 23.62 3.69
C ARG N 127 81.14 24.56 2.85
N ASP N 128 80.50 25.28 1.94
CA ASP N 128 81.13 26.30 1.11
C ASP N 128 82.24 25.73 0.23
N GLN N 129 82.12 24.48 -0.19
CA GLN N 129 83.09 23.91 -1.13
C GLN N 129 82.65 24.19 -2.57
N PRO N 130 83.58 24.54 -3.45
CA PRO N 130 83.21 24.73 -4.86
C PRO N 130 82.75 23.45 -5.54
N TYR N 131 83.18 22.28 -5.06
CA TYR N 131 82.76 21.03 -5.70
C TYR N 131 81.31 20.69 -5.44
N LEU N 132 80.65 21.43 -4.54
CA LEU N 132 79.27 21.14 -4.19
C LEU N 132 78.32 21.46 -5.35
N ASP N 133 78.81 22.14 -6.38
CA ASP N 133 78.00 22.44 -7.55
C ASP N 133 77.44 21.18 -8.19
N GLY N 134 78.14 20.05 -8.03
CA GLY N 134 77.63 18.80 -8.57
C GLY N 134 76.29 18.41 -7.97
N LEU N 135 76.13 18.60 -6.66
CA LEU N 135 74.87 18.27 -6.01
C LEU N 135 73.71 19.10 -6.58
N VAL N 136 73.97 20.40 -6.81
CA VAL N 136 72.94 21.29 -7.33
C VAL N 136 72.58 20.93 -8.76
N GLU N 137 73.60 20.59 -9.57
CA GLU N 137 73.31 20.21 -10.95
C GLU N 137 72.67 18.83 -11.03
N TRP N 138 72.90 17.97 -10.05
CA TRP N 138 72.51 16.58 -10.13
C TRP N 138 71.14 16.29 -9.53
N VAL N 139 70.76 16.97 -8.44
CA VAL N 139 69.45 16.71 -7.87
C VAL N 139 68.34 17.20 -8.79
N GLU N 140 68.67 18.05 -9.75
CA GLU N 140 67.76 18.33 -10.86
C GLU N 140 67.53 17.07 -11.67
N ALA N 141 66.26 16.83 -12.02
CA ALA N 141 65.84 15.58 -12.65
C ALA N 141 66.19 14.39 -11.77
N GLN N 142 65.87 14.49 -10.48
CA GLN N 142 66.11 13.44 -9.51
C GLN N 142 65.10 13.62 -8.39
N PRO N 143 64.22 12.65 -8.14
CA PRO N 143 63.07 12.88 -7.23
C PRO N 143 63.49 13.00 -5.77
N LYS N 144 64.25 14.05 -5.46
CA LYS N 144 64.71 14.33 -4.11
C LYS N 144 64.73 15.84 -3.89
N ILE N 145 65.12 16.24 -2.69
CA ILE N 145 65.21 17.64 -2.29
C ILE N 145 66.59 17.89 -1.70
N ALA N 146 67.31 18.87 -2.25
CA ALA N 146 68.68 19.17 -1.85
C ALA N 146 68.71 20.45 -1.02
N MET N 147 69.31 20.37 0.15
CA MET N 147 69.36 21.50 1.06
C MET N 147 70.75 21.65 1.64
N ILE N 148 71.26 22.89 1.65
CA ILE N 148 72.62 23.20 2.07
C ILE N 148 72.56 24.33 3.09
N ASP N 149 72.99 24.05 4.32
CA ASP N 149 73.04 25.07 5.36
C ASP N 149 74.49 25.52 5.53
N SER N 150 74.74 26.78 5.17
CA SER N 150 76.05 27.34 5.45
C SER N 150 76.18 27.67 6.92
N ASN N 151 77.42 27.72 7.39
CA ASN N 151 77.73 28.25 8.71
C ASN N 151 78.17 29.70 8.66
N ALA N 152 78.61 30.18 7.50
CA ALA N 152 79.01 31.57 7.31
C ALA N 152 79.29 31.80 5.84
N ALA N 153 78.90 32.97 5.34
CA ALA N 153 79.19 33.37 3.97
C ALA N 153 78.83 34.85 3.84
N GLY N 154 78.93 35.36 2.60
CA GLY N 154 78.64 36.74 2.30
C GLY N 154 77.34 36.93 1.55
N HIS N 155 76.30 36.23 1.99
CA HIS N 155 74.98 36.40 1.38
C HIS N 155 74.31 37.67 1.86
N GLU N 156 74.94 38.38 2.80
CA GLU N 156 74.35 39.59 3.36
C GLU N 156 74.62 40.80 2.48
N ASP N 157 75.38 40.65 1.40
CA ASP N 157 75.53 41.70 0.42
C ASP N 157 74.53 41.46 -0.69
N PRO N 158 73.58 42.35 -0.92
CA PRO N 158 72.60 42.14 -2.01
C PRO N 158 73.20 42.35 -3.39
N ALA N 159 74.53 42.36 -3.50
CA ALA N 159 75.20 42.55 -4.77
C ALA N 159 76.13 41.42 -5.18
N ASN N 160 76.76 40.73 -4.22
CA ASN N 160 77.81 39.79 -4.56
C ASN N 160 77.25 38.57 -5.30
N THR N 161 78.11 37.95 -6.12
CA THR N 161 77.72 36.83 -6.95
C THR N 161 78.55 35.58 -6.76
N THR N 162 79.39 35.51 -5.72
CA THR N 162 80.25 34.35 -5.53
C THR N 162 79.65 33.30 -4.60
N VAL N 163 78.63 33.66 -3.82
CA VAL N 163 78.13 32.75 -2.80
C VAL N 163 77.23 31.69 -3.44
N ILE N 164 76.90 30.66 -2.64
CA ILE N 164 76.06 29.57 -3.09
C ILE N 164 74.77 30.09 -3.68
N ALA N 165 74.03 30.89 -2.91
CA ALA N 165 72.70 31.33 -3.31
C ALA N 165 72.72 32.38 -4.40
N ALA N 166 73.89 32.90 -4.78
CA ALA N 166 73.99 33.83 -5.89
C ALA N 166 74.30 33.14 -7.20
N ARG N 167 75.34 32.29 -7.22
CA ARG N 167 75.74 31.62 -8.46
C ARG N 167 74.67 30.63 -8.93
N HIS N 168 73.72 30.30 -8.05
CA HIS N 168 72.56 29.48 -8.41
C HIS N 168 71.33 30.15 -7.82
N LYS N 169 70.71 31.04 -8.58
CA LYS N 169 69.53 31.76 -8.11
C LYS N 169 68.61 31.98 -9.31
N GLY N 170 67.38 31.49 -9.22
CA GLY N 170 66.42 31.61 -10.29
C GLY N 170 66.55 30.56 -11.36
N THR N 171 67.54 29.68 -11.28
CA THR N 171 67.72 28.61 -12.25
C THR N 171 67.41 27.23 -11.70
N VAL N 172 67.43 27.07 -10.38
CA VAL N 172 67.19 25.77 -9.74
C VAL N 172 65.88 25.84 -8.97
N GLU N 173 65.06 24.80 -9.11
CA GLU N 173 63.75 24.75 -8.48
C GLU N 173 63.61 23.59 -7.48
N ARG N 174 64.72 22.99 -7.06
CA ARG N 174 64.64 21.87 -6.13
C ARG N 174 65.72 21.94 -5.06
N THR N 175 66.33 23.11 -4.87
CA THR N 175 67.36 23.28 -3.86
C THR N 175 67.08 24.55 -3.06
N ALA N 176 67.57 24.56 -1.82
CA ALA N 176 67.41 25.72 -0.95
C ALA N 176 68.61 25.82 -0.03
N VAL N 177 68.76 26.99 0.58
CA VAL N 177 69.91 27.33 1.42
C VAL N 177 69.38 27.66 2.81
N PHE N 178 69.98 27.08 3.85
CA PHE N 178 69.71 27.49 5.23
C PHE N 178 70.89 28.32 5.76
N TYR N 179 70.93 29.58 5.33
CA TYR N 179 71.98 30.49 5.76
C TYR N 179 71.84 30.86 7.23
N HIS N 180 72.96 30.95 7.92
CA HIS N 180 72.95 31.21 9.36
C HIS N 180 74.36 31.65 9.75
N THR N 181 74.59 31.76 11.06
CA THR N 181 75.92 31.98 11.62
C THR N 181 76.55 30.64 12.03
N ASP N 182 77.67 30.71 12.73
CA ASP N 182 78.52 29.54 12.94
C ASP N 182 77.92 28.59 13.97
N SER N 183 78.27 27.30 13.81
CA SER N 183 78.20 26.24 14.82
C SER N 183 76.80 25.69 15.09
N THR N 184 75.85 25.87 14.18
CA THR N 184 74.50 25.31 14.36
C THR N 184 74.12 24.49 13.13
N GLU N 185 73.73 23.24 13.36
CA GLU N 185 73.14 22.40 12.32
C GLU N 185 71.68 22.79 12.18
N TYR N 186 71.26 23.17 10.98
CA TYR N 186 69.94 23.78 10.80
C TYR N 186 69.01 22.98 9.89
N LEU N 187 69.50 22.44 8.77
CA LEU N 187 68.64 21.63 7.91
C LEU N 187 67.93 20.55 8.70
N ALA N 188 68.64 19.94 9.64
CA ALA N 188 68.05 18.88 10.44
C ALA N 188 67.04 19.41 11.44
N ALA N 189 67.10 20.71 11.76
CA ALA N 189 66.29 21.25 12.83
C ALA N 189 64.80 21.18 12.51
N SER N 190 64.44 21.54 11.29
CA SER N 190 63.04 21.59 10.87
C SER N 190 62.70 20.50 9.85
N MET N 191 63.49 20.41 8.78
CA MET N 191 63.28 19.34 7.81
C MET N 191 63.44 17.99 8.47
N ALA N 192 62.63 17.03 8.03
CA ALA N 192 62.77 15.64 8.45
C ALA N 192 62.51 15.49 9.95
N ALA N 193 62.26 16.60 10.64
CA ALA N 193 61.86 16.57 12.03
C ALA N 193 60.47 17.18 12.24
N TYR N 194 60.17 18.24 11.50
CA TYR N 194 58.80 18.70 11.34
C TYR N 194 58.21 18.30 9.99
N MET N 195 59.01 18.39 8.92
CA MET N 195 58.54 17.96 7.60
C MET N 195 58.16 16.49 7.61
N SER N 196 58.97 15.66 8.27
CA SER N 196 58.76 14.23 8.23
C SER N 196 57.42 13.84 8.84
N THR N 197 57.10 14.37 10.01
CA THR N 197 55.88 13.93 10.68
C THR N 197 54.67 14.72 10.21
N ARG N 198 54.53 14.85 8.88
CA ARG N 198 53.37 15.47 8.26
C ARG N 198 52.58 14.38 7.57
N VAL N 199 51.36 14.14 8.03
CA VAL N 199 50.52 13.07 7.49
C VAL N 199 49.45 13.72 6.63
N PHE N 200 49.55 13.51 5.31
CA PHE N 200 48.60 14.09 4.38
C PHE N 200 47.37 13.22 4.19
N ASP N 201 47.25 12.11 4.92
CA ASP N 201 46.10 11.24 4.80
C ASP N 201 44.92 11.71 5.63
N ASP N 202 45.06 12.80 6.36
CA ASP N 202 43.98 13.37 7.14
C ASP N 202 43.41 14.60 6.43
N ALA N 203 42.19 14.97 6.82
CA ALA N 203 41.58 16.17 6.28
C ALA N 203 42.32 17.41 6.75
N ASN N 204 42.45 18.38 5.86
CA ASN N 204 42.98 19.72 6.17
C ASN N 204 44.40 19.66 6.69
N SER N 205 45.18 18.67 6.26
CA SER N 205 46.58 18.54 6.66
C SER N 205 47.54 19.13 5.64
N ALA N 206 47.30 20.37 5.24
CA ALA N 206 48.17 21.05 4.27
C ALA N 206 48.89 22.15 5.01
N TYR N 207 50.19 21.97 5.25
CA TYR N 207 50.97 22.96 5.97
C TYR N 207 51.64 23.91 4.98
N THR N 208 50.83 24.37 4.04
CA THR N 208 51.31 24.99 2.80
C THR N 208 52.49 25.94 3.01
N LEU N 209 52.60 26.53 4.20
CA LEU N 209 53.63 27.53 4.46
C LEU N 209 54.99 26.93 4.79
N LYS N 210 55.07 26.23 5.93
CA LYS N 210 56.34 25.98 6.60
C LYS N 210 57.06 27.28 6.94
N PHE N 211 56.29 28.34 7.21
CA PHE N 211 56.80 29.70 7.21
C PHE N 211 56.87 30.32 8.59
N LYS N 212 56.08 29.85 9.56
CA LYS N 212 56.25 30.29 10.95
C LYS N 212 56.19 29.06 11.85
N LYS N 213 57.33 28.38 11.98
CA LYS N 213 57.40 27.12 12.71
C LYS N 213 58.61 27.12 13.62
N ALA N 214 58.41 26.72 14.86
CA ALA N 214 59.36 26.71 15.96
C ALA N 214 60.07 25.37 16.07
N PRO N 215 61.39 25.33 16.02
CA PRO N 215 62.14 24.10 16.27
C PRO N 215 62.19 23.81 17.76
N GLY N 216 62.82 22.68 18.11
CA GLY N 216 62.91 22.28 19.49
C GLY N 216 63.65 23.27 20.35
N VAL N 217 64.96 23.40 20.15
CA VAL N 217 65.80 24.38 20.85
C VAL N 217 66.81 24.91 19.86
N ARG N 218 66.93 26.23 19.76
CA ARG N 218 67.96 26.83 18.93
C ARG N 218 68.06 28.32 19.25
N ALA N 219 68.89 29.00 18.47
CA ALA N 219 69.18 30.42 18.67
C ALA N 219 68.92 31.20 17.39
N ILE N 220 68.65 32.48 17.57
CA ILE N 220 68.31 33.38 16.48
C ILE N 220 69.57 34.01 15.92
N ASP N 221 69.47 34.58 14.71
CA ASP N 221 70.47 35.49 14.20
C ASP N 221 70.06 36.91 14.58
N LYS N 222 70.72 37.92 13.99
CA LYS N 222 70.52 39.31 14.35
C LYS N 222 70.35 40.19 13.11
N GLY N 223 69.60 41.28 13.28
CA GLY N 223 69.48 42.30 12.25
C GLY N 223 68.08 42.53 11.73
N SER N 224 67.91 43.62 10.98
CA SER N 224 66.67 43.91 10.29
C SER N 224 66.83 44.13 8.79
N ALA N 225 67.78 44.96 8.38
CA ALA N 225 68.07 45.17 6.97
C ALA N 225 69.04 44.13 6.43
N VAL N 226 69.55 43.25 7.29
CA VAL N 226 70.35 42.11 6.84
C VAL N 226 69.49 40.88 6.60
N VAL N 227 68.24 40.89 7.05
CA VAL N 227 67.31 39.77 6.91
C VAL N 227 66.57 39.88 5.58
N THR N 228 66.89 40.92 4.80
CA THR N 228 66.31 41.05 3.47
C THR N 228 67.33 40.87 2.36
N ALA N 229 68.62 41.09 2.65
CA ALA N 229 69.66 40.59 1.75
C ALA N 229 69.62 39.07 1.71
N ILE N 230 69.65 38.44 2.88
CA ILE N 230 69.25 37.05 2.96
C ILE N 230 67.74 36.97 2.87
N THR N 231 67.23 35.84 2.40
CA THR N 231 65.82 35.54 2.17
C THR N 231 65.19 36.43 1.09
N GLY N 232 65.92 37.41 0.56
CA GLY N 232 65.45 38.25 -0.53
C GLY N 232 64.01 38.70 -0.50
N PHE N 233 63.47 38.93 0.70
CA PHE N 233 62.06 39.22 0.89
C PHE N 233 61.85 40.72 1.06
N VAL N 234 61.09 41.32 0.15
CA VAL N 234 60.68 42.71 0.31
C VAL N 234 59.35 42.76 1.06
N GLU N 235 59.03 43.92 1.62
CA GLU N 235 58.00 44.01 2.64
C GLU N 235 56.65 43.51 2.14
N GLN N 236 56.05 44.23 1.19
CA GLN N 236 54.70 43.93 0.74
C GLN N 236 54.65 43.48 -0.71
N THR N 237 55.70 43.77 -1.49
CA THR N 237 55.73 43.34 -2.88
C THR N 237 55.75 41.82 -2.99
N GLY N 238 56.61 41.17 -2.21
CA GLY N 238 56.76 39.73 -2.33
C GLY N 238 58.18 39.29 -2.07
N GLN N 239 58.77 38.61 -3.04
CA GLN N 239 60.16 38.19 -2.97
C GLN N 239 60.81 38.47 -4.32
N SER N 240 61.88 39.26 -4.33
CA SER N 240 62.53 39.70 -5.55
C SER N 240 63.89 39.03 -5.68
N GLU N 241 64.19 38.56 -6.88
CA GLU N 241 65.41 37.80 -7.10
C GLU N 241 66.66 38.68 -7.10
N SER N 242 66.57 39.86 -7.72
CA SER N 242 67.72 40.74 -7.83
C SER N 242 68.09 41.38 -6.50
N ALA N 243 67.11 41.60 -5.62
CA ALA N 243 67.31 42.33 -4.37
C ALA N 243 67.51 41.41 -3.17
N GLY N 244 68.19 40.29 -3.34
CA GLY N 244 68.48 39.42 -2.21
C GLY N 244 68.76 38.01 -2.66
N HIS N 245 69.13 37.19 -1.68
CA HIS N 245 69.42 35.78 -1.90
C HIS N 245 68.59 34.94 -0.94
N CYS N 246 67.85 33.98 -1.48
CA CYS N 246 66.86 33.21 -0.73
C CYS N 246 67.58 32.29 0.25
N ALA N 247 67.11 32.27 1.50
CA ALA N 247 67.58 31.33 2.51
C ALA N 247 66.66 31.42 3.72
N ASN N 248 67.01 30.71 4.79
CA ASN N 248 66.16 30.62 5.96
C ASN N 248 66.99 30.87 7.20
N THR N 249 66.49 31.73 8.09
CA THR N 249 67.36 32.25 9.14
C THR N 249 66.79 32.18 10.55
N LEU N 250 65.52 31.84 10.76
CA LEU N 250 64.94 31.70 12.10
C LEU N 250 65.04 33.01 12.89
N ILE N 251 64.29 34.01 12.44
CA ILE N 251 64.21 35.30 13.10
C ILE N 251 63.37 35.22 14.36
N ASP N 252 63.40 36.27 15.18
CA ASP N 252 62.47 36.44 16.29
C ASP N 252 61.93 37.86 16.28
N ILE N 253 60.61 37.99 16.42
CA ILE N 253 59.91 39.26 16.32
C ILE N 253 59.36 39.71 17.66
N GLY N 254 58.47 38.93 18.25
CA GLY N 254 57.98 39.25 19.57
C GLY N 254 58.87 38.63 20.62
N ASP N 255 58.28 37.85 21.53
CA ASP N 255 59.07 36.95 22.35
C ASP N 255 59.18 35.56 21.76
N GLN N 256 58.72 35.37 20.53
CA GLN N 256 58.73 34.07 19.88
C GLN N 256 59.85 34.02 18.84
N GLU N 257 60.41 32.84 18.64
CA GLU N 257 61.36 32.58 17.57
C GLU N 257 60.76 31.56 16.62
N PHE N 258 60.90 31.81 15.32
CA PHE N 258 60.27 30.94 14.33
C PHE N 258 61.01 31.06 13.01
N LEU N 259 60.88 30.02 12.19
CA LEU N 259 61.50 30.01 10.87
C LEU N 259 60.86 31.07 9.99
N VAL N 260 61.62 31.57 9.02
CA VAL N 260 61.11 32.63 8.16
C VAL N 260 61.48 32.36 6.71
N GLU N 261 60.71 32.97 5.82
CA GLU N 261 60.66 32.82 4.37
C GLU N 261 60.05 31.49 3.93
N GLY N 262 59.74 30.58 4.86
CA GLY N 262 59.09 29.35 4.49
C GLY N 262 59.87 28.45 3.56
N SER N 263 61.20 28.53 3.60
CA SER N 263 62.08 27.66 2.82
C SER N 263 61.79 27.76 1.32
N THR N 264 62.05 28.94 0.78
CA THR N 264 61.97 29.07 -0.67
C THR N 264 63.13 28.34 -1.33
N LEU N 265 62.98 28.12 -2.63
CA LEU N 265 64.01 27.54 -3.48
C LEU N 265 64.47 28.49 -4.57
N THR N 266 63.53 29.12 -5.25
CA THR N 266 63.77 30.18 -6.22
C THR N 266 62.76 31.27 -5.87
N GLN N 267 62.55 32.22 -6.79
CA GLN N 267 61.92 33.48 -6.44
C GLN N 267 60.62 33.29 -5.65
N ASN N 268 59.73 32.42 -6.12
CA ASN N 268 58.44 32.22 -5.45
C ASN N 268 58.04 30.76 -5.44
N VAL N 269 58.96 29.88 -5.07
CA VAL N 269 58.71 28.45 -5.01
C VAL N 269 58.99 28.02 -3.57
N PHE N 270 58.02 27.41 -2.93
CA PHE N 270 58.13 27.11 -1.50
C PHE N 270 58.25 25.61 -1.26
N LEU N 271 58.64 25.26 -0.04
CA LEU N 271 59.02 23.90 0.27
C LEU N 271 57.80 22.98 0.32
N ASP N 272 56.67 23.46 0.84
CA ASP N 272 55.51 22.60 0.97
C ASP N 272 54.94 22.18 -0.37
N GLU N 273 55.03 23.02 -1.40
CA GLU N 273 54.59 22.60 -2.72
C GLU N 273 55.33 21.34 -3.15
N ILE N 274 56.67 21.37 -3.05
CA ILE N 274 57.47 20.22 -3.45
C ILE N 274 57.15 19.01 -2.57
N HIS N 275 57.07 19.22 -1.26
CA HIS N 275 56.81 18.11 -0.35
C HIS N 275 55.47 17.45 -0.64
N ALA N 276 54.42 18.25 -0.85
CA ALA N 276 53.08 17.71 -1.07
C ALA N 276 52.96 17.02 -2.42
N THR N 277 53.51 17.62 -3.49
CA THR N 277 53.44 16.95 -4.78
C THR N 277 54.25 15.66 -4.77
N ASP N 278 55.36 15.63 -4.02
CA ASP N 278 56.13 14.39 -3.93
C ASP N 278 55.37 13.34 -3.12
N TRP N 279 54.60 13.76 -2.12
CA TRP N 279 53.70 12.82 -1.46
C TRP N 279 52.69 12.25 -2.44
N ILE N 280 52.16 13.09 -3.32
CA ILE N 280 51.19 12.62 -4.31
C ILE N 280 51.81 11.56 -5.21
N ILE N 281 53.03 11.83 -5.68
CA ILE N 281 53.70 10.89 -6.59
C ILE N 281 53.99 9.59 -5.87
N ALA N 282 54.56 9.67 -4.66
CA ALA N 282 54.91 8.47 -3.91
C ALA N 282 53.69 7.67 -3.50
N ARG N 283 52.54 8.31 -3.33
CA ARG N 283 51.32 7.60 -3.01
C ARG N 283 50.74 6.89 -4.23
N THR N 284 50.78 7.53 -5.40
CA THR N 284 50.35 6.86 -6.61
C THR N 284 51.24 5.65 -6.92
N GLU N 285 52.54 5.77 -6.65
CA GLU N 285 53.42 4.62 -6.82
C GLU N 285 52.98 3.45 -5.94
N GLU N 286 52.69 3.73 -4.67
CA GLU N 286 52.34 2.68 -3.73
C GLU N 286 51.03 2.02 -4.13
N GLU N 287 50.04 2.82 -4.55
CA GLU N 287 48.76 2.24 -4.96
C GLU N 287 48.89 1.45 -6.26
N MET N 288 49.72 1.91 -7.20
CA MET N 288 49.95 1.11 -8.39
C MET N 288 50.57 -0.23 -8.04
N LEU N 289 51.58 -0.24 -7.16
CA LEU N 289 52.20 -1.51 -6.78
C LEU N 289 51.20 -2.41 -6.07
N SER N 290 50.38 -1.85 -5.19
CA SER N 290 49.36 -2.64 -4.53
C SER N 290 48.30 -3.17 -5.48
N LEU N 291 48.09 -2.52 -6.63
CA LEU N 291 47.23 -3.08 -7.66
C LEU N 291 47.85 -4.23 -8.42
N PHE N 292 49.17 -4.23 -8.63
CA PHE N 292 49.83 -5.31 -9.35
C PHE N 292 49.97 -6.57 -8.50
N LEU N 293 49.86 -6.46 -7.18
CA LEU N 293 50.03 -7.62 -6.30
C LEU N 293 48.72 -8.31 -5.97
N ASN N 294 47.58 -7.61 -6.07
CA ASN N 294 46.29 -8.22 -5.77
C ASN N 294 45.76 -9.03 -6.94
N ASN N 295 45.75 -8.42 -8.13
CA ASN N 295 45.17 -9.07 -9.29
C ASN N 295 46.02 -10.24 -9.75
N ASP N 296 45.36 -11.21 -10.38
CA ASP N 296 46.10 -12.20 -11.14
C ASP N 296 46.95 -11.51 -12.18
N ARG N 297 46.31 -10.86 -13.15
CA ARG N 297 46.98 -10.03 -14.15
C ARG N 297 46.21 -8.74 -14.36
N VAL N 298 46.85 -7.82 -15.08
CA VAL N 298 46.22 -6.64 -15.66
C VAL N 298 46.33 -6.76 -17.18
N PRO N 299 45.23 -7.02 -17.89
CA PRO N 299 45.32 -7.27 -19.33
C PRO N 299 45.65 -6.01 -20.12
N PHE N 300 46.14 -6.23 -21.34
CA PHE N 300 46.54 -5.16 -22.24
C PHE N 300 45.38 -4.81 -23.17
N THR N 301 44.28 -4.38 -22.56
CA THR N 301 43.08 -3.98 -23.30
C THR N 301 42.63 -2.62 -22.77
N ASP N 302 41.45 -2.18 -23.21
CA ASP N 302 40.88 -0.95 -22.68
C ASP N 302 40.38 -1.12 -21.25
N GLN N 303 39.87 -2.31 -20.92
CA GLN N 303 39.46 -2.59 -19.56
C GLN N 303 40.64 -2.49 -18.61
N GLY N 304 41.81 -2.98 -19.03
CA GLY N 304 43.02 -2.81 -18.25
C GLY N 304 43.44 -1.37 -18.08
N MET N 305 43.30 -0.55 -19.13
CA MET N 305 43.62 0.86 -19.02
C MET N 305 42.73 1.56 -18.01
N GLN N 306 41.43 1.24 -18.03
CA GLN N 306 40.55 1.84 -17.02
C GLN N 306 40.87 1.33 -15.62
N GLN N 307 41.21 0.05 -15.48
CA GLN N 307 41.62 -0.46 -14.18
C GLN N 307 42.86 0.26 -13.67
N LEU N 308 43.83 0.54 -14.55
CA LEU N 308 45.01 1.29 -14.14
C LEU N 308 44.65 2.73 -13.78
N ALA N 309 43.80 3.37 -14.58
CA ALA N 309 43.46 4.77 -14.35
C ALA N 309 42.58 4.97 -13.14
N SER N 310 42.03 3.89 -12.58
CA SER N 310 41.26 4.03 -11.35
C SER N 310 42.09 4.51 -10.17
N VAL N 311 43.42 4.43 -10.25
CA VAL N 311 44.30 4.78 -9.13
C VAL N 311 44.46 6.29 -8.99
N PRO N 312 44.86 7.03 -10.04
CA PRO N 312 44.92 8.49 -9.90
C PRO N 312 43.59 9.12 -9.55
N ARG N 313 42.47 8.52 -9.95
CA ARG N 313 41.17 9.07 -9.57
C ARG N 313 40.95 9.07 -8.08
N ALA N 314 41.33 8.01 -7.39
CA ALA N 314 41.26 7.96 -5.93
C ALA N 314 42.29 8.86 -5.28
N ILE N 315 43.50 8.92 -5.83
CA ILE N 315 44.53 9.76 -5.23
C ILE N 315 44.15 11.24 -5.31
N MET N 316 43.51 11.66 -6.40
CA MET N 316 43.13 13.06 -6.51
C MET N 316 42.02 13.43 -5.53
N GLN N 317 41.08 12.51 -5.29
CA GLN N 317 40.07 12.78 -4.28
C GLN N 317 40.68 12.82 -2.88
N LEU N 318 41.67 11.96 -2.63
CA LEU N 318 42.41 12.03 -1.38
C LEU N 318 43.15 13.35 -1.20
N ALA N 319 43.77 13.87 -2.26
CA ALA N 319 44.54 15.10 -2.22
C ALA N 319 43.67 16.35 -2.11
N ALA N 320 42.51 16.37 -2.77
CA ALA N 320 41.63 17.52 -2.66
C ALA N 320 41.05 17.66 -1.27
N ARG N 321 40.98 16.55 -0.52
CA ARG N 321 40.46 16.60 0.84
C ARG N 321 41.48 17.20 1.80
N ALA N 322 42.76 16.88 1.61
CA ALA N 322 43.80 17.42 2.48
C ALA N 322 43.92 18.93 2.32
N GLY N 323 43.61 19.45 1.14
CA GLY N 323 43.69 20.87 0.91
C GLY N 323 44.77 21.26 -0.07
N ILE N 324 45.33 20.27 -0.76
CA ILE N 324 46.43 20.50 -1.69
C ILE N 324 45.87 20.92 -3.04
N VAL N 325 44.76 20.30 -3.45
CA VAL N 325 44.12 20.60 -4.72
C VAL N 325 43.01 21.62 -4.46
N ALA N 326 42.78 22.48 -5.45
CA ALA N 326 41.91 23.64 -5.29
C ALA N 326 40.44 23.23 -5.27
N LEU N 327 39.59 24.22 -4.97
CA LEU N 327 38.15 24.01 -4.80
C LEU N 327 37.36 24.47 -6.03
N ASP N 328 37.61 23.82 -7.17
CA ASP N 328 36.64 23.72 -8.26
C ASP N 328 36.10 25.07 -8.74
N LEU N 329 36.83 26.15 -8.50
CA LEU N 329 36.37 27.48 -8.91
C LEU N 329 37.52 28.22 -9.55
N ASN N 330 37.22 28.99 -10.59
CA ASN N 330 38.23 29.76 -11.30
C ASN N 330 38.83 30.82 -10.37
N PRO N 331 40.14 30.84 -10.16
CA PRO N 331 40.72 31.84 -9.24
C PRO N 331 40.62 33.26 -9.77
N LEU N 332 40.47 33.44 -11.09
CA LEU N 332 40.38 34.78 -11.65
C LEU N 332 39.01 35.39 -11.41
N THR N 333 37.95 34.70 -11.82
CA THR N 333 36.60 35.26 -11.84
C THR N 333 35.65 34.60 -10.86
N GLY N 334 36.00 33.47 -10.27
CA GLY N 334 35.08 32.78 -9.39
C GLY N 334 34.06 31.93 -10.08
N ALA N 335 34.14 31.80 -11.40
CA ALA N 335 33.23 30.94 -12.15
C ALA N 335 33.65 29.49 -12.01
N TYR N 336 32.75 28.58 -12.37
CA TYR N 336 33.01 27.15 -12.23
C TYR N 336 34.10 26.69 -13.17
N GLU N 337 35.02 25.89 -12.66
CA GLU N 337 36.06 25.26 -13.46
C GLU N 337 36.50 23.97 -12.78
N PRO N 338 36.64 22.87 -13.53
CA PRO N 338 37.06 21.61 -12.91
C PRO N 338 38.46 21.74 -12.28
N ALA N 339 38.61 21.14 -11.11
CA ALA N 339 39.89 21.22 -10.40
C ALA N 339 40.92 20.28 -11.01
N TYR N 340 40.51 19.07 -11.40
CA TYR N 340 41.40 18.10 -12.00
C TYR N 340 40.65 17.24 -13.00
N THR N 341 41.35 16.81 -14.06
CA THR N 341 40.82 15.88 -15.03
C THR N 341 41.79 14.73 -15.23
N ILE N 342 41.25 13.58 -15.64
CA ILE N 342 42.05 12.38 -15.92
C ILE N 342 41.63 11.83 -17.27
N THR N 343 42.57 11.77 -18.21
CA THR N 343 42.29 11.26 -19.55
C THR N 343 43.07 9.97 -19.79
N VAL N 344 42.35 8.93 -20.21
CA VAL N 344 42.89 7.59 -20.39
C VAL N 344 43.11 7.37 -21.89
N PRO N 345 44.28 6.89 -22.31
CA PRO N 345 44.52 6.69 -23.74
C PRO N 345 43.90 5.41 -24.25
N SER N 346 43.97 5.23 -25.57
CA SER N 346 43.48 4.01 -26.21
C SER N 346 44.66 3.14 -26.61
N VAL N 347 44.59 1.85 -26.27
CA VAL N 347 45.52 0.89 -26.85
C VAL N 347 45.15 0.51 -28.26
N PHE N 348 43.96 0.92 -28.72
CA PHE N 348 43.39 0.40 -29.96
C PHE N 348 44.24 0.71 -31.16
N ASP N 349 44.59 1.98 -31.35
CA ASP N 349 45.38 2.40 -32.50
C ASP N 349 46.87 2.43 -32.21
N ILE N 350 47.28 2.13 -30.99
CA ILE N 350 48.69 1.84 -30.72
C ILE N 350 48.96 0.50 -31.39
N PRO N 351 49.91 0.43 -32.32
CA PRO N 351 50.08 -0.79 -33.11
C PRO N 351 50.45 -2.00 -32.26
N GLU N 352 50.12 -3.18 -32.78
CA GLU N 352 50.62 -4.42 -32.19
C GLU N 352 52.14 -4.49 -32.26
N SER N 353 52.74 -3.73 -33.19
CA SER N 353 54.19 -3.61 -33.21
C SER N 353 54.70 -3.07 -31.88
N GLN N 354 53.93 -2.17 -31.26
CA GLN N 354 54.29 -1.65 -29.94
C GLN N 354 53.58 -2.37 -28.81
N ARG N 355 52.47 -3.06 -29.08
CA ARG N 355 51.71 -3.75 -28.05
C ARG N 355 52.53 -4.84 -27.37
N LYS N 356 53.39 -5.53 -28.10
CA LYS N 356 54.17 -6.62 -27.53
C LYS N 356 55.18 -6.14 -26.51
N ALA N 357 55.27 -4.83 -26.30
CA ALA N 357 56.28 -4.26 -25.39
C ALA N 357 55.97 -4.56 -23.92
N ARG N 358 54.71 -4.81 -23.57
CA ARG N 358 54.27 -4.95 -22.19
C ARG N 358 54.51 -3.67 -21.39
N ILE N 359 54.63 -2.55 -22.11
CA ILE N 359 54.72 -1.24 -21.50
C ILE N 359 53.46 -0.47 -21.87
N ALA N 360 52.65 -0.14 -20.89
CA ALA N 360 51.37 0.51 -21.13
C ALA N 360 51.56 1.94 -21.61
N PRO N 361 50.61 2.47 -22.38
CA PRO N 361 50.66 3.90 -22.74
C PRO N 361 50.44 4.80 -21.54
N ALA N 362 50.77 6.07 -21.68
CA ALA N 362 50.80 7.02 -20.58
C ALA N 362 49.42 7.60 -20.30
N ILE N 363 49.10 7.75 -19.03
CA ILE N 363 47.87 8.39 -18.57
C ILE N 363 48.22 9.80 -18.11
N GLN N 364 47.40 10.78 -18.53
CA GLN N 364 47.66 12.19 -18.26
C GLN N 364 46.66 12.73 -17.27
N VAL N 365 47.14 13.49 -16.28
CA VAL N 365 46.32 14.03 -15.20
C VAL N 365 46.56 15.53 -15.12
N ARG N 366 45.57 16.27 -14.62
CA ARG N 366 45.59 17.72 -14.55
C ARG N 366 45.40 18.18 -13.11
N PHE N 367 45.92 19.37 -12.82
CA PHE N 367 46.08 19.84 -11.46
C PHE N 367 45.44 21.21 -11.27
N ARG N 368 45.48 21.68 -10.03
CA ARG N 368 45.41 23.10 -9.70
C ARG N 368 45.80 23.20 -8.24
N TYR N 369 46.78 24.05 -7.94
CA TYR N 369 47.29 24.13 -6.58
C TYR N 369 46.49 25.12 -5.76
N ALA N 370 46.37 24.84 -4.47
CA ALA N 370 45.75 25.74 -3.51
C ALA N 370 46.81 26.24 -2.55
N GLY N 371 47.15 27.52 -2.65
CA GLY N 371 48.17 28.12 -1.82
C GLY N 371 47.62 28.61 -0.48
N ALA N 372 48.45 29.41 0.20
CA ALA N 372 48.06 29.97 1.48
C ALA N 372 48.66 31.37 1.61
N VAL N 373 48.53 31.96 2.79
CA VAL N 373 48.79 33.38 3.01
C VAL N 373 50.06 33.55 3.83
N HIS N 374 50.91 34.49 3.39
CA HIS N 374 52.14 34.83 4.10
C HIS N 374 52.15 36.23 4.69
N TYR N 375 51.28 37.12 4.24
CA TYR N 375 51.38 38.54 4.56
C TYR N 375 49.99 39.14 4.54
N SER N 376 49.71 40.02 5.51
CA SER N 376 48.38 40.59 5.70
C SER N 376 48.45 42.10 5.69
N VAL N 377 47.33 42.74 5.37
CA VAL N 377 47.23 44.19 5.30
C VAL N 377 45.92 44.64 5.95
N ILE N 378 45.98 45.69 6.77
CA ILE N 378 44.81 46.30 7.39
C ILE N 378 44.98 47.82 7.34
N ASN N 379 43.89 48.53 7.05
CA ASN N 379 43.98 49.95 6.70
C ASN N 379 43.64 50.93 7.80
N TYR N 380 42.51 50.76 8.51
CA TYR N 380 42.22 51.54 9.73
C TYR N 380 42.14 53.04 9.46
N THR N 381 41.10 53.47 8.76
CA THR N 381 40.80 54.89 8.63
C THR N 381 40.12 55.40 9.91
N MET N 382 40.45 56.62 10.32
CA MET N 382 39.94 57.21 11.55
C MET N 382 39.20 58.51 11.22
N THR N 383 38.06 58.74 11.86
CA THR N 383 37.22 59.87 11.49
C THR N 383 36.92 60.83 12.63
N PHE N 384 37.08 60.41 13.88
CA PHE N 384 36.80 61.27 15.02
C PHE N 384 35.35 61.77 15.01
N MET O 1 10.86 8.70 -71.15
CA MET O 1 11.08 8.05 -69.86
C MET O 1 9.89 7.17 -69.49
N ALA O 2 9.73 6.09 -70.24
CA ALA O 2 8.60 5.20 -70.05
C ALA O 2 8.62 4.58 -68.67
N MET O 3 7.44 4.45 -68.07
CA MET O 3 7.30 3.84 -66.75
C MET O 3 7.55 2.34 -66.88
N LYS O 4 8.69 1.87 -66.38
CA LYS O 4 8.99 0.46 -66.46
C LYS O 4 8.09 -0.33 -65.51
N ALA O 5 7.57 -1.44 -66.03
CA ALA O 5 6.90 -2.41 -65.18
C ALA O 5 7.84 -2.88 -64.10
N TYR O 6 7.29 -3.49 -63.06
CA TYR O 6 8.14 -3.92 -61.95
C TYR O 6 9.01 -5.10 -62.36
N SER O 7 10.20 -5.16 -61.77
CA SER O 7 11.12 -6.26 -61.97
C SER O 7 12.20 -6.19 -60.90
N MET O 8 12.54 -7.35 -60.33
CA MET O 8 13.63 -7.40 -59.37
C MET O 8 14.98 -7.22 -60.01
N LEU O 9 15.06 -7.28 -61.34
CA LEU O 9 16.30 -6.97 -62.06
C LEU O 9 16.65 -5.50 -62.00
N ASN O 10 15.71 -4.63 -61.62
CA ASN O 10 15.93 -3.20 -61.59
C ASN O 10 15.85 -2.62 -60.19
N VAL O 11 15.84 -3.45 -59.16
CA VAL O 11 15.93 -3.00 -57.78
C VAL O 11 17.36 -3.24 -57.30
N THR O 12 17.95 -2.24 -56.67
CA THR O 12 19.31 -2.33 -56.17
C THR O 12 19.33 -1.99 -54.68
N ALA O 13 20.01 -2.83 -53.90
CA ALA O 13 20.15 -2.65 -52.46
C ALA O 13 21.63 -2.68 -52.09
N THR O 14 22.07 -1.71 -51.31
CA THR O 14 23.46 -1.54 -50.97
C THR O 14 23.62 -1.57 -49.46
N LEU O 15 24.40 -2.51 -48.96
CA LEU O 15 24.61 -2.68 -47.53
C LEU O 15 26.09 -2.48 -47.23
N ASP O 16 26.41 -1.37 -46.57
CA ASP O 16 27.78 -1.03 -46.20
C ASP O 16 28.67 -0.90 -47.43
N GLY O 17 28.07 -0.48 -48.55
CA GLY O 17 28.82 -0.27 -49.77
C GLY O 17 28.75 -1.40 -50.78
N ARG O 18 28.42 -2.61 -50.34
CA ARG O 18 28.34 -3.75 -51.23
C ARG O 18 26.89 -4.07 -51.57
N ARG O 19 26.70 -4.76 -52.68
CA ARG O 19 25.36 -5.15 -53.11
C ARG O 19 24.83 -6.33 -52.32
N VAL O 20 23.51 -6.44 -52.27
CA VAL O 20 22.81 -7.58 -51.69
C VAL O 20 22.44 -8.51 -52.82
N ILE O 21 22.84 -9.78 -52.72
CA ILE O 21 22.77 -10.66 -53.88
C ILE O 21 21.84 -11.86 -53.70
N GLY O 22 22.19 -12.80 -52.83
CA GLY O 22 21.42 -14.02 -52.83
C GLY O 22 20.18 -13.98 -51.96
N LEU O 23 19.03 -13.67 -52.56
CA LEU O 23 17.78 -13.47 -51.85
C LEU O 23 16.90 -14.69 -51.99
N MET O 24 16.07 -14.96 -50.98
CA MET O 24 15.15 -16.07 -51.03
C MET O 24 14.02 -15.81 -52.01
N ASP O 25 13.20 -16.82 -52.22
CA ASP O 25 12.04 -16.72 -53.09
C ASP O 25 10.84 -16.15 -52.32
N GLY O 26 10.05 -15.33 -53.00
CA GLY O 26 8.84 -14.80 -52.43
C GLY O 26 8.65 -13.33 -52.77
N ASP O 27 7.47 -12.81 -52.44
CA ASP O 27 7.12 -11.43 -52.68
C ASP O 27 7.63 -10.49 -51.60
N ASP O 28 8.27 -11.01 -50.57
CA ASP O 28 8.72 -10.21 -49.43
C ASP O 28 10.16 -10.62 -49.14
N ALA O 29 11.10 -10.06 -49.88
CA ALA O 29 12.52 -10.36 -49.69
C ALA O 29 13.28 -9.25 -49.00
N ILE O 30 12.91 -8.00 -49.21
CA ILE O 30 13.37 -6.86 -48.42
C ILE O 30 12.14 -6.06 -48.07
N THR O 31 11.84 -5.94 -46.78
CA THR O 31 10.68 -5.18 -46.34
C THR O 31 11.09 -4.22 -45.22
N THR O 32 10.70 -2.96 -45.35
CA THR O 32 10.98 -1.94 -44.34
C THR O 32 9.67 -1.48 -43.72
N SER O 33 9.64 -1.40 -42.39
CA SER O 33 8.43 -0.95 -41.73
C SER O 33 8.76 0.12 -40.70
N PRO O 34 7.95 1.17 -40.62
CA PRO O 34 8.17 2.21 -39.61
C PRO O 34 7.99 1.68 -38.20
N GLY O 35 8.72 2.30 -37.27
CA GLY O 35 8.75 1.86 -35.90
C GLY O 35 7.47 2.00 -35.11
N VAL O 36 6.71 3.08 -35.36
CA VAL O 36 5.52 3.40 -34.58
C VAL O 36 4.44 3.94 -35.51
N ASP O 37 3.28 4.23 -34.94
CA ASP O 37 2.23 4.96 -35.66
C ASP O 37 2.60 6.43 -35.79
N VAL O 38 2.12 7.03 -36.87
CA VAL O 38 2.43 8.43 -37.14
C VAL O 38 1.78 9.35 -36.12
N GLY O 39 0.57 9.02 -35.69
CA GLY O 39 -0.12 9.87 -34.74
C GLY O 39 -1.26 9.16 -34.04
N THR O 40 -1.99 9.93 -33.23
CA THR O 40 -3.03 9.41 -32.36
C THR O 40 -4.13 10.45 -32.21
N MET O 41 -5.38 10.04 -32.38
CA MET O 41 -6.53 10.90 -32.17
C MET O 41 -7.09 10.67 -30.77
N LEU O 42 -7.36 11.76 -30.06
CA LEU O 42 -7.88 11.72 -28.69
C LEU O 42 -9.21 12.46 -28.65
N VAL O 43 -10.29 11.72 -28.39
CA VAL O 43 -11.64 12.26 -28.38
C VAL O 43 -12.15 12.27 -26.95
N GLY O 44 -12.70 13.41 -26.53
CA GLY O 44 -13.14 13.59 -25.16
C GLY O 44 -14.59 13.21 -24.94
N ALA O 45 -15.03 13.36 -23.70
CA ALA O 45 -16.38 12.98 -23.30
C ALA O 45 -17.44 13.89 -23.89
N ASP O 46 -17.04 15.01 -24.48
CA ASP O 46 -17.99 15.97 -25.03
C ASP O 46 -18.08 15.95 -26.54
N GLY O 47 -17.18 15.24 -27.22
CA GLY O 47 -17.14 15.20 -28.67
C GLY O 47 -16.01 15.96 -29.30
N SER O 48 -15.30 16.79 -28.56
CA SER O 48 -14.13 17.49 -29.08
C SER O 48 -12.96 16.53 -29.22
N TRP O 49 -11.95 16.93 -29.99
CA TRP O 49 -10.88 16.03 -30.35
C TRP O 49 -9.54 16.76 -30.38
N LEU O 50 -8.47 15.98 -30.34
CA LEU O 50 -7.11 16.50 -30.42
C LEU O 50 -6.21 15.44 -31.05
N PHE O 51 -5.44 15.82 -32.05
CA PHE O 51 -4.47 14.96 -32.70
C PHE O 51 -3.08 15.23 -32.14
N SER O 52 -2.24 14.20 -32.09
CA SER O 52 -0.87 14.35 -31.65
C SER O 52 0.06 13.57 -32.56
N GLN O 53 1.14 14.21 -33.00
CA GLN O 53 2.07 13.66 -33.96
C GLN O 53 3.40 13.34 -33.27
N THR O 54 4.01 12.22 -33.63
CA THR O 54 5.25 11.79 -33.00
C THR O 54 6.46 12.36 -33.73
N ALA O 55 7.56 12.43 -32.99
CA ALA O 55 8.84 12.88 -33.53
C ALA O 55 9.79 11.72 -33.81
N ASP O 56 9.32 10.48 -33.67
CA ASP O 56 10.15 9.28 -33.84
C ASP O 56 10.13 8.88 -35.30
N LYS O 57 11.28 8.95 -35.97
CA LYS O 57 11.40 8.50 -37.36
C LYS O 57 12.42 7.37 -37.46
N SER O 58 11.97 6.16 -37.11
CA SER O 58 12.84 4.99 -37.08
C SER O 58 12.16 3.85 -37.80
N ALA O 59 12.96 2.87 -38.22
CA ALA O 59 12.44 1.74 -38.98
C ALA O 59 13.35 0.53 -38.81
N THR O 60 12.79 -0.64 -39.13
CA THR O 60 13.55 -1.87 -39.25
C THR O 60 13.41 -2.37 -40.69
N VAL O 61 14.38 -3.14 -41.14
CA VAL O 61 14.25 -3.86 -42.41
C VAL O 61 14.62 -5.32 -42.17
N VAL O 62 13.90 -6.21 -42.84
CA VAL O 62 14.12 -7.65 -42.74
C VAL O 62 14.62 -8.13 -44.09
N ILE O 63 15.72 -8.87 -44.09
CA ILE O 63 16.35 -9.39 -45.30
C ILE O 63 16.36 -10.91 -45.23
N LYS O 64 15.76 -11.54 -46.22
CA LYS O 64 15.69 -13.00 -46.28
C LYS O 64 16.67 -13.49 -47.34
N LEU O 65 17.58 -14.39 -46.94
CA LEU O 65 18.68 -14.82 -47.76
C LEU O 65 18.71 -16.34 -47.88
N LYS O 66 19.43 -16.82 -48.88
CA LYS O 66 19.70 -18.24 -48.99
C LYS O 66 20.91 -18.62 -48.15
N PRO O 67 21.04 -19.90 -47.79
CA PRO O 67 22.22 -20.32 -47.02
C PRO O 67 23.53 -20.21 -47.79
N ASN O 68 23.52 -19.96 -49.09
CA ASN O 68 24.74 -19.77 -49.88
C ASN O 68 24.71 -18.38 -50.52
N SER O 69 25.05 -17.35 -49.76
CA SER O 69 25.09 -16.04 -50.35
C SER O 69 26.16 -15.22 -49.65
N PRO O 70 26.94 -14.42 -50.39
CA PRO O 70 27.99 -13.63 -49.74
C PRO O 70 27.48 -12.63 -48.73
N THR O 71 26.25 -12.15 -48.88
CA THR O 71 25.68 -11.23 -47.91
C THR O 71 25.49 -11.90 -46.55
N HIS O 72 25.22 -13.21 -46.54
CA HIS O 72 25.16 -13.94 -45.27
C HIS O 72 26.51 -13.91 -44.57
N ARG O 73 27.60 -14.08 -45.33
CA ARG O 73 28.94 -13.99 -44.73
C ARG O 73 29.24 -12.58 -44.23
N GLN O 74 28.86 -11.56 -45.00
CA GLN O 74 29.08 -10.19 -44.57
C GLN O 74 28.32 -9.88 -43.28
N LEU O 75 27.07 -10.32 -43.19
CA LEU O 75 26.27 -10.04 -42.01
C LEU O 75 26.75 -10.83 -40.80
N THR O 76 27.23 -12.06 -41.01
CA THR O 76 27.75 -12.81 -39.88
C THR O 76 29.09 -12.26 -39.40
N GLU O 77 29.86 -11.60 -40.26
CA GLU O 77 31.05 -10.90 -39.77
C GLU O 77 30.67 -9.65 -38.99
N LYS O 78 29.67 -8.91 -39.47
CA LYS O 78 29.21 -7.73 -38.74
C LYS O 78 28.66 -8.09 -37.37
N TRP O 79 27.97 -9.22 -37.27
CA TRP O 79 27.44 -9.69 -35.98
C TRP O 79 28.56 -9.97 -34.99
N MET O 80 29.64 -10.61 -35.45
CA MET O 80 30.76 -10.89 -34.56
C MET O 80 31.51 -9.63 -34.17
N ALA O 81 31.61 -8.66 -35.08
CA ALA O 81 32.20 -7.38 -34.72
C ALA O 81 31.39 -6.69 -33.63
N GLN O 82 30.06 -6.73 -33.74
CA GLN O 82 29.24 -6.16 -32.67
C GLN O 82 29.40 -6.91 -31.36
N ARG O 83 29.49 -8.25 -31.43
CA ARG O 83 29.64 -9.02 -30.19
C ARG O 83 30.99 -8.76 -29.53
N ALA O 84 32.00 -8.40 -30.31
CA ALA O 84 33.29 -8.09 -29.72
C ALA O 84 33.24 -6.79 -28.92
N GLY O 85 32.43 -5.84 -29.34
CA GLY O 85 32.32 -4.59 -28.62
C GLY O 85 32.51 -3.39 -29.53
N ARG O 86 32.72 -3.64 -30.81
CA ARG O 86 32.88 -2.55 -31.77
C ARG O 86 31.54 -2.17 -32.38
N LEU O 87 31.08 -0.95 -32.10
CA LEU O 87 29.72 -0.53 -32.41
C LEU O 87 29.77 0.70 -33.30
N VAL O 88 29.54 0.52 -34.60
CA VAL O 88 29.51 1.60 -35.57
C VAL O 88 28.28 1.45 -36.45
N GLY O 89 28.15 2.33 -37.44
CA GLY O 89 26.90 2.54 -38.15
C GLY O 89 26.56 1.63 -39.32
N PHE O 90 27.41 1.56 -40.35
CA PHE O 90 27.14 0.74 -41.53
C PHE O 90 25.81 1.13 -42.21
N PRO O 91 25.86 2.07 -43.15
CA PRO O 91 24.65 2.50 -43.87
C PRO O 91 24.00 1.38 -44.67
N PHE O 92 22.68 1.48 -44.85
CA PHE O 92 21.92 0.64 -45.76
C PHE O 92 21.04 1.51 -46.64
N ASP O 93 20.87 1.10 -47.88
CA ASP O 93 20.16 1.90 -48.88
C ASP O 93 19.60 0.96 -49.93
N PHE O 94 18.36 1.22 -50.37
CA PHE O 94 17.83 0.51 -51.52
C PHE O 94 16.76 1.35 -52.19
N ILE O 95 16.60 1.12 -53.50
CA ILE O 95 15.78 1.98 -54.33
C ILE O 95 15.30 1.15 -55.53
N ASP O 96 14.23 1.61 -56.16
CA ASP O 96 13.72 1.04 -57.40
C ASP O 96 13.88 2.06 -58.51
N SER O 97 14.55 1.68 -59.60
CA SER O 97 14.81 2.62 -60.68
C SER O 97 13.57 2.92 -61.50
N ALA O 98 12.56 2.07 -61.45
CA ALA O 98 11.36 2.29 -62.24
C ALA O 98 10.51 3.43 -61.68
N SER O 99 10.53 3.65 -60.37
CA SER O 99 9.66 4.65 -59.77
C SER O 99 10.39 5.60 -58.82
N ASN O 100 11.66 5.33 -58.51
CA ASN O 100 12.44 6.11 -57.54
C ASN O 100 11.85 6.02 -56.14
N GLU O 101 11.28 4.86 -55.80
CA GLU O 101 10.79 4.61 -54.46
C GLU O 101 11.81 3.81 -53.66
N GLY O 102 11.99 4.17 -52.41
CA GLY O 102 12.98 3.54 -51.57
C GLY O 102 13.23 4.39 -50.34
N GLY O 103 14.47 4.32 -49.85
CA GLY O 103 14.85 5.09 -48.69
C GLY O 103 16.28 4.79 -48.32
N THR O 104 16.80 5.59 -47.39
CA THR O 104 18.19 5.46 -46.96
C THR O 104 18.27 5.60 -45.46
N GLY O 105 19.32 5.01 -44.89
CA GLY O 105 19.64 5.20 -43.50
C GLY O 105 21.14 5.08 -43.28
N ALA O 106 21.70 6.12 -42.69
CA ALA O 106 23.16 6.26 -42.60
C ALA O 106 23.79 5.44 -41.48
N GLU O 107 23.01 4.91 -40.55
CA GLU O 107 23.54 4.14 -39.43
C GLU O 107 22.56 3.05 -39.04
N PHE O 108 22.89 1.79 -39.36
CA PHE O 108 22.07 0.65 -38.99
C PHE O 108 22.79 -0.21 -37.95
N PHE O 109 22.08 -1.16 -37.38
CA PHE O 109 22.65 -2.10 -36.42
C PHE O 109 21.94 -3.44 -36.57
N ILE O 110 22.64 -4.53 -36.28
CA ILE O 110 22.03 -5.85 -36.27
C ILE O 110 21.09 -5.95 -35.09
N GLN O 111 19.87 -6.43 -35.32
CA GLN O 111 18.90 -6.60 -34.25
C GLN O 111 18.52 -8.05 -33.98
N LYS O 112 18.30 -8.85 -35.02
CA LYS O 112 18.03 -10.27 -34.87
C LYS O 112 18.95 -11.07 -35.79
N ALA O 113 19.33 -12.26 -35.33
CA ALA O 113 20.18 -13.16 -36.08
C ALA O 113 19.37 -14.38 -36.48
N PRO O 114 19.70 -15.01 -37.59
CA PRO O 114 18.87 -16.11 -38.10
C PRO O 114 19.10 -17.40 -37.34
N ASP O 115 18.29 -18.39 -37.69
CA ASP O 115 18.41 -19.75 -37.16
C ASP O 115 19.06 -20.64 -38.20
N ASP O 116 20.03 -21.45 -37.78
CA ASP O 116 20.74 -22.35 -38.67
C ASP O 116 20.05 -23.70 -38.67
N SER O 117 19.19 -23.93 -39.65
CA SER O 117 18.49 -25.19 -39.81
C SER O 117 19.12 -25.99 -40.95
N LYS O 118 19.41 -27.25 -40.72
CA LYS O 118 20.01 -28.06 -41.78
C LYS O 118 18.98 -28.85 -42.57
N GLY O 119 18.33 -29.82 -41.94
CA GLY O 119 17.27 -30.58 -42.57
C GLY O 119 17.54 -31.17 -43.95
N ASN O 120 16.47 -31.50 -44.66
CA ASN O 120 16.54 -32.22 -45.94
C ASN O 120 16.60 -31.31 -47.16
N ASN O 121 15.89 -30.18 -47.14
CA ASN O 121 16.03 -29.14 -48.16
C ASN O 121 16.58 -27.88 -47.54
N ALA O 122 17.12 -26.97 -48.34
CA ALA O 122 17.66 -25.72 -47.83
C ALA O 122 16.54 -24.74 -47.52
N VAL O 123 16.78 -23.88 -46.52
CA VAL O 123 15.75 -23.00 -45.99
C VAL O 123 16.30 -21.59 -45.80
N VAL O 124 15.42 -20.70 -45.34
CA VAL O 124 15.70 -19.26 -45.28
C VAL O 124 16.68 -18.94 -44.15
N ARG O 125 17.40 -17.83 -44.32
CA ARG O 125 18.15 -17.18 -43.26
C ARG O 125 17.70 -15.73 -43.18
N GLU O 126 17.02 -15.36 -42.09
CA GLU O 126 16.41 -14.04 -41.96
C GLU O 126 17.20 -13.17 -41.00
N TRP O 127 17.64 -12.02 -41.49
CA TRP O 127 18.33 -11.02 -40.69
C TRP O 127 17.42 -9.81 -40.48
N THR O 128 17.64 -9.10 -39.38
CA THR O 128 16.89 -7.89 -39.06
C THR O 128 17.88 -6.81 -38.66
N ILE O 129 17.70 -5.60 -39.20
CA ILE O 129 18.54 -4.46 -38.87
C ILE O 129 17.64 -3.29 -38.52
N VAL O 130 18.16 -2.38 -37.70
CA VAL O 130 17.37 -1.28 -37.15
C VAL O 130 18.16 0.02 -37.24
N THR O 131 17.46 1.12 -37.51
CA THR O 131 18.04 2.44 -37.52
C THR O 131 17.19 3.39 -36.68
N GLY O 132 17.81 4.49 -36.27
CA GLY O 132 17.10 5.53 -35.54
C GLY O 132 16.59 6.63 -36.44
N GLU O 133 17.03 6.65 -37.69
CA GLU O 133 16.63 7.68 -38.64
C GLU O 133 16.52 7.08 -40.04
N TRP O 134 15.30 7.07 -40.56
CA TRP O 134 15.02 6.53 -41.89
C TRP O 134 14.25 7.60 -42.66
N THR O 135 14.78 8.00 -43.81
CA THR O 135 14.10 8.99 -44.63
C THR O 135 13.67 8.36 -45.95
N PRO O 136 12.39 8.20 -46.21
CA PRO O 136 11.97 7.70 -47.52
C PRO O 136 12.26 8.71 -48.61
N THR O 137 12.54 8.19 -49.80
CA THR O 137 12.74 9.01 -50.98
C THR O 137 11.41 9.19 -51.69
N ILE O 138 11.23 10.33 -52.33
CA ILE O 138 9.97 10.64 -52.99
C ILE O 138 9.94 9.97 -54.36
N PRO O 139 8.92 9.16 -54.68
CA PRO O 139 8.85 8.60 -56.02
C PRO O 139 8.44 9.65 -57.04
N THR O 140 9.42 10.19 -57.77
CA THR O 140 9.13 11.29 -58.67
C THR O 140 8.62 10.80 -60.02
N LEU O 141 8.76 9.50 -60.30
CA LEU O 141 8.21 8.89 -61.50
C LEU O 141 6.87 8.22 -61.24
N LEU O 142 6.24 8.52 -60.10
CA LEU O 142 4.97 7.93 -59.69
C LEU O 142 5.05 6.41 -59.60
N MET P 1 38.13 -25.91 -55.90
CA MET P 1 37.27 -26.03 -54.73
C MET P 1 35.84 -25.60 -55.06
N ALA P 2 35.19 -26.39 -55.90
CA ALA P 2 33.85 -26.06 -56.38
C ALA P 2 32.87 -26.01 -55.22
N MET P 3 31.96 -25.04 -55.28
CA MET P 3 30.93 -24.87 -54.27
C MET P 3 29.92 -26.02 -54.40
N LYS P 4 29.95 -26.96 -53.46
CA LYS P 4 29.02 -28.07 -53.52
C LYS P 4 27.60 -27.59 -53.22
N ALA P 5 26.66 -28.07 -54.02
CA ALA P 5 25.26 -27.89 -53.70
C ALA P 5 24.95 -28.51 -52.35
N TYR P 6 23.82 -28.14 -51.77
CA TYR P 6 23.51 -28.64 -50.44
C TYR P 6 23.17 -30.13 -50.49
N SER P 7 23.49 -30.83 -49.41
CA SER P 7 23.16 -32.23 -49.24
C SER P 7 23.37 -32.60 -47.79
N MET P 8 22.43 -33.37 -47.24
CA MET P 8 22.58 -33.87 -45.87
C MET P 8 23.64 -34.95 -45.76
N LEU P 9 24.12 -35.48 -46.88
CA LEU P 9 25.24 -36.41 -46.88
C LEU P 9 26.56 -35.74 -46.53
N ASN P 10 26.62 -34.41 -46.56
CA ASN P 10 27.84 -33.68 -46.29
C ASN P 10 27.75 -32.80 -45.06
N VAL P 11 26.71 -32.96 -44.25
CA VAL P 11 26.60 -32.30 -42.96
C VAL P 11 26.95 -33.31 -41.88
N THR P 12 27.81 -32.92 -40.94
CA THR P 12 28.23 -33.78 -39.85
C THR P 12 27.96 -33.10 -38.52
N ALA P 13 27.36 -33.85 -37.59
CA ALA P 13 27.05 -33.36 -36.25
C ALA P 13 27.62 -34.32 -35.23
N THR P 14 28.32 -33.78 -34.23
CA THR P 14 29.03 -34.56 -33.25
C THR P 14 28.53 -34.20 -31.86
N LEU P 15 28.00 -35.17 -31.14
CA LEU P 15 27.45 -34.95 -29.81
C LEU P 15 28.23 -35.80 -28.82
N ASP P 16 29.02 -35.13 -27.98
CA ASP P 16 29.85 -35.78 -26.96
C ASP P 16 30.85 -36.75 -27.59
N GLY P 17 31.27 -36.43 -28.81
CA GLY P 17 32.26 -37.24 -29.49
C GLY P 17 31.71 -38.21 -30.52
N ARG P 18 30.44 -38.58 -30.40
CA ARG P 18 29.83 -39.51 -31.33
C ARG P 18 28.98 -38.77 -32.36
N ARG P 19 28.74 -39.43 -33.49
CA ARG P 19 27.93 -38.85 -34.56
C ARG P 19 26.45 -38.93 -34.22
N VAL P 20 25.68 -38.03 -34.83
CA VAL P 20 24.22 -38.04 -34.78
C VAL P 20 23.71 -38.72 -36.04
N ILE P 21 22.89 -39.75 -35.88
CA ILE P 21 22.59 -40.62 -37.01
C ILE P 21 21.12 -40.64 -37.42
N GLY P 22 20.24 -41.16 -36.58
CA GLY P 22 18.88 -41.36 -37.08
C GLY P 22 17.98 -40.15 -36.91
N LEU P 23 17.87 -39.34 -37.95
CA LEU P 23 17.14 -38.09 -37.93
C LEU P 23 15.79 -38.26 -38.59
N MET P 24 14.81 -37.48 -38.14
CA MET P 24 13.48 -37.52 -38.74
C MET P 24 13.49 -36.87 -40.11
N ASP P 25 12.35 -36.99 -40.79
CA ASP P 25 12.18 -36.36 -42.09
C ASP P 25 11.75 -34.91 -41.94
N GLY P 26 12.23 -34.06 -42.83
CA GLY P 26 11.84 -32.67 -42.88
C GLY P 26 13.02 -31.75 -43.12
N ASP P 27 12.71 -30.48 -43.35
CA ASP P 27 13.72 -29.45 -43.60
C ASP P 27 14.31 -28.88 -42.33
N ASP P 28 13.84 -29.33 -41.16
CA ASP P 28 14.28 -28.79 -39.88
C ASP P 28 14.57 -29.98 -38.98
N ALA P 29 15.76 -30.55 -39.10
CA ALA P 29 16.17 -31.69 -38.29
C ALA P 29 17.16 -31.33 -37.20
N ILE P 30 18.03 -30.36 -37.46
CA ILE P 30 18.87 -29.75 -36.44
C ILE P 30 18.75 -28.25 -36.65
N THR P 31 18.22 -27.53 -35.65
CA THR P 31 18.07 -26.09 -35.74
C THR P 31 18.62 -25.43 -34.49
N THR P 32 19.47 -24.42 -34.66
CA THR P 32 20.03 -23.66 -33.56
C THR P 32 19.50 -22.24 -33.60
N SER P 33 19.07 -21.72 -32.45
CA SER P 33 18.57 -20.37 -32.41
C SER P 33 19.20 -19.60 -31.25
N PRO P 34 19.59 -18.34 -31.48
CA PRO P 34 20.15 -17.55 -30.39
C PRO P 34 19.12 -17.27 -29.30
N GLY P 35 19.64 -17.10 -28.09
CA GLY P 35 18.81 -16.95 -26.91
C GLY P 35 17.99 -15.67 -26.83
N VAL P 36 18.54 -14.56 -27.32
CA VAL P 36 17.91 -13.25 -27.17
C VAL P 36 18.13 -12.45 -28.46
N ASP P 37 17.58 -11.24 -28.49
CA ASP P 37 17.87 -10.29 -29.55
C ASP P 37 19.26 -9.69 -29.34
N VAL P 38 19.90 -9.33 -30.46
CA VAL P 38 21.25 -8.80 -30.41
C VAL P 38 21.27 -7.42 -29.75
N GLY P 39 20.25 -6.61 -29.99
CA GLY P 39 20.22 -5.28 -29.42
C GLY P 39 18.84 -4.67 -29.43
N THR P 40 18.78 -3.41 -29.00
CA THR P 40 17.53 -2.69 -28.80
C THR P 40 17.74 -1.21 -29.09
N MET P 41 16.84 -0.63 -29.89
CA MET P 41 16.87 0.81 -30.18
C MET P 41 15.90 1.53 -29.26
N LEU P 42 16.35 2.62 -28.66
CA LEU P 42 15.57 3.42 -27.73
C LEU P 42 15.45 4.84 -28.26
N VAL P 43 14.25 5.24 -28.63
CA VAL P 43 13.99 6.55 -29.21
C VAL P 43 13.22 7.40 -28.21
N GLY P 44 13.68 8.63 -28.01
CA GLY P 44 13.10 9.50 -27.02
C GLY P 44 12.00 10.39 -27.56
N ALA P 45 11.44 11.20 -26.66
CA ALA P 45 10.32 12.07 -27.00
C ALA P 45 10.72 13.19 -27.95
N ASP P 46 12.01 13.41 -28.17
CA ASP P 46 12.49 14.50 -29.01
C ASP P 46 12.98 14.04 -30.37
N GLY P 47 13.13 12.74 -30.58
CA GLY P 47 13.64 12.21 -31.84
C GLY P 47 15.04 11.66 -31.77
N SER P 48 15.78 11.90 -30.69
CA SER P 48 17.10 11.32 -30.51
C SER P 48 16.97 9.84 -30.16
N TRP P 49 18.08 9.11 -30.31
CA TRP P 49 18.05 7.66 -30.20
C TRP P 49 19.30 7.14 -29.51
N LEU P 50 19.22 5.91 -29.02
CA LEU P 50 20.34 5.22 -28.39
C LEU P 50 20.17 3.72 -28.60
N PHE P 51 21.24 3.08 -29.06
CA PHE P 51 21.28 1.63 -29.25
C PHE P 51 21.98 0.99 -28.06
N SER P 52 21.58 -0.23 -27.71
CA SER P 52 22.23 -0.98 -26.64
C SER P 52 22.41 -2.42 -27.07
N GLN P 53 23.61 -2.95 -26.86
CA GLN P 53 24.00 -4.28 -27.30
C GLN P 53 24.16 -5.19 -26.10
N THR P 54 23.73 -6.44 -26.22
CA THR P 54 23.78 -7.38 -25.12
C THR P 54 25.09 -8.15 -25.10
N ALA P 55 25.43 -8.66 -23.92
CA ALA P 55 26.62 -9.48 -23.74
C ALA P 55 26.29 -10.96 -23.64
N ASP P 56 25.04 -11.34 -23.86
CA ASP P 56 24.58 -12.72 -23.73
C ASP P 56 24.79 -13.43 -25.05
N LYS P 57 25.65 -14.44 -25.06
CA LYS P 57 25.88 -15.25 -26.26
C LYS P 57 25.54 -16.71 -25.96
N SER P 58 24.24 -17.02 -26.00
CA SER P 58 23.75 -18.35 -25.67
C SER P 58 22.76 -18.80 -26.73
N ALA P 59 22.54 -20.12 -26.80
CA ALA P 59 21.69 -20.69 -27.82
C ALA P 59 21.13 -22.02 -27.36
N THR P 60 20.05 -22.45 -28.01
CA THR P 60 19.51 -23.79 -27.88
C THR P 60 19.57 -24.46 -29.24
N VAL P 61 19.61 -25.79 -29.25
CA VAL P 61 19.45 -26.55 -30.47
C VAL P 61 18.40 -27.62 -30.23
N VAL P 62 17.59 -27.88 -31.25
CA VAL P 62 16.54 -28.89 -31.20
C VAL P 62 16.90 -29.98 -32.18
N ILE P 63 16.88 -31.23 -31.71
CA ILE P 63 17.23 -32.40 -32.52
C ILE P 63 16.02 -33.31 -32.59
N LYS P 64 15.58 -33.60 -33.82
CA LYS P 64 14.43 -34.46 -34.05
C LYS P 64 14.92 -35.82 -34.54
N LEU P 65 14.52 -36.88 -33.84
CA LEU P 65 15.05 -38.22 -34.07
C LEU P 65 13.92 -39.20 -34.30
N LYS P 66 14.25 -40.34 -34.88
CA LYS P 66 13.32 -41.45 -34.97
C LYS P 66 13.32 -42.27 -33.69
N PRO P 67 12.25 -43.02 -33.44
CA PRO P 67 12.23 -43.88 -32.25
C PRO P 67 13.26 -45.01 -32.27
N ASN P 68 13.92 -45.28 -33.40
CA ASN P 68 14.97 -46.29 -33.46
C ASN P 68 16.29 -45.64 -33.90
N SER P 69 16.98 -44.99 -32.97
CA SER P 69 18.25 -44.41 -33.34
C SER P 69 19.17 -44.45 -32.13
N PRO P 70 20.46 -44.76 -32.32
CA PRO P 70 21.37 -44.82 -31.17
C PRO P 70 21.53 -43.51 -30.44
N THR P 71 21.33 -42.38 -31.12
CA THR P 71 21.41 -41.09 -30.46
C THR P 71 20.29 -40.91 -29.44
N HIS P 72 19.14 -41.51 -29.68
CA HIS P 72 18.08 -41.51 -28.69
C HIS P 72 18.51 -42.23 -27.41
N ARG P 73 19.19 -43.35 -27.55
CA ARG P 73 19.71 -44.07 -26.40
C ARG P 73 20.79 -43.26 -25.68
N GLN P 74 21.68 -42.62 -26.43
CA GLN P 74 22.71 -41.79 -25.81
C GLN P 74 22.10 -40.63 -25.03
N LEU P 75 21.10 -39.97 -25.59
CA LEU P 75 20.48 -38.83 -24.93
C LEU P 75 19.66 -39.26 -23.73
N THR P 76 19.02 -40.43 -23.79
CA THR P 76 18.27 -40.88 -22.63
C THR P 76 19.20 -41.36 -21.51
N GLU P 77 20.42 -41.79 -21.82
CA GLU P 77 21.38 -42.05 -20.75
C GLU P 77 21.90 -40.76 -20.14
N LYS P 78 22.14 -39.74 -20.96
CA LYS P 78 22.57 -38.45 -20.43
C LYS P 78 21.50 -37.82 -19.53
N TRP P 79 20.24 -37.99 -19.91
CA TRP P 79 19.14 -37.47 -19.09
C TRP P 79 19.13 -38.12 -17.70
N MET P 80 19.33 -39.43 -17.65
CA MET P 80 19.34 -40.12 -16.36
C MET P 80 20.56 -39.75 -15.54
N ALA P 81 21.70 -39.54 -16.19
CA ALA P 81 22.88 -39.05 -15.46
C ALA P 81 22.61 -37.69 -14.84
N GLN P 82 21.95 -36.80 -15.57
CA GLN P 82 21.60 -35.49 -14.99
C GLN P 82 20.60 -35.64 -13.85
N ARG P 83 19.62 -36.54 -13.99
CA ARG P 83 18.64 -36.73 -12.92
C ARG P 83 19.28 -37.32 -11.67
N ALA P 84 20.35 -38.08 -11.82
CA ALA P 84 21.04 -38.62 -10.65
C ALA P 84 21.73 -37.53 -9.84
N GLY P 85 22.22 -36.50 -10.52
CA GLY P 85 22.89 -35.42 -9.83
C GLY P 85 24.25 -35.11 -10.40
N ARG P 86 24.64 -35.83 -11.44
CA ARG P 86 25.92 -35.61 -12.09
C ARG P 86 25.76 -34.61 -13.24
N LEU P 87 26.39 -33.44 -13.09
CA LEU P 87 26.16 -32.32 -13.98
C LEU P 87 27.47 -31.88 -14.61
N VAL P 88 27.69 -32.27 -15.87
CA VAL P 88 28.88 -31.90 -16.62
C VAL P 88 28.46 -31.40 -18.00
N GLY P 89 29.45 -31.09 -18.83
CA GLY P 89 29.25 -30.31 -20.03
C GLY P 89 28.79 -31.01 -21.30
N PHE P 90 29.54 -31.99 -21.80
CA PHE P 90 29.20 -32.69 -23.04
C PHE P 90 29.09 -31.73 -24.24
N PRO P 91 30.20 -31.49 -24.93
CA PRO P 91 30.19 -30.60 -26.10
C PRO P 91 29.27 -31.09 -27.22
N PHE P 92 28.77 -30.13 -28.01
CA PHE P 92 28.05 -30.40 -29.25
C PHE P 92 28.62 -29.52 -30.36
N ASP P 93 28.67 -30.07 -31.56
CA ASP P 93 29.30 -29.40 -32.68
C ASP P 93 28.68 -29.92 -33.97
N PHE P 94 28.42 -29.02 -34.92
CA PHE P 94 28.01 -29.45 -36.25
C PHE P 94 28.38 -28.39 -37.28
N ILE P 95 28.60 -28.85 -38.51
CA ILE P 95 29.17 -28.00 -39.55
C ILE P 95 28.72 -28.57 -40.90
N ASP P 96 28.78 -27.72 -41.93
CA ASP P 96 28.53 -28.12 -43.30
C ASP P 96 29.81 -27.97 -44.10
N SER P 97 30.24 -29.04 -44.74
CA SER P 97 31.51 -29.01 -45.47
C SER P 97 31.43 -28.21 -46.76
N ALA P 98 30.22 -27.98 -47.28
CA ALA P 98 30.10 -27.24 -48.53
C ALA P 98 30.36 -25.75 -48.35
N SER P 99 30.05 -25.20 -47.17
CA SER P 99 30.19 -23.76 -46.97
C SER P 99 30.95 -23.40 -45.70
N ASN P 100 31.27 -24.36 -44.84
CA ASN P 100 31.91 -24.13 -43.55
C ASN P 100 31.03 -23.30 -42.62
N GLU P 101 29.71 -23.49 -42.71
CA GLU P 101 28.78 -22.84 -41.81
C GLU P 101 28.37 -23.81 -40.71
N GLY P 102 28.28 -23.30 -39.49
CA GLY P 102 27.97 -24.12 -38.34
C GLY P 102 28.31 -23.38 -37.07
N GLY P 103 28.70 -24.15 -36.05
CA GLY P 103 29.07 -23.57 -34.78
C GLY P 103 29.43 -24.65 -33.79
N THR P 104 29.97 -24.23 -32.66
CA THR P 104 30.40 -25.16 -31.64
C THR P 104 30.00 -24.65 -30.26
N GLY P 105 29.86 -25.57 -29.32
CA GLY P 105 29.66 -25.23 -27.94
C GLY P 105 30.25 -26.30 -27.05
N ALA P 106 31.12 -25.87 -26.14
CA ALA P 106 31.93 -26.80 -25.36
C ALA P 106 31.20 -27.39 -24.16
N GLU P 107 30.04 -26.84 -23.78
CA GLU P 107 29.29 -27.33 -22.62
C GLU P 107 27.80 -27.17 -22.86
N PHE P 108 27.10 -28.27 -23.10
CA PHE P 108 25.65 -28.27 -23.29
C PHE P 108 24.96 -28.98 -22.12
N PHE P 109 23.64 -28.86 -22.06
CA PHE P 109 22.85 -29.52 -21.04
C PHE P 109 21.49 -29.88 -21.64
N ILE P 110 20.89 -30.96 -21.16
CA ILE P 110 19.55 -31.33 -21.57
C ILE P 110 18.55 -30.32 -21.01
N GLN P 111 17.66 -29.81 -21.85
CA GLN P 111 16.65 -28.87 -21.40
C GLN P 111 15.23 -29.40 -21.49
N LYS P 112 14.87 -30.08 -22.58
CA LYS P 112 13.57 -30.71 -22.72
C LYS P 112 13.74 -32.15 -23.15
N ALA P 113 12.83 -33.00 -22.69
CA ALA P 113 12.82 -34.42 -23.01
C ALA P 113 11.60 -34.71 -23.87
N PRO P 114 11.68 -35.71 -24.75
CA PRO P 114 10.59 -35.95 -25.69
C PRO P 114 9.41 -36.65 -25.04
N ASP P 115 8.35 -36.80 -25.84
CA ASP P 115 7.16 -37.53 -25.45
C ASP P 115 7.17 -38.89 -26.14
N ASP P 116 6.86 -39.95 -25.37
CA ASP P 116 6.84 -41.30 -25.90
C ASP P 116 5.43 -41.63 -26.36
N SER P 117 5.19 -41.48 -27.65
CA SER P 117 3.89 -41.80 -28.26
C SER P 117 4.01 -43.12 -29.02
N LYS P 118 3.07 -44.03 -28.80
CA LYS P 118 3.13 -45.30 -29.51
C LYS P 118 2.28 -45.31 -30.77
N GLY P 119 0.97 -45.23 -30.63
CA GLY P 119 0.08 -45.14 -31.77
C GLY P 119 0.25 -46.15 -32.89
N ASN P 120 -0.28 -45.83 -34.07
CA ASN P 120 -0.34 -46.73 -35.21
C ASN P 120 0.85 -46.62 -36.15
N ASN P 121 1.38 -45.42 -36.37
CA ASN P 121 2.62 -45.22 -37.10
C ASN P 121 3.67 -44.63 -36.16
N ALA P 122 4.94 -44.73 -36.52
CA ALA P 122 6.01 -44.18 -35.69
C ALA P 122 6.11 -42.68 -35.86
N VAL P 123 6.53 -41.98 -34.79
CA VAL P 123 6.51 -40.53 -34.74
C VAL P 123 7.82 -40.00 -34.17
N VAL P 124 7.91 -38.67 -34.11
CA VAL P 124 9.16 -37.97 -33.78
C VAL P 124 9.49 -38.11 -32.30
N ARG P 125 10.78 -38.00 -31.99
CA ARG P 125 11.28 -37.78 -30.63
C ARG P 125 12.16 -36.55 -30.64
N GLU P 126 11.70 -35.48 -29.99
CA GLU P 126 12.39 -34.18 -30.04
C GLU P 126 13.12 -33.90 -28.73
N TRP P 127 14.43 -33.68 -28.83
CA TRP P 127 15.26 -33.30 -27.70
C TRP P 127 15.68 -31.84 -27.85
N THR P 128 15.94 -31.19 -26.72
CA THR P 128 16.39 -29.81 -26.69
C THR P 128 17.60 -29.72 -25.76
N ILE P 129 18.65 -29.04 -26.20
CA ILE P 129 19.83 -28.83 -25.39
C ILE P 129 20.19 -27.35 -25.41
N VAL P 130 20.86 -26.89 -24.35
CA VAL P 130 21.11 -25.47 -24.15
C VAL P 130 22.57 -25.27 -23.72
N THR P 131 23.17 -24.19 -24.18
CA THR P 131 24.51 -23.79 -23.79
C THR P 131 24.52 -22.32 -23.38
N GLY P 132 25.55 -21.96 -22.60
CA GLY P 132 25.73 -20.58 -22.21
C GLY P 132 26.67 -19.82 -23.12
N GLU P 133 27.36 -20.53 -24.01
CA GLU P 133 28.32 -19.94 -24.93
C GLU P 133 28.31 -20.69 -26.25
N TRP P 134 27.87 -19.99 -27.30
CA TRP P 134 27.80 -20.55 -28.65
C TRP P 134 28.54 -19.62 -29.58
N THR P 135 29.54 -20.11 -30.29
CA THR P 135 30.28 -19.29 -31.23
C THR P 135 30.05 -19.81 -32.64
N PRO P 136 29.38 -19.07 -33.51
CA PRO P 136 29.26 -19.51 -34.90
C PRO P 136 30.60 -19.46 -35.61
N THR P 137 30.76 -20.38 -36.56
CA THR P 137 31.93 -20.40 -37.41
C THR P 137 31.67 -19.57 -38.65
N ILE P 138 32.71 -18.96 -39.18
CA ILE P 138 32.55 -18.08 -40.34
C ILE P 138 32.52 -18.92 -41.61
N PRO P 139 31.50 -18.79 -42.46
CA PRO P 139 31.50 -19.53 -43.72
C PRO P 139 32.50 -18.93 -44.70
N THR P 140 33.68 -19.53 -44.81
CA THR P 140 34.73 -18.95 -45.63
C THR P 140 34.58 -19.33 -47.09
N LEU P 141 33.74 -20.32 -47.39
CA LEU P 141 33.42 -20.69 -48.76
C LEU P 141 32.13 -20.06 -49.25
N LEU P 142 31.62 -19.06 -48.53
CA LEU P 142 30.39 -18.36 -48.84
C LEU P 142 29.20 -19.32 -48.88
N MET Q 1 19.17 -61.50 -33.03
CA MET Q 1 18.21 -60.58 -32.42
C MET Q 1 17.94 -59.40 -33.34
N ALA Q 2 17.26 -59.69 -34.46
CA ALA Q 2 17.00 -58.68 -35.47
C ALA Q 2 16.12 -57.57 -34.91
N MET Q 3 16.44 -56.34 -35.31
CA MET Q 3 15.67 -55.17 -34.88
C MET Q 3 14.31 -55.20 -35.57
N LYS Q 4 13.26 -55.50 -34.81
CA LYS Q 4 11.93 -55.54 -35.40
C LYS Q 4 11.46 -54.13 -35.75
N ALA Q 5 10.89 -54.01 -36.94
CA ALA Q 5 10.19 -52.80 -37.31
C ALA Q 5 9.08 -52.52 -36.30
N TYR Q 6 8.57 -51.30 -36.30
CA TYR Q 6 7.56 -50.96 -35.32
C TYR Q 6 6.23 -51.64 -35.65
N SER Q 7 5.48 -51.96 -34.60
CA SER Q 7 4.16 -52.54 -34.73
C SER Q 7 3.45 -52.46 -33.39
N MET Q 8 2.18 -52.07 -33.42
CA MET Q 8 1.40 -52.05 -32.18
C MET Q 8 1.06 -53.44 -31.69
N LEU Q 9 1.29 -54.48 -32.50
CA LEU Q 9 1.14 -55.85 -32.05
C LEU Q 9 2.21 -56.27 -31.06
N ASN Q 10 3.29 -55.50 -30.95
CA ASN Q 10 4.40 -55.84 -30.07
C ASN Q 10 4.61 -54.83 -28.95
N VAL Q 11 3.66 -53.92 -28.75
CA VAL Q 11 3.66 -53.02 -27.60
C VAL Q 11 2.68 -53.55 -26.58
N THR Q 12 3.10 -53.62 -25.32
CA THR Q 12 2.26 -54.10 -24.24
C THR Q 12 2.18 -53.06 -23.14
N ALA Q 13 0.97 -52.80 -22.66
CA ALA Q 13 0.71 -51.85 -21.59
C ALA Q 13 -0.09 -52.51 -20.50
N THR Q 14 0.35 -52.36 -19.26
CA THR Q 14 -0.25 -53.04 -18.12
C THR Q 14 -0.72 -52.01 -17.11
N LEU Q 15 -2.01 -52.01 -16.80
CA LEU Q 15 -2.59 -51.04 -15.88
C LEU Q 15 -3.19 -51.81 -14.71
N ASP Q 16 -2.55 -51.69 -13.55
CA ASP Q 16 -2.99 -52.35 -12.32
C ASP Q 16 -3.02 -53.87 -12.49
N GLY Q 17 -2.11 -54.37 -13.33
CA GLY Q 17 -2.00 -55.80 -13.53
C GLY Q 17 -2.67 -56.34 -14.78
N ARG Q 18 -3.65 -55.61 -15.30
CA ARG Q 18 -4.38 -56.05 -16.49
C ARG Q 18 -3.88 -55.32 -17.73
N ARG Q 19 -4.12 -55.92 -18.88
CA ARG Q 19 -3.71 -55.32 -20.15
C ARG Q 19 -4.66 -54.20 -20.56
N VAL Q 20 -4.14 -53.30 -21.39
CA VAL Q 20 -4.91 -52.23 -22.02
C VAL Q 20 -5.26 -52.70 -23.43
N ILE Q 21 -6.55 -52.69 -23.75
CA ILE Q 21 -6.99 -53.38 -24.96
C ILE Q 21 -7.63 -52.47 -26.02
N GLY Q 22 -8.78 -51.90 -25.73
CA GLY Q 22 -9.46 -51.21 -26.82
C GLY Q 22 -9.04 -49.76 -26.99
N LEU Q 23 -8.10 -49.52 -27.90
CA LEU Q 23 -7.51 -48.21 -28.10
C LEU Q 23 -8.10 -47.56 -29.34
N MET Q 24 -8.16 -46.24 -29.34
CA MET Q 24 -8.67 -45.49 -30.48
C MET Q 24 -7.68 -45.54 -31.64
N ASP Q 25 -8.11 -45.01 -32.78
CA ASP Q 25 -7.25 -44.92 -33.95
C ASP Q 25 -6.39 -43.67 -33.90
N GLY Q 26 -5.17 -43.78 -34.39
CA GLY Q 26 -4.27 -42.65 -34.49
C GLY Q 26 -2.86 -43.00 -34.07
N ASP Q 27 -1.95 -42.07 -34.31
CA ASP Q 27 -0.54 -42.24 -33.97
C ASP Q 27 -0.24 -41.90 -32.52
N ASP Q 28 -1.24 -41.46 -31.76
CA ASP Q 28 -1.04 -41.03 -30.37
C ASP Q 28 -2.13 -41.68 -29.54
N ALA Q 29 -1.92 -42.94 -29.15
CA ALA Q 29 -2.89 -43.67 -28.34
C ALA Q 29 -2.47 -43.81 -26.89
N ILE Q 30 -1.18 -43.92 -26.61
CA ILE Q 30 -0.63 -43.80 -25.27
C ILE Q 30 0.56 -42.85 -25.39
N THR Q 31 0.50 -41.71 -24.71
CA THR Q 31 1.58 -40.75 -24.73
C THR Q 31 1.93 -40.33 -23.31
N THR Q 32 3.22 -40.36 -22.98
CA THR Q 32 3.72 -39.94 -21.67
C THR Q 32 4.57 -38.69 -21.84
N SER Q 33 4.34 -37.70 -21.00
CA SER Q 33 5.13 -36.49 -21.07
C SER Q 33 5.65 -36.10 -19.70
N PRO Q 34 6.91 -35.67 -19.61
CA PRO Q 34 7.44 -35.22 -18.32
C PRO Q 34 6.74 -33.96 -17.82
N GLY Q 35 6.72 -33.84 -16.49
CA GLY Q 35 6.00 -32.77 -15.84
C GLY Q 35 6.54 -31.38 -16.04
N VAL Q 36 7.86 -31.23 -16.11
CA VAL Q 36 8.51 -29.93 -16.17
C VAL Q 36 9.71 -30.01 -17.13
N ASP Q 37 10.37 -28.86 -17.32
CA ASP Q 37 11.64 -28.84 -18.02
C ASP Q 37 12.76 -29.40 -17.15
N VAL Q 38 13.75 -29.99 -17.80
CA VAL Q 38 14.85 -30.60 -17.07
C VAL Q 38 15.70 -29.55 -16.37
N GLY Q 39 15.90 -28.40 -16.98
CA GLY Q 39 16.72 -27.37 -16.38
C GLY Q 39 16.48 -26.01 -16.99
N THR Q 40 17.29 -25.05 -16.53
CA THR Q 40 17.13 -23.64 -16.88
C THR Q 40 18.50 -22.97 -16.92
N MET Q 41 18.77 -22.23 -17.98
CA MET Q 41 20.00 -21.45 -18.10
C MET Q 41 19.74 -20.01 -17.68
N LEU Q 42 20.62 -19.47 -16.84
CA LEU Q 42 20.51 -18.11 -16.33
C LEU Q 42 21.75 -17.33 -16.74
N VAL Q 43 21.57 -16.32 -17.58
CA VAL Q 43 22.66 -15.52 -18.12
C VAL Q 43 22.57 -14.13 -17.52
N GLY Q 44 23.70 -13.63 -17.02
CA GLY Q 44 23.74 -12.35 -16.35
C GLY Q 44 24.05 -11.19 -17.27
N ALA Q 45 24.09 -10.00 -16.67
CA ALA Q 45 24.31 -8.77 -17.42
C ALA Q 45 25.71 -8.67 -17.97
N ASP Q 46 26.63 -9.52 -17.54
CA ASP Q 46 28.02 -9.46 -17.95
C ASP Q 46 28.40 -10.54 -18.96
N GLY Q 47 27.54 -11.52 -19.19
CA GLY Q 47 27.82 -12.61 -20.10
C GLY Q 47 28.09 -13.94 -19.43
N SER Q 48 28.28 -13.97 -18.11
CA SER Q 48 28.45 -15.23 -17.39
C SER Q 48 27.11 -15.94 -17.26
N TRP Q 49 27.16 -17.23 -16.94
CA TRP Q 49 25.97 -18.07 -16.98
C TRP Q 49 25.97 -19.06 -15.83
N LEU Q 50 24.78 -19.60 -15.55
CA LEU Q 50 24.62 -20.63 -14.53
C LEU Q 50 23.44 -21.51 -14.91
N PHE Q 51 23.64 -22.82 -14.88
CA PHE Q 51 22.60 -23.80 -15.14
C PHE Q 51 22.04 -24.31 -13.83
N SER Q 52 20.76 -24.67 -13.81
CA SER Q 52 20.14 -25.25 -12.64
C SER Q 52 19.26 -26.42 -13.05
N GLN Q 53 19.39 -27.54 -12.34
CA GLN Q 53 18.71 -28.78 -12.67
C GLN Q 53 17.65 -29.08 -11.61
N THR Q 54 16.50 -29.57 -12.03
CA THR Q 54 15.40 -29.84 -11.12
C THR Q 54 15.47 -31.25 -10.55
N ALA Q 55 14.84 -31.43 -9.40
CA ALA Q 55 14.75 -32.72 -8.75
C ALA Q 55 13.38 -33.38 -8.93
N ASP Q 56 12.52 -32.78 -9.76
CA ASP Q 56 11.16 -33.26 -9.98
C ASP Q 56 11.17 -34.29 -11.10
N LYS Q 57 10.84 -35.54 -10.78
CA LYS Q 57 10.73 -36.58 -11.80
C LYS Q 57 9.31 -37.15 -11.83
N SER Q 58 8.42 -36.41 -12.49
CA SER Q 58 7.01 -36.79 -12.55
C SER Q 58 6.53 -36.70 -13.99
N ALA Q 59 5.41 -37.38 -14.26
CA ALA Q 59 4.89 -37.45 -15.61
C ALA Q 59 3.38 -37.71 -15.57
N THR Q 60 2.73 -37.41 -16.69
CA THR Q 60 1.36 -37.82 -16.94
C THR Q 60 1.34 -38.72 -18.17
N VAL Q 61 0.33 -39.57 -18.27
CA VAL Q 61 0.09 -40.33 -19.49
C VAL Q 61 -1.38 -40.16 -19.86
N VAL Q 62 -1.64 -40.06 -21.16
CA VAL Q 62 -2.99 -39.92 -21.69
C VAL Q 62 -3.32 -41.17 -22.49
N ILE Q 63 -4.47 -41.77 -22.18
CA ILE Q 63 -4.91 -43.01 -22.83
C ILE Q 63 -6.22 -42.73 -23.54
N LYS Q 64 -6.26 -42.98 -24.84
CA LYS Q 64 -7.44 -42.78 -25.66
C LYS Q 64 -8.07 -44.12 -25.98
N LEU Q 65 -9.35 -44.26 -25.64
CA LEU Q 65 -10.04 -45.55 -25.71
C LEU Q 65 -11.32 -45.41 -26.53
N LYS Q 66 -11.82 -46.55 -26.98
CA LYS Q 66 -13.14 -46.59 -27.60
C LYS Q 66 -14.23 -46.69 -26.54
N PRO Q 67 -15.46 -46.31 -26.88
CA PRO Q 67 -16.56 -46.45 -25.92
C PRO Q 67 -16.90 -47.88 -25.55
N ASN Q 68 -16.37 -48.88 -26.25
CA ASN Q 68 -16.60 -50.29 -25.91
C ASN Q 68 -15.26 -50.97 -25.62
N SER Q 69 -14.72 -50.77 -24.42
CA SER Q 69 -13.48 -51.43 -24.09
C SER Q 69 -13.46 -51.73 -22.61
N PRO Q 70 -12.97 -52.90 -22.20
CA PRO Q 70 -12.95 -53.23 -20.77
C PRO Q 70 -12.09 -52.30 -19.94
N THR Q 71 -11.08 -51.68 -20.54
CA THR Q 71 -10.26 -50.72 -19.80
C THR Q 71 -11.05 -49.48 -19.41
N HIS Q 72 -12.04 -49.10 -20.21
CA HIS Q 72 -12.94 -48.01 -19.84
C HIS Q 72 -13.72 -48.36 -18.58
N ARG Q 73 -14.20 -49.60 -18.48
CA ARG Q 73 -14.89 -50.05 -17.27
C ARG Q 73 -13.96 -50.07 -16.07
N GLN Q 74 -12.74 -50.56 -16.26
CA GLN Q 74 -11.78 -50.58 -15.16
C GLN Q 74 -11.47 -49.18 -14.66
N LEU Q 75 -11.26 -48.24 -15.58
CA LEU Q 75 -10.93 -46.88 -15.18
C LEU Q 75 -12.11 -46.17 -14.54
N THR Q 76 -13.33 -46.45 -15.01
CA THR Q 76 -14.49 -45.82 -14.36
C THR Q 76 -14.77 -46.42 -13.00
N GLU Q 77 -14.36 -47.66 -12.73
CA GLU Q 77 -14.45 -48.16 -11.36
C GLU Q 77 -13.39 -47.54 -10.46
N LYS Q 78 -12.17 -47.35 -11.00
CA LYS Q 78 -11.13 -46.69 -10.22
C LYS Q 78 -11.50 -45.25 -9.87
N TRP Q 79 -12.16 -44.56 -10.81
CA TRP Q 79 -12.61 -43.20 -10.56
C TRP Q 79 -13.61 -43.14 -9.41
N MET Q 80 -14.56 -44.08 -9.38
CA MET Q 80 -15.53 -44.10 -8.29
C MET Q 80 -14.90 -44.48 -6.96
N ALA Q 81 -13.92 -45.38 -6.98
CA ALA Q 81 -13.19 -45.68 -5.76
C ALA Q 81 -12.48 -44.44 -5.21
N GLN Q 82 -11.87 -43.65 -6.09
CA GLN Q 82 -11.23 -42.41 -5.64
C GLN Q 82 -12.27 -41.42 -5.11
N ARG Q 83 -13.43 -41.33 -5.76
CA ARG Q 83 -14.46 -40.39 -5.31
C ARG Q 83 -15.02 -40.80 -3.96
N ALA Q 84 -15.01 -42.10 -3.64
CA ALA Q 84 -15.50 -42.55 -2.34
C ALA Q 84 -14.56 -42.11 -1.23
N GLY Q 85 -13.27 -42.04 -1.50
CA GLY Q 85 -12.32 -41.62 -0.48
C GLY Q 85 -11.18 -42.60 -0.32
N ARG Q 86 -11.18 -43.67 -1.12
CA ARG Q 86 -10.11 -44.65 -1.07
C ARG Q 86 -9.01 -44.28 -2.07
N LEU Q 87 -7.83 -43.97 -1.54
CA LEU Q 87 -6.75 -43.39 -2.33
C LEU Q 87 -5.51 -44.26 -2.24
N VAL Q 88 -5.26 -45.06 -3.28
CA VAL Q 88 -4.10 -45.93 -3.34
C VAL Q 88 -3.44 -45.76 -4.72
N GLY Q 89 -2.39 -46.55 -4.96
CA GLY Q 89 -1.46 -46.30 -6.04
C GLY Q 89 -1.79 -46.83 -7.42
N PHE Q 90 -2.01 -48.13 -7.59
CA PHE Q 90 -2.29 -48.72 -8.91
C PHE Q 90 -1.18 -48.42 -9.93
N PRO Q 91 -0.18 -49.30 -10.00
CA PRO Q 91 0.92 -49.11 -10.96
C PRO Q 91 0.47 -49.12 -12.42
N PHE Q 92 1.22 -48.43 -13.26
CA PHE Q 92 1.08 -48.48 -14.70
C PHE Q 92 2.45 -48.69 -15.34
N ASP Q 93 2.47 -49.46 -16.43
CA ASP Q 93 3.72 -49.86 -17.06
C ASP Q 93 3.44 -50.13 -18.52
N PHE Q 94 4.35 -49.71 -19.41
CA PHE Q 94 4.27 -50.11 -20.81
C PHE Q 94 5.65 -50.06 -21.44
N ILE Q 95 5.84 -50.90 -22.45
CA ILE Q 95 7.15 -51.10 -23.04
C ILE Q 95 6.96 -51.57 -24.48
N ASP Q 96 8.00 -51.41 -25.28
CA ASP Q 96 8.05 -51.92 -26.65
C ASP Q 96 9.11 -53.01 -26.73
N SER Q 97 8.72 -54.20 -27.19
CA SER Q 97 9.66 -55.31 -27.23
C SER Q 97 10.69 -55.18 -28.33
N ALA Q 98 10.43 -54.34 -29.34
CA ALA Q 98 11.38 -54.20 -30.43
C ALA Q 98 12.62 -53.40 -30.01
N SER Q 99 12.47 -52.46 -29.08
CA SER Q 99 13.60 -51.61 -28.73
C SER Q 99 13.83 -51.52 -27.21
N ASN Q 100 12.94 -52.07 -26.39
CA ASN Q 100 13.01 -51.96 -24.93
C ASN Q 100 12.87 -50.52 -24.47
N GLU Q 101 12.07 -49.73 -25.18
CA GLU Q 101 11.77 -48.37 -24.77
C GLU Q 101 10.42 -48.31 -24.07
N GLY Q 102 10.35 -47.55 -22.99
CA GLY Q 102 9.15 -47.46 -22.21
C GLY Q 102 9.45 -46.84 -20.86
N GLY Q 103 8.70 -47.26 -19.86
CA GLY Q 103 8.89 -46.77 -18.51
C GLY Q 103 7.88 -47.37 -17.57
N THR Q 104 8.08 -47.12 -16.28
CA THR Q 104 7.22 -47.69 -15.26
C THR Q 104 6.94 -46.64 -14.19
N GLY Q 105 5.81 -46.80 -13.52
CA GLY Q 105 5.49 -46.00 -12.36
C GLY Q 105 4.65 -46.80 -11.40
N ALA Q 106 5.12 -46.87 -10.16
CA ALA Q 106 4.53 -47.77 -9.16
C ALA Q 106 3.27 -47.22 -8.50
N GLU Q 107 2.97 -45.93 -8.66
CA GLU Q 107 1.78 -45.33 -8.04
C GLU Q 107 1.24 -44.23 -8.93
N PHE Q 108 0.09 -44.49 -9.57
CA PHE Q 108 -0.59 -43.52 -10.40
C PHE Q 108 -1.91 -43.09 -9.76
N PHE Q 109 -2.51 -42.05 -10.32
CA PHE Q 109 -3.80 -41.56 -9.86
C PHE Q 109 -4.57 -41.00 -11.05
N ILE Q 110 -5.89 -41.09 -11.00
CA ILE Q 110 -6.73 -40.48 -12.03
C ILE Q 110 -6.65 -38.97 -11.91
N GLN Q 111 -6.43 -38.29 -13.03
CA GLN Q 111 -6.37 -36.82 -13.02
C GLN Q 111 -7.48 -36.17 -13.82
N LYS Q 112 -7.81 -36.68 -15.00
CA LYS Q 112 -8.93 -36.18 -15.79
C LYS Q 112 -9.82 -37.34 -16.21
N ALA Q 113 -11.12 -37.06 -16.30
CA ALA Q 113 -12.11 -38.03 -16.71
C ALA Q 113 -12.67 -37.62 -18.07
N PRO Q 114 -13.09 -38.57 -18.88
CA PRO Q 114 -13.52 -38.25 -20.24
C PRO Q 114 -14.90 -37.63 -20.28
N ASP Q 115 -15.28 -37.22 -21.49
CA ASP Q 115 -16.61 -36.69 -21.78
C ASP Q 115 -17.43 -37.76 -22.49
N ASP Q 116 -18.67 -37.95 -22.05
CA ASP Q 116 -19.56 -38.94 -22.64
C ASP Q 116 -20.39 -38.28 -23.74
N SER Q 117 -19.94 -38.43 -24.98
CA SER Q 117 -20.65 -37.90 -26.14
C SER Q 117 -21.34 -39.04 -26.86
N LYS Q 118 -22.62 -38.86 -27.20
CA LYS Q 118 -23.33 -39.92 -27.89
C LYS Q 118 -23.33 -39.72 -29.40
N GLY Q 119 -24.00 -38.68 -29.88
CA GLY Q 119 -23.99 -38.36 -31.31
C GLY Q 119 -24.30 -39.48 -32.29
N ASN Q 120 -23.90 -39.27 -33.54
CA ASN Q 120 -24.24 -40.16 -34.66
C ASN Q 120 -23.20 -41.24 -34.91
N ASN Q 121 -21.91 -40.94 -34.76
CA ASN Q 121 -20.86 -41.96 -34.79
C ASN Q 121 -20.20 -42.03 -33.43
N ALA Q 122 -19.48 -43.12 -33.16
CA ALA Q 122 -18.81 -43.28 -31.88
C ALA Q 122 -17.51 -42.47 -31.86
N VAL Q 123 -17.13 -42.01 -30.67
CA VAL Q 123 -16.03 -41.07 -30.50
C VAL Q 123 -15.13 -41.50 -29.34
N VAL Q 124 -14.07 -40.72 -29.13
CA VAL Q 124 -13.00 -41.08 -28.20
C VAL Q 124 -13.45 -40.92 -26.75
N ARG Q 125 -12.81 -41.69 -25.86
CA ARG Q 125 -12.86 -41.48 -24.42
C ARG Q 125 -11.43 -41.33 -23.91
N GLU Q 126 -11.06 -40.15 -23.45
CA GLU Q 126 -9.69 -39.86 -23.07
C GLU Q 126 -9.54 -39.78 -21.56
N TRP Q 127 -8.65 -40.60 -21.01
CA TRP Q 127 -8.32 -40.60 -19.59
C TRP Q 127 -6.92 -40.05 -19.40
N THR Q 128 -6.67 -39.46 -18.23
CA THR Q 128 -5.37 -38.92 -17.87
C THR Q 128 -5.01 -39.43 -16.48
N ILE Q 129 -3.78 -39.91 -16.32
CA ILE Q 129 -3.29 -40.37 -15.03
C ILE Q 129 -1.95 -39.71 -14.75
N VAL Q 130 -1.61 -39.57 -13.47
CA VAL Q 130 -0.44 -38.81 -13.05
C VAL Q 130 0.32 -39.59 -11.98
N THR Q 131 1.64 -39.50 -12.02
CA THR Q 131 2.49 -40.09 -11.00
C THR Q 131 3.50 -39.06 -10.50
N GLY Q 132 4.05 -39.31 -9.33
CA GLY Q 132 5.08 -38.47 -8.78
C GLY Q 132 6.48 -38.97 -9.07
N GLU Q 133 6.59 -40.19 -9.58
CA GLU Q 133 7.87 -40.80 -9.89
C GLU Q 133 7.75 -41.68 -11.13
N TRP Q 134 8.43 -41.28 -12.19
CA TRP Q 134 8.43 -42.01 -13.45
C TRP Q 134 9.88 -42.25 -13.85
N THR Q 135 10.25 -43.51 -14.04
CA THR Q 135 11.60 -43.83 -14.46
C THR Q 135 11.58 -44.45 -15.85
N PRO Q 136 12.11 -43.79 -16.86
CA PRO Q 136 12.20 -44.42 -18.18
C PRO Q 136 13.17 -45.58 -18.18
N THR Q 137 12.88 -46.56 -19.01
CA THR Q 137 13.76 -47.69 -19.20
C THR Q 137 14.71 -47.39 -20.36
N ILE Q 138 15.91 -47.93 -20.28
CA ILE Q 138 16.93 -47.65 -21.30
C ILE Q 138 16.69 -48.55 -22.50
N PRO Q 139 16.57 -48.01 -23.71
CA PRO Q 139 16.44 -48.88 -24.88
C PRO Q 139 17.77 -49.54 -25.23
N THR Q 140 17.94 -50.78 -24.82
CA THR Q 140 19.23 -51.45 -25.01
C THR Q 140 19.36 -52.05 -26.39
N LEU Q 141 18.27 -52.15 -27.13
CA LEU Q 141 18.29 -52.60 -28.52
C LEU Q 141 18.29 -51.43 -29.50
N LEU Q 142 18.57 -50.23 -29.01
CA LEU Q 142 18.58 -49.00 -29.82
C LEU Q 142 17.22 -48.76 -30.49
N MET R 1 -26.28 -62.69 -24.89
CA MET R 1 -26.28 -61.25 -24.74
C MET R 1 -25.17 -60.62 -25.59
N ALA R 2 -25.34 -60.70 -26.91
CA ALA R 2 -24.33 -60.22 -27.84
C ALA R 2 -24.11 -58.72 -27.68
N MET R 3 -22.84 -58.31 -27.78
CA MET R 3 -22.49 -56.90 -27.67
C MET R 3 -22.97 -56.19 -28.93
N LYS R 4 -24.01 -55.38 -28.80
CA LYS R 4 -24.51 -54.64 -29.95
C LYS R 4 -23.54 -53.56 -30.37
N ALA R 5 -23.31 -53.48 -31.68
CA ALA R 5 -22.60 -52.34 -32.24
C ALA R 5 -23.32 -51.05 -31.88
N TYR R 6 -22.62 -49.94 -32.01
CA TYR R 6 -23.22 -48.67 -31.63
C TYR R 6 -24.32 -48.27 -32.60
N SER R 7 -25.33 -47.59 -32.08
CA SER R 7 -26.43 -47.05 -32.87
C SER R 7 -27.20 -46.06 -32.03
N MET R 8 -27.55 -44.92 -32.64
CA MET R 8 -28.37 -43.94 -31.94
C MET R 8 -29.81 -44.41 -31.78
N LEU R 9 -30.21 -45.48 -32.46
CA LEU R 9 -31.52 -46.08 -32.25
C LEU R 9 -31.64 -46.77 -30.91
N ASN R 10 -30.53 -47.02 -30.23
CA ASN R 10 -30.54 -47.73 -28.95
C ASN R 10 -30.05 -46.87 -27.80
N VAL R 11 -29.90 -45.57 -28.00
CA VAL R 11 -29.61 -44.63 -26.93
C VAL R 11 -30.90 -43.92 -26.55
N THR R 12 -31.18 -43.84 -25.26
CA THR R 12 -32.37 -43.19 -24.75
C THR R 12 -32.00 -42.12 -23.74
N ALA R 13 -32.58 -40.93 -23.90
CA ALA R 13 -32.34 -39.80 -23.01
C ALA R 13 -33.68 -39.29 -22.51
N THR R 14 -33.78 -39.09 -21.19
CA THR R 14 -35.03 -38.71 -20.54
C THR R 14 -34.81 -37.40 -19.80
N LEU R 15 -35.59 -36.38 -20.14
CA LEU R 15 -35.47 -35.06 -19.54
C LEU R 15 -36.79 -34.73 -18.87
N ASP R 16 -36.79 -34.71 -17.54
CA ASP R 16 -37.98 -34.41 -16.74
C ASP R 16 -39.10 -35.40 -17.02
N GLY R 17 -38.73 -36.62 -17.36
CA GLY R 17 -39.71 -37.66 -17.60
C GLY R 17 -40.04 -37.93 -19.06
N ARG R 18 -39.79 -36.96 -19.93
CA ARG R 18 -40.08 -37.12 -21.34
C ARG R 18 -38.81 -37.42 -22.13
N ARG R 19 -38.98 -38.02 -23.31
CA ARG R 19 -37.85 -38.35 -24.16
C ARG R 19 -37.32 -37.13 -24.89
N VAL R 20 -36.06 -37.20 -25.29
CA VAL R 20 -35.40 -36.20 -26.12
C VAL R 20 -35.45 -36.71 -27.55
N ILE R 21 -35.99 -35.90 -28.46
CA ILE R 21 -36.31 -36.42 -29.78
C ILE R 21 -35.55 -35.76 -30.93
N GLY R 22 -35.81 -34.48 -31.20
CA GLY R 22 -35.23 -33.94 -32.42
C GLY R 22 -33.83 -33.39 -32.25
N LEU R 23 -32.84 -34.21 -32.56
CA LEU R 23 -31.43 -33.89 -32.35
C LEU R 23 -30.79 -33.48 -33.66
N MET R 24 -29.79 -32.60 -33.58
CA MET R 24 -29.06 -32.17 -34.76
C MET R 24 -28.17 -33.28 -35.29
N ASP R 25 -27.58 -33.03 -36.45
CA ASP R 25 -26.65 -33.97 -37.06
C ASP R 25 -25.25 -33.78 -36.50
N GLY R 26 -24.54 -34.88 -36.34
CA GLY R 26 -23.15 -34.85 -35.92
C GLY R 26 -22.85 -35.92 -34.89
N ASP R 27 -21.56 -36.08 -34.58
CA ASP R 27 -21.10 -37.06 -33.62
C ASP R 27 -21.19 -36.58 -32.18
N ASP R 28 -21.64 -35.36 -31.96
CA ASP R 28 -21.70 -34.76 -30.63
C ASP R 28 -23.07 -34.12 -30.48
N ALA R 29 -24.07 -34.92 -30.14
CA ALA R 29 -25.43 -34.41 -29.96
C ALA R 29 -25.84 -34.31 -28.50
N ILE R 30 -25.35 -35.21 -27.65
CA ILE R 30 -25.46 -35.08 -26.21
C ILE R 30 -24.08 -35.37 -25.65
N THR R 31 -23.47 -34.39 -25.00
CA THR R 31 -22.14 -34.57 -24.41
C THR R 31 -22.14 -34.09 -22.98
N THR R 32 -21.62 -34.90 -22.07
CA THR R 32 -21.51 -34.57 -20.66
C THR R 32 -20.03 -34.46 -20.29
N SER R 33 -19.68 -33.39 -19.58
CA SER R 33 -18.30 -33.22 -19.17
C SER R 33 -18.22 -32.89 -17.69
N PRO R 34 -17.27 -33.48 -16.96
CA PRO R 34 -17.10 -33.15 -15.55
C PRO R 34 -16.66 -31.71 -15.35
N GLY R 35 -17.06 -31.18 -14.19
CA GLY R 35 -16.83 -29.78 -13.88
C GLY R 35 -15.39 -29.37 -13.68
N VAL R 36 -14.57 -30.24 -13.10
CA VAL R 36 -13.20 -29.91 -12.73
C VAL R 36 -12.30 -31.12 -13.00
N ASP R 37 -11.01 -30.95 -12.74
CA ASP R 37 -10.07 -32.06 -12.75
C ASP R 37 -10.25 -32.91 -11.49
N VAL R 38 -9.96 -34.20 -11.63
CA VAL R 38 -10.14 -35.13 -10.52
C VAL R 38 -9.14 -34.83 -9.40
N GLY R 39 -7.91 -34.46 -9.76
CA GLY R 39 -6.90 -34.20 -8.75
C GLY R 39 -5.75 -33.39 -9.29
N THR R 40 -4.75 -33.22 -8.42
CA THR R 40 -3.61 -32.35 -8.68
C THR R 40 -2.37 -32.91 -8.00
N MET R 41 -1.27 -33.00 -8.74
CA MET R 41 0.01 -33.43 -8.19
C MET R 41 0.85 -32.21 -7.83
N LEU R 42 1.43 -32.21 -6.63
CA LEU R 42 2.24 -31.13 -6.12
C LEU R 42 3.63 -31.65 -5.81
N VAL R 43 4.63 -31.18 -6.56
CA VAL R 43 6.01 -31.63 -6.43
C VAL R 43 6.84 -30.50 -5.84
N GLY R 44 7.63 -30.83 -4.82
CA GLY R 44 8.40 -29.83 -4.11
C GLY R 44 9.80 -29.64 -4.67
N ALA R 45 10.53 -28.71 -4.03
CA ALA R 45 11.87 -28.36 -4.48
C ALA R 45 12.87 -29.48 -4.27
N ASP R 46 12.51 -30.52 -3.53
CA ASP R 46 13.43 -31.61 -3.21
C ASP R 46 13.15 -32.88 -4.00
N GLY R 47 12.02 -32.96 -4.70
CA GLY R 47 11.65 -34.14 -5.44
C GLY R 47 10.51 -34.93 -4.84
N SER R 48 10.11 -34.65 -3.60
CA SER R 48 8.97 -35.31 -2.99
C SER R 48 7.67 -34.75 -3.58
N TRP R 49 6.58 -35.48 -3.38
CA TRP R 49 5.33 -35.17 -4.05
C TRP R 49 4.14 -35.42 -3.13
N LEU R 50 3.01 -34.82 -3.50
CA LEU R 50 1.76 -35.00 -2.78
C LEU R 50 0.60 -34.84 -3.76
N PHE R 51 -0.33 -35.79 -3.74
CA PHE R 51 -1.53 -35.74 -4.55
C PHE R 51 -2.70 -35.23 -3.71
N SER R 52 -3.64 -34.53 -4.35
CA SER R 52 -4.84 -34.07 -3.67
C SER R 52 -6.05 -34.30 -4.55
N GLN R 53 -7.10 -34.86 -3.96
CA GLN R 53 -8.30 -35.25 -4.67
C GLN R 53 -9.45 -34.34 -4.28
N THR R 54 -10.28 -33.97 -5.24
CA THR R 54 -11.38 -33.05 -5.00
C THR R 54 -12.65 -33.80 -4.58
N ALA R 55 -13.53 -33.07 -3.89
CA ALA R 55 -14.82 -33.59 -3.47
C ALA R 55 -15.96 -33.10 -4.35
N ASP R 56 -15.65 -32.39 -5.44
CA ASP R 56 -16.65 -31.80 -6.31
C ASP R 56 -17.03 -32.82 -7.38
N LYS R 57 -18.30 -33.25 -7.37
CA LYS R 57 -18.80 -34.16 -8.39
C LYS R 57 -19.95 -33.52 -9.14
N SER R 58 -19.62 -32.65 -10.09
CA SER R 58 -20.60 -31.90 -10.85
C SER R 58 -20.28 -31.98 -12.33
N ALA R 59 -21.28 -31.71 -13.16
CA ALA R 59 -21.13 -31.83 -14.60
C ALA R 59 -22.12 -30.92 -15.31
N THR R 60 -21.83 -30.64 -16.58
CA THR R 60 -22.75 -30.00 -17.49
C THR R 60 -23.03 -30.95 -18.64
N VAL R 61 -24.18 -30.80 -19.29
CA VAL R 61 -24.46 -31.50 -20.53
C VAL R 61 -24.95 -30.48 -21.54
N VAL R 62 -24.55 -30.67 -22.80
CA VAL R 62 -24.94 -29.80 -23.90
C VAL R 62 -25.80 -30.61 -24.86
N ILE R 63 -26.97 -30.07 -25.20
CA ILE R 63 -27.93 -30.74 -26.07
C ILE R 63 -28.14 -29.87 -27.30
N LYS R 64 -27.88 -30.44 -28.47
CA LYS R 64 -28.04 -29.74 -29.74
C LYS R 64 -29.30 -30.23 -30.43
N LEU R 65 -30.18 -29.31 -30.77
CA LEU R 65 -31.52 -29.64 -31.26
C LEU R 65 -31.78 -28.92 -32.58
N LYS R 66 -32.77 -29.42 -33.31
CA LYS R 66 -33.25 -28.72 -34.49
C LYS R 66 -34.27 -27.65 -34.09
N PRO R 67 -34.49 -26.66 -34.96
CA PRO R 67 -35.51 -25.64 -34.66
C PRO R 67 -36.93 -26.17 -34.61
N ASN R 68 -37.19 -27.40 -35.05
CA ASN R 68 -38.52 -28.00 -34.97
C ASN R 68 -38.47 -29.28 -34.14
N SER R 69 -38.46 -29.13 -32.82
CA SER R 69 -38.45 -30.32 -31.99
C SER R 69 -39.21 -30.02 -30.70
N PRO R 70 -40.01 -30.97 -30.21
CA PRO R 70 -40.77 -30.70 -28.97
C PRO R 70 -39.90 -30.46 -27.76
N THR R 71 -38.68 -30.98 -27.75
CA THR R 71 -37.77 -30.73 -26.64
C THR R 71 -37.36 -29.27 -26.57
N HIS R 72 -37.28 -28.60 -27.72
CA HIS R 72 -37.03 -27.16 -27.73
C HIS R 72 -38.15 -26.40 -27.05
N ARG R 73 -39.40 -26.80 -27.29
CA ARG R 73 -40.54 -26.19 -26.60
C ARG R 73 -40.51 -26.46 -25.11
N GLN R 74 -40.18 -27.70 -24.72
CA GLN R 74 -40.11 -28.02 -23.30
C GLN R 74 -39.03 -27.21 -22.59
N LEU R 75 -37.87 -27.07 -23.23
CA LEU R 75 -36.77 -26.33 -22.61
C LEU R 75 -37.06 -24.84 -22.56
N THR R 76 -37.74 -24.30 -23.58
CA THR R 76 -38.07 -22.89 -23.52
C THR R 76 -39.18 -22.60 -22.51
N GLU R 77 -40.03 -23.57 -22.19
CA GLU R 77 -40.96 -23.37 -21.07
C GLU R 77 -40.24 -23.44 -19.73
N LYS R 78 -39.28 -24.35 -19.59
CA LYS R 78 -38.50 -24.42 -18.36
C LYS R 78 -37.70 -23.15 -18.12
N TRP R 79 -37.17 -22.56 -19.19
CA TRP R 79 -36.42 -21.31 -19.08
C TRP R 79 -37.31 -20.19 -18.56
N MET R 80 -38.54 -20.09 -19.05
CA MET R 80 -39.44 -19.04 -18.58
C MET R 80 -39.89 -19.28 -17.16
N ALA R 81 -40.07 -20.55 -16.77
CA ALA R 81 -40.38 -20.84 -15.37
C ALA R 81 -39.24 -20.41 -14.46
N GLN R 82 -37.99 -20.64 -14.87
CA GLN R 82 -36.87 -20.16 -14.07
C GLN R 82 -36.82 -18.64 -14.02
N ARG R 83 -37.10 -17.97 -15.14
CA ARG R 83 -37.07 -16.51 -15.15
C ARG R 83 -38.16 -15.92 -14.28
N ALA R 84 -39.28 -16.63 -14.11
CA ALA R 84 -40.34 -16.12 -13.25
C ALA R 84 -39.92 -16.15 -11.79
N GLY R 85 -39.10 -17.11 -11.39
CA GLY R 85 -38.65 -17.19 -10.02
C GLY R 85 -38.88 -18.55 -9.41
N ARG R 86 -39.42 -19.47 -10.20
CA ARG R 86 -39.65 -20.82 -9.72
C ARG R 86 -38.45 -21.72 -10.02
N LEU R 87 -37.79 -22.18 -8.98
CA LEU R 87 -36.50 -22.84 -9.10
C LEU R 87 -36.57 -24.23 -8.49
N VAL R 88 -36.69 -25.26 -9.33
CA VAL R 88 -36.74 -26.65 -8.91
C VAL R 88 -35.79 -27.47 -9.78
N GLY R 89 -35.77 -28.78 -9.55
CA GLY R 89 -34.72 -29.65 -10.03
C GLY R 89 -34.80 -30.20 -11.45
N PHE R 90 -35.86 -30.91 -11.80
CA PHE R 90 -35.99 -31.51 -13.13
C PHE R 90 -34.83 -32.46 -13.46
N PRO R 91 -34.97 -33.73 -13.12
CA PRO R 91 -33.92 -34.72 -13.41
C PRO R 91 -33.64 -34.89 -14.89
N PHE R 92 -32.40 -35.28 -15.20
CA PHE R 92 -32.00 -35.69 -16.55
C PHE R 92 -31.25 -37.00 -16.45
N ASP R 93 -31.43 -37.85 -17.45
CA ASP R 93 -30.88 -39.19 -17.44
C ASP R 93 -30.72 -39.66 -18.88
N PHE R 94 -29.60 -40.33 -19.17
CA PHE R 94 -29.46 -40.98 -20.46
C PHE R 94 -28.47 -42.14 -20.36
N ILE R 95 -28.67 -43.13 -21.22
CA ILE R 95 -27.94 -44.39 -21.11
C ILE R 95 -27.88 -45.02 -22.50
N ASP R 96 -26.95 -45.94 -22.69
CA ASP R 96 -26.83 -46.74 -23.89
C ASP R 96 -27.10 -48.20 -23.54
N SER R 97 -28.05 -48.81 -24.23
CA SER R 97 -28.44 -50.18 -23.91
C SER R 97 -27.40 -51.20 -24.35
N ALA R 98 -26.53 -50.83 -25.29
CA ALA R 98 -25.53 -51.77 -25.77
C ALA R 98 -24.42 -52.02 -24.76
N SER R 99 -24.09 -51.03 -23.93
CA SER R 99 -22.98 -51.17 -23.00
C SER R 99 -23.33 -50.78 -21.58
N ASN R 100 -24.51 -50.21 -21.34
CA ASN R 100 -24.92 -49.71 -20.02
C ASN R 100 -24.03 -48.55 -19.55
N GLU R 101 -23.57 -47.73 -20.49
CA GLU R 101 -22.81 -46.54 -20.16
C GLU R 101 -23.72 -45.32 -20.20
N GLY R 102 -23.54 -44.43 -19.25
CA GLY R 102 -24.38 -43.26 -19.12
C GLY R 102 -24.22 -42.64 -17.75
N GLY R 103 -25.29 -42.04 -17.27
CA GLY R 103 -25.28 -41.43 -15.96
C GLY R 103 -26.61 -40.77 -15.68
N THR R 104 -26.77 -40.33 -14.43
CA THR R 104 -28.02 -39.73 -14.01
C THR R 104 -27.73 -38.52 -13.12
N GLY R 105 -28.69 -37.60 -13.09
CA GLY R 105 -28.63 -36.50 -12.17
C GLY R 105 -30.04 -36.06 -11.80
N ALA R 106 -30.30 -36.04 -10.50
CA ALA R 106 -31.65 -35.84 -9.99
C ALA R 106 -32.11 -34.39 -9.98
N GLU R 107 -31.21 -33.43 -10.15
CA GLU R 107 -31.57 -32.00 -10.12
C GLU R 107 -30.68 -31.23 -11.09
N PHE R 108 -31.24 -30.79 -12.21
CA PHE R 108 -30.53 -29.98 -13.19
C PHE R 108 -31.10 -28.57 -13.23
N PHE R 109 -30.41 -27.68 -13.92
CA PHE R 109 -30.85 -26.30 -14.10
C PHE R 109 -30.40 -25.81 -15.46
N ILE R 110 -31.16 -24.91 -16.06
CA ILE R 110 -30.76 -24.28 -17.31
C ILE R 110 -29.57 -23.35 -17.04
N GLN R 111 -28.53 -23.47 -17.86
CA GLN R 111 -27.36 -22.60 -17.71
C GLN R 111 -27.14 -21.66 -18.89
N LYS R 112 -27.29 -22.13 -20.12
CA LYS R 112 -27.20 -21.30 -21.30
C LYS R 112 -28.41 -21.53 -22.20
N ALA R 113 -28.82 -20.46 -22.88
CA ALA R 113 -29.95 -20.50 -23.78
C ALA R 113 -29.43 -20.30 -25.21
N PRO R 114 -30.11 -20.86 -26.20
CA PRO R 114 -29.58 -20.82 -27.57
C PRO R 114 -29.79 -19.46 -28.22
N ASP R 115 -29.24 -19.34 -29.42
CA ASP R 115 -29.42 -18.17 -30.27
C ASP R 115 -30.41 -18.49 -31.37
N ASP R 116 -31.36 -17.58 -31.60
CA ASP R 116 -32.38 -17.76 -32.62
C ASP R 116 -31.90 -17.13 -33.92
N SER R 117 -31.34 -17.95 -34.80
CA SER R 117 -30.88 -17.51 -36.11
C SER R 117 -31.86 -17.96 -37.18
N LYS R 118 -32.27 -17.05 -38.06
CA LYS R 118 -33.21 -17.45 -39.10
C LYS R 118 -32.51 -17.82 -40.41
N GLY R 119 -31.88 -16.86 -41.06
CA GLY R 119 -31.11 -17.15 -42.26
C GLY R 119 -31.79 -17.94 -43.36
N ASN R 120 -30.98 -18.51 -44.26
CA ASN R 120 -31.45 -19.19 -45.46
C ASN R 120 -31.66 -20.70 -45.28
N ASN R 121 -30.82 -21.36 -44.50
CA ASN R 121 -31.06 -22.75 -44.10
C ASN R 121 -31.26 -22.82 -42.60
N ALA R 122 -31.83 -23.91 -42.10
CA ALA R 122 -32.07 -24.07 -40.68
C ALA R 122 -30.78 -24.48 -39.97
N VAL R 123 -30.65 -24.06 -38.71
CA VAL R 123 -29.40 -24.20 -37.95
C VAL R 123 -29.69 -24.72 -36.55
N VAL R 124 -28.62 -24.92 -35.79
CA VAL R 124 -28.67 -25.59 -34.49
C VAL R 124 -29.30 -24.69 -33.43
N ARG R 125 -29.88 -25.32 -32.41
CA ARG R 125 -30.26 -24.68 -31.16
C ARG R 125 -29.60 -25.44 -30.01
N GLU R 126 -28.64 -24.80 -29.34
CA GLU R 126 -27.84 -25.48 -28.32
C GLU R 126 -28.25 -25.02 -26.92
N TRP R 127 -28.63 -25.98 -26.09
CA TRP R 127 -28.97 -25.75 -24.69
C TRP R 127 -27.88 -26.34 -23.80
N THR R 128 -27.71 -25.75 -22.62
CA THR R 128 -26.76 -26.22 -21.63
C THR R 128 -27.47 -26.33 -20.29
N ILE R 129 -27.26 -27.44 -19.59
CA ILE R 129 -27.83 -27.66 -18.27
C ILE R 129 -26.72 -28.10 -17.32
N VAL R 130 -26.89 -27.82 -16.04
CA VAL R 130 -25.85 -28.05 -15.04
C VAL R 130 -26.45 -28.71 -13.81
N THR R 131 -25.68 -29.61 -13.19
CA THR R 131 -26.06 -30.24 -11.94
C THR R 131 -24.92 -30.15 -10.94
N GLY R 132 -25.26 -30.29 -9.67
CA GLY R 132 -24.26 -30.33 -8.62
C GLY R 132 -23.83 -31.73 -8.25
N GLU R 133 -24.54 -32.74 -8.75
CA GLU R 133 -24.24 -34.13 -8.45
C GLU R 133 -24.55 -35.00 -9.66
N TRP R 134 -23.51 -35.58 -10.23
CA TRP R 134 -23.63 -36.46 -11.38
C TRP R 134 -22.93 -37.77 -11.05
N THR R 135 -23.65 -38.87 -11.15
CA THR R 135 -23.05 -40.18 -10.89
C THR R 135 -23.05 -41.00 -12.16
N PRO R 136 -21.89 -41.30 -12.74
CA PRO R 136 -21.87 -42.20 -13.89
C PRO R 136 -22.27 -43.61 -13.51
N THR R 137 -22.90 -44.29 -14.46
CA THR R 137 -23.25 -45.69 -14.30
C THR R 137 -22.12 -46.55 -14.83
N ILE R 138 -21.94 -47.72 -14.22
CA ILE R 138 -20.84 -48.60 -14.60
C ILE R 138 -21.22 -49.40 -15.84
N PRO R 139 -20.44 -49.37 -16.91
CA PRO R 139 -20.76 -50.21 -18.06
C PRO R 139 -20.47 -51.68 -17.78
N THR R 140 -21.50 -52.44 -17.45
CA THR R 140 -21.29 -53.82 -17.04
C THR R 140 -21.19 -54.76 -18.24
N LEU R 141 -21.57 -54.29 -19.42
CA LEU R 141 -21.41 -55.04 -20.66
C LEU R 141 -20.15 -54.65 -21.41
N LEU R 142 -19.24 -53.92 -20.76
CA LEU R 142 -18.00 -53.44 -21.36
C LEU R 142 -18.27 -52.56 -22.57
N MET S 1 -53.57 -28.13 -39.79
CA MET S 1 -52.48 -27.20 -39.53
C MET S 1 -51.14 -27.88 -39.69
N ALA S 2 -50.82 -28.25 -40.92
CA ALA S 2 -49.59 -28.99 -41.21
C ALA S 2 -48.36 -28.16 -40.84
N MET S 3 -47.36 -28.85 -40.29
CA MET S 3 -46.11 -28.19 -39.92
C MET S 3 -45.35 -27.83 -41.18
N LYS S 4 -45.29 -26.54 -41.50
CA LYS S 4 -44.57 -26.12 -42.70
C LYS S 4 -43.07 -26.29 -42.50
N ALA S 5 -42.42 -26.83 -43.53
CA ALA S 5 -40.98 -26.84 -43.57
C ALA S 5 -40.46 -25.40 -43.49
N TYR S 6 -39.18 -25.25 -43.19
CA TYR S 6 -38.64 -23.92 -43.04
C TYR S 6 -38.54 -23.20 -44.38
N SER S 7 -38.71 -21.89 -44.35
CA SER S 7 -38.56 -21.05 -45.53
C SER S 7 -38.48 -19.60 -45.08
N MET S 8 -37.56 -18.86 -45.67
CA MET S 8 -37.46 -17.43 -45.39
C MET S 8 -38.62 -16.64 -45.97
N LEU S 9 -39.41 -17.23 -46.85
CA LEU S 9 -40.62 -16.61 -47.35
C LEU S 9 -41.70 -16.50 -46.29
N ASN S 10 -41.58 -17.22 -45.18
CA ASN S 10 -42.58 -17.23 -44.12
C ASN S 10 -42.07 -16.66 -42.81
N VAL S 11 -40.91 -16.03 -42.81
CA VAL S 11 -40.40 -15.31 -41.65
C VAL S 11 -40.63 -13.83 -41.88
N THR S 12 -41.18 -13.14 -40.88
CA THR S 12 -41.46 -11.72 -40.96
C THR S 12 -40.78 -11.00 -39.81
N ALA S 13 -40.10 -9.89 -40.12
CA ALA S 13 -39.41 -9.07 -39.14
C ALA S 13 -39.87 -7.63 -39.29
N THR S 14 -40.22 -7.00 -38.18
CA THR S 14 -40.79 -5.66 -38.18
C THR S 14 -39.93 -4.75 -37.32
N LEU S 15 -39.39 -3.70 -37.91
CA LEU S 15 -38.52 -2.76 -37.21
C LEU S 15 -39.17 -1.39 -37.24
N ASP S 16 -39.63 -0.95 -36.07
CA ASP S 16 -40.28 0.35 -35.92
C ASP S 16 -41.53 0.46 -36.78
N GLY S 17 -42.18 -0.67 -37.01
CA GLY S 17 -43.41 -0.70 -37.77
C GLY S 17 -43.27 -1.12 -39.21
N ARG S 18 -42.07 -0.98 -39.79
CA ARG S 18 -41.84 -1.34 -41.18
C ARG S 18 -41.16 -2.70 -41.27
N ARG S 19 -41.29 -3.33 -42.43
CA ARG S 19 -40.68 -4.62 -42.67
C ARG S 19 -39.18 -4.49 -42.94
N VAL S 20 -38.45 -5.57 -42.69
CA VAL S 20 -37.05 -5.71 -43.02
C VAL S 20 -36.95 -6.47 -44.34
N ILE S 21 -36.27 -5.88 -45.32
CA ILE S 21 -36.39 -6.41 -46.69
C ILE S 21 -35.07 -6.92 -47.26
N GLY S 22 -34.11 -6.05 -47.52
CA GLY S 22 -32.95 -6.53 -48.26
C GLY S 22 -31.87 -7.14 -47.40
N LEU S 23 -31.89 -8.46 -47.26
CA LEU S 23 -31.00 -9.19 -46.37
C LEU S 23 -29.88 -9.83 -47.17
N MET S 24 -28.72 -9.98 -46.55
CA MET S 24 -27.58 -10.62 -47.21
C MET S 24 -27.81 -12.12 -47.34
N ASP S 25 -26.89 -12.77 -48.04
CA ASP S 25 -26.95 -14.22 -48.20
C ASP S 25 -26.28 -14.92 -47.02
N GLY S 26 -26.83 -16.05 -46.64
CA GLY S 26 -26.25 -16.88 -45.59
C GLY S 26 -27.31 -17.42 -44.64
N ASP S 27 -26.87 -18.33 -43.77
CA ASP S 27 -27.75 -18.95 -42.79
C ASP S 27 -27.94 -18.11 -41.54
N ASP S 28 -27.27 -16.95 -41.46
CA ASP S 28 -27.33 -16.11 -40.28
C ASP S 28 -27.57 -14.68 -40.75
N ALA S 29 -28.82 -14.34 -41.00
CA ALA S 29 -29.19 -13.00 -41.45
C ALA S 29 -29.84 -12.16 -40.37
N ILE S 30 -30.59 -12.77 -39.46
CA ILE S 30 -31.06 -12.15 -38.24
C ILE S 30 -30.78 -13.13 -37.11
N THR S 31 -29.93 -12.74 -36.17
CA THR S 31 -29.60 -13.60 -35.05
C THR S 31 -29.72 -12.82 -33.75
N THR S 32 -30.43 -13.40 -32.78
CA THR S 32 -30.60 -12.80 -31.46
C THR S 32 -29.90 -13.66 -30.42
N SER S 33 -29.13 -13.02 -29.54
CA SER S 33 -28.44 -13.76 -28.51
C SER S 33 -28.67 -13.12 -27.15
N PRO S 34 -28.90 -13.92 -26.11
CA PRO S 34 -29.07 -13.37 -24.77
C PRO S 34 -27.78 -12.72 -24.25
N GLY S 35 -27.97 -11.73 -23.40
CA GLY S 35 -26.87 -10.93 -22.90
C GLY S 35 -25.88 -11.63 -22.00
N VAL S 36 -26.35 -12.56 -21.16
CA VAL S 36 -25.52 -13.22 -20.16
C VAL S 36 -25.92 -14.69 -20.07
N ASP S 37 -25.21 -15.42 -19.21
CA ASP S 37 -25.62 -16.78 -18.85
C ASP S 37 -26.80 -16.76 -17.92
N VAL S 38 -27.63 -17.81 -18.01
CA VAL S 38 -28.84 -17.88 -17.19
C VAL S 38 -28.49 -18.05 -15.72
N GLY S 39 -27.45 -18.80 -15.42
CA GLY S 39 -27.09 -19.03 -14.02
C GLY S 39 -25.67 -19.54 -13.87
N THR S 40 -25.33 -19.85 -12.62
CA THR S 40 -23.97 -20.22 -12.22
C THR S 40 -24.03 -21.22 -11.08
N MET S 41 -23.27 -22.31 -11.21
CA MET S 41 -23.15 -23.30 -10.15
C MET S 41 -21.89 -23.03 -9.34
N LEU S 42 -22.03 -23.05 -8.02
CA LEU S 42 -20.94 -22.79 -7.08
C LEU S 42 -20.74 -24.01 -6.20
N VAL S 43 -19.60 -24.67 -6.34
CA VAL S 43 -19.30 -25.89 -5.59
C VAL S 43 -18.20 -25.60 -4.58
N GLY S 44 -18.41 -26.02 -3.34
CA GLY S 44 -17.49 -25.72 -2.27
C GLY S 44 -16.43 -26.77 -2.07
N ALA S 45 -15.56 -26.52 -1.09
CA ALA S 45 -14.45 -27.41 -0.81
C ALA S 45 -14.88 -28.75 -0.24
N ASP S 46 -16.14 -28.89 0.16
CA ASP S 46 -16.64 -30.11 0.77
C ASP S 46 -17.49 -30.95 -0.15
N GLY S 47 -17.88 -30.42 -1.30
CA GLY S 47 -18.74 -31.13 -2.24
C GLY S 47 -20.16 -30.61 -2.32
N SER S 48 -20.58 -29.73 -1.40
CA SER S 48 -21.89 -29.12 -1.47
C SER S 48 -21.91 -28.05 -2.57
N TRP S 49 -23.11 -27.66 -2.97
CA TRP S 49 -23.27 -26.80 -4.13
C TRP S 49 -24.39 -25.79 -3.92
N LEU S 50 -24.37 -24.74 -4.74
CA LEU S 50 -25.40 -23.71 -4.72
C LEU S 50 -25.52 -23.12 -6.11
N PHE S 51 -26.75 -23.03 -6.62
CA PHE S 51 -27.04 -22.41 -7.91
C PHE S 51 -27.53 -20.99 -7.69
N SER S 52 -27.24 -20.10 -8.64
CA SER S 52 -27.73 -18.73 -8.58
C SER S 52 -28.22 -18.31 -9.95
N GLN S 53 -29.41 -17.70 -9.98
CA GLN S 53 -30.08 -17.32 -11.22
C GLN S 53 -30.09 -15.81 -11.35
N THR S 54 -29.88 -15.30 -12.56
CA THR S 54 -29.80 -13.87 -12.80
C THR S 54 -31.18 -13.29 -13.10
N ALA S 55 -31.30 -11.99 -12.85
CA ALA S 55 -32.53 -11.25 -13.15
C ALA S 55 -32.40 -10.42 -14.43
N ASP S 56 -31.31 -10.57 -15.17
CA ASP S 56 -31.04 -9.78 -16.37
C ASP S 56 -31.67 -10.49 -17.57
N LYS S 57 -32.65 -9.86 -18.20
CA LYS S 57 -33.26 -10.40 -19.41
C LYS S 57 -33.08 -9.42 -20.57
N SER S 58 -31.89 -9.45 -21.16
CA SER S 58 -31.54 -8.53 -22.23
C SER S 58 -30.91 -9.31 -23.38
N ALA S 59 -30.91 -8.69 -24.56
CA ALA S 59 -30.42 -9.35 -25.75
C ALA S 59 -29.96 -8.33 -26.77
N THR S 60 -29.14 -8.79 -27.71
CA THR S 60 -28.79 -8.04 -28.91
C THR S 60 -29.26 -8.82 -30.13
N VAL S 61 -29.51 -8.11 -31.23
CA VAL S 61 -29.75 -8.76 -32.51
C VAL S 61 -28.85 -8.12 -33.55
N VAL S 62 -28.34 -8.94 -34.47
CA VAL S 62 -27.48 -8.50 -35.54
C VAL S 62 -28.22 -8.69 -36.85
N ILE S 63 -28.27 -7.64 -37.66
CA ILE S 63 -28.97 -7.65 -38.94
C ILE S 63 -27.96 -7.38 -40.05
N LYS S 64 -27.86 -8.31 -40.99
CA LYS S 64 -26.94 -8.19 -42.12
C LYS S 64 -27.73 -7.82 -43.37
N LEU S 65 -27.34 -6.73 -44.01
CA LEU S 65 -28.09 -6.15 -45.11
C LEU S 65 -27.20 -5.96 -46.32
N LYS S 66 -27.83 -5.80 -47.48
CA LYS S 66 -27.12 -5.42 -48.68
C LYS S 66 -26.94 -3.90 -48.73
N PRO S 67 -25.97 -3.42 -49.51
CA PRO S 67 -25.80 -1.97 -49.66
C PRO S 67 -26.96 -1.26 -50.34
N ASN S 68 -27.90 -1.98 -50.96
CA ASN S 68 -29.08 -1.38 -51.58
C ASN S 68 -30.34 -1.92 -50.93
N SER S 69 -30.69 -1.40 -49.76
CA SER S 69 -31.91 -1.86 -49.13
C SER S 69 -32.52 -0.71 -48.34
N PRO S 70 -33.84 -0.54 -48.38
CA PRO S 70 -34.47 0.57 -47.64
C PRO S 70 -34.26 0.50 -46.14
N THR S 71 -34.06 -0.70 -45.59
CA THR S 71 -33.79 -0.82 -44.16
C THR S 71 -32.45 -0.19 -43.78
N HIS S 72 -31.48 -0.21 -44.70
CA HIS S 72 -30.23 0.48 -44.46
C HIS S 72 -30.44 1.99 -44.34
N ARG S 73 -31.31 2.55 -45.18
CA ARG S 73 -31.65 3.98 -45.08
C ARG S 73 -32.38 4.27 -43.78
N GLN S 74 -33.32 3.42 -43.39
CA GLN S 74 -34.05 3.63 -42.14
C GLN S 74 -33.10 3.60 -40.94
N LEU S 75 -32.17 2.64 -40.92
CA LEU S 75 -31.26 2.52 -39.80
C LEU S 75 -30.26 3.66 -39.77
N THR S 76 -29.82 4.14 -40.93
CA THR S 76 -28.91 5.27 -40.93
C THR S 76 -29.60 6.57 -40.55
N GLU S 77 -30.91 6.69 -40.76
CA GLU S 77 -31.62 7.84 -40.21
C GLU S 77 -31.78 7.74 -38.70
N LYS S 78 -32.05 6.54 -38.19
CA LYS S 78 -32.16 6.35 -36.75
C LYS S 78 -30.83 6.64 -36.05
N TRP S 79 -29.72 6.27 -36.69
CA TRP S 79 -28.40 6.54 -36.13
C TRP S 79 -28.15 8.04 -35.99
N MET S 80 -28.53 8.81 -37.01
CA MET S 80 -28.34 10.26 -36.95
C MET S 80 -29.27 10.90 -35.94
N ALA S 81 -30.49 10.38 -35.80
CA ALA S 81 -31.37 10.89 -34.75
C ALA S 81 -30.77 10.65 -33.37
N GLN S 82 -30.17 9.48 -33.14
CA GLN S 82 -29.50 9.24 -31.87
C GLN S 82 -28.30 10.15 -31.67
N ARG S 83 -27.53 10.39 -32.73
CA ARG S 83 -26.36 11.26 -32.61
C ARG S 83 -26.77 12.71 -32.33
N ALA S 84 -27.95 13.12 -32.77
CA ALA S 84 -28.40 14.47 -32.48
C ALA S 84 -28.73 14.65 -31.01
N GLY S 85 -29.20 13.60 -30.35
CA GLY S 85 -29.52 13.69 -28.94
C GLY S 85 -30.92 13.22 -28.63
N ARG S 86 -31.64 12.77 -29.65
CA ARG S 86 -32.99 12.26 -29.46
C ARG S 86 -32.96 10.76 -29.23
N LEU S 87 -33.36 10.34 -28.02
CA LEU S 87 -33.18 8.97 -27.57
C LEU S 87 -34.52 8.37 -27.19
N VAL S 88 -35.09 7.55 -28.07
CA VAL S 88 -36.35 6.86 -27.84
C VAL S 88 -36.20 5.39 -28.21
N GLY S 89 -37.30 4.65 -28.10
CA GLY S 89 -37.27 3.20 -28.10
C GLY S 89 -37.24 2.45 -29.41
N PHE S 90 -38.21 2.65 -30.29
CA PHE S 90 -38.27 1.93 -31.57
C PHE S 90 -38.31 0.41 -31.38
N PRO S 91 -39.51 -0.17 -31.25
CA PRO S 91 -39.63 -1.62 -31.08
C PRO S 91 -39.10 -2.41 -32.26
N PHE S 92 -38.66 -3.64 -31.97
CA PHE S 92 -38.29 -4.62 -32.98
C PHE S 92 -38.97 -5.95 -32.65
N ASP S 93 -39.39 -6.67 -33.69
CA ASP S 93 -40.15 -7.89 -33.52
C ASP S 93 -39.93 -8.77 -34.74
N PHE S 94 -39.77 -10.08 -34.52
CA PHE S 94 -39.76 -11.02 -35.63
C PHE S 94 -40.20 -12.40 -35.15
N ILE S 95 -40.77 -13.16 -36.08
CA ILE S 95 -41.43 -14.42 -35.75
C ILE S 95 -41.40 -15.30 -36.99
N ASP S 96 -41.56 -16.60 -36.78
CA ASP S 96 -41.71 -17.58 -37.85
C ASP S 96 -43.11 -18.16 -37.79
N SER S 97 -43.84 -18.09 -38.91
CA SER S 97 -45.21 -18.56 -38.92
C SER S 97 -45.32 -20.07 -38.89
N ALA S 98 -44.27 -20.78 -39.26
CA ALA S 98 -44.32 -22.24 -39.29
C ALA S 98 -44.31 -22.83 -37.89
N SER S 99 -43.65 -22.18 -36.93
CA SER S 99 -43.53 -22.76 -35.59
C SER S 99 -43.91 -21.79 -34.48
N ASN S 100 -44.16 -20.52 -34.79
CA ASN S 100 -44.43 -19.48 -33.79
C ASN S 100 -43.24 -19.25 -32.86
N GLU S 101 -42.04 -19.39 -33.40
CA GLU S 101 -40.82 -19.08 -32.65
C GLU S 101 -40.32 -17.69 -33.02
N GLY S 102 -39.87 -16.95 -32.01
CA GLY S 102 -39.42 -15.59 -32.21
C GLY S 102 -39.34 -14.87 -30.89
N GLY S 103 -39.60 -13.57 -30.93
CA GLY S 103 -39.57 -12.76 -29.73
C GLY S 103 -39.83 -11.32 -30.07
N THR S 104 -40.02 -10.52 -29.02
CA THR S 104 -40.34 -9.12 -29.20
C THR S 104 -39.56 -8.28 -28.18
N GLY S 105 -39.33 -7.03 -28.54
CA GLY S 105 -38.77 -6.07 -27.62
C GLY S 105 -39.27 -4.68 -27.94
N ALA S 106 -39.85 -4.04 -26.92
CA ALA S 106 -40.57 -2.79 -27.11
C ALA S 106 -39.67 -1.56 -27.19
N GLU S 107 -38.39 -1.67 -26.84
CA GLU S 107 -37.48 -0.53 -26.87
C GLU S 107 -36.07 -1.01 -27.22
N PHE S 108 -35.62 -0.71 -28.43
CA PHE S 108 -34.28 -1.04 -28.88
C PHE S 108 -33.45 0.23 -29.07
N PHE S 109 -32.15 0.04 -29.27
CA PHE S 109 -31.24 1.15 -29.52
C PHE S 109 -30.14 0.67 -30.45
N ILE S 110 -29.60 1.58 -31.27
CA ILE S 110 -28.46 1.25 -32.12
C ILE S 110 -27.23 1.08 -31.24
N GLN S 111 -26.50 -0.01 -31.45
CA GLN S 111 -25.27 -0.27 -30.70
C GLN S 111 -24.00 -0.24 -31.53
N LYS S 112 -24.02 -0.84 -32.72
CA LYS S 112 -22.89 -0.78 -33.65
C LYS S 112 -23.37 -0.35 -35.02
N ALA S 113 -22.52 0.37 -35.72
CA ALA S 113 -22.80 0.85 -37.07
C ALA S 113 -21.86 0.13 -38.04
N PRO S 114 -22.30 -0.06 -39.28
CA PRO S 114 -21.51 -0.86 -40.22
C PRO S 114 -20.31 -0.09 -40.77
N ASP S 115 -19.52 -0.81 -41.55
CA ASP S 115 -18.39 -0.25 -42.27
C ASP S 115 -18.76 -0.10 -43.75
N ASP S 116 -18.44 1.06 -44.32
CA ASP S 116 -18.75 1.33 -45.72
C ASP S 116 -17.55 0.95 -46.57
N SER S 117 -17.59 -0.24 -47.15
CA SER S 117 -16.54 -0.74 -48.03
C SER S 117 -17.03 -0.67 -49.48
N LYS S 118 -16.21 -0.12 -50.36
CA LYS S 118 -16.63 -0.04 -51.75
C LYS S 118 -16.10 -1.20 -52.60
N GLY S 119 -14.79 -1.28 -52.78
CA GLY S 119 -14.19 -2.40 -53.49
C GLY S 119 -14.78 -2.78 -54.85
N ASN S 120 -14.50 -4.01 -55.28
CA ASN S 120 -14.84 -4.49 -56.61
C ASN S 120 -16.19 -5.20 -56.68
N ASN S 121 -16.57 -5.96 -55.66
CA ASN S 121 -17.91 -6.51 -55.53
C ASN S 121 -18.60 -5.91 -54.32
N ALA S 122 -19.93 -6.00 -54.26
CA ALA S 122 -20.67 -5.46 -53.13
C ALA S 122 -20.59 -6.40 -51.93
N VAL S 123 -20.64 -5.80 -50.73
CA VAL S 123 -20.39 -6.54 -49.49
C VAL S 123 -21.44 -6.18 -48.44
N VAL S 124 -21.31 -6.83 -47.28
CA VAL S 124 -22.32 -6.76 -46.23
C VAL S 124 -22.32 -5.40 -45.53
N ARG S 125 -23.47 -5.03 -44.97
CA ARG S 125 -23.60 -3.95 -44.00
C ARG S 125 -24.27 -4.50 -42.75
N GLU S 126 -23.52 -4.58 -41.66
CA GLU S 126 -24.00 -5.22 -40.43
C GLU S 126 -24.35 -4.19 -39.37
N TRP S 127 -25.60 -4.23 -38.90
CA TRP S 127 -26.07 -3.38 -37.83
C TRP S 127 -26.29 -4.22 -36.58
N THR S 128 -26.18 -3.58 -35.42
CA THR S 128 -26.41 -4.23 -34.12
C THR S 128 -27.33 -3.35 -33.31
N ILE S 129 -28.34 -3.95 -32.69
CA ILE S 129 -29.27 -3.23 -31.82
C ILE S 129 -29.38 -3.98 -30.51
N VAL S 130 -29.72 -3.26 -29.44
CA VAL S 130 -29.71 -3.81 -28.09
C VAL S 130 -30.97 -3.38 -27.36
N THR S 131 -31.50 -4.27 -26.53
CA THR S 131 -32.64 -3.98 -25.66
C THR S 131 -32.33 -4.41 -24.24
N GLY S 132 -33.07 -3.83 -23.30
CA GLY S 132 -32.96 -4.21 -21.91
C GLY S 132 -33.97 -5.26 -21.49
N GLU S 133 -34.95 -5.54 -22.35
CA GLU S 133 -35.99 -6.51 -22.06
C GLU S 133 -36.40 -7.23 -23.34
N TRP S 134 -36.12 -8.52 -23.39
CA TRP S 134 -36.46 -9.36 -24.53
C TRP S 134 -37.25 -10.56 -24.02
N THR S 135 -38.45 -10.75 -24.54
CA THR S 135 -39.25 -11.90 -24.12
C THR S 135 -39.45 -12.83 -25.30
N PRO S 136 -38.89 -14.03 -25.29
CA PRO S 136 -39.17 -14.99 -26.36
C PRO S 136 -40.61 -15.45 -26.33
N THR S 137 -41.13 -15.74 -27.52
CA THR S 137 -42.46 -16.29 -27.66
C THR S 137 -42.37 -17.81 -27.65
N ILE S 138 -43.40 -18.45 -27.13
CA ILE S 138 -43.40 -19.90 -27.01
C ILE S 138 -43.79 -20.53 -28.35
N PRO S 139 -42.98 -21.44 -28.90
CA PRO S 139 -43.40 -22.11 -30.14
C PRO S 139 -44.49 -23.12 -29.87
N THR S 140 -45.74 -22.74 -30.13
CA THR S 140 -46.86 -23.61 -29.78
C THR S 140 -47.12 -24.66 -30.86
N LEU S 141 -46.52 -24.49 -32.05
CA LEU S 141 -46.59 -25.48 -33.11
C LEU S 141 -45.38 -26.39 -33.13
N LEU S 142 -44.57 -26.38 -32.07
CA LEU S 142 -43.35 -27.17 -31.95
C LEU S 142 -42.37 -26.83 -33.07
N MET T 1 -35.03 7.62 -62.91
CA MET T 1 -33.83 7.52 -62.08
C MET T 1 -33.62 6.07 -61.63
N ALA T 2 -33.30 5.21 -62.59
CA ALA T 2 -33.14 3.79 -62.32
C ALA T 2 -32.01 3.54 -61.33
N MET T 3 -32.23 2.59 -60.43
CA MET T 3 -31.23 2.23 -59.44
C MET T 3 -30.09 1.49 -60.15
N LYS T 4 -28.94 2.13 -60.28
CA LYS T 4 -27.82 1.49 -60.94
C LYS T 4 -27.26 0.37 -60.06
N ALA T 5 -26.98 -0.76 -60.70
CA ALA T 5 -26.22 -1.81 -60.05
C ALA T 5 -24.88 -1.26 -59.60
N TYR T 6 -24.22 -1.98 -58.70
CA TYR T 6 -22.95 -1.49 -58.19
C TYR T 6 -21.86 -1.56 -59.25
N SER T 7 -20.93 -0.62 -59.19
CA SER T 7 -19.77 -0.59 -60.07
C SER T 7 -18.76 0.39 -59.51
N MET T 8 -17.48 0.00 -59.52
CA MET T 8 -16.43 0.90 -59.09
C MET T 8 -16.19 2.02 -60.08
N LEU T 9 -16.75 1.93 -61.28
CA LEU T 9 -16.70 3.02 -62.25
C LEU T 9 -17.54 4.22 -61.83
N ASN T 10 -18.45 4.04 -60.87
CA ASN T 10 -19.34 5.10 -60.44
C ASN T 10 -19.11 5.52 -58.99
N VAL T 11 -18.03 5.07 -58.38
CA VAL T 11 -17.62 5.55 -57.05
C VAL T 11 -16.50 6.55 -57.25
N THR T 12 -16.62 7.69 -56.57
CA THR T 12 -15.61 8.75 -56.64
C THR T 12 -15.12 9.09 -55.25
N ALA T 13 -13.80 9.18 -55.10
CA ALA T 13 -13.16 9.53 -53.84
C ALA T 13 -12.21 10.69 -54.06
N THR T 14 -12.30 11.70 -53.21
CA THR T 14 -11.55 12.94 -53.36
C THR T 14 -10.72 13.16 -52.11
N LEU T 15 -9.40 13.24 -52.28
CA LEU T 15 -8.48 13.42 -51.16
C LEU T 15 -7.73 14.73 -51.37
N ASP T 16 -8.04 15.72 -50.53
CA ASP T 16 -7.41 17.04 -50.60
C ASP T 16 -7.65 17.71 -51.94
N GLY T 17 -8.79 17.40 -52.56
CA GLY T 17 -9.15 18.01 -53.81
C GLY T 17 -8.89 17.18 -55.04
N ARG T 18 -7.97 16.22 -54.95
CA ARG T 18 -7.63 15.37 -56.09
C ARG T 18 -8.30 14.01 -55.97
N ARG T 19 -8.45 13.33 -57.09
CA ARG T 19 -9.06 12.01 -57.12
C ARG T 19 -8.09 10.95 -56.63
N VAL T 20 -8.66 9.84 -56.16
CA VAL T 20 -7.93 8.64 -55.78
C VAL T 20 -7.99 7.67 -56.96
N ILE T 21 -6.84 7.22 -57.44
CA ILE T 21 -6.81 6.53 -58.72
C ILE T 21 -6.33 5.08 -58.64
N GLY T 22 -5.08 4.85 -58.31
CA GLY T 22 -4.59 3.48 -58.45
C GLY T 22 -4.82 2.62 -57.23
N LEU T 23 -5.91 1.86 -57.24
CA LEU T 23 -6.35 1.06 -56.11
C LEU T 23 -5.99 -0.39 -56.32
N MET T 24 -5.73 -1.11 -55.24
CA MET T 24 -5.42 -2.53 -55.32
C MET T 24 -6.67 -3.34 -55.67
N ASP T 25 -6.45 -4.62 -55.91
CA ASP T 25 -7.54 -5.53 -56.21
C ASP T 25 -8.18 -6.06 -54.92
N GLY T 26 -9.48 -6.23 -54.95
CA GLY T 26 -10.21 -6.81 -53.84
C GLY T 26 -11.52 -6.08 -53.57
N ASP T 27 -12.32 -6.67 -52.68
CA ASP T 27 -13.61 -6.11 -52.30
C ASP T 27 -13.49 -5.04 -51.22
N ASP T 28 -12.29 -4.77 -50.73
CA ASP T 28 -12.08 -3.82 -49.64
C ASP T 28 -10.91 -2.92 -50.04
N ALA T 29 -11.20 -1.89 -50.84
CA ALA T 29 -10.18 -0.96 -51.29
C ALA T 29 -10.25 0.38 -50.58
N ILE T 30 -11.43 0.84 -50.21
CA ILE T 30 -11.62 1.96 -49.31
C ILE T 30 -12.65 1.52 -48.28
N THR T 31 -12.26 1.47 -47.01
CA THR T 31 -13.17 1.08 -45.95
C THR T 31 -13.10 2.08 -44.80
N THR T 32 -14.25 2.54 -44.35
CA THR T 32 -14.35 3.46 -43.24
C THR T 32 -15.04 2.78 -42.07
N SER T 33 -14.47 2.92 -40.87
CA SER T 33 -15.07 2.30 -39.71
C SER T 33 -15.17 3.31 -38.57
N PRO T 34 -16.30 3.33 -37.85
CA PRO T 34 -16.43 4.22 -36.71
C PRO T 34 -15.46 3.88 -35.58
N GLY T 35 -15.08 4.91 -34.85
CA GLY T 35 -14.09 4.79 -33.81
C GLY T 35 -14.46 3.94 -32.61
N VAL T 36 -15.72 3.97 -32.19
CA VAL T 36 -16.17 3.31 -30.97
C VAL T 36 -17.56 2.73 -31.21
N ASP T 37 -18.07 2.04 -30.19
CA ASP T 37 -19.46 1.60 -30.20
C ASP T 37 -20.40 2.78 -29.94
N VAL T 38 -21.60 2.69 -30.51
CA VAL T 38 -22.56 3.77 -30.39
C VAL T 38 -23.05 3.91 -28.95
N GLY T 39 -23.22 2.79 -28.25
CA GLY T 39 -23.72 2.86 -26.90
C GLY T 39 -23.45 1.59 -26.13
N THR T 40 -23.97 1.56 -24.90
CA THR T 40 -23.70 0.50 -23.93
C THR T 40 -24.93 0.29 -23.06
N MET T 41 -25.35 -0.96 -22.89
CA MET T 41 -26.45 -1.31 -22.00
C MET T 41 -25.88 -1.78 -20.66
N LEU T 42 -26.45 -1.26 -19.58
CA LEU T 42 -26.02 -1.56 -18.22
C LEU T 42 -27.20 -2.16 -17.46
N VAL T 43 -27.09 -3.43 -17.09
CA VAL T 43 -28.15 -4.15 -16.41
C VAL T 43 -27.72 -4.43 -14.97
N GLY T 44 -28.61 -4.12 -14.03
CA GLY T 44 -28.29 -4.25 -12.62
C GLY T 44 -28.66 -5.60 -12.03
N ALA T 45 -28.36 -5.73 -10.74
CA ALA T 45 -28.59 -6.99 -10.04
C ALA T 45 -30.06 -7.31 -9.87
N ASP T 46 -30.95 -6.37 -10.14
CA ASP T 46 -32.38 -6.57 -9.94
C ASP T 46 -33.15 -6.77 -11.24
N GLY T 47 -32.52 -6.56 -12.39
CA GLY T 47 -33.17 -6.69 -13.68
C GLY T 47 -33.46 -5.38 -14.39
N SER T 48 -33.32 -4.24 -13.71
CA SER T 48 -33.48 -2.95 -14.35
C SER T 48 -32.26 -2.64 -15.22
N TRP T 49 -32.43 -1.67 -16.12
CA TRP T 49 -31.41 -1.41 -17.13
C TRP T 49 -31.27 0.08 -17.39
N LEU T 50 -30.15 0.45 -18.00
CA LEU T 50 -29.88 1.83 -18.39
C LEU T 50 -28.97 1.83 -19.61
N PHE T 51 -29.34 2.59 -20.63
CA PHE T 51 -28.55 2.75 -21.83
C PHE T 51 -27.77 4.06 -21.76
N SER T 52 -26.59 4.08 -22.36
CA SER T 52 -25.78 5.30 -22.42
C SER T 52 -25.20 5.46 -23.82
N GLN T 53 -25.32 6.67 -24.36
CA GLN T 53 -24.92 6.97 -25.74
C GLN T 53 -23.70 7.87 -25.71
N THR T 54 -22.77 7.64 -26.62
CA THR T 54 -21.52 8.39 -26.67
C THR T 54 -21.66 9.63 -27.54
N ALA T 55 -20.80 10.61 -27.28
CA ALA T 55 -20.73 11.84 -28.06
C ALA T 55 -19.57 11.84 -29.03
N ASP T 56 -18.85 10.73 -29.16
CA ASP T 56 -17.66 10.62 -30.01
C ASP T 56 -18.11 10.24 -31.42
N LYS T 57 -17.89 11.12 -32.38
CA LYS T 57 -18.19 10.82 -33.78
C LYS T 57 -16.91 10.91 -34.62
N SER T 58 -16.11 9.85 -34.57
CA SER T 58 -14.83 9.82 -35.26
C SER T 58 -14.70 8.51 -36.01
N ALA T 59 -13.80 8.50 -36.99
CA ALA T 59 -13.63 7.35 -37.85
C ALA T 59 -12.22 7.32 -38.44
N THR T 60 -11.82 6.14 -38.91
CA THR T 60 -10.63 5.96 -39.72
C THR T 60 -11.04 5.41 -41.07
N VAL T 61 -10.22 5.67 -42.09
CA VAL T 61 -10.38 5.02 -43.38
C VAL T 61 -9.05 4.43 -43.79
N VAL T 62 -9.10 3.26 -44.42
CA VAL T 62 -7.92 2.56 -44.90
C VAL T 62 -7.98 2.54 -46.42
N ILE T 63 -6.90 2.95 -47.06
CA ILE T 63 -6.80 3.02 -48.52
C ILE T 63 -5.67 2.10 -48.97
N LYS T 64 -6.00 1.14 -49.83
CA LYS T 64 -5.04 0.19 -50.36
C LYS T 64 -4.70 0.57 -51.79
N LEU T 65 -3.41 0.76 -52.07
CA LEU T 65 -2.95 1.29 -53.34
C LEU T 65 -1.91 0.37 -53.95
N LYS T 66 -1.69 0.55 -55.25
CA LYS T 66 -0.60 -0.12 -55.92
C LYS T 66 0.70 0.67 -55.75
N PRO T 67 1.85 0.00 -55.91
CA PRO T 67 3.13 0.74 -55.83
C PRO T 67 3.33 1.78 -56.92
N ASN T 68 2.52 1.80 -57.97
CA ASN T 68 2.61 2.81 -59.03
C ASN T 68 1.30 3.59 -59.11
N SER T 69 1.11 4.55 -58.22
CA SER T 69 -0.09 5.34 -58.29
C SER T 69 0.20 6.75 -57.80
N PRO T 70 -0.33 7.78 -58.45
CA PRO T 70 -0.04 9.15 -58.01
C PRO T 70 -0.53 9.45 -56.60
N THR T 71 -1.57 8.76 -56.14
CA THR T 71 -2.04 8.96 -54.77
C THR T 71 -1.00 8.52 -53.74
N HIS T 72 -0.19 7.52 -54.08
CA HIS T 72 0.91 7.13 -53.20
C HIS T 72 1.92 8.26 -53.07
N ARG T 73 2.23 8.94 -54.17
CA ARG T 73 3.12 10.10 -54.12
C ARG T 73 2.52 11.24 -53.31
N GLN T 74 1.23 11.50 -53.49
CA GLN T 74 0.58 12.56 -52.74
C GLN T 74 0.60 12.27 -51.23
N LEU T 75 0.32 11.02 -50.86
CA LEU T 75 0.28 10.67 -49.45
C LEU T 75 1.68 10.66 -48.84
N THR T 76 2.70 10.27 -49.60
CA THR T 76 4.04 10.31 -49.06
C THR T 76 4.56 11.74 -48.94
N GLU T 77 4.06 12.68 -49.74
CA GLU T 77 4.41 14.08 -49.51
C GLU T 77 3.70 14.63 -48.28
N LYS T 78 2.44 14.24 -48.08
CA LYS T 78 1.72 14.68 -46.88
C LYS T 78 2.37 14.14 -45.61
N TRP T 79 2.87 12.91 -45.66
CA TRP T 79 3.56 12.32 -44.52
C TRP T 79 4.81 13.11 -44.14
N MET T 80 5.59 13.52 -45.15
CA MET T 80 6.79 14.30 -44.88
C MET T 80 6.45 15.70 -44.38
N ALA T 81 5.38 16.29 -44.89
CA ALA T 81 4.94 17.58 -44.35
C ALA T 81 4.56 17.46 -42.87
N GLN T 82 3.87 16.38 -42.49
CA GLN T 82 3.56 16.18 -41.09
C GLN T 82 4.82 15.95 -40.26
N ARG T 83 5.79 15.20 -40.80
CA ARG T 83 7.01 14.95 -40.04
C ARG T 83 7.83 16.22 -39.86
N ALA T 84 7.71 17.18 -40.78
CA ALA T 84 8.42 18.43 -40.63
C ALA T 84 7.87 19.26 -39.47
N GLY T 85 6.57 19.16 -39.23
CA GLY T 85 5.97 19.90 -38.15
C GLY T 85 4.78 20.72 -38.59
N ARG T 86 4.43 20.62 -39.86
CA ARG T 86 3.27 21.33 -40.40
C ARG T 86 2.03 20.46 -40.32
N LEU T 87 1.07 20.88 -39.50
CA LEU T 87 -0.08 20.06 -39.14
C LEU T 87 -1.36 20.76 -39.50
N VAL T 88 -1.98 20.36 -40.61
CA VAL T 88 -3.23 20.93 -41.08
C VAL T 88 -4.17 19.78 -41.47
N GLY T 89 -5.35 20.14 -41.96
CA GLY T 89 -6.48 19.23 -42.07
C GLY T 89 -6.57 18.31 -43.27
N PHE T 90 -6.59 18.84 -44.49
CA PHE T 90 -6.72 18.02 -45.70
C PHE T 90 -8.00 17.17 -45.69
N PRO T 91 -9.11 17.71 -46.20
CA PRO T 91 -10.36 16.96 -46.25
C PRO T 91 -10.29 15.68 -47.09
N PHE T 92 -11.13 14.71 -46.74
CA PHE T 92 -11.34 13.51 -47.53
C PHE T 92 -12.84 13.28 -47.69
N ASP T 93 -13.24 12.79 -48.85
CA ASP T 93 -14.65 12.64 -49.18
C ASP T 93 -14.78 11.53 -50.22
N PHE T 94 -15.80 10.69 -50.07
CA PHE T 94 -16.12 9.72 -51.12
C PHE T 94 -17.59 9.35 -51.04
N ILE T 95 -18.14 8.98 -52.19
CA ILE T 95 -19.58 8.78 -52.33
C ILE T 95 -19.80 7.80 -53.47
N ASP T 96 -20.99 7.19 -53.49
CA ASP T 96 -21.44 6.34 -54.57
C ASP T 96 -22.63 6.99 -55.25
N SER T 97 -22.54 7.19 -56.57
CA SER T 97 -23.60 7.88 -57.28
C SER T 97 -24.85 7.01 -57.45
N ALA T 98 -24.72 5.70 -57.33
CA ALA T 98 -25.88 4.84 -57.50
C ALA T 98 -26.86 4.92 -56.33
N SER T 99 -26.36 5.18 -55.12
CA SER T 99 -27.22 5.17 -53.94
C SER T 99 -27.06 6.40 -53.07
N ASN T 100 -26.09 7.26 -53.34
CA ASN T 100 -25.77 8.43 -52.51
C ASN T 100 -25.32 8.04 -51.11
N GLU T 101 -24.62 6.91 -51.01
CA GLU T 101 -24.04 6.49 -49.75
C GLU T 101 -22.56 6.85 -49.70
N GLY T 102 -22.12 7.33 -48.55
CA GLY T 102 -20.76 7.78 -48.38
C GLY T 102 -20.63 8.61 -47.13
N GLY T 103 -19.73 9.58 -47.17
CA GLY T 103 -19.52 10.45 -46.04
C GLY T 103 -18.40 11.43 -46.33
N THR T 104 -18.26 12.40 -45.44
CA THR T 104 -17.26 13.44 -45.61
C THR T 104 -16.58 13.73 -44.28
N GLY T 105 -15.35 14.23 -44.37
CA GLY T 105 -14.65 14.72 -43.21
C GLY T 105 -13.71 15.84 -43.61
N ALA T 106 -13.87 16.98 -42.93
CA ALA T 106 -13.20 18.20 -43.34
C ALA T 106 -11.74 18.30 -42.87
N GLU T 107 -11.30 17.44 -41.95
CA GLU T 107 -9.94 17.48 -41.43
C GLU T 107 -9.47 16.06 -41.11
N PHE T 108 -8.57 15.53 -41.93
CA PHE T 108 -7.98 14.21 -41.70
C PHE T 108 -6.50 14.34 -41.36
N PHE T 109 -5.91 13.23 -40.91
CA PHE T 109 -4.49 13.19 -40.60
C PHE T 109 -3.96 11.81 -40.93
N ILE T 110 -2.69 11.71 -41.30
CA ILE T 110 -2.06 10.41 -41.52
C ILE T 110 -1.88 9.71 -40.17
N GLN T 111 -2.28 8.45 -40.10
CA GLN T 111 -2.12 7.67 -38.88
C GLN T 111 -1.15 6.51 -39.00
N LYS T 112 -1.19 5.75 -40.10
CA LYS T 112 -0.25 4.69 -40.35
C LYS T 112 0.34 4.83 -41.75
N ALA T 113 1.60 4.44 -41.89
CA ALA T 113 2.32 4.49 -43.15
C ALA T 113 2.58 3.06 -43.62
N PRO T 114 2.65 2.85 -44.92
CA PRO T 114 2.77 1.48 -45.43
C PRO T 114 4.17 0.92 -45.28
N ASP T 115 4.30 -0.36 -45.64
CA ASP T 115 5.58 -1.05 -45.68
C ASP T 115 6.04 -1.18 -47.12
N ASP T 116 7.31 -0.87 -47.37
CA ASP T 116 7.88 -0.95 -48.71
C ASP T 116 8.50 -2.32 -48.91
N SER T 117 7.75 -3.22 -49.54
CA SER T 117 8.20 -4.57 -49.85
C SER T 117 8.54 -4.65 -51.33
N LYS T 118 9.71 -5.19 -51.66
CA LYS T 118 10.07 -5.30 -53.07
C LYS T 118 9.73 -6.66 -53.66
N GLY T 119 10.40 -7.71 -53.20
CA GLY T 119 10.09 -9.07 -53.63
C GLY T 119 9.98 -9.33 -55.13
N ASN T 120 9.33 -10.43 -55.48
CA ASN T 120 9.26 -10.93 -56.84
C ASN T 120 8.04 -10.42 -57.62
N ASN T 121 6.88 -10.29 -56.97
CA ASN T 121 5.73 -9.63 -57.56
C ASN T 121 5.41 -8.37 -56.79
N ALA T 122 4.64 -7.46 -57.38
CA ALA T 122 4.27 -6.23 -56.71
C ALA T 122 3.15 -6.46 -55.70
N VAL T 123 3.14 -5.67 -54.63
CA VAL T 123 2.26 -5.89 -53.49
C VAL T 123 1.63 -4.57 -53.05
N VAL T 124 0.77 -4.68 -52.03
CA VAL T 124 -0.08 -3.57 -51.60
C VAL T 124 0.73 -2.50 -50.86
N ARG T 125 0.23 -1.27 -50.90
CA ARG T 125 0.65 -0.18 -50.02
C ARG T 125 -0.57 0.35 -49.30
N GLU T 126 -0.64 0.14 -47.98
CA GLU T 126 -1.83 0.49 -47.21
C GLU T 126 -1.59 1.73 -46.36
N TRP T 127 -2.42 2.74 -46.55
CA TRP T 127 -2.39 3.97 -45.77
C TRP T 127 -3.61 4.01 -44.85
N THR T 128 -3.48 4.71 -43.73
CA THR T 128 -4.56 4.90 -42.77
C THR T 128 -4.64 6.37 -42.42
N ILE T 129 -5.85 6.92 -42.43
CA ILE T 129 -6.06 8.31 -42.05
C ILE T 129 -7.19 8.37 -41.03
N VAL T 130 -7.18 9.40 -40.19
CA VAL T 130 -8.10 9.50 -39.06
C VAL T 130 -8.66 10.91 -38.99
N THR T 131 -9.93 11.01 -38.60
CA THR T 131 -10.59 12.28 -38.36
C THR T 131 -11.29 12.28 -37.02
N GLY T 132 -11.56 13.47 -36.50
CA GLY T 132 -12.29 13.62 -35.27
C GLY T 132 -13.79 13.82 -35.48
N GLU T 133 -14.19 14.06 -36.72
CA GLU T 133 -15.58 14.31 -37.06
C GLU T 133 -15.89 13.72 -38.43
N TRP T 134 -16.74 12.72 -38.46
CA TRP T 134 -17.16 12.06 -39.69
C TRP T 134 -18.68 12.05 -39.73
N THR T 135 -19.26 12.61 -40.78
CA THR T 135 -20.71 12.62 -40.91
C THR T 135 -21.10 11.79 -42.12
N PRO T 136 -21.77 10.66 -41.94
CA PRO T 136 -22.27 9.91 -43.10
C PRO T 136 -23.38 10.66 -43.81
N THR T 137 -23.43 10.46 -45.11
CA THR T 137 -24.50 11.02 -45.94
C THR T 137 -25.64 10.02 -46.01
N ILE T 138 -26.85 10.53 -46.13
CA ILE T 138 -28.04 9.67 -46.14
C ILE T 138 -28.24 9.12 -47.55
N PRO T 139 -28.34 7.80 -47.72
CA PRO T 139 -28.63 7.28 -49.06
C PRO T 139 -30.07 7.52 -49.45
N THR T 140 -30.32 8.55 -50.25
CA THR T 140 -31.69 8.92 -50.56
C THR T 140 -32.24 8.11 -51.72
N LEU T 141 -31.39 7.40 -52.44
CA LEU T 141 -31.81 6.49 -53.50
C LEU T 141 -31.89 5.05 -53.01
N LEU T 142 -31.86 4.84 -51.70
CA LEU T 142 -31.89 3.51 -51.08
C LEU T 142 -30.72 2.65 -51.54
N MET U 1 -4.48 31.62 -38.56
CA MET U 1 -3.75 31.08 -37.42
C MET U 1 -4.39 29.80 -36.91
N ALA U 2 -4.31 28.75 -37.72
CA ALA U 2 -4.96 27.49 -37.41
C ALA U 2 -4.38 26.89 -36.14
N MET U 3 -5.26 26.30 -35.32
CA MET U 3 -4.85 25.66 -34.09
C MET U 3 -4.10 24.38 -34.42
N LYS U 4 -2.78 24.38 -34.22
CA LYS U 4 -2.00 23.19 -34.51
C LYS U 4 -2.31 22.10 -33.50
N ALA U 5 -2.48 20.88 -34.02
CA ALA U 5 -2.53 19.70 -33.16
C ALA U 5 -1.25 19.61 -32.35
N TYR U 6 -1.29 18.82 -31.29
CA TYR U 6 -0.11 18.72 -30.44
C TYR U 6 1.02 17.98 -31.13
N SER U 7 2.25 18.38 -30.81
CA SER U 7 3.44 17.72 -31.31
C SER U 7 4.63 18.18 -30.49
N MET U 8 5.50 17.23 -30.12
CA MET U 8 6.72 17.58 -29.42
C MET U 8 7.72 18.30 -30.31
N LEU U 9 7.52 18.30 -31.62
CA LEU U 9 8.34 19.08 -32.54
C LEU U 9 8.12 20.57 -32.39
N ASN U 10 7.04 21.00 -31.73
CA ASN U 10 6.71 22.40 -31.59
C ASN U 10 6.75 22.88 -30.15
N VAL U 11 7.28 22.08 -29.23
CA VAL U 11 7.51 22.50 -27.86
C VAL U 11 9.00 22.81 -27.72
N THR U 12 9.31 23.96 -27.11
CA THR U 12 10.67 24.39 -26.91
C THR U 12 10.91 24.67 -25.43
N ALA U 13 12.01 24.15 -24.89
CA ALA U 13 12.41 24.33 -23.51
C ALA U 13 13.83 24.87 -23.46
N THR U 14 14.03 25.92 -22.67
CA THR U 14 15.31 26.61 -22.61
C THR U 14 15.81 26.60 -21.18
N LEU U 15 16.99 26.03 -20.96
CA LEU U 15 17.56 25.92 -19.62
C LEU U 15 18.88 26.67 -19.61
N ASP U 16 18.91 27.80 -18.91
CA ASP U 16 20.10 28.64 -18.80
C ASP U 16 20.57 29.13 -20.16
N GLY U 17 19.62 29.31 -21.08
CA GLY U 17 19.94 29.82 -22.39
C GLY U 17 20.05 28.78 -23.49
N ARG U 18 20.31 27.53 -23.12
CA ARG U 18 20.46 26.46 -24.10
C ARG U 18 19.19 25.62 -24.17
N ARG U 19 19.02 24.93 -25.28
CA ARG U 19 17.87 24.07 -25.48
C ARG U 19 18.02 22.76 -24.72
N VAL U 20 16.88 22.13 -24.42
CA VAL U 20 16.81 20.80 -23.83
C VAL U 20 16.56 19.82 -24.97
N ILE U 21 17.42 18.81 -25.08
CA ILE U 21 17.41 17.99 -26.31
C ILE U 21 17.08 16.52 -26.07
N GLY U 22 17.93 15.78 -25.39
CA GLY U 22 17.69 14.35 -25.37
C GLY U 22 16.76 13.88 -24.26
N LEU U 23 15.49 13.74 -24.58
CA LEU U 23 14.44 13.43 -23.62
C LEU U 23 14.07 11.96 -23.70
N MET U 24 13.66 11.38 -22.58
CA MET U 24 13.23 9.99 -22.57
C MET U 24 11.89 9.82 -23.26
N ASP U 25 11.49 8.57 -23.41
CA ASP U 25 10.20 8.25 -24.00
C ASP U 25 9.09 8.29 -22.95
N GLY U 26 7.92 8.75 -23.37
CA GLY U 26 6.76 8.75 -22.51
C GLY U 26 5.97 10.04 -22.63
N ASP U 27 4.79 10.05 -22.01
CA ASP U 27 3.90 11.21 -22.03
C ASP U 27 4.26 12.24 -20.98
N ASP U 28 5.27 11.98 -20.16
CA ASP U 28 5.64 12.87 -19.06
C ASP U 28 7.15 13.04 -19.12
N ALA U 29 7.62 13.95 -19.97
CA ALA U 29 9.05 14.22 -20.11
C ALA U 29 9.49 15.51 -19.46
N ILE U 30 8.63 16.53 -19.46
CA ILE U 30 8.81 17.73 -18.66
C ILE U 30 7.47 18.00 -17.98
N THR U 31 7.46 17.95 -16.65
CA THR U 31 6.25 18.21 -15.89
C THR U 31 6.51 19.21 -14.79
N THR U 32 5.67 20.22 -14.70
CA THR U 32 5.76 21.24 -13.66
C THR U 32 4.56 21.15 -12.74
N SER U 33 4.81 21.18 -11.43
CA SER U 33 3.71 21.12 -10.49
C SER U 33 3.84 22.21 -9.44
N PRO U 34 2.74 22.86 -9.08
CA PRO U 34 2.78 23.88 -8.03
C PRO U 34 3.14 23.29 -6.68
N GLY U 35 3.78 24.13 -5.86
CA GLY U 35 4.29 23.71 -4.58
C GLY U 35 3.26 23.33 -3.53
N VAL U 36 2.13 24.02 -3.51
CA VAL U 36 1.12 23.84 -2.47
C VAL U 36 -0.27 23.94 -3.09
N ASP U 37 -1.29 23.75 -2.26
CA ASP U 37 -2.67 24.03 -2.67
C ASP U 37 -2.92 25.52 -2.71
N VAL U 38 -3.83 25.92 -3.60
CA VAL U 38 -4.13 27.34 -3.78
C VAL U 38 -4.82 27.91 -2.55
N GLY U 39 -5.69 27.13 -1.93
CA GLY U 39 -6.41 27.62 -0.78
C GLY U 39 -7.01 26.51 0.06
N THR U 40 -7.76 26.92 1.08
CA THR U 40 -8.30 26.01 2.09
C THR U 40 -9.65 26.55 2.58
N MET U 41 -10.66 25.68 2.61
CA MET U 41 -11.96 26.03 3.15
C MET U 41 -12.07 25.57 4.60
N LEU U 42 -12.54 26.45 5.47
CA LEU U 42 -12.69 26.19 6.90
C LEU U 42 -14.14 26.34 7.28
N VAL U 43 -14.78 25.24 7.68
CA VAL U 43 -16.19 25.21 8.02
C VAL U 43 -16.33 25.00 9.53
N GLY U 44 -17.15 25.82 10.16
CA GLY U 44 -17.29 25.78 11.61
C GLY U 44 -18.42 24.87 12.07
N ALA U 45 -18.56 24.81 13.40
CA ALA U 45 -19.55 23.93 14.02
C ALA U 45 -20.97 24.37 13.76
N ASP U 46 -21.18 25.57 13.22
CA ASP U 46 -22.51 26.10 12.99
C ASP U 46 -22.93 26.08 11.53
N GLY U 47 -22.01 25.80 10.61
CA GLY U 47 -22.30 25.80 9.19
C GLY U 47 -21.72 26.96 8.43
N SER U 48 -21.20 27.98 9.10
CA SER U 48 -20.55 29.09 8.43
C SER U 48 -19.16 28.65 7.95
N TRP U 49 -18.58 29.44 7.03
CA TRP U 49 -17.36 29.03 6.36
C TRP U 49 -16.43 30.22 6.14
N LEU U 50 -15.16 29.92 5.88
CA LEU U 50 -14.17 30.93 5.57
C LEU U 50 -13.11 30.31 4.68
N PHE U 51 -12.79 31.00 3.58
CA PHE U 51 -11.74 30.58 2.66
C PHE U 51 -10.47 31.35 2.96
N SER U 52 -9.32 30.73 2.72
CA SER U 52 -8.03 31.39 2.88
C SER U 52 -7.13 31.05 1.72
N GLN U 53 -6.49 32.07 1.15
CA GLN U 53 -5.66 31.94 -0.05
C GLN U 53 -4.20 32.15 0.33
N THR U 54 -3.31 31.36 -0.28
CA THR U 54 -1.90 31.43 0.04
C THR U 54 -1.18 32.44 -0.85
N ALA U 55 -0.04 32.92 -0.34
CA ALA U 55 0.81 33.83 -1.09
C ALA U 55 2.04 33.14 -1.68
N ASP U 56 2.11 31.82 -1.58
CA ASP U 56 3.25 31.04 -2.05
C ASP U 56 3.04 30.70 -3.52
N LYS U 57 3.91 31.22 -4.39
CA LYS U 57 3.86 30.89 -5.81
C LYS U 57 5.17 30.24 -6.23
N SER U 58 5.30 28.95 -5.95
CA SER U 58 6.52 28.20 -6.22
C SER U 58 6.17 26.89 -6.91
N ALA U 59 7.16 26.31 -7.59
CA ALA U 59 6.95 25.09 -8.35
C ALA U 59 8.25 24.32 -8.50
N THR U 60 8.11 23.04 -8.81
CA THR U 60 9.21 22.19 -9.23
C THR U 60 8.94 21.71 -10.64
N VAL U 61 10.00 21.38 -11.37
CA VAL U 61 9.86 20.70 -12.66
C VAL U 61 10.79 19.50 -12.66
N VAL U 62 10.33 18.41 -13.27
CA VAL U 62 11.08 17.16 -13.37
C VAL U 62 11.40 16.94 -14.84
N ILE U 63 12.67 16.70 -15.14
CA ILE U 63 13.15 16.49 -16.51
C ILE U 63 13.74 15.10 -16.60
N LYS U 64 13.21 14.28 -17.51
CA LYS U 64 13.68 12.92 -17.72
C LYS U 64 14.49 12.88 -19.01
N LEU U 65 15.73 12.39 -18.90
CA LEU U 65 16.70 12.44 -19.98
C LEU U 65 17.25 11.06 -20.26
N LYS U 66 17.85 10.91 -21.43
CA LYS U 66 18.60 9.72 -21.75
C LYS U 66 20.02 9.81 -21.21
N PRO U 67 20.69 8.67 -21.03
CA PRO U 67 22.09 8.72 -20.58
C PRO U 67 23.06 9.36 -21.58
N ASN U 68 22.65 9.60 -22.82
CA ASN U 68 23.49 10.28 -23.80
C ASN U 68 22.81 11.56 -24.28
N SER U 69 22.90 12.62 -23.49
CA SER U 69 22.31 13.87 -23.92
C SER U 69 23.14 15.03 -23.37
N PRO U 70 23.36 16.06 -24.17
CA PRO U 70 24.16 17.19 -23.67
C PRO U 70 23.56 17.90 -22.47
N THR U 71 22.24 17.85 -22.31
CA THR U 71 21.61 18.46 -21.15
C THR U 71 22.00 17.74 -19.86
N HIS U 72 22.25 16.44 -19.93
CA HIS U 72 22.76 15.71 -18.77
C HIS U 72 24.13 16.24 -18.35
N ARG U 73 25.00 16.52 -19.33
CA ARG U 73 26.30 17.11 -19.02
C ARG U 73 26.17 18.50 -18.44
N GLN U 74 25.27 19.32 -18.99
CA GLN U 74 25.06 20.67 -18.48
C GLN U 74 24.56 20.62 -17.03
N LEU U 75 23.62 19.73 -16.74
CA LEU U 75 23.06 19.66 -15.40
C LEU U 75 24.06 19.09 -14.41
N THR U 76 24.91 18.15 -14.84
CA THR U 76 25.91 17.63 -13.92
C THR U 76 27.02 18.64 -13.68
N GLU U 77 27.28 19.57 -14.60
CA GLU U 77 28.19 20.66 -14.28
C GLU U 77 27.57 21.66 -13.31
N LYS U 78 26.28 21.95 -13.49
CA LYS U 78 25.60 22.85 -12.57
C LYS U 78 25.56 22.28 -11.15
N TRP U 79 25.38 20.96 -11.04
CA TRP U 79 25.37 20.30 -9.74
C TRP U 79 26.71 20.45 -9.02
N MET U 80 27.81 20.29 -9.76
CA MET U 80 29.13 20.45 -9.16
C MET U 80 29.43 21.89 -8.79
N ALA U 81 28.95 22.84 -9.59
CA ALA U 81 29.08 24.24 -9.22
C ALA U 81 28.35 24.54 -7.93
N GLN U 82 27.14 23.99 -7.75
CA GLN U 82 26.42 24.17 -6.49
C GLN U 82 27.15 23.51 -5.33
N ARG U 83 27.72 22.32 -5.56
CA ARG U 83 28.43 21.63 -4.47
C ARG U 83 29.70 22.38 -4.07
N ALA U 84 30.29 23.13 -5.01
CA ALA U 84 31.48 23.90 -4.66
C ALA U 84 31.14 25.06 -3.72
N GLY U 85 29.95 25.62 -3.86
CA GLY U 85 29.55 26.72 -3.01
C GLY U 85 29.07 27.92 -3.79
N ARG U 86 29.05 27.81 -5.11
CA ARG U 86 28.57 28.88 -5.96
C ARG U 86 27.09 28.73 -6.24
N LEU U 87 26.29 29.67 -5.74
CA LEU U 87 24.84 29.54 -5.73
C LEU U 87 24.21 30.72 -6.46
N VAL U 88 23.78 30.49 -7.70
CA VAL U 88 23.12 31.51 -8.52
C VAL U 88 21.87 30.89 -9.15
N GLY U 89 21.19 31.68 -9.97
CA GLY U 89 19.84 31.39 -10.40
C GLY U 89 19.61 30.46 -11.56
N PHE U 90 20.15 30.74 -12.74
CA PHE U 90 19.94 29.92 -13.93
C PHE U 90 18.45 29.77 -14.27
N PRO U 91 17.93 30.69 -15.10
CA PRO U 91 16.52 30.62 -15.50
C PRO U 91 16.15 29.36 -16.27
N PHE U 92 14.89 28.96 -16.17
CA PHE U 92 14.31 27.90 -16.99
C PHE U 92 13.00 28.39 -17.57
N ASP U 93 12.71 27.96 -18.80
CA ASP U 93 11.55 28.45 -19.52
C ASP U 93 11.15 27.39 -20.54
N PHE U 94 9.84 27.16 -20.69
CA PHE U 94 9.35 26.33 -21.77
C PHE U 94 7.93 26.69 -22.13
N ILE U 95 7.58 26.46 -23.38
CA ILE U 95 6.32 26.94 -23.93
C ILE U 95 5.92 26.04 -25.09
N ASP U 96 4.64 26.05 -25.45
CA ASP U 96 4.12 25.35 -26.60
C ASP U 96 3.62 26.38 -27.60
N SER U 97 4.12 26.31 -28.84
CA SER U 97 3.76 27.31 -29.84
C SER U 97 2.34 27.12 -30.35
N ALA U 98 1.75 25.94 -30.19
CA ALA U 98 0.41 25.71 -30.69
C ALA U 98 -0.65 26.42 -29.85
N SER U 99 -0.41 26.59 -28.55
CA SER U 99 -1.43 27.16 -27.68
C SER U 99 -0.91 28.30 -26.81
N ASN U 100 0.41 28.54 -26.79
CA ASN U 100 1.03 29.53 -25.92
C ASN U 100 0.86 29.19 -24.45
N GLU U 101 0.87 27.91 -24.13
CA GLU U 101 0.82 27.44 -22.75
C GLU U 101 2.22 27.09 -22.27
N GLY U 102 2.53 27.46 -21.05
CA GLY U 102 3.85 27.24 -20.49
C GLY U 102 4.05 28.08 -19.26
N GLY U 103 5.30 28.49 -19.06
CA GLY U 103 5.62 29.33 -17.91
C GLY U 103 7.11 29.60 -17.88
N THR U 104 7.49 30.52 -16.98
CA THR U 104 8.88 30.92 -16.87
C THR U 104 9.26 31.05 -15.41
N GLY U 105 10.55 30.90 -15.13
CA GLY U 105 11.09 31.17 -13.82
C GLY U 105 12.52 31.64 -13.94
N ALA U 106 12.78 32.80 -13.36
CA ALA U 106 14.05 33.49 -13.55
C ALA U 106 15.18 32.95 -12.69
N GLU U 107 14.90 32.14 -11.67
CA GLU U 107 15.93 31.61 -10.77
C GLU U 107 15.54 30.21 -10.32
N PHE U 108 16.23 29.19 -10.83
CA PHE U 108 16.00 27.81 -10.43
C PHE U 108 17.22 27.28 -9.66
N PHE U 109 17.06 26.10 -9.07
CA PHE U 109 18.14 25.44 -8.35
C PHE U 109 17.96 23.94 -8.49
N ILE U 110 19.07 23.20 -8.48
CA ILE U 110 19.01 21.75 -8.50
C ILE U 110 18.48 21.26 -7.15
N GLN U 111 17.50 20.35 -7.19
CA GLN U 111 16.93 19.80 -5.96
C GLN U 111 17.20 18.31 -5.78
N LYS U 112 17.07 17.51 -6.84
CA LYS U 112 17.39 16.09 -6.80
C LYS U 112 18.30 15.73 -7.97
N ALA U 113 19.18 14.77 -7.72
CA ALA U 113 20.12 14.28 -8.72
C ALA U 113 19.75 12.86 -9.08
N PRO U 114 20.02 12.43 -10.31
CA PRO U 114 19.57 11.11 -10.76
C PRO U 114 20.43 9.99 -10.19
N ASP U 115 20.00 8.77 -10.49
CA ASP U 115 20.72 7.55 -10.14
C ASP U 115 21.40 7.01 -11.38
N ASP U 116 22.67 6.63 -11.25
CA ASP U 116 23.44 6.09 -12.37
C ASP U 116 23.33 4.58 -12.37
N SER U 117 22.41 4.06 -13.18
CA SER U 117 22.21 2.63 -13.33
C SER U 117 22.81 2.17 -14.65
N LYS U 118 23.59 1.10 -14.62
CA LYS U 118 24.20 0.63 -15.87
C LYS U 118 23.38 -0.49 -16.51
N GLY U 119 23.31 -1.65 -15.87
CA GLY U 119 22.48 -2.74 -16.36
C GLY U 119 22.64 -3.16 -17.81
N ASN U 120 21.63 -3.86 -18.34
CA ASN U 120 21.67 -4.46 -19.66
C ASN U 120 21.09 -3.57 -20.76
N ASN U 121 20.05 -2.80 -20.48
CA ASN U 121 19.55 -1.78 -21.39
C ASN U 121 19.72 -0.41 -20.75
N ALA U 122 19.68 0.65 -21.55
CA ALA U 122 19.82 1.99 -21.03
C ALA U 122 18.51 2.47 -20.39
N VAL U 123 18.64 3.33 -19.37
CA VAL U 123 17.51 3.73 -18.55
C VAL U 123 17.53 5.24 -18.32
N VAL U 124 16.50 5.71 -17.59
CA VAL U 124 16.24 7.13 -17.43
C VAL U 124 17.26 7.79 -16.51
N ARG U 125 17.45 9.10 -16.70
CA ARG U 125 18.13 9.97 -15.74
C ARG U 125 17.20 11.12 -15.41
N GLU U 126 16.70 11.17 -14.18
CA GLU U 126 15.70 12.15 -13.78
C GLU U 126 16.31 13.25 -12.91
N TRP U 127 16.16 14.48 -13.35
CA TRP U 127 16.60 15.65 -12.60
C TRP U 127 15.38 16.40 -12.08
N THR U 128 15.55 17.12 -10.97
CA THR U 128 14.51 17.94 -10.38
C THR U 128 15.08 19.31 -10.08
N ILE U 129 14.35 20.36 -10.43
CA ILE U 129 14.77 21.73 -10.16
C ILE U 129 13.59 22.46 -9.51
N VAL U 130 13.91 23.49 -8.72
CA VAL U 130 12.92 24.18 -7.89
C VAL U 130 13.12 25.68 -8.00
N THR U 131 12.02 26.42 -8.01
CA THR U 131 12.05 27.88 -7.99
C THR U 131 11.13 28.40 -6.90
N GLY U 132 11.37 29.64 -6.50
CA GLY U 132 10.51 30.30 -5.53
C GLY U 132 9.44 31.15 -6.18
N GLU U 133 9.52 31.36 -7.48
CA GLU U 133 8.57 32.18 -8.22
C GLU U 133 8.38 31.62 -9.61
N TRP U 134 7.16 31.14 -9.88
CA TRP U 134 6.80 30.57 -11.18
C TRP U 134 5.54 31.27 -11.66
N THR U 135 5.59 31.88 -12.83
CA THR U 135 4.42 32.54 -13.38
C THR U 135 3.99 31.84 -14.65
N PRO U 136 2.82 31.19 -14.67
CA PRO U 136 2.33 30.60 -15.90
C PRO U 136 1.97 31.67 -16.91
N THR U 137 2.14 31.32 -18.18
CA THR U 137 1.74 32.18 -19.27
C THR U 137 0.31 31.84 -19.68
N ILE U 138 -0.42 32.85 -20.14
CA ILE U 138 -1.83 32.65 -20.50
C ILE U 138 -1.91 32.05 -21.89
N PRO U 139 -2.59 30.92 -22.09
CA PRO U 139 -2.77 30.40 -23.44
C PRO U 139 -3.75 31.23 -24.24
N THR U 140 -3.25 32.13 -25.08
CA THR U 140 -4.13 33.05 -25.78
C THR U 140 -4.71 32.44 -27.04
N LEU U 141 -4.17 31.30 -27.48
CA LEU U 141 -4.71 30.55 -28.60
C LEU U 141 -5.61 29.41 -28.16
N LEU U 142 -6.02 29.41 -26.89
CA LEU U 142 -6.85 28.37 -26.28
C LEU U 142 -6.19 27.00 -26.39
N MET V 1 36.20 10.43 -32.76
CA MET V 1 35.75 9.94 -31.46
C MET V 1 34.23 9.77 -31.45
N ALA V 2 33.76 8.79 -32.22
CA ALA V 2 32.33 8.58 -32.37
C ALA V 2 31.70 8.20 -31.04
N MET V 3 30.49 8.74 -30.81
CA MET V 3 29.75 8.44 -29.59
C MET V 3 29.26 7.00 -29.64
N LYS V 4 29.86 6.12 -28.84
CA LYS V 4 29.45 4.73 -28.84
C LYS V 4 28.07 4.59 -28.20
N ALA V 5 27.22 3.80 -28.84
CA ALA V 5 25.97 3.39 -28.24
C ALA V 5 26.26 2.68 -26.92
N TYR V 6 25.24 2.55 -26.09
CA TYR V 6 25.46 1.93 -24.79
C TYR V 6 25.71 0.43 -24.93
N SER V 7 26.53 -0.10 -24.02
CA SER V 7 26.81 -1.52 -23.96
C SER V 7 27.48 -1.82 -22.63
N MET V 8 27.06 -2.90 -21.99
CA MET V 8 27.70 -3.33 -20.75
C MET V 8 29.09 -3.90 -20.98
N LEU V 9 29.47 -4.17 -22.22
CA LEU V 9 30.82 -4.57 -22.56
C LEU V 9 31.83 -3.43 -22.41
N ASN V 10 31.36 -2.19 -22.30
CA ASN V 10 32.23 -1.03 -22.20
C ASN V 10 32.10 -0.30 -20.88
N VAL V 11 31.41 -0.88 -19.90
CA VAL V 11 31.36 -0.35 -18.55
C VAL V 11 32.32 -1.16 -17.68
N THR V 12 33.14 -0.47 -16.91
CA THR V 12 34.11 -1.12 -16.03
C THR V 12 33.91 -0.63 -14.60
N ALA V 13 33.88 -1.58 -13.66
CA ALA V 13 33.72 -1.29 -12.24
C ALA V 13 34.85 -1.96 -11.47
N THR V 14 35.48 -1.20 -10.59
CA THR V 14 36.65 -1.66 -9.86
C THR V 14 36.38 -1.56 -8.37
N LEU V 15 36.45 -2.68 -7.67
CA LEU V 15 36.18 -2.73 -6.23
C LEU V 15 37.44 -3.21 -5.53
N ASP V 16 38.08 -2.29 -4.79
CA ASP V 16 39.30 -2.59 -4.05
C ASP V 16 40.42 -3.05 -4.97
N GLY V 17 40.40 -2.57 -6.21
CA GLY V 17 41.44 -2.90 -7.15
C GLY V 17 41.08 -3.98 -8.16
N ARG V 18 40.12 -4.83 -7.83
CA ARG V 18 39.72 -5.92 -8.71
C ARG V 18 38.43 -5.55 -9.46
N ARG V 19 38.21 -6.22 -10.58
CA ARG V 19 37.02 -5.99 -11.38
C ARG V 19 35.80 -6.67 -10.78
N VAL V 20 34.63 -6.14 -11.11
CA VAL V 20 33.34 -6.74 -10.76
C VAL V 20 32.87 -7.54 -11.96
N ILE V 21 32.56 -8.82 -11.74
CA ILE V 21 32.36 -9.71 -12.89
C ILE V 21 30.97 -10.31 -12.99
N GLY V 22 30.58 -11.16 -12.05
CA GLY V 22 29.33 -11.87 -12.28
C GLY V 22 28.10 -11.13 -11.80
N LEU V 23 27.45 -10.41 -12.70
CA LEU V 23 26.32 -9.55 -12.38
C LEU V 23 25.02 -10.24 -12.78
N MET V 24 23.95 -9.93 -12.05
CA MET V 24 22.64 -10.49 -12.37
C MET V 24 22.08 -9.86 -13.63
N ASP V 25 20.94 -10.40 -14.08
CA ASP V 25 20.26 -9.87 -15.24
C ASP V 25 19.33 -8.72 -14.84
N GLY V 26 19.25 -7.73 -15.72
CA GLY V 26 18.34 -6.61 -15.53
C GLY V 26 18.98 -5.29 -15.89
N ASP V 27 18.16 -4.24 -15.91
CA ASP V 27 18.61 -2.90 -16.24
C ASP V 27 19.22 -2.16 -15.05
N ASP V 28 19.24 -2.79 -13.88
CA ASP V 28 19.72 -2.16 -12.66
C ASP V 28 20.65 -3.14 -11.97
N ALA V 29 21.91 -3.18 -12.40
CA ALA V 29 22.89 -4.09 -11.82
C ALA V 29 23.88 -3.37 -10.93
N ILE V 30 24.24 -2.14 -11.24
CA ILE V 30 24.98 -1.26 -10.35
C ILE V 30 24.25 0.08 -10.35
N THR V 31 23.73 0.49 -9.21
CA THR V 31 23.02 1.75 -9.10
C THR V 31 23.54 2.55 -7.92
N THR V 32 23.86 3.82 -8.14
CA THR V 32 24.34 4.71 -7.10
C THR V 32 23.30 5.81 -6.87
N SER V 33 22.99 6.08 -5.61
CA SER V 33 22.03 7.12 -5.32
C SER V 33 22.57 8.05 -4.23
N PRO V 34 22.37 9.36 -4.38
CA PRO V 34 22.81 10.29 -3.35
C PRO V 34 22.04 10.11 -2.05
N GLY V 35 22.72 10.44 -0.95
CA GLY V 35 22.19 10.23 0.37
C GLY V 35 20.98 11.06 0.75
N VAL V 36 20.93 12.31 0.31
CA VAL V 36 19.91 13.26 0.71
C VAL V 36 19.49 14.11 -0.49
N ASP V 37 18.52 14.99 -0.27
CA ASP V 37 18.18 16.00 -1.25
C ASP V 37 19.23 17.11 -1.27
N VAL V 38 19.40 17.71 -2.45
CA VAL V 38 20.42 18.75 -2.61
C VAL V 38 20.06 19.99 -1.81
N GLY V 39 18.77 20.34 -1.74
CA GLY V 39 18.38 21.53 -1.04
C GLY V 39 16.90 21.53 -0.70
N THR V 40 16.46 22.66 -0.13
CA THR V 40 15.11 22.81 0.41
C THR V 40 14.66 24.25 0.24
N MET V 41 13.46 24.45 -0.29
CA MET V 41 12.86 25.77 -0.41
C MET V 41 11.92 26.02 0.77
N LEU V 42 12.06 27.20 1.38
CA LEU V 42 11.26 27.59 2.53
C LEU V 42 10.49 28.86 2.19
N VAL V 43 9.16 28.75 2.14
CA VAL V 43 8.28 29.85 1.76
C VAL V 43 7.51 30.31 2.98
N GLY V 44 7.49 31.61 3.23
CA GLY V 44 6.87 32.16 4.41
C GLY V 44 5.42 32.54 4.21
N ALA V 45 4.81 33.03 5.29
CA ALA V 45 3.40 33.39 5.27
C ALA V 45 3.10 34.60 4.40
N ASP V 46 4.12 35.32 3.96
CA ASP V 46 3.94 36.53 3.17
C ASP V 46 4.24 36.34 1.68
N GLY V 47 4.82 35.21 1.30
CA GLY V 47 5.19 34.96 -0.08
C GLY V 47 6.68 35.01 -0.37
N SER V 48 7.49 35.51 0.57
CA SER V 48 8.93 35.50 0.40
C SER V 48 9.48 34.08 0.60
N TRP V 49 10.71 33.87 0.15
CA TRP V 49 11.26 32.52 0.11
C TRP V 49 12.74 32.53 0.46
N LEU V 50 13.25 31.35 0.81
CA LEU V 50 14.66 31.17 1.13
C LEU V 50 15.05 29.74 0.79
N PHE V 51 16.15 29.58 0.05
CA PHE V 51 16.69 28.28 -0.30
C PHE V 51 17.84 27.94 0.64
N SER V 52 18.03 26.66 0.92
CA SER V 52 19.14 26.21 1.74
C SER V 52 19.77 24.97 1.12
N GLN V 53 21.10 24.96 1.02
CA GLN V 53 21.85 23.91 0.37
C GLN V 53 22.63 23.12 1.40
N THR V 54 22.69 21.81 1.23
CA THR V 54 23.35 20.93 2.18
C THR V 54 24.83 20.76 1.85
N ALA V 55 25.60 20.41 2.87
CA ALA V 55 27.02 20.13 2.72
C ALA V 55 27.32 18.64 2.72
N ASP V 56 26.30 17.79 2.71
CA ASP V 56 26.45 16.34 2.77
C ASP V 56 26.61 15.80 1.36
N LYS V 57 27.77 15.22 1.06
CA LYS V 57 28.00 14.60 -0.24
C LYS V 57 28.33 13.12 -0.04
N SER V 58 27.28 12.32 0.15
CA SER V 58 27.43 10.89 0.42
C SER V 58 26.48 10.10 -0.47
N ALA V 59 26.78 8.82 -0.64
CA ALA V 59 26.00 7.98 -1.52
C ALA V 59 26.12 6.52 -1.10
N THR V 60 25.17 5.71 -1.56
CA THR V 60 25.23 4.27 -1.49
C THR V 60 25.23 3.71 -2.90
N VAL V 61 25.78 2.51 -3.06
CA VAL V 61 25.65 1.77 -4.32
C VAL V 61 25.19 0.36 -3.98
N VAL V 62 24.32 -0.17 -4.84
CA VAL V 62 23.78 -1.52 -4.69
C VAL V 62 24.30 -2.36 -5.84
N ILE V 63 24.87 -3.52 -5.52
CA ILE V 63 25.45 -4.43 -6.50
C ILE V 63 24.70 -5.75 -6.44
N LYS V 64 24.13 -6.17 -7.56
CA LYS V 64 23.39 -7.42 -7.65
C LYS V 64 24.24 -8.44 -8.38
N LEU V 65 24.45 -9.59 -7.75
CA LEU V 65 25.38 -10.60 -8.23
C LEU V 65 24.70 -11.95 -8.33
N LYS V 66 25.31 -12.85 -9.08
CA LYS V 66 24.88 -14.22 -9.12
C LYS V 66 25.48 -15.01 -7.97
N PRO V 67 24.88 -16.13 -7.59
CA PRO V 67 25.47 -16.96 -6.53
C PRO V 67 26.82 -17.58 -6.87
N ASN V 68 27.26 -17.54 -8.14
CA ASN V 68 28.57 -18.03 -8.53
C ASN V 68 29.39 -16.90 -9.15
N SER V 69 29.97 -16.06 -8.31
CA SER V 69 30.80 -15.01 -8.86
C SER V 69 31.92 -14.70 -7.88
N PRO V 70 33.14 -14.47 -8.36
CA PRO V 70 34.25 -14.18 -7.45
C PRO V 70 34.05 -12.93 -6.61
N THR V 71 33.28 -11.96 -7.11
CA THR V 71 33.00 -10.76 -6.34
C THR V 71 32.19 -11.06 -5.09
N HIS V 72 31.33 -12.08 -5.16
CA HIS V 72 30.60 -12.52 -3.97
C HIS V 72 31.56 -13.03 -2.90
N ARG V 73 32.58 -13.79 -3.31
CA ARG V 73 33.59 -14.26 -2.37
C ARG V 73 34.40 -13.10 -1.80
N GLN V 74 34.77 -12.13 -2.63
CA GLN V 74 35.52 -10.99 -2.15
C GLN V 74 34.70 -10.18 -1.13
N LEU V 75 33.42 -9.96 -1.42
CA LEU V 75 32.59 -9.19 -0.51
C LEU V 75 32.30 -9.94 0.78
N THR V 76 32.15 -11.26 0.71
CA THR V 76 31.95 -12.01 1.95
C THR V 76 33.21 -12.10 2.79
N GLU V 77 34.39 -11.99 2.19
CA GLU V 77 35.60 -11.86 3.01
C GLU V 77 35.70 -10.48 3.65
N LYS V 78 35.33 -9.44 2.91
CA LYS V 78 35.34 -8.10 3.48
C LYS V 78 34.36 -7.97 4.64
N TRP V 79 33.21 -8.62 4.53
CA TRP V 79 32.22 -8.61 5.60
C TRP V 79 32.76 -9.24 6.87
N MET V 80 33.47 -10.36 6.73
CA MET V 80 34.04 -11.02 7.91
C MET V 80 35.19 -10.21 8.51
N ALA V 81 35.97 -9.54 7.66
CA ALA V 81 37.00 -8.64 8.19
C ALA V 81 36.38 -7.51 9.00
N GLN V 82 35.28 -6.94 8.53
CA GLN V 82 34.59 -5.91 9.31
C GLN V 82 34.03 -6.47 10.61
N ARG V 83 33.48 -7.68 10.57
CA ARG V 83 32.91 -8.27 11.78
C ARG V 83 33.99 -8.58 12.81
N ALA V 84 35.21 -8.85 12.35
CA ALA V 84 36.30 -9.09 13.30
C ALA V 84 36.69 -7.83 14.05
N GLY V 85 36.57 -6.68 13.42
CA GLY V 85 36.91 -5.43 14.07
C GLY V 85 37.88 -4.59 13.27
N ARG V 86 38.26 -5.08 12.11
CA ARG V 86 39.17 -4.35 11.23
C ARG V 86 38.38 -3.47 10.27
N LEU V 87 38.53 -2.16 10.42
CA LEU V 87 37.68 -1.19 9.72
C LEU V 87 38.54 -0.25 8.89
N VAL V 88 38.59 -0.49 7.58
CA VAL V 88 39.34 0.35 6.64
C VAL V 88 38.45 0.66 5.44
N GLY V 89 39.02 1.37 4.47
CA GLY V 89 38.26 2.03 3.43
C GLY V 89 37.83 1.23 2.21
N PHE V 90 38.76 0.64 1.47
CA PHE V 90 38.44 -0.11 0.25
C PHE V 90 37.69 0.75 -0.77
N PRO V 91 38.43 1.43 -1.66
CA PRO V 91 37.81 2.26 -2.70
C PRO V 91 36.92 1.49 -3.66
N PHE V 92 35.92 2.18 -4.21
CA PHE V 92 35.10 1.67 -5.29
C PHE V 92 35.01 2.72 -6.39
N ASP V 93 34.99 2.27 -7.64
CA ASP V 93 35.03 3.17 -8.78
C ASP V 93 34.38 2.47 -9.97
N PHE V 94 33.58 3.21 -10.73
CA PHE V 94 33.07 2.68 -11.99
C PHE V 94 32.76 3.82 -12.94
N ILE V 95 32.86 3.52 -14.23
CA ILE V 95 32.78 4.54 -15.27
C ILE V 95 32.29 3.88 -16.55
N ASP V 96 31.78 4.70 -17.47
CA ASP V 96 31.39 4.26 -18.80
C ASP V 96 32.30 4.93 -19.81
N SER V 97 32.95 4.13 -20.66
CA SER V 97 33.90 4.69 -21.62
C SER V 97 33.22 5.42 -22.76
N ALA V 98 31.94 5.16 -23.01
CA ALA V 98 31.24 5.81 -24.11
C ALA V 98 30.95 7.27 -23.82
N SER V 99 30.74 7.64 -22.55
CA SER V 99 30.35 9.00 -22.22
C SER V 99 31.17 9.61 -21.10
N ASN V 100 32.04 8.83 -20.43
CA ASN V 100 32.82 9.28 -19.28
C ASN V 100 31.92 9.67 -18.11
N GLU V 101 30.80 8.96 -17.95
CA GLU V 101 29.93 9.16 -16.81
C GLU V 101 30.19 8.08 -15.76
N GLY V 102 30.20 8.49 -14.51
CA GLY V 102 30.50 7.59 -13.41
C GLY V 102 30.82 8.37 -12.16
N GLY V 103 31.70 7.80 -11.34
CA GLY V 103 32.09 8.46 -10.12
C GLY V 103 33.06 7.58 -9.35
N THR V 104 33.64 8.16 -8.30
CA THR V 104 34.62 7.46 -7.50
C THR V 104 34.38 7.75 -6.03
N GLY V 105 34.83 6.82 -5.19
CA GLY V 105 34.84 7.03 -3.76
C GLY V 105 35.98 6.25 -3.13
N ALA V 106 36.81 6.97 -2.40
CA ALA V 106 38.07 6.43 -1.89
C ALA V 106 37.92 5.57 -0.65
N GLU V 107 36.76 5.60 0.02
CA GLU V 107 36.56 4.82 1.25
C GLU V 107 35.10 4.38 1.34
N PHE V 108 34.85 3.09 1.12
CA PHE V 108 33.52 2.52 1.23
C PHE V 108 33.44 1.57 2.43
N PHE V 109 32.23 1.15 2.77
CA PHE V 109 32.00 0.20 3.85
C PHE V 109 30.80 -0.66 3.49
N ILE V 110 30.79 -1.90 3.97
CA ILE V 110 29.62 -2.77 3.79
C ILE V 110 28.49 -2.25 4.66
N GLN V 111 27.30 -2.13 4.08
CA GLN V 111 26.13 -1.68 4.83
C GLN V 111 25.05 -2.73 4.96
N LYS V 112 24.74 -3.47 3.91
CA LYS V 112 23.79 -4.57 3.96
C LYS V 112 24.39 -5.83 3.34
N ALA V 113 24.01 -6.97 3.88
CA ALA V 113 24.48 -8.27 3.41
C ALA V 113 23.31 -9.00 2.79
N PRO V 114 23.56 -9.86 1.81
CA PRO V 114 22.47 -10.50 1.08
C PRO V 114 21.82 -11.63 1.88
N ASP V 115 20.76 -12.17 1.29
CA ASP V 115 20.06 -13.33 1.83
C ASP V 115 20.44 -14.56 1.01
N ASP V 116 20.75 -15.65 1.70
CA ASP V 116 21.13 -16.90 1.04
C ASP V 116 19.89 -17.76 0.85
N SER V 117 19.31 -17.69 -0.35
CA SER V 117 18.16 -18.48 -0.71
C SER V 117 18.59 -19.63 -1.62
N LYS V 118 18.15 -20.85 -1.32
CA LYS V 118 18.53 -21.97 -2.17
C LYS V 118 17.48 -22.29 -3.23
N GLY V 119 16.30 -22.75 -2.81
CA GLY V 119 15.21 -23.00 -3.73
C GLY V 119 15.50 -23.83 -4.97
N ASN V 120 14.63 -23.72 -5.97
CA ASN V 120 14.66 -24.55 -7.17
C ASN V 120 15.46 -23.94 -8.32
N ASN V 121 15.41 -22.63 -8.50
CA ASN V 121 16.30 -21.93 -9.44
C ASN V 121 17.21 -21.00 -8.67
N ALA V 122 18.30 -20.56 -9.29
CA ALA V 122 19.24 -19.66 -8.64
C ALA V 122 18.71 -18.23 -8.66
N VAL V 123 19.07 -17.45 -7.63
CA VAL V 123 18.50 -16.13 -7.40
C VAL V 123 19.59 -15.13 -7.06
N VAL V 124 19.18 -13.88 -6.87
CA VAL V 124 20.09 -12.75 -6.71
C VAL V 124 20.78 -12.77 -5.36
N ARG V 125 21.97 -12.16 -5.31
CA ARG V 125 22.65 -11.79 -4.07
C ARG V 125 22.96 -10.30 -4.12
N GLU V 126 22.28 -9.52 -3.28
CA GLU V 126 22.39 -8.07 -3.31
C GLU V 126 23.23 -7.54 -2.16
N TRP V 127 24.29 -6.81 -2.50
CA TRP V 127 25.15 -6.16 -1.52
C TRP V 127 24.92 -4.64 -1.58
N THR V 128 25.16 -3.97 -0.47
CA THR V 128 25.04 -2.52 -0.36
C THR V 128 26.30 -1.98 0.30
N ILE V 129 26.88 -0.92 -0.26
CA ILE V 129 28.05 -0.28 0.30
C ILE V 129 27.79 1.22 0.38
N VAL V 130 28.45 1.89 1.32
CA VAL V 130 28.18 3.29 1.64
C VAL V 130 29.50 4.04 1.77
N THR V 131 29.51 5.29 1.31
CA THR V 131 30.65 6.18 1.49
C THR V 131 30.19 7.51 2.04
N GLY V 132 31.13 8.24 2.63
CA GLY V 132 30.86 9.58 3.12
C GLY V 132 31.20 10.66 2.13
N GLU V 133 31.89 10.31 1.05
CA GLU V 133 32.30 11.25 0.03
C GLU V 133 32.26 10.60 -1.34
N TRP V 134 31.37 11.08 -2.19
CA TRP V 134 31.21 10.57 -3.55
C TRP V 134 31.29 11.75 -4.50
N THR V 135 32.22 11.70 -5.45
CA THR V 135 32.34 12.78 -6.42
C THR V 135 32.01 12.24 -7.80
N PRO V 136 30.92 12.66 -8.43
CA PRO V 136 30.66 12.25 -9.81
C PRO V 136 31.67 12.84 -10.76
N THR V 137 31.95 12.10 -11.83
CA THR V 137 32.82 12.56 -12.89
C THR V 137 31.97 13.25 -13.96
N ILE V 138 32.55 14.23 -14.62
CA ILE V 138 31.80 15.01 -15.61
C ILE V 138 31.80 14.24 -16.93
N PRO V 139 30.64 13.98 -17.53
CA PRO V 139 30.64 13.33 -18.85
C PRO V 139 31.07 14.30 -19.94
N THR V 140 32.33 14.22 -20.35
CA THR V 140 32.85 15.19 -21.30
C THR V 140 32.54 14.82 -22.73
N LEU V 141 32.09 13.59 -22.96
CA LEU V 141 31.64 13.15 -24.27
C LEU V 141 30.12 13.22 -24.41
N LEU V 142 29.45 13.92 -23.50
CA LEU V 142 28.00 14.06 -23.47
C LEU V 142 27.30 12.71 -23.38
N MET W 1 38.22 -30.51 -10.68
CA MET W 1 37.16 -30.05 -9.81
C MET W 1 36.25 -29.05 -10.53
N ALA W 2 35.51 -29.57 -11.51
CA ALA W 2 34.66 -28.72 -12.33
C ALA W 2 33.58 -28.05 -11.50
N MET W 3 33.31 -26.79 -11.83
CA MET W 3 32.28 -26.02 -11.14
C MET W 3 30.91 -26.58 -11.53
N LYS W 4 30.25 -27.27 -10.62
CA LYS W 4 28.94 -27.82 -10.92
C LYS W 4 27.91 -26.70 -11.02
N ALA W 5 27.08 -26.79 -12.06
CA ALA W 5 25.91 -25.94 -12.15
C ALA W 5 25.03 -26.15 -10.92
N TYR W 6 24.12 -25.22 -10.69
CA TYR W 6 23.29 -25.31 -9.50
C TYR W 6 22.29 -26.45 -9.62
N SER W 7 21.98 -27.06 -8.47
CA SER W 7 20.98 -28.11 -8.39
C SER W 7 20.62 -28.33 -6.94
N MET W 8 19.33 -28.47 -6.66
CA MET W 8 18.89 -28.78 -5.30
C MET W 8 19.23 -30.20 -4.88
N LEU W 9 19.64 -31.05 -5.83
CA LEU W 9 20.13 -32.39 -5.51
C LEU W 9 21.47 -32.36 -4.80
N ASN W 10 22.18 -31.23 -4.83
CA ASN W 10 23.50 -31.12 -4.24
C ASN W 10 23.55 -30.13 -3.08
N VAL W 11 22.41 -29.67 -2.60
CA VAL W 11 22.34 -28.85 -1.40
C VAL W 11 21.88 -29.75 -0.25
N THR W 12 22.57 -29.65 0.88
CA THR W 12 22.24 -30.45 2.05
C THR W 12 22.03 -29.53 3.25
N ALA W 13 20.94 -29.78 3.98
CA ALA W 13 20.59 -29.01 5.17
C ALA W 13 20.37 -29.98 6.33
N THR W 14 20.99 -29.67 7.47
CA THR W 14 20.96 -30.54 8.62
C THR W 14 20.39 -29.78 9.81
N LEU W 15 19.30 -30.29 10.38
CA LEU W 15 18.62 -29.65 11.49
C LEU W 15 18.64 -30.60 12.67
N ASP W 16 19.43 -30.27 13.69
CA ASP W 16 19.56 -31.07 14.91
C ASP W 16 20.08 -32.47 14.59
N GLY W 17 20.88 -32.57 13.54
CA GLY W 17 21.48 -33.84 13.17
C GLY W 17 20.79 -34.58 12.04
N ARG W 18 19.52 -34.29 11.79
CA ARG W 18 18.77 -34.96 10.75
C ARG W 18 18.66 -34.07 9.52
N ARG W 19 18.41 -34.69 8.37
CA ARG W 19 18.27 -33.97 7.12
C ARG W 19 16.90 -33.30 7.02
N VAL W 20 16.84 -32.25 6.21
CA VAL W 20 15.60 -31.56 5.86
C VAL W 20 15.14 -32.11 4.52
N ILE W 21 13.91 -32.60 4.46
CA ILE W 21 13.50 -33.40 3.29
C ILE W 21 12.36 -32.78 2.49
N GLY W 22 11.15 -32.71 3.06
CA GLY W 22 10.04 -32.33 2.21
C GLY W 22 9.82 -30.83 2.10
N LEU W 23 10.38 -30.23 1.06
CA LEU W 23 10.37 -28.79 0.86
C LEU W 23 9.31 -28.40 -0.15
N MET W 24 8.75 -27.21 0.00
CA MET W 24 7.76 -26.71 -0.94
C MET W 24 8.41 -26.34 -2.27
N ASP W 25 7.56 -26.01 -3.24
CA ASP W 25 8.04 -25.58 -4.54
C ASP W 25 8.34 -24.08 -4.54
N GLY W 26 9.38 -23.71 -5.28
CA GLY W 26 9.72 -22.31 -5.45
C GLY W 26 11.22 -22.09 -5.35
N ASP W 27 11.64 -20.87 -5.68
CA ASP W 27 13.05 -20.48 -5.65
C ASP W 27 13.51 -20.07 -4.26
N ASP W 28 12.63 -20.07 -3.27
CA ASP W 28 12.95 -19.62 -1.92
C ASP W 28 12.40 -20.66 -0.96
N ALA W 29 13.16 -21.73 -0.75
CA ALA W 29 12.74 -22.80 0.16
C ALA W 29 13.50 -22.78 1.48
N ILE W 30 14.77 -22.38 1.47
CA ILE W 30 15.52 -22.08 2.68
C ILE W 30 16.20 -20.75 2.43
N THR W 31 15.87 -19.74 3.22
CA THR W 31 16.48 -18.42 3.07
C THR W 31 16.95 -17.92 4.43
N THR W 32 18.19 -17.45 4.48
CA THR W 32 18.77 -16.88 5.69
C THR W 32 19.04 -15.40 5.49
N SER W 33 18.64 -14.59 6.46
CA SER W 33 18.87 -13.16 6.34
C SER W 33 19.51 -12.62 7.63
N PRO W 34 20.49 -11.74 7.50
CA PRO W 34 21.10 -11.13 8.69
C PRO W 34 20.11 -10.27 9.45
N GLY W 35 20.33 -10.18 10.76
CA GLY W 35 19.44 -9.48 11.65
C GLY W 35 19.34 -7.99 11.48
N VAL W 36 20.46 -7.33 11.16
CA VAL W 36 20.54 -5.87 11.10
C VAL W 36 21.42 -5.47 9.93
N ASP W 37 21.54 -4.16 9.73
CA ASP W 37 22.51 -3.63 8.78
C ASP W 37 23.92 -3.71 9.35
N VAL W 38 24.89 -3.86 8.45
CA VAL W 38 26.29 -4.01 8.88
C VAL W 38 26.81 -2.72 9.51
N GLY W 39 26.40 -1.57 8.98
CA GLY W 39 26.89 -0.32 9.50
C GLY W 39 26.03 0.86 9.10
N THR W 40 26.49 2.05 9.47
CA THR W 40 25.74 3.29 9.32
C THR W 40 26.70 4.44 9.07
N MET W 41 26.43 5.24 8.05
CA MET W 41 27.21 6.44 7.76
C MET W 41 26.53 7.66 8.37
N LEU W 42 27.31 8.49 9.06
CA LEU W 42 26.81 9.70 9.73
C LEU W 42 27.54 10.91 9.16
N VAL W 43 26.80 11.78 8.47
CA VAL W 43 27.36 12.94 7.82
C VAL W 43 26.89 14.19 8.55
N GLY W 44 27.82 15.08 8.87
CA GLY W 44 27.52 16.26 9.65
C GLY W 44 27.16 17.46 8.81
N ALA W 45 26.87 18.56 9.50
CA ALA W 45 26.43 19.79 8.85
C ALA W 45 27.53 20.45 8.04
N ASP W 46 28.78 20.01 8.18
CA ASP W 46 29.91 20.61 7.51
C ASP W 46 30.42 19.79 6.34
N GLY W 47 29.97 18.55 6.19
CA GLY W 47 30.44 17.67 5.14
C GLY W 47 31.34 16.54 5.60
N SER W 48 31.81 16.57 6.84
CA SER W 48 32.60 15.48 7.38
C SER W 48 31.70 14.29 7.71
N TRP W 49 32.31 13.12 7.88
CA TRP W 49 31.55 11.89 7.99
C TRP W 49 32.18 10.96 9.01
N LEU W 50 31.38 9.99 9.47
CA LEU W 50 31.85 8.96 10.40
C LEU W 50 31.04 7.69 10.17
N PHE W 51 31.73 6.56 10.03
CA PHE W 51 31.10 5.26 9.88
C PHE W 51 31.10 4.54 11.22
N SER W 52 30.08 3.72 11.46
CA SER W 52 30.01 2.92 12.68
C SER W 52 29.56 1.51 12.33
N GLN W 53 30.27 0.52 12.87
CA GLN W 53 30.05 -0.89 12.57
C GLN W 53 29.45 -1.59 13.79
N THR W 54 28.51 -2.49 13.56
CA THR W 54 27.83 -3.18 14.65
C THR W 54 28.56 -4.45 15.03
N ALA W 55 28.32 -4.88 16.28
CA ALA W 55 28.87 -6.12 16.79
C ALA W 55 27.86 -7.25 16.81
N ASP W 56 26.67 -7.03 16.26
CA ASP W 56 25.58 -8.01 16.27
C ASP W 56 25.73 -8.92 15.06
N LYS W 57 25.97 -10.20 15.30
CA LYS W 57 26.03 -11.19 14.23
C LYS W 57 24.97 -12.27 14.44
N SER W 58 23.74 -11.94 14.05
CA SER W 58 22.61 -12.82 14.24
C SER W 58 21.81 -12.92 12.96
N ALA W 59 21.01 -13.97 12.84
CA ALA W 59 20.25 -14.23 11.63
C ALA W 59 19.01 -15.06 11.94
N THR W 60 18.06 -15.03 11.01
CA THR W 60 16.92 -15.93 10.99
C THR W 60 16.97 -16.74 9.72
N VAL W 61 16.37 -17.92 9.73
CA VAL W 61 16.16 -18.69 8.52
C VAL W 61 14.69 -19.11 8.48
N VAL W 62 14.12 -19.11 7.27
CA VAL W 62 12.74 -19.49 7.04
C VAL W 62 12.74 -20.76 6.21
N ILE W 63 12.01 -21.77 6.68
CA ILE W 63 11.93 -23.07 6.02
C ILE W 63 10.48 -23.31 5.61
N LYS W 64 10.25 -23.54 4.32
CA LYS W 64 8.92 -23.80 3.79
C LYS W 64 8.81 -25.28 3.47
N LEU W 65 7.79 -25.92 4.04
CA LEU W 65 7.63 -27.36 3.99
C LEU W 65 6.25 -27.73 3.45
N LYS W 66 6.11 -28.97 3.02
CA LYS W 66 4.83 -29.52 2.66
C LYS W 66 4.12 -30.04 3.91
N PRO W 67 2.78 -30.17 3.86
CA PRO W 67 2.06 -30.74 5.01
C PRO W 67 2.39 -32.20 5.29
N ASN W 68 3.09 -32.91 4.40
CA ASN W 68 3.50 -34.30 4.64
C ASN W 68 5.01 -34.40 4.58
N SER W 69 5.69 -34.03 5.66
CA SER W 69 7.14 -34.15 5.65
C SER W 69 7.59 -34.44 7.07
N PRO W 70 8.57 -35.34 7.24
CA PRO W 70 9.04 -35.65 8.61
C PRO W 70 9.64 -34.46 9.34
N THR W 71 10.18 -33.49 8.61
CA THR W 71 10.73 -32.30 9.25
C THR W 71 9.64 -31.48 9.92
N HIS W 72 8.42 -31.50 9.38
CA HIS W 72 7.29 -30.85 10.03
C HIS W 72 7.01 -31.50 11.39
N ARG W 73 7.06 -32.83 11.46
CA ARG W 73 6.89 -33.53 12.73
C ARG W 73 8.00 -33.21 13.71
N GLN W 74 9.24 -33.17 13.23
CA GLN W 74 10.36 -32.84 14.10
C GLN W 74 10.23 -31.43 14.67
N LEU W 75 9.84 -30.47 13.83
CA LEU W 75 9.72 -29.09 14.28
C LEU W 75 8.53 -28.91 15.22
N THR W 76 7.44 -29.65 14.98
CA THR W 76 6.32 -29.53 15.91
C THR W 76 6.60 -30.21 17.24
N GLU W 77 7.49 -31.20 17.28
CA GLU W 77 7.92 -31.72 18.58
C GLU W 77 8.84 -30.74 19.31
N LYS W 78 9.73 -30.08 18.56
CA LYS W 78 10.60 -29.07 19.17
C LYS W 78 9.80 -27.90 19.73
N TRP W 79 8.73 -27.51 19.03
CA TRP W 79 7.87 -26.43 19.50
C TRP W 79 7.20 -26.79 20.83
N MET W 80 6.72 -28.02 20.96
CA MET W 80 6.09 -28.44 22.21
C MET W 80 7.10 -28.57 23.34
N ALA W 81 8.33 -29.00 23.03
CA ALA W 81 9.37 -29.02 24.05
C ALA W 81 9.67 -27.61 24.55
N GLN W 82 9.71 -26.63 23.66
CA GLN W 82 9.91 -25.24 24.10
C GLN W 82 8.73 -24.75 24.92
N ARG W 83 7.51 -25.10 24.53
CA ARG W 83 6.34 -24.65 25.28
C ARG W 83 6.29 -25.27 26.66
N ALA W 84 6.86 -26.47 26.83
CA ALA W 84 6.88 -27.08 28.15
C ALA W 84 7.81 -26.34 29.10
N GLY W 85 8.89 -25.77 28.58
CA GLY W 85 9.81 -25.03 29.41
C GLY W 85 11.25 -25.48 29.25
N ARG W 86 11.46 -26.44 28.35
CA ARG W 86 12.80 -26.93 28.08
C ARG W 86 13.43 -26.16 26.93
N LEU W 87 14.49 -25.41 27.23
CA LEU W 87 15.05 -24.44 26.31
C LEU W 87 16.52 -24.76 26.06
N VAL W 88 16.82 -25.38 24.91
CA VAL W 88 18.18 -25.72 24.52
C VAL W 88 18.39 -25.31 23.07
N GLY W 89 19.58 -25.60 22.55
CA GLY W 89 20.07 -25.00 21.32
C GLY W 89 19.65 -25.58 19.99
N PHE W 90 19.91 -26.86 19.74
CA PHE W 90 19.59 -27.50 18.45
C PHE W 90 20.24 -26.79 17.27
N PRO W 91 21.46 -27.19 16.90
CA PRO W 91 22.16 -26.59 15.77
C PRO W 91 21.43 -26.74 14.44
N PHE W 92 21.65 -25.79 13.54
CA PHE W 92 21.21 -25.87 12.15
C PHE W 92 22.37 -25.53 11.23
N ASP W 93 22.45 -26.21 10.09
CA ASP W 93 23.57 -26.07 9.19
C ASP W 93 23.09 -26.42 7.78
N PHE W 94 23.54 -25.66 6.78
CA PHE W 94 23.31 -26.04 5.40
C PHE W 94 24.38 -25.44 4.51
N ILE W 95 24.65 -26.12 3.40
CA ILE W 95 25.77 -25.79 2.53
C ILE W 95 25.44 -26.27 1.13
N ASP W 96 26.14 -25.71 0.14
CA ASP W 96 26.06 -26.14 -1.24
C ASP W 96 27.41 -26.73 -1.65
N SER W 97 27.41 -27.96 -2.15
CA SER W 97 28.66 -28.62 -2.48
C SER W 97 29.29 -28.08 -3.76
N ALA W 98 28.52 -27.40 -4.59
CA ALA W 98 29.06 -26.87 -5.83
C ALA W 98 29.97 -25.67 -5.60
N SER W 99 29.69 -24.87 -4.57
CA SER W 99 30.46 -23.65 -4.36
C SER W 99 30.97 -23.50 -2.93
N ASN W 100 30.56 -24.37 -2.00
CA ASN W 100 30.92 -24.26 -0.58
C ASN W 100 30.36 -23.00 0.05
N GLU W 101 29.18 -22.57 -0.40
CA GLU W 101 28.49 -21.43 0.20
C GLU W 101 27.42 -21.93 1.16
N GLY W 102 27.30 -21.27 2.29
CA GLY W 102 26.37 -21.67 3.32
C GLY W 102 26.71 -21.00 4.64
N GLY W 103 26.43 -21.71 5.72
CA GLY W 103 26.71 -21.18 7.04
C GLY W 103 26.25 -22.15 8.10
N THR W 104 26.63 -21.86 9.34
CA THR W 104 26.30 -22.74 10.45
C THR W 104 25.89 -21.89 11.65
N GLY W 105 25.09 -22.50 12.52
CA GLY W 105 24.78 -21.90 13.80
C GLY W 105 24.53 -22.99 14.83
N ALA W 106 25.26 -22.89 15.93
CA ALA W 106 25.30 -23.96 16.93
C ALA W 106 24.11 -23.96 17.87
N GLU W 107 23.31 -22.89 17.91
CA GLU W 107 22.16 -22.80 18.83
C GLU W 107 21.05 -22.00 18.18
N PHE W 108 19.98 -22.68 17.76
CA PHE W 108 18.82 -22.03 17.18
C PHE W 108 17.61 -22.15 18.12
N PHE W 109 16.55 -21.43 17.81
CA PHE W 109 15.31 -21.49 18.57
C PHE W 109 14.15 -21.27 17.62
N ILE W 110 12.99 -21.86 17.93
CA ILE W 110 11.78 -21.61 17.16
C ILE W 110 11.31 -20.19 17.41
N GLN W 111 11.01 -19.45 16.35
CA GLN W 111 10.51 -18.09 16.49
C GLN W 111 9.07 -17.91 16.01
N LYS W 112 8.70 -18.50 14.87
CA LYS W 112 7.33 -18.46 14.38
C LYS W 112 6.87 -19.87 14.02
N ALA W 113 5.59 -20.12 14.23
CA ALA W 113 4.96 -21.40 13.93
C ALA W 113 4.00 -21.22 12.77
N PRO W 114 3.80 -22.25 11.97
CA PRO W 114 2.99 -22.10 10.76
C PRO W 114 1.50 -22.06 11.06
N ASP W 115 0.73 -21.82 10.00
CA ASP W 115 -0.72 -21.85 10.05
C ASP W 115 -1.22 -23.14 9.41
N ASP W 116 -2.17 -23.80 10.07
CA ASP W 116 -2.72 -25.06 9.57
C ASP W 116 -3.96 -24.76 8.75
N SER W 117 -3.78 -24.70 7.44
CA SER W 117 -4.88 -24.48 6.49
C SER W 117 -5.24 -25.79 5.81
N LYS W 118 -6.52 -26.11 5.78
CA LYS W 118 -6.92 -27.36 5.13
C LYS W 118 -7.34 -27.16 3.67
N GLY W 119 -8.44 -26.45 3.44
CA GLY W 119 -8.88 -26.13 2.09
C GLY W 119 -8.95 -27.26 1.08
N ASN W 120 -8.96 -26.91 -0.20
CA ASN W 120 -9.18 -27.83 -1.30
C ASN W 120 -7.89 -28.42 -1.88
N ASN W 121 -6.82 -27.64 -1.96
CA ASN W 121 -5.50 -28.17 -2.31
C ASN W 121 -4.56 -27.99 -1.12
N ALA W 122 -3.45 -28.72 -1.10
CA ALA W 122 -2.49 -28.62 -0.02
C ALA W 122 -1.63 -27.37 -0.17
N VAL W 123 -1.19 -26.81 0.96
CA VAL W 123 -0.52 -25.52 0.98
C VAL W 123 0.71 -25.58 1.89
N VAL W 124 1.42 -24.45 1.96
CA VAL W 124 2.72 -24.38 2.61
C VAL W 124 2.59 -24.43 4.13
N ARG W 125 3.65 -24.89 4.79
CA ARG W 125 3.85 -24.74 6.23
C ARG W 125 5.19 -24.07 6.45
N GLU W 126 5.18 -22.83 6.94
CA GLU W 126 6.40 -22.03 7.07
C GLU W 126 6.84 -21.93 8.51
N TRP W 127 8.07 -22.34 8.79
CA TRP W 127 8.68 -22.24 10.10
C TRP W 127 9.77 -21.18 10.06
N THR W 128 10.05 -20.57 11.21
CA THR W 128 11.09 -19.56 11.35
C THR W 128 11.92 -19.92 12.58
N ILE W 129 13.24 -19.87 12.44
CA ILE W 129 14.16 -20.12 13.54
C ILE W 129 15.17 -19.00 13.62
N VAL W 130 15.71 -18.75 14.80
CA VAL W 130 16.57 -17.59 15.06
C VAL W 130 17.78 -18.03 15.86
N THR W 131 18.93 -17.44 15.57
CA THR W 131 20.15 -17.66 16.33
C THR W 131 20.78 -16.33 16.71
N GLY W 132 21.62 -16.36 17.72
CA GLY W 132 22.37 -15.19 18.14
C GLY W 132 23.74 -15.10 17.51
N GLU W 133 24.19 -16.18 16.86
CA GLU W 133 25.50 -16.23 16.24
C GLU W 133 25.44 -17.07 14.98
N TRP W 134 25.65 -16.41 13.84
CA TRP W 134 25.65 -17.06 12.54
C TRP W 134 26.95 -16.72 11.83
N THR W 135 27.71 -17.72 11.45
CA THR W 135 28.96 -17.49 10.73
C THR W 135 28.85 -18.04 9.32
N PRO W 136 28.85 -17.21 8.29
CA PRO W 136 28.88 -17.74 6.92
C PRO W 136 30.18 -18.42 6.61
N THR W 137 30.10 -19.44 5.76
CA THR W 137 31.28 -20.13 5.28
C THR W 137 31.75 -19.45 4.00
N ILE W 138 33.06 -19.49 3.77
CA ILE W 138 33.64 -18.81 2.60
C ILE W 138 33.50 -19.72 1.38
N PRO W 139 32.90 -19.25 0.29
CA PRO W 139 32.85 -20.08 -0.91
C PRO W 139 34.21 -20.17 -1.59
N THR W 140 34.93 -21.26 -1.36
CA THR W 140 36.29 -21.36 -1.86
C THR W 140 36.33 -21.83 -3.30
N LEU W 141 35.22 -22.35 -3.81
CA LEU W 141 35.09 -22.73 -5.20
C LEU W 141 34.44 -21.64 -6.04
N LEU W 142 34.33 -20.43 -5.51
CA LEU W 142 33.70 -19.29 -6.16
C LEU W 142 32.24 -19.58 -6.52
N MET X 1 -0.64 -49.52 6.39
CA MET X 1 -1.15 -48.19 6.68
C MET X 1 -0.58 -47.16 5.70
N ALA X 2 -1.00 -47.27 4.44
CA ALA X 2 -0.48 -46.42 3.39
C ALA X 2 -0.80 -44.96 3.66
N MET X 3 0.16 -44.09 3.35
CA MET X 3 -0.02 -42.66 3.52
C MET X 3 -1.01 -42.16 2.48
N LYS X 4 -2.23 -41.81 2.91
CA LYS X 4 -3.20 -41.32 1.96
C LYS X 4 -2.83 -39.92 1.47
N ALA X 5 -2.95 -39.73 0.16
CA ALA X 5 -2.86 -38.40 -0.41
C ALA X 5 -3.91 -37.50 0.23
N TYR X 6 -3.73 -36.20 0.08
CA TYR X 6 -4.66 -35.27 0.71
C TYR X 6 -6.02 -35.31 0.03
N SER X 7 -7.06 -35.08 0.83
CA SER X 7 -8.42 -34.99 0.31
C SER X 7 -9.31 -34.39 1.41
N MET X 8 -10.17 -33.47 1.01
CA MET X 8 -11.12 -32.90 1.95
C MET X 8 -12.21 -33.89 2.36
N LEU X 9 -12.32 -35.02 1.66
CA LEU X 9 -13.23 -36.08 2.06
C LEU X 9 -12.77 -36.79 3.32
N ASN X 10 -11.52 -36.61 3.73
CA ASN X 10 -10.97 -37.28 4.90
C ASN X 10 -10.59 -36.33 6.01
N VAL X 11 -10.99 -35.07 5.93
CA VAL X 11 -10.83 -34.11 7.01
C VAL X 11 -12.17 -33.97 7.71
N THR X 12 -12.15 -34.03 9.04
CA THR X 12 -13.37 -33.90 9.84
C THR X 12 -13.18 -32.79 10.86
N ALA X 13 -14.19 -31.92 10.96
CA ALA X 13 -14.20 -30.81 11.89
C ALA X 13 -15.49 -30.86 12.72
N THR X 14 -15.34 -30.74 14.03
CA THR X 14 -16.46 -30.88 14.96
C THR X 14 -16.58 -29.61 15.78
N LEU X 15 -17.74 -28.96 15.70
CA LEU X 15 -17.99 -27.71 16.41
C LEU X 15 -19.14 -27.94 17.37
N ASP X 16 -18.85 -27.94 18.66
CA ASP X 16 -19.84 -28.13 19.71
C ASP X 16 -20.55 -29.48 19.57
N GLY X 17 -19.85 -30.46 19.02
CA GLY X 17 -20.38 -31.80 18.88
C GLY X 17 -20.92 -32.13 17.49
N ARG X 18 -21.25 -31.13 16.71
CA ARG X 18 -21.78 -31.36 15.37
C ARG X 18 -20.70 -31.13 14.32
N ARG X 19 -20.91 -31.72 13.14
CA ARG X 19 -19.96 -31.58 12.05
C ARG X 19 -20.10 -30.22 11.36
N VAL X 20 -19.03 -29.79 10.72
CA VAL X 20 -19.00 -28.61 9.87
C VAL X 20 -19.18 -29.06 8.43
N ILE X 21 -20.17 -28.50 7.74
CA ILE X 21 -20.58 -29.09 6.46
C ILE X 21 -20.40 -28.16 5.27
N GLY X 22 -21.16 -27.07 5.19
CA GLY X 22 -21.12 -26.32 3.96
C GLY X 22 -20.03 -25.28 3.89
N LEU X 23 -18.90 -25.64 3.29
CA LEU X 23 -17.71 -24.81 3.26
C LEU X 23 -17.58 -24.14 1.89
N MET X 24 -16.99 -22.95 1.85
CA MET X 24 -16.78 -22.25 0.60
C MET X 24 -15.67 -22.92 -0.21
N ASP X 25 -15.50 -22.43 -1.44
CA ASP X 25 -14.46 -22.94 -2.31
C ASP X 25 -13.14 -22.22 -2.03
N GLY X 26 -12.05 -22.97 -2.14
CA GLY X 26 -10.72 -22.41 -2.00
C GLY X 26 -9.81 -23.31 -1.18
N ASP X 27 -8.53 -22.96 -1.16
CA ASP X 27 -7.52 -23.71 -0.42
C ASP X 27 -7.45 -23.33 1.05
N ASP X 28 -8.27 -22.37 1.49
CA ASP X 28 -8.23 -21.88 2.86
C ASP X 28 -9.67 -21.82 3.35
N ALA X 29 -10.21 -22.96 3.80
CA ALA X 29 -11.57 -23.02 4.31
C ALA X 29 -11.65 -23.11 5.81
N ILE X 30 -10.69 -23.77 6.45
CA ILE X 30 -10.49 -23.72 7.90
C ILE X 30 -9.02 -23.46 8.13
N THR X 31 -8.68 -22.34 8.74
CA THR X 31 -7.30 -22.01 9.02
C THR X 31 -7.15 -21.58 10.47
N THR X 32 -6.17 -22.16 11.16
CA THR X 32 -5.86 -21.83 12.54
C THR X 32 -4.50 -21.17 12.62
N SER X 33 -4.42 -20.06 13.36
CA SER X 33 -3.14 -19.38 13.49
C SER X 33 -2.85 -19.08 14.96
N PRO X 34 -1.62 -19.27 15.39
CA PRO X 34 -1.26 -18.93 16.78
C PRO X 34 -1.36 -17.44 17.05
N GLY X 35 -1.66 -17.12 18.30
CA GLY X 35 -1.89 -15.75 18.71
C GLY X 35 -0.71 -14.82 18.66
N VAL X 36 0.48 -15.31 18.97
CA VAL X 36 1.69 -14.49 19.09
C VAL X 36 2.87 -15.25 18.51
N ASP X 37 4.04 -14.59 18.51
CA ASP X 37 5.29 -15.26 18.20
C ASP X 37 5.73 -16.13 19.36
N VAL X 38 6.44 -17.21 19.04
CA VAL X 38 6.88 -18.16 20.06
C VAL X 38 7.93 -17.52 20.97
N GLY X 39 8.80 -16.70 20.42
CA GLY X 39 9.85 -16.10 21.22
C GLY X 39 10.47 -14.88 20.55
N THR X 40 11.50 -14.36 21.21
CA THR X 40 12.14 -13.10 20.82
C THR X 40 13.62 -13.17 21.17
N MET X 41 14.48 -12.80 20.23
CA MET X 41 15.91 -12.72 20.45
C MET X 41 16.29 -11.26 20.76
N LEU X 42 17.09 -11.08 21.81
CA LEU X 42 17.53 -9.76 22.26
C LEU X 42 19.05 -9.71 22.22
N VAL X 43 19.60 -8.88 21.33
CA VAL X 43 21.04 -8.77 21.13
C VAL X 43 21.50 -7.42 21.66
N GLY X 44 22.57 -7.44 22.46
CA GLY X 44 23.05 -6.23 23.11
C GLY X 44 24.11 -5.50 22.31
N ALA X 45 24.56 -4.39 22.87
CA ALA X 45 25.54 -3.53 22.20
C ALA X 45 26.91 -4.17 22.08
N ASP X 46 27.14 -5.29 22.77
CA ASP X 46 28.44 -5.94 22.77
C ASP X 46 28.48 -7.21 21.93
N GLY X 47 27.34 -7.70 21.47
CA GLY X 47 27.27 -8.93 20.69
C GLY X 47 26.69 -10.11 21.43
N SER X 48 26.50 -10.03 22.74
CA SER X 48 25.85 -11.08 23.50
C SER X 48 24.35 -11.07 23.24
N TRP X 49 23.68 -12.17 23.58
CA TRP X 49 22.29 -12.35 23.22
C TRP X 49 21.52 -13.05 24.32
N LEU X 50 20.20 -12.93 24.25
CA LEU X 50 19.30 -13.60 25.19
C LEU X 50 17.98 -13.87 24.49
N PHE X 51 17.51 -15.11 24.61
CA PHE X 51 16.21 -15.52 24.06
C PHE X 51 15.17 -15.51 25.17
N SER X 52 13.92 -15.23 24.82
CA SER X 52 12.82 -15.27 25.77
C SER X 52 11.62 -15.94 25.13
N GLN X 53 11.02 -16.87 25.86
CA GLN X 53 9.91 -17.69 25.37
C GLN X 53 8.62 -17.30 26.08
N THR X 54 7.53 -17.26 25.34
CA THR X 54 6.25 -16.84 25.91
C THR X 54 5.48 -18.02 26.49
N ALA X 55 4.58 -17.72 27.41
CA ALA X 55 3.70 -18.70 28.03
C ALA X 55 2.30 -18.67 27.45
N ASP X 56 2.06 -17.87 26.42
CA ASP X 56 0.74 -17.69 25.83
C ASP X 56 0.54 -18.76 24.76
N LYS X 57 -0.43 -19.65 24.98
CA LYS X 57 -0.77 -20.66 23.99
C LYS X 57 -2.23 -20.50 23.55
N SER X 58 -2.46 -19.56 22.66
CA SER X 58 -3.80 -19.22 22.20
C SER X 58 -3.83 -19.15 20.68
N ALA X 59 -5.02 -19.27 20.11
CA ALA X 59 -5.17 -19.28 18.67
C ALA X 59 -6.56 -18.81 18.28
N THR X 60 -6.68 -18.41 17.00
CA THR X 60 -7.97 -18.16 16.37
C THR X 60 -8.12 -19.12 15.20
N VAL X 61 -9.36 -19.42 14.83
CA VAL X 61 -9.64 -20.15 13.60
C VAL X 61 -10.69 -19.38 12.81
N VAL X 62 -10.54 -19.37 11.50
CA VAL X 62 -11.46 -18.70 10.60
C VAL X 62 -12.17 -19.76 9.76
N ILE X 63 -13.49 -19.71 9.72
CA ILE X 63 -14.31 -20.67 9.00
C ILE X 63 -15.09 -19.93 7.92
N LYS X 64 -14.92 -20.33 6.67
CA LYS X 64 -15.61 -19.72 5.55
C LYS X 64 -16.71 -20.65 5.08
N LEU X 65 -17.94 -20.14 5.03
CA LEU X 65 -19.12 -20.94 4.78
C LEU X 65 -19.92 -20.35 3.63
N LYS X 66 -20.80 -21.18 3.07
CA LYS X 66 -21.77 -20.70 2.10
C LYS X 66 -22.99 -20.12 2.79
N PRO X 67 -23.74 -19.27 2.10
CA PRO X 67 -24.97 -18.73 2.71
C PRO X 67 -26.04 -19.77 2.98
N ASN X 68 -25.92 -21.00 2.48
CA ASN X 68 -26.88 -22.07 2.76
C ASN X 68 -26.16 -23.23 3.43
N SER X 69 -25.91 -23.13 4.73
CA SER X 69 -25.27 -24.24 5.40
C SER X 69 -25.77 -24.28 6.84
N PRO X 70 -26.03 -25.47 7.38
CA PRO X 70 -26.53 -25.56 8.76
C PRO X 70 -25.56 -25.01 9.79
N THR X 71 -24.26 -25.03 9.50
CA THR X 71 -23.29 -24.47 10.44
C THR X 71 -23.44 -22.96 10.57
N HIS X 72 -23.89 -22.28 9.50
CA HIS X 72 -24.20 -20.87 9.60
C HIS X 72 -25.34 -20.61 10.58
N ARG X 73 -26.37 -21.46 10.55
CA ARG X 73 -27.46 -21.35 11.51
C ARG X 73 -26.99 -21.62 12.93
N GLN X 74 -26.15 -22.64 13.11
CA GLN X 74 -25.64 -22.95 14.44
C GLN X 74 -24.81 -21.79 15.00
N LEU X 75 -23.96 -21.20 14.16
CA LEU X 75 -23.11 -20.11 14.62
C LEU X 75 -23.91 -18.85 14.88
N THR X 76 -24.96 -18.59 14.10
CA THR X 76 -25.78 -17.42 14.37
C THR X 76 -26.64 -17.60 15.61
N GLU X 77 -26.98 -18.83 15.99
CA GLU X 77 -27.62 -19.03 17.28
C GLU X 77 -26.65 -18.83 18.43
N LYS X 78 -25.41 -19.31 18.28
CA LYS X 78 -24.41 -19.11 19.31
C LYS X 78 -24.10 -17.62 19.52
N TRP X 79 -24.10 -16.85 18.44
CA TRP X 79 -23.86 -15.42 18.52
C TRP X 79 -24.96 -14.73 19.33
N MET X 80 -26.21 -15.11 19.11
CA MET X 80 -27.31 -14.50 19.85
C MET X 80 -27.30 -14.94 21.31
N ALA X 81 -26.90 -16.18 21.59
CA ALA X 81 -26.75 -16.59 22.98
C ALA X 81 -25.68 -15.77 23.69
N GLN X 82 -24.56 -15.49 23.02
CA GLN X 82 -23.54 -14.63 23.62
C GLN X 82 -24.05 -13.20 23.82
N ARG X 83 -24.82 -12.69 22.85
CA ARG X 83 -25.33 -11.32 22.98
C ARG X 83 -26.34 -11.22 24.12
N ALA X 84 -27.04 -12.31 24.43
CA ALA X 84 -27.99 -12.28 25.54
C ALA X 84 -27.27 -12.16 26.88
N GLY X 85 -26.08 -12.74 26.99
CA GLY X 85 -25.34 -12.66 28.23
C GLY X 85 -24.90 -14.02 28.72
N ARG X 86 -25.21 -15.07 27.97
CA ARG X 86 -24.81 -16.42 28.34
C ARG X 86 -23.48 -16.76 27.70
N LEU X 87 -22.46 -16.96 28.54
CA LEU X 87 -21.08 -17.07 28.09
C LEU X 87 -20.49 -18.39 28.54
N VAL X 88 -20.40 -19.36 27.64
CA VAL X 88 -19.83 -20.67 27.91
C VAL X 88 -18.88 -21.04 26.79
N GLY X 89 -18.32 -22.25 26.87
CA GLY X 89 -17.16 -22.63 26.10
C GLY X 89 -17.35 -23.13 24.68
N PHE X 90 -18.11 -24.20 24.47
CA PHE X 90 -18.32 -24.78 23.15
C PHE X 90 -17.00 -25.19 22.48
N PRO X 91 -16.57 -26.43 22.71
CA PRO X 91 -15.32 -26.93 22.10
C PRO X 91 -15.34 -26.94 20.58
N PHE X 92 -14.15 -26.81 19.98
CA PHE X 92 -13.94 -27.01 18.55
C PHE X 92 -12.75 -27.92 18.35
N ASP X 93 -12.84 -28.77 17.32
CA ASP X 93 -11.84 -29.79 17.08
C ASP X 93 -11.84 -30.13 15.61
N PHE X 94 -10.66 -30.30 15.01
CA PHE X 94 -10.58 -30.83 13.66
C PHE X 94 -9.24 -31.51 13.44
N ILE X 95 -9.24 -32.49 12.54
CA ILE X 95 -8.09 -33.37 12.36
C ILE X 95 -8.13 -33.90 10.93
N ASP X 96 -6.98 -34.38 10.46
CA ASP X 96 -6.85 -35.04 9.18
C ASP X 96 -6.48 -36.50 9.42
N SER X 97 -7.27 -37.42 8.88
CA SER X 97 -7.02 -38.84 9.12
C SER X 97 -5.81 -39.37 8.37
N ALA X 98 -5.37 -38.67 7.31
CA ALA X 98 -4.24 -39.14 6.55
C ALA X 98 -2.93 -38.96 7.29
N SER X 99 -2.81 -37.93 8.13
CA SER X 99 -1.54 -37.66 8.78
C SER X 99 -1.67 -37.46 10.29
N ASN X 100 -2.89 -37.40 10.83
CA ASN X 100 -3.15 -37.12 12.24
C ASN X 100 -2.67 -35.73 12.65
N GLU X 101 -2.78 -34.77 11.72
CA GLU X 101 -2.46 -33.38 12.01
C GLU X 101 -3.74 -32.61 12.28
N GLY X 102 -3.69 -31.75 13.29
CA GLY X 102 -4.86 -30.98 13.70
C GLY X 102 -4.63 -30.38 15.06
N GLY X 103 -5.72 -30.25 15.81
CA GLY X 103 -5.64 -29.71 17.15
C GLY X 103 -7.01 -29.62 17.76
N THR X 104 -7.03 -29.31 19.06
CA THR X 104 -8.28 -29.25 19.79
C THR X 104 -8.27 -28.04 20.72
N GLY X 105 -9.46 -27.57 21.05
CA GLY X 105 -9.62 -26.54 22.05
C GLY X 105 -10.96 -26.70 22.74
N ALA X 106 -10.92 -26.80 24.06
CA ALA X 106 -12.08 -27.15 24.85
C ALA X 106 -13.03 -26.00 25.11
N GLU X 107 -12.63 -24.75 24.87
CA GLU X 107 -13.47 -23.58 25.12
C GLU X 107 -13.17 -22.51 24.08
N PHE X 108 -14.10 -22.30 23.15
CA PHE X 108 -13.99 -21.26 22.14
C PHE X 108 -15.04 -20.18 22.37
N PHE X 109 -14.90 -19.07 21.64
CA PHE X 109 -15.86 -17.97 21.71
C PHE X 109 -15.94 -17.31 20.35
N ILE X 110 -17.10 -16.76 20.01
CA ILE X 110 -17.25 -16.00 18.78
C ILE X 110 -16.48 -14.70 18.90
N GLN X 111 -15.67 -14.37 17.89
CA GLN X 111 -14.92 -13.13 17.88
C GLN X 111 -15.34 -12.15 16.80
N LYS X 112 -15.58 -12.62 15.57
CA LYS X 112 -16.06 -11.79 14.49
C LYS X 112 -17.27 -12.45 13.84
N ALA X 113 -18.20 -11.62 13.38
CA ALA X 113 -19.41 -12.06 12.71
C ALA X 113 -19.34 -11.65 11.25
N PRO X 114 -19.96 -12.41 10.36
CA PRO X 114 -19.82 -12.14 8.93
C PRO X 114 -20.67 -10.95 8.48
N ASP X 115 -20.49 -10.61 7.22
CA ASP X 115 -21.28 -9.58 6.55
C ASP X 115 -22.31 -10.23 5.65
N ASP X 116 -23.55 -9.75 5.71
CA ASP X 116 -24.64 -10.29 4.90
C ASP X 116 -24.74 -9.50 3.61
N SER X 117 -24.13 -10.03 2.55
CA SER X 117 -24.18 -9.41 1.23
C SER X 117 -25.14 -10.20 0.34
N LYS X 118 -26.03 -9.49 -0.34
CA LYS X 118 -26.97 -10.19 -1.20
C LYS X 118 -26.51 -10.24 -2.65
N GLY X 119 -26.44 -9.11 -3.32
CA GLY X 119 -25.92 -9.03 -4.68
C GLY X 119 -26.49 -10.02 -5.70
N ASN X 120 -25.75 -10.21 -6.79
CA ASN X 120 -26.19 -10.99 -7.94
C ASN X 120 -25.77 -12.46 -7.88
N ASN X 121 -24.59 -12.78 -7.36
CA ASN X 121 -24.20 -14.15 -7.08
C ASN X 121 -24.01 -14.32 -5.58
N ALA X 122 -24.02 -15.56 -5.10
CA ALA X 122 -23.84 -15.83 -3.68
C ALA X 122 -22.36 -15.72 -3.30
N VAL X 123 -22.12 -15.31 -2.05
CA VAL X 123 -20.78 -14.98 -1.59
C VAL X 123 -20.52 -15.59 -0.21
N VAL X 124 -19.30 -15.38 0.30
CA VAL X 124 -18.81 -16.05 1.49
C VAL X 124 -19.47 -15.48 2.76
N ARG X 125 -19.52 -16.30 3.79
CA ARG X 125 -19.82 -15.88 5.16
C ARG X 125 -18.68 -16.35 6.06
N GLU X 126 -17.90 -15.42 6.59
CA GLU X 126 -16.70 -15.74 7.35
C GLU X 126 -16.92 -15.52 8.84
N TRP X 127 -16.71 -16.56 9.62
CA TRP X 127 -16.78 -16.51 11.07
C TRP X 127 -15.38 -16.64 11.66
N THR X 128 -15.19 -16.07 12.83
CA THR X 128 -13.91 -16.14 13.56
C THR X 128 -14.20 -16.55 15.00
N ILE X 129 -13.44 -17.51 15.51
CA ILE X 129 -13.58 -17.95 16.90
C ILE X 129 -12.21 -17.96 17.54
N VAL X 130 -12.16 -17.79 18.86
CA VAL X 130 -10.92 -17.61 19.59
C VAL X 130 -10.93 -18.49 20.84
N THR X 131 -9.77 -19.03 21.19
CA THR X 131 -9.58 -19.79 22.42
C THR X 131 -8.37 -19.28 23.17
N GLY X 132 -8.32 -19.57 24.47
CA GLY X 132 -7.18 -19.23 25.28
C GLY X 132 -6.18 -20.37 25.40
N GLU X 133 -6.55 -21.56 24.96
CA GLU X 133 -5.71 -22.74 25.03
C GLU X 133 -5.94 -23.63 23.83
N TRP X 134 -4.91 -23.75 23.00
CA TRP X 134 -4.95 -24.58 21.81
C TRP X 134 -3.76 -25.53 21.84
N THR X 135 -4.01 -26.83 21.78
CA THR X 135 -2.93 -27.80 21.78
C THR X 135 -2.92 -28.53 20.45
N PRO X 136 -1.89 -28.36 19.62
CA PRO X 136 -1.80 -29.14 18.39
C PRO X 136 -1.55 -30.61 18.69
N THR X 137 -2.07 -31.45 17.82
CA THR X 137 -1.84 -32.89 17.90
C THR X 137 -0.61 -33.24 17.06
N ILE X 138 0.12 -34.25 17.49
CA ILE X 138 1.35 -34.63 16.81
C ILE X 138 1.01 -35.49 15.59
N PRO X 139 1.47 -35.14 14.40
CA PRO X 139 1.23 -36.02 13.25
C PRO X 139 2.10 -37.26 13.31
N THR X 140 1.53 -38.37 13.76
CA THR X 140 2.34 -39.57 13.96
C THR X 140 2.50 -40.37 12.69
N LEU X 141 1.71 -40.06 11.66
CA LEU X 141 1.86 -40.67 10.35
C LEU X 141 2.67 -39.80 9.39
N LEU X 142 3.37 -38.81 9.92
CA LEU X 142 4.16 -37.86 9.14
C LEU X 142 3.32 -37.12 8.12
N MET Y 1 -40.95 -28.16 0.80
CA MET Y 1 -40.29 -26.86 0.93
C MET Y 1 -38.85 -26.94 0.44
N ALA Y 2 -38.70 -27.12 -0.86
CA ALA Y 2 -37.38 -27.29 -1.47
C ALA Y 2 -36.52 -26.05 -1.25
N MET Y 3 -35.23 -26.29 -0.99
CA MET Y 3 -34.28 -25.21 -0.79
C MET Y 3 -34.03 -24.54 -2.13
N LYS Y 4 -34.54 -23.33 -2.31
CA LYS Y 4 -34.33 -22.62 -3.57
C LYS Y 4 -32.87 -22.17 -3.68
N ALA Y 5 -32.32 -22.39 -4.87
CA ALA Y 5 -31.03 -21.81 -5.20
C ALA Y 5 -31.11 -20.29 -5.06
N TYR Y 6 -29.95 -19.65 -5.00
CA TYR Y 6 -29.95 -18.21 -4.80
C TYR Y 6 -30.44 -17.49 -6.06
N SER Y 7 -31.09 -16.36 -5.85
CA SER Y 7 -31.55 -15.50 -6.93
C SER Y 7 -31.93 -14.15 -6.35
N MET Y 8 -31.53 -13.08 -7.03
CA MET Y 8 -31.93 -11.74 -6.61
C MET Y 8 -33.40 -11.46 -6.87
N LEU Y 9 -34.08 -12.32 -7.63
CA LEU Y 9 -35.52 -12.21 -7.81
C LEU Y 9 -36.29 -12.57 -6.56
N ASN Y 10 -35.64 -13.21 -5.59
CA ASN Y 10 -36.31 -13.65 -4.36
C ASN Y 10 -35.78 -12.95 -3.12
N VAL Y 11 -34.98 -11.91 -3.27
CA VAL Y 11 -34.54 -11.07 -2.16
C VAL Y 11 -35.39 -9.81 -2.18
N THR Y 12 -35.91 -9.43 -1.02
CA THR Y 12 -36.74 -8.23 -0.89
C THR Y 12 -36.15 -7.32 0.19
N ALA Y 13 -36.03 -6.03 -0.13
CA ALA Y 13 -35.53 -5.02 0.79
C ALA Y 13 -36.53 -3.89 0.88
N THR Y 14 -36.84 -3.48 2.10
CA THR Y 14 -37.87 -2.49 2.37
C THR Y 14 -37.25 -1.33 3.13
N LEU Y 15 -37.32 -0.13 2.57
CA LEU Y 15 -36.74 1.06 3.19
C LEU Y 15 -37.86 2.05 3.44
N ASP Y 16 -38.19 2.25 4.71
CA ASP Y 16 -39.23 3.18 5.14
C ASP Y 16 -40.59 2.79 4.55
N GLY Y 17 -40.78 1.49 4.34
CA GLY Y 17 -42.04 1.00 3.82
C GLY Y 17 -42.08 0.71 2.34
N ARG Y 18 -41.18 1.32 1.58
CA ARG Y 18 -41.14 1.12 0.13
C ARG Y 18 -40.02 0.15 -0.25
N ARG Y 19 -40.16 -0.44 -1.42
CA ARG Y 19 -39.16 -1.38 -1.91
C ARG Y 19 -37.94 -0.66 -2.46
N VAL Y 20 -36.82 -1.36 -2.47
CA VAL Y 20 -35.58 -0.90 -3.08
C VAL Y 20 -35.49 -1.52 -4.47
N ILE Y 21 -35.33 -0.71 -5.50
CA ILE Y 21 -35.53 -1.20 -6.86
C ILE Y 21 -34.28 -1.12 -7.73
N GLY Y 22 -33.81 0.07 -8.07
CA GLY Y 22 -32.75 0.11 -9.07
C GLY Y 22 -31.35 -0.03 -8.51
N LEU Y 23 -30.83 -1.24 -8.52
CA LEU Y 23 -29.56 -1.58 -7.91
C LEU Y 23 -28.49 -1.70 -8.98
N MET Y 24 -27.25 -1.37 -8.62
CA MET Y 24 -26.14 -1.50 -9.55
C MET Y 24 -25.79 -2.96 -9.79
N ASP Y 25 -24.88 -3.17 -10.73
CA ASP Y 25 -24.40 -4.50 -11.04
C ASP Y 25 -23.26 -4.91 -10.10
N GLY Y 26 -23.24 -6.18 -9.74
CA GLY Y 26 -22.16 -6.73 -8.93
C GLY Y 26 -22.68 -7.67 -7.86
N ASP Y 27 -21.75 -8.34 -7.19
CA ASP Y 27 -22.08 -9.29 -6.13
C ASP Y 27 -22.29 -8.62 -4.78
N ASP Y 28 -22.13 -7.31 -4.71
CA ASP Y 28 -22.24 -6.58 -3.45
C ASP Y 28 -23.11 -5.36 -3.70
N ALA Y 29 -24.43 -5.55 -3.67
CA ALA Y 29 -25.37 -4.46 -3.89
C ALA Y 29 -26.04 -3.97 -2.61
N ILE Y 30 -26.27 -4.86 -1.66
CA ILE Y 30 -26.67 -4.50 -0.30
C ILE Y 30 -25.78 -5.31 0.62
N THR Y 31 -24.96 -4.65 1.42
CA THR Y 31 -24.08 -5.32 2.37
C THR Y 31 -24.21 -4.69 3.75
N THR Y 32 -24.39 -5.52 4.77
CA THR Y 32 -24.49 -5.09 6.15
C THR Y 32 -23.29 -5.60 6.93
N SER Y 33 -22.66 -4.73 7.70
CA SER Y 33 -21.52 -5.16 8.50
C SER Y 33 -21.68 -4.70 9.94
N PRO Y 34 -21.35 -5.55 10.90
CA PRO Y 34 -21.40 -5.14 12.31
C PRO Y 34 -20.40 -4.05 12.62
N GLY Y 35 -20.76 -3.24 13.60
CA GLY Y 35 -19.98 -2.08 13.97
C GLY Y 35 -18.61 -2.35 14.57
N VAL Y 36 -18.48 -3.40 15.38
CA VAL Y 36 -17.27 -3.69 16.13
C VAL Y 36 -17.04 -5.20 16.14
N ASP Y 37 -15.93 -5.61 16.74
CA ASP Y 37 -15.68 -7.01 17.02
C ASP Y 37 -16.54 -7.50 18.17
N VAL Y 38 -16.89 -8.78 18.13
CA VAL Y 38 -17.77 -9.36 19.15
C VAL Y 38 -17.06 -9.41 20.50
N GLY Y 39 -15.77 -9.70 20.51
CA GLY Y 39 -15.06 -9.79 21.76
C GLY Y 39 -13.56 -9.69 21.59
N THR Y 40 -12.85 -9.86 22.70
CA THR Y 40 -11.41 -9.65 22.78
C THR Y 40 -10.81 -10.63 23.79
N MET Y 41 -9.74 -11.31 23.40
CA MET Y 41 -9.01 -12.20 24.30
C MET Y 41 -7.82 -11.47 24.88
N LEU Y 42 -7.64 -11.57 26.20
CA LEU Y 42 -6.55 -10.92 26.92
C LEU Y 42 -5.71 -11.97 27.62
N VAL Y 43 -4.46 -12.13 27.19
CA VAL Y 43 -3.56 -13.13 27.71
C VAL Y 43 -2.47 -12.45 28.51
N GLY Y 44 -2.21 -12.94 29.72
CA GLY Y 44 -1.27 -12.32 30.62
C GLY Y 44 0.14 -12.88 30.48
N ALA Y 45 1.04 -12.31 31.31
CA ALA Y 45 2.44 -12.68 31.26
C ALA Y 45 2.70 -14.10 31.76
N ASP Y 46 1.71 -14.73 32.37
CA ASP Y 46 1.88 -16.07 32.93
C ASP Y 46 1.23 -17.17 32.10
N GLY Y 47 0.42 -16.81 31.11
CA GLY Y 47 -0.28 -17.78 30.29
C GLY Y 47 -1.77 -17.88 30.55
N SER Y 48 -2.28 -17.27 31.61
CA SER Y 48 -3.70 -17.23 31.87
C SER Y 48 -4.38 -16.24 30.93
N TRP Y 49 -5.70 -16.34 30.81
CA TRP Y 49 -6.43 -15.59 29.80
C TRP Y 49 -7.77 -15.13 30.34
N LEU Y 50 -8.35 -14.14 29.65
CA LEU Y 50 -9.66 -13.61 29.98
C LEU Y 50 -10.31 -13.08 28.72
N PHE Y 51 -11.56 -13.49 28.48
CA PHE Y 51 -12.34 -13.01 27.34
C PHE Y 51 -13.28 -11.91 27.81
N SER Y 52 -13.58 -10.96 26.93
CA SER Y 52 -14.53 -9.90 27.24
C SER Y 52 -15.45 -9.68 26.04
N GLN Y 53 -16.74 -9.60 26.30
CA GLN Y 53 -17.77 -9.49 25.27
C GLN Y 53 -18.39 -8.10 25.32
N THR Y 54 -18.67 -7.54 24.15
CA THR Y 54 -19.21 -6.19 24.06
C THR Y 54 -20.73 -6.20 24.10
N ALA Y 55 -21.30 -5.06 24.51
CA ALA Y 55 -22.74 -4.87 24.53
C ALA Y 55 -23.24 -4.04 23.36
N ASP Y 56 -22.36 -3.70 22.41
CA ASP Y 56 -22.69 -2.86 21.27
C ASP Y 56 -23.24 -3.72 20.16
N LYS Y 57 -24.51 -3.52 19.80
CA LYS Y 57 -25.12 -4.24 18.68
C LYS Y 57 -25.59 -3.25 17.62
N SER Y 58 -24.65 -2.77 16.81
CA SER Y 58 -24.93 -1.77 15.79
C SER Y 58 -24.32 -2.20 14.47
N ALA Y 59 -24.82 -1.61 13.38
CA ALA Y 59 -24.38 -1.99 12.05
C ALA Y 59 -24.60 -0.84 11.08
N THR Y 60 -23.90 -0.91 9.95
CA THR Y 60 -24.14 -0.06 8.80
C THR Y 60 -24.54 -0.93 7.63
N VAL Y 61 -25.27 -0.35 6.68
CA VAL Y 61 -25.53 -1.02 5.41
C VAL Y 61 -25.20 -0.04 4.29
N VAL Y 62 -24.63 -0.57 3.21
CA VAL Y 62 -24.26 0.22 2.04
C VAL Y 62 -25.15 -0.23 0.89
N ILE Y 63 -25.78 0.73 0.22
CA ILE Y 63 -26.68 0.47 -0.90
C ILE Y 63 -26.13 1.15 -2.14
N LYS Y 64 -25.89 0.37 -3.18
CA LYS Y 64 -25.36 0.87 -4.45
C LYS Y 64 -26.49 0.92 -5.47
N LEU Y 65 -26.72 2.09 -6.05
CA LEU Y 65 -27.85 2.35 -6.90
C LEU Y 65 -27.40 2.91 -8.24
N LYS Y 66 -28.29 2.83 -9.23
CA LYS Y 66 -28.07 3.49 -10.50
C LYS Y 66 -28.50 4.95 -10.41
N PRO Y 67 -27.99 5.80 -11.31
CA PRO Y 67 -28.43 7.20 -11.32
C PRO Y 67 -29.90 7.40 -11.69
N ASN Y 68 -30.60 6.37 -12.18
CA ASN Y 68 -32.03 6.47 -12.49
C ASN Y 68 -32.80 5.44 -11.67
N SER Y 69 -33.06 5.75 -10.40
CA SER Y 69 -33.83 4.83 -9.61
C SER Y 69 -34.65 5.62 -8.60
N PRO Y 70 -35.89 5.23 -8.36
CA PRO Y 70 -36.72 5.98 -7.39
C PRO Y 70 -36.17 5.97 -5.98
N THR Y 71 -35.41 4.94 -5.61
CA THR Y 71 -34.81 4.91 -4.28
C THR Y 71 -33.77 6.02 -4.11
N HIS Y 72 -33.10 6.41 -5.19
CA HIS Y 72 -32.18 7.54 -5.13
C HIS Y 72 -32.95 8.83 -4.79
N ARG Y 73 -34.12 9.02 -5.39
CA ARG Y 73 -34.95 10.18 -5.07
C ARG Y 73 -35.44 10.13 -3.62
N GLN Y 74 -35.85 8.96 -3.16
CA GLN Y 74 -36.31 8.82 -1.77
C GLN Y 74 -35.19 9.15 -0.79
N LEU Y 75 -33.98 8.64 -1.06
CA LEU Y 75 -32.87 8.88 -0.15
C LEU Y 75 -32.40 10.33 -0.20
N THR Y 76 -32.46 10.97 -1.37
CA THR Y 76 -32.08 12.37 -1.41
C THR Y 76 -33.12 13.27 -0.76
N GLU Y 77 -34.39 12.85 -0.70
CA GLU Y 77 -35.34 13.61 0.11
C GLU Y 77 -35.11 13.42 1.59
N LYS Y 78 -34.78 12.19 2.01
CA LYS Y 78 -34.47 11.95 3.41
C LYS Y 78 -33.24 12.74 3.87
N TRP Y 79 -32.25 12.86 2.99
CA TRP Y 79 -31.05 13.62 3.31
C TRP Y 79 -31.38 15.09 3.56
N MET Y 80 -32.25 15.67 2.72
CA MET Y 80 -32.62 17.06 2.90
C MET Y 80 -33.47 17.26 4.15
N ALA Y 81 -34.33 16.29 4.46
CA ALA Y 81 -35.08 16.37 5.72
C ALA Y 81 -34.14 16.36 6.92
N GLN Y 82 -33.11 15.53 6.89
CA GLN Y 82 -32.13 15.54 7.99
C GLN Y 82 -31.37 16.86 8.04
N ARG Y 83 -31.01 17.41 6.88
CA ARG Y 83 -30.27 18.68 6.86
C ARG Y 83 -31.13 19.83 7.39
N ALA Y 84 -32.45 19.73 7.23
CA ALA Y 84 -33.31 20.79 7.75
C ALA Y 84 -33.34 20.78 9.27
N GLY Y 85 -33.21 19.62 9.88
CA GLY Y 85 -33.23 19.53 11.32
C GLY Y 85 -34.23 18.53 11.85
N ARG Y 86 -34.92 17.86 10.94
CA ARG Y 86 -35.89 16.85 11.34
C ARG Y 86 -35.24 15.48 11.39
N LEU Y 87 -35.16 14.91 12.59
CA LEU Y 87 -34.36 13.72 12.85
C LEU Y 87 -35.25 12.62 13.41
N VAL Y 88 -35.63 11.65 12.57
CA VAL Y 88 -36.45 10.52 12.97
C VAL Y 88 -35.82 9.24 12.41
N GLY Y 89 -36.49 8.12 12.65
CA GLY Y 89 -35.90 6.80 12.49
C GLY Y 89 -35.88 6.17 11.12
N PHE Y 90 -37.03 5.98 10.47
CA PHE Y 90 -37.09 5.32 9.16
C PHE Y 90 -36.49 3.91 9.18
N PRO Y 91 -37.30 2.90 9.47
CA PRO Y 91 -36.82 1.51 9.51
C PRO Y 91 -36.29 1.02 8.16
N PHE Y 92 -35.36 0.08 8.22
CA PHE Y 92 -34.88 -0.65 7.06
C PHE Y 92 -34.89 -2.15 7.37
N ASP Y 93 -35.21 -2.95 6.36
CA ASP Y 93 -35.39 -4.37 6.54
C ASP Y 93 -35.13 -5.07 5.21
N PHE Y 94 -34.44 -6.20 5.25
CA PHE Y 94 -34.30 -7.03 4.05
C PHE Y 94 -34.05 -8.47 4.45
N ILE Y 95 -34.48 -9.38 3.57
CA ILE Y 95 -34.51 -10.81 3.88
C ILE Y 95 -34.41 -11.57 2.58
N ASP Y 96 -34.01 -12.84 2.67
CA ASP Y 96 -34.00 -13.76 1.55
C ASP Y 96 -35.02 -14.86 1.82
N SER Y 97 -35.94 -15.06 0.87
CA SER Y 97 -36.99 -16.05 1.08
C SER Y 97 -36.50 -17.47 0.95
N ALA Y 98 -35.35 -17.69 0.31
CA ALA Y 98 -34.85 -19.04 0.14
C ALA Y 98 -34.30 -19.62 1.43
N SER Y 99 -33.75 -18.78 2.31
CA SER Y 99 -33.12 -19.29 3.53
C SER Y 99 -33.58 -18.59 4.80
N ASN Y 100 -34.36 -17.52 4.68
CA ASN Y 100 -34.79 -16.70 5.82
C ASN Y 100 -33.61 -16.03 6.52
N GLU Y 101 -32.60 -15.66 5.75
CA GLU Y 101 -31.47 -14.91 6.28
C GLU Y 101 -31.63 -13.42 5.98
N GLY Y 102 -31.30 -12.60 6.95
CA GLY Y 102 -31.47 -11.17 6.82
C GLY Y 102 -31.38 -10.51 8.17
N GLY Y 103 -32.12 -9.41 8.31
CA GLY Y 103 -32.14 -8.70 9.57
C GLY Y 103 -33.01 -7.47 9.46
N THR Y 104 -33.25 -6.83 10.60
CA THR Y 104 -34.13 -5.67 10.66
C THR Y 104 -33.52 -4.62 11.58
N GLY Y 105 -33.88 -3.37 11.33
CA GLY Y 105 -33.55 -2.29 12.22
C GLY Y 105 -34.61 -1.22 12.16
N ALA Y 106 -35.14 -0.89 13.34
CA ALA Y 106 -36.32 -0.03 13.44
C ALA Y 106 -36.01 1.46 13.31
N GLU Y 107 -34.74 1.86 13.40
CA GLU Y 107 -34.37 3.27 13.32
C GLU Y 107 -33.01 3.41 12.66
N PHE Y 108 -32.99 3.89 11.41
CA PHE Y 108 -31.76 4.14 10.68
C PHE Y 108 -31.54 5.64 10.47
N PHE Y 109 -30.36 6.00 10.01
CA PHE Y 109 -30.03 7.39 9.71
C PHE Y 109 -29.06 7.41 8.53
N ILE Y 110 -29.11 8.48 7.73
CA ILE Y 110 -28.16 8.66 6.65
C ILE Y 110 -26.80 8.98 7.25
N GLN Y 111 -25.76 8.28 6.77
CA GLN Y 111 -24.40 8.53 7.25
C GLN Y 111 -23.47 9.08 6.18
N LYS Y 112 -23.51 8.56 4.96
CA LYS Y 112 -22.74 9.08 3.85
C LYS Y 112 -23.63 9.30 2.64
N ALA Y 113 -23.30 10.33 1.87
CA ALA Y 113 -24.04 10.69 0.67
C ALA Y 113 -23.14 10.43 -0.54
N PRO Y 114 -23.74 10.10 -1.68
CA PRO Y 114 -22.93 9.71 -2.84
C PRO Y 114 -22.28 10.90 -3.53
N ASP Y 115 -21.46 10.59 -4.51
CA ASP Y 115 -20.83 11.58 -5.38
C ASP Y 115 -21.55 11.60 -6.72
N ASP Y 116 -21.84 12.80 -7.22
CA ASP Y 116 -22.54 12.96 -8.50
C ASP Y 116 -21.49 13.12 -9.60
N SER Y 117 -21.20 12.01 -10.28
CA SER Y 117 -20.27 12.00 -11.40
C SER Y 117 -21.05 11.91 -12.70
N LYS Y 118 -20.73 12.76 -13.67
CA LYS Y 118 -21.44 12.71 -14.94
C LYS Y 118 -20.71 11.88 -15.98
N GLY Y 119 -19.55 12.33 -16.44
CA GLY Y 119 -18.74 11.56 -17.37
C GLY Y 119 -19.41 11.01 -18.60
N ASN Y 120 -18.78 10.02 -19.22
CA ASN Y 120 -19.20 9.46 -20.51
C ASN Y 120 -20.14 8.27 -20.40
N ASN Y 121 -19.96 7.41 -19.40
CA ASN Y 121 -20.93 6.36 -19.09
C ASN Y 121 -21.51 6.60 -17.71
N ALA Y 122 -22.63 5.98 -17.40
CA ALA Y 122 -23.27 6.15 -16.10
C ALA Y 122 -22.56 5.29 -15.04
N VAL Y 123 -22.57 5.78 -13.80
CA VAL Y 123 -21.79 5.19 -12.72
C VAL Y 123 -22.64 5.08 -11.46
N VAL Y 124 -22.02 4.50 -10.41
CA VAL Y 124 -22.71 4.13 -9.19
C VAL Y 124 -23.08 5.36 -8.36
N ARG Y 125 -24.12 5.22 -7.55
CA ARG Y 125 -24.45 6.13 -6.46
C ARG Y 125 -24.55 5.33 -5.17
N GLU Y 126 -23.61 5.53 -4.26
CA GLU Y 126 -23.51 4.72 -3.04
C GLU Y 126 -23.99 5.50 -1.82
N TRP Y 127 -24.98 4.95 -1.13
CA TRP Y 127 -25.50 5.52 0.10
C TRP Y 127 -25.10 4.62 1.27
N THR Y 128 -24.98 5.23 2.45
CA THR Y 128 -24.64 4.51 3.68
C THR Y 128 -25.63 4.93 4.76
N ILE Y 129 -26.16 3.95 5.49
CA ILE Y 129 -27.08 4.22 6.59
C ILE Y 129 -26.61 3.45 7.81
N VAL Y 130 -26.94 3.96 9.00
CA VAL Y 130 -26.42 3.43 10.25
C VAL Y 130 -27.55 3.29 11.27
N THR Y 131 -27.49 2.25 12.08
CA THR Y 131 -28.43 2.04 13.17
C THR Y 131 -27.68 1.73 14.46
N GLY Y 132 -28.36 1.94 15.58
CA GLY Y 132 -27.81 1.61 16.87
C GLY Y 132 -28.20 0.23 17.35
N GLU Y 133 -29.16 -0.40 16.67
CA GLU Y 133 -29.66 -1.71 17.05
C GLU Y 133 -30.03 -2.50 15.81
N TRP Y 134 -29.29 -3.58 15.56
CA TRP Y 134 -29.52 -4.46 14.43
C TRP Y 134 -29.64 -5.88 14.94
N THR Y 135 -30.76 -6.53 14.65
CA THR Y 135 -30.94 -7.91 15.08
C THR Y 135 -31.03 -8.81 13.86
N PRO Y 136 -30.05 -9.69 13.64
CA PRO Y 136 -30.17 -10.65 12.54
C PRO Y 136 -31.28 -11.65 12.80
N THR Y 137 -31.89 -12.09 11.70
CA THR Y 137 -32.90 -13.13 11.76
C THR Y 137 -32.23 -14.49 11.59
N ILE Y 138 -32.79 -15.50 12.23
CA ILE Y 138 -32.20 -16.84 12.18
C ILE Y 138 -32.60 -17.54 10.89
N PRO Y 139 -31.66 -18.03 10.09
CA PRO Y 139 -32.04 -18.78 8.89
C PRO Y 139 -32.57 -20.15 9.25
N THR Y 140 -33.88 -20.31 9.28
CA THR Y 140 -34.47 -21.56 9.74
C THR Y 140 -34.53 -22.59 8.62
N LEU Y 141 -34.33 -22.17 7.37
CA LEU Y 141 -34.25 -23.08 6.25
C LEU Y 141 -32.81 -23.42 5.88
N LEU Y 142 -31.87 -23.11 6.77
CA LEU Y 142 -30.44 -23.34 6.55
C LEU Y 142 -29.93 -22.61 5.31
N MET Z 1 -43.33 12.38 -21.49
CA MET Z 1 -42.03 12.73 -20.94
C MET Z 1 -41.19 11.49 -20.69
N ALA Z 2 -40.79 10.84 -21.78
CA ALA Z 2 -40.05 9.59 -21.69
C ALA Z 2 -38.72 9.80 -20.99
N MET Z 3 -38.35 8.81 -20.16
CA MET Z 3 -37.09 8.86 -19.44
C MET Z 3 -35.95 8.64 -20.43
N LYS Z 4 -35.20 9.70 -20.72
CA LYS Z 4 -34.09 9.56 -21.65
C LYS Z 4 -32.96 8.74 -21.03
N ALA Z 5 -32.43 7.82 -21.83
CA ALA Z 5 -31.20 7.15 -21.45
C ALA Z 5 -30.10 8.16 -21.23
N TYR Z 6 -29.03 7.76 -20.56
CA TYR Z 6 -27.97 8.70 -20.26
C TYR Z 6 -27.20 9.07 -21.52
N SER Z 7 -26.71 10.31 -21.55
CA SER Z 7 -25.88 10.80 -22.63
C SER Z 7 -25.22 12.10 -22.18
N MET Z 8 -23.94 12.24 -22.48
CA MET Z 8 -23.23 13.48 -22.18
C MET Z 8 -23.67 14.63 -23.09
N LEU Z 9 -24.40 14.34 -24.15
CA LEU Z 9 -24.99 15.38 -24.99
C LEU Z 9 -26.11 16.13 -24.29
N ASN Z 10 -26.64 15.60 -23.18
CA ASN Z 10 -27.74 16.21 -22.48
C ASN Z 10 -27.38 16.65 -21.07
N VAL Z 11 -26.10 16.67 -20.73
CA VAL Z 11 -25.62 17.24 -19.48
C VAL Z 11 -25.03 18.61 -19.77
N THR Z 12 -25.41 19.60 -18.97
CA THR Z 12 -24.94 20.96 -19.14
C THR Z 12 -24.31 21.45 -17.84
N ALA Z 13 -23.12 22.05 -17.95
CA ALA Z 13 -22.40 22.59 -16.81
C ALA Z 13 -22.05 24.05 -17.10
N THR Z 14 -22.33 24.92 -16.14
CA THR Z 14 -22.15 26.36 -16.30
C THR Z 14 -21.21 26.87 -15.24
N LEU Z 15 -20.10 27.47 -15.65
CA LEU Z 15 -19.09 27.97 -14.73
C LEU Z 15 -18.96 29.47 -14.95
N ASP Z 16 -19.43 30.25 -13.96
CA ASP Z 16 -19.38 31.71 -14.01
C ASP Z 16 -20.15 32.26 -15.20
N GLY Z 17 -21.19 31.53 -15.61
CA GLY Z 17 -22.04 31.98 -16.69
C GLY Z 17 -21.76 31.33 -18.03
N ARG Z 18 -20.55 30.81 -18.23
CA ARG Z 18 -20.17 30.19 -19.49
C ARG Z 18 -20.23 28.66 -19.38
N ARG Z 19 -20.35 28.01 -20.52
CA ARG Z 19 -20.41 26.56 -20.57
C ARG Z 19 -19.02 25.95 -20.40
N VAL Z 20 -19.01 24.70 -19.93
CA VAL Z 20 -17.81 23.88 -19.85
C VAL Z 20 -17.76 22.99 -21.07
N ILE Z 21 -16.66 23.04 -21.82
CA ILE Z 21 -16.66 22.43 -23.15
C ILE Z 21 -15.67 21.29 -23.31
N GLY Z 22 -14.37 21.56 -23.28
CA GLY Z 22 -13.45 20.51 -23.65
C GLY Z 22 -13.06 19.60 -22.50
N LEU Z 23 -13.75 18.48 -22.38
CA LEU Z 23 -13.58 17.55 -21.26
C LEU Z 23 -12.75 16.36 -21.71
N MET Z 24 -12.01 15.78 -20.77
CA MET Z 24 -11.21 14.60 -21.06
C MET Z 24 -12.09 13.37 -21.25
N ASP Z 25 -11.47 12.28 -21.65
CA ASP Z 25 -12.16 11.02 -21.82
C ASP Z 25 -12.25 10.26 -20.50
N GLY Z 26 -13.36 9.58 -20.28
CA GLY Z 26 -13.54 8.75 -19.11
C GLY Z 26 -14.92 8.90 -18.51
N ASP Z 27 -15.23 8.03 -17.55
CA ASP Z 27 -16.51 8.04 -16.86
C ASP Z 27 -16.56 9.03 -15.72
N ASP Z 28 -15.48 9.76 -15.46
CA ASP Z 28 -15.40 10.68 -14.33
C ASP Z 28 -14.80 11.97 -14.87
N ALA Z 29 -15.63 12.82 -15.48
CA ALA Z 29 -15.17 14.09 -16.02
C ALA Z 29 -15.58 15.28 -15.18
N ILE Z 30 -16.74 15.23 -14.54
CA ILE Z 30 -17.13 16.17 -13.50
C ILE Z 30 -17.66 15.35 -12.33
N THR Z 31 -16.99 15.43 -11.19
CA THR Z 31 -17.43 14.69 -10.01
C THR Z 31 -17.48 15.62 -8.81
N THR Z 32 -18.60 15.58 -8.08
CA THR Z 32 -18.79 16.37 -6.87
C THR Z 32 -18.88 15.44 -5.68
N SER Z 33 -18.15 15.77 -4.61
CA SER Z 33 -18.19 14.95 -3.42
C SER Z 33 -18.41 15.82 -2.19
N PRO Z 34 -19.27 15.37 -1.26
CA PRO Z 34 -19.47 16.12 -0.02
C PRO Z 34 -18.21 16.17 0.83
N GLY Z 35 -18.11 17.25 1.59
CA GLY Z 35 -16.93 17.52 2.40
C GLY Z 35 -16.67 16.57 3.55
N VAL Z 36 -17.73 16.09 4.21
CA VAL Z 36 -17.62 15.28 5.42
C VAL Z 36 -18.68 14.19 5.39
N ASP Z 37 -18.66 13.34 6.42
CA ASP Z 37 -19.73 12.40 6.64
C ASP Z 37 -20.96 13.11 7.20
N VAL Z 38 -22.14 12.55 6.88
CA VAL Z 38 -23.38 13.17 7.30
C VAL Z 38 -23.56 13.07 8.81
N GLY Z 39 -23.13 11.97 9.42
CA GLY Z 39 -23.29 11.81 10.84
C GLY Z 39 -22.39 10.73 11.40
N THR Z 40 -22.58 10.49 12.71
CA THR Z 40 -21.72 9.59 13.48
C THR Z 40 -22.54 8.90 14.56
N MET Z 41 -22.40 7.58 14.67
CA MET Z 41 -23.05 6.81 15.72
C MET Z 41 -22.07 6.59 16.86
N LEU Z 42 -22.53 6.82 18.08
CA LEU Z 42 -21.73 6.68 19.29
C LEU Z 42 -22.39 5.66 20.21
N VAL Z 43 -21.72 4.52 20.41
CA VAL Z 43 -22.24 3.42 21.21
C VAL Z 43 -21.44 3.32 22.49
N GLY Z 44 -22.13 3.24 23.62
CA GLY Z 44 -21.49 3.22 24.92
C GLY Z 44 -21.17 1.83 25.41
N ALA Z 45 -20.56 1.79 26.61
CA ALA Z 45 -20.12 0.54 27.21
C ALA Z 45 -21.28 -0.35 27.63
N ASP Z 46 -22.51 0.17 27.64
CA ASP Z 46 -23.67 -0.57 28.10
C ASP Z 46 -24.57 -1.05 26.96
N GLY Z 47 -24.33 -0.57 25.74
CA GLY Z 47 -25.17 -0.93 24.60
C GLY Z 47 -26.08 0.17 24.11
N SER Z 48 -26.24 1.26 24.86
CA SER Z 48 -27.02 2.39 24.40
C SER Z 48 -26.24 3.17 23.34
N TRP Z 49 -26.96 4.02 22.61
CA TRP Z 49 -26.37 4.67 21.44
C TRP Z 49 -26.87 6.11 21.32
N LEU Z 50 -26.14 6.90 20.54
CA LEU Z 50 -26.52 8.28 20.25
C LEU Z 50 -25.98 8.66 18.88
N PHE Z 51 -26.83 9.22 18.04
CA PHE Z 51 -26.45 9.71 16.72
C PHE Z 51 -26.22 11.22 16.78
N SER Z 52 -25.31 11.72 15.96
CA SER Z 52 -25.08 13.16 15.87
C SER Z 52 -24.93 13.56 14.41
N GLN Z 53 -25.61 14.63 14.03
CA GLN Z 53 -25.67 15.09 12.65
C GLN Z 53 -24.91 16.41 12.52
N THR Z 54 -24.20 16.57 11.42
CA THR Z 54 -23.38 17.76 11.21
C THR Z 54 -24.17 18.86 10.51
N ALA Z 55 -23.71 20.10 10.71
CA ALA Z 55 -24.29 21.26 10.06
C ALA Z 55 -23.47 21.74 8.87
N ASP Z 56 -22.43 21.00 8.49
CA ASP Z 56 -21.52 21.39 7.42
C ASP Z 56 -22.08 20.88 6.09
N LYS Z 57 -22.44 21.80 5.20
CA LYS Z 57 -22.91 21.44 3.87
C LYS Z 57 -21.98 22.04 2.81
N SER Z 58 -20.85 21.37 2.58
CA SER Z 58 -19.85 21.86 1.66
C SER Z 58 -19.39 20.73 0.75
N ALA Z 59 -18.81 21.09 -0.38
CA ALA Z 59 -18.40 20.11 -1.38
C ALA Z 59 -17.27 20.65 -2.23
N THR Z 60 -16.57 19.74 -2.88
CA THR Z 60 -15.60 20.05 -3.93
C THR Z 60 -16.08 19.42 -5.22
N VAL Z 61 -15.65 19.99 -6.35
CA VAL Z 61 -15.85 19.36 -7.64
C VAL Z 61 -14.52 19.35 -8.38
N VAL Z 62 -14.26 18.27 -9.11
CA VAL Z 62 -13.04 18.10 -9.88
C VAL Z 62 -13.42 18.08 -11.35
N ILE Z 63 -12.76 18.90 -12.15
CA ILE Z 63 -13.02 19.03 -13.57
C ILE Z 63 -11.76 18.64 -14.33
N LYS Z 64 -11.89 17.65 -15.21
CA LYS Z 64 -10.78 17.17 -16.02
C LYS Z 64 -10.95 17.67 -17.45
N LEU Z 65 -9.92 18.35 -17.95
CA LEU Z 65 -10.00 19.05 -19.22
C LEU Z 65 -8.86 18.63 -20.12
N LYS Z 66 -9.01 18.90 -21.41
CA LYS Z 66 -7.92 18.73 -22.36
C LYS Z 66 -7.02 19.95 -22.37
N PRO Z 67 -5.78 19.82 -22.82
CA PRO Z 67 -4.90 20.99 -22.91
C PRO Z 67 -5.34 22.04 -23.92
N ASN Z 68 -6.33 21.76 -24.77
CA ASN Z 68 -6.86 22.75 -25.71
C ASN Z 68 -8.35 22.95 -25.45
N SER Z 69 -8.69 23.74 -24.44
CA SER Z 69 -10.10 23.99 -24.20
C SER Z 69 -10.25 25.39 -23.63
N PRO Z 70 -11.26 26.14 -24.05
CA PRO Z 70 -11.44 27.50 -23.53
C PRO Z 70 -11.67 27.56 -22.03
N THR Z 71 -12.22 26.51 -21.43
CA THR Z 71 -12.42 26.49 -19.99
C THR Z 71 -11.10 26.47 -19.24
N HIS Z 72 -10.06 25.87 -19.84
CA HIS Z 72 -8.72 25.93 -19.25
C HIS Z 72 -8.22 27.37 -19.20
N ARG Z 73 -8.46 28.14 -20.26
CA ARG Z 73 -8.07 29.55 -20.27
C ARG Z 73 -8.87 30.35 -19.24
N GLN Z 74 -10.17 30.08 -19.14
CA GLN Z 74 -10.99 30.79 -18.15
C GLN Z 74 -10.52 30.50 -16.73
N LEU Z 75 -10.22 29.23 -16.43
CA LEU Z 75 -9.79 28.87 -15.09
C LEU Z 75 -8.40 29.40 -14.77
N THR Z 76 -7.51 29.45 -15.77
CA THR Z 76 -6.20 30.02 -15.50
C THR Z 76 -6.25 31.53 -15.35
N GLU Z 77 -7.24 32.21 -15.93
CA GLU Z 77 -7.41 33.63 -15.62
C GLU Z 77 -7.97 33.83 -14.22
N LYS Z 78 -8.92 32.98 -13.81
CA LYS Z 78 -9.46 33.07 -12.46
C LYS Z 78 -8.38 32.81 -11.41
N TRP Z 79 -7.48 31.88 -11.68
CA TRP Z 79 -6.38 31.59 -10.76
C TRP Z 79 -5.49 32.81 -10.57
N MET Z 80 -5.17 33.51 -11.67
CA MET Z 80 -4.32 34.69 -11.55
C MET Z 80 -5.05 35.83 -10.86
N ALA Z 81 -6.35 35.97 -11.07
CA ALA Z 81 -7.11 36.96 -10.32
C ALA Z 81 -7.07 36.68 -8.82
N GLN Z 82 -7.19 35.41 -8.43
CA GLN Z 82 -7.08 35.07 -7.02
C GLN Z 82 -5.68 35.35 -6.48
N ARG Z 83 -4.65 35.05 -7.27
CA ARG Z 83 -3.29 35.28 -6.83
C ARG Z 83 -2.99 36.77 -6.67
N ALA Z 84 -3.68 37.61 -7.45
CA ALA Z 84 -3.47 39.05 -7.30
C ALA Z 84 -4.02 39.57 -5.99
N GLY Z 85 -5.10 38.97 -5.50
CA GLY Z 85 -5.68 39.40 -4.24
C GLY Z 85 -7.16 39.68 -4.35
N ARG Z 86 -7.72 39.47 -5.54
CA ARG Z 86 -9.15 39.68 -5.75
C ARG Z 86 -9.91 38.39 -5.51
N LEU Z 87 -10.75 38.38 -4.48
CA LEU Z 87 -11.38 37.16 -3.99
C LEU Z 87 -12.89 37.31 -4.01
N VAL Z 88 -13.54 36.73 -5.02
CA VAL Z 88 -14.99 36.75 -5.17
C VAL Z 88 -15.47 35.34 -5.47
N GLY Z 89 -16.78 35.21 -5.69
CA GLY Z 89 -17.46 33.92 -5.66
C GLY Z 89 -17.46 33.07 -6.91
N PHE Z 90 -17.96 33.58 -8.04
CA PHE Z 90 -18.05 32.79 -9.27
C PHE Z 90 -18.85 31.50 -9.09
N PRO Z 91 -20.16 31.57 -9.32
CA PRO Z 91 -21.02 30.38 -9.19
C PRO Z 91 -20.66 29.26 -10.16
N PHE Z 92 -20.96 28.03 -9.75
CA PHE Z 92 -20.87 26.85 -10.61
C PHE Z 92 -22.17 26.06 -10.49
N ASP Z 93 -22.60 25.47 -11.59
CA ASP Z 93 -23.88 24.78 -11.65
C ASP Z 93 -23.81 23.73 -12.75
N PHE Z 94 -24.37 22.55 -12.49
CA PHE Z 94 -24.52 21.56 -13.55
C PHE Z 94 -25.68 20.63 -13.21
N ILE Z 95 -26.30 20.10 -14.28
CA ILE Z 95 -27.54 19.34 -14.14
C ILE Z 95 -27.63 18.39 -15.31
N ASP Z 96 -28.46 17.36 -15.15
CA ASP Z 96 -28.77 16.40 -16.21
C ASP Z 96 -30.25 16.55 -16.56
N SER Z 97 -30.54 16.79 -17.84
CA SER Z 97 -31.92 17.02 -18.26
C SER Z 97 -32.74 15.75 -18.26
N ALA Z 98 -32.11 14.58 -18.30
CA ALA Z 98 -32.85 13.33 -18.34
C ALA Z 98 -33.50 13.01 -17.00
N SER Z 99 -32.87 13.41 -15.89
CA SER Z 99 -33.38 13.05 -14.57
C SER Z 99 -33.51 14.22 -13.62
N ASN Z 100 -33.02 15.41 -13.99
CA ASN Z 100 -33.00 16.58 -13.12
C ASN Z 100 -32.13 16.38 -11.90
N GLU Z 101 -31.06 15.62 -12.05
CA GLU Z 101 -30.09 15.43 -10.98
C GLU Z 101 -28.89 16.36 -11.19
N GLY Z 102 -28.42 16.95 -10.10
CA GLY Z 102 -27.34 17.90 -10.16
C GLY Z 102 -27.26 18.68 -8.88
N GLY Z 103 -26.81 19.93 -9.00
CA GLY Z 103 -26.71 20.80 -7.85
C GLY Z 103 -26.15 22.14 -8.25
N THR Z 104 -26.18 23.07 -7.31
CA THR Z 104 -25.72 24.43 -7.57
C THR Z 104 -24.93 24.93 -6.38
N GLY Z 105 -24.04 25.88 -6.65
CA GLY Z 105 -23.34 26.59 -5.61
C GLY Z 105 -23.01 28.00 -6.06
N ALA Z 106 -23.43 28.97 -5.27
CA ALA Z 106 -23.38 30.37 -5.66
C ALA Z 106 -22.01 31.01 -5.49
N GLU Z 107 -21.09 30.38 -4.77
CA GLU Z 107 -19.76 30.94 -4.53
C GLU Z 107 -18.73 29.82 -4.45
N PHE Z 108 -17.90 29.71 -5.48
CA PHE Z 108 -16.82 28.73 -5.53
C PHE Z 108 -15.46 29.42 -5.47
N PHE Z 109 -14.41 28.63 -5.27
CA PHE Z 109 -13.05 29.15 -5.25
C PHE Z 109 -12.13 28.08 -5.82
N ILE Z 110 -11.03 28.50 -6.45
CA ILE Z 110 -10.01 27.57 -6.93
C ILE Z 110 -9.29 26.98 -5.73
N GLN Z 111 -9.16 25.65 -5.71
CA GLN Z 111 -8.44 24.98 -4.63
C GLN Z 111 -7.16 24.30 -5.07
N LYS Z 112 -7.14 23.61 -6.20
CA LYS Z 112 -5.95 22.99 -6.76
C LYS Z 112 -5.79 23.39 -8.22
N ALA Z 113 -4.55 23.53 -8.64
CA ALA Z 113 -4.21 23.88 -10.00
C ALA Z 113 -3.54 22.68 -10.67
N PRO Z 114 -3.68 22.53 -11.98
CA PRO Z 114 -3.17 21.33 -12.64
C PRO Z 114 -1.66 21.38 -12.83
N ASP Z 115 -1.14 20.26 -13.34
CA ASP Z 115 0.27 20.13 -13.70
C ASP Z 115 0.40 20.22 -15.21
N ASP Z 116 1.37 21.00 -15.68
CA ASP Z 116 1.60 21.18 -17.11
C ASP Z 116 2.64 20.16 -17.56
N SER Z 117 2.17 19.06 -18.13
CA SER Z 117 3.03 18.01 -18.66
C SER Z 117 3.02 18.09 -20.18
N LYS Z 118 4.20 18.06 -20.79
CA LYS Z 118 4.24 18.13 -22.24
C LYS Z 118 4.34 16.75 -22.90
N GLY Z 119 5.44 16.05 -22.69
CA GLY Z 119 5.58 14.69 -23.19
C GLY Z 119 5.25 14.43 -24.65
N ASN Z 120 5.00 13.16 -24.98
CA ASN Z 120 4.81 12.71 -26.36
C ASN Z 120 3.36 12.70 -26.81
N ASN Z 121 2.42 12.36 -25.93
CA ASN Z 121 0.99 12.51 -26.22
C ASN Z 121 0.40 13.54 -25.26
N ALA Z 122 -0.77 14.07 -25.59
CA ALA Z 122 -1.42 15.06 -24.74
C ALA Z 122 -2.11 14.38 -23.56
N VAL Z 123 -2.16 15.09 -22.43
CA VAL Z 123 -2.63 14.51 -21.16
C VAL Z 123 -3.60 15.46 -20.47
N VAL Z 124 -4.10 15.01 -19.32
CA VAL Z 124 -5.18 15.69 -18.60
C VAL Z 124 -4.70 16.97 -17.94
N ARG Z 125 -5.63 17.90 -17.75
CA ARG Z 125 -5.45 19.06 -16.86
C ARG Z 125 -6.60 19.05 -15.86
N GLU Z 126 -6.29 18.80 -14.59
CA GLU Z 126 -7.32 18.64 -13.55
C GLU Z 126 -7.38 19.86 -12.64
N TRP Z 127 -8.55 20.47 -12.56
CA TRP Z 127 -8.82 21.59 -11.68
C TRP Z 127 -9.72 21.13 -10.54
N THR Z 128 -9.61 21.81 -9.40
CA THR Z 128 -10.44 21.54 -8.23
C THR Z 128 -11.00 22.85 -7.72
N ILE Z 129 -12.29 22.88 -7.42
CA ILE Z 129 -12.93 24.07 -6.87
C ILE Z 129 -13.73 23.65 -5.65
N VAL Z 130 -13.94 24.59 -4.72
CA VAL Z 130 -14.54 24.30 -3.43
C VAL Z 130 -15.57 25.36 -3.09
N THR Z 131 -16.66 24.95 -2.45
CA THR Z 131 -17.69 25.86 -1.96
C THR Z 131 -18.00 25.55 -0.50
N GLY Z 132 -18.58 26.53 0.17
CA GLY Z 132 -19.03 26.35 1.54
C GLY Z 132 -20.48 25.96 1.65
N GLU Z 133 -21.21 26.04 0.54
CA GLU Z 133 -22.63 25.72 0.51
C GLU Z 133 -23.00 25.10 -0.82
N TRP Z 134 -23.39 23.83 -0.78
CA TRP Z 134 -23.78 23.08 -1.96
C TRP Z 134 -25.15 22.47 -1.70
N THR Z 135 -26.13 22.78 -2.55
CA THR Z 135 -27.45 22.22 -2.39
C THR Z 135 -27.77 21.33 -3.57
N PRO Z 136 -27.90 20.01 -3.39
CA PRO Z 136 -28.31 19.15 -4.48
C PRO Z 136 -29.75 19.42 -4.89
N THR Z 137 -30.02 19.24 -6.17
CA THR Z 137 -31.37 19.35 -6.69
C THR Z 137 -32.03 17.99 -6.65
N ILE Z 138 -33.34 17.98 -6.47
CA ILE Z 138 -34.08 16.71 -6.33
C ILE Z 138 -34.37 16.16 -7.72
N PRO Z 139 -33.99 14.91 -8.01
CA PRO Z 139 -34.35 14.34 -9.32
C PRO Z 139 -35.82 13.99 -9.38
N THR Z 140 -36.61 14.86 -10.00
CA THR Z 140 -38.06 14.67 -9.99
C THR Z 140 -38.51 13.72 -11.09
N LEU Z 141 -37.63 13.42 -12.04
CA LEU Z 141 -37.90 12.44 -13.08
C LEU Z 141 -37.31 11.07 -12.74
N LEU Z 142 -36.91 10.86 -11.50
CA LEU Z 142 -36.30 9.63 -11.02
C LEU Z 142 -35.03 9.31 -11.80
N MET AA 1 48.62 4.82 11.10
CA MET AA 1 47.68 4.81 12.22
C MET AA 1 46.34 5.39 11.80
N ALA AA 2 45.63 4.66 10.93
CA ALA AA 2 44.37 5.14 10.38
C ALA AA 2 43.34 5.33 11.48
N MET AA 3 42.55 6.39 11.35
CA MET AA 3 41.49 6.68 12.31
C MET AA 3 40.37 5.66 12.13
N LYS AA 4 40.24 4.73 13.07
CA LYS AA 4 39.20 3.74 12.97
C LYS AA 4 37.82 4.38 13.19
N ALA AA 5 36.88 3.99 12.33
CA ALA AA 5 35.49 4.33 12.56
C ALA AA 5 35.05 3.78 13.91
N TYR AA 6 33.93 4.28 14.41
CA TYR AA 6 33.49 3.84 15.73
C TYR AA 6 32.98 2.40 15.68
N SER AA 7 33.17 1.68 16.78
CA SER AA 7 32.67 0.34 16.94
C SER AA 7 32.75 -0.04 18.40
N MET AA 8 31.70 -0.68 18.91
CA MET AA 8 31.71 -1.17 20.28
C MET AA 8 32.64 -2.36 20.46
N LEU AA 9 33.11 -2.97 19.38
CA LEU AA 9 34.12 -4.02 19.44
C LEU AA 9 35.48 -3.49 19.88
N ASN AA 10 35.69 -2.19 19.83
CA ASN AA 10 36.97 -1.59 20.17
C ASN AA 10 36.91 -0.69 21.39
N VAL AA 11 35.82 -0.72 22.14
CA VAL AA 11 35.71 -0.04 23.41
C VAL AA 11 35.88 -1.06 24.52
N THR AA 12 36.73 -0.75 25.50
CA THR AA 12 36.98 -1.64 26.62
C THR AA 12 36.72 -0.91 27.93
N ALA AA 13 35.98 -1.56 28.83
CA ALA AA 13 35.66 -1.03 30.14
C ALA AA 13 36.06 -2.03 31.21
N THR AA 14 36.76 -1.55 32.23
CA THR AA 14 37.32 -2.40 33.27
C THR AA 14 36.78 -1.96 34.62
N LEU AA 15 36.11 -2.86 35.31
CA LEU AA 15 35.50 -2.55 36.61
C LEU AA 15 36.14 -3.47 37.65
N ASP AA 16 36.94 -2.87 38.53
CA ASP AA 16 37.62 -3.60 39.60
C ASP AA 16 38.55 -4.69 39.03
N GLY AA 17 39.07 -4.43 37.84
CA GLY AA 17 40.00 -5.36 37.23
C GLY AA 17 39.40 -6.28 36.18
N ARG AA 18 38.10 -6.50 36.22
CA ARG AA 18 37.44 -7.38 35.27
C ARG AA 18 36.74 -6.56 34.18
N ARG AA 19 36.49 -7.20 33.05
CA ARG AA 19 35.81 -6.55 31.94
C ARG AA 19 34.31 -6.45 32.18
N VAL AA 20 33.69 -5.49 31.52
CA VAL AA 20 32.23 -5.32 31.49
C VAL AA 20 31.73 -5.97 30.21
N ILE AA 21 30.79 -6.89 30.34
CA ILE AA 21 30.46 -7.74 29.19
C ILE AA 21 29.01 -7.61 28.70
N GLY AA 22 28.04 -8.01 29.49
CA GLY AA 22 26.69 -8.06 28.92
C GLY AA 22 25.92 -6.77 29.02
N LEU AA 23 25.97 -5.95 27.97
CA LEU AA 23 25.39 -4.63 27.94
C LEU AA 23 24.07 -4.65 27.20
N MET AA 24 23.15 -3.77 27.58
CA MET AA 24 21.87 -3.67 26.91
C MET AA 24 22.02 -3.03 25.53
N ASP AA 25 20.92 -3.03 24.80
CA ASP AA 25 20.91 -2.42 23.47
C ASP AA 25 20.63 -0.91 23.58
N GLY AA 26 21.25 -0.15 22.71
CA GLY AA 26 21.03 1.28 22.63
C GLY AA 26 22.32 2.06 22.45
N ASP AA 27 22.16 3.36 22.19
CA ASP AA 27 23.30 4.24 21.99
C ASP AA 27 23.87 4.77 23.30
N ASP AA 28 23.29 4.40 24.43
CA ASP AA 28 23.72 4.91 25.73
C ASP AA 28 23.82 3.70 26.67
N ALA AA 29 24.94 2.99 26.61
CA ALA AA 29 25.16 1.83 27.46
C ALA AA 29 26.13 2.09 28.60
N ILE AA 30 27.13 2.95 28.38
CA ILE AA 30 27.97 3.49 29.45
C ILE AA 30 28.04 4.99 29.22
N THR AA 31 27.53 5.77 30.18
CA THR AA 31 27.56 7.23 30.06
C THR AA 31 28.10 7.83 31.35
N THR AA 32 29.06 8.74 31.21
CA THR AA 32 29.65 9.45 32.34
C THR AA 32 29.29 10.93 32.25
N SER AA 33 28.85 11.49 33.36
CA SER AA 33 28.51 12.91 33.37
C SER AA 33 29.16 13.61 34.54
N PRO AA 34 29.70 14.81 34.34
CA PRO AA 34 30.28 15.56 35.44
C PRO AA 34 29.24 15.97 36.47
N GLY AA 35 29.69 16.09 37.71
CA GLY AA 35 28.83 16.36 38.84
C GLY AA 35 28.16 17.72 38.85
N VAL AA 36 28.85 18.76 38.40
CA VAL AA 36 28.37 20.13 38.48
C VAL AA 36 28.75 20.88 37.21
N ASP AA 37 28.34 22.14 37.14
CA ASP AA 37 28.82 23.03 36.09
C ASP AA 37 30.24 23.48 36.36
N VAL AA 38 30.98 23.75 35.28
CA VAL AA 38 32.37 24.13 35.41
C VAL AA 38 32.51 25.50 36.06
N GLY AA 39 31.61 26.42 35.76
CA GLY AA 39 31.70 27.75 36.30
C GLY AA 39 30.40 28.51 36.21
N THR AA 40 30.46 29.77 36.62
CA THR AA 40 29.29 30.64 36.76
C THR AA 40 29.68 32.08 36.45
N MET AA 41 28.91 32.75 35.60
CA MET AA 41 29.11 34.16 35.30
C MET AA 41 28.17 35.01 36.16
N LEU AA 42 28.73 36.05 36.77
CA LEU AA 42 27.98 36.95 37.65
C LEU AA 42 28.07 38.36 37.09
N VAL AA 43 26.93 38.90 36.66
CA VAL AA 43 26.85 40.21 36.04
C VAL AA 43 26.13 41.16 36.99
N GLY AA 44 26.72 42.33 37.21
CA GLY AA 44 26.19 43.28 38.16
C GLY AA 44 25.22 44.28 37.55
N ALA AA 45 24.71 45.17 38.40
CA ALA AA 45 23.72 46.15 37.98
C ALA AA 45 24.29 47.21 37.05
N ASP AA 46 25.62 47.26 36.91
CA ASP AA 46 26.27 48.27 36.09
C ASP AA 46 26.77 47.75 34.76
N GLY AA 47 26.79 46.44 34.57
CA GLY AA 47 27.31 45.84 33.35
C GLY AA 47 28.63 45.13 33.50
N SER AA 48 29.33 45.30 34.62
CA SER AA 48 30.56 44.58 34.88
C SER AA 48 30.25 43.12 35.24
N TRP AA 49 31.27 42.28 35.17
CA TRP AA 49 31.06 40.84 35.29
C TRP AA 49 32.21 40.19 36.06
N LEU AA 50 31.95 38.98 36.55
CA LEU AA 50 32.95 38.19 37.25
C LEU AA 50 32.63 36.71 37.04
N PHE AA 51 33.64 35.94 36.65
CA PHE AA 51 33.53 34.50 36.48
C PHE AA 51 34.08 33.80 37.71
N SER AA 52 33.52 32.64 38.04
CA SER AA 52 34.02 31.84 39.16
C SER AA 52 34.06 30.38 38.75
N GLN AA 53 35.18 29.71 39.03
CA GLN AA 53 35.44 28.34 38.63
C GLN AA 53 35.43 27.44 39.85
N THR AA 54 34.86 26.26 39.71
CA THR AA 54 34.74 25.33 40.82
C THR AA 54 35.96 24.41 40.92
N ALA AA 55 36.18 23.89 42.13
CA ALA AA 55 37.25 22.95 42.39
C ALA AA 55 36.74 21.50 42.49
N ASP AA 56 35.47 21.27 42.20
CA ASP AA 56 34.85 19.95 42.31
C ASP AA 56 35.05 19.21 41.01
N LYS AA 57 35.80 18.10 41.06
CA LYS AA 57 36.00 17.25 39.89
C LYS AA 57 35.46 15.85 40.17
N SER AA 58 34.15 15.69 40.07
CA SER AA 58 33.50 14.42 40.38
C SER AA 58 32.53 14.07 39.26
N ALA AA 59 32.17 12.78 39.20
CA ALA AA 59 31.31 12.30 38.13
C ALA AA 59 30.57 11.05 38.58
N THR AA 60 29.49 10.74 37.86
CA THR AA 60 28.79 9.47 37.97
C THR AA 60 28.85 8.77 36.63
N VAL AA 61 28.75 7.45 36.63
CA VAL AA 61 28.58 6.69 35.40
C VAL AA 61 27.39 5.74 35.59
N VAL AA 62 26.62 5.56 34.53
CA VAL AA 62 25.46 4.69 34.53
C VAL AA 62 25.75 3.54 33.59
N ILE AA 63 25.56 2.31 34.06
CA ILE AA 63 25.82 1.09 33.29
C ILE AA 63 24.52 0.33 33.15
N LYS AA 64 24.11 0.08 31.91
CA LYS AA 64 22.89 -0.66 31.63
C LYS AA 64 23.26 -2.07 31.17
N LEU AA 65 22.70 -3.06 31.85
CA LEU AA 65 23.08 -4.45 31.66
C LEU AA 65 21.85 -5.31 31.38
N LYS AA 66 22.09 -6.49 30.83
CA LYS AA 66 21.05 -7.48 30.69
C LYS AA 66 20.88 -8.28 31.98
N PRO AA 67 19.71 -8.90 32.17
CA PRO AA 67 19.53 -9.74 33.36
C PRO AA 67 20.43 -10.97 33.42
N ASN AA 68 21.11 -11.33 32.34
CA ASN AA 68 22.04 -12.46 32.35
C ASN AA 68 23.45 -11.97 31.97
N SER AA 69 24.15 -11.39 32.94
CA SER AA 69 25.51 -10.95 32.64
C SER AA 69 26.35 -11.09 33.90
N PRO AA 70 27.59 -11.55 33.78
CA PRO AA 70 28.43 -11.69 34.98
C PRO AA 70 28.70 -10.39 35.71
N THR AA 71 28.66 -9.26 35.01
CA THR AA 71 28.86 -7.97 35.66
C THR AA 71 27.72 -7.65 36.62
N HIS AA 72 26.51 -8.12 36.31
CA HIS AA 72 25.40 -7.98 37.25
C HIS AA 72 25.67 -8.73 38.55
N ARG AA 73 26.24 -9.92 38.46
CA ARG AA 73 26.61 -10.68 39.66
C ARG AA 73 27.72 -9.98 40.43
N GLN AA 74 28.72 -9.46 39.72
CA GLN AA 74 29.80 -8.74 40.40
C GLN AA 74 29.28 -7.51 41.13
N LEU AA 75 28.39 -6.75 40.49
CA LEU AA 75 27.88 -5.54 41.11
C LEU AA 75 26.95 -5.86 42.27
N THR AA 76 26.18 -6.94 42.18
CA THR AA 76 25.33 -7.30 43.31
C THR AA 76 26.13 -7.86 44.47
N GLU AA 77 27.31 -8.42 44.24
CA GLU AA 77 28.17 -8.78 45.36
C GLU AA 77 28.79 -7.53 46.00
N LYS AA 78 29.19 -6.56 45.18
CA LYS AA 78 29.75 -5.32 45.72
C LYS AA 78 28.71 -4.56 46.55
N TRP AA 79 27.44 -4.60 46.11
CA TRP AA 79 26.37 -3.94 46.86
C TRP AA 79 26.21 -4.56 48.24
N MET AA 80 26.26 -5.89 48.32
CA MET AA 80 26.11 -6.56 49.62
C MET AA 80 27.32 -6.31 50.50
N ALA AA 81 28.52 -6.24 49.92
CA ALA AA 81 29.69 -5.88 50.71
C ALA AA 81 29.55 -4.49 51.30
N GLN AA 82 29.03 -3.53 50.52
CA GLN AA 82 28.80 -2.20 51.07
C GLN AA 82 27.73 -2.21 52.15
N ARG AA 83 26.67 -3.00 51.97
CA ARG AA 83 25.62 -3.05 52.97
C ARG AA 83 26.10 -3.69 54.27
N ALA AA 84 27.10 -4.57 54.18
CA ALA AA 84 27.63 -5.17 55.40
C ALA AA 84 28.41 -4.15 56.23
N GLY AA 85 29.05 -3.19 55.58
CA GLY AA 85 29.80 -2.19 56.29
C GLY AA 85 31.22 -2.04 55.80
N ARG AA 86 31.57 -2.82 54.79
CA ARG AA 86 32.91 -2.75 54.21
C ARG AA 86 32.93 -1.77 53.06
N LEU AA 87 33.68 -0.68 53.23
CA LEU AA 87 33.63 0.46 52.32
C LEU AA 87 35.02 0.73 51.76
N VAL AA 88 35.27 0.31 50.51
CA VAL AA 88 36.53 0.52 49.83
C VAL AA 88 36.25 1.05 48.42
N GLY AA 89 37.32 1.23 47.65
CA GLY AA 89 37.26 2.01 46.43
C GLY AA 89 36.81 1.34 45.14
N PHE AA 90 37.46 0.28 44.71
CA PHE AA 90 37.12 -0.39 43.45
C PHE AA 90 37.18 0.55 42.25
N PRO AA 91 38.35 0.65 41.61
CA PRO AA 91 38.50 1.52 40.44
C PRO AA 91 37.61 1.12 39.26
N PHE AA 92 37.27 2.12 38.45
CA PHE AA 92 36.60 1.91 37.17
C PHE AA 92 37.31 2.70 36.09
N ASP AA 93 37.37 2.13 34.89
CA ASP AA 93 38.14 2.71 33.80
C ASP AA 93 37.53 2.25 32.48
N PHE AA 94 37.44 3.16 31.51
CA PHE AA 94 37.06 2.75 30.17
C PHE AA 94 37.60 3.74 29.15
N ILE AA 95 37.85 3.24 27.94
CA ILE AA 95 38.56 4.01 26.92
C ILE AA 95 38.13 3.48 25.56
N ASP AA 96 38.34 4.29 24.53
CA ASP AA 96 38.12 3.91 23.15
C ASP AA 96 39.47 3.89 22.43
N SER AA 97 39.80 2.77 21.81
CA SER AA 97 41.10 2.64 21.16
C SER AA 97 41.18 3.43 19.86
N ALA AA 98 40.05 3.79 19.26
CA ALA AA 98 40.08 4.51 18.00
C ALA AA 98 40.49 5.96 18.19
N SER AA 99 40.19 6.56 19.34
CA SER AA 99 40.47 7.98 19.54
C SER AA 99 41.20 8.28 20.84
N ASN AA 100 41.35 7.29 21.73
CA ASN AA 100 41.94 7.48 23.05
C ASN AA 100 41.11 8.41 23.93
N GLU AA 101 39.80 8.37 23.76
CA GLU AA 101 38.89 9.13 24.59
C GLU AA 101 38.31 8.24 25.69
N GLY AA 102 38.22 8.78 26.88
CA GLY AA 102 37.75 8.02 28.02
C GLY AA 102 38.10 8.73 29.32
N GLY AA 103 38.33 7.94 30.35
CA GLY AA 103 38.70 8.49 31.63
C GLY AA 103 38.87 7.39 32.65
N THR AA 104 39.39 7.77 33.82
CA THR AA 104 39.65 6.81 34.87
C THR AA 104 39.24 7.39 36.21
N GLY AA 105 38.94 6.50 37.15
CA GLY AA 105 38.70 6.89 38.52
C GLY AA 105 39.11 5.77 39.45
N ALA AA 106 39.98 6.11 40.40
CA ALA AA 106 40.63 5.11 41.25
C ALA AA 106 39.76 4.62 42.40
N GLU AA 107 38.65 5.30 42.71
CA GLU AA 107 37.79 4.92 43.83
C GLU AA 107 36.34 5.25 43.50
N PHE AA 108 35.55 4.23 43.23
CA PHE AA 108 34.12 4.38 42.96
C PHE AA 108 33.29 3.78 44.09
N PHE AA 109 31.99 4.06 44.07
CA PHE AA 109 31.06 3.51 45.05
C PHE AA 109 29.72 3.29 44.37
N ILE AA 110 28.97 2.29 44.83
CA ILE AA 110 27.62 2.07 44.33
C ILE AA 110 26.72 3.20 44.84
N GLN AA 111 25.93 3.79 43.94
CA GLN AA 111 25.01 4.85 44.32
C GLN AA 111 23.54 4.48 44.15
N LYS AA 112 23.18 3.83 43.05
CA LYS AA 112 21.82 3.35 42.84
C LYS AA 112 21.85 1.89 42.43
N ALA AA 113 20.82 1.15 42.85
CA ALA AA 113 20.67 -0.25 42.54
C ALA AA 113 19.48 -0.43 41.62
N PRO AA 114 19.50 -1.44 40.76
CA PRO AA 114 18.44 -1.57 39.75
C PRO AA 114 17.15 -2.11 40.34
N ASP AA 115 16.13 -2.16 39.48
CA ASP AA 115 14.84 -2.75 39.80
C ASP AA 115 14.73 -4.12 39.14
N ASP AA 116 14.27 -5.11 39.89
CA ASP AA 116 14.12 -6.47 39.37
C ASP AA 116 12.70 -6.64 38.84
N SER AA 117 12.56 -6.48 37.53
CA SER AA 117 11.27 -6.67 36.86
C SER AA 117 11.29 -8.00 36.12
N LYS AA 118 10.23 -8.79 36.29
CA LYS AA 118 10.20 -10.08 35.60
C LYS AA 118 9.42 -10.01 34.28
N GLY AA 119 8.11 -9.77 34.35
CA GLY AA 119 7.31 -9.60 33.15
C GLY AA 119 7.43 -10.65 32.06
N ASN AA 120 7.01 -10.28 30.85
CA ASN AA 120 6.91 -11.19 29.72
C ASN AA 120 8.16 -11.23 28.84
N ASN AA 121 8.82 -10.10 28.64
CA ASN AA 121 10.13 -10.06 27.99
C ASN AA 121 11.18 -9.58 28.98
N ALA AA 122 12.45 -9.81 28.70
CA ALA AA 122 13.52 -9.39 29.58
C ALA AA 122 13.81 -7.90 29.40
N VAL AA 123 14.24 -7.25 30.48
CA VAL AA 123 14.38 -5.80 30.52
C VAL AA 123 15.71 -5.41 31.17
N VAL AA 124 15.94 -4.10 31.22
CA VAL AA 124 17.24 -3.54 31.62
C VAL AA 124 17.47 -3.69 33.11
N ARG AA 125 18.76 -3.73 33.50
CA ARG AA 125 19.19 -3.56 34.87
C ARG AA 125 20.21 -2.42 34.90
N GLU AA 126 19.84 -1.29 35.52
CA GLU AA 126 20.68 -0.09 35.50
C GLU AA 126 21.36 0.13 36.84
N TRP AA 127 22.68 0.21 36.81
CA TRP AA 127 23.49 0.51 37.98
C TRP AA 127 24.08 1.90 37.86
N THR AA 128 24.34 2.54 39.00
CA THR AA 128 24.95 3.86 39.05
C THR AA 128 26.10 3.83 40.04
N ILE AA 129 27.24 4.38 39.65
CA ILE AA 129 28.40 4.46 40.52
C ILE AA 129 28.92 5.89 40.52
N VAL AA 130 29.58 6.29 41.61
CA VAL AA 130 29.99 7.67 41.81
C VAL AA 130 31.42 7.71 42.32
N THR AA 131 32.18 8.72 41.87
CA THR AA 131 33.53 8.96 42.35
C THR AA 131 33.67 10.42 42.74
N GLY AA 132 34.69 10.69 43.58
CA GLY AA 132 35.01 12.04 43.96
C GLY AA 132 36.09 12.67 43.09
N GLU AA 133 36.74 11.87 42.26
CA GLU AA 133 37.81 12.33 41.39
C GLU AA 133 37.78 11.58 40.08
N TRP AA 134 37.48 12.30 39.00
CA TRP AA 134 37.43 11.73 37.66
C TRP AA 134 38.32 12.57 36.76
N THR AA 135 39.30 11.94 36.12
CA THR AA 135 40.17 12.66 35.21
C THR AA 135 39.98 12.15 33.80
N PRO AA 136 39.44 12.95 32.88
CA PRO AA 136 39.35 12.50 31.49
C PRO AA 136 40.72 12.38 30.86
N THR AA 137 40.83 11.45 29.94
CA THR AA 137 42.04 11.27 29.16
C THR AA 137 41.94 12.11 27.88
N ILE AA 138 43.08 12.60 27.41
CA ILE AA 138 43.09 13.47 26.23
C ILE AA 138 43.03 12.62 24.97
N PRO AA 139 42.08 12.85 24.07
CA PRO AA 139 42.08 12.10 22.82
C PRO AA 139 43.19 12.56 21.89
N THR AA 140 44.29 11.82 21.86
CA THR AA 140 45.44 12.26 21.09
C THR AA 140 45.34 11.88 19.62
N LEU AA 141 44.40 10.99 19.29
CA LEU AA 141 44.13 10.64 17.90
C LEU AA 141 42.95 11.41 17.34
N LEU AA 142 42.52 12.47 18.01
CA LEU AA 142 41.39 13.30 17.62
C LEU AA 142 40.10 12.47 17.53
N MET BA 1 24.49 -28.05 32.97
CA MET BA 1 23.61 -27.02 33.51
C MET BA 1 23.53 -25.84 32.56
N ALA BA 2 22.90 -26.07 31.40
CA ALA BA 2 22.81 -25.07 30.36
C ALA BA 2 22.03 -23.84 30.86
N MET BA 3 22.50 -22.67 30.44
CA MET BA 3 21.85 -21.42 30.81
C MET BA 3 20.54 -21.31 30.05
N LYS BA 4 19.41 -21.47 30.74
CA LYS BA 4 18.13 -21.37 30.08
C LYS BA 4 17.85 -19.93 29.68
N ALA BA 5 17.36 -19.77 28.45
CA ALA BA 5 16.82 -18.49 28.02
C ALA BA 5 15.69 -18.08 28.96
N TYR BA 6 15.33 -16.81 28.91
CA TYR BA 6 14.30 -16.32 29.82
C TYR BA 6 12.93 -16.87 29.42
N SER BA 7 12.09 -17.09 30.43
CA SER BA 7 10.72 -17.51 30.22
C SER BA 7 9.95 -17.32 31.52
N MET BA 8 8.74 -16.79 31.42
CA MET BA 8 7.88 -16.66 32.59
C MET BA 8 7.37 -18.00 33.10
N LEU BA 9 7.52 -19.07 32.33
CA LEU BA 9 7.19 -20.41 32.77
C LEU BA 9 8.16 -20.91 33.84
N ASN BA 10 9.32 -20.27 34.00
CA ASN BA 10 10.32 -20.71 34.95
C ASN BA 10 10.58 -19.71 36.06
N VAL BA 11 9.72 -18.70 36.20
CA VAL BA 11 9.77 -17.77 37.33
C VAL BA 11 8.67 -18.17 38.30
N THR BA 12 9.01 -18.26 39.58
CA THR BA 12 8.06 -18.62 40.62
C THR BA 12 8.03 -17.55 41.69
N ALA BA 13 6.83 -17.14 42.08
CA ALA BA 13 6.62 -16.14 43.12
C ALA BA 13 5.68 -16.69 44.18
N THR BA 14 6.06 -16.56 45.44
CA THR BA 14 5.33 -17.15 46.55
C THR BA 14 4.92 -16.04 47.51
N LEU BA 15 3.63 -15.89 47.74
CA LEU BA 15 3.10 -14.84 48.62
C LEU BA 15 2.36 -15.51 49.76
N ASP BA 16 2.94 -15.44 50.96
CA ASP BA 16 2.35 -16.03 52.16
C ASP BA 16 2.17 -17.53 52.02
N GLY BA 17 3.06 -18.15 51.25
CA GLY BA 17 3.02 -19.59 51.06
C GLY BA 17 2.36 -20.08 49.80
N ARG BA 18 1.50 -19.25 49.20
CA ARG BA 18 0.80 -19.64 47.98
C ARG BA 18 1.45 -19.00 46.76
N ARG BA 19 1.22 -19.59 45.60
CA ARG BA 19 1.76 -19.07 44.35
C ARG BA 19 0.97 -17.86 43.86
N VAL BA 20 1.63 -17.04 43.06
CA VAL BA 20 1.03 -15.91 42.37
C VAL BA 20 0.70 -16.37 40.96
N ILE BA 21 -0.56 -16.22 40.55
CA ILE BA 21 -0.99 -16.88 39.32
C ILE BA 21 -1.47 -15.93 38.22
N GLY BA 22 -2.56 -15.23 38.42
CA GLY BA 22 -3.09 -14.49 37.28
C GLY BA 22 -2.51 -13.10 37.11
N LEU BA 23 -1.50 -12.99 36.27
CA LEU BA 23 -0.75 -11.76 36.07
C LEU BA 23 -1.19 -11.07 34.79
N MET BA 24 -1.10 -9.75 34.77
CA MET BA 24 -1.45 -8.99 33.59
C MET BA 24 -0.40 -9.17 32.50
N ASP BA 25 -0.70 -8.62 31.32
CA ASP BA 25 0.22 -8.66 30.20
C ASP BA 25 1.21 -7.50 30.28
N GLY BA 26 2.44 -7.77 29.88
CA GLY BA 26 3.47 -6.74 29.81
C GLY BA 26 4.80 -7.23 30.32
N ASP BA 27 5.82 -6.42 30.12
CA ASP BA 27 7.18 -6.74 30.55
C ASP BA 27 7.44 -6.40 32.01
N ASP BA 28 6.45 -5.84 32.70
CA ASP BA 28 6.61 -5.41 34.08
C ASP BA 28 5.41 -5.91 34.86
N ALA BA 29 5.45 -7.17 35.29
CA ALA BA 29 4.36 -7.76 36.04
C ALA BA 29 4.67 -7.91 37.52
N ILE BA 30 5.93 -8.16 37.87
CA ILE BA 30 6.42 -8.08 39.24
C ILE BA 30 7.70 -7.28 39.19
N THR BA 31 7.72 -6.13 39.84
CA THR BA 31 8.92 -5.29 39.87
C THR BA 31 9.23 -4.87 41.30
N THR BA 32 10.48 -5.04 41.70
CA THR BA 32 10.95 -4.65 43.03
C THR BA 32 11.95 -3.52 42.90
N SER BA 33 11.79 -2.48 43.71
CA SER BA 33 12.71 -1.37 43.67
C SER BA 33 13.19 -1.01 45.07
N PRO BA 34 14.47 -0.72 45.23
CA PRO BA 34 14.99 -0.30 46.53
C PRO BA 34 14.40 1.03 46.97
N GLY BA 35 14.30 1.19 48.29
CA GLY BA 35 13.68 2.34 48.88
C GLY BA 35 14.39 3.66 48.69
N VAL BA 36 15.72 3.67 48.69
CA VAL BA 36 16.52 4.88 48.65
C VAL BA 36 17.74 4.65 47.77
N ASP BA 37 18.54 5.70 47.61
CA ASP BA 37 19.85 5.58 46.98
C ASP BA 37 20.84 4.92 47.93
N VAL BA 38 21.81 4.20 47.35
CA VAL BA 38 22.79 3.48 48.15
C VAL BA 38 23.70 4.45 48.88
N GLY BA 39 24.05 5.56 48.26
CA GLY BA 39 24.96 6.50 48.90
C GLY BA 39 24.91 7.86 48.26
N THR BA 40 25.79 8.74 48.74
CA THR BA 40 25.81 10.15 48.37
C THR BA 40 27.25 10.66 48.41
N MET BA 41 27.67 11.34 47.35
CA MET BA 41 28.98 11.97 47.29
C MET BA 41 28.86 13.45 47.67
N LEU BA 42 29.75 13.90 48.54
CA LEU BA 42 29.76 15.27 49.03
C LEU BA 42 31.10 15.91 48.69
N VAL BA 43 31.08 16.91 47.82
CA VAL BA 43 32.29 17.57 47.34
C VAL BA 43 32.33 18.97 47.91
N GLY BA 44 33.48 19.35 48.47
CA GLY BA 44 33.61 20.65 49.12
C GLY BA 44 34.11 21.74 48.20
N ALA BA 45 34.24 22.94 48.79
CA ALA BA 45 34.64 24.11 48.02
C ALA BA 45 36.09 24.05 47.56
N ASP BA 46 36.87 23.10 48.05
CA ASP BA 46 38.28 22.99 47.74
C ASP BA 46 38.59 21.86 46.77
N GLY BA 47 37.65 20.98 46.49
CA GLY BA 47 37.85 19.84 45.63
C GLY BA 47 37.94 18.50 46.33
N SER BA 48 38.04 18.48 47.66
CA SER BA 48 38.02 17.24 48.40
C SER BA 48 36.60 16.68 48.46
N TRP BA 49 36.49 15.40 48.81
CA TRP BA 49 35.22 14.70 48.72
C TRP BA 49 35.04 13.74 49.88
N LEU BA 50 33.79 13.34 50.09
CA LEU BA 50 33.45 12.36 51.11
C LEU BA 50 32.20 11.61 50.67
N PHE BA 51 32.25 10.28 50.75
CA PHE BA 51 31.12 9.42 50.43
C PHE BA 51 30.43 9.00 51.72
N SER BA 52 29.12 8.79 51.67
CA SER BA 52 28.37 8.30 52.82
C SER BA 52 27.39 7.23 52.36
N GLN BA 53 27.35 6.13 53.09
CA GLN BA 53 26.55 4.96 52.75
C GLN BA 53 25.42 4.81 53.75
N THR BA 54 24.24 4.43 53.26
CA THR BA 54 23.07 4.32 54.11
C THR BA 54 22.95 2.92 54.71
N ALA BA 55 22.23 2.83 55.82
CA ALA BA 55 21.96 1.57 56.49
C ALA BA 55 20.54 1.07 56.23
N ASP BA 56 19.80 1.74 55.35
CA ASP BA 56 18.41 1.41 55.05
C ASP BA 56 18.37 0.37 53.94
N LYS BA 57 17.88 -0.84 54.26
CA LYS BA 57 17.71 -1.88 53.25
C LYS BA 57 16.25 -2.28 53.16
N SER BA 58 15.48 -1.47 52.43
CA SER BA 58 14.04 -1.68 52.29
C SER BA 58 13.65 -1.57 50.82
N ALA BA 59 12.49 -2.13 50.50
CA ALA BA 59 12.04 -2.17 49.12
C ALA BA 59 10.52 -2.27 49.07
N THR BA 60 9.97 -1.93 47.91
CA THR BA 60 8.57 -2.17 47.57
C THR BA 60 8.53 -3.09 46.37
N VAL BA 61 7.43 -3.83 46.23
CA VAL BA 61 7.18 -4.58 45.00
C VAL BA 61 5.77 -4.27 44.54
N VAL BA 62 5.58 -4.17 43.23
CA VAL BA 62 4.29 -3.88 42.62
C VAL BA 62 3.87 -5.11 41.82
N ILE BA 63 2.66 -5.58 42.06
CA ILE BA 63 2.11 -6.77 41.42
C ILE BA 63 0.88 -6.36 40.61
N LYS BA 64 0.90 -6.63 39.32
CA LYS BA 64 -0.21 -6.31 38.43
C LYS BA 64 -0.97 -7.59 38.09
N LEU BA 65 -2.26 -7.58 38.35
CA LEU BA 65 -3.10 -8.77 38.26
C LEU BA 65 -4.30 -8.51 37.37
N LYS BA 66 -4.91 -9.61 36.92
CA LYS BA 66 -6.18 -9.52 36.22
C LYS BA 66 -7.34 -9.46 37.21
N PRO BA 67 -8.49 -8.95 36.79
CA PRO BA 67 -9.66 -8.95 37.68
C PRO BA 67 -10.17 -10.32 38.05
N ASN BA 68 -9.73 -11.40 37.40
CA ASN BA 68 -10.13 -12.76 37.76
C ASN BA 68 -8.89 -13.58 38.13
N SER BA 69 -8.41 -13.41 39.36
CA SER BA 69 -7.26 -14.20 39.77
C SER BA 69 -7.37 -14.47 41.26
N PRO BA 70 -7.05 -15.68 41.71
CA PRO BA 70 -7.14 -15.97 43.15
C PRO BA 70 -6.23 -15.12 44.02
N THR BA 71 -5.12 -14.63 43.47
CA THR BA 71 -4.24 -13.76 44.24
C THR BA 71 -4.91 -12.44 44.56
N HIS BA 72 -5.81 -11.97 43.68
CA HIS BA 72 -6.59 -10.77 43.99
C HIS BA 72 -7.47 -11.00 45.21
N ARG BA 73 -8.10 -12.17 45.30
CA ARG BA 73 -8.91 -12.52 46.47
C ARG BA 73 -8.06 -12.62 47.73
N GLN BA 74 -6.88 -13.24 47.62
CA GLN BA 74 -6.00 -13.35 48.78
C GLN BA 74 -5.56 -11.98 49.27
N LEU BA 75 -5.20 -11.08 48.35
CA LEU BA 75 -4.74 -9.76 48.75
C LEU BA 75 -5.87 -8.91 49.30
N THR BA 76 -7.08 -9.07 48.77
CA THR BA 76 -8.19 -8.30 49.34
C THR BA 76 -8.62 -8.82 50.70
N GLU BA 77 -8.37 -10.11 50.99
CA GLU BA 77 -8.59 -10.57 52.37
C GLU BA 77 -7.52 -10.04 53.32
N LYS BA 78 -6.27 -9.99 52.86
CA LYS BA 78 -5.20 -9.44 53.68
C LYS BA 78 -5.43 -7.96 53.98
N TRP BA 79 -5.96 -7.22 53.00
CA TRP BA 79 -6.26 -5.81 53.20
C TRP BA 79 -7.31 -5.61 54.28
N MET BA 80 -8.35 -6.45 54.29
CA MET BA 80 -9.39 -6.33 55.30
C MET BA 80 -8.89 -6.75 56.66
N ALA BA 81 -8.01 -7.76 56.73
CA ALA BA 81 -7.39 -8.11 57.99
C ALA BA 81 -6.58 -6.95 58.57
N GLN BA 82 -5.83 -6.26 57.71
CA GLN BA 82 -5.09 -5.07 58.18
C GLN BA 82 -6.03 -3.97 58.63
N ARG BA 83 -7.13 -3.76 57.91
CA ARG BA 83 -8.07 -2.70 58.28
C ARG BA 83 -8.77 -3.02 59.61
N ALA BA 84 -8.91 -4.30 59.94
CA ALA BA 84 -9.53 -4.66 61.21
C ALA BA 84 -8.61 -4.31 62.38
N GLY BA 85 -7.31 -4.39 62.18
CA GLY BA 85 -6.37 -4.06 63.25
C GLY BA 85 -5.36 -5.15 63.50
N ARG BA 86 -5.44 -6.22 62.71
CA ARG BA 86 -4.49 -7.32 62.84
C ARG BA 86 -3.30 -7.11 61.91
N LEU BA 87 -2.13 -6.92 62.50
CA LEU BA 87 -0.95 -6.47 61.76
C LEU BA 87 0.18 -7.47 61.95
N VAL BA 88 0.41 -8.33 60.94
CA VAL BA 88 1.46 -9.33 60.95
C VAL BA 88 2.21 -9.26 59.62
N GLY BA 89 3.18 -10.16 59.46
CA GLY BA 89 4.19 -10.05 58.42
C GLY BA 89 3.88 -10.56 57.03
N PHE BA 90 3.53 -11.83 56.88
CA PHE BA 90 3.26 -12.41 55.56
C PHE BA 90 4.45 -12.27 54.60
N PRO BA 91 5.36 -13.25 54.60
CA PRO BA 91 6.52 -13.21 53.70
C PRO BA 91 6.15 -13.21 52.23
N PHE BA 92 7.04 -12.61 51.42
CA PHE BA 92 6.97 -12.68 49.97
C PHE BA 92 8.33 -13.06 49.42
N ASP BA 93 8.34 -13.85 48.35
CA ASP BA 93 9.56 -14.40 47.80
C ASP BA 93 9.34 -14.69 46.32
N PHE BA 94 10.34 -14.38 45.49
CA PHE BA 94 10.30 -14.80 44.09
C PHE BA 94 11.71 -14.91 43.54
N ILE BA 95 11.86 -15.78 42.56
CA ILE BA 95 13.17 -16.16 42.05
C ILE BA 95 13.01 -16.62 40.61
N ASP BA 96 14.11 -16.61 39.87
CA ASP BA 96 14.18 -17.15 38.52
C ASP BA 96 15.11 -18.36 38.53
N SER BA 97 14.62 -19.50 38.06
CA SER BA 97 15.42 -20.71 38.09
C SER BA 97 16.53 -20.71 37.05
N ALA BA 98 16.43 -19.89 36.01
CA ALA BA 98 17.45 -19.86 34.98
C ALA BA 98 18.74 -19.21 35.45
N SER BA 99 18.65 -18.24 36.37
CA SER BA 99 19.83 -17.50 36.78
C SER BA 99 19.99 -17.41 38.29
N ASN BA 100 19.00 -17.83 39.06
CA ASN BA 100 18.99 -17.70 40.53
C ASN BA 100 18.99 -16.25 40.96
N GLU BA 101 18.33 -15.39 40.20
CA GLU BA 101 18.17 -13.99 40.56
C GLU BA 101 16.79 -13.78 41.19
N GLY BA 102 16.74 -12.98 42.23
CA GLY BA 102 15.51 -12.74 42.96
C GLY BA 102 15.80 -12.13 44.30
N GLY BA 103 14.95 -12.45 45.27
CA GLY BA 103 15.12 -11.94 46.61
C GLY BA 103 14.01 -12.40 47.50
N THR BA 104 14.16 -12.16 48.79
CA THR BA 104 13.18 -12.60 49.77
C THR BA 104 12.96 -11.50 50.80
N GLY BA 105 11.78 -11.52 51.41
CA GLY BA 105 11.49 -10.67 52.54
C GLY BA 105 10.49 -11.34 53.46
N ALA BA 106 10.89 -11.44 54.73
CA ALA BA 106 10.14 -12.24 55.69
C ALA BA 106 8.92 -11.54 56.26
N GLU BA 107 8.77 -10.24 56.08
CA GLU BA 107 7.63 -9.49 56.62
C GLU BA 107 7.26 -8.35 55.67
N PHE BA 108 6.14 -8.50 54.97
CA PHE BA 108 5.62 -7.48 54.08
C PHE BA 108 4.32 -6.88 54.63
N PHE BA 109 3.87 -5.79 54.02
CA PHE BA 109 2.62 -5.15 54.40
C PHE BA 109 1.99 -4.54 53.16
N ILE BA 110 0.67 -4.48 53.13
CA ILE BA 110 -0.03 -3.80 52.04
C ILE BA 110 0.21 -2.31 52.14
N GLN BA 111 0.58 -1.68 51.03
CA GLN BA 111 0.80 -0.24 51.01
C GLN BA 111 -0.19 0.52 50.14
N LYS BA 112 -0.50 0.03 48.95
CA LYS BA 112 -1.51 0.62 48.09
C LYS BA 112 -2.50 -0.43 47.62
N ALA BA 113 -3.75 -0.01 47.46
CA ALA BA 113 -4.82 -0.88 47.00
C ALA BA 113 -5.26 -0.44 45.61
N PRO BA 114 -5.74 -1.36 44.79
CA PRO BA 114 -6.05 -1.02 43.40
C PRO BA 114 -7.34 -0.24 43.27
N ASP BA 115 -7.60 0.18 42.03
CA ASP BA 115 -8.84 0.84 41.66
C ASP BA 115 -9.73 -0.14 40.92
N ASP BA 116 -11.02 -0.18 41.29
CA ASP BA 116 -11.97 -1.08 40.65
C ASP BA 116 -12.65 -0.36 39.51
N SER BA 117 -12.16 -0.58 38.29
CA SER BA 117 -12.73 -0.01 37.08
C SER BA 117 -13.50 -1.08 36.34
N LYS BA 118 -14.73 -0.76 35.93
CA LYS BA 118 -15.51 -1.75 35.21
C LYS BA 118 -15.41 -1.60 33.69
N GLY BA 119 -15.93 -0.49 33.16
CA GLY BA 119 -15.79 -0.21 31.74
C GLY BA 119 -16.17 -1.29 30.75
N ASN BA 120 -15.69 -1.17 29.52
CA ASN BA 120 -16.05 -2.04 28.41
C ASN BA 120 -15.13 -3.24 28.22
N ASN BA 121 -13.83 -3.08 28.45
CA ASN BA 121 -12.90 -4.20 28.49
C ASN BA 121 -12.33 -4.32 29.90
N ALA BA 122 -11.76 -5.48 30.23
CA ALA BA 122 -11.18 -5.68 31.54
C ALA BA 122 -9.80 -5.03 31.64
N VAL BA 123 -9.45 -4.58 32.84
CA VAL BA 123 -8.25 -3.78 33.06
C VAL BA 123 -7.48 -4.27 34.27
N VAL BA 124 -6.35 -3.60 34.54
CA VAL BA 124 -5.39 -4.06 35.54
C VAL BA 124 -5.90 -3.83 36.95
N ARG BA 125 -5.40 -4.64 37.89
CA ARG BA 125 -5.51 -4.39 39.32
C ARG BA 125 -4.11 -4.40 39.91
N GLU BA 126 -3.63 -3.25 40.37
CA GLU BA 126 -2.25 -3.10 40.84
C GLU BA 126 -2.19 -3.01 42.35
N TRP BA 127 -1.44 -3.91 42.97
CA TRP BA 127 -1.19 -3.93 44.39
C TRP BA 127 0.26 -3.52 44.66
N THR BA 128 0.49 -2.94 45.84
CA THR BA 128 1.83 -2.54 46.27
C THR BA 128 2.05 -3.06 47.69
N ILE BA 129 3.20 -3.67 47.93
CA ILE BA 129 3.56 -4.16 49.25
C ILE BA 129 4.96 -3.64 49.60
N VAL BA 130 5.23 -3.50 50.89
CA VAL BA 130 6.46 -2.88 51.37
C VAL BA 130 7.05 -3.71 52.50
N THR BA 131 8.37 -3.77 52.55
CA THR BA 131 9.10 -4.42 53.62
C THR BA 131 10.19 -3.50 54.15
N GLY BA 132 10.63 -3.79 55.37
CA GLY BA 132 11.72 -3.06 55.98
C GLY BA 132 13.07 -3.71 55.77
N GLU BA 133 13.07 -4.95 55.28
CA GLU BA 133 14.30 -5.71 55.06
C GLU BA 133 14.14 -6.59 53.83
N TRP BA 134 14.93 -6.30 52.80
CA TRP BA 134 14.92 -7.05 51.56
C TRP BA 134 16.35 -7.46 51.24
N THR BA 135 16.58 -8.76 51.10
CA THR BA 135 17.92 -9.23 50.77
C THR BA 135 17.89 -9.88 49.40
N PRO BA 136 18.56 -9.31 48.40
CA PRO BA 136 18.65 -9.97 47.10
C PRO BA 136 19.49 -11.23 47.18
N THR BA 137 19.14 -12.19 46.34
CA THR BA 137 19.90 -13.42 46.23
C THR BA 137 20.93 -13.25 45.13
N ILE BA 138 22.06 -13.92 45.28
CA ILE BA 138 23.16 -13.78 44.32
C ILE BA 138 22.90 -14.68 43.12
N PRO BA 139 22.90 -14.15 41.90
CA PRO BA 139 22.75 -15.03 40.73
C PRO BA 139 24.00 -15.84 40.48
N THR BA 140 24.02 -17.09 40.92
CA THR BA 140 25.22 -17.89 40.83
C THR BA 140 25.37 -18.54 39.46
N LEU BA 141 24.32 -18.53 38.66
CA LEU BA 141 24.37 -19.01 37.28
C LEU BA 141 24.57 -17.88 36.28
N LEU BA 142 24.94 -16.69 36.76
CA LEU BA 142 25.14 -15.50 35.94
C LEU BA 142 23.86 -15.12 35.19
N MET CA 1 -21.26 -23.85 38.56
CA MET CA 1 -21.10 -22.41 38.69
C MET CA 1 -19.88 -21.93 37.90
N ALA CA 2 -19.97 -22.02 36.58
CA ALA CA 2 -18.85 -21.69 35.72
C ALA CA 2 -18.47 -20.21 35.87
N MET CA 3 -17.16 -19.96 35.85
CA MET CA 3 -16.65 -18.59 35.94
C MET CA 3 -16.97 -17.86 34.65
N LYS CA 4 -17.92 -16.93 34.69
CA LYS CA 4 -18.25 -16.19 33.49
C LYS CA 4 -17.13 -15.23 33.13
N ALA CA 5 -16.81 -15.20 31.83
CA ALA CA 5 -15.93 -14.18 31.30
C ALA CA 5 -16.52 -12.81 31.60
N TYR CA 6 -15.69 -11.77 31.48
CA TYR CA 6 -16.17 -10.44 31.81
C TYR CA 6 -17.15 -9.94 30.75
N SER CA 7 -18.11 -9.14 31.20
CA SER CA 7 -19.08 -8.51 30.31
C SER CA 7 -19.79 -7.41 31.08
N MET CA 8 -19.96 -6.25 30.44
CA MET CA 8 -20.72 -5.17 31.05
C MET CA 8 -22.20 -5.46 31.12
N LEU CA 9 -22.68 -6.49 30.43
CA LEU CA 9 -24.05 -6.94 30.55
C LEU CA 9 -24.35 -7.58 31.91
N ASN CA 10 -23.32 -7.94 32.66
CA ASN CA 10 -23.49 -8.61 33.94
C ASN CA 10 -22.99 -7.78 35.11
N VAL CA 11 -22.68 -6.51 34.90
CA VAL CA 11 -22.35 -5.58 35.97
C VAL CA 11 -23.57 -4.72 36.25
N THR CA 12 -23.93 -4.58 37.52
CA THR CA 12 -25.07 -3.78 37.92
C THR CA 12 -24.64 -2.73 38.94
N ALA CA 13 -25.08 -1.50 38.72
CA ALA CA 13 -24.78 -0.38 39.61
C ALA CA 13 -26.08 0.30 40.01
N THR CA 14 -26.23 0.55 41.31
CA THR CA 14 -27.47 1.09 41.86
C THR CA 14 -27.16 2.37 42.59
N LEU CA 15 -27.78 3.46 42.17
CA LEU CA 15 -27.55 4.78 42.76
C LEU CA 15 -28.87 5.28 43.33
N ASP CA 16 -28.96 5.32 44.66
CA ASP CA 16 -30.14 5.78 45.37
C ASP CA 16 -31.36 4.93 45.03
N GLY CA 17 -31.11 3.66 44.74
CA GLY CA 17 -32.19 2.73 44.45
C GLY CA 17 -32.45 2.46 42.97
N ARG CA 18 -32.03 3.37 42.11
CA ARG CA 18 -32.24 3.22 40.67
C ARG CA 18 -30.96 2.74 39.99
N ARG CA 19 -31.12 2.15 38.81
CA ARG CA 19 -29.99 1.66 38.05
C ARG CA 19 -29.27 2.81 37.34
N VAL CA 20 -28.00 2.57 37.03
CA VAL CA 20 -27.17 3.47 36.23
C VAL CA 20 -27.18 2.93 34.81
N ILE CA 21 -27.57 3.77 33.84
CA ILE CA 21 -27.86 3.26 32.51
C ILE CA 21 -26.96 3.80 31.41
N GLY CA 22 -27.03 5.09 31.10
CA GLY CA 22 -26.32 5.53 29.92
C GLY CA 22 -24.88 5.92 30.17
N LEU CA 23 -23.97 4.99 29.94
CA LEU CA 23 -22.56 5.15 30.25
C LEU CA 23 -21.78 5.46 28.98
N MET CA 24 -20.69 6.22 29.11
CA MET CA 24 -19.85 6.53 27.98
C MET CA 24 -19.06 5.31 27.53
N ASP CA 25 -18.37 5.47 26.41
CA ASP CA 25 -17.52 4.42 25.89
C ASP CA 25 -16.14 4.46 26.53
N GLY CA 26 -15.57 3.28 26.77
CA GLY CA 26 -14.23 3.17 27.29
C GLY CA 26 -14.11 2.09 28.36
N ASP CA 27 -12.87 1.80 28.74
CA ASP CA 27 -12.59 0.80 29.76
C ASP CA 27 -12.73 1.32 31.18
N ASP CA 28 -13.04 2.60 31.34
CA ASP CA 28 -13.13 3.22 32.66
C ASP CA 28 -14.42 4.03 32.70
N ALA CA 29 -15.53 3.36 32.98
CA ALA CA 29 -16.83 4.02 33.06
C ALA CA 29 -17.32 4.20 34.48
N ILE CA 30 -17.01 3.28 35.38
CA ILE CA 30 -17.20 3.45 36.82
C ILE CA 30 -15.89 3.02 37.47
N THR CA 31 -15.21 3.93 38.14
CA THR CA 31 -13.97 3.62 38.82
C THR CA 31 -14.00 4.15 40.25
N THR CA 32 -13.64 3.30 41.20
CA THR CA 32 -13.58 3.66 42.61
C THR CA 32 -12.14 3.62 43.08
N SER CA 33 -11.71 4.65 43.80
CA SER CA 33 -10.35 4.66 44.30
C SER CA 33 -10.34 5.03 45.77
N PRO CA 34 -9.52 4.35 46.57
CA PRO CA 34 -9.40 4.69 48.00
C PRO CA 34 -8.82 6.08 48.20
N GLY CA 35 -9.22 6.69 49.30
CA GLY CA 35 -8.85 8.05 49.61
C GLY CA 35 -7.39 8.31 49.90
N VAL CA 36 -6.72 7.36 50.56
CA VAL CA 36 -5.35 7.54 51.01
C VAL CA 36 -4.59 6.23 50.84
N ASP CA 37 -3.30 6.26 51.17
CA ASP CA 37 -2.50 5.05 51.26
C ASP CA 37 -2.85 4.26 52.51
N VAL CA 38 -2.71 2.94 52.41
CA VAL CA 38 -3.06 2.07 53.53
C VAL CA 38 -2.11 2.28 54.71
N GLY CA 39 -0.83 2.50 54.43
CA GLY CA 39 0.13 2.66 55.49
C GLY CA 39 1.41 3.32 55.04
N THR CA 40 2.35 3.40 55.96
CA THR CA 40 3.61 4.14 55.77
C THR CA 40 4.72 3.46 56.55
N MET CA 41 5.85 3.22 55.89
CA MET CA 41 7.03 2.66 56.53
C MET CA 41 7.98 3.79 56.93
N LEU CA 42 8.47 3.75 58.16
CA LEU CA 42 9.37 4.76 58.70
C LEU CA 42 10.67 4.07 59.12
N VAL CA 43 11.76 4.41 58.44
CA VAL CA 43 13.07 3.81 58.67
C VAL CA 43 13.98 4.85 59.30
N GLY CA 44 14.66 4.47 60.38
CA GLY CA 44 15.49 5.38 61.12
C GLY CA 44 16.94 5.41 60.66
N ALA CA 45 17.72 6.25 61.32
CA ALA CA 45 19.12 6.44 60.96
C ALA CA 45 19.98 5.22 61.27
N ASP CA 46 19.46 4.25 62.00
CA ASP CA 46 20.21 3.08 62.40
C ASP CA 46 19.84 1.83 61.61
N GLY CA 47 18.76 1.86 60.84
CA GLY CA 47 18.29 0.70 60.10
C GLY CA 47 17.04 0.06 60.64
N SER CA 48 16.60 0.42 61.84
CA SER CA 48 15.34 -0.08 62.37
C SER CA 48 14.16 0.60 61.68
N TRP CA 49 12.98 -0.01 61.82
CA TRP CA 49 11.83 0.43 61.06
C TRP CA 49 10.56 0.36 61.90
N LEU CA 50 9.53 1.06 61.44
CA LEU CA 50 8.22 1.05 62.07
C LEU CA 50 7.15 1.32 61.02
N PHE CA 51 6.13 0.48 60.99
CA PHE CA 51 4.99 0.63 60.09
C PHE CA 51 3.84 1.30 60.84
N SER CA 52 3.03 2.08 60.13
CA SER CA 52 1.85 2.69 60.72
C SER CA 52 0.69 2.58 59.76
N GLN CA 53 -0.46 2.16 60.28
CA GLN CA 53 -1.66 1.89 59.50
C GLN CA 53 -2.72 2.93 59.79
N THR CA 54 -3.43 3.37 58.76
CA THR CA 54 -4.44 4.41 58.91
C THR CA 54 -5.80 3.84 59.25
N ALA CA 55 -6.63 4.67 59.87
CA ALA CA 55 -8.00 4.31 60.20
C ALA CA 55 -9.01 4.90 59.24
N ASP CA 56 -8.56 5.55 58.17
CA ASP CA 56 -9.42 6.23 57.20
C ASP CA 56 -9.84 5.23 56.14
N LYS CA 57 -11.14 4.94 56.07
CA LYS CA 57 -11.68 4.06 55.03
C LYS CA 57 -12.70 4.82 54.19
N SER CA 58 -12.20 5.62 53.25
CA SER CA 58 -13.04 6.46 52.42
C SER CA 58 -12.63 6.30 50.95
N ALA CA 59 -13.54 6.67 50.05
CA ALA CA 59 -13.30 6.50 48.64
C ALA CA 59 -14.14 7.49 47.84
N THR CA 60 -13.72 7.71 46.59
CA THR CA 60 -14.51 8.42 45.60
C THR CA 60 -14.81 7.47 44.45
N VAL CA 61 -15.90 7.74 43.73
CA VAL CA 61 -16.17 7.04 42.47
C VAL CA 61 -16.47 8.08 41.41
N VAL CA 62 -16.01 7.82 40.19
CA VAL CA 62 -16.22 8.70 39.05
C VAL CA 62 -17.11 7.97 38.07
N ILE CA 63 -18.18 8.62 37.63
CA ILE CA 63 -19.15 8.05 36.71
C ILE CA 63 -19.17 8.90 35.44
N LYS CA 64 -18.90 8.28 34.30
CA LYS CA 64 -18.89 8.95 33.02
C LYS CA 64 -20.15 8.59 32.25
N LEU CA 65 -20.90 9.61 31.83
CA LEU CA 65 -22.22 9.42 31.25
C LEU CA 65 -22.31 10.12 29.91
N LYS CA 66 -23.31 9.73 29.12
CA LYS CA 66 -23.63 10.44 27.91
C LYS CA 66 -24.53 11.63 28.20
N PRO CA 67 -24.58 12.61 27.31
CA PRO CA 67 -25.49 13.75 27.51
C PRO CA 67 -26.96 13.39 27.47
N ASN CA 68 -27.34 12.18 27.04
CA ASN CA 68 -28.74 11.75 27.03
C ASN CA 68 -28.87 10.49 27.89
N SER CA 69 -28.95 10.67 29.20
CA SER CA 69 -29.13 9.51 30.06
C SER CA 69 -29.93 9.92 31.28
N PRO CA 70 -30.87 9.10 31.73
CA PRO CA 70 -31.67 9.47 32.90
C PRO CA 70 -30.86 9.64 34.17
N THR CA 71 -29.71 8.98 34.28
CA THR CA 71 -28.87 9.16 35.45
C THR CA 71 -28.29 10.56 35.51
N HIS CA 72 -28.06 11.20 34.35
CA HIS CA 72 -27.64 12.59 34.34
C HIS CA 72 -28.71 13.50 34.94
N ARG CA 73 -29.98 13.23 34.61
CA ARG CA 73 -31.08 13.99 35.20
C ARG CA 73 -31.19 13.75 36.71
N GLN CA 74 -31.03 12.49 37.13
CA GLN CA 74 -31.09 12.19 38.57
C GLN CA 74 -29.97 12.91 39.32
N LEU CA 75 -28.76 12.89 38.78
CA LEU CA 75 -27.64 13.52 39.46
C LEU CA 75 -27.75 15.03 39.46
N THR CA 76 -28.29 15.62 38.39
CA THR CA 76 -28.46 17.07 38.40
C THR CA 76 -29.60 17.51 39.32
N GLU CA 77 -30.58 16.64 39.60
CA GLU CA 77 -31.55 16.98 40.64
C GLU CA 77 -30.93 16.86 42.03
N LYS CA 78 -30.09 15.85 42.25
CA LYS CA 78 -29.42 15.72 43.54
C LYS CA 78 -28.48 16.90 43.81
N TRP CA 79 -27.82 17.40 42.77
CA TRP CA 79 -26.95 18.56 42.91
C TRP CA 79 -27.73 19.79 43.35
N MET CA 80 -28.90 20.01 42.77
CA MET CA 80 -29.72 21.16 43.15
C MET CA 80 -30.28 21.02 44.55
N ALA CA 81 -30.63 19.79 44.94
CA ALA CA 81 -31.06 19.56 46.32
C ALA CA 81 -29.95 19.89 47.31
N GLN CA 82 -28.71 19.51 46.99
CA GLN CA 82 -27.60 19.88 47.86
C GLN CA 82 -27.37 21.38 47.88
N ARG CA 83 -27.51 22.04 46.73
CA ARG CA 83 -27.30 23.50 46.69
C ARG CA 83 -28.38 24.23 47.47
N ALA CA 84 -29.57 23.66 47.57
CA ALA CA 84 -30.63 24.30 48.36
C ALA CA 84 -30.31 24.27 49.84
N GLY CA 85 -29.63 23.22 50.31
CA GLY CA 85 -29.29 23.14 51.72
C GLY CA 85 -29.72 21.83 52.33
N ARG CA 86 -30.30 20.96 51.53
CA ARG CA 86 -30.73 19.65 52.01
C ARG CA 86 -29.62 18.62 51.80
N LEU CA 87 -29.08 18.11 52.90
CA LEU CA 87 -27.86 17.30 52.88
C LEU CA 87 -28.14 15.94 53.52
N VAL CA 88 -28.33 14.91 52.68
CA VAL CA 88 -28.57 13.55 53.12
C VAL CA 88 -27.65 12.61 52.34
N GLY CA 89 -27.80 11.31 52.60
CA GLY CA 89 -26.82 10.31 52.20
C GLY CA 89 -26.88 9.75 50.80
N PHE CA 90 -27.98 9.15 50.39
CA PHE CA 90 -28.10 8.54 49.06
C PHE CA 90 -27.03 7.45 48.82
N PRO CA 91 -27.35 6.20 49.18
CA PRO CA 91 -26.40 5.10 48.98
C PRO CA 91 -26.03 4.86 47.52
N PHE CA 92 -24.83 4.34 47.31
CA PHE CA 92 -24.38 3.84 46.00
C PHE CA 92 -23.80 2.45 46.17
N ASP CA 93 -24.02 1.61 45.17
CA ASP CA 93 -23.61 0.21 45.25
C ASP CA 93 -23.42 -0.32 43.84
N PHE CA 94 -22.37 -1.11 43.64
CA PHE CA 94 -22.21 -1.81 42.37
C PHE CA 94 -21.38 -3.06 42.57
N ILE CA 95 -21.63 -4.05 41.72
CA ILE CA 95 -21.06 -5.39 41.89
C ILE CA 95 -20.99 -6.05 40.52
N ASP CA 96 -20.15 -7.08 40.42
CA ASP CA 96 -20.04 -7.91 39.23
C ASP CA 96 -20.50 -9.32 39.59
N SER CA 97 -21.48 -9.83 38.85
CA SER CA 97 -22.03 -11.14 39.17
C SER CA 97 -21.09 -12.28 38.81
N ALA CA 98 -20.12 -12.05 37.93
CA ALA CA 98 -19.20 -13.11 37.53
C ALA CA 98 -18.21 -13.46 38.63
N SER CA 99 -17.82 -12.48 39.46
CA SER CA 99 -16.80 -12.72 40.46
C SER CA 99 -17.20 -12.26 41.86
N ASN CA 100 -18.32 -11.56 42.01
CA ASN CA 100 -18.75 -10.98 43.28
C ASN CA 100 -17.77 -9.91 43.79
N GLU CA 101 -17.17 -9.18 42.87
CA GLU CA 101 -16.28 -8.08 43.22
C GLU CA 101 -17.04 -6.77 43.11
N GLY CA 102 -16.83 -5.87 44.07
CA GLY CA 102 -17.54 -4.61 44.10
C GLY CA 102 -17.39 -3.98 45.47
N GLY CA 103 -18.43 -3.25 45.86
CA GLY CA 103 -18.43 -2.60 47.16
C GLY CA 103 -19.70 -1.79 47.34
N THR CA 104 -19.89 -1.31 48.56
CA THR CA 104 -21.08 -0.56 48.89
C THR CA 104 -20.71 0.62 49.76
N GLY CA 105 -21.56 1.65 49.72
CA GLY CA 105 -21.45 2.77 50.62
C GLY CA 105 -22.81 3.37 50.88
N ALA CA 106 -23.16 3.46 52.16
CA ALA CA 106 -24.51 3.82 52.57
C ALA CA 106 -24.80 5.31 52.52
N GLU CA 107 -23.77 6.16 52.40
CA GLU CA 107 -23.97 7.62 52.37
C GLU CA 107 -22.94 8.25 51.46
N PHE CA 108 -23.37 8.73 50.29
CA PHE CA 108 -22.51 9.43 49.35
C PHE CA 108 -22.91 10.90 49.25
N PHE CA 109 -22.07 11.68 48.58
CA PHE CA 109 -22.34 13.09 48.35
C PHE CA 109 -21.74 13.49 47.02
N ILE CA 110 -22.35 14.46 46.36
CA ILE CA 110 -21.79 15.01 45.12
C ILE CA 110 -20.54 15.80 45.45
N GLN CA 111 -19.45 15.55 44.72
CA GLN CA 111 -18.21 16.29 44.93
C GLN CA 111 -17.80 17.16 43.76
N LYS CA 112 -17.93 16.67 42.53
CA LYS CA 112 -17.65 17.46 41.34
C LYS CA 112 -18.81 17.35 40.36
N ALA CA 113 -19.06 18.43 39.64
CA ALA CA 113 -20.12 18.50 38.65
C ALA CA 113 -19.49 18.61 37.26
N PRO CA 114 -20.16 18.10 36.24
CA PRO CA 114 -19.54 18.05 34.91
C PRO CA 114 -19.55 19.41 34.22
N ASP CA 115 -18.91 19.43 33.06
CA ASP CA 115 -18.89 20.59 32.18
C ASP CA 115 -19.84 20.37 31.02
N ASP CA 116 -20.65 21.37 30.71
CA ASP CA 116 -21.62 21.27 29.62
C ASP CA 116 -20.99 21.82 28.35
N SER CA 117 -20.47 20.91 27.52
CA SER CA 117 -19.87 21.27 26.24
C SER CA 117 -20.82 20.89 25.12
N LYS CA 118 -21.06 21.82 24.19
CA LYS CA 118 -21.97 21.52 23.10
C LYS CA 118 -21.24 21.03 21.85
N GLY CA 119 -20.46 21.90 21.22
CA GLY CA 119 -19.64 21.49 20.08
C GLY CA 119 -20.33 20.75 18.95
N ASN CA 120 -19.53 20.07 18.13
CA ASN CA 120 -19.99 19.41 16.90
C ASN CA 120 -20.40 17.95 17.10
N ASN CA 121 -19.69 17.21 17.95
CA ASN CA 121 -20.11 15.87 18.35
C ASN CA 121 -20.43 15.87 19.84
N ALA CA 122 -21.15 14.86 20.30
CA ALA CA 122 -21.50 14.76 21.72
C ALA CA 122 -20.31 14.23 22.53
N VAL CA 123 -20.23 14.67 23.79
CA VAL CA 123 -19.06 14.40 24.62
C VAL CA 123 -19.50 13.95 26.01
N VAL CA 124 -18.50 13.65 26.85
CA VAL CA 124 -18.73 13.03 28.16
C VAL CA 124 -19.31 14.02 29.15
N ARG CA 125 -20.03 13.49 30.14
CA ARG CA 125 -20.42 14.20 31.35
C ARG CA 125 -19.93 13.40 32.56
N GLU CA 126 -18.95 13.93 33.28
CA GLU CA 126 -18.31 13.21 34.37
C GLU CA 126 -18.75 13.73 35.72
N TRP CA 127 -19.29 12.85 36.55
CA TRP CA 127 -19.69 13.16 37.91
C TRP CA 127 -18.74 12.48 38.88
N THR CA 128 -18.59 13.06 40.07
CA THR CA 128 -17.76 12.52 41.13
C THR CA 128 -18.57 12.52 42.42
N ILE CA 129 -18.54 11.41 43.15
CA ILE CA 129 -19.22 11.30 44.44
C ILE CA 129 -18.23 10.75 45.45
N VAL CA 130 -18.46 11.09 46.73
CA VAL CA 130 -17.51 10.77 47.79
C VAL CA 130 -18.27 10.21 48.99
N THR CA 131 -17.65 9.25 49.68
CA THR CA 131 -18.19 8.70 50.91
C THR CA 131 -17.11 8.68 51.98
N GLY CA 132 -17.55 8.61 53.23
CA GLY CA 132 -16.63 8.49 54.35
C GLY CA 132 -16.39 7.07 54.78
N GLU CA 133 -17.18 6.13 54.25
CA GLU CA 133 -17.07 4.72 54.59
C GLU CA 133 -17.39 3.86 53.38
N TRP CA 134 -16.39 3.14 52.90
CA TRP CA 134 -16.53 2.26 51.75
C TRP CA 134 -16.00 0.89 52.15
N THR CA 135 -16.84 -0.14 52.03
CA THR CA 135 -16.42 -1.49 52.35
C THR CA 135 -16.43 -2.34 51.10
N PRO CA 136 -15.28 -2.79 50.61
CA PRO CA 136 -15.28 -3.71 49.48
C PRO CA 136 -15.86 -5.05 49.85
N THR CA 137 -16.49 -5.69 48.87
CA THR CA 137 -17.02 -7.02 49.03
C THR CA 137 -15.95 -8.03 48.59
N ILE CA 138 -15.96 -9.19 49.24
CA ILE CA 138 -14.94 -10.20 48.95
C ILE CA 138 -15.34 -10.97 47.70
N PRO CA 139 -14.48 -11.07 46.69
CA PRO CA 139 -14.81 -11.90 45.53
C PRO CA 139 -14.72 -13.37 45.86
N THR CA 140 -15.85 -14.02 46.14
CA THR CA 140 -15.83 -15.39 46.58
C THR CA 140 -15.75 -16.37 45.41
N LEU CA 141 -15.99 -15.89 44.20
CA LEU CA 141 -15.84 -16.69 42.99
C LEU CA 141 -14.50 -16.46 42.32
N LEU CA 142 -13.56 -15.83 43.02
CA LEU CA 142 -12.24 -15.51 42.50
C LEU CA 142 -12.31 -14.63 41.26
N MET DA 1 -43.07 12.85 21.27
CA MET DA 1 -41.91 13.67 21.58
C MET DA 1 -40.63 12.86 21.54
N ALA DA 2 -40.27 12.42 20.33
CA ALA DA 2 -39.11 11.56 20.15
C ALA DA 2 -37.83 12.26 20.59
N MET DA 3 -36.95 11.50 21.22
CA MET DA 3 -35.67 12.02 21.68
C MET DA 3 -34.78 12.28 20.47
N LYS DA 4 -34.57 13.55 20.13
CA LYS DA 4 -33.73 13.86 18.98
C LYS DA 4 -32.27 13.55 19.29
N ALA DA 5 -31.62 12.90 18.33
CA ALA DA 5 -30.17 12.76 18.38
C ALA DA 5 -29.53 14.13 18.47
N TYR DA 6 -28.26 14.16 18.87
CA TYR DA 6 -27.59 15.43 19.03
C TYR DA 6 -27.33 16.10 17.69
N SER DA 7 -27.37 17.43 17.68
CA SER DA 7 -27.04 18.22 16.50
C SER DA 7 -26.85 19.66 16.92
N MET DA 8 -25.81 20.30 16.38
CA MET DA 8 -25.58 21.71 16.65
C MET DA 8 -26.60 22.60 15.97
N LEU DA 9 -27.40 22.06 15.04
CA LEU DA 9 -28.50 22.79 14.45
C LEU DA 9 -29.64 23.04 15.43
N ASN DA 10 -29.66 22.33 16.56
CA ASN DA 10 -30.73 22.46 17.53
C ASN DA 10 -30.26 23.00 18.86
N VAL DA 11 -29.04 23.51 18.95
CA VAL DA 11 -28.55 24.21 20.12
C VAL DA 11 -28.61 25.71 19.85
N THR DA 12 -29.14 26.46 20.79
CA THR DA 12 -29.27 27.91 20.66
C THR DA 12 -28.61 28.59 21.85
N ALA DA 13 -27.80 29.61 21.57
CA ALA DA 13 -27.09 30.38 22.58
C ALA DA 13 -27.39 31.86 22.36
N THR DA 14 -27.76 32.56 23.44
CA THR DA 14 -28.19 33.94 23.37
C THR DA 14 -27.29 34.76 24.28
N LEU DA 15 -26.62 35.76 23.70
CA LEU DA 15 -25.69 36.61 24.45
C LEU DA 15 -26.20 38.04 24.35
N ASP DA 16 -26.69 38.57 25.47
CA ASP DA 16 -27.21 39.93 25.56
C ASP DA 16 -28.38 40.14 24.60
N GLY DA 17 -29.12 39.07 24.35
CA GLY DA 17 -30.29 39.15 23.50
C GLY DA 17 -30.09 38.68 22.07
N ARG DA 18 -28.86 38.68 21.59
CA ARG DA 18 -28.57 38.26 20.23
C ARG DA 18 -28.03 36.84 20.21
N ARG DA 19 -28.14 36.19 19.05
CA ARG DA 19 -27.64 34.84 18.88
C ARG DA 19 -26.13 34.82 18.71
N VAL DA 20 -25.54 33.67 19.05
CA VAL DA 20 -24.13 33.38 18.81
C VAL DA 20 -24.02 32.59 17.53
N ILE DA 21 -23.22 33.07 16.58
CA ILE DA 21 -23.29 32.52 15.22
C ILE DA 21 -22.00 31.86 14.76
N GLY DA 22 -20.93 32.63 14.56
CA GLY DA 22 -19.78 32.01 13.92
C GLY DA 22 -18.83 31.32 14.86
N LEU DA 23 -19.00 30.00 15.02
CA LEU DA 23 -18.25 29.22 15.99
C LEU DA 23 -17.15 28.44 15.27
N MET DA 24 -16.05 28.19 15.99
CA MET DA 24 -14.95 27.43 15.43
C MET DA 24 -15.33 25.95 15.31
N ASP DA 25 -14.44 25.19 14.68
CA ASP DA 25 -14.63 23.76 14.55
C ASP DA 25 -14.12 23.02 15.78
N GLY DA 26 -14.82 21.96 16.15
CA GLY DA 26 -14.40 21.11 17.25
C GLY DA 26 -15.56 20.70 18.13
N ASP DA 27 -15.30 19.78 19.04
CA ASP DA 27 -16.29 19.27 19.97
C ASP DA 27 -16.48 20.17 21.19
N ASP DA 28 -15.71 21.24 21.30
CA ASP DA 28 -15.75 22.12 22.46
C ASP DA 28 -15.81 23.55 21.94
N ALA DA 29 -17.01 24.01 21.59
CA ALA DA 29 -17.20 25.37 21.09
C ALA DA 29 -17.83 26.30 22.11
N ILE DA 30 -18.70 25.80 22.96
CA ILE DA 30 -19.19 26.50 24.14
C ILE DA 30 -19.10 25.52 25.30
N THR DA 31 -18.28 25.84 26.30
CA THR DA 31 -18.12 24.98 27.46
C THR DA 31 -18.25 25.81 28.74
N THR DA 32 -19.08 25.33 29.66
CA THR DA 32 -19.28 25.98 30.95
C THR DA 32 -18.74 25.08 32.05
N SER DA 33 -17.99 25.66 32.98
CA SER DA 33 -17.44 24.88 34.07
C SER DA 33 -17.70 25.58 35.40
N PRO DA 34 -18.09 24.83 36.43
CA PRO DA 34 -18.28 25.42 37.75
C PRO DA 34 -16.98 25.96 38.33
N GLY DA 35 -17.13 26.99 39.16
CA GLY DA 35 -15.99 27.69 39.73
C GLY DA 35 -15.14 26.90 40.70
N VAL DA 36 -15.76 26.05 41.52
CA VAL DA 36 -15.08 25.34 42.60
C VAL DA 36 -15.64 23.93 42.69
N ASP DA 37 -15.07 23.15 43.60
CA ASP DA 37 -15.63 21.85 43.95
C ASP DA 37 -16.88 22.01 44.81
N VAL DA 38 -17.79 21.05 44.67
CA VAL DA 38 -19.06 21.12 45.40
C VAL DA 38 -18.84 20.96 46.90
N GLY DA 39 -17.90 20.11 47.30
CA GLY DA 39 -17.67 19.89 48.70
C GLY DA 39 -16.33 19.24 48.98
N THR DA 40 -16.11 18.93 50.25
CA THR DA 40 -14.82 18.44 50.75
C THR DA 40 -15.06 17.47 51.90
N MET DA 41 -14.42 16.32 51.86
CA MET DA 41 -14.47 15.34 52.94
C MET DA 41 -13.26 15.50 53.84
N LEU DA 42 -13.49 15.53 55.14
CA LEU DA 42 -12.44 15.70 56.15
C LEU DA 42 -12.44 14.49 57.07
N VAL DA 43 -11.37 13.71 57.04
CA VAL DA 43 -11.25 12.49 57.81
C VAL DA 43 -10.20 12.71 58.89
N GLY DA 44 -10.54 12.34 60.13
CA GLY DA 44 -9.66 12.57 61.26
C GLY DA 44 -8.74 11.41 61.55
N ALA DA 45 -7.92 11.60 62.58
CA ALA DA 45 -6.91 10.61 62.96
C ALA DA 45 -7.53 9.33 63.53
N ASP DA 46 -8.82 9.34 63.84
CA ASP DA 46 -9.48 8.20 64.43
C ASP DA 46 -10.36 7.42 63.46
N GLY DA 47 -10.61 7.95 62.28
CA GLY DA 47 -11.46 7.32 61.30
C GLY DA 47 -12.82 7.97 61.11
N SER DA 48 -13.20 8.91 61.97
CA SER DA 48 -14.44 9.65 61.79
C SER DA 48 -14.27 10.69 60.68
N TRP DA 49 -15.39 11.19 60.18
CA TRP DA 49 -15.38 12.03 59.00
C TRP DA 49 -16.40 13.15 59.11
N LEU DA 50 -16.21 14.18 58.27
CA LEU DA 50 -17.13 15.30 58.20
C LEU DA 50 -17.10 15.87 56.78
N PHE DA 51 -18.27 16.07 56.19
CA PHE DA 51 -18.40 16.67 54.88
C PHE DA 51 -18.76 18.15 55.03
N SER DA 52 -18.31 18.98 54.09
CA SER DA 52 -18.66 20.39 54.09
C SER DA 52 -19.00 20.83 52.68
N GLN DA 53 -20.11 21.55 52.55
CA GLN DA 53 -20.64 21.96 51.25
C GLN DA 53 -20.50 23.47 51.10
N THR DA 54 -20.16 23.91 49.89
CA THR DA 54 -19.92 25.33 49.64
C THR DA 54 -21.20 26.04 49.22
N ALA DA 55 -21.21 27.35 49.43
CA ALA DA 55 -22.32 28.20 49.03
C ALA DA 55 -22.02 28.97 47.75
N ASP DA 56 -20.89 28.70 47.11
CA ASP DA 56 -20.47 29.42 45.91
C ASP DA 56 -21.07 28.75 44.69
N LYS DA 57 -21.94 29.47 43.97
CA LYS DA 57 -22.52 28.96 42.73
C LYS DA 57 -22.15 29.87 41.57
N SER DA 58 -20.93 29.72 41.06
CA SER DA 58 -20.41 30.56 40.00
C SER DA 58 -19.79 29.70 38.92
N ALA DA 59 -19.65 30.27 37.73
CA ALA DA 59 -19.14 29.53 36.59
C ALA DA 59 -18.51 30.48 35.58
N THR DA 60 -17.68 29.92 34.71
CA THR DA 60 -17.17 30.59 33.53
C THR DA 60 -17.64 29.84 32.30
N VAL DA 61 -17.73 30.54 31.17
CA VAL DA 61 -17.95 29.89 29.89
C VAL DA 61 -16.92 30.40 28.90
N VAL DA 62 -16.43 29.51 28.05
CA VAL DA 62 -15.44 29.84 27.02
C VAL DA 62 -16.11 29.68 25.67
N ILE DA 63 -15.99 30.71 24.83
CA ILE DA 63 -16.60 30.73 23.51
C ILE DA 63 -15.49 30.87 22.48
N LYS DA 64 -15.42 29.91 21.56
CA LYS DA 64 -14.42 29.91 20.50
C LYS DA 64 -15.07 30.33 19.19
N LEU DA 65 -14.53 31.36 18.55
CA LEU DA 65 -15.14 31.98 17.40
C LEU DA 65 -14.15 32.04 16.25
N LYS DA 66 -14.69 32.24 15.04
CA LYS DA 66 -13.86 32.52 13.89
C LYS DA 66 -13.51 34.00 13.81
N PRO DA 67 -12.45 34.36 13.11
CA PRO DA 67 -12.11 35.78 12.95
C PRO DA 67 -13.14 36.58 12.17
N ASN DA 68 -14.11 35.95 11.50
CA ASN DA 68 -15.17 36.66 10.79
C ASN DA 68 -16.53 36.26 11.35
N SER DA 69 -16.90 36.84 12.48
CA SER DA 69 -18.21 36.52 13.03
C SER DA 69 -18.75 37.75 13.74
N PRO DA 70 -20.04 38.05 13.60
CA PRO DA 70 -20.60 39.23 14.28
C PRO DA 70 -20.49 39.19 15.79
N THR DA 71 -20.46 37.99 16.38
CA THR DA 71 -20.31 37.89 17.83
C THR DA 71 -18.95 38.38 18.29
N HIS DA 72 -17.93 38.24 17.45
CA HIS DA 72 -16.62 38.81 17.76
C HIS DA 72 -16.69 40.33 17.85
N ARG DA 73 -17.43 40.95 16.92
CA ARG DA 73 -17.62 42.40 16.97
C ARG DA 73 -18.41 42.82 18.21
N GLN DA 74 -19.46 42.07 18.55
CA GLN DA 74 -20.25 42.39 19.74
C GLN DA 74 -19.41 42.29 21.00
N LEU DA 75 -18.59 41.24 21.11
CA LEU DA 75 -17.76 41.06 22.30
C LEU DA 75 -16.65 42.10 22.37
N THR DA 76 -16.08 42.50 21.23
CA THR DA 76 -15.07 43.53 21.29
C THR DA 76 -15.64 44.91 21.59
N GLU DA 77 -16.92 45.14 21.29
CA GLU DA 77 -17.54 46.39 21.76
C GLU DA 77 -17.82 46.34 23.25
N LYS DA 78 -18.25 45.17 23.76
CA LYS DA 78 -18.47 45.04 25.20
C LYS DA 78 -17.18 45.22 25.98
N TRP DA 79 -16.07 44.72 25.44
CA TRP DA 79 -14.77 44.87 26.08
C TRP DA 79 -14.38 46.33 26.20
N MET DA 80 -14.60 47.12 25.15
CA MET DA 80 -14.27 48.53 25.20
C MET DA 80 -15.19 49.30 26.13
N ALA DA 81 -16.46 48.92 26.20
CA ALA DA 81 -17.36 49.53 27.17
C ALA DA 81 -16.88 49.27 28.59
N GLN DA 82 -16.43 48.04 28.88
CA GLN DA 82 -15.89 47.77 30.20
C GLN DA 82 -14.61 48.56 30.47
N ARG DA 83 -13.75 48.70 29.46
CA ARG DA 83 -12.51 49.45 29.65
C ARG DA 83 -12.78 50.93 29.89
N ALA DA 84 -13.88 51.45 29.35
CA ALA DA 84 -14.21 52.85 29.57
C ALA DA 84 -14.61 53.10 31.02
N GLY DA 85 -15.24 52.12 31.66
CA GLY DA 85 -15.64 52.28 33.04
C GLY DA 85 -17.11 51.96 33.25
N ARG DA 86 -17.79 51.56 32.19
CA ARG DA 86 -19.20 51.20 32.30
C ARG DA 86 -19.34 49.70 32.56
N LEU DA 87 -19.87 49.36 33.73
CA LEU DA 87 -19.86 48.00 34.23
C LEU DA 87 -21.28 47.54 34.52
N VAL DA 88 -21.87 46.76 33.61
CA VAL DA 88 -23.21 46.22 33.77
C VAL DA 88 -23.19 44.72 33.43
N GLY DA 89 -24.35 44.10 33.47
CA GLY DA 89 -24.48 42.66 33.52
C GLY DA 89 -24.43 41.88 32.22
N PHE DA 90 -25.32 42.15 31.26
CA PHE DA 90 -25.37 41.41 30.01
C PHE DA 90 -25.57 39.90 30.22
N PRO DA 91 -26.83 39.46 30.26
CA PRO DA 91 -27.11 38.03 30.45
C PRO DA 91 -26.58 37.14 29.34
N PHE DA 92 -26.29 35.89 29.68
CA PHE DA 92 -25.96 34.85 28.72
C PHE DA 92 -26.79 33.61 29.02
N ASP DA 93 -27.21 32.91 27.97
CA ASP DA 93 -28.10 31.78 28.11
C ASP DA 93 -27.89 30.84 26.93
N PHE DA 94 -27.89 29.54 27.18
CA PHE DA 94 -27.89 28.58 26.09
C PHE DA 94 -28.50 27.26 26.56
N ILE DA 95 -29.09 26.54 25.61
CA ILE DA 95 -29.88 25.36 25.91
C ILE DA 95 -29.86 24.44 24.70
N ASP DA 96 -30.18 23.17 24.92
CA ASP DA 96 -30.34 22.19 23.86
C ASP DA 96 -31.80 21.75 23.83
N SER DA 97 -32.44 21.88 22.67
CA SER DA 97 -33.85 21.55 22.56
C SER DA 97 -34.12 20.05 22.60
N ALA DA 98 -33.10 19.23 22.33
CA ALA DA 98 -33.32 17.79 22.33
C ALA DA 98 -33.47 17.22 23.73
N SER DA 99 -32.82 17.83 24.72
CA SER DA 99 -32.85 17.29 26.08
C SER DA 99 -33.20 18.32 27.14
N ASN DA 100 -33.29 19.60 26.80
CA ASN DA 100 -33.53 20.68 27.74
C ASN DA 100 -32.39 20.82 28.75
N GLU DA 101 -31.17 20.55 28.31
CA GLU DA 101 -29.99 20.74 29.14
C GLU DA 101 -29.31 22.06 28.78
N GLY DA 102 -28.87 22.78 29.80
CA GLY DA 102 -28.28 24.08 29.61
C GLY DA 102 -28.21 24.83 30.92
N GLY DA 103 -28.32 26.14 30.83
CA GLY DA 103 -28.29 26.97 32.01
C GLY DA 103 -28.38 28.44 31.63
N THR DA 104 -28.56 29.27 32.65
CA THR DA 104 -28.72 30.69 32.42
C THR DA 104 -27.93 31.46 33.47
N GLY DA 105 -27.55 32.68 33.12
CA GLY DA 105 -26.96 33.60 34.06
C GLY DA 105 -27.30 35.04 33.68
N ALA DA 106 -27.87 35.75 34.64
CA ALA DA 106 -28.45 37.06 34.38
C ALA DA 106 -27.42 38.19 34.33
N GLU DA 107 -26.18 37.96 34.79
CA GLU DA 107 -25.15 39.00 34.80
C GLU DA 107 -23.79 38.37 34.56
N PHE DA 108 -23.22 38.59 33.37
CA PHE DA 108 -21.89 38.11 33.03
C PHE DA 108 -20.93 39.28 32.88
N PHE DA 109 -19.64 38.96 32.77
CA PHE DA 109 -18.61 39.97 32.58
C PHE DA 109 -17.50 39.36 31.73
N ILE DA 110 -16.82 40.18 30.95
CA ILE DA 110 -15.66 39.72 30.18
C ILE DA 110 -14.51 39.44 31.15
N GLN DA 111 -13.88 38.28 31.02
CA GLN DA 111 -12.75 37.92 31.87
C GLN DA 111 -11.43 37.81 31.11
N LYS DA 112 -11.42 37.18 29.95
CA LYS DA 112 -10.24 37.10 29.10
C LYS DA 112 -10.57 37.53 27.69
N ALA DA 113 -9.59 38.15 27.03
CA ALA DA 113 -9.73 38.61 25.66
C ALA DA 113 -8.81 37.78 24.77
N PRO DA 114 -9.18 37.59 23.51
CA PRO DA 114 -8.41 36.69 22.65
C PRO DA 114 -7.11 37.32 22.17
N ASP DA 115 -6.34 36.51 21.46
CA ASP DA 115 -5.11 36.93 20.81
C ASP DA 115 -5.36 37.08 19.32
N ASP DA 116 -4.88 38.18 18.74
CA ASP DA 116 -5.06 38.45 17.32
C ASP DA 116 -3.85 37.92 16.56
N SER DA 117 -3.97 36.72 16.01
CA SER DA 117 -2.93 36.10 15.22
C SER DA 117 -3.30 36.18 13.74
N LYS DA 118 -2.36 36.62 12.91
CA LYS DA 118 -2.67 36.72 11.48
C LYS DA 118 -2.21 35.49 10.71
N GLY DA 119 -0.91 35.26 10.61
CA GLY DA 119 -0.38 34.07 9.98
C GLY DA 119 -0.90 33.71 8.59
N ASN DA 120 -0.71 32.45 8.20
CA ASN DA 120 -1.02 31.98 6.86
C ASN DA 120 -2.43 31.40 6.70
N ASN DA 121 -2.95 30.72 7.72
CA ASN DA 121 -4.34 30.30 7.75
C ASN DA 121 -5.06 31.01 8.89
N ALA DA 122 -6.38 31.05 8.86
CA ALA DA 122 -7.15 31.69 9.92
C ALA DA 122 -7.25 30.79 11.13
N VAL DA 123 -7.32 31.40 12.32
CA VAL DA 123 -7.23 30.69 13.58
C VAL DA 123 -8.31 31.18 14.55
N VAL DA 124 -8.33 30.56 15.74
CA VAL DA 124 -9.41 30.76 16.70
C VAL DA 124 -9.31 32.13 17.38
N ARG DA 125 -10.46 32.62 17.85
CA ARG DA 125 -10.54 33.73 18.78
C ARG DA 125 -11.35 33.28 19.99
N GLU DA 126 -10.69 33.16 21.15
CA GLU DA 126 -11.32 32.60 22.34
C GLU DA 126 -11.63 33.70 23.35
N TRP DA 127 -12.91 33.79 23.73
CA TRP DA 127 -13.37 34.71 24.74
C TRP DA 127 -13.76 33.94 26.00
N THR DA 128 -13.67 34.59 27.15
CA THR DA 128 -14.05 34.00 28.43
C THR DA 128 -14.93 35.00 29.17
N ILE DA 129 -16.04 34.52 29.72
CA ILE DA 129 -16.94 35.35 30.50
C ILE DA 129 -17.23 34.65 31.82
N VAL DA 130 -17.56 35.42 32.85
CA VAL DA 130 -17.70 34.92 34.21
C VAL DA 130 -18.96 35.49 34.84
N THR DA 131 -19.64 34.68 35.64
CA THR DA 131 -20.80 35.11 36.41
C THR DA 131 -20.64 34.69 37.86
N GLY DA 132 -21.37 35.37 38.74
CA GLY DA 132 -21.40 35.02 40.14
C GLY DA 132 -22.54 34.08 40.50
N GLU DA 133 -23.48 33.89 39.58
CA GLU DA 133 -24.64 33.04 39.80
C GLU DA 133 -25.02 32.33 38.52
N TRP DA 134 -24.88 31.00 38.52
CA TRP DA 134 -25.23 30.17 37.37
C TRP DA 134 -26.16 29.08 37.85
N THR DA 135 -27.34 28.99 37.24
CA THR DA 135 -28.29 27.95 37.62
C THR DA 135 -28.50 27.01 36.45
N PRO DA 136 -28.07 25.75 36.53
CA PRO DA 136 -28.36 24.81 35.46
C PRO DA 136 -29.85 24.50 35.38
N THR DA 137 -30.30 24.23 34.17
CA THR DA 137 -31.67 23.81 33.94
C THR DA 137 -31.74 22.29 33.99
N ILE DA 138 -32.87 21.78 34.43
CA ILE DA 138 -33.03 20.33 34.59
C ILE DA 138 -33.39 19.72 33.24
N PRO DA 139 -32.64 18.72 32.77
CA PRO DA 139 -33.04 18.06 31.52
C PRO DA 139 -34.24 17.17 31.72
N THR DA 140 -35.43 17.66 31.36
CA THR DA 140 -36.64 16.92 31.64
C THR DA 140 -36.94 15.88 30.57
N LEU DA 141 -36.25 15.96 29.44
CA LEU DA 141 -36.35 14.96 28.38
C LEU DA 141 -35.22 13.92 28.46
N LEU DA 142 -34.51 13.88 29.58
CA LEU DA 142 -33.38 12.97 29.80
C LEU DA 142 -32.29 13.18 28.75
#